data_6VYA
#
_entry.id   6VYA
#
_cell.length_a   157.893
_cell.length_b   163.069
_cell.length_c   167.857
_cell.angle_alpha   78.255
_cell.angle_beta   65.051
_cell.angle_gamma   66.396
#
_symmetry.space_group_name_H-M   'P 1'
#
loop_
_entity.id
_entity.type
_entity.pdbx_description
1 polymer 'Deoxybrevianamide E synthase notF'
2 non-polymer (3S,8aS)-3-(1H-indol-3-ylmethyl)hexahydropyrrolo[1,2-a]pyrazine-1,4-dione
3 non-polymer 'DIMETHYLALLYL S-THIOLODIPHOSPHATE'
#
_entity_poly.entity_id   1
_entity_poly.type   'polypeptide(L)'
_entity_poly.pdbx_seq_one_letter_code
;MGSSHHHHHHSSGLVPRGSHMTAPELRVDTFRAPEDAPKEPSAQQPRLPSSPSPAQALASYHHFPTNDQERWWEETGSLF
SRFLEAGQYGLPQQYQFMFFFMHHLIPALGPYPQKWRSTISRSGLPIEFSLNFQKGSHRLLRIGFEPVSFLSGSSQDPFN
RIPITDLLNRLSKLQLSNFDTPFFQHLLSKFQLSLSEVRQLQKQGSGPDAHPLKSQAAFGFDFNPDGAILVKGYVFPYLK
AKAADVPVGTLIAEAVRTIDVERNQFTHAFGLINDYMQESTGYNEYTFLSCDFVETSEQRLKIYGAHTEVTWAKIAEMWT
LGGRLIEEPEIIAGLARLKQIWSLLQIGEGSRAFKGGFDYDKSSATDQIASPIIWNYEIHPGSRFPVPKFYLPVHGENDL
HVARALAQFWDSLGWPEHACAYPDTLQQLYPDQDISQTTRLQSWISYSYTAKRGVYMSVYYHSQSTYLWEED
;
_entity_poly.pdbx_strand_id   C,A,V,E,G,B,D,F,H,I,J,K,L,M,N,O,P,Q,R,S,T,U,W,X
#
# COMPACT_ATOMS: atom_id res chain seq x y z
N PRO A 52 -2.14 -50.70 6.18
CA PRO A 52 -1.34 -51.21 7.30
C PRO A 52 -2.06 -51.11 8.64
N SER A 53 -1.55 -51.82 9.67
CA SER A 53 -2.13 -51.75 11.00
C SER A 53 -1.63 -50.50 11.74
N PRO A 54 -2.45 -49.96 12.65
CA PRO A 54 -2.30 -48.55 13.06
C PRO A 54 -1.44 -48.29 14.28
N ALA A 55 -1.75 -48.95 15.38
CA ALA A 55 -1.32 -48.50 16.70
C ALA A 55 0.19 -48.34 16.84
N GLN A 56 0.98 -48.99 15.97
CA GLN A 56 2.44 -48.90 16.03
C GLN A 56 2.98 -47.58 15.48
N ALA A 57 2.11 -46.59 15.26
CA ALA A 57 2.55 -45.25 14.87
C ALA A 57 3.30 -44.55 15.99
N LEU A 58 3.05 -44.93 17.24
CA LEU A 58 3.73 -44.31 18.37
C LEU A 58 5.25 -44.41 18.25
N ALA A 59 5.73 -45.58 17.80
CA ALA A 59 7.17 -45.83 17.75
C ALA A 59 7.94 -44.82 16.91
N SER A 60 7.27 -44.11 16.01
CA SER A 60 7.98 -43.22 15.11
C SER A 60 8.84 -42.23 15.89
N TYR A 61 8.29 -41.63 16.93
CA TYR A 61 9.02 -40.63 17.69
C TYR A 61 9.42 -41.15 19.06
N HIS A 62 9.78 -42.43 19.12
CA HIS A 62 10.29 -43.06 20.33
C HIS A 62 11.54 -43.83 20.00
N HIS A 63 12.52 -43.78 20.91
CA HIS A 63 13.81 -44.45 20.76
C HIS A 63 13.98 -45.50 21.86
N PHE A 64 14.12 -46.75 21.46
CA PHE A 64 14.30 -47.81 22.42
C PHE A 64 15.75 -47.82 22.95
N PRO A 65 15.94 -47.75 24.27
CA PRO A 65 17.30 -47.54 24.80
C PRO A 65 18.30 -48.62 24.45
N THR A 66 18.01 -49.88 24.67
CA THR A 66 19.00 -50.89 24.40
C THR A 66 18.70 -51.61 23.10
N ASN A 67 19.73 -52.26 22.55
CA ASN A 67 19.51 -53.10 21.38
C ASN A 67 18.58 -54.25 21.71
N ASP A 68 18.66 -54.81 22.92
CA ASP A 68 17.74 -55.86 23.31
C ASP A 68 16.29 -55.44 23.07
N GLN A 69 15.91 -54.27 23.59
CA GLN A 69 14.54 -53.82 23.43
C GLN A 69 14.19 -53.61 21.97
N GLU A 70 15.06 -52.96 21.21
CA GLU A 70 14.77 -52.74 19.80
C GLU A 70 14.44 -54.04 19.10
N ARG A 71 15.21 -55.09 19.34
CA ARG A 71 14.98 -56.35 18.65
C ARG A 71 13.66 -56.99 19.08
N TRP A 72 13.27 -56.88 20.35
CA TRP A 72 11.95 -57.38 20.73
C TRP A 72 10.84 -56.61 20.02
N TRP A 73 10.94 -55.28 19.99
CA TRP A 73 9.94 -54.52 19.26
C TRP A 73 9.79 -55.02 17.83
N GLU A 74 10.90 -55.22 17.16
CA GLU A 74 10.85 -55.68 15.79
C GLU A 74 10.23 -57.07 15.72
N GLU A 75 10.36 -57.85 16.80
CA GLU A 75 9.89 -59.23 16.82
C GLU A 75 8.41 -59.35 17.16
N THR A 76 7.91 -58.51 18.06
CA THR A 76 6.52 -58.61 18.51
C THR A 76 5.71 -57.32 18.35
N GLY A 77 6.32 -56.21 17.96
CA GLY A 77 5.60 -54.95 17.94
C GLY A 77 4.41 -54.93 17.00
N SER A 78 4.64 -55.22 15.72
CA SER A 78 3.53 -55.24 14.77
C SER A 78 2.48 -56.24 15.22
N LEU A 79 2.92 -57.42 15.63
CA LEU A 79 1.98 -58.47 16.01
C LEU A 79 1.06 -57.99 17.11
N PHE A 80 1.60 -57.34 18.12
CA PHE A 80 0.73 -56.83 19.17
C PHE A 80 -0.22 -55.78 18.62
N SER A 81 0.27 -54.94 17.72
CA SER A 81 -0.61 -53.94 17.13
C SER A 81 -1.77 -54.61 16.43
N ARG A 82 -1.52 -55.75 15.79
CA ARG A 82 -2.59 -56.42 15.09
C ARG A 82 -3.61 -57.00 16.05
N PHE A 83 -3.17 -57.58 17.16
CA PHE A 83 -4.14 -58.13 18.09
C PHE A 83 -4.99 -57.01 18.68
N LEU A 84 -4.41 -55.85 18.90
CA LEU A 84 -5.23 -54.73 19.33
C LEU A 84 -6.35 -54.48 18.33
N GLU A 85 -6.01 -54.52 17.04
CA GLU A 85 -7.00 -54.35 15.99
C GLU A 85 -8.04 -55.47 16.02
N ALA A 86 -7.59 -56.72 16.01
CA ALA A 86 -8.49 -57.87 16.06
C ALA A 86 -9.33 -57.91 17.33
N GLY A 87 -8.98 -57.17 18.35
CA GLY A 87 -9.82 -57.13 19.52
C GLY A 87 -10.91 -56.12 19.44
N GLN A 88 -10.96 -55.33 18.37
CA GLN A 88 -12.00 -54.34 18.20
C GLN A 88 -11.97 -53.32 19.35
N TYR A 89 -10.77 -52.89 19.69
CA TYR A 89 -10.59 -51.92 20.74
C TYR A 89 -10.75 -50.51 20.19
N GLY A 90 -11.27 -49.61 21.02
CA GLY A 90 -11.35 -48.21 20.61
C GLY A 90 -9.97 -47.66 20.29
N LEU A 91 -9.89 -46.88 19.23
CA LEU A 91 -8.58 -46.41 18.79
C LEU A 91 -7.81 -45.73 19.89
N PRO A 92 -8.40 -44.86 20.71
CA PRO A 92 -7.65 -44.33 21.86
C PRO A 92 -7.12 -45.43 22.74
N GLN A 93 -7.92 -46.45 23.00
CA GLN A 93 -7.47 -47.52 23.87
C GLN A 93 -6.32 -48.28 23.24
N GLN A 94 -6.35 -48.47 21.91
CA GLN A 94 -5.24 -49.18 21.26
C GLN A 94 -3.91 -48.51 21.58
N TYR A 95 -3.82 -47.20 21.31
CA TYR A 95 -2.60 -46.49 21.64
C TYR A 95 -2.36 -46.53 23.13
N GLN A 96 -3.44 -46.50 23.90
CA GLN A 96 -3.32 -46.49 25.35
C GLN A 96 -2.66 -47.79 25.84
N PHE A 97 -3.13 -48.91 25.35
CA PHE A 97 -2.47 -50.15 25.71
C PHE A 97 -1.15 -50.29 24.96
N MET A 98 -1.09 -49.83 23.71
CA MET A 98 0.17 -49.83 22.99
C MET A 98 1.24 -49.08 23.76
N PHE A 99 0.88 -47.94 24.35
CA PHE A 99 1.79 -47.22 25.22
C PHE A 99 2.28 -48.13 26.33
N PHE A 100 1.35 -48.78 27.02
CA PHE A 100 1.72 -49.66 28.11
C PHE A 100 2.67 -50.74 27.63
N PHE A 101 2.39 -51.35 26.49
CA PHE A 101 3.21 -52.44 26.02
C PHE A 101 4.67 -52.02 25.88
N MET A 102 4.90 -50.83 25.33
CA MET A 102 6.26 -50.37 25.03
C MET A 102 7.06 -50.10 26.30
N HIS A 103 6.45 -49.43 27.25
CA HIS A 103 7.19 -48.96 28.41
C HIS A 103 7.47 -50.05 29.43
N HIS A 104 6.54 -50.97 29.62
CA HIS A 104 6.67 -51.89 30.74
C HIS A 104 6.93 -53.33 30.33
N LEU A 105 6.57 -53.73 29.14
CA LEU A 105 6.76 -55.12 28.78
C LEU A 105 7.97 -55.34 27.91
N ILE A 106 8.27 -54.41 27.01
CA ILE A 106 9.44 -54.55 26.15
C ILE A 106 10.73 -54.52 27.01
N PRO A 107 10.86 -53.60 27.95
CA PRO A 107 12.01 -53.73 28.89
C PRO A 107 12.10 -55.08 29.58
N ALA A 108 10.98 -55.67 29.97
CA ALA A 108 11.00 -56.91 30.73
C ALA A 108 11.28 -58.14 29.90
N LEU A 109 11.32 -58.06 28.59
CA LEU A 109 11.57 -59.28 27.83
C LEU A 109 13.01 -59.75 27.93
N GLY A 110 13.94 -58.84 28.21
CA GLY A 110 15.33 -59.21 28.39
C GLY A 110 16.13 -59.30 27.11
N PRO A 111 17.22 -60.06 27.13
CA PRO A 111 18.10 -60.16 25.96
C PRO A 111 17.33 -60.63 24.74
N TYR A 112 17.52 -59.96 23.61
CA TYR A 112 16.75 -60.37 22.43
C TYR A 112 17.04 -61.81 22.03
N PRO A 113 18.24 -62.15 21.71
CA PRO A 113 18.53 -63.58 21.61
C PRO A 113 18.32 -64.17 23.00
N GLN A 114 17.11 -64.66 23.29
CA GLN A 114 16.74 -64.94 24.66
C GLN A 114 17.53 -66.12 25.19
N LYS A 115 18.09 -65.96 26.38
CA LYS A 115 18.92 -66.98 27.00
C LYS A 115 18.10 -67.91 27.87
N TRP A 116 16.87 -67.51 28.17
CA TRP A 116 16.00 -68.13 29.16
C TRP A 116 14.78 -68.75 28.50
N ARG A 117 14.48 -69.99 28.87
CA ARG A 117 13.18 -70.58 28.51
C ARG A 117 12.20 -70.31 29.64
N SER A 118 11.05 -69.73 29.29
CA SER A 118 9.98 -69.49 30.24
C SER A 118 9.05 -70.70 30.26
N THR A 119 8.57 -71.05 31.44
CA THR A 119 7.69 -72.21 31.55
C THR A 119 6.37 -72.00 30.78
N ILE A 120 5.94 -70.75 30.65
CA ILE A 120 4.57 -70.46 30.24
C ILE A 120 4.34 -70.81 28.77
N SER A 121 5.35 -70.74 27.94
CA SER A 121 5.10 -70.91 26.53
C SER A 121 5.57 -72.30 26.08
N ARG A 122 4.87 -72.86 25.09
CA ARG A 122 5.35 -74.12 24.54
C ARG A 122 6.79 -73.97 24.03
N SER A 123 7.05 -72.91 23.25
CA SER A 123 8.38 -72.64 22.73
C SER A 123 9.31 -72.12 23.82
N GLY A 124 8.73 -71.51 24.84
CA GLY A 124 9.51 -70.98 25.94
C GLY A 124 9.64 -69.49 25.97
N LEU A 125 9.12 -68.78 24.99
CA LEU A 125 9.45 -67.37 25.06
C LEU A 125 8.54 -66.66 26.06
N PRO A 126 9.02 -65.61 26.68
CA PRO A 126 8.36 -65.07 27.86
C PRO A 126 7.01 -64.40 27.64
N ILE A 127 6.43 -64.53 26.45
CA ILE A 127 5.19 -63.80 26.18
C ILE A 127 4.26 -64.64 25.32
N GLU A 128 2.95 -64.50 25.55
CA GLU A 128 1.98 -65.01 24.58
C GLU A 128 0.68 -64.24 24.68
N PHE A 129 0.03 -64.09 23.53
CA PHE A 129 -1.17 -63.28 23.38
C PHE A 129 -2.41 -64.17 23.31
N SER A 130 -3.50 -63.71 23.93
CA SER A 130 -4.74 -64.46 24.02
C SER A 130 -5.91 -63.63 23.53
N LEU A 131 -6.88 -64.29 22.89
CA LEU A 131 -8.17 -63.70 22.53
C LEU A 131 -9.29 -64.52 23.18
N ASN A 132 -10.13 -63.85 23.96
CA ASN A 132 -11.27 -64.48 24.61
C ASN A 132 -12.54 -64.06 23.90
N PHE A 133 -13.29 -65.05 23.41
CA PHE A 133 -14.52 -64.82 22.68
C PHE A 133 -15.72 -65.01 23.60
N GLN A 134 -16.70 -64.13 23.48
CA GLN A 134 -17.91 -64.11 24.29
C GLN A 134 -19.14 -64.18 23.40
N LYS A 135 -20.31 -64.21 24.04
CA LYS A 135 -21.58 -64.32 23.35
C LYS A 135 -21.89 -62.96 22.75
N GLY A 136 -21.41 -62.75 21.53
CA GLY A 136 -21.76 -61.62 20.72
C GLY A 136 -21.24 -60.28 21.19
N SER A 137 -20.93 -60.17 22.48
CA SER A 137 -20.43 -58.90 22.99
C SER A 137 -19.24 -58.43 22.17
N HIS A 138 -18.25 -59.30 21.99
CA HIS A 138 -17.03 -59.00 21.25
C HIS A 138 -15.92 -59.92 21.70
N ARG A 139 -14.67 -59.47 21.55
CA ARG A 139 -13.50 -60.23 21.95
C ARG A 139 -12.59 -59.37 22.82
N LEU A 140 -11.79 -60.03 23.67
CA LEU A 140 -10.85 -59.34 24.56
C LEU A 140 -9.44 -59.89 24.36
N LEU A 141 -8.44 -59.04 24.63
CA LEU A 141 -7.04 -59.39 24.46
C LEU A 141 -6.35 -59.65 25.80
N ARG A 142 -5.55 -60.71 25.82
CA ARG A 142 -4.88 -61.21 27.01
C ARG A 142 -3.40 -61.39 26.72
N ILE A 143 -2.54 -61.06 27.68
CA ILE A 143 -1.10 -61.30 27.57
C ILE A 143 -0.62 -62.04 28.81
N GLY A 144 0.10 -63.14 28.60
CA GLY A 144 0.80 -63.83 29.67
C GLY A 144 2.28 -63.49 29.62
N PHE A 145 2.84 -63.11 30.78
CA PHE A 145 4.16 -62.51 30.85
C PHE A 145 5.02 -63.20 31.90
N GLU A 146 6.30 -63.40 31.62
CA GLU A 146 7.29 -63.70 32.65
C GLU A 146 8.47 -62.75 32.49
N PRO A 147 8.64 -61.78 33.39
CA PRO A 147 9.79 -60.87 33.26
C PRO A 147 11.11 -61.63 33.27
N VAL A 148 12.07 -61.12 32.50
CA VAL A 148 13.40 -61.70 32.36
C VAL A 148 14.45 -60.60 32.30
N SER A 149 15.68 -60.94 32.69
CA SER A 149 16.84 -60.08 32.51
C SER A 149 18.04 -60.94 32.14
N PHE A 150 19.16 -60.29 31.86
CA PHE A 150 20.38 -61.02 31.57
C PHE A 150 20.85 -61.83 32.77
N LEU A 151 20.43 -61.44 33.97
CA LEU A 151 20.76 -62.22 35.17
C LEU A 151 19.96 -63.50 35.25
N SER A 152 18.81 -63.57 34.61
CA SER A 152 17.94 -64.73 34.74
C SER A 152 18.63 -66.00 34.27
N GLY A 153 18.64 -67.00 35.14
CA GLY A 153 19.32 -68.25 34.87
C GLY A 153 20.79 -68.24 35.22
N SER A 154 21.29 -67.15 35.77
CA SER A 154 22.70 -67.03 36.08
C SER A 154 22.93 -67.35 37.55
N SER A 155 24.18 -67.25 37.97
CA SER A 155 24.51 -67.49 39.37
C SER A 155 23.78 -66.49 40.27
N GLN A 156 23.61 -65.25 39.81
CA GLN A 156 23.07 -64.22 40.68
C GLN A 156 21.58 -64.39 40.87
N ASP A 157 20.89 -65.01 39.91
CA ASP A 157 19.49 -65.38 40.08
C ASP A 157 19.15 -66.54 39.17
N PRO A 158 19.44 -67.76 39.62
CA PRO A 158 19.31 -68.90 38.71
C PRO A 158 17.88 -69.27 38.39
N PHE A 159 16.92 -68.81 39.21
CA PHE A 159 15.50 -69.14 38.99
C PHE A 159 14.64 -67.91 38.83
N ASN A 160 15.24 -66.79 38.42
CA ASN A 160 14.50 -65.68 37.86
C ASN A 160 13.47 -65.13 38.83
N ARG A 161 13.88 -64.89 40.05
CA ARG A 161 13.00 -64.19 40.97
C ARG A 161 13.09 -62.69 40.83
N ILE A 162 14.23 -62.18 40.36
CA ILE A 162 14.53 -60.76 40.43
C ILE A 162 13.60 -59.97 39.51
N PRO A 163 13.47 -60.36 38.24
CA PRO A 163 12.56 -59.62 37.36
C PRO A 163 11.14 -59.55 37.87
N ILE A 164 10.67 -60.61 38.54
CA ILE A 164 9.30 -60.65 39.02
C ILE A 164 9.04 -59.49 39.98
N THR A 165 9.92 -59.33 40.97
CA THR A 165 9.71 -58.29 41.97
C THR A 165 9.94 -56.91 41.39
N ASP A 166 10.85 -56.79 40.40
CA ASP A 166 11.03 -55.52 39.72
C ASP A 166 9.75 -55.09 39.04
N LEU A 167 9.23 -55.93 38.15
CA LEU A 167 8.00 -55.58 37.45
C LEU A 167 6.86 -55.31 38.42
N LEU A 168 6.80 -56.06 39.51
CA LEU A 168 5.72 -55.88 40.47
C LEU A 168 5.76 -54.51 41.11
N ASN A 169 6.91 -53.84 41.11
CA ASN A 169 6.95 -52.46 41.60
C ASN A 169 6.58 -51.46 40.53
N ARG A 170 6.96 -51.68 39.27
CA ARG A 170 6.47 -50.79 38.22
C ARG A 170 4.96 -50.66 38.32
N LEU A 171 4.28 -51.80 38.44
CA LEU A 171 2.83 -51.80 38.39
C LEU A 171 2.25 -51.04 39.56
N SER A 172 2.82 -51.23 40.74
CA SER A 172 2.34 -50.50 41.90
C SER A 172 2.59 -49.00 41.78
N LYS A 173 3.64 -48.60 41.06
CA LYS A 173 3.88 -47.17 40.83
C LYS A 173 2.85 -46.57 39.88
N LEU A 174 2.47 -47.31 38.84
CA LEU A 174 1.40 -46.88 37.97
C LEU A 174 0.11 -46.77 38.76
N GLN A 175 -0.63 -45.71 38.50
CA GLN A 175 -1.91 -45.51 39.16
C GLN A 175 -2.95 -46.38 38.46
N LEU A 176 -3.16 -47.58 39.00
CA LEU A 176 -4.06 -48.60 38.47
C LEU A 176 -5.22 -48.82 39.42
N SER A 177 -6.42 -48.98 38.86
CA SER A 177 -7.62 -49.15 39.68
C SER A 177 -7.66 -50.52 40.34
N ASN A 178 -7.91 -50.54 41.66
CA ASN A 178 -8.17 -51.76 42.42
C ASN A 178 -6.98 -52.72 42.37
N PHE A 179 -5.81 -52.21 42.74
CA PHE A 179 -4.58 -52.98 42.61
C PHE A 179 -3.99 -53.16 44.00
N ASP A 180 -4.14 -54.37 44.56
CA ASP A 180 -3.53 -54.76 45.83
C ASP A 180 -2.67 -55.99 45.59
N THR A 181 -1.55 -56.06 46.30
CA THR A 181 -0.61 -57.15 46.13
C THR A 181 -0.59 -58.16 47.27
N PRO A 182 -1.29 -57.91 48.40
CA PRO A 182 -1.08 -58.79 49.56
C PRO A 182 -1.29 -60.24 49.25
N PHE A 183 -2.37 -60.59 48.55
CA PHE A 183 -2.62 -62.00 48.33
C PHE A 183 -1.47 -62.63 47.54
N PHE A 184 -1.01 -61.95 46.50
CA PHE A 184 0.08 -62.47 45.68
C PHE A 184 1.37 -62.51 46.46
N GLN A 185 1.68 -61.45 47.20
CA GLN A 185 2.85 -61.49 48.07
C GLN A 185 2.81 -62.70 49.01
N HIS A 186 1.63 -63.00 49.57
CA HIS A 186 1.50 -64.14 50.48
C HIS A 186 1.95 -65.42 49.82
N LEU A 187 1.52 -65.66 48.59
CA LEU A 187 1.91 -66.91 47.94
C LEU A 187 3.40 -66.94 47.65
N LEU A 188 3.99 -65.83 47.19
CA LEU A 188 5.43 -65.78 46.94
C LEU A 188 6.22 -66.14 48.20
N SER A 189 5.95 -65.44 49.30
CA SER A 189 6.65 -65.76 50.52
C SER A 189 6.57 -67.25 50.80
N LYS A 190 5.38 -67.84 50.60
CA LYS A 190 5.16 -69.27 50.78
C LYS A 190 6.01 -70.11 49.84
N PHE A 191 6.66 -69.50 48.86
CA PHE A 191 7.39 -70.30 47.89
C PHE A 191 8.79 -69.76 47.60
N GLN A 192 9.44 -69.08 48.56
CA GLN A 192 10.81 -68.64 48.34
C GLN A 192 11.78 -69.77 48.68
N LEU A 193 13.09 -69.54 48.49
CA LEU A 193 14.02 -70.67 48.51
C LEU A 193 15.26 -70.47 49.39
N SER A 194 16.14 -69.52 49.05
CA SER A 194 17.33 -69.21 49.86
C SER A 194 18.43 -70.27 49.80
N LEU A 195 18.70 -70.94 50.92
CA LEU A 195 19.64 -72.05 50.86
C LEU A 195 19.16 -73.15 49.94
N SER A 196 17.85 -73.19 49.67
CA SER A 196 17.29 -74.16 48.74
C SER A 196 17.87 -74.00 47.34
N GLU A 197 18.13 -72.75 46.92
CA GLU A 197 18.81 -72.54 45.65
C GLU A 197 20.03 -73.43 45.52
N VAL A 198 20.87 -73.45 46.56
CA VAL A 198 22.14 -74.18 46.47
C VAL A 198 21.87 -75.67 46.27
N ARG A 199 20.95 -76.24 47.06
CA ARG A 199 20.51 -77.61 46.82
C ARG A 199 20.00 -77.74 45.40
N GLN A 200 19.15 -76.81 44.97
CA GLN A 200 18.52 -76.91 43.67
C GLN A 200 19.55 -76.92 42.54
N LEU A 201 20.47 -75.95 42.56
CA LEU A 201 21.50 -75.87 41.51
C LEU A 201 22.12 -77.23 41.19
N GLN A 202 22.33 -78.06 42.20
CA GLN A 202 22.78 -79.41 41.93
C GLN A 202 21.68 -80.25 41.29
N PRO A 212 14.94 -79.06 33.20
CA PRO A 212 13.49 -78.99 33.29
C PRO A 212 12.93 -77.56 33.14
N LEU A 213 11.95 -77.22 33.97
CA LEU A 213 11.27 -75.93 33.91
C LEU A 213 11.64 -75.18 35.17
N LYS A 214 12.13 -73.95 35.01
CA LYS A 214 12.78 -73.29 36.13
C LYS A 214 12.01 -72.12 36.71
N SER A 215 11.02 -71.57 36.01
CA SER A 215 10.38 -70.34 36.45
C SER A 215 9.56 -70.55 37.72
N GLN A 216 9.48 -69.50 38.53
CA GLN A 216 8.73 -69.55 39.77
C GLN A 216 7.49 -68.68 39.77
N ALA A 217 7.33 -67.81 38.80
CA ALA A 217 6.16 -66.95 38.80
C ALA A 217 5.94 -66.42 37.40
N ALA A 218 4.78 -65.80 37.17
CA ALA A 218 4.47 -65.20 35.88
C ALA A 218 3.35 -64.21 36.10
N PHE A 219 3.03 -63.47 35.05
CA PHE A 219 2.02 -62.44 35.11
C PHE A 219 1.01 -62.66 33.99
N GLY A 220 -0.14 -62.02 34.17
CA GLY A 220 -1.13 -62.03 33.12
C GLY A 220 -1.74 -60.66 33.02
N PHE A 221 -2.09 -60.23 31.81
CA PHE A 221 -2.67 -58.91 31.59
C PHE A 221 -3.95 -59.06 30.78
N ASP A 222 -5.06 -58.64 31.35
CA ASP A 222 -6.33 -58.62 30.66
C ASP A 222 -6.64 -57.17 30.33
N PHE A 223 -6.81 -56.88 29.04
CA PHE A 223 -7.18 -55.55 28.58
C PHE A 223 -8.69 -55.55 28.31
N ASN A 224 -9.49 -55.03 29.22
CA ASN A 224 -10.93 -55.07 29.01
C ASN A 224 -11.30 -53.93 28.05
N PRO A 225 -12.50 -53.95 27.50
CA PRO A 225 -12.83 -52.96 26.46
C PRO A 225 -12.67 -51.54 26.93
N ASP A 226 -13.02 -51.27 28.17
CA ASP A 226 -12.66 -50.00 28.78
C ASP A 226 -11.14 -49.88 28.87
N GLY A 227 -10.66 -48.64 28.88
CA GLY A 227 -9.23 -48.45 28.95
C GLY A 227 -8.62 -48.84 30.28
N ALA A 228 -8.82 -50.10 30.69
CA ALA A 228 -8.34 -50.59 31.98
C ALA A 228 -7.66 -51.93 31.81
N ILE A 229 -6.53 -52.10 32.46
CA ILE A 229 -5.80 -53.36 32.45
C ILE A 229 -6.10 -54.04 33.78
N LEU A 230 -6.25 -55.37 33.76
CA LEU A 230 -6.37 -56.16 34.98
C LEU A 230 -5.23 -57.15 35.03
N VAL A 231 -4.59 -57.25 36.20
CA VAL A 231 -3.34 -57.96 36.38
C VAL A 231 -3.60 -59.32 37.00
N LYS A 232 -3.07 -60.36 36.37
CA LYS A 232 -3.20 -61.73 36.85
C LYS A 232 -1.81 -62.26 37.14
N GLY A 233 -1.66 -62.96 38.26
CA GLY A 233 -0.38 -63.50 38.68
C GLY A 233 -0.41 -65.01 38.82
N TYR A 234 0.72 -65.63 38.54
CA TYR A 234 0.89 -67.07 38.61
C TYR A 234 2.00 -67.42 39.60
N VAL A 235 2.02 -68.67 40.03
CA VAL A 235 3.04 -69.17 40.95
C VAL A 235 3.30 -70.63 40.62
N PHE A 236 4.57 -71.00 40.60
CA PHE A 236 4.94 -72.35 40.21
C PHE A 236 5.59 -73.09 41.37
N PRO A 237 4.82 -73.85 42.14
CA PRO A 237 5.35 -74.42 43.39
C PRO A 237 6.19 -75.67 43.16
N TYR A 238 6.39 -76.10 41.91
CA TYR A 238 7.21 -77.30 41.71
C TYR A 238 8.61 -77.11 42.28
N LEU A 239 9.17 -75.91 42.16
CA LEU A 239 10.52 -75.70 42.68
C LEU A 239 10.55 -75.84 44.19
N LYS A 240 9.74 -75.05 44.90
CA LYS A 240 9.72 -75.13 46.34
C LYS A 240 9.43 -76.55 46.81
N ALA A 241 8.52 -77.24 46.14
CA ALA A 241 8.19 -78.61 46.51
C ALA A 241 9.36 -79.55 46.26
N LYS A 242 10.07 -79.38 45.14
CA LYS A 242 11.18 -80.30 44.82
C LYS A 242 12.31 -80.16 45.81
N ALA A 243 12.59 -78.93 46.25
CA ALA A 243 13.69 -78.71 47.18
C ALA A 243 13.43 -79.36 48.53
N ALA A 244 12.22 -79.20 49.06
CA ALA A 244 11.84 -79.75 50.37
C ALA A 244 11.44 -81.24 50.33
N ASP A 245 11.49 -81.89 49.16
CA ASP A 245 11.04 -83.27 49.00
C ASP A 245 9.68 -83.48 49.67
N VAL A 246 8.76 -82.55 49.39
CA VAL A 246 7.40 -82.60 49.90
C VAL A 246 6.47 -82.57 48.68
N PRO A 247 5.44 -83.41 48.63
CA PRO A 247 4.54 -83.40 47.47
C PRO A 247 3.86 -82.05 47.31
N VAL A 248 3.66 -81.65 46.06
CA VAL A 248 3.24 -80.28 45.78
C VAL A 248 1.97 -79.94 46.55
N GLY A 249 0.97 -80.82 46.47
CA GLY A 249 -0.33 -80.50 47.04
C GLY A 249 -0.27 -80.27 48.54
N THR A 250 0.58 -81.04 49.23
CA THR A 250 0.67 -80.90 50.68
C THR A 250 1.01 -79.47 51.06
N LEU A 251 1.94 -78.85 50.33
CA LEU A 251 2.24 -77.45 50.58
C LEU A 251 1.28 -76.54 49.85
N ILE A 252 0.72 -76.98 48.72
CA ILE A 252 -0.37 -76.21 48.11
C ILE A 252 -1.55 -76.15 49.07
N ALA A 253 -1.98 -77.33 49.56
CA ALA A 253 -3.06 -77.38 50.52
C ALA A 253 -2.70 -76.56 51.75
N GLU A 254 -1.49 -76.76 52.27
CA GLU A 254 -1.06 -76.01 53.44
C GLU A 254 -0.93 -74.54 53.08
N ALA A 255 -0.55 -74.24 51.84
CA ALA A 255 -0.51 -72.86 51.40
C ALA A 255 -1.90 -72.26 51.39
N VAL A 256 -2.87 -72.99 50.83
CA VAL A 256 -4.25 -72.52 50.86
C VAL A 256 -4.73 -72.37 52.29
N ARG A 257 -4.38 -73.34 53.14
CA ARG A 257 -4.84 -73.30 54.52
C ARG A 257 -4.29 -72.08 55.25
N THR A 258 -3.02 -71.72 54.97
CA THR A 258 -2.42 -70.57 55.63
C THR A 258 -3.20 -69.29 55.36
N ILE A 259 -3.89 -69.21 54.22
CA ILE A 259 -4.78 -68.08 53.94
C ILE A 259 -6.17 -68.31 54.50
N ASP A 260 -6.44 -69.50 55.06
CA ASP A 260 -7.79 -69.81 55.56
C ASP A 260 -8.09 -69.11 56.89
N VAL A 261 -7.17 -69.19 57.86
CA VAL A 261 -7.32 -68.32 59.02
C VAL A 261 -7.24 -66.87 58.59
N GLU A 262 -6.54 -66.61 57.48
CA GLU A 262 -6.52 -65.27 56.89
C GLU A 262 -7.87 -64.91 56.30
N ARG A 263 -8.52 -65.87 55.62
CA ARG A 263 -9.97 -65.95 55.48
C ARG A 263 -10.40 -67.29 54.89
N ASN A 264 -11.24 -68.00 55.65
CA ASN A 264 -11.61 -69.39 55.36
C ASN A 264 -12.75 -69.49 54.37
N GLN A 265 -12.63 -68.85 53.21
CA GLN A 265 -13.65 -68.93 52.17
C GLN A 265 -13.27 -69.88 51.05
N PHE A 266 -12.02 -70.32 51.01
CA PHE A 266 -11.56 -71.23 49.98
C PHE A 266 -11.53 -72.67 50.47
N THR A 267 -11.76 -72.87 51.77
CA THR A 267 -11.65 -74.21 52.36
C THR A 267 -12.56 -75.20 51.65
N HIS A 268 -13.86 -74.92 51.62
CA HIS A 268 -14.82 -75.89 51.11
C HIS A 268 -14.48 -76.27 49.68
N ALA A 269 -14.41 -75.28 48.80
CA ALA A 269 -14.15 -75.57 47.40
C ALA A 269 -12.81 -76.26 47.20
N PHE A 270 -11.76 -75.78 47.88
CA PHE A 270 -10.44 -76.36 47.67
C PHE A 270 -10.36 -77.78 48.20
N GLY A 271 -10.64 -77.96 49.50
CA GLY A 271 -10.68 -79.30 50.04
C GLY A 271 -11.50 -80.24 49.17
N LEU A 272 -12.48 -79.68 48.46
CA LEU A 272 -13.26 -80.47 47.51
C LEU A 272 -12.43 -80.87 46.30
N ILE A 273 -11.52 -80.00 45.85
CA ILE A 273 -10.66 -80.34 44.73
C ILE A 273 -9.53 -81.25 45.20
N ASN A 274 -8.92 -80.91 46.35
CA ASN A 274 -7.75 -81.63 46.83
C ASN A 274 -8.07 -83.10 47.03
N ASP A 275 -9.32 -83.42 47.38
CA ASP A 275 -9.74 -84.80 47.47
C ASP A 275 -9.72 -85.48 46.11
N TYR A 276 -10.25 -84.81 45.08
CA TYR A 276 -10.22 -85.41 43.75
C TYR A 276 -8.80 -85.56 43.23
N MET A 277 -7.94 -84.57 43.50
CA MET A 277 -6.56 -84.66 43.02
C MET A 277 -5.86 -85.84 43.64
N GLN A 278 -6.07 -86.06 44.94
CA GLN A 278 -5.45 -87.19 45.62
C GLN A 278 -6.09 -88.51 45.20
N GLU A 279 -7.39 -88.51 44.90
CA GLU A 279 -7.99 -89.71 44.34
C GLU A 279 -7.25 -90.15 43.09
N SER A 280 -7.13 -89.25 42.12
CA SER A 280 -6.76 -89.57 40.75
C SER A 280 -5.27 -89.45 40.49
N THR A 281 -4.47 -89.21 41.52
CA THR A 281 -3.06 -88.90 41.31
C THR A 281 -2.93 -87.75 40.31
N GLY A 282 -3.83 -86.78 40.45
CA GLY A 282 -3.86 -85.66 39.52
C GLY A 282 -2.71 -84.70 39.73
N TYR A 283 -2.34 -84.46 40.99
CA TYR A 283 -1.18 -83.62 41.29
C TYR A 283 0.08 -84.19 40.65
N ASN A 284 0.95 -83.29 40.20
CA ASN A 284 2.17 -83.68 39.50
C ASN A 284 3.10 -82.47 39.49
N GLU A 285 4.24 -82.64 38.86
CA GLU A 285 5.18 -81.53 38.76
C GLU A 285 4.53 -80.33 38.11
N TYR A 286 3.66 -80.56 37.14
CA TYR A 286 3.12 -79.49 36.33
C TYR A 286 2.05 -78.68 37.04
N THR A 287 1.50 -79.20 38.14
CA THR A 287 0.47 -78.45 38.85
C THR A 287 1.04 -77.13 39.35
N PHE A 288 0.26 -76.06 39.17
CA PHE A 288 0.63 -74.74 39.66
C PHE A 288 -0.64 -73.96 40.00
N LEU A 289 -0.48 -72.68 40.32
CA LEU A 289 -1.52 -71.95 41.01
C LEU A 289 -1.64 -70.58 40.36
N SER A 290 -2.75 -69.89 40.61
CA SER A 290 -3.07 -68.61 39.95
C SER A 290 -3.88 -67.72 40.90
N CYS A 291 -4.02 -66.44 40.56
CA CYS A 291 -4.89 -65.56 41.33
C CYS A 291 -4.97 -64.22 40.62
N ASP A 292 -5.76 -63.32 41.21
CA ASP A 292 -5.95 -61.97 40.71
C ASP A 292 -5.33 -60.97 41.67
N PHE A 293 -4.96 -59.80 41.12
CA PHE A 293 -4.38 -58.69 41.89
C PHE A 293 -5.48 -57.71 42.30
N VAL A 294 -6.25 -58.08 43.31
CA VAL A 294 -7.29 -57.20 43.84
C VAL A 294 -7.69 -57.68 45.22
N GLU A 295 -8.31 -56.79 45.99
CA GLU A 295 -9.11 -57.13 47.16
C GLU A 295 -9.49 -58.61 47.22
N THR A 296 -9.36 -59.20 48.42
CA THR A 296 -9.66 -60.61 48.59
C THR A 296 -11.08 -60.95 48.18
N SER A 297 -12.03 -60.04 48.45
CA SER A 297 -13.44 -60.33 48.18
C SER A 297 -13.66 -60.72 46.73
N GLU A 298 -13.13 -59.94 45.81
CA GLU A 298 -13.37 -60.14 44.39
C GLU A 298 -12.33 -61.04 43.74
N GLN A 299 -11.53 -61.75 44.53
CA GLN A 299 -10.43 -62.52 43.98
C GLN A 299 -10.83 -63.95 43.70
N ARG A 300 -10.30 -64.49 42.63
CA ARG A 300 -10.65 -65.81 42.11
C ARG A 300 -9.36 -66.61 42.03
N LEU A 301 -9.08 -67.43 43.05
CA LEU A 301 -7.85 -68.22 42.97
C LEU A 301 -8.13 -69.49 42.18
N LYS A 302 -7.13 -69.94 41.45
CA LYS A 302 -7.27 -71.01 40.47
C LYS A 302 -6.13 -72.01 40.69
N ILE A 303 -6.42 -73.29 40.51
CA ILE A 303 -5.41 -74.33 40.52
C ILE A 303 -5.34 -74.91 39.12
N TYR A 304 -4.15 -74.99 38.55
CA TYR A 304 -4.02 -75.58 37.23
C TYR A 304 -3.33 -76.92 37.33
N GLY A 305 -3.45 -77.72 36.28
CA GLY A 305 -2.78 -79.02 36.25
C GLY A 305 -2.73 -79.56 34.85
N ALA A 306 -2.11 -80.73 34.70
CA ALA A 306 -1.97 -81.37 33.41
C ALA A 306 -2.06 -82.88 33.53
N HIS A 307 -2.31 -83.55 32.40
CA HIS A 307 -2.28 -85.00 32.27
C HIS A 307 -1.67 -85.42 30.94
N THR A 308 -0.78 -86.41 31.01
CA THR A 308 -0.06 -86.85 29.82
C THR A 308 -1.01 -87.45 28.78
N GLU A 309 -1.73 -88.50 29.14
CA GLU A 309 -2.69 -89.12 28.25
C GLU A 309 -4.06 -89.09 28.90
N VAL A 310 -5.06 -88.70 28.13
CA VAL A 310 -6.39 -88.44 28.64
C VAL A 310 -7.40 -88.85 27.58
N THR A 311 -8.40 -89.62 27.98
CA THR A 311 -9.50 -90.01 27.12
C THR A 311 -10.69 -89.08 27.37
N TRP A 312 -11.75 -89.23 26.56
CA TRP A 312 -12.96 -88.47 26.87
C TRP A 312 -13.47 -88.82 28.26
N ALA A 313 -13.52 -90.11 28.60
CA ALA A 313 -13.99 -90.49 29.92
C ALA A 313 -13.16 -89.81 30.98
N LYS A 314 -11.84 -89.77 30.77
CA LYS A 314 -10.96 -89.02 31.67
C LYS A 314 -11.35 -87.56 31.70
N ILE A 315 -11.69 -86.98 30.55
CA ILE A 315 -12.13 -85.59 30.53
C ILE A 315 -13.42 -85.44 31.32
N ALA A 316 -14.38 -86.33 31.07
CA ALA A 316 -15.63 -86.28 31.81
C ALA A 316 -15.37 -86.48 33.29
N GLU A 317 -14.53 -87.45 33.63
CA GLU A 317 -14.17 -87.66 35.02
C GLU A 317 -13.61 -86.39 35.64
N MET A 318 -12.75 -85.67 34.91
CA MET A 318 -12.16 -84.47 35.45
C MET A 318 -13.15 -83.32 35.49
N TRP A 319 -13.92 -83.14 34.41
CA TRP A 319 -14.84 -82.02 34.35
C TRP A 319 -15.82 -82.05 35.51
N THR A 320 -16.29 -83.25 35.85
CA THR A 320 -17.14 -83.44 37.00
C THR A 320 -16.36 -83.80 38.24
N LEU A 321 -15.04 -83.61 38.19
CA LEU A 321 -14.18 -83.72 39.36
C LEU A 321 -14.43 -85.04 40.07
N GLY A 322 -14.30 -86.13 39.32
CA GLY A 322 -14.83 -87.39 39.79
C GLY A 322 -16.35 -87.36 39.68
N GLY A 323 -17.05 -87.44 40.80
CA GLY A 323 -18.47 -87.20 40.75
C GLY A 323 -18.89 -86.04 41.62
N ARG A 324 -17.90 -85.29 42.11
CA ARG A 324 -18.15 -84.34 43.18
C ARG A 324 -19.32 -83.40 42.88
N LEU A 325 -19.45 -82.97 41.64
CA LEU A 325 -20.35 -81.88 41.29
C LEU A 325 -21.31 -82.26 40.17
N ILE A 326 -21.70 -83.53 40.08
CA ILE A 326 -22.81 -83.89 39.20
C ILE A 326 -24.10 -83.21 39.62
N GLU A 327 -24.22 -82.86 40.90
CA GLU A 327 -25.45 -82.24 41.39
C GLU A 327 -25.74 -80.94 40.65
N GLU A 328 -24.71 -80.12 40.42
CA GLU A 328 -24.91 -78.86 39.72
C GLU A 328 -25.38 -79.11 38.29
N PRO A 329 -26.47 -78.48 37.84
CA PRO A 329 -26.92 -78.66 36.46
C PRO A 329 -26.01 -78.00 35.46
N GLU A 330 -25.43 -76.85 35.83
CA GLU A 330 -24.49 -76.14 34.98
C GLU A 330 -23.47 -77.08 34.36
N ILE A 331 -22.79 -77.86 35.20
CA ILE A 331 -21.70 -78.71 34.74
C ILE A 331 -22.16 -79.62 33.60
N ILE A 332 -23.32 -80.24 33.76
CA ILE A 332 -23.80 -81.21 32.78
C ILE A 332 -23.99 -80.55 31.41
N ALA A 333 -24.62 -79.37 31.40
CA ALA A 333 -24.78 -78.66 30.13
C ALA A 333 -23.43 -78.30 29.53
N GLY A 334 -22.57 -77.65 30.31
CA GLY A 334 -21.25 -77.26 29.83
C GLY A 334 -20.49 -78.43 29.27
N LEU A 335 -20.59 -79.59 29.92
CA LEU A 335 -19.88 -80.75 29.42
C LEU A 335 -20.44 -81.15 28.07
N ALA A 336 -21.74 -80.95 27.87
CA ALA A 336 -22.37 -81.30 26.62
C ALA A 336 -21.75 -80.54 25.46
N ARG A 337 -21.79 -79.21 25.53
CA ARG A 337 -21.10 -78.40 24.53
C ARG A 337 -19.63 -78.81 24.39
N LEU A 338 -18.97 -79.16 25.50
CA LEU A 338 -17.54 -79.43 25.43
C LEU A 338 -17.26 -80.60 24.51
N LYS A 339 -18.04 -81.68 24.62
CA LYS A 339 -17.78 -82.77 23.70
C LYS A 339 -18.09 -82.38 22.26
N GLN A 340 -18.98 -81.40 22.08
CA GLN A 340 -19.29 -80.94 20.74
C GLN A 340 -18.04 -80.40 20.05
N ILE A 341 -17.17 -79.76 20.82
CA ILE A 341 -15.91 -79.27 20.27
C ILE A 341 -14.90 -80.41 20.19
N TRP A 342 -14.78 -81.19 21.28
CA TRP A 342 -13.83 -82.29 21.31
C TRP A 342 -13.94 -83.09 20.01
N SER A 343 -15.16 -83.27 19.53
CA SER A 343 -15.39 -84.00 18.29
C SER A 343 -14.92 -83.22 17.07
N LEU A 344 -15.20 -81.92 17.02
CA LEU A 344 -14.76 -81.12 15.88
C LEU A 344 -13.24 -81.06 15.77
N LEU A 345 -12.54 -80.93 16.91
CA LEU A 345 -11.14 -80.55 16.89
C LEU A 345 -10.23 -81.70 16.50
N GLN A 346 -10.23 -82.76 17.28
CA GLN A 346 -9.26 -83.82 17.06
C GLN A 346 -9.73 -84.80 16.00
N ILE A 347 -10.85 -84.50 15.34
CA ILE A 347 -11.44 -85.39 14.36
C ILE A 347 -10.58 -85.46 13.10
N ILE A 369 7.13 -86.12 23.65
CA ILE A 369 6.69 -86.77 22.42
C ILE A 369 5.46 -86.06 21.88
N ALA A 370 4.71 -85.42 22.78
CA ALA A 370 3.50 -84.70 22.41
C ALA A 370 3.14 -83.75 23.55
N SER A 371 2.19 -82.84 23.27
CA SER A 371 1.79 -81.81 24.22
C SER A 371 0.70 -82.33 25.16
N PRO A 372 0.77 -81.97 26.44
CA PRO A 372 -0.25 -82.38 27.41
C PRO A 372 -1.48 -81.48 27.33
N ILE A 373 -2.57 -81.93 27.97
CA ILE A 373 -3.80 -81.14 28.08
C ILE A 373 -3.87 -80.60 29.50
N ILE A 374 -4.32 -79.36 29.65
CA ILE A 374 -4.30 -78.67 30.94
C ILE A 374 -5.72 -78.46 31.42
N TRP A 375 -5.89 -78.52 32.75
CA TRP A 375 -7.16 -78.25 33.41
C TRP A 375 -6.99 -77.16 34.47
N ASN A 376 -8.11 -76.58 34.85
CA ASN A 376 -8.15 -75.41 35.70
C ASN A 376 -9.39 -75.52 36.59
N TYR A 377 -9.24 -75.21 37.87
CA TYR A 377 -10.37 -75.16 38.79
C TYR A 377 -10.38 -73.79 39.46
N GLU A 378 -11.42 -73.01 39.20
CA GLU A 378 -11.48 -71.63 39.63
C GLU A 378 -12.32 -71.58 40.91
N ILE A 379 -11.71 -71.15 42.00
CA ILE A 379 -12.39 -71.13 43.29
C ILE A 379 -12.84 -69.71 43.62
N HIS A 380 -13.96 -69.29 43.04
CA HIS A 380 -14.57 -68.07 43.51
C HIS A 380 -14.87 -68.22 45.01
N PRO A 381 -14.54 -67.24 45.84
CA PRO A 381 -14.59 -67.46 47.29
C PRO A 381 -15.98 -67.65 47.84
N GLY A 382 -16.93 -66.81 47.43
CA GLY A 382 -18.28 -66.93 47.97
C GLY A 382 -18.93 -68.27 47.67
N SER A 383 -18.72 -68.78 46.46
CA SER A 383 -19.45 -69.96 46.02
C SER A 383 -18.98 -71.20 46.78
N ARG A 384 -19.71 -72.30 46.57
CA ARG A 384 -19.40 -73.56 47.22
C ARG A 384 -18.77 -74.58 46.29
N PHE A 385 -18.85 -74.40 44.98
CA PHE A 385 -18.17 -75.29 44.06
C PHE A 385 -17.10 -74.58 43.23
N PRO A 386 -16.13 -75.33 42.73
CA PRO A 386 -15.21 -74.79 41.73
C PRO A 386 -15.81 -74.82 40.34
N VAL A 387 -15.30 -73.96 39.47
CA VAL A 387 -15.67 -73.92 38.06
C VAL A 387 -14.52 -74.49 37.26
N PRO A 388 -14.72 -75.45 36.39
CA PRO A 388 -13.63 -76.03 35.62
C PRO A 388 -13.28 -75.18 34.40
N LYS A 389 -12.24 -75.58 33.72
CA LYS A 389 -11.79 -74.96 32.50
C LYS A 389 -10.72 -75.85 31.90
N PHE A 390 -10.76 -76.13 30.61
CA PHE A 390 -9.72 -76.95 30.03
C PHE A 390 -8.99 -76.17 28.95
N TYR A 391 -7.81 -76.68 28.61
CA TYR A 391 -6.94 -76.07 27.62
C TYR A 391 -6.56 -77.16 26.63
N LEU A 392 -6.78 -76.90 25.36
CA LEU A 392 -6.73 -77.98 24.43
C LEU A 392 -5.63 -77.76 23.40
N PRO A 393 -4.72 -78.71 23.20
CA PRO A 393 -3.60 -78.50 22.28
C PRO A 393 -4.06 -78.33 20.84
N VAL A 394 -3.55 -77.30 20.18
CA VAL A 394 -3.91 -77.06 18.78
C VAL A 394 -2.65 -77.05 17.93
N HIS A 395 -1.54 -76.60 18.50
CA HIS A 395 -0.27 -76.75 17.82
C HIS A 395 -0.03 -78.21 17.51
N GLY A 396 0.17 -78.52 16.24
CA GLY A 396 0.13 -79.88 15.73
C GLY A 396 -1.09 -80.16 14.88
N GLU A 397 -2.12 -79.33 14.96
CA GLU A 397 -3.29 -79.41 14.13
C GLU A 397 -3.26 -78.31 13.08
N ASN A 398 -3.58 -78.66 11.83
CA ASN A 398 -3.67 -77.66 10.77
C ASN A 398 -4.47 -76.47 11.24
N ASP A 399 -3.82 -75.31 11.34
CA ASP A 399 -4.46 -74.13 11.89
C ASP A 399 -5.66 -73.69 11.09
N LEU A 400 -5.78 -74.15 9.84
CA LEU A 400 -7.00 -73.87 9.09
C LEU A 400 -8.11 -74.81 9.51
N HIS A 401 -7.80 -76.12 9.54
CA HIS A 401 -8.76 -77.06 10.10
C HIS A 401 -9.26 -76.58 11.45
N VAL A 402 -8.38 -76.03 12.27
CA VAL A 402 -8.78 -75.55 13.57
C VAL A 402 -9.67 -74.33 13.44
N ALA A 403 -9.34 -73.43 12.51
CA ALA A 403 -10.21 -72.27 12.30
C ALA A 403 -11.57 -72.70 11.80
N ARG A 404 -11.60 -73.61 10.82
CA ARG A 404 -12.85 -74.10 10.27
C ARG A 404 -13.72 -74.69 11.38
N ALA A 405 -13.20 -75.72 12.04
CA ALA A 405 -13.92 -76.36 13.14
C ALA A 405 -14.29 -75.35 14.21
N LEU A 406 -13.41 -74.39 14.46
CA LEU A 406 -13.66 -73.43 15.52
C LEU A 406 -14.89 -72.59 15.20
N ALA A 407 -15.06 -72.25 13.93
CA ALA A 407 -16.16 -71.37 13.53
C ALA A 407 -17.49 -72.11 13.48
N GLN A 408 -17.49 -73.34 12.97
CA GLN A 408 -18.71 -74.14 12.97
C GLN A 408 -19.34 -74.14 14.36
N PHE A 409 -18.51 -74.38 15.38
CA PHE A 409 -18.97 -74.42 16.75
C PHE A 409 -19.57 -73.10 17.19
N TRP A 410 -19.24 -71.98 16.55
CA TRP A 410 -19.86 -70.74 16.98
C TRP A 410 -21.30 -70.64 16.48
N ASP A 411 -21.55 -71.09 15.25
CA ASP A 411 -22.93 -71.13 14.79
C ASP A 411 -23.78 -72.03 15.68
N SER A 412 -23.29 -73.25 15.96
CA SER A 412 -24.03 -74.12 16.87
C SER A 412 -24.44 -73.36 18.10
N LEU A 413 -23.55 -72.51 18.59
CA LEU A 413 -23.91 -71.62 19.69
C LEU A 413 -24.70 -70.44 19.19
N GLY A 414 -24.57 -70.10 17.92
CA GLY A 414 -25.32 -68.98 17.41
C GLY A 414 -24.65 -67.67 17.71
N TRP A 415 -23.35 -67.58 17.46
CA TRP A 415 -22.69 -66.29 17.54
C TRP A 415 -22.58 -65.79 16.12
N PRO A 416 -23.40 -64.83 15.71
CA PRO A 416 -23.46 -64.51 14.28
C PRO A 416 -22.14 -64.03 13.73
N GLU A 417 -21.56 -63.01 14.36
CA GLU A 417 -20.41 -62.35 13.74
C GLU A 417 -19.09 -63.04 14.03
N HIS A 418 -18.88 -63.59 15.23
CA HIS A 418 -17.56 -64.18 15.48
C HIS A 418 -17.28 -65.34 14.54
N ALA A 419 -18.29 -66.14 14.25
CA ALA A 419 -18.03 -67.32 13.45
C ALA A 419 -17.86 -67.00 11.98
N CYS A 420 -18.57 -65.97 11.49
CA CYS A 420 -18.50 -65.65 10.07
C CYS A 420 -17.15 -65.06 9.70
N ALA A 421 -16.64 -64.15 10.54
CA ALA A 421 -15.44 -63.41 10.21
C ALA A 421 -14.21 -63.92 10.96
N TYR A 422 -14.23 -65.16 11.44
CA TYR A 422 -13.07 -65.62 12.18
C TYR A 422 -11.87 -65.87 11.27
N PRO A 423 -11.91 -66.88 10.41
CA PRO A 423 -10.70 -67.23 9.64
C PRO A 423 -10.15 -66.06 8.82
N ASP A 424 -11.00 -65.12 8.41
CA ASP A 424 -10.46 -63.89 7.85
C ASP A 424 -9.71 -63.10 8.91
N THR A 425 -10.17 -63.17 10.16
CA THR A 425 -9.45 -62.52 11.24
C THR A 425 -8.17 -63.26 11.57
N LEU A 426 -8.08 -64.53 11.23
CA LEU A 426 -6.87 -65.28 11.53
C LEU A 426 -5.75 -64.94 10.56
N GLN A 427 -6.04 -64.90 9.27
CA GLN A 427 -5.00 -64.59 8.30
C GLN A 427 -4.51 -63.16 8.45
N GLN A 428 -5.41 -62.24 8.79
CA GLN A 428 -5.04 -60.83 8.94
C GLN A 428 -4.09 -60.63 10.12
N LEU A 429 -4.03 -61.60 11.03
CA LEU A 429 -3.02 -61.62 12.08
C LEU A 429 -1.70 -62.21 11.61
N TYR A 430 -1.72 -63.01 10.55
CA TYR A 430 -0.51 -63.69 10.06
C TYR A 430 -0.45 -63.55 8.55
N PRO A 431 -0.42 -62.32 8.04
CA PRO A 431 -0.39 -62.13 6.59
C PRO A 431 0.85 -62.70 5.94
N ASP A 432 1.96 -62.75 6.67
CA ASP A 432 3.15 -63.38 6.13
C ASP A 432 2.95 -64.86 5.91
N GLN A 433 2.17 -65.52 6.76
CA GLN A 433 1.99 -66.96 6.70
C GLN A 433 0.76 -67.33 5.87
N ASP A 434 0.74 -68.59 5.43
CA ASP A 434 -0.38 -69.14 4.66
C ASP A 434 -1.02 -70.25 5.49
N ILE A 435 -2.22 -69.96 6.01
CA ILE A 435 -2.88 -70.87 6.94
C ILE A 435 -3.07 -72.25 6.33
N SER A 436 -3.17 -72.34 5.01
CA SER A 436 -3.36 -73.64 4.38
C SER A 436 -2.34 -74.66 4.86
N GLN A 437 -1.10 -74.23 5.15
CA GLN A 437 0.00 -75.12 5.47
C GLN A 437 0.56 -74.93 6.88
N THR A 438 -0.01 -74.02 7.65
CA THR A 438 0.54 -73.65 8.96
C THR A 438 -0.02 -74.54 10.06
N THR A 439 0.78 -74.75 11.07
CA THR A 439 0.40 -75.63 12.16
C THR A 439 0.58 -75.01 13.54
N ARG A 440 1.66 -74.27 13.76
CA ARG A 440 1.98 -73.76 15.09
C ARG A 440 1.33 -72.41 15.38
N LEU A 441 0.64 -71.79 14.42
CA LEU A 441 0.15 -70.43 14.65
C LEU A 441 -0.80 -70.31 15.85
N GLN A 442 -1.45 -71.40 16.22
CA GLN A 442 -2.50 -71.45 17.17
C GLN A 442 -2.36 -72.73 18.03
N SER A 443 -2.29 -72.53 19.37
CA SER A 443 -1.66 -73.50 20.27
C SER A 443 -2.57 -74.06 21.34
N TRP A 444 -3.41 -73.25 21.99
CA TRP A 444 -4.29 -73.75 23.04
C TRP A 444 -5.69 -73.16 22.85
N ILE A 445 -6.70 -73.87 23.35
CA ILE A 445 -8.06 -73.37 23.41
C ILE A 445 -8.61 -73.65 24.80
N SER A 446 -9.21 -72.64 25.40
CA SER A 446 -9.72 -72.74 26.76
C SER A 446 -11.23 -72.85 26.71
N TYR A 447 -11.79 -73.63 27.62
CA TYR A 447 -13.23 -73.84 27.66
C TYR A 447 -13.74 -73.69 29.08
N SER A 448 -14.66 -72.77 29.27
CA SER A 448 -15.36 -72.59 30.53
C SER A 448 -16.83 -72.44 30.19
N TYR A 449 -17.70 -72.79 31.13
CA TYR A 449 -19.13 -72.65 30.91
C TYR A 449 -19.79 -72.07 32.15
N THR A 450 -20.71 -71.15 31.92
CA THR A 450 -21.47 -70.55 33.00
C THR A 450 -22.94 -70.47 32.58
N ALA A 451 -23.83 -70.52 33.57
CA ALA A 451 -25.23 -70.19 33.30
C ALA A 451 -25.36 -68.74 32.87
N LYS A 452 -24.76 -67.82 33.63
CA LYS A 452 -24.85 -66.40 33.34
C LYS A 452 -24.09 -66.04 32.08
N ARG A 453 -22.77 -66.25 32.08
CA ARG A 453 -21.94 -65.82 30.96
C ARG A 453 -22.29 -66.60 29.68
N GLY A 454 -22.49 -67.90 29.80
CA GLY A 454 -22.61 -68.73 28.62
C GLY A 454 -21.36 -69.54 28.38
N VAL A 455 -20.72 -69.38 27.23
CA VAL A 455 -19.54 -70.16 26.87
C VAL A 455 -18.35 -69.22 26.86
N TYR A 456 -17.53 -69.32 27.91
CA TYR A 456 -16.17 -68.77 27.86
C TYR A 456 -15.32 -69.57 26.91
N MET A 457 -14.48 -68.88 26.14
CA MET A 457 -13.56 -69.60 25.28
C MET A 457 -12.51 -68.67 24.71
N SER A 458 -11.23 -69.03 24.85
CA SER A 458 -10.11 -68.17 24.52
C SER A 458 -9.08 -68.97 23.73
N VAL A 459 -8.39 -68.27 22.84
CA VAL A 459 -7.44 -68.86 21.91
C VAL A 459 -6.05 -68.27 22.16
N TYR A 460 -5.05 -69.14 22.17
CA TYR A 460 -3.68 -68.78 22.49
C TYR A 460 -2.82 -69.01 21.26
N TYR A 461 -2.06 -67.98 20.87
CA TYR A 461 -1.44 -67.92 19.55
C TYR A 461 0.08 -67.95 19.64
N HIS A 462 0.68 -68.17 18.47
CA HIS A 462 2.10 -67.94 18.25
C HIS A 462 2.37 -66.44 18.36
N SER A 463 3.11 -66.02 19.38
CA SER A 463 3.15 -64.63 19.79
C SER A 463 4.47 -63.93 19.48
N GLN A 464 5.22 -64.41 18.49
CA GLN A 464 6.35 -63.68 17.92
C GLN A 464 6.21 -63.72 16.41
N SER A 465 7.05 -62.94 15.72
CA SER A 465 6.89 -62.76 14.29
C SER A 465 7.87 -63.58 13.47
N THR A 466 8.62 -64.49 14.08
CA THR A 466 9.51 -65.36 13.33
C THR A 466 9.13 -66.81 13.60
N TYR A 467 8.77 -67.53 12.54
CA TYR A 467 8.16 -68.86 12.63
C TYR A 467 9.04 -69.88 11.91
N LEU A 468 9.32 -70.99 12.57
CA LEU A 468 10.31 -71.94 12.07
C LEU A 468 9.65 -73.03 11.23
N PRO B 52 47.08 -59.55 45.42
CA PRO B 52 46.26 -59.08 44.29
C PRO B 52 46.31 -57.56 44.11
N SER B 53 45.86 -57.07 42.94
CA SER B 53 45.83 -55.65 42.68
C SER B 53 44.61 -55.01 43.34
N PRO B 54 44.71 -53.73 43.73
CA PRO B 54 43.78 -53.18 44.74
C PRO B 54 42.53 -52.48 44.19
N ALA B 55 42.68 -51.57 43.23
CA ALA B 55 41.65 -50.58 42.94
C ALA B 55 40.31 -51.17 42.53
N GLN B 56 40.29 -52.41 42.07
CA GLN B 56 39.07 -53.08 41.67
C GLN B 56 38.22 -53.56 42.85
N ALA B 57 38.51 -53.10 44.07
CA ALA B 57 37.65 -53.42 45.20
C ALA B 57 36.33 -52.71 45.11
N LEU B 58 36.27 -51.57 44.40
CA LEU B 58 35.02 -50.81 44.29
C LEU B 58 33.90 -51.64 43.70
N ALA B 59 34.21 -52.50 42.73
CA ALA B 59 33.19 -53.28 42.06
C ALA B 59 32.37 -54.14 43.02
N SER B 60 32.90 -54.46 44.20
CA SER B 60 32.21 -55.39 45.09
C SER B 60 30.79 -54.92 45.36
N TYR B 61 30.63 -53.65 45.66
CA TYR B 61 29.32 -53.09 46.00
C TYR B 61 28.74 -52.22 44.88
N HIS B 62 28.98 -52.63 43.66
CA HIS B 62 28.41 -51.99 42.48
C HIS B 62 27.89 -53.06 41.55
N HIS B 63 26.72 -52.78 40.94
CA HIS B 63 26.08 -53.67 39.98
C HIS B 63 26.00 -53.03 38.60
N PHE B 64 26.63 -53.65 37.62
CA PHE B 64 26.63 -53.06 36.30
C PHE B 64 25.28 -53.28 35.62
N PRO B 65 24.63 -52.23 35.15
CA PRO B 65 23.25 -52.39 34.66
C PRO B 65 23.09 -53.40 33.55
N THR B 66 23.91 -53.33 32.52
CA THR B 66 23.74 -54.19 31.35
C THR B 66 24.76 -55.31 31.33
N ASN B 67 24.42 -56.39 30.62
CA ASN B 67 25.40 -57.44 30.41
C ASN B 67 26.58 -56.92 29.60
N ASP B 68 26.30 -56.05 28.64
CA ASP B 68 27.41 -55.48 27.89
C ASP B 68 28.44 -54.90 28.84
N GLN B 69 28.00 -54.04 29.77
CA GLN B 69 28.96 -53.41 30.67
C GLN B 69 29.68 -54.45 31.51
N GLU B 70 28.95 -55.41 32.05
CA GLU B 70 29.59 -56.45 32.85
C GLU B 70 30.71 -57.13 32.06
N ARG B 71 30.46 -57.45 30.80
CA ARG B 71 31.47 -58.16 30.03
C ARG B 71 32.69 -57.27 29.77
N TRP B 72 32.48 -55.97 29.54
CA TRP B 72 33.63 -55.08 29.39
C TRP B 72 34.40 -54.99 30.69
N TRP B 73 33.71 -54.84 31.82
CA TRP B 73 34.39 -54.86 33.10
C TRP B 73 35.27 -56.09 33.24
N GLU B 74 34.71 -57.24 32.96
CA GLU B 74 35.46 -58.48 33.09
C GLU B 74 36.64 -58.52 32.13
N GLU B 75 36.55 -57.80 31.00
CA GLU B 75 37.58 -57.86 29.96
C GLU B 75 38.73 -56.91 30.23
N THR B 76 38.45 -55.73 30.77
CA THR B 76 39.49 -54.73 30.99
C THR B 76 39.60 -54.23 32.43
N GLY B 77 38.71 -54.65 33.34
CA GLY B 77 38.70 -54.08 34.68
C GLY B 77 39.99 -54.29 35.45
N SER B 78 40.43 -55.54 35.57
CA SER B 78 41.67 -55.80 36.29
C SER B 78 42.82 -55.05 35.64
N LEU B 79 42.89 -55.11 34.32
CA LEU B 79 44.01 -54.56 33.59
C LEU B 79 44.17 -53.09 33.92
N PHE B 80 43.06 -52.35 33.95
CA PHE B 80 43.16 -50.95 34.32
C PHE B 80 43.61 -50.78 35.75
N SER B 81 43.14 -51.66 36.63
CA SER B 81 43.60 -51.59 38.01
C SER B 81 45.10 -51.77 38.09
N ARG B 82 45.64 -52.64 37.25
CA ARG B 82 47.07 -52.88 37.29
C ARG B 82 47.86 -51.69 36.77
N PHE B 83 47.37 -51.04 35.70
CA PHE B 83 48.09 -49.87 35.21
C PHE B 83 48.06 -48.75 36.22
N LEU B 84 46.95 -48.60 36.93
CA LEU B 84 46.93 -47.62 38.01
C LEU B 84 48.06 -47.91 39.00
N GLU B 85 48.23 -49.20 39.34
CA GLU B 85 49.31 -49.60 40.23
C GLU B 85 50.66 -49.30 39.60
N ALA B 86 50.84 -49.76 38.36
CA ALA B 86 52.11 -49.52 37.68
C ALA B 86 52.40 -48.04 37.47
N GLY B 87 51.41 -47.19 37.60
CA GLY B 87 51.68 -45.77 37.46
C GLY B 87 52.10 -45.10 38.73
N GLN B 88 52.17 -45.83 39.84
CA GLN B 88 52.60 -45.27 41.12
C GLN B 88 51.69 -44.13 41.56
N TYR B 89 50.39 -44.32 41.38
CA TYR B 89 49.43 -43.32 41.79
C TYR B 89 49.09 -43.47 43.26
N GLY B 90 48.77 -42.36 43.90
CA GLY B 90 48.28 -42.42 45.26
C GLY B 90 47.05 -43.30 45.36
N LEU B 91 46.99 -44.08 46.44
CA LEU B 91 45.86 -44.99 46.60
C LEU B 91 44.52 -44.26 46.53
N PRO B 92 44.34 -43.08 47.16
CA PRO B 92 43.10 -42.34 46.93
C PRO B 92 42.88 -42.02 45.47
N GLN B 93 43.94 -41.64 44.77
CA GLN B 93 43.80 -41.29 43.36
C GLN B 93 43.44 -42.52 42.55
N GLN B 94 44.03 -43.67 42.87
CA GLN B 94 43.68 -44.88 42.15
C GLN B 94 42.16 -45.10 42.20
N TYR B 95 41.59 -45.10 43.39
CA TYR B 95 40.14 -45.27 43.48
C TYR B 95 39.43 -44.12 42.79
N GLN B 96 40.01 -42.94 42.86
CA GLN B 96 39.37 -41.78 42.28
C GLN B 96 39.25 -41.91 40.76
N PHE B 97 40.32 -42.35 40.11
CA PHE B 97 40.23 -42.61 38.68
C PHE B 97 39.46 -43.89 38.42
N MET B 98 39.61 -44.90 39.29
CA MET B 98 38.82 -46.11 39.16
C MET B 98 37.35 -45.79 39.16
N PHE B 99 36.92 -44.87 40.01
CA PHE B 99 35.54 -44.42 39.99
C PHE B 99 35.19 -43.90 38.62
N PHE B 100 36.02 -43.00 38.10
CA PHE B 100 35.77 -42.43 36.79
C PHE B 100 35.70 -43.50 35.72
N PHE B 101 36.63 -44.45 35.75
CA PHE B 101 36.65 -45.48 34.72
C PHE B 101 35.35 -46.24 34.69
N MET B 102 34.79 -46.57 35.87
CA MET B 102 33.59 -47.41 35.94
C MET B 102 32.37 -46.69 35.40
N HIS B 103 32.18 -45.44 35.78
CA HIS B 103 30.94 -44.73 35.48
C HIS B 103 30.88 -44.19 34.05
N HIS B 104 32.00 -43.74 33.50
CA HIS B 104 31.94 -43.02 32.24
C HIS B 104 32.57 -43.77 31.11
N LEU B 105 33.49 -44.69 31.36
CA LEU B 105 34.11 -45.34 30.23
C LEU B 105 33.54 -46.72 29.97
N ILE B 106 33.17 -47.46 31.00
CA ILE B 106 32.55 -48.76 30.78
C ILE B 106 31.22 -48.63 30.06
N PRO B 107 30.33 -47.74 30.44
CA PRO B 107 29.13 -47.52 29.62
C PRO B 107 29.40 -47.23 28.15
N ALA B 108 30.45 -46.44 27.83
CA ALA B 108 30.67 -45.99 26.47
C ALA B 108 31.32 -47.02 25.57
N LEU B 109 31.77 -48.17 26.09
CA LEU B 109 32.40 -49.15 25.20
C LEU B 109 31.41 -49.85 24.28
N GLY B 110 30.13 -49.90 24.65
CA GLY B 110 29.12 -50.49 23.82
C GLY B 110 29.00 -51.99 23.98
N PRO B 111 28.47 -52.64 22.95
CA PRO B 111 28.27 -54.10 23.00
C PRO B 111 29.56 -54.82 23.28
N TYR B 112 29.52 -55.77 24.21
CA TYR B 112 30.76 -56.48 24.55
C TYR B 112 31.33 -57.24 23.38
N PRO B 113 30.65 -58.19 22.80
CA PRO B 113 31.13 -58.71 21.52
C PRO B 113 31.09 -57.57 20.53
N GLN B 114 32.19 -56.83 20.38
CA GLN B 114 32.10 -55.52 19.76
C GLN B 114 31.84 -55.66 18.28
N LYS B 115 30.88 -54.88 17.78
CA LYS B 115 30.47 -54.91 16.39
C LYS B 115 31.24 -53.90 15.55
N TRP B 116 31.93 -52.97 16.19
CA TRP B 116 32.53 -51.80 15.56
C TRP B 116 34.02 -51.89 15.70
N ARG B 117 34.75 -51.63 14.62
CA ARG B 117 36.19 -51.44 14.70
C ARG B 117 36.46 -49.95 14.87
N SER B 118 37.24 -49.62 15.90
CA SER B 118 37.68 -48.26 16.14
C SER B 118 38.97 -48.01 15.39
N THR B 119 39.10 -46.80 14.84
CA THR B 119 40.31 -46.47 14.11
C THR B 119 41.52 -46.45 15.03
N ILE B 120 41.31 -46.19 16.33
CA ILE B 120 42.44 -45.86 17.21
C ILE B 120 43.34 -47.07 17.50
N SER B 121 42.80 -48.26 17.53
CA SER B 121 43.60 -49.40 17.97
C SER B 121 43.98 -50.27 16.79
N ARG B 122 45.14 -50.91 16.89
CA ARG B 122 45.54 -51.84 15.86
C ARG B 122 44.50 -52.94 15.71
N SER B 123 44.08 -53.52 16.83
CA SER B 123 43.06 -54.56 16.80
C SER B 123 41.68 -54.00 16.50
N GLY B 124 41.45 -52.74 16.82
CA GLY B 124 40.17 -52.13 16.59
C GLY B 124 39.34 -51.93 17.82
N LEU B 125 39.80 -52.36 18.98
CA LEU B 125 38.90 -52.16 20.10
C LEU B 125 39.00 -50.72 20.57
N PRO B 126 37.92 -50.18 21.08
CA PRO B 126 37.83 -48.72 21.27
C PRO B 126 38.69 -48.12 22.35
N ILE B 127 39.61 -48.88 22.92
CA ILE B 127 40.38 -48.39 24.06
C ILE B 127 41.82 -48.86 23.95
N GLU B 128 42.73 -48.03 24.46
CA GLU B 128 44.08 -48.51 24.71
C GLU B 128 44.74 -47.68 25.81
N PHE B 129 45.58 -48.33 26.59
CA PHE B 129 46.19 -47.71 27.75
C PHE B 129 47.63 -47.35 27.43
N SER B 130 48.09 -46.22 27.96
CA SER B 130 49.43 -45.71 27.70
C SER B 130 50.12 -45.41 29.01
N LEU B 131 51.44 -45.62 29.02
CA LEU B 131 52.32 -45.19 30.08
C LEU B 131 53.38 -44.22 29.54
N ASN B 132 53.47 -43.03 30.13
CA ASN B 132 54.46 -42.05 29.72
C ASN B 132 55.56 -41.98 30.75
N PHE B 133 56.80 -42.21 30.31
CA PHE B 133 57.97 -42.20 31.18
C PHE B 133 58.73 -40.87 31.08
N GLN B 134 59.13 -40.34 32.22
CA GLN B 134 59.82 -39.06 32.33
C GLN B 134 61.16 -39.24 33.03
N LYS B 135 61.90 -38.15 33.13
CA LYS B 135 63.22 -38.19 33.74
C LYS B 135 63.05 -38.29 35.25
N GLY B 136 62.97 -39.53 35.73
CA GLY B 136 63.02 -39.81 37.14
C GLY B 136 61.82 -39.38 37.96
N SER B 137 61.04 -38.43 37.44
CA SER B 137 59.87 -37.98 38.18
C SER B 137 58.96 -39.16 38.49
N HIS B 138 58.62 -39.93 37.46
CA HIS B 138 57.73 -41.09 37.56
C HIS B 138 57.12 -41.38 36.21
N ARG B 139 55.98 -42.04 36.21
CA ARG B 139 55.26 -42.40 35.00
C ARG B 139 53.81 -41.97 35.14
N LEU B 140 53.16 -41.74 34.00
CA LEU B 140 51.76 -41.34 33.95
C LEU B 140 50.99 -42.33 33.09
N LEU B 141 49.69 -42.47 33.39
CA LEU B 141 48.82 -43.39 32.68
C LEU B 141 47.94 -42.63 31.72
N ARG B 142 47.78 -43.17 30.52
CA ARG B 142 47.04 -42.53 29.44
C ARG B 142 45.99 -43.49 28.90
N ILE B 143 44.81 -42.98 28.58
CA ILE B 143 43.78 -43.79 27.95
C ILE B 143 43.30 -43.09 26.69
N GLY B 144 43.28 -43.83 25.58
CA GLY B 144 42.67 -43.38 24.36
C GLY B 144 41.33 -44.09 24.19
N PHE B 145 40.30 -43.31 23.93
CA PHE B 145 38.94 -43.80 23.98
C PHE B 145 38.21 -43.44 22.70
N GLU B 146 37.41 -44.35 22.18
CA GLU B 146 36.39 -43.99 21.19
C GLU B 146 35.05 -44.51 21.65
N PRO B 147 34.14 -43.66 22.08
CA PRO B 147 32.81 -44.11 22.50
C PRO B 147 32.04 -44.84 21.40
N VAL B 148 31.29 -45.85 21.81
CA VAL B 148 30.56 -46.72 20.91
C VAL B 148 29.19 -47.04 21.50
N SER B 149 28.23 -47.35 20.64
CA SER B 149 26.96 -47.92 21.08
C SER B 149 26.51 -48.93 20.04
N PHE B 150 25.38 -49.59 20.34
CA PHE B 150 24.82 -50.55 19.39
C PHE B 150 24.39 -49.89 18.10
N LEU B 151 24.12 -48.58 18.14
CA LEU B 151 23.86 -47.83 16.91
C LEU B 151 25.12 -47.59 16.07
N SER B 152 26.29 -47.62 16.69
CA SER B 152 27.51 -47.32 15.94
C SER B 152 27.67 -48.28 14.75
N GLY B 153 27.80 -47.71 13.56
CA GLY B 153 27.91 -48.50 12.35
C GLY B 153 26.60 -48.91 11.74
N SER B 154 25.48 -48.45 12.28
CA SER B 154 24.18 -48.85 11.75
C SER B 154 23.63 -47.76 10.83
N SER B 155 22.43 -47.99 10.34
CA SER B 155 21.77 -47.03 9.47
C SER B 155 21.56 -45.70 10.18
N GLN B 156 21.28 -45.73 11.48
CA GLN B 156 20.96 -44.48 12.16
C GLN B 156 22.21 -43.64 12.40
N ASP B 157 23.37 -44.27 12.48
CA ASP B 157 24.64 -43.56 12.64
C ASP B 157 25.76 -44.41 12.07
N PRO B 158 25.96 -44.35 10.75
CA PRO B 158 26.90 -45.29 10.13
C PRO B 158 28.34 -44.96 10.41
N PHE B 159 28.62 -43.73 10.84
CA PHE B 159 29.99 -43.30 11.11
C PHE B 159 30.20 -42.83 12.54
N ASN B 160 29.36 -43.28 13.48
CA ASN B 160 29.68 -43.24 14.90
C ASN B 160 29.91 -41.80 15.40
N ARG B 161 29.02 -40.90 15.05
CA ARG B 161 29.07 -39.57 15.65
C ARG B 161 28.31 -39.46 16.96
N ILE B 162 27.26 -40.25 17.16
CA ILE B 162 26.33 -40.02 18.26
C ILE B 162 27.05 -40.24 19.58
N PRO B 163 27.71 -41.39 19.77
CA PRO B 163 28.40 -41.60 21.05
C PRO B 163 29.36 -40.50 21.41
N ILE B 164 29.99 -39.89 20.40
CA ILE B 164 30.96 -38.83 20.63
C ILE B 164 30.30 -37.68 21.37
N THR B 165 29.14 -37.23 20.89
CA THR B 165 28.51 -36.07 21.49
C THR B 165 27.94 -36.40 22.86
N ASP B 166 27.48 -37.65 23.04
CA ASP B 166 26.97 -38.06 24.34
C ASP B 166 28.07 -37.98 25.39
N LEU B 167 29.18 -38.67 25.17
CA LEU B 167 30.26 -38.62 26.15
C LEU B 167 30.73 -37.21 26.43
N LEU B 168 30.78 -36.35 25.41
CA LEU B 168 31.23 -35.00 25.64
C LEU B 168 30.30 -34.24 26.57
N ASN B 169 29.03 -34.66 26.68
CA ASN B 169 28.12 -33.99 27.62
C ASN B 169 28.26 -34.54 29.03
N ARG B 170 28.47 -35.84 29.17
CA ARG B 170 28.80 -36.33 30.49
C ARG B 170 29.96 -35.52 31.08
N LEU B 171 31.02 -35.35 30.28
CA LEU B 171 32.25 -34.73 30.79
C LEU B 171 32.01 -33.29 31.19
N SER B 172 31.23 -32.56 30.38
CA SER B 172 30.93 -31.19 30.73
C SER B 172 30.10 -31.09 31.99
N LYS B 173 29.27 -32.11 32.27
CA LYS B 173 28.49 -32.11 33.52
C LYS B 173 29.40 -32.33 34.71
N LEU B 174 30.40 -33.18 34.57
CA LEU B 174 31.39 -33.33 35.63
C LEU B 174 32.08 -31.99 35.85
N GLN B 175 32.25 -31.64 37.11
CA GLN B 175 32.96 -30.41 37.44
C GLN B 175 34.45 -30.68 37.30
N LEU B 176 34.97 -30.40 36.11
CA LEU B 176 36.36 -30.66 35.76
C LEU B 176 37.11 -29.34 35.62
N SER B 177 38.32 -29.33 36.15
CA SER B 177 39.11 -28.10 36.17
C SER B 177 39.57 -27.75 34.77
N ASN B 178 39.35 -26.50 34.39
CA ASN B 178 39.89 -25.97 33.14
C ASN B 178 39.39 -26.80 31.97
N PHE B 179 38.07 -26.93 31.85
CA PHE B 179 37.46 -27.76 30.82
C PHE B 179 36.62 -26.84 29.96
N ASP B 180 37.12 -26.51 28.77
CA ASP B 180 36.38 -25.78 27.76
C ASP B 180 36.33 -26.62 26.49
N THR B 181 35.21 -26.52 25.77
CA THR B 181 35.03 -27.30 24.55
C THR B 181 35.12 -26.48 23.26
N PRO B 182 35.19 -25.13 23.30
CA PRO B 182 35.04 -24.37 22.05
C PRO B 182 36.00 -24.81 20.94
N PHE B 183 37.27 -25.01 21.26
CA PHE B 183 38.23 -25.33 20.22
C PHE B 183 37.88 -26.65 19.55
N PHE B 184 37.53 -27.67 20.35
CA PHE B 184 37.17 -28.97 19.79
C PHE B 184 35.86 -28.91 19.01
N GLN B 185 34.84 -28.25 19.57
CA GLN B 185 33.60 -28.07 18.82
C GLN B 185 33.90 -27.49 17.44
N HIS B 186 34.81 -26.52 17.39
CA HIS B 186 35.16 -25.89 16.12
C HIS B 186 35.61 -26.94 15.11
N LEU B 187 36.47 -27.86 15.53
CA LEU B 187 36.95 -28.85 14.58
C LEU B 187 35.84 -29.83 14.17
N LEU B 188 35.01 -30.28 15.10
CA LEU B 188 33.92 -31.17 14.72
C LEU B 188 33.06 -30.54 13.64
N SER B 189 32.56 -29.33 13.89
CA SER B 189 31.69 -28.67 12.91
C SER B 189 32.35 -28.65 11.55
N LYS B 190 33.66 -28.38 11.49
CA LYS B 190 34.41 -28.38 10.25
C LYS B 190 34.44 -29.72 9.56
N PHE B 191 33.98 -30.78 10.19
CA PHE B 191 34.10 -32.09 9.56
C PHE B 191 32.82 -32.92 9.64
N GLN B 192 31.64 -32.29 9.68
CA GLN B 192 30.41 -33.07 9.69
C GLN B 192 30.00 -33.41 8.26
N LEU B 193 28.86 -34.11 8.09
CA LEU B 193 28.61 -34.70 6.77
C LEU B 193 27.22 -34.46 6.17
N SER B 194 26.17 -34.98 6.79
CA SER B 194 24.78 -34.79 6.33
C SER B 194 24.45 -35.58 5.06
N LEU B 195 24.16 -34.89 3.97
CA LEU B 195 23.97 -35.56 2.69
C LEU B 195 25.22 -36.29 2.24
N SER B 196 26.37 -35.89 2.78
CA SER B 196 27.60 -36.61 2.49
C SER B 196 27.50 -38.06 2.97
N GLU B 197 26.87 -38.30 4.12
CA GLU B 197 26.65 -39.67 4.58
C GLU B 197 26.10 -40.55 3.48
N VAL B 198 25.05 -40.10 2.80
CA VAL B 198 24.41 -40.96 1.81
C VAL B 198 25.41 -41.29 0.69
N ARG B 199 26.16 -40.29 0.23
CA ARG B 199 27.22 -40.51 -0.75
C ARG B 199 28.17 -41.57 -0.24
N GLN B 200 28.56 -41.42 0.98
CA GLN B 200 29.59 -42.26 1.53
C GLN B 200 29.14 -43.72 1.70
N LEU B 201 27.95 -43.91 2.28
CA LEU B 201 27.38 -45.24 2.36
C LEU B 201 27.62 -46.02 1.07
N GLN B 202 27.50 -45.36 -0.07
CA GLN B 202 27.90 -45.98 -1.30
C GLN B 202 29.43 -46.04 -1.40
N PRO B 212 37.24 -49.87 4.97
CA PRO B 212 38.34 -49.04 5.49
C PRO B 212 38.16 -48.70 6.97
N LEU B 213 38.44 -47.44 7.32
CA LEU B 213 38.37 -46.94 8.69
C LEU B 213 37.27 -45.90 8.74
N LYS B 214 36.35 -46.04 9.68
CA LYS B 214 35.14 -45.24 9.63
C LYS B 214 35.02 -44.18 10.70
N SER B 215 35.79 -44.25 11.78
CA SER B 215 35.53 -43.38 12.91
C SER B 215 35.89 -41.94 12.59
N GLN B 216 35.15 -41.01 13.21
CA GLN B 216 35.36 -39.59 12.97
C GLN B 216 35.95 -38.84 14.15
N ALA B 217 35.97 -39.43 15.33
CA ALA B 217 36.54 -38.72 16.47
C ALA B 217 36.91 -39.73 17.53
N ALA B 218 37.68 -39.29 18.51
CA ALA B 218 38.07 -40.13 19.63
C ALA B 218 38.49 -39.21 20.77
N PHE B 219 38.73 -39.82 21.92
CA PHE B 219 39.07 -39.11 23.13
C PHE B 219 40.35 -39.68 23.72
N GLY B 220 40.97 -38.88 24.53
CA GLY B 220 42.12 -39.35 25.27
C GLY B 220 42.06 -38.78 26.66
N PHE B 221 42.56 -39.56 27.59
CA PHE B 221 42.51 -39.16 28.98
C PHE B 221 43.87 -39.29 29.62
N ASP B 222 44.38 -38.17 30.12
CA ASP B 222 45.63 -38.11 30.88
C ASP B 222 45.28 -37.95 32.35
N PHE B 223 45.74 -38.89 33.18
CA PHE B 223 45.52 -38.86 34.63
C PHE B 223 46.80 -38.38 35.28
N ASN B 224 46.87 -37.10 35.66
CA ASN B 224 48.14 -36.63 36.18
C ASN B 224 48.24 -37.08 37.64
N PRO B 225 49.44 -36.99 38.23
CA PRO B 225 49.61 -37.55 39.59
C PRO B 225 48.66 -36.95 40.61
N ASP B 226 48.39 -35.66 40.50
CA ASP B 226 47.30 -35.06 41.25
C ASP B 226 45.99 -35.68 40.79
N GLY B 227 45.00 -35.66 41.66
CA GLY B 227 43.72 -36.23 41.29
C GLY B 227 42.94 -35.43 40.27
N ALA B 228 43.56 -35.17 39.11
CA ALA B 228 42.96 -34.37 38.05
C ALA B 228 43.14 -35.05 36.71
N ILE B 229 42.09 -35.07 35.92
CA ILE B 229 42.10 -35.66 34.59
C ILE B 229 42.22 -34.52 33.59
N LEU B 230 42.97 -34.74 32.52
CA LEU B 230 42.98 -33.82 31.39
C LEU B 230 42.45 -34.55 30.16
N VAL B 231 41.55 -33.91 29.45
CA VAL B 231 40.83 -34.54 28.35
C VAL B 231 41.44 -34.12 27.02
N LYS B 232 41.75 -35.09 26.19
CA LYS B 232 42.35 -34.86 24.89
C LYS B 232 41.37 -35.38 23.86
N GLY B 233 41.15 -34.61 22.81
CA GLY B 233 40.22 -34.98 21.76
C GLY B 233 40.89 -35.11 20.42
N TYR B 234 40.36 -36.01 19.59
CA TYR B 234 40.89 -36.26 18.27
C TYR B 234 39.81 -36.01 17.21
N VAL B 235 40.22 -35.85 15.96
CA VAL B 235 39.34 -35.67 14.81
C VAL B 235 39.98 -36.34 13.60
N PHE B 236 39.19 -37.06 12.84
CA PHE B 236 39.68 -37.80 11.68
C PHE B 236 39.10 -37.27 10.38
N PRO B 237 39.80 -36.39 9.66
CA PRO B 237 39.18 -35.68 8.52
C PRO B 237 39.10 -36.50 7.24
N TYR B 238 39.56 -37.75 7.21
CA TYR B 238 39.52 -38.50 5.96
C TYR B 238 38.10 -38.61 5.40
N LEU B 239 37.11 -38.82 6.27
CA LEU B 239 35.76 -39.00 5.77
C LEU B 239 35.28 -37.73 5.08
N LYS B 240 35.38 -36.59 5.76
CA LYS B 240 34.94 -35.32 5.19
C LYS B 240 35.65 -35.02 3.87
N ALA B 241 36.96 -35.31 3.81
CA ALA B 241 37.71 -35.07 2.59
C ALA B 241 37.29 -36.02 1.48
N LYS B 242 37.10 -37.29 1.82
CA LYS B 242 36.66 -38.26 0.82
C LYS B 242 35.29 -37.87 0.24
N ALA B 243 34.41 -37.31 1.08
CA ALA B 243 33.08 -36.95 0.62
C ALA B 243 33.12 -35.86 -0.43
N ALA B 244 33.83 -34.78 -0.12
CA ALA B 244 33.91 -33.63 -0.98
C ALA B 244 34.95 -33.80 -2.08
N ASP B 245 35.60 -34.97 -2.15
CA ASP B 245 36.66 -35.22 -3.12
C ASP B 245 37.66 -34.06 -3.13
N VAL B 246 38.10 -33.68 -1.93
CA VAL B 246 39.08 -32.62 -1.74
C VAL B 246 40.26 -33.19 -0.96
N PRO B 247 41.49 -32.88 -1.33
CA PRO B 247 42.65 -33.40 -0.58
C PRO B 247 42.64 -32.96 0.88
N VAL B 248 43.10 -33.87 1.74
CA VAL B 248 42.95 -33.68 3.18
C VAL B 248 43.59 -32.37 3.63
N GLY B 249 44.83 -32.14 3.21
CA GLY B 249 45.55 -30.97 3.70
C GLY B 249 44.86 -29.67 3.38
N THR B 250 44.25 -29.59 2.20
CA THR B 250 43.61 -28.34 1.80
C THR B 250 42.55 -27.94 2.81
N LEU B 251 41.72 -28.88 3.25
CA LEU B 251 40.71 -28.53 4.25
C LEU B 251 41.29 -28.52 5.65
N ILE B 252 42.31 -29.34 5.93
CA ILE B 252 43.00 -29.19 7.21
C ILE B 252 43.60 -27.80 7.31
N ALA B 253 44.32 -27.38 6.25
CA ALA B 253 44.86 -26.04 6.22
C ALA B 253 43.73 -25.02 6.37
N GLU B 254 42.67 -25.19 5.58
CA GLU B 254 41.57 -24.25 5.65
C GLU B 254 40.91 -24.33 7.00
N ALA B 255 40.93 -25.51 7.61
CA ALA B 255 40.42 -25.68 8.96
C ALA B 255 41.25 -24.89 9.97
N VAL B 256 42.57 -25.01 9.88
CA VAL B 256 43.45 -24.25 10.76
C VAL B 256 43.33 -22.76 10.48
N ARG B 257 43.20 -22.39 9.20
CA ARG B 257 43.07 -20.97 8.85
C ARG B 257 41.80 -20.37 9.44
N THR B 258 40.70 -21.13 9.42
CA THR B 258 39.43 -20.66 9.97
C THR B 258 39.55 -20.29 11.44
N ILE B 259 40.46 -20.94 12.17
CA ILE B 259 40.75 -20.54 13.54
C ILE B 259 41.78 -19.43 13.60
N ASP B 260 42.37 -19.04 12.45
CA ASP B 260 43.42 -18.03 12.43
C ASP B 260 42.87 -16.62 12.63
N VAL B 261 41.82 -16.24 11.91
CA VAL B 261 41.12 -15.01 12.27
C VAL B 261 40.52 -15.17 13.66
N GLU B 262 40.21 -16.41 14.06
CA GLU B 262 39.75 -16.69 15.42
C GLU B 262 40.89 -16.51 16.41
N ARG B 263 42.10 -16.95 16.05
CA ARG B 263 43.38 -16.42 16.53
C ARG B 263 44.55 -16.96 15.73
N ASN B 264 45.28 -16.05 15.10
CA ASN B 264 46.33 -16.37 14.14
C ASN B 264 47.66 -16.70 14.82
N GLN B 265 47.64 -17.61 15.79
CA GLN B 265 48.86 -18.01 16.48
C GLN B 265 49.42 -19.32 15.98
N PHE B 266 48.67 -20.05 15.17
CA PHE B 266 49.11 -21.31 14.61
C PHE B 266 49.56 -21.17 13.17
N THR B 267 49.33 -20.00 12.56
CA THR B 267 49.66 -19.79 11.16
C THR B 267 51.10 -20.15 10.87
N HIS B 268 52.04 -19.50 11.56
CA HIS B 268 53.46 -19.64 11.26
C HIS B 268 53.89 -21.11 11.34
N ALA B 269 53.69 -21.72 12.51
CA ALA B 269 54.15 -23.09 12.70
C ALA B 269 53.46 -24.04 11.72
N PHE B 270 52.15 -23.89 11.54
CA PHE B 270 51.43 -24.82 10.67
C PHE B 270 51.83 -24.64 9.21
N GLY B 271 51.66 -23.43 8.67
CA GLY B 271 52.12 -23.17 7.32
C GLY B 271 53.51 -23.69 7.10
N LEU B 272 54.29 -23.74 8.17
CA LEU B 272 55.62 -24.33 8.14
C LEU B 272 55.54 -25.84 7.97
N ILE B 273 54.53 -26.49 8.55
CA ILE B 273 54.34 -27.93 8.38
C ILE B 273 53.67 -28.23 7.05
N ASN B 274 52.66 -27.44 6.68
CA ASN B 274 51.93 -27.70 5.45
C ASN B 274 52.86 -27.67 4.25
N ASP B 275 53.91 -26.85 4.28
CA ASP B 275 54.86 -26.81 3.19
C ASP B 275 55.62 -28.13 3.06
N TYR B 276 56.13 -28.67 4.17
CA TYR B 276 56.86 -29.93 4.08
C TYR B 276 55.95 -31.07 3.64
N MET B 277 54.71 -31.07 4.12
CA MET B 277 53.77 -32.14 3.77
C MET B 277 53.46 -32.16 2.27
N GLN B 278 53.17 -31.00 1.65
CA GLN B 278 52.99 -31.03 0.21
C GLN B 278 54.35 -31.08 -0.57
N GLU B 279 55.52 -30.75 0.04
CA GLU B 279 56.76 -31.17 -0.57
C GLU B 279 56.81 -32.69 -0.71
N SER B 280 56.63 -33.40 0.40
CA SER B 280 56.99 -34.80 0.52
C SER B 280 55.83 -35.73 0.22
N THR B 281 54.70 -35.20 -0.23
CA THR B 281 53.49 -36.00 -0.37
C THR B 281 53.17 -36.71 0.95
N GLY B 282 53.36 -35.96 2.04
CA GLY B 282 53.18 -36.55 3.36
C GLY B 282 51.73 -36.77 3.73
N TYR B 283 50.85 -35.84 3.34
CA TYR B 283 49.43 -36.02 3.58
C TYR B 283 48.91 -37.27 2.90
N ASN B 284 47.98 -37.93 3.56
CA ASN B 284 47.45 -39.19 3.08
C ASN B 284 46.15 -39.44 3.83
N GLU B 285 45.51 -40.56 3.50
CA GLU B 285 44.25 -40.90 4.16
C GLU B 285 44.43 -40.93 5.66
N TYR B 286 45.58 -41.38 6.12
CA TYR B 286 45.77 -41.61 7.54
C TYR B 286 46.00 -40.30 8.31
N THR B 287 46.26 -39.20 7.63
CA THR B 287 46.51 -37.95 8.34
C THR B 287 45.29 -37.57 9.17
N PHE B 288 45.53 -37.15 10.40
CA PHE B 288 44.43 -36.67 11.24
C PHE B 288 44.95 -35.61 12.20
N LEU B 289 44.11 -35.21 13.15
CA LEU B 289 44.34 -33.99 13.90
C LEU B 289 44.00 -34.26 15.37
N SER B 290 44.51 -33.41 16.27
CA SER B 290 44.35 -33.61 17.72
C SER B 290 44.32 -32.25 18.39
N CYS B 291 43.93 -32.23 19.66
CA CYS B 291 44.01 -30.99 20.43
C CYS B 291 43.67 -31.31 21.89
N ASP B 292 43.69 -30.27 22.72
CA ASP B 292 43.38 -30.37 24.15
C ASP B 292 42.09 -29.63 24.45
N PHE B 293 41.42 -30.04 25.53
CA PHE B 293 40.17 -29.44 25.98
C PHE B 293 40.44 -28.37 27.03
N VAL B 294 40.91 -27.20 26.59
CA VAL B 294 41.16 -26.10 27.52
C VAL B 294 41.26 -24.80 26.75
N GLU B 295 41.08 -23.68 27.48
CA GLU B 295 41.50 -22.36 27.04
C GLU B 295 42.48 -22.38 25.87
N THR B 296 42.23 -21.53 24.87
CA THR B 296 43.07 -21.52 23.67
C THR B 296 44.53 -21.23 24.01
N SER B 297 44.77 -20.39 25.02
CA SER B 297 46.15 -20.02 25.35
C SER B 297 47.01 -21.24 25.63
N GLU B 298 46.52 -22.14 26.47
CA GLU B 298 47.27 -23.31 26.90
C GLU B 298 47.05 -24.53 26.02
N GLN B 299 46.48 -24.37 24.84
CA GLN B 299 46.15 -25.52 24.02
C GLN B 299 47.27 -25.84 23.06
N ARG B 300 47.44 -27.12 22.80
CA ARG B 300 48.52 -27.62 21.98
C ARG B 300 47.93 -28.42 20.83
N LEU B 301 47.76 -27.82 19.65
CA LEU B 301 47.18 -28.60 18.58
C LEU B 301 48.29 -29.38 17.89
N LYS B 302 47.95 -30.59 17.42
CA LYS B 302 48.92 -31.55 16.90
C LYS B 302 48.41 -32.09 15.57
N ILE B 303 49.30 -32.32 14.61
CA ILE B 303 48.96 -32.97 13.36
C ILE B 303 49.65 -34.31 13.31
N TYR B 304 48.90 -35.36 13.00
CA TYR B 304 49.47 -36.69 12.89
C TYR B 304 49.46 -37.15 11.43
N GLY B 305 50.27 -38.16 11.14
CA GLY B 305 50.28 -38.79 9.83
C GLY B 305 51.03 -40.10 9.89
N ALA B 306 51.11 -40.77 8.75
CA ALA B 306 51.79 -42.06 8.68
C ALA B 306 52.55 -42.19 7.38
N HIS B 307 53.49 -43.15 7.36
CA HIS B 307 54.24 -43.54 6.18
C HIS B 307 54.41 -45.04 6.12
N THR B 308 54.17 -45.60 4.94
CA THR B 308 54.21 -47.04 4.76
C THR B 308 55.61 -47.59 4.99
N GLU B 309 56.59 -47.16 4.20
CA GLU B 309 57.97 -47.60 4.33
C GLU B 309 58.83 -46.38 4.58
N VAL B 310 59.73 -46.49 5.55
CA VAL B 310 60.50 -45.35 6.02
C VAL B 310 61.89 -45.84 6.41
N THR B 311 62.90 -45.15 5.91
CA THR B 311 64.29 -45.43 6.24
C THR B 311 64.75 -44.47 7.31
N TRP B 312 65.96 -44.68 7.81
CA TRP B 312 66.49 -43.71 8.75
C TRP B 312 66.58 -42.32 8.12
N ALA B 313 67.09 -42.24 6.89
CA ALA B 313 67.19 -40.94 6.22
C ALA B 313 65.83 -40.27 6.11
N LYS B 314 64.81 -41.03 5.73
CA LYS B 314 63.46 -40.47 5.72
C LYS B 314 63.08 -39.99 7.10
N ILE B 315 63.43 -40.76 8.13
CA ILE B 315 63.08 -40.35 9.49
C ILE B 315 63.76 -39.03 9.81
N ALA B 316 65.06 -38.93 9.49
CA ALA B 316 65.79 -37.68 9.70
C ALA B 316 65.18 -36.56 8.87
N GLU B 317 64.80 -36.87 7.64
CA GLU B 317 64.11 -35.91 6.80
C GLU B 317 62.83 -35.42 7.45
N MET B 318 62.05 -36.33 8.04
CA MET B 318 60.80 -35.96 8.69
C MET B 318 61.04 -35.26 10.01
N TRP B 319 61.94 -35.79 10.85
CA TRP B 319 62.15 -35.17 12.15
C TRP B 319 62.57 -33.73 12.00
N THR B 320 63.44 -33.47 11.03
CA THR B 320 63.88 -32.12 10.74
C THR B 320 63.00 -31.46 9.70
N LEU B 321 61.87 -32.09 9.38
CA LEU B 321 60.83 -31.45 8.58
C LEU B 321 61.42 -30.88 7.29
N GLY B 322 62.09 -31.74 6.53
CA GLY B 322 62.97 -31.29 5.47
C GLY B 322 64.25 -30.72 6.09
N GLY B 323 64.49 -29.45 5.85
CA GLY B 323 65.56 -28.79 6.57
C GLY B 323 65.05 -27.62 7.37
N ARG B 324 63.72 -27.52 7.48
CA ARG B 324 63.10 -26.30 8.01
C ARG B 324 63.71 -25.87 9.33
N LEU B 325 64.02 -26.83 10.22
CA LEU B 325 64.35 -26.50 11.61
C LEU B 325 65.68 -27.11 12.04
N ILE B 326 66.62 -27.26 11.10
CA ILE B 326 68.00 -27.57 11.47
C ILE B 326 68.59 -26.47 12.34
N GLU B 327 68.11 -25.24 12.17
CA GLU B 327 68.62 -24.11 12.96
C GLU B 327 68.44 -24.37 14.44
N GLU B 328 67.29 -24.91 14.84
CA GLU B 328 67.05 -25.16 16.25
C GLU B 328 68.01 -26.23 16.77
N PRO B 329 68.69 -25.99 17.89
CA PRO B 329 69.60 -27.03 18.40
C PRO B 329 68.87 -28.20 19.01
N GLU B 330 67.73 -27.95 19.67
CA GLU B 330 66.94 -29.01 20.28
C GLU B 330 66.77 -30.19 19.34
N ILE B 331 66.23 -29.93 18.15
CA ILE B 331 65.94 -30.99 17.20
C ILE B 331 67.17 -31.85 16.95
N ILE B 332 68.32 -31.20 16.72
CA ILE B 332 69.53 -31.96 16.43
C ILE B 332 69.81 -32.90 17.60
N ALA B 333 69.70 -32.36 18.82
CA ALA B 333 69.90 -33.19 20.00
C ALA B 333 68.87 -34.32 20.04
N GLY B 334 67.59 -33.95 19.93
CA GLY B 334 66.52 -34.93 19.94
C GLY B 334 66.71 -36.02 18.91
N LEU B 335 67.20 -35.67 17.72
CA LEU B 335 67.40 -36.67 16.69
C LEU B 335 68.55 -37.62 17.02
N ALA B 336 69.58 -37.13 17.72
CA ALA B 336 70.68 -38.01 18.09
C ALA B 336 70.17 -39.15 18.93
N ARG B 337 69.51 -38.82 20.05
CA ARG B 337 68.93 -39.83 20.91
C ARG B 337 68.00 -40.75 20.13
N LEU B 338 67.24 -40.19 19.20
CA LEU B 338 66.25 -40.98 18.50
C LEU B 338 66.89 -42.13 17.73
N LYS B 339 67.99 -41.86 17.02
CA LYS B 339 68.65 -42.96 16.31
C LYS B 339 69.22 -43.97 17.31
N GLN B 340 69.53 -43.52 18.51
CA GLN B 340 70.02 -44.43 19.53
C GLN B 340 69.00 -45.51 19.82
N ILE B 341 67.72 -45.16 19.79
CA ILE B 341 66.67 -46.15 20.01
C ILE B 341 66.41 -46.95 18.74
N TRP B 342 66.30 -46.25 17.61
CA TRP B 342 66.00 -46.93 16.36
C TRP B 342 66.90 -48.16 16.22
N SER B 343 68.17 -48.02 16.60
CA SER B 343 69.15 -49.10 16.49
C SER B 343 68.86 -50.22 17.48
N LEU B 344 68.52 -49.86 18.72
CA LEU B 344 68.20 -50.86 19.72
C LEU B 344 66.97 -51.68 19.34
N LEU B 345 65.96 -51.03 18.78
CA LEU B 345 64.63 -51.64 18.66
C LEU B 345 64.55 -52.66 17.52
N GLN B 346 64.76 -52.21 16.30
CA GLN B 346 64.53 -53.08 15.16
C GLN B 346 65.72 -53.94 14.83
N ILE B 347 66.76 -53.89 15.65
CA ILE B 347 68.01 -54.60 15.40
C ILE B 347 67.82 -56.10 15.53
N ILE B 369 50.02 -55.55 5.11
CA ILE B 369 51.11 -56.53 5.15
C ILE B 369 51.96 -56.29 6.40
N ALA B 370 51.97 -55.05 6.88
CA ALA B 370 52.73 -54.67 8.06
C ALA B 370 52.19 -53.33 8.57
N SER B 371 52.64 -52.95 9.75
CA SER B 371 52.19 -51.74 10.43
C SER B 371 53.00 -50.52 9.97
N PRO B 372 52.33 -49.37 9.79
CA PRO B 372 53.03 -48.14 9.42
C PRO B 372 53.67 -47.46 10.63
N ILE B 373 54.59 -46.50 10.35
CA ILE B 373 55.21 -45.69 11.41
C ILE B 373 54.56 -44.31 11.38
N ILE B 374 54.28 -43.74 12.55
CA ILE B 374 53.45 -42.54 12.67
C ILE B 374 54.28 -41.39 13.20
N TRP B 375 53.92 -40.19 12.77
CA TRP B 375 54.55 -38.94 13.21
C TRP B 375 53.52 -37.94 13.72
N ASN B 376 54.01 -36.96 14.46
CA ASN B 376 53.20 -35.96 15.15
C ASN B 376 53.99 -34.64 15.19
N TYR B 377 53.32 -33.53 14.90
CA TYR B 377 53.93 -32.21 15.02
C TYR B 377 53.05 -31.35 15.91
N GLU B 378 53.58 -30.95 17.04
CA GLU B 378 52.81 -30.27 18.07
C GLU B 378 53.02 -28.77 17.95
N ILE B 379 51.95 -28.04 17.68
CA ILE B 379 52.05 -26.61 17.43
C ILE B 379 51.61 -25.85 18.67
N HIS B 380 52.48 -25.75 19.64
CA HIS B 380 52.22 -24.83 20.73
C HIS B 380 52.02 -23.43 20.13
N PRO B 381 50.98 -22.69 20.54
CA PRO B 381 50.62 -21.48 19.81
C PRO B 381 51.67 -20.38 19.90
N GLY B 382 52.21 -20.13 21.09
CA GLY B 382 53.18 -19.07 21.23
C GLY B 382 54.43 -19.28 20.40
N SER B 383 54.92 -20.50 20.33
CA SER B 383 56.22 -20.74 19.73
C SER B 383 56.17 -20.56 18.22
N ARG B 384 57.37 -20.59 17.61
CA ARG B 384 57.53 -20.40 16.18
C ARG B 384 57.86 -21.66 15.41
N PHE B 385 58.29 -22.73 16.08
CA PHE B 385 58.47 -24.01 15.39
C PHE B 385 57.54 -25.08 15.97
N PRO B 386 57.25 -26.12 15.20
CA PRO B 386 56.59 -27.30 15.75
C PRO B 386 57.59 -28.21 16.43
N VAL B 387 57.08 -29.00 17.37
CA VAL B 387 57.85 -30.03 18.06
C VAL B 387 57.42 -31.39 17.52
N PRO B 388 58.34 -32.21 17.06
CA PRO B 388 57.95 -33.51 16.51
C PRO B 388 57.75 -34.58 17.60
N LYS B 389 57.27 -35.75 17.15
CA LYS B 389 57.08 -36.93 17.98
C LYS B 389 56.80 -38.12 17.09
N PHE B 390 57.45 -39.24 17.30
CA PHE B 390 57.21 -40.39 16.44
C PHE B 390 56.66 -41.56 17.22
N TYR B 391 56.08 -42.48 16.47
CA TYR B 391 55.42 -43.67 17.01
C TYR B 391 55.99 -44.87 16.27
N LEU B 392 56.52 -45.84 17.02
CA LEU B 392 57.29 -46.88 16.40
C LEU B 392 56.62 -48.23 16.63
N PRO B 393 56.39 -49.02 15.58
CA PRO B 393 55.70 -50.31 15.75
C PRO B 393 56.54 -51.29 16.58
N VAL B 394 55.91 -51.89 17.58
CA VAL B 394 56.60 -52.84 18.46
C VAL B 394 55.88 -54.18 18.37
N HIS B 395 54.56 -54.15 18.21
CA HIS B 395 53.81 -55.35 17.93
C HIS B 395 54.39 -56.01 16.69
N GLY B 396 54.81 -57.25 16.84
CA GLY B 396 55.63 -57.93 15.85
C GLY B 396 57.05 -58.11 16.31
N GLU B 397 57.48 -57.36 17.32
CA GLU B 397 58.78 -57.52 17.96
C GLU B 397 58.61 -58.21 19.30
N ASN B 398 59.47 -59.19 19.59
CA ASN B 398 59.46 -59.88 20.88
C ASN B 398 59.36 -58.89 22.02
N ASP B 399 58.25 -58.93 22.75
CA ASP B 399 58.02 -57.93 23.78
C ASP B 399 59.08 -57.96 24.87
N LEU B 400 59.82 -59.06 25.02
CA LEU B 400 60.94 -59.09 25.96
C LEU B 400 62.16 -58.40 25.38
N HIS B 401 62.53 -58.76 24.14
CA HIS B 401 63.56 -58.01 23.43
C HIS B 401 63.29 -56.52 23.49
N VAL B 402 62.02 -56.13 23.35
CA VAL B 402 61.67 -54.73 23.40
C VAL B 402 61.85 -54.18 24.80
N ALA B 403 61.47 -54.94 25.82
CA ALA B 403 61.68 -54.48 27.19
C ALA B 403 63.16 -54.33 27.47
N ARG B 404 63.95 -55.32 27.08
CA ARG B 404 65.40 -55.26 27.27
C ARG B 404 65.97 -54.01 26.62
N ALA B 405 65.84 -53.91 25.29
CA ALA B 405 66.37 -52.76 24.58
C ALA B 405 65.82 -51.46 25.15
N LEU B 406 64.54 -51.45 25.49
CA LEU B 406 63.94 -50.23 26.01
C LEU B 406 64.60 -49.81 27.31
N ALA B 407 64.98 -50.79 28.14
CA ALA B 407 65.56 -50.49 29.45
C ALA B 407 67.00 -50.06 29.34
N GLN B 408 67.78 -50.70 28.45
CA GLN B 408 69.16 -50.25 28.20
C GLN B 408 69.17 -48.75 27.87
N PHE B 409 68.28 -48.33 26.98
CA PHE B 409 68.19 -46.92 26.61
C PHE B 409 67.94 -46.01 27.79
N TRP B 410 67.34 -46.51 28.87
CA TRP B 410 67.10 -45.62 29.99
C TRP B 410 68.37 -45.34 30.77
N ASP B 411 69.23 -46.35 30.95
CA ASP B 411 70.54 -46.09 31.54
C ASP B 411 71.33 -45.11 30.71
N SER B 412 71.37 -45.32 29.39
CA SER B 412 72.00 -44.36 28.50
C SER B 412 71.57 -42.93 28.82
N LEU B 413 70.29 -42.73 29.08
CA LEU B 413 69.85 -41.43 29.55
C LEU B 413 70.14 -41.21 31.03
N GLY B 414 70.32 -42.29 31.79
CA GLY B 414 70.57 -42.16 33.21
C GLY B 414 69.32 -42.03 34.07
N TRP B 415 68.32 -42.88 33.80
CA TRP B 415 67.15 -42.94 34.67
C TRP B 415 67.29 -44.15 35.58
N PRO B 416 67.61 -43.96 36.85
CA PRO B 416 67.98 -45.10 37.71
C PRO B 416 66.88 -46.12 37.92
N GLU B 417 65.71 -45.70 38.41
CA GLU B 417 64.71 -46.66 38.84
C GLU B 417 63.85 -47.19 37.68
N HIS B 418 63.56 -46.36 36.68
CA HIS B 418 62.71 -46.80 35.56
C HIS B 418 63.36 -47.96 34.82
N ALA B 419 64.68 -47.92 34.68
CA ALA B 419 65.37 -48.93 33.88
C ALA B 419 65.57 -50.25 34.62
N CYS B 420 65.79 -50.20 35.95
CA CYS B 420 66.04 -51.42 36.69
C CYS B 420 64.78 -52.26 36.80
N ALA B 421 63.64 -51.63 37.10
CA ALA B 421 62.41 -52.34 37.41
C ALA B 421 61.40 -52.32 36.27
N TYR B 422 61.85 -52.10 35.03
CA TYR B 422 60.82 -52.09 33.99
C TYR B 422 60.32 -53.49 33.69
N PRO B 423 61.16 -54.37 33.14
CA PRO B 423 60.65 -55.68 32.71
C PRO B 423 59.95 -56.42 33.83
N ASP B 424 60.36 -56.19 35.08
CA ASP B 424 59.57 -56.69 36.20
C ASP B 424 58.22 -55.98 36.22
N THR B 425 58.19 -54.71 35.81
CA THR B 425 56.93 -53.99 35.74
C THR B 425 56.08 -54.45 34.57
N LEU B 426 56.71 -54.97 33.52
CA LEU B 426 55.95 -55.43 32.37
C LEU B 426 55.27 -56.76 32.65
N GLN B 427 55.98 -57.70 33.27
CA GLN B 427 55.35 -58.98 33.62
C GLN B 427 54.26 -58.78 34.65
N GLN B 428 54.44 -57.84 35.57
CA GLN B 428 53.44 -57.61 36.60
C GLN B 428 52.15 -57.04 36.02
N LEU B 429 52.20 -56.49 34.81
CA LEU B 429 50.98 -56.09 34.10
C LEU B 429 50.31 -57.25 33.38
N TYR B 430 51.05 -58.30 33.04
CA TYR B 430 50.53 -59.40 32.24
C TYR B 430 50.95 -60.73 32.85
N PRO B 431 50.57 -60.98 34.10
CA PRO B 431 51.00 -62.22 34.74
C PRO B 431 50.45 -63.45 34.05
N ASP B 432 49.28 -63.34 33.41
CA ASP B 432 48.76 -64.49 32.69
C ASP B 432 49.68 -64.87 31.53
N GLN B 433 50.34 -63.87 30.93
CA GLN B 433 51.20 -64.09 29.78
C GLN B 433 52.65 -64.28 30.21
N ASP B 434 53.44 -64.88 29.32
CA ASP B 434 54.87 -65.10 29.52
C ASP B 434 55.65 -64.30 28.48
N ILE B 435 56.32 -63.25 28.94
CA ILE B 435 56.98 -62.31 28.04
C ILE B 435 57.97 -63.00 27.12
N SER B 436 58.52 -64.15 27.54
CA SER B 436 59.50 -64.84 26.71
C SER B 436 58.98 -65.07 25.30
N GLN B 437 57.68 -65.32 25.16
CA GLN B 437 57.10 -65.73 23.89
C GLN B 437 56.07 -64.74 23.33
N THR B 438 55.82 -63.64 24.00
CA THR B 438 54.76 -62.73 23.61
C THR B 438 55.26 -61.68 22.61
N THR B 439 54.36 -61.24 21.76
CA THR B 439 54.70 -60.28 20.72
C THR B 439 53.79 -59.07 20.70
N ARG B 440 52.50 -59.25 20.90
CA ARG B 440 51.54 -58.17 20.76
C ARG B 440 51.38 -57.36 22.05
N LEU B 441 52.05 -57.73 23.15
CA LEU B 441 51.76 -57.09 24.44
C LEU B 441 52.02 -55.58 24.45
N GLN B 442 52.93 -55.12 23.56
CA GLN B 442 53.18 -53.73 23.51
C GLN B 442 53.33 -53.34 21.98
N SER B 443 52.64 -52.24 21.67
CA SER B 443 52.29 -51.97 20.30
C SER B 443 52.98 -50.74 19.74
N TRP B 444 53.15 -49.67 20.51
CA TRP B 444 53.75 -48.46 20.00
C TRP B 444 54.70 -47.89 21.04
N ILE B 445 55.69 -47.13 20.57
CA ILE B 445 56.55 -46.31 21.42
C ILE B 445 56.61 -44.91 20.83
N SER B 446 56.40 -43.90 21.67
CA SER B 446 56.42 -42.51 21.24
C SER B 446 57.69 -41.82 21.74
N TYR B 447 58.24 -40.93 20.92
CA TYR B 447 59.48 -40.24 21.26
C TYR B 447 59.32 -38.75 20.96
N SER B 448 59.56 -37.92 21.96
CA SER B 448 59.56 -36.48 21.83
C SER B 448 60.79 -35.96 22.55
N TYR B 449 61.27 -34.79 22.17
CA TYR B 449 62.41 -34.21 22.88
C TYR B 449 62.18 -32.73 23.09
N THR B 450 62.55 -32.26 24.26
CA THR B 450 62.53 -30.86 24.60
C THR B 450 63.81 -30.53 25.37
N ALA B 451 64.23 -29.27 25.28
CA ALA B 451 65.30 -28.84 26.17
C ALA B 451 64.87 -28.91 27.62
N LYS B 452 63.70 -28.36 27.93
CA LYS B 452 63.23 -28.31 29.30
C LYS B 452 62.87 -29.69 29.83
N ARG B 453 61.89 -30.35 29.21
CA ARG B 453 61.40 -31.63 29.72
C ARG B 453 62.46 -32.71 29.66
N GLY B 454 63.21 -32.77 28.58
CA GLY B 454 64.12 -33.87 28.38
C GLY B 454 63.54 -34.82 27.36
N VAL B 455 63.38 -36.09 27.72
CA VAL B 455 62.94 -37.08 26.77
C VAL B 455 61.54 -37.53 27.15
N TYR B 456 60.54 -37.03 26.43
CA TYR B 456 59.22 -37.63 26.43
C TYR B 456 59.27 -38.99 25.78
N MET B 457 58.53 -39.95 26.31
CA MET B 457 58.45 -41.26 25.69
C MET B 457 57.37 -42.11 26.33
N SER B 458 56.50 -42.73 25.51
CA SER B 458 55.34 -43.45 26.02
C SER B 458 55.20 -44.78 25.31
N VAL B 459 54.59 -45.72 26.00
CA VAL B 459 54.40 -47.09 25.50
C VAL B 459 52.91 -47.39 25.45
N TYR B 460 52.49 -48.05 24.38
CA TYR B 460 51.09 -48.35 24.14
C TYR B 460 50.91 -49.86 24.17
N TYR B 461 49.98 -50.34 24.99
CA TYR B 461 49.91 -51.73 25.38
C TYR B 461 48.66 -52.40 24.87
N HIS B 462 48.69 -53.73 24.92
CA HIS B 462 47.50 -54.57 24.71
C HIS B 462 46.52 -54.30 25.84
N SER B 463 45.38 -53.69 25.53
CA SER B 463 44.54 -53.06 26.54
C SER B 463 43.25 -53.81 26.81
N GLN B 464 43.21 -55.11 26.53
CA GLN B 464 42.15 -56.01 27.00
C GLN B 464 42.81 -57.25 27.59
N SER B 465 41.99 -58.10 28.22
CA SER B 465 42.55 -59.23 28.96
C SER B 465 42.44 -60.55 28.23
N THR B 466 42.08 -60.55 26.95
CA THR B 466 42.04 -61.78 26.17
C THR B 466 42.95 -61.63 24.95
N TYR B 467 43.94 -62.52 24.86
CA TYR B 467 45.03 -62.40 23.91
C TYR B 467 45.05 -63.61 22.98
N LEU B 468 45.11 -63.37 21.68
CA LEU B 468 44.93 -64.43 20.69
C LEU B 468 46.28 -64.99 20.27
N PRO C 52 -82.31 -13.97 62.09
CA PRO C 52 -82.11 -13.19 60.86
C PRO C 52 -82.94 -13.70 59.69
N SER C 53 -83.07 -12.88 58.65
CA SER C 53 -83.81 -13.27 57.45
C SER C 53 -82.96 -14.18 56.57
N PRO C 54 -83.60 -15.09 55.83
CA PRO C 54 -82.88 -16.27 55.31
C PRO C 54 -82.30 -16.14 53.90
N ALA C 55 -83.11 -15.74 52.94
CA ALA C 55 -82.80 -15.97 51.53
C ALA C 55 -81.48 -15.34 51.09
N GLN C 56 -80.98 -14.34 51.80
CA GLN C 56 -79.73 -13.68 51.44
C GLN C 56 -78.49 -14.53 51.77
N ALA C 57 -78.69 -15.81 52.09
CA ALA C 57 -77.57 -16.73 52.28
C ALA C 57 -76.86 -17.04 50.97
N LEU C 58 -77.55 -16.85 49.83
CA LEU C 58 -76.95 -17.11 48.52
C LEU C 58 -75.71 -16.27 48.26
N ALA C 59 -75.73 -15.00 48.67
CA ALA C 59 -74.62 -14.09 48.42
C ALA C 59 -73.29 -14.54 49.03
N SER C 60 -73.31 -15.40 50.05
CA SER C 60 -72.08 -15.77 50.76
C SER C 60 -70.99 -16.23 49.79
N TYR C 61 -71.36 -17.07 48.82
CA TYR C 61 -70.40 -17.60 47.86
C TYR C 61 -70.59 -16.99 46.49
N HIS C 62 -70.92 -15.71 46.47
CA HIS C 62 -71.03 -14.94 45.25
C HIS C 62 -70.28 -13.63 45.35
N HIS C 63 -69.64 -13.25 44.25
CA HIS C 63 -68.90 -12.01 44.15
C HIS C 63 -69.50 -11.10 43.08
N PHE C 64 -69.97 -9.93 43.51
CA PHE C 64 -70.52 -8.96 42.58
C PHE C 64 -69.40 -8.28 41.80
N PRO C 65 -69.41 -8.35 40.48
CA PRO C 65 -68.24 -7.88 39.75
C PRO C 65 -67.91 -6.44 40.02
N THR C 66 -68.88 -5.54 39.98
CA THR C 66 -68.56 -4.11 40.08
C THR C 66 -68.84 -3.59 41.47
N ASN C 67 -68.21 -2.45 41.79
CA ASN C 67 -68.55 -1.77 43.03
C ASN C 67 -69.98 -1.27 43.00
N ASP C 68 -70.44 -0.79 41.85
CA ASP C 68 -71.83 -0.36 41.75
C ASP C 68 -72.78 -1.42 42.26
N GLN C 69 -72.66 -2.65 41.72
CA GLN C 69 -73.57 -3.72 42.12
C GLN C 69 -73.44 -4.02 43.60
N GLU C 70 -72.21 -4.14 44.10
CA GLU C 70 -72.03 -4.41 45.52
C GLU C 70 -72.79 -3.40 46.37
N ARG C 71 -72.71 -2.11 46.00
CA ARG C 71 -73.37 -1.10 46.81
C ARG C 71 -74.89 -1.22 46.73
N TRP C 72 -75.45 -1.56 45.56
CA TRP C 72 -76.89 -1.79 45.51
C TRP C 72 -77.28 -2.99 46.37
N TRP C 73 -76.54 -4.09 46.26
CA TRP C 73 -76.80 -5.24 47.12
C TRP C 73 -76.85 -4.84 48.60
N GLU C 74 -75.86 -4.10 49.04
CA GLU C 74 -75.86 -3.69 50.44
C GLU C 74 -77.06 -2.77 50.71
N GLU C 75 -77.55 -2.08 49.69
CA GLU C 75 -78.61 -1.10 49.88
C GLU C 75 -79.99 -1.74 49.89
N THR C 76 -80.20 -2.76 49.05
CA THR C 76 -81.52 -3.39 48.95
C THR C 76 -81.51 -4.89 49.18
N GLY C 77 -80.37 -5.50 49.40
CA GLY C 77 -80.32 -6.94 49.51
C GLY C 77 -81.16 -7.53 50.61
N SER C 78 -80.95 -7.08 51.85
CA SER C 78 -81.72 -7.58 52.98
C SER C 78 -83.21 -7.28 52.82
N LEU C 79 -83.54 -6.05 52.43
CA LEU C 79 -84.93 -5.63 52.38
C LEU C 79 -85.74 -6.56 51.47
N PHE C 80 -85.20 -6.86 50.29
CA PHE C 80 -85.89 -7.79 49.40
C PHE C 80 -85.99 -9.17 50.02
N SER C 81 -84.96 -9.58 50.76
CA SER C 81 -85.02 -10.85 51.47
C SER C 81 -86.17 -10.86 52.46
N ARG C 82 -86.42 -9.72 53.10
CA ARG C 82 -87.53 -9.66 54.04
C ARG C 82 -88.86 -9.70 53.31
N PHE C 83 -88.97 -9.03 52.16
CA PHE C 83 -90.24 -9.06 51.43
C PHE C 83 -90.57 -10.46 50.93
N LEU C 84 -89.57 -11.23 50.50
CA LEU C 84 -89.85 -12.64 50.21
C LEU C 84 -90.41 -13.35 51.43
N GLU C 85 -89.83 -13.10 52.61
CA GLU C 85 -90.32 -13.70 53.84
C GLU C 85 -91.76 -13.25 54.15
N ALA C 86 -92.01 -11.94 54.13
CA ALA C 86 -93.35 -11.43 54.39
C ALA C 86 -94.36 -11.88 53.34
N GLY C 87 -93.91 -12.35 52.19
CA GLY C 87 -94.87 -12.84 51.22
C GLY C 87 -95.25 -14.26 51.45
N GLN C 88 -94.64 -14.91 52.44
CA GLN C 88 -94.97 -16.30 52.77
C GLN C 88 -94.70 -17.22 51.59
N TYR C 89 -93.57 -17.00 50.92
CA TYR C 89 -93.20 -17.84 49.80
C TYR C 89 -92.51 -19.10 50.28
N GLY C 90 -92.70 -20.18 49.52
CA GLY C 90 -91.96 -21.41 49.79
C GLY C 90 -90.46 -21.15 49.76
N LEU C 91 -89.75 -21.78 50.69
CA LEU C 91 -88.32 -21.53 50.78
C LEU C 91 -87.60 -21.78 49.46
N PRO C 92 -87.88 -22.85 48.70
CA PRO C 92 -87.26 -22.98 47.37
C PRO C 92 -87.57 -21.80 46.48
N GLN C 93 -88.79 -21.30 46.53
CA GLN C 93 -89.14 -20.17 45.69
C GLN C 93 -88.38 -18.92 46.13
N GLN C 94 -88.21 -18.73 47.44
CA GLN C 94 -87.46 -17.56 47.89
C GLN C 94 -86.07 -17.54 47.28
N TYR C 95 -85.34 -18.64 47.42
CA TYR C 95 -84.02 -18.72 46.82
C TYR C 95 -84.09 -18.60 45.31
N GLN C 96 -85.15 -19.15 44.73
CA GLN C 96 -85.32 -19.14 43.28
C GLN C 96 -85.51 -17.72 42.73
N PHE C 97 -86.37 -16.93 43.37
CA PHE C 97 -86.51 -15.55 42.97
C PHE C 97 -85.32 -14.73 43.45
N MET C 98 -84.79 -15.04 44.66
CA MET C 98 -83.57 -14.37 45.11
C MET C 98 -82.46 -14.50 44.09
N PHE C 99 -82.26 -15.69 43.55
CA PHE C 99 -81.31 -15.89 42.47
C PHE C 99 -81.59 -14.93 41.34
N PHE C 100 -82.86 -14.89 40.89
CA PHE C 100 -83.25 -13.99 39.81
C PHE C 100 -82.92 -12.54 40.16
N PHE C 101 -83.24 -12.12 41.39
CA PHE C 101 -82.98 -10.74 41.77
C PHE C 101 -81.52 -10.38 41.60
N MET C 102 -80.61 -11.28 42.01
CA MET C 102 -79.18 -10.97 41.96
C MET C 102 -78.69 -10.82 40.53
N HIS C 103 -79.08 -11.74 39.66
CA HIS C 103 -78.48 -11.84 38.33
C HIS C 103 -78.97 -10.80 37.35
N HIS C 104 -80.24 -10.42 37.42
CA HIS C 104 -80.82 -9.60 36.36
C HIS C 104 -81.20 -8.19 36.80
N LEU C 105 -81.46 -7.99 38.08
CA LEU C 105 -81.90 -6.68 38.55
C LEU C 105 -80.82 -5.86 39.21
N ILE C 106 -79.89 -6.49 39.93
CA ILE C 106 -78.79 -5.73 40.54
C ILE C 106 -77.89 -5.14 39.46
N PRO C 107 -77.49 -5.94 38.45
CA PRO C 107 -76.74 -5.33 37.33
C PRO C 107 -77.44 -4.14 36.72
N ALA C 108 -78.76 -4.20 36.58
CA ALA C 108 -79.54 -3.18 35.91
C ALA C 108 -79.80 -1.94 36.73
N LEU C 109 -79.43 -1.92 38.01
CA LEU C 109 -79.62 -0.71 38.81
C LEU C 109 -78.64 0.41 38.45
N GLY C 110 -77.47 0.08 37.89
CA GLY C 110 -76.53 1.08 37.42
C GLY C 110 -75.66 1.63 38.53
N PRO C 111 -75.13 2.83 38.34
CA PRO C 111 -74.24 3.42 39.36
C PRO C 111 -74.90 3.48 40.72
N TYR C 112 -74.18 3.05 41.76
CA TYR C 112 -74.79 3.07 43.08
C TYR C 112 -75.15 4.48 43.52
N PRO C 113 -74.23 5.39 43.64
CA PRO C 113 -74.66 6.77 43.78
C PRO C 113 -75.41 7.12 42.51
N GLN C 114 -76.74 6.92 42.51
CA GLN C 114 -77.48 6.92 41.25
C GLN C 114 -77.51 8.32 40.69
N LYS C 115 -77.22 8.43 39.40
CA LYS C 115 -77.16 9.71 38.73
C LYS C 115 -78.50 10.07 38.10
N TRP C 116 -79.39 9.10 37.98
CA TRP C 116 -80.62 9.18 37.20
C TRP C 116 -81.83 9.12 38.12
N ARG C 117 -82.79 10.03 37.91
CA ARG C 117 -84.09 9.91 38.55
C ARG C 117 -85.02 9.12 37.65
N SER C 118 -85.62 8.07 38.21
CA SER C 118 -86.63 7.28 37.50
C SER C 118 -88.01 7.84 37.82
N THR C 119 -88.87 7.84 36.81
CA THR C 119 -90.22 8.38 36.98
C THR C 119 -91.03 7.57 37.98
N ILE C 120 -90.74 6.28 38.13
CA ILE C 120 -91.63 5.37 38.83
C ILE C 120 -91.69 5.63 40.34
N SER C 121 -90.63 6.12 40.93
CA SER C 121 -90.62 6.24 42.38
C SER C 121 -90.86 7.69 42.80
N ARG C 122 -91.50 7.87 43.95
CA ARG C 122 -91.62 9.21 44.48
C ARG C 122 -90.24 9.83 44.65
N SER C 123 -89.32 9.07 45.28
CA SER C 123 -87.95 9.53 45.51
C SER C 123 -87.12 9.54 44.23
N GLY C 124 -87.48 8.71 43.28
CA GLY C 124 -86.76 8.64 42.03
C GLY C 124 -85.92 7.41 41.85
N LEU C 125 -85.89 6.50 42.83
CA LEU C 125 -84.96 5.41 42.59
C LEU C 125 -85.60 4.31 41.73
N PRO C 126 -84.81 3.62 40.94
CA PRO C 126 -85.37 2.77 39.88
C PRO C 126 -86.12 1.53 40.34
N ILE C 127 -86.39 1.39 41.63
CA ILE C 127 -87.01 0.16 42.11
C ILE C 127 -88.02 0.48 43.22
N GLU C 128 -89.10 -0.28 43.26
CA GLU C 128 -89.96 -0.27 44.44
C GLU C 128 -90.71 -1.60 44.56
N PHE C 129 -90.95 -1.98 45.82
CA PHE C 129 -91.53 -3.26 46.16
C PHE C 129 -93.00 -3.10 46.56
N SER C 130 -93.80 -4.09 46.19
CA SER C 130 -95.23 -4.06 46.42
C SER C 130 -95.67 -5.36 47.09
N LEU C 131 -96.68 -5.25 47.94
CA LEU C 131 -97.37 -6.40 48.50
C LEU C 131 -98.83 -6.30 48.11
N ASN C 132 -99.34 -7.34 47.47
CA ASN C 132 -100.74 -7.40 47.09
C ASN C 132 -101.46 -8.35 48.02
N PHE C 133 -102.46 -7.84 48.70
CA PHE C 133 -103.25 -8.62 49.64
C PHE C 133 -104.56 -9.07 49.01
N GLN C 134 -104.91 -10.32 49.24
CA GLN C 134 -106.08 -10.97 48.69
C GLN C 134 -106.95 -11.49 49.81
N LYS C 135 -108.09 -12.07 49.44
CA LYS C 135 -109.06 -12.55 50.41
C LYS C 135 -108.56 -13.85 51.00
N GLY C 136 -107.77 -13.74 52.07
CA GLY C 136 -107.36 -14.87 52.89
C GLY C 136 -106.36 -15.82 52.24
N SER C 137 -106.30 -15.82 50.91
CA SER C 137 -105.38 -16.72 50.22
C SER C 137 -103.96 -16.50 50.72
N HIS C 138 -103.51 -15.25 50.74
CA HIS C 138 -102.17 -14.86 51.17
C HIS C 138 -101.85 -13.52 50.52
N ARG C 139 -100.55 -13.26 50.38
CA ARG C 139 -100.05 -12.02 49.79
C ARG C 139 -99.03 -12.36 48.71
N LEU C 140 -98.84 -11.42 47.79
CA LEU C 140 -97.89 -11.57 46.69
C LEU C 140 -96.91 -10.40 46.70
N LEU C 141 -95.72 -10.65 46.14
CA LEU C 141 -94.66 -9.65 46.07
C LEU C 141 -94.52 -9.12 44.66
N ARG C 142 -94.38 -7.79 44.56
CA ARG C 142 -94.35 -7.05 43.31
C ARG C 142 -93.13 -6.11 43.28
N ILE C 143 -92.45 -6.03 42.14
CA ILE C 143 -91.32 -5.12 41.97
C ILE C 143 -91.53 -4.27 40.73
N GLY C 144 -91.37 -2.95 40.88
CA GLY C 144 -91.36 -2.03 39.74
C GLY C 144 -89.92 -1.62 39.42
N PHE C 145 -89.56 -1.72 38.15
CA PHE C 145 -88.17 -1.61 37.74
C PHE C 145 -88.03 -0.62 36.58
N GLU C 146 -86.96 0.16 36.59
CA GLU C 146 -86.47 0.86 35.40
C GLU C 146 -85.00 0.58 35.25
N PRO C 147 -84.58 -0.21 34.27
CA PRO C 147 -83.15 -0.45 34.07
C PRO C 147 -82.38 0.86 33.82
N VAL C 148 -81.15 0.91 34.32
CA VAL C 148 -80.29 2.08 34.21
C VAL C 148 -78.85 1.66 33.93
N SER C 149 -78.09 2.57 33.31
CA SER C 149 -76.65 2.40 33.19
C SER C 149 -76.01 3.77 33.38
N PHE C 150 -74.67 3.78 33.39
CA PHE C 150 -73.96 5.04 33.49
C PHE C 150 -74.24 5.91 32.28
N LEU C 151 -74.63 5.31 31.15
CA LEU C 151 -74.98 6.09 29.97
C LEU C 151 -76.31 6.81 30.12
N SER C 152 -77.20 6.28 30.96
CA SER C 152 -78.54 6.87 31.12
C SER C 152 -78.42 8.33 31.56
N GLY C 153 -79.04 9.22 30.80
CA GLY C 153 -79.00 10.64 31.07
C GLY C 153 -77.83 11.35 30.45
N SER C 154 -77.01 10.64 29.67
CA SER C 154 -75.84 11.20 29.04
C SER C 154 -76.16 11.57 27.59
N SER C 155 -75.14 12.08 26.89
CA SER C 155 -75.31 12.42 25.48
C SER C 155 -75.66 11.17 24.66
N GLN C 156 -75.07 10.03 25.01
CA GLN C 156 -75.26 8.84 24.18
C GLN C 156 -76.65 8.26 24.38
N ASP C 157 -77.26 8.48 25.55
CA ASP C 157 -78.63 8.04 25.82
C ASP C 157 -79.27 8.95 26.86
N PRO C 158 -79.79 10.10 26.44
CA PRO C 158 -80.33 11.07 27.41
C PRO C 158 -81.66 10.67 27.98
N PHE C 159 -82.42 9.78 27.34
CA PHE C 159 -83.72 9.39 27.86
C PHE C 159 -83.82 7.89 28.11
N ASN C 160 -82.68 7.24 28.29
CA ASN C 160 -82.65 5.93 28.92
C ASN C 160 -83.47 4.89 28.14
N ARG C 161 -83.25 4.83 26.83
CA ARG C 161 -83.82 3.73 26.07
C ARG C 161 -82.95 2.48 26.07
N ILE C 162 -81.64 2.61 26.28
CA ILE C 162 -80.68 1.53 26.05
C ILE C 162 -80.90 0.43 27.08
N PRO C 163 -80.91 0.76 28.39
CA PRO C 163 -81.08 -0.31 29.37
C PRO C 163 -82.35 -1.10 29.15
N ILE C 164 -83.41 -0.44 28.65
CA ILE C 164 -84.70 -1.09 28.43
C ILE C 164 -84.56 -2.26 27.46
N THR C 165 -83.91 -2.01 26.33
CA THR C 165 -83.75 -3.06 25.33
C THR C 165 -82.77 -4.12 25.77
N ASP C 166 -81.71 -3.75 26.50
CA ASP C 166 -80.79 -4.75 27.03
C ASP C 166 -81.52 -5.72 27.93
N LEU C 167 -82.20 -5.18 28.95
CA LEU C 167 -82.95 -6.02 29.87
C LEU C 167 -83.98 -6.87 29.15
N LEU C 168 -84.61 -6.31 28.12
CA LEU C 168 -85.62 -7.09 27.40
C LEU C 168 -85.02 -8.30 26.70
N ASN C 169 -83.72 -8.29 26.41
CA ASN C 169 -83.09 -9.46 25.82
C ASN C 169 -82.64 -10.46 26.86
N ARG C 170 -82.13 -10.00 28.01
CA ARG C 170 -81.86 -10.96 29.09
C ARG C 170 -83.08 -11.82 29.32
N LEU C 171 -84.25 -11.18 29.42
CA LEU C 171 -85.46 -11.90 29.77
C LEU C 171 -85.83 -12.90 28.67
N SER C 172 -85.69 -12.49 27.41
CA SER C 172 -86.01 -13.41 26.34
C SER C 172 -85.06 -14.60 26.30
N LYS C 173 -83.82 -14.41 26.76
CA LYS C 173 -82.88 -15.52 26.82
C LYS C 173 -83.27 -16.51 27.90
N LEU C 174 -83.77 -16.00 29.02
CA LEU C 174 -84.30 -16.86 30.07
C LEU C 174 -85.50 -17.62 29.53
N GLN C 175 -85.54 -18.91 29.82
CA GLN C 175 -86.67 -19.74 29.41
C GLN C 175 -87.80 -19.47 30.40
N LEU C 176 -88.67 -18.53 30.02
CA LEU C 176 -89.78 -18.10 30.85
C LEU C 176 -91.10 -18.53 30.23
N SER C 177 -92.01 -19.02 31.06
CA SER C 177 -93.28 -19.53 30.59
C SER C 177 -94.18 -18.39 30.11
N ASN C 178 -94.72 -18.54 28.90
CA ASN C 178 -95.71 -17.62 28.34
C ASN C 178 -95.16 -16.20 28.19
N PHE C 179 -94.03 -16.08 27.49
CA PHE C 179 -93.33 -14.80 27.35
C PHE C 179 -93.23 -14.44 25.87
N ASP C 180 -94.07 -13.48 25.44
CA ASP C 180 -93.98 -12.88 24.11
C ASP C 180 -93.79 -11.37 24.26
N THR C 181 -93.03 -10.78 23.34
CA THR C 181 -92.76 -9.36 23.40
C THR C 181 -93.53 -8.54 22.36
N PRO C 182 -94.22 -9.15 21.39
CA PRO C 182 -94.73 -8.33 20.27
C PRO C 182 -95.57 -7.13 20.69
N PHE C 183 -96.51 -7.32 21.59
CA PHE C 183 -97.40 -6.22 21.95
C PHE C 183 -96.59 -5.06 22.51
N PHE C 184 -95.62 -5.36 23.40
CA PHE C 184 -94.80 -4.33 24.00
C PHE C 184 -93.89 -3.68 22.98
N GLN C 185 -93.25 -4.48 22.13
CA GLN C 185 -92.46 -3.92 21.04
C GLN C 185 -93.30 -2.92 20.23
N HIS C 186 -94.55 -3.27 19.96
CA HIS C 186 -95.41 -2.39 19.18
C HIS C 186 -95.52 -1.01 19.83
N LEU C 187 -95.74 -0.97 21.14
CA LEU C 187 -95.90 0.33 21.79
C LEU C 187 -94.60 1.11 21.78
N LEU C 188 -93.47 0.44 22.05
CA LEU C 188 -92.19 1.15 21.96
C LEU C 188 -92.01 1.77 20.61
N SER C 189 -92.15 0.97 19.55
CA SER C 189 -91.96 1.52 18.22
C SER C 189 -92.78 2.79 18.05
N LYS C 190 -94.03 2.78 18.53
CA LYS C 190 -94.91 3.94 18.47
C LYS C 190 -94.39 5.13 19.26
N PHE C 191 -93.35 4.95 20.06
CA PHE C 191 -92.93 6.07 20.90
C PHE C 191 -91.43 6.28 20.85
N GLN C 192 -90.76 5.92 19.75
CA GLN C 192 -89.34 6.22 19.68
C GLN C 192 -89.17 7.67 19.20
N LEU C 193 -87.92 8.13 19.08
CA LEU C 193 -87.74 9.56 18.95
C LEU C 193 -86.80 9.96 17.81
N SER C 194 -85.52 9.57 17.87
CA SER C 194 -84.56 9.82 16.79
C SER C 194 -84.15 11.29 16.70
N LEU C 195 -84.49 11.96 15.61
CA LEU C 195 -84.24 13.40 15.56
C LEU C 195 -85.01 14.13 16.65
N SER C 196 -86.08 13.50 17.16
CA SER C 196 -86.86 14.10 18.22
C SER C 196 -86.04 14.34 19.46
N GLU C 197 -85.11 13.42 19.77
CA GLU C 197 -84.19 13.63 20.88
C GLU C 197 -83.55 15.01 20.81
N VAL C 198 -83.06 15.41 19.63
CA VAL C 198 -82.30 16.67 19.52
C VAL C 198 -83.20 17.85 19.87
N ARG C 199 -84.41 17.86 19.33
CA ARG C 199 -85.40 18.85 19.75
C ARG C 199 -85.60 18.79 21.25
N GLN C 200 -85.73 17.57 21.77
CA GLN C 200 -86.02 17.39 23.18
C GLN C 200 -84.90 17.97 24.04
N LEU C 201 -83.65 17.60 23.71
CA LEU C 201 -82.50 18.11 24.48
C LEU C 201 -82.60 19.61 24.73
N GLN C 202 -83.07 20.39 23.77
CA GLN C 202 -83.34 21.78 24.06
C GLN C 202 -84.62 21.90 24.91
N PRO C 212 -87.97 18.02 34.45
CA PRO C 212 -89.18 17.20 34.58
C PRO C 212 -88.89 15.71 34.73
N LEU C 213 -89.68 14.88 34.03
CA LEU C 213 -89.59 13.43 34.09
C LEU C 213 -89.16 12.91 32.73
N LYS C 214 -88.10 12.08 32.71
CA LYS C 214 -87.44 11.77 31.46
C LYS C 214 -87.62 10.34 30.95
N SER C 215 -88.01 9.39 31.80
CA SER C 215 -88.01 7.98 31.40
C SER C 215 -89.13 7.68 30.40
N GLN C 216 -88.86 6.72 29.52
CA GLN C 216 -89.81 6.38 28.47
C GLN C 216 -90.45 5.02 28.68
N ALA C 217 -89.91 4.22 29.57
CA ALA C 217 -90.46 2.88 29.78
C ALA C 217 -90.02 2.39 31.15
N ALA C 218 -90.62 1.29 31.58
CA ALA C 218 -90.27 0.64 32.84
C ALA C 218 -90.77 -0.80 32.77
N PHE C 219 -90.42 -1.58 33.77
CA PHE C 219 -90.78 -2.98 33.84
C PHE C 219 -91.49 -3.26 35.15
N GLY C 220 -92.20 -4.37 35.17
CA GLY C 220 -92.84 -4.83 36.38
C GLY C 220 -92.70 -6.33 36.57
N PHE C 221 -92.54 -6.77 37.82
CA PHE C 221 -92.32 -8.18 38.09
C PHE C 221 -93.28 -8.64 39.17
N ASP C 222 -94.10 -9.62 38.83
CA ASP C 222 -94.99 -10.29 39.77
C ASP C 222 -94.46 -11.69 40.04
N PHE C 223 -94.21 -11.99 41.33
CA PHE C 223 -93.74 -13.31 41.76
C PHE C 223 -94.94 -14.04 42.32
N ASN C 224 -95.53 -14.96 41.55
CA ASN C 224 -96.71 -15.64 42.08
C ASN C 224 -96.25 -16.76 43.00
N PRO C 225 -97.16 -17.32 43.81
CA PRO C 225 -96.72 -18.30 44.82
C PRO C 225 -95.99 -19.49 44.21
N ASP C 226 -96.42 -19.94 43.04
CA ASP C 226 -95.63 -20.87 42.27
C ASP C 226 -94.30 -20.23 41.87
N GLY C 227 -93.29 -21.05 41.65
CA GLY C 227 -91.99 -20.53 41.27
C GLY C 227 -92.00 -19.92 39.88
N ALA C 228 -92.86 -18.94 39.63
CA ALA C 228 -93.01 -18.32 38.31
C ALA C 228 -93.05 -16.80 38.43
N ILE C 229 -92.31 -16.13 37.54
CA ILE C 229 -92.30 -14.68 37.46
C ILE C 229 -93.16 -14.32 36.26
N LEU C 230 -93.94 -13.25 36.38
CA LEU C 230 -94.72 -12.67 35.28
C LEU C 230 -94.28 -11.22 35.06
N VAL C 231 -94.06 -10.85 33.80
CA VAL C 231 -93.41 -9.59 33.46
C VAL C 231 -94.44 -8.55 32.98
N LYS C 232 -94.40 -7.36 33.57
CA LYS C 232 -95.28 -6.26 33.25
C LYS C 232 -94.42 -5.13 32.70
N GLY C 233 -94.90 -4.50 31.63
CA GLY C 233 -94.17 -3.45 30.97
C GLY C 233 -94.96 -2.15 30.96
N TYR C 234 -94.24 -1.04 31.03
CA TYR C 234 -94.83 0.29 31.05
C TYR C 234 -94.28 1.09 29.87
N VAL C 235 -94.99 2.16 29.53
CA VAL C 235 -94.60 3.08 28.46
C VAL C 235 -95.05 4.48 28.85
N PHE C 236 -94.16 5.46 28.69
CA PHE C 236 -94.48 6.81 29.12
C PHE C 236 -94.53 7.73 27.92
N PRO C 237 -95.72 7.98 27.36
CA PRO C 237 -95.81 8.68 26.07
C PRO C 237 -95.64 10.19 26.17
N TYR C 238 -95.40 10.75 27.36
CA TYR C 238 -95.26 12.19 27.47
C TYR C 238 -94.14 12.71 26.59
N LEU C 239 -93.02 11.98 26.51
CA LEU C 239 -91.90 12.46 25.71
C LEU C 239 -92.28 12.56 24.24
N LYS C 240 -92.72 11.43 23.66
CA LYS C 240 -93.07 11.41 22.25
C LYS C 240 -94.12 12.47 21.94
N ALA C 241 -95.06 12.66 22.86
CA ALA C 241 -96.10 13.66 22.66
C ALA C 241 -95.52 15.08 22.73
N LYS C 242 -94.59 15.33 23.64
CA LYS C 242 -94.02 16.67 23.75
C LYS C 242 -93.20 17.04 22.51
N ALA C 243 -92.46 16.09 21.96
CA ALA C 243 -91.65 16.36 20.78
C ALA C 243 -92.52 16.70 19.59
N ALA C 244 -93.57 15.92 19.34
CA ALA C 244 -94.47 16.13 18.21
C ALA C 244 -95.51 17.21 18.46
N ASP C 245 -95.49 17.87 19.61
CA ASP C 245 -96.48 18.88 19.98
C ASP C 245 -97.89 18.39 19.65
N VAL C 246 -98.17 17.16 20.08
CA VAL C 246 -99.47 16.53 19.89
C VAL C 246 -100.00 16.13 21.27
N PRO C 247 -101.26 16.38 21.58
CA PRO C 247 -101.79 15.99 22.89
C PRO C 247 -101.67 14.49 23.10
N VAL C 248 -101.41 14.10 24.35
CA VAL C 248 -101.06 12.72 24.64
C VAL C 248 -102.14 11.77 24.13
N GLY C 249 -103.40 12.11 24.38
CA GLY C 249 -104.48 11.20 24.04
C GLY C 249 -104.57 10.90 22.56
N THR C 250 -104.30 11.89 21.73
CA THR C 250 -104.42 11.71 20.29
C THR C 250 -103.53 10.58 19.80
N LEU C 251 -102.27 10.54 20.24
CA LEU C 251 -101.39 9.44 19.85
C LEU C 251 -101.59 8.21 20.72
N ILE C 252 -102.04 8.37 21.96
CA ILE C 252 -102.46 7.19 22.74
C ILE C 252 -103.60 6.48 22.04
N ALA C 253 -104.66 7.23 21.70
CA ALA C 253 -105.77 6.66 20.94
C ALA C 253 -105.27 6.07 19.63
N GLU C 254 -104.46 6.84 18.89
CA GLU C 254 -103.95 6.37 17.62
C GLU C 254 -103.03 5.17 17.82
N ALA C 255 -102.32 5.14 18.95
CA ALA C 255 -101.53 3.98 19.30
C ALA C 255 -102.41 2.76 19.54
N VAL C 256 -103.49 2.94 20.28
CA VAL C 256 -104.46 1.86 20.49
C VAL C 256 -105.13 1.47 19.17
N ARG C 257 -105.46 2.45 18.35
CA ARG C 257 -106.09 2.14 17.07
C ARG C 257 -105.17 1.34 16.16
N THR C 258 -103.88 1.69 16.15
CA THR C 258 -102.93 0.97 15.31
C THR C 258 -102.91 -0.51 15.65
N ILE C 259 -103.22 -0.86 16.89
CA ILE C 259 -103.36 -2.26 17.29
C ILE C 259 -104.77 -2.77 17.06
N ASP C 260 -105.71 -1.89 16.66
CA ASP C 260 -107.11 -2.31 16.49
C ASP C 260 -107.32 -3.12 15.21
N VAL C 261 -106.79 -2.64 14.07
CA VAL C 261 -106.76 -3.53 12.91
C VAL C 261 -105.89 -4.73 13.22
N GLU C 262 -104.91 -4.57 14.12
CA GLU C 262 -104.11 -5.69 14.60
C GLU C 262 -104.95 -6.65 15.45
N ARG C 263 -105.81 -6.09 16.31
CA ARG C 263 -107.04 -6.74 16.78
C ARG C 263 -107.93 -5.76 17.53
N ASN C 264 -109.14 -5.60 17.01
CA ASN C 264 -110.07 -4.57 17.45
C ASN C 264 -110.87 -5.03 18.67
N GLN C 265 -110.18 -5.49 19.71
CA GLN C 265 -110.85 -5.92 20.93
C GLN C 265 -110.80 -4.87 22.02
N PHE C 266 -109.97 -3.85 21.87
CA PHE C 266 -109.84 -2.79 22.85
C PHE C 266 -110.62 -1.54 22.46
N THR C 267 -111.16 -1.52 21.24
CA THR C 267 -111.86 -0.34 20.75
C THR C 267 -112.97 0.08 21.70
N HIS C 268 -113.92 -0.83 21.97
CA HIS C 268 -115.10 -0.48 22.75
C HIS C 268 -114.70 0.06 24.11
N ALA C 269 -113.96 -0.74 24.88
CA ALA C 269 -113.59 -0.33 26.22
C ALA C 269 -112.74 0.95 26.19
N PHE C 270 -111.78 1.03 25.26
CA PHE C 270 -110.92 2.20 25.23
C PHE C 270 -111.68 3.45 24.81
N GLY C 271 -112.26 3.44 23.60
CA GLY C 271 -113.07 4.57 23.19
C GLY C 271 -114.02 5.01 24.28
N LEU C 272 -114.44 4.08 25.15
CA LEU C 272 -115.29 4.41 26.28
C LEU C 272 -114.52 5.21 27.33
N ILE C 273 -113.23 4.92 27.48
CA ILE C 273 -112.42 5.70 28.43
C ILE C 273 -111.99 7.06 27.85
N ASN C 274 -111.44 7.09 26.65
CA ASN C 274 -110.98 8.23 25.92
C ASN C 274 -112.07 9.32 25.87
N ASP C 275 -113.35 8.91 25.81
CA ASP C 275 -114.41 9.91 25.90
C ASP C 275 -114.41 10.59 27.26
N TYR C 276 -114.30 9.81 28.34
CA TYR C 276 -114.27 10.43 29.66
C TYR C 276 -113.04 11.31 29.85
N MET C 277 -111.91 10.88 29.31
CA MET C 277 -110.70 11.67 29.45
C MET C 277 -110.87 13.02 28.78
N GLN C 278 -111.48 13.02 27.59
CA GLN C 278 -111.72 14.28 26.89
C GLN C 278 -112.81 15.10 27.54
N GLU C 279 -113.82 14.47 28.11
CA GLU C 279 -114.79 15.25 28.88
C GLU C 279 -114.10 16.05 29.98
N SER C 280 -113.34 15.37 30.83
CA SER C 280 -112.87 15.90 32.10
C SER C 280 -111.50 16.53 32.03
N THR C 281 -110.91 16.66 30.83
CA THR C 281 -109.52 17.08 30.72
C THR C 281 -108.63 16.17 31.56
N GLY C 282 -108.95 14.87 31.53
CA GLY C 282 -108.23 13.92 32.35
C GLY C 282 -106.82 13.66 31.85
N TYR C 283 -106.65 13.65 30.53
CA TYR C 283 -105.33 13.52 29.93
C TYR C 283 -104.42 14.68 30.34
N ASN C 284 -103.15 14.37 30.53
CA ASN C 284 -102.19 15.33 31.03
C ASN C 284 -100.81 14.75 30.77
N GLU C 285 -99.79 15.48 31.22
CA GLU C 285 -98.42 14.97 31.14
C GLU C 285 -98.25 13.66 31.86
N TYR C 286 -98.98 13.46 32.96
CA TYR C 286 -98.83 12.29 33.83
C TYR C 286 -99.49 11.03 33.28
N THR C 287 -100.39 11.17 32.31
CA THR C 287 -101.05 10.00 31.76
C THR C 287 -100.02 9.08 31.10
N PHE C 288 -100.12 7.78 31.37
CA PHE C 288 -99.24 6.81 30.74
C PHE C 288 -99.98 5.49 30.59
N LEU C 289 -99.26 4.46 30.16
CA LEU C 289 -99.86 3.25 29.64
C LEU C 289 -99.09 2.06 30.17
N SER C 290 -99.73 0.88 30.12
CA SER C 290 -99.16 -0.33 30.72
C SER C 290 -99.63 -1.53 29.92
N CYS C 291 -99.01 -2.68 30.15
CA CYS C 291 -99.47 -3.92 29.54
C CYS C 291 -98.72 -5.10 30.15
N ASP C 292 -99.05 -6.30 29.69
CA ASP C 292 -98.42 -7.54 30.12
C ASP C 292 -97.63 -8.16 28.96
N PHE C 293 -96.66 -8.99 29.30
CA PHE C 293 -95.82 -9.68 28.33
C PHE C 293 -96.33 -11.09 28.06
N VAL C 294 -97.40 -11.19 27.27
CA VAL C 294 -97.95 -12.49 26.90
C VAL C 294 -98.84 -12.34 25.67
N GLU C 295 -99.07 -13.46 24.99
CA GLU C 295 -100.17 -13.64 24.05
C GLU C 295 -101.26 -12.58 24.17
N THR C 296 -101.69 -12.04 23.03
CA THR C 296 -102.68 -10.97 23.00
C THR C 296 -103.99 -11.40 23.67
N SER C 297 -104.37 -12.66 23.51
CA SER C 297 -105.66 -13.10 24.05
C SER C 297 -105.75 -12.83 25.55
N GLU C 298 -104.72 -13.19 26.30
CA GLU C 298 -104.72 -13.06 27.74
C GLU C 298 -104.14 -11.73 28.23
N GLN C 299 -103.98 -10.74 27.36
CA GLN C 299 -103.30 -9.51 27.72
C GLN C 299 -104.27 -8.45 28.19
N ARG C 300 -103.83 -7.66 29.17
CA ARG C 300 -104.66 -6.67 29.87
C ARG C 300 -103.97 -5.31 29.75
N LEU C 301 -104.38 -4.47 28.80
CA LEU C 301 -103.74 -3.17 28.73
C LEU C 301 -104.41 -2.20 29.68
N LYS C 302 -103.63 -1.31 30.26
CA LYS C 302 -104.07 -0.45 31.34
C LYS C 302 -103.68 0.98 30.96
N ILE C 303 -104.54 1.94 31.28
CA ILE C 303 -104.23 3.35 31.08
C ILE C 303 -104.16 4.00 32.45
N TYR C 304 -103.06 4.70 32.73
CA TYR C 304 -102.94 5.38 34.02
C TYR C 304 -102.98 6.88 33.82
N GLY C 305 -103.27 7.59 34.90
CA GLY C 305 -103.28 9.04 34.90
C GLY C 305 -103.31 9.53 36.33
N ALA C 306 -103.25 10.85 36.46
CA ALA C 306 -103.22 11.47 37.78
C ALA C 306 -103.99 12.78 37.76
N HIS C 307 -104.33 13.25 38.96
CA HIS C 307 -104.96 14.55 39.17
C HIS C 307 -104.37 15.23 40.40
N THR C 308 -104.09 16.52 40.23
CA THR C 308 -103.45 17.31 41.27
C THR C 308 -104.31 17.38 42.54
N GLU C 309 -105.53 17.87 42.41
CA GLU C 309 -106.47 17.96 43.53
C GLU C 309 -107.74 17.20 43.21
N VAL C 310 -108.22 16.43 44.17
CA VAL C 310 -109.34 15.52 43.94
C VAL C 310 -110.17 15.41 45.22
N THR C 311 -111.47 15.58 45.07
CA THR C 311 -112.41 15.40 46.16
C THR C 311 -112.98 14.00 46.09
N TRP C 312 -113.78 13.65 47.10
CA TRP C 312 -114.51 12.39 46.98
C TRP C 312 -115.39 12.42 45.74
N ALA C 313 -116.07 13.55 45.50
CA ALA C 313 -116.93 13.65 44.34
C ALA C 313 -116.14 13.39 43.07
N LYS C 314 -114.94 13.96 42.99
CA LYS C 314 -114.07 13.69 41.85
C LYS C 314 -113.71 12.22 41.77
N ILE C 315 -113.46 11.59 42.92
CA ILE C 315 -113.13 10.17 42.94
C ILE C 315 -114.31 9.34 42.44
N ALA C 316 -115.50 9.62 42.95
CA ALA C 316 -116.67 8.91 42.47
C ALA C 316 -116.87 9.15 40.98
N GLU C 317 -116.68 10.40 40.55
CA GLU C 317 -116.76 10.73 39.13
C GLU C 317 -115.78 9.92 38.30
N MET C 318 -114.53 9.77 38.79
CA MET C 318 -113.55 8.97 38.06
C MET C 318 -113.85 7.49 38.20
N TRP C 319 -114.25 7.05 39.41
CA TRP C 319 -114.49 5.62 39.61
C TRP C 319 -115.57 5.12 38.67
N THR C 320 -116.66 5.87 38.53
CA THR C 320 -117.73 5.55 37.62
C THR C 320 -117.56 6.21 36.26
N LEU C 321 -116.38 6.76 35.98
CA LEU C 321 -115.98 7.22 34.65
C LEU C 321 -117.03 8.16 34.07
N GLY C 322 -117.32 9.23 34.83
CA GLY C 322 -118.51 10.01 34.55
C GLY C 322 -119.74 9.25 35.01
N GLY C 323 -120.62 8.90 34.07
CA GLY C 323 -121.68 7.98 34.38
C GLY C 323 -121.61 6.74 33.53
N ARG C 324 -120.51 6.57 32.80
CA ARG C 324 -120.46 5.57 31.75
C ARG C 324 -120.89 4.19 32.24
N LEU C 325 -120.48 3.81 33.44
CA LEU C 325 -120.61 2.43 33.86
C LEU C 325 -121.33 2.30 35.21
N ILE C 326 -122.25 3.24 35.50
CA ILE C 326 -123.16 3.04 36.63
C ILE C 326 -124.03 1.80 36.40
N GLU C 327 -124.23 1.41 35.15
CA GLU C 327 -125.07 0.26 34.85
C GLU C 327 -124.56 -0.99 35.55
N GLU C 328 -123.25 -1.20 35.54
CA GLU C 328 -122.67 -2.38 36.18
C GLU C 328 -122.88 -2.34 37.68
N PRO C 329 -123.38 -3.42 38.29
CA PRO C 329 -123.56 -3.41 39.74
C PRO C 329 -122.24 -3.48 40.50
N GLU C 330 -121.25 -4.20 39.95
CA GLU C 330 -119.93 -4.30 40.56
C GLU C 330 -119.40 -2.95 40.99
N ILE C 331 -119.36 -1.99 40.06
CA ILE C 331 -118.77 -0.67 40.31
C ILE C 331 -119.37 -0.04 41.56
N ILE C 332 -120.69 -0.08 41.69
CA ILE C 332 -121.37 0.58 42.82
C ILE C 332 -120.91 -0.02 44.14
N ALA C 333 -120.84 -1.36 44.21
CA ALA C 333 -120.36 -2.01 45.44
C ALA C 333 -118.91 -1.63 45.73
N GLY C 334 -118.03 -1.78 44.74
CA GLY C 334 -116.62 -1.43 44.91
C GLY C 334 -116.43 -0.01 45.38
N LEU C 335 -117.18 0.93 44.82
CA LEU C 335 -117.05 2.32 45.23
C LEU C 335 -117.48 2.48 46.68
N ALA C 336 -118.44 1.68 47.13
CA ALA C 336 -118.88 1.75 48.51
C ALA C 336 -117.73 1.46 49.44
N ARG C 337 -117.10 0.28 49.29
CA ARG C 337 -115.91 -0.04 50.06
C ARG C 337 -114.85 1.05 49.93
N LEU C 338 -114.71 1.60 48.74
CA LEU C 338 -113.62 2.54 48.52
C LEU C 338 -113.76 3.74 49.46
N LYS C 339 -114.97 4.27 49.60
CA LYS C 339 -115.10 5.38 50.53
C LYS C 339 -114.86 4.92 51.94
N GLN C 340 -115.07 3.63 52.20
CA GLN C 340 -114.83 3.12 53.54
C GLN C 340 -113.38 3.30 53.93
N ILE C 341 -112.47 3.12 52.96
CA ILE C 341 -111.06 3.33 53.22
C ILE C 341 -110.74 4.80 53.16
N TRP C 342 -111.20 5.47 52.11
CA TRP C 342 -110.94 6.89 51.96
C TRP C 342 -111.19 7.62 53.28
N SER C 343 -112.24 7.23 53.99
CA SER C 343 -112.57 7.85 55.26
C SER C 343 -111.54 7.49 56.32
N LEU C 344 -111.10 6.23 56.34
CA LEU C 344 -110.10 5.79 57.31
C LEU C 344 -108.77 6.51 57.11
N LEU C 345 -108.32 6.64 55.87
CA LEU C 345 -106.93 6.98 55.62
C LEU C 345 -106.66 8.46 55.90
N GLN C 346 -107.37 9.33 55.21
CA GLN C 346 -107.09 10.75 55.28
C GLN C 346 -107.78 11.42 56.48
N ILE C 347 -108.44 10.63 57.33
CA ILE C 347 -109.19 11.20 58.45
C ILE C 347 -108.26 11.81 59.50
N ILE C 369 -95.76 20.38 45.65
CA ILE C 369 -96.18 20.81 46.99
C ILE C 369 -96.74 19.60 47.75
N ALA C 370 -97.25 18.63 47.01
CA ALA C 370 -97.82 17.41 47.60
C ALA C 370 -97.91 16.35 46.52
N SER C 371 -98.20 15.12 46.95
CA SER C 371 -98.24 14.01 45.99
C SER C 371 -99.61 13.90 45.34
N PRO C 372 -99.65 13.60 44.05
CA PRO C 372 -100.93 13.45 43.34
C PRO C 372 -101.51 12.07 43.58
N ILE C 373 -102.79 11.91 43.21
CA ILE C 373 -103.46 10.62 43.31
C ILE C 373 -103.54 10.05 41.91
N ILE C 374 -103.35 8.74 41.77
CA ILE C 374 -103.27 8.14 40.45
C ILE C 374 -104.46 7.20 40.26
N TRP C 375 -104.93 7.12 39.01
CA TRP C 375 -106.03 6.23 38.63
C TRP C 375 -105.62 5.32 37.48
N ASN C 376 -106.37 4.25 37.32
CA ASN C 376 -106.06 3.17 36.41
C ASN C 376 -107.36 2.62 35.83
N TYR C 377 -107.39 2.36 34.53
CA TYR C 377 -108.52 1.69 33.88
C TYR C 377 -108.01 0.49 33.10
N GLU C 378 -108.39 -0.70 33.51
CA GLU C 378 -107.88 -1.94 32.95
C GLU C 378 -108.84 -2.48 31.91
N ILE C 379 -108.39 -2.58 30.66
CA ILE C 379 -109.23 -3.00 29.55
C ILE C 379 -108.95 -4.45 29.19
N HIS C 380 -109.52 -5.37 29.93
CA HIS C 380 -109.51 -6.76 29.50
C HIS C 380 -110.15 -6.86 28.12
N PRO C 381 -109.54 -7.58 27.17
CA PRO C 381 -110.00 -7.48 25.78
C PRO C 381 -111.40 -8.05 25.56
N GLY C 382 -111.69 -9.22 26.11
CA GLY C 382 -113.00 -9.82 25.89
C GLY C 382 -114.13 -8.95 26.39
N SER C 383 -113.95 -8.33 27.55
CA SER C 383 -115.05 -7.63 28.21
C SER C 383 -115.42 -6.35 27.46
N ARG C 384 -116.51 -5.73 27.92
CA ARG C 384 -117.03 -4.52 27.32
C ARG C 384 -116.82 -3.28 28.15
N PHE C 385 -116.52 -3.42 29.44
CA PHE C 385 -116.21 -2.27 30.26
C PHE C 385 -114.78 -2.31 30.80
N PRO C 386 -114.23 -1.17 31.16
CA PRO C 386 -112.97 -1.14 31.93
C PRO C 386 -113.21 -1.37 33.42
N VAL C 387 -112.18 -1.82 34.10
CA VAL C 387 -112.15 -1.97 35.55
C VAL C 387 -111.27 -0.87 36.10
N PRO C 388 -111.72 -0.09 37.08
CA PRO C 388 -110.90 0.97 37.64
C PRO C 388 -109.93 0.44 38.70
N LYS C 389 -109.10 1.34 39.18
CA LYS C 389 -108.15 1.09 40.25
C LYS C 389 -107.55 2.41 40.69
N PHE C 390 -107.50 2.71 41.98
CA PHE C 390 -106.90 3.96 42.40
C PHE C 390 -105.67 3.73 43.24
N TYR C 391 -104.85 4.78 43.32
CA TYR C 391 -103.59 4.77 44.03
C TYR C 391 -103.56 5.95 44.96
N LEU C 392 -103.31 5.68 46.25
CA LEU C 392 -103.57 6.67 47.26
C LEU C 392 -102.27 7.05 47.97
N PRO C 393 -101.95 8.33 48.06
CA PRO C 393 -100.69 8.74 48.71
C PRO C 393 -100.70 8.43 50.20
N VAL C 394 -99.63 7.80 50.68
CA VAL C 394 -99.52 7.46 52.08
C VAL C 394 -98.27 8.12 52.67
N HIS C 395 -97.23 8.25 51.85
CA HIS C 395 -96.09 9.07 52.22
C HIS C 395 -96.56 10.48 52.55
N GLY C 396 -96.26 10.91 53.77
CA GLY C 396 -96.86 12.07 54.36
C GLY C 396 -97.83 11.74 55.47
N GLU C 397 -98.30 10.49 55.53
CA GLU C 397 -99.16 10.03 56.60
C GLU C 397 -98.35 9.12 57.50
N ASN C 398 -98.49 9.32 58.83
CA ASN C 398 -97.87 8.46 59.82
C ASN C 398 -98.06 7.01 59.43
N ASP C 399 -96.98 6.31 59.10
CA ASP C 399 -97.08 4.95 58.62
C ASP C 399 -97.71 4.01 59.64
N LEU C 400 -97.76 4.41 60.92
CA LEU C 400 -98.48 3.61 61.91
C LEU C 400 -99.97 3.85 61.79
N HIS C 401 -100.37 5.12 61.80
CA HIS C 401 -101.76 5.44 61.53
C HIS C 401 -102.25 4.70 60.28
N VAL C 402 -101.41 4.64 59.25
CA VAL C 402 -101.79 3.97 58.02
C VAL C 402 -101.88 2.47 58.25
N ALA C 403 -100.97 1.91 59.03
CA ALA C 403 -101.05 0.48 59.33
C ALA C 403 -102.31 0.17 60.12
N ARG C 404 -102.58 0.99 61.13
CA ARG C 404 -103.77 0.80 61.95
C ARG C 404 -105.03 0.84 61.09
N ALA C 405 -105.25 1.96 60.40
CA ALA C 405 -106.42 2.11 59.53
C ALA C 405 -106.49 1.01 58.48
N LEU C 406 -105.36 0.64 57.91
CA LEU C 406 -105.36 -0.39 56.88
C LEU C 406 -105.83 -1.72 57.44
N ALA C 407 -105.49 -2.00 58.69
CA ALA C 407 -105.86 -3.29 59.27
C ALA C 407 -107.33 -3.33 59.68
N GLN C 408 -107.84 -2.23 60.22
CA GLN C 408 -109.27 -2.13 60.50
C GLN C 408 -110.10 -2.46 59.27
N PHE C 409 -109.73 -1.88 58.13
CA PHE C 409 -110.44 -2.14 56.90
C PHE C 409 -110.42 -3.61 56.52
N TRP C 410 -109.43 -4.39 56.97
CA TRP C 410 -109.46 -5.79 56.60
C TRP C 410 -110.50 -6.57 57.38
N ASP C 411 -110.69 -6.24 58.66
CA ASP C 411 -111.77 -6.86 59.43
C ASP C 411 -113.12 -6.56 58.79
N SER C 412 -113.39 -5.29 58.49
CA SER C 412 -114.63 -4.96 57.80
C SER C 412 -114.87 -5.88 56.62
N LEU C 413 -113.81 -6.20 55.88
CA LEU C 413 -113.93 -7.19 54.82
C LEU C 413 -113.95 -8.60 55.37
N GLY C 414 -113.40 -8.81 56.56
CA GLY C 414 -113.37 -10.14 57.11
C GLY C 414 -112.20 -10.98 56.64
N TRP C 415 -110.99 -10.40 56.65
CA TRP C 415 -109.77 -11.15 56.38
C TRP C 415 -109.08 -11.46 57.70
N PRO C 416 -109.15 -12.71 58.18
CA PRO C 416 -108.71 -12.98 59.55
C PRO C 416 -107.24 -12.69 59.76
N GLU C 417 -106.37 -13.33 58.98
CA GLU C 417 -104.95 -13.31 59.30
C GLU C 417 -104.24 -12.05 58.81
N HIS C 418 -104.64 -11.51 57.66
CA HIS C 418 -103.96 -10.34 57.12
C HIS C 418 -104.10 -9.15 58.06
N ALA C 419 -105.27 -9.00 58.66
CA ALA C 419 -105.53 -7.81 59.47
C ALA C 419 -104.92 -7.90 60.86
N CYS C 420 -104.85 -9.09 61.43
CA CYS C 420 -104.32 -9.25 62.79
C CYS C 420 -102.80 -9.05 62.81
N ALA C 421 -102.12 -9.64 61.84
CA ALA C 421 -100.67 -9.67 61.81
C ALA C 421 -100.06 -8.66 60.83
N TYR C 422 -100.80 -7.61 60.48
CA TYR C 422 -100.21 -6.68 59.54
C TYR C 422 -99.13 -5.82 60.19
N PRO C 423 -99.49 -4.92 61.11
CA PRO C 423 -98.47 -4.01 61.67
C PRO C 423 -97.28 -4.71 62.30
N ASP C 424 -97.45 -5.94 62.80
CA ASP C 424 -96.28 -6.73 63.16
C ASP C 424 -95.47 -7.10 61.92
N THR C 425 -96.14 -7.33 60.78
CA THR C 425 -95.43 -7.61 59.54
C THR C 425 -94.76 -6.36 59.00
N LEU C 426 -95.24 -5.18 59.37
CA LEU C 426 -94.66 -3.94 58.88
C LEU C 426 -93.35 -3.63 59.60
N GLN C 427 -93.33 -3.77 60.92
CA GLN C 427 -92.10 -3.54 61.66
C GLN C 427 -91.04 -4.59 61.33
N GLN C 428 -91.44 -5.84 61.07
CA GLN C 428 -90.47 -6.87 60.73
C GLN C 428 -89.82 -6.61 59.37
N LEU C 429 -90.41 -5.75 58.55
CA LEU C 429 -89.76 -5.26 57.33
C LEU C 429 -88.83 -4.10 57.58
N TYR C 430 -89.01 -3.34 58.66
CA TYR C 430 -88.20 -2.15 58.92
C TYR C 430 -87.74 -2.15 60.36
N PRO C 431 -87.01 -3.18 60.79
CA PRO C 431 -86.59 -3.24 62.20
C PRO C 431 -85.70 -2.08 62.61
N ASP C 432 -84.93 -1.52 61.68
CA ASP C 432 -84.11 -0.37 61.99
C ASP C 432 -84.96 0.85 62.35
N GLN C 433 -86.13 1.01 61.73
CA GLN C 433 -86.99 2.16 61.92
C GLN C 433 -88.05 1.90 62.99
N ASP C 434 -88.61 2.99 63.52
CA ASP C 434 -89.67 2.94 64.51
C ASP C 434 -90.94 3.55 63.91
N ILE C 435 -91.92 2.70 63.64
CA ILE C 435 -93.15 3.11 62.95
C ILE C 435 -93.87 4.20 63.71
N SER C 436 -93.69 4.29 65.03
CA SER C 436 -94.35 5.33 65.80
C SER C 436 -94.11 6.70 65.20
N GLN C 437 -92.92 6.92 64.62
CA GLN C 437 -92.50 8.24 64.15
C GLN C 437 -92.23 8.31 62.65
N THR C 438 -92.37 7.22 61.92
CA THR C 438 -91.99 7.14 60.52
C THR C 438 -93.14 7.56 59.58
N THR C 439 -92.77 8.10 58.42
CA THR C 439 -93.74 8.61 57.45
C THR C 439 -93.57 8.09 56.02
N ARG C 440 -92.35 7.97 55.54
CA ARG C 440 -92.13 7.60 54.14
C ARG C 440 -92.09 6.11 53.90
N LEU C 441 -92.16 5.28 54.95
CA LEU C 441 -91.96 3.84 54.74
C LEU C 441 -92.96 3.21 53.76
N GLN C 442 -94.12 3.84 53.59
CA GLN C 442 -95.23 3.34 52.87
C GLN C 442 -95.96 4.50 52.14
N SER C 443 -96.08 4.35 50.80
CA SER C 443 -96.24 5.47 49.91
C SER C 443 -97.52 5.43 49.09
N TRP C 444 -97.94 4.28 48.59
CA TRP C 444 -99.17 4.22 47.79
C TRP C 444 -99.98 3.03 48.22
N ILE C 445 -101.30 3.13 48.05
CA ILE C 445 -102.22 2.00 48.24
C ILE C 445 -103.11 1.94 47.03
N SER C 446 -103.25 0.76 46.45
CA SER C 446 -104.04 0.55 45.26
C SER C 446 -105.33 -0.14 45.65
N TYR C 447 -106.42 0.21 44.95
CA TYR C 447 -107.74 -0.34 45.26
C TYR C 447 -108.42 -0.75 43.96
N SER C 448 -108.81 -2.02 43.88
CA SER C 448 -109.57 -2.54 42.77
C SER C 448 -110.68 -3.42 43.36
N TYR C 449 -111.76 -3.60 42.61
CA TYR C 449 -112.84 -4.46 43.05
C TYR C 449 -113.35 -5.32 41.91
N THR C 450 -113.60 -6.60 42.23
CA THR C 450 -114.18 -7.55 41.29
C THR C 450 -115.25 -8.33 42.02
N ALA C 451 -116.27 -8.76 41.28
CA ALA C 451 -117.22 -9.71 41.83
C ALA C 451 -116.52 -11.02 42.16
N LYS C 452 -115.76 -11.55 41.20
CA LYS C 452 -115.08 -12.82 41.39
C LYS C 452 -113.97 -12.70 42.43
N ARG C 453 -112.96 -11.86 42.16
CA ARG C 453 -111.81 -11.75 43.05
C ARG C 453 -112.18 -11.18 44.42
N GLY C 454 -113.04 -10.17 44.45
CA GLY C 454 -113.28 -9.47 45.70
C GLY C 454 -112.59 -8.13 45.75
N VAL C 455 -111.73 -7.90 46.74
CA VAL C 455 -111.05 -6.63 46.89
C VAL C 455 -109.57 -6.84 46.62
N TYR C 456 -109.10 -6.41 45.45
CA TYR C 456 -107.67 -6.23 45.20
C TYR C 456 -107.15 -5.07 46.03
N MET C 457 -105.95 -5.23 46.56
CA MET C 457 -105.35 -4.11 47.25
C MET C 457 -103.87 -4.36 47.50
N SER C 458 -103.02 -3.39 47.15
CA SER C 458 -101.58 -3.55 47.19
C SER C 458 -100.97 -2.33 47.85
N VAL C 459 -99.83 -2.56 48.50
CA VAL C 459 -99.11 -1.53 49.24
C VAL C 459 -97.72 -1.39 48.63
N TYR C 460 -97.30 -0.14 48.47
CA TYR C 460 -96.04 0.22 47.84
C TYR C 460 -95.15 0.87 48.88
N TYR C 461 -93.93 0.36 49.02
CA TYR C 461 -93.11 0.69 50.17
C TYR C 461 -91.86 1.49 49.80
N HIS C 462 -91.25 2.09 50.82
CA HIS C 462 -89.90 2.62 50.72
C HIS C 462 -88.94 1.45 50.50
N SER C 463 -88.35 1.37 49.31
CA SER C 463 -87.71 0.15 48.86
C SER C 463 -86.18 0.23 48.86
N GLN C 464 -85.59 1.09 49.68
CA GLN C 464 -84.16 1.05 49.96
C GLN C 464 -83.99 1.08 51.47
N SER C 465 -82.76 0.83 51.92
CA SER C 465 -82.51 0.62 53.34
C SER C 465 -81.91 1.84 54.02
N THR C 466 -81.85 2.97 53.35
CA THR C 466 -81.35 4.20 53.97
C THR C 466 -82.45 5.25 53.88
N TYR C 467 -82.87 5.74 55.04
CA TYR C 467 -84.06 6.56 55.17
C TYR C 467 -83.67 7.92 55.73
N LEU C 468 -84.15 8.99 55.08
CA LEU C 468 -83.67 10.32 55.39
C LEU C 468 -84.58 10.99 56.42
N PRO D 52 -14.72 -33.56 26.98
CA PRO D 52 -13.32 -33.22 27.27
C PRO D 52 -12.40 -33.35 26.06
N SER D 53 -11.20 -32.76 26.14
CA SER D 53 -10.22 -32.88 25.07
C SER D 53 -9.48 -34.22 25.16
N PRO D 54 -9.04 -34.76 24.02
CA PRO D 54 -8.75 -36.20 23.94
C PRO D 54 -7.31 -36.62 24.24
N ALA D 55 -6.35 -36.03 23.54
CA ALA D 55 -5.03 -36.63 23.37
C ALA D 55 -4.32 -36.95 24.69
N GLN D 56 -4.71 -36.33 25.79
CA GLN D 56 -4.07 -36.54 27.09
C GLN D 56 -4.49 -37.87 27.76
N ALA D 57 -5.15 -38.76 27.02
CA ALA D 57 -5.46 -40.10 27.53
C ALA D 57 -4.22 -40.95 27.71
N LEU D 58 -3.13 -40.63 26.99
CA LEU D 58 -1.87 -41.38 27.10
C LEU D 58 -1.31 -41.37 28.52
N ALA D 59 -1.39 -40.24 29.21
CA ALA D 59 -0.83 -40.12 30.54
C ALA D 59 -1.41 -41.15 31.52
N SER D 60 -2.58 -41.70 31.22
CA SER D 60 -3.25 -42.57 32.19
C SER D 60 -2.34 -43.71 32.65
N TYR D 61 -1.67 -44.39 31.72
CA TYR D 61 -0.84 -45.52 32.05
C TYR D 61 0.64 -45.19 31.93
N HIS D 62 0.99 -43.96 32.30
CA HIS D 62 2.38 -43.50 32.33
C HIS D 62 2.69 -42.84 33.66
N HIS D 63 3.90 -43.10 34.15
CA HIS D 63 4.36 -42.54 35.40
C HIS D 63 5.51 -41.57 35.14
N PHE D 64 5.31 -40.31 35.49
CA PHE D 64 6.37 -39.34 35.25
C PHE D 64 7.44 -39.55 36.32
N PRO D 65 8.68 -39.80 35.95
CA PRO D 65 9.68 -40.21 36.95
C PRO D 65 9.85 -39.21 38.07
N THR D 66 10.02 -37.94 37.74
CA THR D 66 10.32 -36.93 38.74
C THR D 66 9.08 -36.13 39.11
N ASN D 67 9.13 -35.54 40.30
CA ASN D 67 8.08 -34.59 40.68
C ASN D 67 8.04 -33.42 39.71
N ASP D 68 9.22 -32.93 39.30
CA ASP D 68 9.27 -31.80 38.39
C ASP D 68 8.42 -32.06 37.16
N GLN D 69 8.65 -33.19 36.47
CA GLN D 69 7.90 -33.48 35.25
C GLN D 69 6.41 -33.55 35.53
N GLU D 70 6.02 -34.23 36.61
CA GLU D 70 4.61 -34.31 36.94
C GLU D 70 3.99 -32.92 36.97
N ARG D 71 4.68 -31.97 37.61
CA ARG D 71 4.09 -30.66 37.77
C ARG D 71 3.95 -29.93 36.44
N TRP D 72 4.93 -30.11 35.53
CA TRP D 72 4.82 -29.51 34.20
C TRP D 72 3.65 -30.10 33.42
N TRP D 73 3.54 -31.41 33.44
CA TRP D 73 2.41 -32.06 32.79
C TRP D 73 1.09 -31.44 33.23
N GLU D 74 0.92 -31.30 34.54
CA GLU D 74 -0.30 -30.72 35.05
C GLU D 74 -0.46 -29.27 34.56
N GLU D 75 0.66 -28.59 34.32
CA GLU D 75 0.66 -27.18 33.97
C GLU D 75 0.45 -26.96 32.48
N THR D 76 1.01 -27.81 31.63
CA THR D 76 0.93 -27.65 30.20
C THR D 76 0.31 -28.84 29.47
N GLY D 77 0.04 -29.93 30.16
CA GLY D 77 -0.42 -31.14 29.50
C GLY D 77 -1.74 -30.96 28.79
N SER D 78 -2.77 -30.55 29.53
CA SER D 78 -4.09 -30.35 28.92
C SER D 78 -4.02 -29.33 27.80
N LEU D 79 -3.31 -28.23 28.05
CA LEU D 79 -3.25 -27.13 27.10
C LEU D 79 -2.67 -27.58 25.76
N PHE D 80 -1.58 -28.34 25.80
CA PHE D 80 -1.00 -28.83 24.55
C PHE D 80 -1.97 -29.76 23.84
N SER D 81 -2.71 -30.58 24.57
CA SER D 81 -3.72 -31.42 23.94
C SER D 81 -4.77 -30.59 23.21
N ARG D 82 -5.12 -29.43 23.77
CA ARG D 82 -6.12 -28.60 23.11
C ARG D 82 -5.59 -28.00 21.82
N PHE D 83 -4.34 -27.54 21.82
CA PHE D 83 -3.82 -26.99 20.58
C PHE D 83 -3.73 -28.06 19.50
N LEU D 84 -3.39 -29.29 19.88
CA LEU D 84 -3.49 -30.39 18.93
C LEU D 84 -4.89 -30.50 18.39
N GLU D 85 -5.89 -30.40 19.28
CA GLU D 85 -7.27 -30.43 18.84
C GLU D 85 -7.57 -29.24 17.94
N ALA D 86 -7.23 -28.04 18.40
CA ALA D 86 -7.45 -26.81 17.65
C ALA D 86 -6.66 -26.76 16.34
N GLY D 87 -5.67 -27.62 16.17
CA GLY D 87 -4.96 -27.65 14.91
C GLY D 87 -5.60 -28.52 13.86
N GLN D 88 -6.69 -29.20 14.20
CA GLN D 88 -7.38 -30.06 13.24
C GLN D 88 -6.46 -31.16 12.74
N TYR D 89 -5.69 -31.73 13.65
CA TYR D 89 -4.80 -32.82 13.30
C TYR D 89 -5.55 -34.14 13.31
N GLY D 90 -5.13 -35.06 12.44
CA GLY D 90 -5.67 -36.41 12.50
C GLY D 90 -5.46 -37.01 13.87
N LEU D 91 -6.49 -37.72 14.37
CA LEU D 91 -6.40 -38.26 15.72
C LEU D 91 -5.15 -39.11 15.94
N PRO D 92 -4.74 -39.98 15.01
CA PRO D 92 -3.44 -40.66 15.19
C PRO D 92 -2.30 -39.68 15.39
N GLN D 93 -2.27 -38.62 14.59
CA GLN D 93 -1.19 -37.67 14.68
C GLN D 93 -1.23 -36.95 16.01
N GLN D 94 -2.42 -36.68 16.53
CA GLN D 94 -2.47 -36.04 17.83
C GLN D 94 -1.69 -36.85 18.85
N TYR D 95 -2.04 -38.13 18.96
CA TYR D 95 -1.34 -39.00 19.91
C TYR D 95 0.12 -39.12 19.56
N GLN D 96 0.42 -39.12 18.26
CA GLN D 96 1.79 -39.26 17.80
C GLN D 96 2.63 -38.08 18.25
N PHE D 97 2.12 -36.87 18.10
CA PHE D 97 2.85 -35.72 18.63
C PHE D 97 2.70 -35.62 20.14
N MET D 98 1.53 -35.96 20.68
CA MET D 98 1.41 -36.01 22.13
C MET D 98 2.46 -36.91 22.75
N PHE D 99 2.70 -38.07 22.12
CA PHE D 99 3.77 -38.94 22.56
C PHE D 99 5.10 -38.20 22.63
N PHE D 100 5.46 -37.51 21.55
CA PHE D 100 6.71 -36.75 21.49
C PHE D 100 6.78 -35.72 22.62
N PHE D 101 5.69 -35.00 22.85
CA PHE D 101 5.69 -33.97 23.88
C PHE D 101 6.06 -34.55 25.24
N MET D 102 5.50 -35.71 25.59
CA MET D 102 5.71 -36.26 26.93
C MET D 102 7.16 -36.68 27.13
N HIS D 103 7.74 -37.37 26.15
CA HIS D 103 9.04 -38.00 26.35
C HIS D 103 10.20 -37.03 26.21
N HIS D 104 10.10 -36.06 25.32
CA HIS D 104 11.27 -35.26 25.02
C HIS D 104 11.17 -33.83 25.51
N LEU D 105 9.96 -33.29 25.68
CA LEU D 105 9.84 -31.91 26.10
C LEU D 105 9.55 -31.76 27.58
N ILE D 106 8.79 -32.66 28.16
CA ILE D 106 8.51 -32.56 29.60
C ILE D 106 9.78 -32.78 30.43
N PRO D 107 10.57 -33.80 30.15
CA PRO D 107 11.88 -33.91 30.84
C PRO D 107 12.72 -32.66 30.71
N ALA D 108 12.71 -32.03 29.54
CA ALA D 108 13.57 -30.89 29.28
C ALA D 108 13.09 -29.58 29.90
N LEU D 109 11.89 -29.53 30.47
CA LEU D 109 11.45 -28.27 31.06
C LEU D 109 12.17 -27.97 32.38
N GLY D 110 12.65 -29.00 33.06
CA GLY D 110 13.40 -28.81 34.28
C GLY D 110 12.54 -28.62 35.52
N PRO D 111 13.10 -27.98 36.54
CA PRO D 111 12.37 -27.79 37.80
C PRO D 111 11.04 -27.09 37.55
N TYR D 112 9.98 -27.61 38.19
CA TYR D 112 8.68 -26.99 38.01
C TYR D 112 8.61 -25.56 38.54
N PRO D 113 8.82 -25.31 39.81
CA PRO D 113 9.00 -23.91 40.23
C PRO D 113 10.24 -23.38 39.52
N GLN D 114 10.06 -22.77 38.35
CA GLN D 114 11.19 -22.58 37.46
C GLN D 114 12.17 -21.57 38.04
N LYS D 115 13.45 -21.93 38.01
CA LYS D 115 14.51 -21.08 38.52
C LYS D 115 15.10 -20.21 37.43
N TRP D 116 14.78 -20.52 36.15
CA TRP D 116 15.41 -19.93 34.98
C TRP D 116 14.38 -19.14 34.19
N ARG D 117 14.73 -17.91 33.82
CA ARG D 117 13.94 -17.19 32.85
C ARG D 117 14.47 -17.49 31.46
N SER D 118 13.59 -17.89 30.56
CA SER D 118 13.97 -18.09 29.17
C SER D 118 13.78 -16.80 28.39
N THR D 119 14.73 -16.51 27.50
CA THR D 119 14.65 -15.31 26.69
C THR D 119 13.44 -15.36 25.78
N ILE D 120 12.97 -16.56 25.42
CA ILE D 120 12.02 -16.70 24.33
C ILE D 120 10.63 -16.17 24.71
N SER D 121 10.27 -16.23 25.96
CA SER D 121 8.91 -15.89 26.35
C SER D 121 8.86 -14.51 27.01
N ARG D 122 7.74 -13.81 26.80
CA ARG D 122 7.56 -12.55 27.52
C ARG D 122 7.64 -12.78 29.01
N SER D 123 6.94 -13.81 29.51
CA SER D 123 7.00 -14.15 30.93
C SER D 123 8.31 -14.82 31.28
N GLY D 124 8.92 -15.49 30.31
CA GLY D 124 10.18 -16.17 30.55
C GLY D 124 10.10 -17.67 30.64
N LEU D 125 8.90 -18.26 30.52
CA LEU D 125 8.90 -19.70 30.71
C LEU D 125 9.34 -20.39 29.42
N PRO D 126 9.98 -21.55 29.52
CA PRO D 126 10.75 -22.09 28.39
C PRO D 126 9.95 -22.59 27.21
N ILE D 127 8.64 -22.37 27.18
CA ILE D 127 7.83 -22.95 26.12
C ILE D 127 6.74 -21.96 25.71
N GLU D 128 6.39 -21.97 24.42
CA GLU D 128 5.18 -21.28 23.98
C GLU D 128 4.66 -21.91 22.70
N PHE D 129 3.34 -21.89 22.56
CA PHE D 129 2.67 -22.58 21.47
C PHE D 129 2.21 -21.57 20.42
N SER D 130 2.27 -21.96 19.16
CA SER D 130 1.93 -21.09 18.05
C SER D 130 0.95 -21.79 17.13
N LEU D 131 0.07 -21.01 16.52
CA LEU D 131 -0.81 -21.46 15.43
C LEU D 131 -0.57 -20.60 14.19
N ASN D 132 -0.26 -21.26 13.08
CA ASN D 132 -0.04 -20.58 11.81
C ASN D 132 -1.22 -20.78 10.89
N PHE D 133 -1.86 -19.68 10.51
CA PHE D 133 -3.05 -19.72 9.68
C PHE D 133 -2.71 -19.48 8.22
N GLN D 134 -3.30 -20.28 7.35
CA GLN D 134 -3.07 -20.27 5.91
C GLN D 134 -4.37 -20.03 5.16
N LYS D 135 -4.25 -19.98 3.83
CA LYS D 135 -5.37 -19.71 2.95
C LYS D 135 -6.20 -20.96 2.79
N GLY D 136 -7.19 -21.13 3.69
CA GLY D 136 -8.21 -22.15 3.57
C GLY D 136 -7.74 -23.57 3.81
N SER D 137 -6.45 -23.83 3.64
CA SER D 137 -5.94 -25.19 3.85
C SER D 137 -6.26 -25.68 5.24
N HIS D 138 -5.87 -24.89 6.26
CA HIS D 138 -6.05 -25.23 7.66
C HIS D 138 -5.06 -24.45 8.51
N ARG D 139 -4.76 -24.96 9.70
CA ARG D 139 -3.85 -24.35 10.64
C ARG D 139 -2.80 -25.35 11.10
N LEU D 140 -1.65 -24.85 11.55
CA LEU D 140 -0.55 -25.68 12.02
C LEU D 140 -0.15 -25.28 13.43
N LEU D 141 0.46 -26.23 14.16
CA LEU D 141 0.92 -26.04 15.53
C LEU D 141 2.44 -25.93 15.60
N ARG D 142 2.90 -24.95 16.39
CA ARG D 142 4.31 -24.60 16.53
C ARG D 142 4.64 -24.54 18.01
N ILE D 143 5.83 -25.01 18.37
CA ILE D 143 6.32 -24.94 19.74
C ILE D 143 7.69 -24.27 19.76
N GLY D 144 7.85 -23.28 20.62
CA GLY D 144 9.16 -22.71 20.90
C GLY D 144 9.67 -23.26 22.22
N PHE D 145 10.90 -23.77 22.20
CA PHE D 145 11.40 -24.53 23.32
C PHE D 145 12.78 -24.01 23.69
N GLU D 146 13.05 -23.92 24.98
CA GLU D 146 14.42 -23.82 25.48
C GLU D 146 14.63 -24.89 26.55
N PRO D 147 15.44 -25.91 26.28
CA PRO D 147 15.73 -26.91 27.32
C PRO D 147 16.37 -26.29 28.57
N VAL D 148 16.01 -26.85 29.73
CA VAL D 148 16.48 -26.37 31.02
C VAL D 148 16.76 -27.56 31.93
N SER D 149 17.65 -27.35 32.90
CA SER D 149 17.84 -28.29 34.00
C SER D 149 18.13 -27.51 35.27
N PHE D 150 18.21 -28.24 36.38
CA PHE D 150 18.53 -27.61 37.65
C PHE D 150 19.90 -26.97 37.63
N LEU D 151 20.77 -27.43 36.74
CA LEU D 151 22.08 -26.79 36.58
C LEU D 151 21.98 -25.43 35.91
N SER D 152 20.91 -25.20 35.14
CA SER D 152 20.77 -23.97 34.38
C SER D 152 20.81 -22.76 35.30
N GLY D 153 21.71 -21.83 35.03
CA GLY D 153 21.86 -20.68 35.89
C GLY D 153 22.78 -20.86 37.07
N SER D 154 23.44 -22.02 37.18
CA SER D 154 24.31 -22.29 38.30
C SER D 154 25.78 -22.08 37.91
N SER D 155 26.66 -22.37 38.87
CA SER D 155 28.08 -22.25 38.63
C SER D 155 28.53 -23.20 37.52
N GLN D 156 27.95 -24.40 37.47
CA GLN D 156 28.41 -25.42 36.52
C GLN D 156 27.94 -25.11 35.11
N ASP D 157 26.85 -24.38 34.96
CA ASP D 157 26.38 -23.93 33.64
C ASP D 157 25.57 -22.65 33.81
N PRO D 158 26.25 -21.50 33.87
CA PRO D 158 25.53 -20.25 34.18
C PRO D 158 24.69 -19.71 33.04
N PHE D 159 24.97 -20.09 31.79
CA PHE D 159 24.21 -19.59 30.65
C PHE D 159 23.55 -20.70 29.84
N ASN D 160 23.34 -21.85 30.46
CA ASN D 160 22.41 -22.84 29.97
C ASN D 160 22.84 -23.38 28.60
N ARG D 161 24.10 -23.77 28.47
CA ARG D 161 24.50 -24.47 27.26
C ARG D 161 24.24 -25.96 27.33
N ILE D 162 24.24 -26.53 28.54
CA ILE D 162 24.24 -27.99 28.69
C ILE D 162 22.94 -28.56 28.16
N PRO D 163 21.78 -28.04 28.60
CA PRO D 163 20.52 -28.62 28.12
C PRO D 163 20.38 -28.59 26.62
N ILE D 164 20.92 -27.58 25.96
CA ILE D 164 20.79 -27.50 24.52
C ILE D 164 21.37 -28.75 23.88
N THR D 165 22.59 -29.11 24.27
CA THR D 165 23.28 -30.20 23.59
C THR D 165 22.67 -31.55 23.95
N ASP D 166 22.15 -31.69 25.17
CA ASP D 166 21.48 -32.93 25.54
C ASP D 166 20.27 -33.18 24.64
N LEU D 167 19.35 -32.23 24.60
CA LEU D 167 18.18 -32.38 23.74
C LEU D 167 18.58 -32.61 22.29
N LEU D 168 19.66 -31.96 21.84
CA LEU D 168 20.07 -32.14 20.46
C LEU D 168 20.52 -33.57 20.17
N ASN D 169 20.93 -34.32 21.19
CA ASN D 169 21.28 -35.71 20.93
C ASN D 169 20.05 -36.60 20.95
N ARG D 170 19.11 -36.33 21.85
CA ARG D 170 17.86 -37.07 21.81
C ARG D 170 17.30 -37.04 20.40
N LEU D 171 17.25 -35.84 19.81
CA LEU D 171 16.64 -35.66 18.51
C LEU D 171 17.39 -36.42 17.43
N SER D 172 18.72 -36.38 17.49
CA SER D 172 19.52 -37.14 16.54
C SER D 172 19.32 -38.64 16.69
N LYS D 173 18.96 -39.09 17.89
CA LYS D 173 18.62 -40.50 18.11
C LYS D 173 17.26 -40.86 17.48
N LEU D 174 16.29 -39.96 17.59
CA LEU D 174 15.00 -40.18 16.95
C LEU D 174 15.17 -40.27 15.46
N GLN D 175 14.48 -41.23 14.84
CA GLN D 175 14.54 -41.38 13.39
C GLN D 175 13.58 -40.35 12.77
N LEU D 176 14.13 -39.19 12.45
CA LEU D 176 13.40 -38.05 11.92
C LEU D 176 13.82 -37.80 10.47
N SER D 177 12.84 -37.51 9.62
CA SER D 177 13.11 -37.32 8.22
C SER D 177 13.88 -36.03 7.98
N ASN D 178 14.95 -36.11 7.20
CA ASN D 178 15.64 -34.91 6.73
C ASN D 178 16.14 -34.11 7.90
N PHE D 179 16.91 -34.75 8.77
CA PHE D 179 17.41 -34.10 9.97
C PHE D 179 18.92 -34.11 9.91
N ASP D 180 19.50 -32.95 9.59
CA ASP D 180 20.94 -32.76 9.66
C ASP D 180 21.23 -31.62 10.63
N THR D 181 22.34 -31.74 11.36
CA THR D 181 22.72 -30.74 12.34
C THR D 181 23.91 -29.87 11.92
N PRO D 182 24.60 -30.15 10.80
CA PRO D 182 25.84 -29.41 10.53
C PRO D 182 25.66 -27.91 10.56
N PHE D 183 24.63 -27.38 9.91
CA PHE D 183 24.50 -25.93 9.83
C PHE D 183 24.35 -25.32 11.22
N PHE D 184 23.52 -25.92 12.07
CA PHE D 184 23.30 -25.37 13.40
C PHE D 184 24.54 -25.49 14.26
N GLN D 185 25.21 -26.64 14.24
CA GLN D 185 26.49 -26.77 14.94
C GLN D 185 27.44 -25.64 14.57
N HIS D 186 27.49 -25.28 13.29
CA HIS D 186 28.37 -24.22 12.84
C HIS D 186 28.11 -22.93 13.61
N LEU D 187 26.86 -22.55 13.76
CA LEU D 187 26.56 -21.33 14.49
C LEU D 187 26.92 -21.45 15.97
N LEU D 188 26.59 -22.57 16.62
CA LEU D 188 26.98 -22.78 18.02
C LEU D 188 28.48 -22.60 18.21
N SER D 189 29.30 -23.30 17.42
CA SER D 189 30.73 -23.17 17.59
C SER D 189 31.15 -21.70 17.54
N LYS D 190 30.58 -20.94 16.61
CA LYS D 190 30.93 -19.54 16.50
C LYS D 190 30.55 -18.71 17.70
N PHE D 191 29.75 -19.25 18.62
CA PHE D 191 29.22 -18.43 19.71
C PHE D 191 29.40 -19.08 21.08
N GLN D 192 30.43 -19.91 21.26
CA GLN D 192 30.69 -20.46 22.58
C GLN D 192 31.54 -19.46 23.36
N LEU D 193 31.88 -19.79 24.61
CA LEU D 193 32.39 -18.74 25.49
C LEU D 193 33.68 -19.13 26.23
N SER D 194 33.64 -20.14 27.10
CA SER D 194 34.83 -20.63 27.79
C SER D 194 35.35 -19.67 28.87
N LEU D 195 36.55 -19.15 28.68
CA LEU D 195 37.05 -18.13 29.59
C LEU D 195 36.16 -16.90 29.56
N SER D 196 35.43 -16.71 28.46
CA SER D 196 34.49 -15.59 28.37
C SER D 196 33.42 -15.70 29.45
N GLU D 197 32.97 -16.93 29.75
CA GLU D 197 32.03 -17.12 30.86
C GLU D 197 32.48 -16.37 32.11
N VAL D 198 33.77 -16.48 32.45
CA VAL D 198 34.26 -15.88 33.69
C VAL D 198 34.11 -14.36 33.63
N ARG D 199 34.53 -13.77 32.52
CA ARG D 199 34.36 -12.33 32.32
C ARG D 199 32.90 -11.96 32.49
N GLN D 200 32.03 -12.74 31.83
CA GLN D 200 30.60 -12.42 31.78
C GLN D 200 29.95 -12.50 33.15
N LEU D 201 30.25 -13.57 33.91
CA LEU D 201 29.71 -13.70 35.26
C LEU D 201 29.83 -12.39 36.05
N GLN D 202 30.92 -11.67 35.88
CA GLN D 202 31.02 -10.35 36.46
C GLN D 202 30.09 -9.38 35.74
N PRO D 212 19.86 -9.20 32.94
CA PRO D 212 19.37 -9.14 31.56
C PRO D 212 18.85 -10.49 31.04
N LEU D 213 19.20 -10.84 29.80
CA LEU D 213 18.75 -12.06 29.15
C LEU D 213 19.96 -12.95 28.92
N LYS D 214 19.89 -14.20 29.38
CA LYS D 214 21.10 -14.99 29.49
C LYS D 214 21.20 -16.14 28.49
N SER D 215 20.10 -16.58 27.91
CA SER D 215 20.11 -17.83 27.13
C SER D 215 20.90 -17.66 25.85
N GLN D 216 21.49 -18.77 25.40
CA GLN D 216 22.30 -18.77 24.18
C GLN D 216 21.67 -19.49 23.01
N ALA D 217 20.62 -20.28 23.23
CA ALA D 217 20.01 -21.03 22.14
C ALA D 217 18.59 -21.43 22.53
N ALA D 218 17.86 -21.92 21.56
CA ALA D 218 16.51 -22.38 21.81
C ALA D 218 16.11 -23.28 20.65
N PHE D 219 14.94 -23.90 20.79
CA PHE D 219 14.42 -24.82 19.80
C PHE D 219 13.03 -24.38 19.35
N GLY D 220 12.66 -24.83 18.16
CA GLY D 220 11.32 -24.64 17.63
C GLY D 220 10.84 -25.90 16.93
N PHE D 221 9.55 -26.22 17.07
CA PHE D 221 9.01 -27.46 16.53
C PHE D 221 7.78 -27.16 15.68
N ASP D 222 7.83 -27.56 14.41
CA ASP D 222 6.67 -27.43 13.53
C ASP D 222 6.07 -28.82 13.32
N PHE D 223 4.80 -28.98 13.71
CA PHE D 223 4.11 -30.26 13.53
C PHE D 223 3.24 -30.15 12.29
N ASN D 224 3.69 -30.68 11.16
CA ASN D 224 2.91 -30.48 9.95
C ASN D 224 1.76 -31.47 9.94
N PRO D 225 0.77 -31.26 9.07
CA PRO D 225 -0.44 -32.12 9.12
C PRO D 225 -0.11 -33.59 8.95
N ASP D 226 0.88 -33.89 8.12
CA ASP D 226 1.47 -35.22 8.10
C ASP D 226 2.13 -35.51 9.44
N GLY D 227 2.25 -36.78 9.78
CA GLY D 227 2.87 -37.13 11.05
C GLY D 227 4.37 -36.90 11.09
N ALA D 228 4.83 -35.68 10.81
CA ALA D 228 6.24 -35.37 10.75
C ALA D 228 6.51 -34.08 11.50
N ILE D 229 7.58 -34.07 12.29
CA ILE D 229 8.02 -32.88 13.00
C ILE D 229 9.18 -32.27 12.24
N LEU D 230 9.22 -30.95 12.17
CA LEU D 230 10.36 -30.21 11.64
C LEU D 230 10.94 -29.34 12.73
N VAL D 231 12.26 -29.38 12.88
CA VAL D 231 12.96 -28.79 14.02
C VAL D 231 13.59 -27.49 13.60
N LYS D 232 13.33 -26.44 14.36
CA LYS D 232 13.86 -25.11 14.09
C LYS D 232 14.73 -24.71 15.25
N GLY D 233 15.92 -24.18 14.95
CA GLY D 233 16.88 -23.79 15.97
C GLY D 233 17.24 -22.32 15.94
N TYR D 234 17.48 -21.77 17.11
CA TYR D 234 17.78 -20.35 17.28
C TYR D 234 19.14 -20.16 17.93
N VAL D 235 19.68 -18.94 17.81
CA VAL D 235 20.96 -18.59 18.42
C VAL D 235 20.91 -17.13 18.84
N PHE D 236 21.44 -16.84 20.04
CA PHE D 236 21.39 -15.51 20.65
C PHE D 236 22.80 -14.97 20.80
N PRO D 237 23.31 -14.22 19.83
CA PRO D 237 24.73 -13.86 19.84
C PRO D 237 25.05 -12.68 20.75
N TYR D 238 24.08 -12.10 21.43
CA TYR D 238 24.37 -10.95 22.27
C TYR D 238 25.45 -11.28 23.30
N LEU D 239 25.43 -12.48 23.86
CA LEU D 239 26.42 -12.83 24.85
C LEU D 239 27.82 -12.83 24.26
N LYS D 240 28.02 -13.60 23.19
CA LYS D 240 29.35 -13.71 22.59
C LYS D 240 29.89 -12.34 22.19
N ALA D 241 29.02 -11.49 21.65
CA ALA D 241 29.43 -10.15 21.25
C ALA D 241 29.77 -9.30 22.47
N LYS D 242 28.96 -9.40 23.52
CA LYS D 242 29.22 -8.60 24.71
C LYS D 242 30.55 -8.98 25.36
N ALA D 243 30.88 -10.27 25.38
CA ALA D 243 32.14 -10.70 25.99
C ALA D 243 33.32 -10.16 25.22
N ALA D 244 33.27 -10.24 23.87
CA ALA D 244 34.37 -9.79 23.03
C ALA D 244 34.35 -8.29 22.78
N ASP D 245 33.39 -7.57 23.36
CA ASP D 245 33.23 -6.14 23.14
C ASP D 245 33.29 -5.81 21.64
N VAL D 246 32.53 -6.58 20.86
CA VAL D 246 32.47 -6.38 19.42
C VAL D 246 31.01 -6.18 19.06
N PRO D 247 30.66 -5.24 18.19
CA PRO D 247 29.25 -5.04 17.84
C PRO D 247 28.67 -6.31 17.26
N VAL D 248 27.40 -6.55 17.57
CA VAL D 248 26.80 -7.85 17.25
C VAL D 248 26.93 -8.15 15.76
N GLY D 249 26.59 -7.17 14.92
CA GLY D 249 26.56 -7.42 13.49
C GLY D 249 27.91 -7.82 12.91
N THR D 250 28.98 -7.20 13.40
CA THR D 250 30.30 -7.50 12.86
C THR D 250 30.63 -8.99 12.97
N LEU D 251 30.31 -9.60 14.11
CA LEU D 251 30.51 -11.04 14.22
C LEU D 251 29.36 -11.82 13.62
N ILE D 252 28.14 -11.27 13.61
CA ILE D 252 27.09 -11.90 12.83
C ILE D 252 27.49 -11.95 11.38
N ALA D 253 27.92 -10.80 10.84
CA ALA D 253 28.36 -10.76 9.46
C ALA D 253 29.46 -11.77 9.25
N GLU D 254 30.46 -11.75 10.12
CA GLU D 254 31.58 -12.66 9.97
C GLU D 254 31.14 -14.10 10.14
N ALA D 255 30.11 -14.32 10.95
CA ALA D 255 29.52 -15.65 11.06
C ALA D 255 28.88 -16.08 9.76
N VAL D 256 28.10 -15.21 9.14
CA VAL D 256 27.52 -15.52 7.83
C VAL D 256 28.63 -15.69 6.79
N ARG D 257 29.66 -14.84 6.86
CA ARG D 257 30.74 -14.94 5.88
C ARG D 257 31.50 -16.26 6.03
N THR D 258 31.70 -16.72 7.27
CA THR D 258 32.41 -17.98 7.48
C THR D 258 31.70 -19.14 6.81
N ILE D 259 30.38 -19.05 6.63
CA ILE D 259 29.66 -20.05 5.85
C ILE D 259 29.64 -19.71 4.36
N ASP D 260 30.19 -18.55 3.95
CA ASP D 260 30.12 -18.15 2.54
C ASP D 260 31.10 -18.94 1.68
N VAL D 261 32.36 -19.05 2.12
CA VAL D 261 33.24 -19.98 1.45
C VAL D 261 32.73 -21.41 1.61
N GLU D 262 31.97 -21.66 2.68
CA GLU D 262 31.30 -22.95 2.86
C GLU D 262 30.17 -23.12 1.85
N ARG D 263 29.38 -22.06 1.60
CA ARG D 263 28.64 -21.84 0.35
C ARG D 263 28.09 -20.42 0.28
N ASN D 264 28.53 -19.69 -0.73
CA ASN D 264 28.26 -18.26 -0.86
C ASN D 264 26.90 -17.97 -1.47
N GLN D 265 25.85 -18.54 -0.91
CA GLN D 265 24.50 -18.29 -1.40
C GLN D 265 23.75 -17.27 -0.57
N PHE D 266 24.27 -16.93 0.60
CA PHE D 266 23.64 -15.96 1.47
C PHE D 266 24.29 -14.58 1.39
N THR D 267 25.42 -14.47 0.70
CA THR D 267 26.15 -13.22 0.64
C THR D 267 25.25 -12.08 0.17
N HIS D 268 24.69 -12.24 -1.03
CA HIS D 268 23.92 -11.16 -1.64
C HIS D 268 22.79 -10.72 -0.73
N ALA D 269 21.92 -11.66 -0.37
CA ALA D 269 20.76 -11.29 0.43
C ALA D 269 21.19 -10.71 1.78
N PHE D 270 22.17 -11.33 2.42
CA PHE D 270 22.58 -10.84 3.74
C PHE D 270 23.25 -9.48 3.64
N GLY D 271 24.33 -9.39 2.86
CA GLY D 271 24.97 -8.10 2.67
C GLY D 271 23.96 -7.01 2.37
N LEU D 272 22.85 -7.38 1.74
CA LEU D 272 21.76 -6.44 1.48
C LEU D 272 21.05 -6.05 2.76
N ILE D 273 20.94 -6.97 3.72
CA ILE D 273 20.33 -6.67 5.01
C ILE D 273 21.32 -5.94 5.92
N ASN D 274 22.57 -6.39 5.95
CA ASN D 274 23.55 -5.79 6.82
C ASN D 274 23.75 -4.32 6.51
N ASP D 275 23.61 -3.93 5.24
CA ASP D 275 23.72 -2.52 4.90
C ASP D 275 22.59 -1.72 5.54
N TYR D 276 21.34 -2.19 5.41
CA TYR D 276 20.23 -1.48 6.01
C TYR D 276 20.35 -1.45 7.52
N MET D 277 20.85 -2.53 8.13
CA MET D 277 21.00 -2.57 9.57
C MET D 277 21.99 -1.53 10.04
N GLN D 278 23.07 -1.35 9.29
CA GLN D 278 24.05 -0.32 9.62
C GLN D 278 23.53 1.08 9.31
N GLU D 279 22.72 1.23 8.25
CA GLU D 279 22.09 2.53 7.98
C GLU D 279 21.29 3.02 9.17
N SER D 280 20.34 2.20 9.63
CA SER D 280 19.30 2.62 10.56
C SER D 280 19.65 2.35 12.02
N THR D 281 20.87 1.93 12.31
CA THR D 281 21.22 1.49 13.66
C THR D 281 20.27 0.39 14.11
N GLY D 282 19.95 -0.52 13.19
CA GLY D 282 18.98 -1.56 13.50
C GLY D 282 19.53 -2.62 14.44
N TYR D 283 20.79 -3.00 14.27
CA TYR D 283 21.41 -3.93 15.19
C TYR D 283 21.38 -3.40 16.61
N ASN D 284 21.22 -4.31 17.55
CA ASN D 284 21.10 -3.99 18.96
C ASN D 284 21.32 -5.28 19.74
N GLU D 285 21.21 -5.17 21.06
CA GLU D 285 21.35 -6.36 21.90
C GLU D 285 20.34 -7.45 21.54
N TYR D 286 19.12 -7.05 21.17
CA TYR D 286 18.05 -8.01 20.96
C TYR D 286 18.16 -8.78 19.64
N THR D 287 19.00 -8.33 18.70
CA THR D 287 19.14 -9.04 17.44
C THR D 287 19.65 -10.46 17.68
N PHE D 288 19.02 -11.43 17.01
CA PHE D 288 19.46 -12.81 17.09
C PHE D 288 19.15 -13.50 15.77
N LEU D 289 19.39 -14.81 15.74
CA LEU D 289 19.51 -15.53 14.49
C LEU D 289 18.76 -16.85 14.59
N SER D 290 18.40 -17.44 13.44
CA SER D 290 17.59 -18.64 13.38
C SER D 290 17.98 -19.46 12.16
N CYS D 291 17.52 -20.71 12.12
CA CYS D 291 17.75 -21.56 10.94
C CYS D 291 16.94 -22.83 11.09
N ASP D 292 17.01 -23.70 10.08
CA ASP D 292 16.31 -24.97 10.06
C ASP D 292 17.31 -26.11 10.14
N PHE D 293 16.85 -27.25 10.64
CA PHE D 293 17.68 -28.45 10.76
C PHE D 293 17.50 -29.35 9.53
N VAL D 294 18.12 -28.97 8.42
CA VAL D 294 18.07 -29.79 7.21
C VAL D 294 19.21 -29.42 6.29
N GLU D 295 19.53 -30.33 5.37
CA GLU D 295 20.28 -30.05 4.16
C GLU D 295 20.35 -28.57 3.83
N THR D 296 21.55 -28.09 3.49
CA THR D 296 21.76 -26.68 3.21
C THR D 296 20.88 -26.18 2.06
N SER D 297 20.65 -27.02 1.06
CA SER D 297 19.89 -26.57 -0.10
C SER D 297 18.51 -26.05 0.32
N GLU D 298 17.82 -26.80 1.16
CA GLU D 298 16.46 -26.48 1.57
C GLU D 298 16.38 -25.65 2.84
N GLN D 299 17.48 -25.05 3.28
CA GLN D 299 17.51 -24.34 4.55
C GLN D 299 17.24 -22.86 4.38
N ARG D 300 16.56 -22.27 5.36
CA ARG D 300 16.13 -20.88 5.33
C ARG D 300 16.67 -20.18 6.56
N LEU D 301 17.80 -19.47 6.46
CA LEU D 301 18.32 -18.77 7.63
C LEU D 301 17.69 -17.39 7.74
N LYS D 302 17.46 -16.96 8.98
CA LYS D 302 16.67 -15.78 9.31
C LYS D 302 17.43 -14.92 10.32
N ILE D 303 17.34 -13.60 10.18
CA ILE D 303 17.89 -12.66 11.15
C ILE D 303 16.73 -11.90 11.79
N TYR D 304 16.67 -11.89 13.11
CA TYR D 304 15.62 -11.16 13.81
C TYR D 304 16.23 -9.98 14.55
N GLY D 305 15.38 -9.00 14.87
CA GLY D 305 15.75 -7.82 15.61
C GLY D 305 14.50 -7.15 16.15
N ALA D 306 14.72 -6.05 16.87
CA ALA D 306 13.61 -5.35 17.49
C ALA D 306 13.83 -3.85 17.44
N HIS D 307 12.74 -3.11 17.65
CA HIS D 307 12.78 -1.66 17.80
C HIS D 307 11.85 -1.22 18.92
N THR D 308 12.39 -0.35 19.77
CA THR D 308 11.69 0.10 20.98
C THR D 308 10.41 0.85 20.61
N GLU D 309 10.53 1.92 19.84
CA GLU D 309 9.39 2.70 19.36
C GLU D 309 9.44 2.71 17.84
N VAL D 310 8.28 2.49 17.22
CA VAL D 310 8.20 2.33 15.78
C VAL D 310 6.89 2.94 15.32
N THR D 311 6.97 3.78 14.30
CA THR D 311 5.82 4.39 13.65
C THR D 311 5.48 3.60 12.40
N TRP D 312 4.38 3.96 11.73
CA TRP D 312 4.11 3.32 10.45
C TRP D 312 5.23 3.56 9.45
N ALA D 313 5.68 4.81 9.35
CA ALA D 313 6.76 5.10 8.41
C ALA D 313 7.99 4.26 8.70
N LYS D 314 8.35 4.11 9.98
CA LYS D 314 9.42 3.20 10.34
C LYS D 314 9.11 1.79 9.86
N ILE D 315 7.85 1.37 10.04
CA ILE D 315 7.44 0.04 9.61
C ILE D 315 7.60 -0.09 8.11
N ALA D 316 7.07 0.89 7.37
CA ALA D 316 7.21 0.88 5.93
C ALA D 316 8.67 0.91 5.54
N GLU D 317 9.45 1.74 6.25
CA GLU D 317 10.88 1.79 6.02
C GLU D 317 11.54 0.42 6.20
N MET D 318 11.16 -0.31 7.26
CA MET D 318 11.75 -1.62 7.52
C MET D 318 11.25 -2.67 6.53
N TRP D 319 9.93 -2.72 6.29
CA TRP D 319 9.37 -3.71 5.38
C TRP D 319 10.01 -3.63 4.01
N THR D 320 10.25 -2.43 3.52
CA THR D 320 10.97 -2.23 2.28
C THR D 320 12.45 -2.08 2.52
N LEU D 321 12.90 -2.39 3.74
CA LEU D 321 14.32 -2.47 4.05
C LEU D 321 15.02 -1.18 3.59
N GLY D 322 14.48 -0.07 4.07
CA GLY D 322 14.80 1.20 3.44
C GLY D 322 14.05 1.24 2.11
N GLY D 323 14.79 1.32 1.01
CA GLY D 323 14.19 1.17 -0.30
C GLY D 323 14.75 -0.03 -1.06
N ARG D 324 15.51 -0.87 -0.37
CA ARG D 324 16.30 -1.90 -1.04
C ARG D 324 15.48 -2.72 -2.01
N LEU D 325 14.23 -3.04 -1.66
CA LEU D 325 13.44 -4.00 -2.40
C LEU D 325 12.07 -3.43 -2.78
N ILE D 326 12.00 -2.12 -3.01
CA ILE D 326 10.80 -1.53 -3.61
C ILE D 326 10.55 -2.12 -4.99
N GLU D 327 11.62 -2.56 -5.67
CA GLU D 327 11.48 -3.09 -7.02
C GLU D 327 10.53 -4.27 -7.05
N GLU D 328 10.62 -5.15 -6.06
CA GLU D 328 9.77 -6.32 -6.04
C GLU D 328 8.30 -5.91 -5.89
N PRO D 329 7.41 -6.45 -6.73
CA PRO D 329 5.99 -6.09 -6.58
C PRO D 329 5.38 -6.73 -5.35
N GLU D 330 5.81 -7.96 -5.03
CA GLU D 330 5.33 -8.64 -3.84
C GLU D 330 5.31 -7.70 -2.64
N ILE D 331 6.45 -7.06 -2.37
CA ILE D 331 6.60 -6.23 -1.17
C ILE D 331 5.48 -5.20 -1.10
N ILE D 332 5.21 -4.53 -2.21
CA ILE D 332 4.21 -3.47 -2.20
C ILE D 332 2.86 -4.04 -1.81
N ALA D 333 2.47 -5.16 -2.42
CA ALA D 333 1.19 -5.79 -2.09
C ALA D 333 1.18 -6.22 -0.63
N GLY D 334 2.20 -6.96 -0.20
CA GLY D 334 2.27 -7.39 1.18
C GLY D 334 2.17 -6.23 2.15
N LEU D 335 2.81 -5.11 1.81
CA LEU D 335 2.77 -3.95 2.71
C LEU D 335 1.37 -3.36 2.78
N ALA D 336 0.62 -3.42 1.68
CA ALA D 336 -0.74 -2.93 1.67
C ALA D 336 -1.58 -3.70 2.68
N ARG D 337 -1.66 -5.03 2.52
CA ARG D 337 -2.36 -5.86 3.48
C ARG D 337 -1.91 -5.58 4.90
N LEU D 338 -0.61 -5.34 5.07
CA LEU D 338 -0.03 -5.17 6.39
C LEU D 338 -0.63 -3.95 7.08
N LYS D 339 -0.77 -2.82 6.37
CA LYS D 339 -1.37 -1.67 7.00
C LYS D 339 -2.84 -1.93 7.35
N GLN D 340 -3.48 -2.81 6.57
CA GLN D 340 -4.86 -3.12 6.86
C GLN D 340 -4.99 -3.72 8.25
N ILE D 341 -4.00 -4.49 8.68
CA ILE D 341 -4.03 -5.07 10.02
C ILE D 341 -3.59 -4.05 11.05
N TRP D 342 -2.49 -3.34 10.77
CA TRP D 342 -1.99 -2.35 11.71
C TRP D 342 -3.13 -1.47 12.20
N SER D 343 -4.05 -1.12 11.28
CA SER D 343 -5.17 -0.26 11.61
C SER D 343 -6.17 -0.98 12.51
N LEU D 344 -6.47 -2.25 12.22
CA LEU D 344 -7.41 -2.98 13.05
C LEU D 344 -6.89 -3.16 14.47
N LEU D 345 -5.60 -3.44 14.62
CA LEU D 345 -5.10 -3.99 15.89
C LEU D 345 -4.98 -2.93 16.98
N GLN D 346 -4.15 -1.92 16.78
CA GLN D 346 -3.85 -0.96 17.83
C GLN D 346 -4.88 0.17 17.88
N ILE D 347 -5.94 0.09 17.09
CA ILE D 347 -6.94 1.17 17.01
C ILE D 347 -7.74 1.28 18.31
N ILE D 369 8.90 -0.90 30.24
CA ILE D 369 7.70 -0.08 30.34
C ILE D 369 6.64 -0.63 29.40
N ALA D 370 7.10 -1.28 28.34
CA ALA D 370 6.23 -1.84 27.32
C ALA D 370 7.03 -2.83 26.50
N SER D 371 6.32 -3.59 25.67
CA SER D 371 6.86 -4.63 24.80
C SER D 371 7.33 -4.05 23.47
N PRO D 372 8.46 -4.53 22.96
CA PRO D 372 8.96 -4.06 21.66
C PRO D 372 8.27 -4.76 20.49
N ILE D 373 8.47 -4.20 19.26
CA ILE D 373 7.98 -4.82 18.04
C ILE D 373 9.16 -5.49 17.34
N ILE D 374 8.95 -6.67 16.77
CA ILE D 374 10.05 -7.50 16.26
C ILE D 374 9.91 -7.62 14.76
N TRP D 375 11.06 -7.73 14.07
CA TRP D 375 11.12 -7.95 12.63
C TRP D 375 12.02 -9.14 12.31
N ASN D 376 11.84 -9.68 11.10
CA ASN D 376 12.49 -10.90 10.63
C ASN D 376 12.77 -10.77 9.14
N TYR D 377 13.97 -11.16 8.73
CA TYR D 377 14.35 -11.21 7.32
C TYR D 377 14.83 -12.61 6.98
N GLU D 378 14.11 -13.29 6.12
CA GLU D 378 14.34 -14.70 5.81
C GLU D 378 15.14 -14.78 4.53
N ILE D 379 16.34 -15.34 4.61
CA ILE D 379 17.23 -15.43 3.45
C ILE D 379 17.18 -16.82 2.83
N HIS D 380 16.18 -17.08 2.00
CA HIS D 380 16.21 -18.28 1.17
C HIS D 380 17.46 -18.25 0.29
N PRO D 381 18.22 -19.35 0.21
CA PRO D 381 19.54 -19.27 -0.41
C PRO D 381 19.50 -18.99 -1.91
N GLY D 382 18.64 -19.68 -2.65
CA GLY D 382 18.61 -19.48 -4.09
C GLY D 382 18.25 -18.06 -4.48
N SER D 383 17.28 -17.46 -3.78
CA SER D 383 16.75 -16.17 -4.20
C SER D 383 17.75 -15.05 -3.91
N ARG D 384 17.41 -13.87 -4.42
CA ARG D 384 18.27 -12.70 -4.33
C ARG D 384 17.80 -11.67 -3.32
N PHE D 385 16.53 -11.70 -2.90
CA PHE D 385 16.08 -10.76 -1.90
C PHE D 385 15.67 -11.49 -0.63
N PRO D 386 15.68 -10.80 0.49
CA PRO D 386 15.09 -11.35 1.70
C PRO D 386 13.57 -11.17 1.69
N VAL D 387 12.91 -12.04 2.43
CA VAL D 387 11.48 -11.94 2.66
C VAL D 387 11.30 -11.43 4.10
N PRO D 388 10.56 -10.36 4.31
CA PRO D 388 10.40 -9.83 5.67
C PRO D 388 9.29 -10.58 6.44
N LYS D 389 9.17 -10.22 7.71
CA LYS D 389 8.13 -10.75 8.58
C LYS D 389 8.12 -9.91 9.86
N PHE D 390 6.95 -9.49 10.32
CA PHE D 390 6.87 -8.71 11.54
C PHE D 390 6.08 -9.45 12.62
N TYR D 391 6.30 -9.03 13.87
CA TYR D 391 5.70 -9.63 15.05
C TYR D 391 5.13 -8.50 15.90
N LEU D 392 3.86 -8.62 16.29
CA LEU D 392 3.13 -7.49 16.83
C LEU D 392 2.64 -7.78 18.24
N PRO D 393 2.89 -6.89 19.21
CA PRO D 393 2.47 -7.15 20.60
C PRO D 393 0.95 -7.15 20.73
N VAL D 394 0.42 -8.18 21.38
CA VAL D 394 -1.01 -8.29 21.60
C VAL D 394 -1.28 -8.36 23.09
N HIS D 395 -0.37 -8.99 23.83
CA HIS D 395 -0.45 -8.91 25.27
C HIS D 395 -0.45 -7.46 25.67
N GLY D 396 -1.51 -7.03 26.35
CA GLY D 396 -1.81 -5.62 26.55
C GLY D 396 -3.00 -5.14 25.74
N GLU D 397 -3.39 -5.89 24.73
CA GLU D 397 -4.60 -5.62 23.97
C GLU D 397 -5.67 -6.61 24.39
N ASN D 398 -6.88 -6.11 24.59
CA ASN D 398 -7.99 -6.98 24.93
C ASN D 398 -7.99 -8.18 23.99
N ASP D 399 -7.74 -9.37 24.53
CA ASP D 399 -7.59 -10.53 23.66
C ASP D 399 -8.86 -10.79 22.87
N LEU D 400 -9.99 -10.24 23.31
CA LEU D 400 -11.22 -10.35 22.51
C LEU D 400 -11.22 -9.32 21.38
N HIS D 401 -10.93 -8.06 21.70
CA HIS D 401 -10.74 -7.06 20.67
C HIS D 401 -9.78 -7.57 19.60
N VAL D 402 -8.72 -8.25 20.03
CA VAL D 402 -7.75 -8.76 19.07
C VAL D 402 -8.37 -9.88 18.25
N ALA D 403 -9.15 -10.74 18.89
CA ALA D 403 -9.81 -11.82 18.16
C ALA D 403 -10.79 -11.25 17.12
N ARG D 404 -11.63 -10.29 17.53
CA ARG D 404 -12.60 -9.71 16.62
C ARG D 404 -11.91 -9.13 15.40
N ALA D 405 -11.02 -8.15 15.63
CA ALA D 405 -10.30 -7.51 14.53
C ALA D 405 -9.50 -8.53 13.73
N LEU D 406 -8.93 -9.52 14.40
CA LEU D 406 -8.11 -10.49 13.71
C LEU D 406 -8.96 -11.25 12.70
N ALA D 407 -10.22 -11.53 13.07
CA ALA D 407 -11.16 -12.30 12.24
C ALA D 407 -11.75 -11.45 11.11
N GLN D 408 -12.08 -10.18 11.39
CA GLN D 408 -12.49 -9.29 10.33
C GLN D 408 -11.47 -9.30 9.21
N PHE D 409 -10.19 -9.22 9.57
CA PHE D 409 -9.12 -9.26 8.57
C PHE D 409 -9.10 -10.55 7.77
N TRP D 410 -9.67 -11.64 8.29
CA TRP D 410 -9.66 -12.86 7.48
C TRP D 410 -10.70 -12.77 6.37
N ASP D 411 -11.88 -12.22 6.65
CA ASP D 411 -12.85 -11.99 5.59
C ASP D 411 -12.25 -11.09 4.51
N SER D 412 -11.58 -10.01 4.93
CA SER D 412 -10.91 -9.14 3.96
C SER D 412 -10.08 -9.95 2.98
N LEU D 413 -9.37 -10.96 3.48
CA LEU D 413 -8.66 -11.86 2.59
C LEU D 413 -9.57 -12.91 1.97
N GLY D 414 -10.71 -13.20 2.59
CA GLY D 414 -11.60 -14.22 2.06
C GLY D 414 -11.28 -15.64 2.51
N TRP D 415 -11.06 -15.82 3.81
CA TRP D 415 -10.91 -17.15 4.38
C TRP D 415 -12.24 -17.54 5.05
N PRO D 416 -13.05 -18.39 4.42
CA PRO D 416 -14.43 -18.58 4.93
C PRO D 416 -14.46 -19.15 6.33
N GLU D 417 -13.82 -20.28 6.55
CA GLU D 417 -13.98 -20.96 7.83
C GLU D 417 -13.07 -20.43 8.93
N HIS D 418 -11.85 -20.03 8.60
CA HIS D 418 -10.93 -19.50 9.58
C HIS D 418 -11.53 -18.29 10.30
N ALA D 419 -12.19 -17.38 9.55
CA ALA D 419 -12.70 -16.15 10.18
C ALA D 419 -13.97 -16.38 10.97
N CYS D 420 -14.81 -17.33 10.54
CA CYS D 420 -16.09 -17.57 11.22
C CYS D 420 -15.90 -18.21 12.59
N ALA D 421 -15.04 -19.22 12.68
CA ALA D 421 -14.90 -20.01 13.89
C ALA D 421 -13.65 -19.67 14.70
N TYR D 422 -13.08 -18.48 14.53
CA TYR D 422 -11.89 -18.21 15.31
C TYR D 422 -12.22 -18.00 16.79
N PRO D 423 -12.90 -16.91 17.14
CA PRO D 423 -13.09 -16.61 18.57
C PRO D 423 -13.75 -17.73 19.35
N ASP D 424 -14.58 -18.55 18.70
CA ASP D 424 -15.01 -19.79 19.35
C ASP D 424 -13.83 -20.73 19.55
N THR D 425 -12.88 -20.72 18.61
CA THR D 425 -11.65 -21.48 18.77
C THR D 425 -10.76 -20.88 19.84
N LEU D 426 -10.88 -19.59 20.12
CA LEU D 426 -10.06 -18.96 21.14
C LEU D 426 -10.57 -19.32 22.53
N GLN D 427 -11.88 -19.26 22.75
CA GLN D 427 -12.41 -19.60 24.07
C GLN D 427 -12.24 -21.08 24.37
N GLN D 428 -12.36 -21.92 23.34
CA GLN D 428 -12.24 -23.36 23.54
C GLN D 428 -10.82 -23.77 23.94
N LEU D 429 -9.84 -22.90 23.68
CA LEU D 429 -8.49 -23.08 24.20
C LEU D 429 -8.35 -22.62 25.63
N TYR D 430 -9.22 -21.72 26.09
CA TYR D 430 -9.10 -21.14 27.43
C TYR D 430 -10.46 -21.10 28.12
N PRO D 431 -11.10 -22.27 28.27
CA PRO D 431 -12.42 -22.27 28.94
C PRO D 431 -12.38 -21.77 30.38
N ASP D 432 -11.26 -21.93 31.09
CA ASP D 432 -11.18 -21.40 32.45
C ASP D 432 -11.25 -19.87 32.46
N GLN D 433 -10.69 -19.22 31.45
CA GLN D 433 -10.64 -17.77 31.37
C GLN D 433 -11.84 -17.25 30.59
N ASP D 434 -12.12 -15.96 30.77
CA ASP D 434 -13.20 -15.26 30.07
C ASP D 434 -12.63 -14.16 29.18
N ILE D 435 -12.72 -14.35 27.86
CA ILE D 435 -12.07 -13.46 26.91
C ILE D 435 -12.53 -12.02 27.08
N SER D 436 -13.76 -11.83 27.57
CA SER D 436 -14.24 -10.48 27.79
C SER D 436 -13.24 -9.67 28.61
N GLN D 437 -12.51 -10.30 29.60
CA GLN D 437 -11.66 -9.56 30.55
C GLN D 437 -10.20 -9.88 30.32
N THR D 438 -9.81 -10.72 29.35
CA THR D 438 -8.43 -11.19 29.28
C THR D 438 -7.54 -10.31 28.42
N THR D 439 -6.27 -10.26 28.76
CA THR D 439 -5.30 -9.44 28.02
C THR D 439 -4.05 -10.21 27.60
N ARG D 440 -3.51 -11.07 28.47
CA ARG D 440 -2.25 -11.73 28.20
C ARG D 440 -2.41 -13.03 27.41
N LEU D 441 -3.64 -13.48 27.18
CA LEU D 441 -3.82 -14.78 26.53
C LEU D 441 -3.18 -14.85 25.17
N GLN D 442 -3.03 -13.71 24.48
CA GLN D 442 -2.41 -13.79 23.17
C GLN D 442 -1.49 -12.60 22.98
N SER D 443 -0.27 -12.91 22.56
CA SER D 443 0.89 -12.08 22.84
C SER D 443 1.60 -11.56 21.60
N TRP D 444 1.70 -12.34 20.54
CA TRP D 444 2.36 -11.87 19.32
C TRP D 444 1.55 -12.30 18.10
N ILE D 445 1.66 -11.53 17.02
CA ILE D 445 1.08 -11.88 15.72
C ILE D 445 2.15 -11.70 14.66
N SER D 446 2.33 -12.69 13.80
CA SER D 446 3.37 -12.67 12.77
C SER D 446 2.74 -12.43 11.40
N TYR D 447 3.45 -11.68 10.55
CA TYR D 447 2.97 -11.33 9.22
C TYR D 447 4.07 -11.51 8.18
N SER D 448 3.78 -12.31 7.16
CA SER D 448 4.64 -12.49 6.01
C SER D 448 3.74 -12.45 4.78
N TYR D 449 4.30 -12.10 3.64
CA TYR D 449 3.54 -12.11 2.41
C TYR D 449 4.32 -12.72 1.27
N THR D 450 3.66 -13.55 0.47
CA THR D 450 4.27 -14.16 -0.69
C THR D 450 3.28 -14.12 -1.84
N ALA D 451 3.81 -14.08 -3.06
CA ALA D 451 2.95 -14.28 -4.23
C ALA D 451 2.32 -15.67 -4.21
N LYS D 452 3.15 -16.70 -4.00
CA LYS D 452 2.67 -18.08 -4.02
C LYS D 452 1.78 -18.40 -2.81
N ARG D 453 2.34 -18.36 -1.61
CA ARG D 453 1.59 -18.78 -0.42
C ARG D 453 0.39 -17.88 -0.17
N GLY D 454 0.56 -16.57 -0.33
CA GLY D 454 -0.44 -15.63 0.10
C GLY D 454 -0.02 -14.93 1.38
N VAL D 455 -0.83 -15.04 2.43
CA VAL D 455 -0.57 -14.34 3.67
C VAL D 455 -0.23 -15.37 4.74
N TYR D 456 1.06 -15.47 5.08
CA TYR D 456 1.48 -16.12 6.32
C TYR D 456 1.06 -15.28 7.52
N MET D 457 0.64 -15.95 8.57
CA MET D 457 0.28 -15.20 9.78
C MET D 457 0.11 -16.19 10.92
N SER D 458 0.78 -15.94 12.04
CA SER D 458 0.84 -16.89 13.13
C SER D 458 0.56 -16.18 14.44
N VAL D 459 -0.01 -16.91 15.40
CA VAL D 459 -0.43 -16.34 16.67
C VAL D 459 0.30 -17.05 17.81
N TYR D 460 0.74 -16.28 18.80
CA TYR D 460 1.52 -16.77 19.92
C TYR D 460 0.75 -16.59 21.22
N TYR D 461 0.62 -17.67 21.99
CA TYR D 461 -0.34 -17.73 23.09
C TYR D 461 0.30 -17.90 24.46
N HIS D 462 -0.50 -17.61 25.48
CA HIS D 462 -0.16 -17.95 26.86
C HIS D 462 -0.14 -19.46 26.98
N SER D 463 1.05 -20.03 27.18
CA SER D 463 1.28 -21.46 26.98
C SER D 463 1.43 -22.24 28.27
N GLN D 464 0.90 -21.73 29.38
CA GLN D 464 0.76 -22.49 30.61
C GLN D 464 -0.68 -22.35 31.11
N SER D 465 -1.03 -23.12 32.13
CA SER D 465 -2.40 -23.19 32.58
C SER D 465 -2.67 -22.39 33.85
N THR D 466 -1.73 -21.57 34.30
CA THR D 466 -1.97 -20.73 35.45
C THR D 466 -1.71 -19.28 35.05
N TYR D 467 -2.73 -18.44 35.18
CA TYR D 467 -2.74 -17.08 34.64
C TYR D 467 -2.90 -16.09 35.78
N LEU D 468 -2.03 -15.08 35.81
CA LEU D 468 -1.94 -14.19 36.96
C LEU D 468 -2.83 -12.97 36.76
N PRO E 52 41.72 -32.03 56.22
CA PRO E 52 40.33 -32.36 55.92
C PRO E 52 40.07 -33.86 55.94
N SER E 53 38.79 -34.26 56.01
CA SER E 53 38.41 -35.67 56.01
C SER E 53 38.44 -36.26 54.60
N PRO E 54 38.77 -37.55 54.47
CA PRO E 54 39.27 -38.07 53.18
C PRO E 54 38.24 -38.62 52.21
N ALA E 55 37.38 -39.54 52.68
CA ALA E 55 36.65 -40.43 51.78
C ALA E 55 35.76 -39.71 50.78
N GLN E 56 35.38 -38.47 51.05
CA GLN E 56 34.54 -37.70 50.14
C GLN E 56 35.29 -37.21 48.91
N ALA E 57 36.49 -37.73 48.66
CA ALA E 57 37.23 -37.40 47.44
C ALA E 57 36.57 -38.00 46.19
N LEU E 58 35.81 -39.07 46.36
CA LEU E 58 35.16 -39.73 45.22
C LEU E 58 34.21 -38.79 44.48
N ALA E 59 33.45 -37.97 45.20
CA ALA E 59 32.46 -37.13 44.56
C ALA E 59 33.04 -36.19 43.50
N SER E 60 34.36 -35.91 43.54
CA SER E 60 34.92 -34.93 42.63
C SER E 60 34.58 -35.27 41.19
N TYR E 61 34.70 -36.54 40.83
CA TYR E 61 34.44 -36.99 39.46
C TYR E 61 33.12 -37.77 39.39
N HIS E 62 32.15 -37.34 40.18
CA HIS E 62 30.81 -37.87 40.11
C HIS E 62 29.83 -36.73 40.05
N HIS E 63 28.80 -36.90 39.23
CA HIS E 63 27.73 -35.92 39.08
C HIS E 63 26.42 -36.52 39.56
N PHE E 64 25.84 -35.91 40.57
CA PHE E 64 24.60 -36.45 41.10
C PHE E 64 23.44 -36.07 40.18
N PRO E 65 22.65 -37.04 39.71
CA PRO E 65 21.64 -36.74 38.68
C PRO E 65 20.64 -35.68 39.07
N THR E 66 20.02 -35.78 40.23
CA THR E 66 18.92 -34.88 40.60
C THR E 66 19.39 -33.82 41.60
N ASN E 67 18.64 -32.73 41.64
CA ASN E 67 18.91 -31.73 42.67
C ASN E 67 18.63 -32.30 44.05
N ASP E 68 17.60 -33.14 44.17
CA ASP E 68 17.36 -33.78 45.45
C ASP E 68 18.64 -34.44 45.95
N GLN E 69 19.24 -35.30 45.13
CA GLN E 69 20.43 -36.01 45.57
C GLN E 69 21.53 -35.03 45.92
N GLU E 70 21.78 -34.05 45.06
CA GLU E 70 22.84 -33.08 45.35
C GLU E 70 22.66 -32.47 46.73
N ARG E 71 21.43 -32.09 47.08
CA ARG E 71 21.21 -31.44 48.37
C ARG E 71 21.42 -32.42 49.52
N TRP E 72 21.02 -33.69 49.36
CA TRP E 72 21.29 -34.66 50.41
C TRP E 72 22.78 -34.88 50.57
N TRP E 73 23.49 -35.02 49.45
CA TRP E 73 24.94 -35.14 49.54
C TRP E 73 25.55 -34.00 50.35
N GLU E 74 25.13 -32.78 50.05
CA GLU E 74 25.66 -31.63 50.76
C GLU E 74 25.28 -31.64 52.25
N GLU E 75 24.17 -32.28 52.60
CA GLU E 75 23.69 -32.26 53.97
C GLU E 75 24.36 -33.33 54.82
N THR E 76 24.63 -34.50 54.24
CA THR E 76 25.16 -35.63 54.99
C THR E 76 26.47 -36.18 54.47
N GLY E 77 26.95 -35.74 53.32
CA GLY E 77 28.13 -36.34 52.73
C GLY E 77 29.36 -36.26 53.59
N SER E 78 29.72 -35.05 54.00
CA SER E 78 30.89 -34.90 54.86
C SER E 78 30.70 -35.68 56.15
N LEU E 79 29.52 -35.59 56.74
CA LEU E 79 29.29 -36.20 58.04
C LEU E 79 29.56 -37.70 57.99
N PHE E 80 29.08 -38.37 56.96
CA PHE E 80 29.33 -39.81 56.85
C PHE E 80 30.82 -40.10 56.67
N SER E 81 31.53 -39.26 55.91
CA SER E 81 32.95 -39.46 55.74
C SER E 81 33.67 -39.37 57.09
N ARG E 82 33.18 -38.50 57.96
CA ARG E 82 33.83 -38.37 59.26
C ARG E 82 33.62 -39.61 60.13
N PHE E 83 32.42 -40.19 60.10
CA PHE E 83 32.19 -41.39 60.90
C PHE E 83 33.02 -42.56 60.39
N LEU E 84 33.20 -42.66 59.08
CA LEU E 84 34.11 -43.67 58.55
C LEU E 84 35.50 -43.48 59.12
N GLU E 85 35.95 -42.23 59.18
CA GLU E 85 37.25 -41.91 59.78
C GLU E 85 37.24 -42.27 61.26
N ALA E 86 36.25 -41.77 62.00
CA ALA E 86 36.15 -42.07 63.43
C ALA E 86 35.95 -43.56 63.69
N GLY E 87 35.57 -44.33 62.68
CA GLY E 87 35.41 -45.75 62.83
C GLY E 87 36.69 -46.52 62.65
N GLN E 88 37.78 -45.83 62.35
CA GLN E 88 39.09 -46.46 62.22
C GLN E 88 39.06 -47.56 61.17
N TYR E 89 38.36 -47.29 60.07
CA TYR E 89 38.27 -48.24 58.96
C TYR E 89 39.48 -48.12 58.04
N GLY E 90 39.84 -49.25 57.44
CA GLY E 90 40.87 -49.20 56.41
C GLY E 90 40.50 -48.24 55.30
N LEU E 91 41.51 -47.52 54.81
CA LEU E 91 41.24 -46.54 53.77
C LEU E 91 40.54 -47.17 52.57
N PRO E 92 40.94 -48.33 52.06
CA PRO E 92 40.15 -48.97 50.99
C PRO E 92 38.71 -49.19 51.40
N GLN E 93 38.49 -49.62 52.63
CA GLN E 93 37.13 -49.89 53.05
C GLN E 93 36.34 -48.58 53.11
N GLN E 94 36.99 -47.50 53.53
CA GLN E 94 36.29 -46.23 53.59
C GLN E 94 35.69 -45.86 52.25
N TYR E 95 36.52 -45.87 51.21
CA TYR E 95 36.03 -45.58 49.85
C TYR E 95 35.00 -46.61 49.40
N GLN E 96 35.20 -47.87 49.79
CA GLN E 96 34.31 -48.95 49.39
C GLN E 96 32.91 -48.73 49.98
N PHE E 97 32.82 -48.38 51.26
CA PHE E 97 31.50 -48.06 51.80
C PHE E 97 31.03 -46.70 51.33
N MET E 98 31.95 -45.74 51.16
CA MET E 98 31.57 -44.46 50.59
C MET E 98 30.91 -44.66 49.24
N PHE E 99 31.49 -45.54 48.43
CA PHE E 99 30.88 -45.86 47.15
C PHE E 99 29.45 -46.29 47.34
N PHE E 100 29.22 -47.26 48.22
CA PHE E 100 27.88 -47.77 48.49
C PHE E 100 26.94 -46.65 48.92
N PHE E 101 27.37 -45.81 49.86
CA PHE E 101 26.49 -44.78 50.39
C PHE E 101 25.95 -43.89 49.26
N MET E 102 26.82 -43.49 48.32
CA MET E 102 26.43 -42.55 47.26
C MET E 102 25.43 -43.18 46.32
N HIS E 103 25.67 -44.42 45.93
CA HIS E 103 24.87 -45.03 44.87
C HIS E 103 23.53 -45.51 45.36
N HIS E 104 23.46 -46.00 46.58
CA HIS E 104 22.26 -46.67 47.02
C HIS E 104 21.50 -45.93 48.10
N LEU E 105 22.16 -45.08 48.87
CA LEU E 105 21.42 -44.45 49.95
C LEU E 105 21.00 -43.03 49.60
N ILE E 106 21.84 -42.30 48.87
CA ILE E 106 21.51 -40.93 48.49
C ILE E 106 20.32 -40.92 47.58
N PRO E 107 20.22 -41.75 46.54
CA PRO E 107 18.98 -41.84 45.77
C PRO E 107 17.77 -42.11 46.65
N ALA E 108 17.94 -42.95 47.67
CA ALA E 108 16.81 -43.38 48.49
C ALA E 108 16.33 -42.34 49.48
N LEU E 109 17.05 -41.25 49.69
CA LEU E 109 16.59 -40.28 50.67
C LEU E 109 15.41 -39.48 50.18
N GLY E 110 15.22 -39.37 48.87
CA GLY E 110 14.07 -38.67 48.34
C GLY E 110 14.28 -37.17 48.25
N PRO E 111 13.17 -36.42 48.22
CA PRO E 111 13.28 -34.96 48.09
C PRO E 111 14.11 -34.36 49.21
N TYR E 112 15.02 -33.45 48.84
CA TYR E 112 15.85 -32.84 49.88
C TYR E 112 15.02 -32.07 50.89
N PRO E 113 14.27 -31.06 50.52
CA PRO E 113 13.28 -30.54 51.47
C PRO E 113 12.29 -31.65 51.77
N GLN E 114 12.59 -32.44 52.81
CA GLN E 114 11.88 -33.69 52.99
C GLN E 114 10.44 -33.42 53.43
N LYS E 115 9.49 -34.10 52.74
CA LYS E 115 8.10 -33.93 53.16
C LYS E 115 7.61 -35.05 54.08
N TRP E 116 8.41 -36.08 54.30
CA TRP E 116 8.03 -37.27 55.02
C TRP E 116 8.82 -37.32 56.33
N ARG E 117 8.13 -37.59 57.43
CA ARG E 117 8.79 -37.89 58.68
C ARG E 117 8.95 -39.39 58.78
N SER E 118 10.18 -39.83 59.03
CA SER E 118 10.45 -41.24 59.26
C SER E 118 10.32 -41.54 60.75
N THR E 119 9.73 -42.70 61.05
CA THR E 119 9.52 -43.08 62.45
C THR E 119 10.83 -43.25 63.19
N ILE E 120 11.90 -43.61 62.47
CA ILE E 120 13.13 -44.07 63.13
C ILE E 120 13.86 -42.95 63.85
N SER E 121 13.76 -41.72 63.38
CA SER E 121 14.56 -40.67 63.97
C SER E 121 13.71 -39.80 64.88
N ARG E 122 14.33 -39.27 65.94
CA ARG E 122 13.62 -38.32 66.78
C ARG E 122 13.15 -37.14 65.95
N SER E 123 14.03 -36.58 65.12
CA SER E 123 13.68 -35.45 64.27
C SER E 123 12.81 -35.88 63.09
N GLY E 124 12.92 -37.13 62.66
CA GLY E 124 12.12 -37.63 61.54
C GLY E 124 12.86 -37.79 60.24
N LEU E 125 14.12 -37.42 60.16
CA LEU E 125 14.73 -37.57 58.84
C LEU E 125 15.20 -39.01 58.63
N PRO E 126 15.20 -39.48 57.41
CA PRO E 126 15.27 -40.92 57.15
C PRO E 126 16.58 -41.62 57.49
N ILE E 127 17.52 -40.95 58.14
CA ILE E 127 18.82 -41.57 58.38
C ILE E 127 19.34 -41.20 59.76
N GLU E 128 20.07 -42.12 60.39
CA GLU E 128 20.89 -41.75 61.54
C GLU E 128 22.09 -42.70 61.68
N PHE E 129 23.19 -42.14 62.14
CA PHE E 129 24.47 -42.86 62.18
C PHE E 129 24.80 -43.33 63.59
N SER E 130 25.41 -44.52 63.69
CA SER E 130 25.67 -45.16 64.96
C SER E 130 27.12 -45.60 65.05
N LEU E 131 27.66 -45.52 66.26
CA LEU E 131 28.96 -46.07 66.60
C LEU E 131 28.82 -47.10 67.71
N ASN E 132 29.31 -48.31 67.48
CA ASN E 132 29.31 -49.37 68.49
C ASN E 132 30.71 -49.54 69.04
N PHE E 133 30.85 -49.38 70.35
CA PHE E 133 32.14 -49.51 71.03
C PHE E 133 32.26 -50.87 71.73
N GLN E 134 33.42 -51.50 71.59
CA GLN E 134 33.68 -52.84 72.08
C GLN E 134 34.87 -52.81 73.03
N LYS E 135 35.18 -53.98 73.58
CA LYS E 135 36.26 -54.09 74.54
C LYS E 135 37.57 -54.04 73.77
N GLY E 136 38.05 -52.82 73.54
CA GLY E 136 39.38 -52.59 72.99
C GLY E 136 39.57 -52.94 71.55
N SER E 137 38.73 -53.82 70.99
CA SER E 137 38.89 -54.19 69.59
C SER E 137 38.89 -52.95 68.71
N HIS E 138 37.87 -52.11 68.86
CA HIS E 138 37.71 -50.88 68.10
C HIS E 138 36.25 -50.47 68.09
N ARG E 139 35.86 -49.68 67.09
CA ARG E 139 34.50 -49.19 66.96
C ARG E 139 34.00 -49.51 65.56
N LEU E 140 32.68 -49.63 65.43
CA LEU E 140 32.04 -49.93 64.16
C LEU E 140 30.99 -48.88 63.87
N LEU E 141 30.71 -48.68 62.58
CA LEU E 141 29.73 -47.70 62.12
C LEU E 141 28.43 -48.38 61.68
N ARG E 142 27.30 -47.76 62.05
CA ARG E 142 25.96 -48.29 61.80
C ARG E 142 25.10 -47.20 61.16
N ILE E 143 24.27 -47.60 60.19
CA ILE E 143 23.32 -46.68 59.54
C ILE E 143 21.91 -47.28 59.63
N GLY E 144 20.97 -46.48 60.11
CA GLY E 144 19.56 -46.82 60.05
C GLY E 144 18.89 -46.01 58.96
N PHE E 145 18.14 -46.71 58.10
CA PHE E 145 17.63 -46.12 56.85
C PHE E 145 16.13 -46.34 56.73
N GLU E 146 15.41 -45.35 56.25
CA GLU E 146 14.07 -45.57 55.70
C GLU E 146 14.00 -44.99 54.30
N PRO E 147 13.93 -45.82 53.26
CA PRO E 147 13.84 -45.28 51.89
C PRO E 147 12.64 -44.36 51.74
N VAL E 148 12.81 -43.32 50.93
CA VAL E 148 11.79 -42.32 50.68
C VAL E 148 11.80 -41.94 49.20
N SER E 149 10.64 -41.53 48.68
CA SER E 149 10.55 -40.92 47.35
C SER E 149 9.50 -39.81 47.42
N PHE E 150 9.35 -39.07 46.32
CA PHE E 150 8.34 -38.02 46.30
C PHE E 150 6.94 -38.58 46.45
N LEU E 151 6.74 -39.86 46.11
CA LEU E 151 5.44 -40.47 46.32
C LEU E 151 5.14 -40.73 47.78
N SER E 152 6.18 -40.85 48.63
CA SER E 152 5.97 -41.22 50.02
C SER E 152 5.05 -40.22 50.69
N GLY E 153 3.98 -40.74 51.31
CA GLY E 153 2.97 -39.91 51.95
C GLY E 153 1.89 -39.41 51.04
N SER E 154 1.90 -39.79 49.77
CA SER E 154 0.93 -39.30 48.80
C SER E 154 -0.18 -40.31 48.60
N SER E 155 -1.10 -39.97 47.70
CA SER E 155 -2.21 -40.86 47.39
C SER E 155 -1.73 -42.19 46.85
N GLN E 156 -0.67 -42.18 46.04
CA GLN E 156 -0.23 -43.41 45.40
C GLN E 156 0.45 -44.34 46.40
N ASP E 157 1.02 -43.77 47.48
CA ASP E 157 1.66 -44.56 48.53
C ASP E 157 1.65 -43.77 49.84
N PRO E 158 0.52 -43.83 50.58
CA PRO E 158 0.43 -43.00 51.79
C PRO E 158 1.27 -43.51 52.95
N PHE E 159 1.66 -44.78 52.95
CA PHE E 159 2.43 -45.31 54.08
C PHE E 159 3.78 -45.88 53.65
N ASN E 160 4.28 -45.47 52.51
CA ASN E 160 5.68 -45.62 52.18
C ASN E 160 6.12 -47.09 52.10
N ARG E 161 5.35 -47.90 51.37
CA ARG E 161 5.82 -49.26 51.10
C ARG E 161 6.70 -49.35 49.87
N ILE E 162 6.55 -48.44 48.92
CA ILE E 162 7.13 -48.60 47.59
C ILE E 162 8.65 -48.51 47.69
N PRO E 163 9.19 -47.46 48.30
CA PRO E 163 10.65 -47.36 48.40
C PRO E 163 11.29 -48.57 49.06
N ILE E 164 10.60 -49.17 50.04
CA ILE E 164 11.13 -50.32 50.74
C ILE E 164 11.39 -51.46 49.75
N THR E 165 10.42 -51.76 48.90
CA THR E 165 10.60 -52.87 47.97
C THR E 165 11.60 -52.53 46.88
N ASP E 166 11.65 -51.26 46.47
CA ASP E 166 12.64 -50.84 45.50
C ASP E 166 14.04 -51.06 46.03
N LEU E 167 14.34 -50.46 47.17
CA LEU E 167 15.68 -50.60 47.75
C LEU E 167 16.04 -52.06 47.99
N LEU E 168 15.05 -52.87 48.37
CA LEU E 168 15.33 -54.29 48.62
C LEU E 168 15.75 -55.02 47.36
N ASN E 169 15.38 -54.51 46.18
CA ASN E 169 15.87 -55.15 44.97
C ASN E 169 17.25 -54.67 44.58
N ARG E 170 17.55 -53.38 44.79
CA ARG E 170 18.93 -52.97 44.60
C ARG E 170 19.85 -53.90 45.36
N LEU E 171 19.50 -54.18 46.62
CA LEU E 171 20.39 -54.94 47.48
C LEU E 171 20.53 -56.37 46.98
N SER E 172 19.44 -56.98 46.57
CA SER E 172 19.55 -58.33 46.03
C SER E 172 20.35 -58.34 44.74
N LYS E 173 20.34 -57.24 43.98
CA LYS E 173 21.17 -57.19 42.77
C LYS E 173 22.66 -57.13 43.11
N LEU E 174 23.02 -56.38 44.16
CA LEU E 174 24.41 -56.35 44.62
C LEU E 174 24.82 -57.74 45.08
N GLN E 175 26.01 -58.16 44.68
CA GLN E 175 26.50 -59.47 45.07
C GLN E 175 27.02 -59.36 46.50
N LEU E 176 26.15 -59.67 47.44
CA LEU E 176 26.40 -59.56 48.86
C LEU E 176 26.49 -60.93 49.51
N SER E 177 27.46 -61.09 50.40
CA SER E 177 27.68 -62.37 51.06
C SER E 177 26.55 -62.65 52.04
N ASN E 178 26.01 -63.87 51.95
CA ASN E 178 25.05 -64.37 52.94
C ASN E 178 23.83 -63.46 53.02
N PHE E 179 23.19 -63.23 51.88
CA PHE E 179 22.08 -62.30 51.80
C PHE E 179 20.86 -63.07 51.32
N ASP E 180 19.96 -63.38 52.26
CA ASP E 180 18.66 -63.97 51.94
C ASP E 180 17.55 -63.08 52.48
N THR E 181 16.44 -63.04 51.75
CA THR E 181 15.32 -62.18 52.11
C THR E 181 14.07 -62.92 52.63
N PRO E 182 13.97 -64.25 52.52
CA PRO E 182 12.67 -64.88 52.82
C PRO E 182 12.10 -64.50 54.18
N PHE E 183 12.93 -64.52 55.22
CA PHE E 183 12.43 -64.26 56.56
C PHE E 183 11.80 -62.89 56.63
N PHE E 184 12.46 -61.89 56.04
CA PHE E 184 11.94 -60.53 56.03
C PHE E 184 10.70 -60.43 55.15
N GLN E 185 10.73 -61.05 53.97
CA GLN E 185 9.53 -61.09 53.16
C GLN E 185 8.38 -61.62 53.98
N HIS E 186 8.63 -62.66 54.77
CA HIS E 186 7.58 -63.25 55.59
C HIS E 186 6.94 -62.21 56.50
N LEU E 187 7.75 -61.42 57.18
CA LEU E 187 7.18 -60.42 58.08
C LEU E 187 6.42 -59.34 57.33
N LEU E 188 6.95 -58.85 56.21
CA LEU E 188 6.19 -57.89 55.40
C LEU E 188 4.83 -58.44 55.00
N SER E 189 4.82 -59.63 54.38
CA SER E 189 3.55 -60.22 53.96
C SER E 189 2.58 -60.23 55.13
N LYS E 190 3.08 -60.59 56.31
CA LYS E 190 2.28 -60.61 57.52
C LYS E 190 1.77 -59.23 57.91
N PHE E 191 2.22 -58.16 57.26
CA PHE E 191 1.79 -56.85 57.72
C PHE E 191 1.41 -55.93 56.57
N GLN E 192 0.92 -56.48 55.45
CA GLN E 192 0.48 -55.61 54.36
C GLN E 192 -0.95 -55.14 54.62
N LEU E 193 -1.50 -54.31 53.73
CA LEU E 193 -2.72 -53.61 54.11
C LEU E 193 -3.86 -53.66 53.08
N SER E 194 -3.67 -53.08 51.89
CA SER E 194 -4.65 -53.14 50.82
C SER E 194 -5.88 -52.29 51.10
N LEU E 195 -7.05 -52.92 51.20
CA LEU E 195 -8.24 -52.18 51.58
C LEU E 195 -8.09 -51.53 52.95
N SER E 196 -7.19 -52.06 53.77
CA SER E 196 -6.91 -51.46 55.06
C SER E 196 -6.38 -50.03 54.90
N GLU E 197 -5.54 -49.79 53.87
CA GLU E 197 -5.14 -48.43 53.57
C GLU E 197 -6.33 -47.49 53.58
N VAL E 198 -7.43 -47.89 52.93
CA VAL E 198 -8.58 -46.99 52.79
C VAL E 198 -9.14 -46.67 54.17
N ARG E 199 -9.31 -47.70 55.00
CA ARG E 199 -9.72 -47.47 56.38
C ARG E 199 -8.79 -46.45 57.09
N GLN E 200 -7.51 -46.67 56.90
CA GLN E 200 -6.41 -46.08 57.62
C GLN E 200 -6.35 -44.58 57.32
N LEU E 201 -6.44 -44.28 56.04
CA LEU E 201 -6.45 -42.88 55.55
C LEU E 201 -7.42 -42.00 56.34
N GLN E 202 -8.60 -42.53 56.67
CA GLN E 202 -9.49 -41.82 57.56
C GLN E 202 -8.98 -41.88 58.99
N PRO E 212 0.31 -39.08 63.61
CA PRO E 212 1.17 -40.02 64.36
C PRO E 212 2.38 -40.46 63.55
N LEU E 213 2.72 -41.75 63.62
CA LEU E 213 3.90 -42.29 62.95
C LEU E 213 3.44 -43.27 61.88
N LYS E 214 3.90 -43.07 60.65
CA LYS E 214 3.30 -43.74 59.51
C LYS E 214 4.17 -44.80 58.87
N SER E 215 5.46 -44.78 59.14
CA SER E 215 6.36 -45.69 58.42
C SER E 215 6.03 -47.12 58.83
N GLN E 216 6.22 -48.01 57.84
CA GLN E 216 5.84 -49.42 57.98
C GLN E 216 6.99 -50.41 58.01
N ALA E 217 8.23 -49.98 57.76
CA ALA E 217 9.44 -50.81 57.77
C ALA E 217 10.61 -49.85 57.72
N ALA E 218 11.80 -50.41 57.89
CA ALA E 218 13.04 -49.66 57.85
C ALA E 218 14.19 -50.62 57.60
N PHE E 219 15.38 -50.04 57.41
CA PHE E 219 16.59 -50.79 57.10
C PHE E 219 17.73 -50.38 58.03
N GLY E 220 18.71 -51.25 58.16
CA GLY E 220 19.90 -50.93 58.91
C GLY E 220 21.12 -51.54 58.26
N PHE E 221 22.24 -50.83 58.37
CA PHE E 221 23.47 -51.24 57.71
C PHE E 221 24.61 -51.25 58.72
N ASP E 222 25.23 -52.42 58.90
CA ASP E 222 26.40 -52.58 59.73
C ASP E 222 27.60 -52.78 58.83
N PHE E 223 28.58 -51.90 58.95
CA PHE E 223 29.81 -51.96 58.16
C PHE E 223 30.87 -52.57 59.07
N ASN E 224 31.17 -53.84 58.90
CA ASN E 224 32.13 -54.46 59.79
C ASN E 224 33.53 -54.08 59.32
N PRO E 225 34.55 -54.30 60.15
CA PRO E 225 35.89 -53.85 59.77
C PRO E 225 36.35 -54.44 58.45
N ASP E 226 36.02 -55.70 58.20
CA ASP E 226 36.19 -56.25 56.87
C ASP E 226 35.32 -55.46 55.89
N GLY E 227 35.73 -55.46 54.63
CA GLY E 227 34.93 -54.74 53.64
C GLY E 227 33.61 -55.42 53.32
N ALA E 228 32.77 -55.65 54.33
CA ALA E 228 31.50 -56.35 54.14
C ALA E 228 30.40 -55.61 54.88
N ILE E 229 29.24 -55.46 54.22
CA ILE E 229 28.06 -54.83 54.80
C ILE E 229 27.09 -55.91 55.21
N LEU E 230 26.41 -55.71 56.33
CA LEU E 230 25.33 -56.58 56.78
C LEU E 230 24.05 -55.76 56.89
N VAL E 231 22.97 -56.30 56.35
CA VAL E 231 21.72 -55.57 56.17
C VAL E 231 20.71 -56.00 57.23
N LYS E 232 20.13 -55.02 57.91
CA LYS E 232 19.16 -55.25 58.96
C LYS E 232 17.85 -54.60 58.56
N GLY E 233 16.75 -55.32 58.76
CA GLY E 233 15.44 -54.83 58.40
C GLY E 233 14.51 -54.73 59.60
N TYR E 234 13.61 -53.75 59.55
CA TYR E 234 12.66 -53.46 60.61
C TYR E 234 11.24 -53.57 60.08
N VAL E 235 10.29 -53.72 60.99
CA VAL E 235 8.87 -53.83 60.64
C VAL E 235 8.06 -53.18 61.73
N PHE E 236 7.08 -52.38 61.35
CA PHE E 236 6.31 -51.60 62.31
C PHE E 236 4.86 -52.03 62.27
N PRO E 237 4.46 -52.95 63.16
CA PRO E 237 3.14 -53.57 63.06
C PRO E 237 2.02 -52.69 63.60
N TYR E 238 2.32 -51.48 64.06
CA TYR E 238 1.28 -50.61 64.60
C TYR E 238 0.19 -50.35 63.57
N LEU E 239 0.58 -50.13 62.33
CA LEU E 239 -0.39 -49.84 61.29
C LEU E 239 -1.30 -51.04 61.05
N LYS E 240 -0.71 -52.20 60.77
CA LYS E 240 -1.49 -53.42 60.54
C LYS E 240 -2.39 -53.72 61.73
N ALA E 241 -1.88 -53.55 62.95
CA ALA E 241 -2.69 -53.82 64.13
C ALA E 241 -3.82 -52.81 64.26
N LYS E 242 -3.54 -51.53 63.98
CA LYS E 242 -4.56 -50.52 64.15
C LYS E 242 -5.71 -50.72 63.19
N ALA E 243 -5.41 -51.10 61.95
CA ALA E 243 -6.47 -51.26 60.96
C ALA E 243 -7.42 -52.38 61.34
N ALA E 244 -6.89 -53.50 61.80
CA ALA E 244 -7.69 -54.65 62.19
C ALA E 244 -8.25 -54.54 63.62
N ASP E 245 -7.97 -53.44 64.32
CA ASP E 245 -8.40 -53.29 65.71
C ASP E 245 -8.09 -54.54 66.54
N VAL E 246 -6.86 -55.02 66.39
CA VAL E 246 -6.39 -56.19 67.13
C VAL E 246 -5.15 -55.78 67.90
N PRO E 247 -4.98 -56.21 69.15
CA PRO E 247 -3.80 -55.81 69.92
C PRO E 247 -2.52 -56.24 69.22
N VAL E 248 -1.50 -55.39 69.33
CA VAL E 248 -0.28 -55.57 68.54
C VAL E 248 0.33 -56.93 68.82
N GLY E 249 0.46 -57.27 70.10
CA GLY E 249 1.13 -58.52 70.48
C GLY E 249 0.42 -59.75 69.96
N THR E 250 -0.92 -59.70 69.88
CA THR E 250 -1.68 -60.85 69.41
C THR E 250 -1.24 -61.25 68.00
N LEU E 251 -1.06 -60.26 67.14
CA LEU E 251 -0.60 -60.57 65.79
C LEU E 251 0.91 -60.70 65.74
N ILE E 252 1.64 -60.02 66.62
CA ILE E 252 3.08 -60.26 66.71
C ILE E 252 3.36 -61.72 67.11
N ALA E 253 2.73 -62.17 68.19
CA ALA E 253 2.86 -63.56 68.58
C ALA E 253 2.45 -64.46 67.44
N GLU E 254 1.29 -64.18 66.82
CA GLU E 254 0.81 -65.00 65.72
C GLU E 254 1.77 -64.89 64.55
N ALA E 255 2.38 -63.72 64.39
CA ALA E 255 3.41 -63.57 63.37
C ALA E 255 4.62 -64.43 63.68
N VAL E 256 5.07 -64.39 64.93
CA VAL E 256 6.16 -65.28 65.33
C VAL E 256 5.74 -66.73 65.24
N ARG E 257 4.50 -67.04 65.64
CA ARG E 257 4.05 -68.42 65.58
C ARG E 257 3.99 -68.92 64.15
N THR E 258 3.56 -68.07 63.21
CA THR E 258 3.47 -68.47 61.80
C THR E 258 4.81 -68.93 61.27
N ILE E 259 5.91 -68.39 61.81
CA ILE E 259 7.23 -68.89 61.47
C ILE E 259 7.64 -70.07 62.32
N ASP E 260 6.82 -70.47 63.31
CA ASP E 260 7.18 -71.55 64.23
C ASP E 260 7.05 -72.93 63.59
N VAL E 261 5.92 -73.21 62.91
CA VAL E 261 5.90 -74.40 62.09
C VAL E 261 6.92 -74.27 60.97
N GLU E 262 7.22 -73.02 60.57
CA GLU E 262 8.28 -72.78 59.61
C GLU E 262 9.65 -73.11 60.22
N ARG E 263 9.86 -72.73 61.48
CA ARG E 263 10.78 -73.38 62.41
C ARG E 263 10.60 -72.88 63.83
N ASN E 264 10.28 -73.82 64.73
CA ASN E 264 9.88 -73.53 66.11
C ASN E 264 11.07 -73.36 67.04
N GLN E 265 12.00 -72.49 66.70
CA GLN E 265 13.16 -72.23 67.56
C GLN E 265 13.04 -70.96 68.38
N PHE E 266 12.09 -70.10 68.08
CA PHE E 266 11.88 -68.86 68.81
C PHE E 266 10.74 -68.97 69.80
N THR E 267 9.98 -70.07 69.77
CA THR E 267 8.80 -70.24 70.61
C THR E 267 9.15 -70.02 72.07
N HIS E 268 10.15 -70.76 72.56
CA HIS E 268 10.47 -70.74 73.98
C HIS E 268 10.80 -69.33 74.44
N ALA E 269 11.83 -68.73 73.84
CA ALA E 269 12.26 -67.41 74.26
C ALA E 269 11.17 -66.36 74.06
N PHE E 270 10.45 -66.42 72.94
CA PHE E 270 9.42 -65.40 72.71
C PHE E 270 8.27 -65.55 73.69
N GLY E 271 7.63 -66.73 73.70
CA GLY E 271 6.57 -66.98 74.65
C GLY E 271 6.97 -66.56 76.04
N LEU E 272 8.27 -66.62 76.32
CA LEU E 272 8.80 -66.12 77.58
C LEU E 272 8.73 -64.60 77.65
N ILE E 273 8.90 -63.91 76.51
CA ILE E 273 8.79 -62.46 76.47
C ILE E 273 7.32 -62.03 76.42
N ASN E 274 6.52 -62.72 75.61
CA ASN E 274 5.11 -62.34 75.47
C ASN E 274 4.39 -62.43 76.81
N ASP E 275 4.81 -63.37 77.67
CA ASP E 275 4.24 -63.44 79.00
C ASP E 275 4.56 -62.20 79.81
N TYR E 276 5.83 -61.79 79.83
CA TYR E 276 6.16 -60.58 80.58
C TYR E 276 5.49 -59.34 79.98
N MET E 277 5.35 -59.30 78.66
CA MET E 277 4.70 -58.16 78.02
C MET E 277 3.24 -58.08 78.40
N GLN E 278 2.56 -59.21 78.45
CA GLN E 278 1.16 -59.19 78.84
C GLN E 278 1.00 -58.93 80.32
N GLU E 279 1.94 -59.42 81.15
CA GLU E 279 1.90 -59.07 82.57
C GLU E 279 1.90 -57.56 82.75
N SER E 280 2.88 -56.89 82.16
CA SER E 280 3.21 -55.52 82.49
C SER E 280 2.54 -54.49 81.57
N THR E 281 1.65 -54.94 80.68
CA THR E 281 1.10 -54.05 79.67
C THR E 281 2.23 -53.37 78.90
N GLY E 282 3.27 -54.13 78.60
CA GLY E 282 4.42 -53.58 77.91
C GLY E 282 4.13 -53.28 76.45
N TYR E 283 3.34 -54.13 75.80
CA TYR E 283 2.92 -53.86 74.44
C TYR E 283 2.19 -52.52 74.36
N ASN E 284 2.41 -51.83 73.26
CA ASN E 284 1.84 -50.51 73.03
C ASN E 284 2.01 -50.20 71.56
N GLU E 285 1.61 -49.00 71.18
CA GLU E 285 1.77 -48.59 69.80
C GLU E 285 3.23 -48.64 69.38
N TYR E 286 4.13 -48.31 70.30
CA TYR E 286 5.54 -48.15 69.96
C TYR E 286 6.27 -49.47 69.75
N THR E 287 5.71 -50.58 70.22
CA THR E 287 6.36 -51.86 70.02
C THR E 287 6.55 -52.15 68.54
N PHE E 288 7.72 -52.65 68.18
CA PHE E 288 7.93 -53.07 66.80
C PHE E 288 8.95 -54.22 66.79
N LEU E 289 9.37 -54.62 65.60
CA LEU E 289 10.05 -55.89 65.42
C LEU E 289 11.23 -55.67 64.48
N SER E 290 12.16 -56.62 64.47
CA SER E 290 13.40 -56.48 63.73
C SER E 290 13.87 -57.85 63.28
N CYS E 291 14.87 -57.88 62.42
CA CYS E 291 15.47 -59.16 62.04
C CYS E 291 16.71 -58.89 61.19
N ASP E 292 17.39 -59.95 60.81
CA ASP E 292 18.59 -59.89 59.98
C ASP E 292 18.29 -60.50 58.63
N PHE E 293 19.05 -60.09 57.63
CA PHE E 293 18.92 -60.59 56.26
C PHE E 293 19.90 -61.73 56.02
N VAL E 294 19.58 -62.90 56.56
CA VAL E 294 20.43 -64.07 56.34
C VAL E 294 19.66 -65.34 56.66
N GLU E 295 20.14 -66.46 56.14
CA GLU E 295 19.83 -67.79 56.62
C GLU E 295 19.21 -67.80 58.01
N THR E 296 18.15 -68.59 58.19
CA THR E 296 17.43 -68.62 59.47
C THR E 296 18.34 -69.04 60.62
N SER E 297 19.27 -69.97 60.38
CA SER E 297 20.09 -70.49 61.46
C SER E 297 20.80 -69.38 62.21
N GLU E 298 21.45 -68.49 61.46
CA GLU E 298 22.25 -67.42 62.05
C GLU E 298 21.46 -66.15 62.30
N GLN E 299 20.13 -66.23 62.27
CA GLN E 299 19.32 -65.03 62.36
C GLN E 299 18.91 -64.76 63.79
N ARG E 300 18.82 -63.48 64.11
CA ARG E 300 18.54 -62.99 65.45
C ARG E 300 17.32 -62.09 65.40
N LEU E 301 16.13 -62.60 65.72
CA LEU E 301 14.99 -61.71 65.70
C LEU E 301 14.90 -60.98 67.02
N LYS E 302 14.45 -59.74 66.97
CA LYS E 302 14.48 -58.82 68.10
C LYS E 302 13.11 -58.16 68.25
N ILE E 303 12.65 -57.99 69.48
CA ILE E 303 11.43 -57.25 69.76
C ILE E 303 11.77 -55.98 70.51
N TYR E 304 11.27 -54.86 70.02
CA TYR E 304 11.52 -53.59 70.68
C TYR E 304 10.21 -53.11 71.31
N GLY E 305 10.35 -52.19 72.27
CA GLY E 305 9.20 -51.54 72.85
C GLY E 305 9.66 -50.32 73.60
N ALA E 306 8.71 -49.59 74.15
CA ALA E 306 9.04 -48.36 74.86
C ALA E 306 8.17 -48.22 76.10
N HIS E 307 8.61 -47.36 77.00
CA HIS E 307 7.81 -46.96 78.16
C HIS E 307 7.96 -45.47 78.41
N THR E 308 6.82 -44.84 78.67
CA THR E 308 6.76 -43.39 78.83
C THR E 308 7.59 -42.93 80.03
N GLU E 309 7.26 -43.42 81.22
CA GLU E 309 7.99 -43.11 82.44
C GLU E 309 8.49 -44.40 83.05
N VAL E 310 9.75 -44.41 83.47
CA VAL E 310 10.40 -45.62 83.92
C VAL E 310 11.34 -45.24 85.05
N THR E 311 11.25 -45.98 86.16
CA THR E 311 12.13 -45.82 87.30
C THR E 311 13.23 -46.88 87.24
N TRP E 312 14.20 -46.77 88.15
CA TRP E 312 15.18 -47.83 88.22
C TRP E 312 14.53 -49.18 88.47
N ALA E 313 13.56 -49.21 89.41
CA ALA E 313 12.89 -50.47 89.72
C ALA E 313 12.21 -51.04 88.49
N LYS E 314 11.54 -50.19 87.73
CA LYS E 314 10.94 -50.64 86.49
C LYS E 314 12.01 -51.17 85.53
N ILE E 315 13.17 -50.49 85.46
CA ILE E 315 14.26 -50.93 84.60
C ILE E 315 14.76 -52.30 85.02
N ALA E 316 14.99 -52.48 86.31
CA ALA E 316 15.39 -53.80 86.81
C ALA E 316 14.31 -54.82 86.54
N GLU E 317 13.05 -54.45 86.74
CA GLU E 317 11.94 -55.33 86.43
C GLU E 317 11.96 -55.76 84.97
N MET E 318 12.19 -54.81 84.05
CA MET E 318 12.23 -55.18 82.64
C MET E 318 13.50 -55.93 82.31
N TRP E 319 14.65 -55.45 82.80
CA TRP E 319 15.90 -56.10 82.43
C TRP E 319 15.86 -57.58 82.80
N THR E 320 15.28 -57.90 83.96
CA THR E 320 15.07 -59.28 84.38
C THR E 320 13.71 -59.79 83.95
N LEU E 321 13.02 -59.07 83.08
CA LEU E 321 11.81 -59.57 82.44
C LEU E 321 10.84 -60.08 83.50
N GLY E 322 10.52 -59.19 84.43
CA GLY E 322 9.89 -59.61 85.67
C GLY E 322 10.92 -60.30 86.56
N GLY E 323 10.72 -61.57 86.85
CA GLY E 323 11.76 -62.33 87.50
C GLY E 323 12.16 -63.50 86.63
N ARG E 324 11.69 -63.49 85.38
CA ARG E 324 11.79 -64.68 84.54
C ARG E 324 13.21 -65.24 84.51
N LEU E 325 14.23 -64.37 84.43
CA LEU E 325 15.58 -64.80 84.12
C LEU E 325 16.58 -64.31 85.17
N ILE E 326 16.14 -64.21 86.43
CA ILE E 326 17.09 -64.06 87.54
C ILE E 326 18.04 -65.25 87.62
N GLU E 327 17.62 -66.41 87.15
CA GLU E 327 18.45 -67.61 87.21
C GLU E 327 19.78 -67.41 86.49
N GLU E 328 19.74 -66.81 85.32
CA GLU E 328 20.96 -66.60 84.53
C GLU E 328 21.91 -65.65 85.25
N PRO E 329 23.19 -66.00 85.38
CA PRO E 329 24.13 -65.07 86.03
C PRO E 329 24.45 -63.86 85.17
N GLU E 330 24.54 -64.05 83.86
CA GLU E 330 24.83 -62.95 82.93
C GLU E 330 23.99 -61.72 83.22
N ILE E 331 22.66 -61.90 83.25
CA ILE E 331 21.76 -60.77 83.42
C ILE E 331 22.12 -59.99 84.68
N ILE E 332 22.37 -60.71 85.77
CA ILE E 332 22.68 -60.05 87.03
C ILE E 332 23.92 -59.20 86.85
N ALA E 333 24.92 -59.77 86.19
CA ALA E 333 26.12 -58.99 85.90
C ALA E 333 25.76 -57.77 85.05
N GLY E 334 25.10 -58.03 83.92
CA GLY E 334 24.71 -56.95 83.03
C GLY E 334 23.92 -55.85 83.71
N LEU E 335 23.02 -56.22 84.61
CA LEU E 335 22.24 -55.20 85.30
C LEU E 335 23.09 -54.36 86.25
N ALA E 336 24.10 -54.95 86.88
CA ALA E 336 24.97 -54.18 87.77
C ALA E 336 25.66 -53.04 87.02
N ARG E 337 26.43 -53.38 85.98
CA ARG E 337 27.09 -52.36 85.15
C ARG E 337 26.10 -51.31 84.68
N LEU E 338 24.88 -51.74 84.33
CA LEU E 338 23.86 -50.83 83.80
C LEU E 338 23.54 -49.70 84.78
N LYS E 339 23.39 -49.99 86.08
CA LYS E 339 23.08 -48.91 87.02
C LYS E 339 24.26 -47.98 87.21
N GLN E 340 25.51 -48.50 87.02
CA GLN E 340 26.67 -47.58 86.99
C GLN E 340 26.51 -46.48 85.99
N ILE E 341 25.94 -46.76 84.81
CA ILE E 341 25.73 -45.72 83.83
C ILE E 341 24.51 -44.92 84.19
N TRP E 342 23.42 -45.62 84.55
CA TRP E 342 22.20 -44.92 84.89
C TRP E 342 22.51 -43.77 85.86
N SER E 343 23.42 -44.02 86.80
CA SER E 343 23.82 -43.00 87.76
C SER E 343 24.64 -41.92 87.11
N LEU E 344 25.58 -42.29 86.23
CA LEU E 344 26.41 -41.29 85.57
C LEU E 344 25.58 -40.37 84.69
N LEU E 345 24.60 -40.93 83.97
CA LEU E 345 23.98 -40.20 82.87
C LEU E 345 22.99 -39.15 83.36
N GLN E 346 21.95 -39.60 84.04
CA GLN E 346 20.87 -38.70 84.41
C GLN E 346 21.15 -37.93 85.69
N ILE E 347 22.36 -38.07 86.23
CA ILE E 347 22.71 -37.44 87.51
C ILE E 347 22.81 -35.92 87.34
N ILE E 369 6.02 -34.59 75.41
CA ILE E 369 6.59 -33.72 76.44
C ILE E 369 8.06 -34.07 76.69
N ALA E 370 8.41 -35.33 76.41
CA ALA E 370 9.78 -35.81 76.62
C ALA E 370 9.97 -37.10 75.83
N SER E 371 11.23 -37.53 75.74
CA SER E 371 11.53 -38.73 74.97
C SER E 371 11.36 -39.99 75.82
N PRO E 372 10.81 -41.05 75.24
CA PRO E 372 10.64 -42.30 75.98
C PRO E 372 11.93 -43.10 75.99
N ILE E 373 11.98 -44.13 76.85
CA ILE E 373 13.12 -45.03 76.90
C ILE E 373 12.72 -46.32 76.19
N ILE E 374 13.66 -46.91 75.45
CA ILE E 374 13.36 -48.03 74.58
C ILE E 374 14.07 -49.26 75.11
N TRP E 375 13.45 -50.41 74.92
CA TRP E 375 14.01 -51.68 75.32
C TRP E 375 14.02 -52.63 74.14
N ASN E 376 14.81 -53.69 74.27
CA ASN E 376 15.06 -54.63 73.19
C ASN E 376 15.22 -56.02 73.79
N TYR E 377 14.62 -57.03 73.16
CA TYR E 377 14.84 -58.40 73.56
C TYR E 377 15.26 -59.20 72.34
N GLU E 378 16.47 -59.72 72.37
CA GLU E 378 17.05 -60.40 71.22
C GLU E 378 16.91 -61.91 71.39
N ILE E 379 16.20 -62.55 70.47
CA ILE E 379 15.92 -63.97 70.53
C ILE E 379 16.84 -64.73 69.59
N HIS E 380 18.05 -64.99 70.03
CA HIS E 380 18.87 -65.93 69.30
C HIS E 380 18.16 -67.28 69.24
N PRO E 381 18.11 -67.93 68.07
CA PRO E 381 17.23 -69.09 67.94
C PRO E 381 17.65 -70.28 68.79
N GLY E 382 18.94 -70.61 68.81
CA GLY E 382 19.35 -71.78 69.58
C GLY E 382 19.08 -71.65 71.07
N SER E 383 19.28 -70.46 71.64
CA SER E 383 19.29 -70.27 73.07
C SER E 383 17.91 -70.41 73.67
N ARG E 384 17.86 -70.41 75.02
CA ARG E 384 16.62 -70.55 75.77
C ARG E 384 16.14 -69.26 76.41
N PHE E 385 16.99 -68.26 76.57
CA PHE E 385 16.53 -66.99 77.10
C PHE E 385 16.71 -65.84 76.10
N PRO E 386 15.96 -64.75 76.29
CA PRO E 386 16.25 -63.52 75.54
C PRO E 386 17.40 -62.77 76.18
N VAL E 387 18.11 -62.02 75.36
CA VAL E 387 19.16 -61.11 75.80
C VAL E 387 18.61 -59.69 75.71
N PRO E 388 18.63 -58.91 76.78
CA PRO E 388 18.05 -57.57 76.75
C PRO E 388 19.02 -56.51 76.21
N LYS E 389 18.47 -55.31 76.01
CA LYS E 389 19.20 -54.15 75.53
C LYS E 389 18.33 -52.92 75.73
N PHE E 390 18.87 -51.85 76.31
CA PHE E 390 18.08 -50.66 76.50
C PHE E 390 18.68 -49.48 75.75
N TYR E 391 17.84 -48.47 75.53
CA TYR E 391 18.20 -47.28 74.77
C TYR E 391 17.84 -46.08 75.62
N LEU E 392 18.82 -45.20 75.86
CA LEU E 392 18.67 -44.21 76.89
C LEU E 392 18.75 -42.82 76.30
N PRO E 393 17.76 -41.96 76.54
CA PRO E 393 17.73 -40.63 75.92
C PRO E 393 18.89 -39.78 76.35
N VAL E 394 19.57 -39.17 75.36
CA VAL E 394 20.69 -38.26 75.58
C VAL E 394 20.41 -36.87 75.03
N HIS E 395 19.73 -36.77 73.88
CA HIS E 395 19.24 -35.49 73.39
C HIS E 395 18.40 -34.83 74.48
N GLY E 396 18.81 -33.64 74.88
CA GLY E 396 18.29 -32.99 76.07
C GLY E 396 19.31 -32.94 77.20
N GLU E 397 20.34 -33.76 77.14
CA GLU E 397 21.46 -33.73 78.06
C GLU E 397 22.66 -33.10 77.38
N ASN E 398 23.35 -32.22 78.11
CA ASN E 398 24.58 -31.61 77.61
C ASN E 398 25.50 -32.66 76.99
N ASP E 399 25.71 -32.58 75.69
CA ASP E 399 26.48 -33.60 74.99
C ASP E 399 27.91 -33.68 75.50
N LEU E 400 28.39 -32.65 76.20
CA LEU E 400 29.70 -32.74 76.83
C LEU E 400 29.62 -33.51 78.14
N HIS E 401 28.67 -33.14 79.00
CA HIS E 401 28.42 -33.94 80.19
C HIS E 401 28.28 -35.40 79.83
N VAL E 402 27.58 -35.69 78.72
CA VAL E 402 27.38 -37.08 78.30
C VAL E 402 28.70 -37.67 77.83
N ALA E 403 29.50 -36.91 77.08
CA ALA E 403 30.79 -37.42 76.65
C ALA E 403 31.66 -37.71 77.86
N ARG E 404 31.70 -36.79 78.81
CA ARG E 404 32.49 -36.97 80.02
C ARG E 404 32.08 -38.23 80.76
N ALA E 405 30.83 -38.26 81.23
CA ALA E 405 30.35 -39.42 81.96
C ALA E 405 30.52 -40.69 81.14
N LEU E 406 30.29 -40.58 79.84
CA LEU E 406 30.43 -41.75 78.98
C LEU E 406 31.87 -42.26 79.02
N ALA E 407 32.83 -41.34 79.13
CA ALA E 407 34.24 -41.74 79.16
C ALA E 407 34.63 -42.31 80.50
N GLN E 408 34.11 -41.73 81.59
CA GLN E 408 34.34 -42.28 82.92
C GLN E 408 33.97 -43.75 82.98
N PHE E 409 32.80 -44.08 82.44
CA PHE E 409 32.34 -45.45 82.45
C PHE E 409 33.27 -46.38 81.68
N TRP E 410 34.05 -45.87 80.73
CA TRP E 410 34.92 -46.80 80.01
C TRP E 410 36.12 -47.22 80.84
N ASP E 411 36.70 -46.28 81.60
CA ASP E 411 37.78 -46.65 82.52
C ASP E 411 37.30 -47.71 83.51
N SER E 412 36.13 -47.47 84.12
CA SER E 412 35.55 -48.47 85.03
C SER E 412 35.57 -49.86 84.41
N LEU E 413 35.23 -49.96 83.13
CA LEU E 413 35.37 -51.24 82.45
C LEU E 413 36.82 -51.53 82.06
N GLY E 414 37.65 -50.49 81.95
CA GLY E 414 39.04 -50.66 81.57
C GLY E 414 39.30 -50.69 80.08
N TRP E 415 38.70 -49.76 79.33
CA TRP E 415 39.00 -49.63 77.91
C TRP E 415 40.00 -48.50 77.72
N PRO E 416 41.27 -48.79 77.44
CA PRO E 416 42.30 -47.76 77.52
C PRO E 416 42.11 -46.62 76.54
N GLU E 417 42.06 -46.98 75.25
CA GLU E 417 42.06 -45.95 74.21
C GLU E 417 40.64 -45.38 74.02
N HIS E 418 39.58 -46.19 74.29
CA HIS E 418 38.25 -45.70 73.95
C HIS E 418 37.85 -44.58 74.85
N ALA E 419 38.25 -44.65 76.13
CA ALA E 419 37.82 -43.62 77.07
C ALA E 419 38.68 -42.38 77.00
N CYS E 420 39.97 -42.51 76.66
CA CYS E 420 40.86 -41.36 76.64
C CYS E 420 40.54 -40.46 75.46
N ALA E 421 40.32 -41.04 74.28
CA ALA E 421 40.16 -40.29 73.06
C ALA E 421 38.71 -40.18 72.65
N TYR E 422 37.76 -40.37 73.58
CA TYR E 422 36.38 -40.25 73.14
C TYR E 422 35.98 -38.80 72.85
N PRO E 423 35.93 -37.95 73.86
CA PRO E 423 35.44 -36.59 73.63
C PRO E 423 36.22 -35.84 72.55
N ASP E 424 37.51 -36.15 72.35
CA ASP E 424 38.19 -35.62 71.17
C ASP E 424 37.60 -36.18 69.89
N THR E 425 37.15 -37.43 69.92
CA THR E 425 36.50 -38.02 68.77
C THR E 425 35.12 -37.42 68.52
N LEU E 426 34.49 -36.87 69.55
CA LEU E 426 33.16 -36.28 69.38
C LEU E 426 33.24 -34.92 68.69
N GLN E 427 34.19 -34.06 69.11
CA GLN E 427 34.34 -32.74 68.49
C GLN E 427 34.84 -32.85 67.05
N GLN E 428 35.68 -33.84 66.77
CA GLN E 428 36.19 -34.01 65.42
C GLN E 428 35.09 -34.45 64.44
N LEU E 429 33.98 -34.98 64.94
CA LEU E 429 32.81 -35.26 64.12
C LEU E 429 31.95 -34.03 63.91
N TYR E 430 32.02 -33.05 64.81
CA TYR E 430 31.16 -31.87 64.75
C TYR E 430 32.01 -30.62 64.95
N PRO E 431 33.01 -30.40 64.11
CA PRO E 431 33.85 -29.22 64.29
C PRO E 431 33.09 -27.91 64.17
N ASP E 432 32.00 -27.87 63.40
CA ASP E 432 31.21 -26.65 63.29
C ASP E 432 30.57 -26.29 64.63
N GLN E 433 30.18 -27.28 65.42
CA GLN E 433 29.50 -27.07 66.69
C GLN E 433 30.49 -27.04 67.85
N ASP E 434 30.04 -26.48 68.97
CA ASP E 434 30.82 -26.41 70.21
C ASP E 434 30.12 -27.24 71.28
N ILE E 435 30.73 -28.36 71.65
CA ILE E 435 30.11 -29.29 72.57
C ILE E 435 29.74 -28.65 73.90
N SER E 436 30.45 -27.59 74.29
CA SER E 436 30.14 -26.93 75.56
C SER E 436 28.67 -26.57 75.68
N GLN E 437 28.02 -26.22 74.57
CA GLN E 437 26.65 -25.72 74.59
C GLN E 437 25.68 -26.61 73.81
N THR E 438 26.15 -27.72 73.27
CA THR E 438 25.33 -28.54 72.40
C THR E 438 24.53 -29.57 73.20
N THR E 439 23.34 -29.90 72.71
CA THR E 439 22.46 -30.84 73.39
C THR E 439 21.96 -31.96 72.49
N ARG E 440 21.61 -31.67 71.24
CA ARG E 440 21.01 -32.66 70.37
C ARG E 440 22.05 -33.51 69.65
N LEU E 441 23.35 -33.24 69.83
CA LEU E 441 24.37 -33.93 69.04
C LEU E 441 24.38 -35.44 69.23
N GLN E 442 23.91 -35.90 70.41
CA GLN E 442 23.86 -37.30 70.63
C GLN E 442 22.53 -37.64 71.41
N SER E 443 21.89 -38.65 70.85
CA SER E 443 20.46 -38.82 71.05
C SER E 443 20.12 -40.09 71.80
N TRP E 444 20.83 -41.21 71.60
CA TRP E 444 20.51 -42.45 72.29
C TRP E 444 21.81 -43.15 72.67
N ILE E 445 21.74 -43.98 73.71
CA ILE E 445 22.80 -44.90 74.09
C ILE E 445 22.21 -46.29 74.34
N SER E 446 22.82 -47.32 73.76
CA SER E 446 22.35 -48.69 73.88
C SER E 446 23.26 -49.49 74.79
N TYR E 447 22.66 -50.40 75.55
CA TYR E 447 23.39 -51.22 76.51
C TYR E 447 22.97 -52.68 76.36
N SER E 448 23.97 -53.54 76.15
CA SER E 448 23.79 -54.97 76.12
C SER E 448 24.94 -55.57 76.91
N TYR E 449 24.73 -56.77 77.44
CA TYR E 449 25.80 -57.46 78.14
C TYR E 449 25.80 -58.94 77.77
N THR E 450 26.98 -59.50 77.59
CA THR E 450 27.17 -60.93 77.37
C THR E 450 28.36 -61.41 78.19
N ALA E 451 28.34 -62.68 78.55
CA ALA E 451 29.54 -63.26 79.13
C ALA E 451 30.68 -63.23 78.14
N LYS E 452 30.42 -63.66 76.91
CA LYS E 452 31.47 -63.73 75.90
C LYS E 452 31.92 -62.33 75.46
N ARG E 453 31.01 -61.55 74.87
CA ARG E 453 31.38 -60.25 74.31
C ARG E 453 31.82 -59.27 75.37
N GLY E 454 31.09 -59.22 76.47
CA GLY E 454 31.32 -58.18 77.45
C GLY E 454 30.24 -57.15 77.37
N VAL E 455 30.59 -55.89 77.16
CA VAL E 455 29.61 -54.82 77.19
C VAL E 455 29.43 -54.31 75.76
N TYR E 456 28.32 -54.66 75.14
CA TYR E 456 27.86 -53.96 73.95
C TYR E 456 27.42 -52.56 74.33
N MET E 457 27.71 -51.60 73.46
CA MET E 457 27.21 -50.26 73.73
C MET E 457 27.38 -49.36 72.50
N SER E 458 26.33 -48.67 72.10
CA SER E 458 26.33 -47.92 70.85
C SER E 458 25.72 -46.54 71.05
N VAL E 459 26.18 -45.57 70.30
CA VAL E 459 25.72 -44.20 70.45
C VAL E 459 25.11 -43.71 69.14
N TYR E 460 24.00 -43.00 69.24
CA TYR E 460 23.19 -42.58 68.11
C TYR E 460 23.27 -41.07 68.04
N TYR E 461 23.64 -40.56 66.86
CA TYR E 461 24.07 -39.18 66.72
C TYR E 461 23.11 -38.38 65.85
N HIS E 462 23.24 -37.06 65.96
CA HIS E 462 22.62 -36.13 65.04
C HIS E 462 23.24 -36.33 63.68
N SER E 463 22.46 -36.84 62.73
CA SER E 463 22.99 -37.44 61.52
C SER E 463 22.82 -36.57 60.27
N GLN E 464 22.66 -35.27 60.44
CA GLN E 464 22.72 -34.31 59.34
C GLN E 464 23.60 -33.14 59.76
N SER E 465 23.90 -32.26 58.80
CA SER E 465 24.88 -31.21 58.99
C SER E 465 24.28 -29.84 59.26
N THR E 466 22.98 -29.74 59.47
CA THR E 466 22.36 -28.47 59.82
C THR E 466 21.61 -28.64 61.14
N TYR E 467 21.99 -27.84 62.12
CA TYR E 467 21.55 -28.01 63.50
C TYR E 467 20.79 -26.77 63.96
N LEU E 468 19.61 -26.98 64.54
CA LEU E 468 18.71 -25.88 64.85
C LEU E 468 18.93 -25.39 66.27
N PRO F 52 51.38 56.90 71.98
CA PRO F 52 49.97 56.58 71.70
C PRO F 52 49.66 55.08 71.74
N SER F 53 48.36 54.73 71.81
CA SER F 53 47.95 53.34 71.85
C SER F 53 47.99 52.72 70.44
N PRO F 54 48.29 51.43 70.35
CA PRO F 54 48.80 50.88 69.09
C PRO F 54 47.77 50.36 68.09
N ALA F 55 46.88 49.47 68.53
CA ALA F 55 46.14 48.60 67.62
C ALA F 55 45.27 49.35 66.61
N GLN F 56 44.89 50.60 66.87
CA GLN F 56 44.07 51.36 65.94
C GLN F 56 44.85 51.86 64.72
N ALA F 57 46.06 51.35 64.50
CA ALA F 57 46.80 51.64 63.28
C ALA F 57 46.14 51.01 62.07
N LEU F 58 45.37 49.94 62.27
CA LEU F 58 44.67 49.27 61.16
C LEU F 58 43.76 50.22 60.42
N ALA F 59 43.05 51.09 61.16
CA ALA F 59 42.07 51.96 60.55
C ALA F 59 42.66 52.85 59.46
N SER F 60 43.98 53.10 59.48
CA SER F 60 44.57 54.04 58.53
C SER F 60 44.21 53.68 57.11
N TYR F 61 44.33 52.40 56.75
CA TYR F 61 44.07 51.95 55.39
C TYR F 61 42.76 51.16 55.31
N HIS F 62 41.80 51.62 56.08
CA HIS F 62 40.43 51.13 55.98
C HIS F 62 39.48 52.31 55.91
N HIS F 63 38.45 52.18 55.07
CA HIS F 63 37.41 53.18 54.91
C HIS F 63 36.08 52.61 55.38
N PHE F 64 35.49 53.23 56.40
CA PHE F 64 34.24 52.71 56.92
C PHE F 64 33.08 53.06 55.98
N PRO F 65 32.32 52.07 55.54
CA PRO F 65 31.33 52.33 54.49
C PRO F 65 30.33 53.40 54.83
N THR F 66 29.67 53.33 55.98
CA THR F 66 28.59 54.25 56.31
C THR F 66 29.03 55.30 57.32
N ASN F 67 28.32 56.43 57.34
CA ASN F 67 28.62 57.42 58.36
C ASN F 67 28.31 56.87 59.74
N ASP F 68 27.25 56.07 59.86
CA ASP F 68 26.98 55.47 61.15
C ASP F 68 28.22 54.77 61.69
N GLN F 69 28.85 53.93 60.87
CA GLN F 69 30.02 53.19 61.33
C GLN F 69 31.15 54.13 61.72
N GLU F 70 31.45 55.11 60.88
CA GLU F 70 32.55 56.02 61.19
C GLU F 70 32.38 56.64 62.57
N ARG F 71 31.16 57.08 62.91
CA ARG F 71 30.96 57.77 64.17
C ARG F 71 31.14 56.82 65.35
N TRP F 72 30.70 55.55 65.21
CA TRP F 72 30.95 54.57 66.27
C TRP F 72 32.43 54.31 66.45
N TRP F 73 33.17 54.15 65.34
CA TRP F 73 34.61 54.02 65.46
C TRP F 73 35.20 55.17 66.26
N GLU F 74 34.82 56.40 65.92
CA GLU F 74 35.36 57.55 66.61
C GLU F 74 34.94 57.56 68.08
N GLU F 75 33.81 56.94 68.40
CA GLU F 75 33.28 56.96 69.75
C GLU F 75 33.91 55.87 70.61
N THR F 76 34.17 54.68 70.02
CA THR F 76 34.67 53.54 70.76
C THR F 76 35.97 52.96 70.21
N GLY F 77 36.46 53.44 69.07
CA GLY F 77 37.62 52.82 68.46
C GLY F 77 38.85 52.87 69.35
N SER F 78 39.24 54.07 69.78
CA SER F 78 40.40 54.22 70.64
C SER F 78 40.21 53.46 71.95
N LEU F 79 39.04 53.57 72.55
CA LEU F 79 38.81 52.96 73.85
C LEU F 79 39.03 51.45 73.80
N PHE F 80 38.54 50.79 72.77
CA PHE F 80 38.76 49.35 72.65
C PHE F 80 40.25 49.03 72.49
N SER F 81 40.98 49.84 71.74
CA SER F 81 42.42 49.63 71.60
C SER F 81 43.11 49.69 72.96
N ARG F 82 42.65 50.58 73.84
CA ARG F 82 43.30 50.69 75.14
C ARG F 82 43.04 49.46 76.00
N PHE F 83 41.82 48.93 76.00
CA PHE F 83 41.56 47.74 76.80
C PHE F 83 42.36 46.55 76.30
N LEU F 84 42.52 46.44 74.99
CA LEU F 84 43.42 45.42 74.45
C LEU F 84 44.81 45.59 75.04
N GLU F 85 45.27 46.84 75.11
CA GLU F 85 46.56 47.13 75.72
C GLU F 85 46.54 46.77 77.20
N ALA F 86 45.53 47.28 77.92
CA ALA F 86 45.39 47.00 79.35
C ALA F 86 45.20 45.52 79.63
N GLY F 87 44.82 44.71 78.64
CA GLY F 87 44.69 43.29 78.81
C GLY F 87 45.97 42.52 78.62
N GLN F 88 47.07 43.20 78.25
CA GLN F 88 48.38 42.57 78.09
C GLN F 88 48.34 41.46 77.05
N TYR F 89 47.66 41.71 75.94
CA TYR F 89 47.58 40.74 74.86
C TYR F 89 48.78 40.85 73.94
N GLY F 90 49.18 39.72 73.37
CA GLY F 90 50.26 39.75 72.40
C GLY F 90 49.93 40.69 71.25
N LEU F 91 50.95 41.41 70.78
CA LEU F 91 50.70 42.38 69.72
C LEU F 91 50.01 41.75 68.51
N PRO F 92 50.39 40.56 68.06
CA PRO F 92 49.60 39.91 66.99
C PRO F 92 48.16 39.73 67.38
N GLN F 93 47.88 39.33 68.61
CA GLN F 93 46.50 39.11 69.04
C GLN F 93 45.72 40.41 69.08
N GLN F 94 46.36 41.50 69.50
CA GLN F 94 45.67 42.79 69.54
C GLN F 94 45.09 43.13 68.19
N TYR F 95 45.92 43.14 67.15
CA TYR F 95 45.43 43.39 65.80
C TYR F 95 44.40 42.35 65.36
N GLN F 96 44.58 41.11 65.81
CA GLN F 96 43.69 40.03 65.43
C GLN F 96 42.28 40.27 65.97
N PHE F 97 42.18 40.67 67.24
CA PHE F 97 40.86 41.00 67.78
C PHE F 97 40.40 42.37 67.30
N MET F 98 41.31 43.33 67.18
CA MET F 98 40.97 44.62 66.61
C MET F 98 40.35 44.47 65.22
N PHE F 99 40.93 43.61 64.40
CA PHE F 99 40.33 43.30 63.11
C PHE F 99 38.89 42.84 63.29
N PHE F 100 38.67 41.86 64.17
CA PHE F 100 37.33 41.36 64.43
C PHE F 100 36.39 42.47 64.87
N PHE F 101 36.83 43.31 65.79
CA PHE F 101 35.98 44.39 66.28
C PHE F 101 35.49 45.26 65.14
N MET F 102 36.36 45.63 64.21
CA MET F 102 36.01 46.54 63.12
C MET F 102 35.01 45.94 62.17
N HIS F 103 35.21 44.68 61.79
CA HIS F 103 34.41 44.04 60.76
C HIS F 103 33.05 43.57 61.26
N HIS F 104 32.96 43.12 62.50
CA HIS F 104 31.75 42.49 62.95
C HIS F 104 31.00 43.26 64.04
N LEU F 105 31.67 44.12 64.79
CA LEU F 105 30.97 44.77 65.87
C LEU F 105 30.56 46.19 65.51
N ILE F 106 31.38 46.89 64.74
CA ILE F 106 31.06 48.26 64.36
C ILE F 106 29.83 48.29 63.46
N PRO F 107 29.76 47.42 62.46
CA PRO F 107 28.51 47.33 61.69
C PRO F 107 27.29 47.08 62.56
N ALA F 108 27.41 46.24 63.59
CA ALA F 108 26.25 45.85 64.38
C ALA F 108 25.78 46.92 65.37
N LEU F 109 26.50 48.01 65.58
CA LEU F 109 26.04 48.98 66.55
C LEU F 109 24.87 49.80 66.05
N GLY F 110 24.69 49.92 64.74
CA GLY F 110 23.57 50.63 64.20
C GLY F 110 23.80 52.12 64.10
N PRO F 111 22.72 52.90 64.03
CA PRO F 111 22.86 54.36 63.87
C PRO F 111 23.67 54.96 65.01
N TYR F 112 24.61 55.83 64.65
CA TYR F 112 25.45 56.44 65.69
C TYR F 112 24.64 57.24 66.68
N PRO F 113 23.91 58.26 66.29
CA PRO F 113 22.93 58.80 67.21
C PRO F 113 21.90 57.70 67.48
N GLN F 114 22.15 56.90 68.53
CA GLN F 114 21.43 55.64 68.69
C GLN F 114 19.99 55.90 69.06
N LYS F 115 19.08 55.20 68.37
CA LYS F 115 17.65 55.36 68.57
C LYS F 115 17.09 54.36 69.59
N TRP F 116 17.87 53.35 69.94
CA TRP F 116 17.46 52.19 70.70
C TRP F 116 18.23 52.13 72.02
N ARG F 117 17.51 51.87 73.12
CA ARG F 117 18.18 51.55 74.38
C ARG F 117 18.35 50.04 74.49
N SER F 118 19.58 49.60 74.75
CA SER F 118 19.86 48.20 75.02
C SER F 118 19.77 47.90 76.51
N THR F 119 19.21 46.73 76.83
CA THR F 119 19.02 46.33 78.22
C THR F 119 20.34 46.14 78.96
N ILE F 120 21.40 45.79 78.23
CA ILE F 120 22.64 45.34 78.88
C ILE F 120 23.37 46.48 79.59
N SER F 121 23.26 47.70 79.09
CA SER F 121 24.05 48.77 79.67
C SER F 121 23.19 49.66 80.58
N ARG F 122 23.82 50.16 81.64
CA ARG F 122 23.13 51.12 82.50
C ARG F 122 22.67 52.34 81.69
N SER F 123 23.56 52.90 80.88
CA SER F 123 23.22 54.02 80.02
C SER F 123 22.35 53.60 78.85
N GLY F 124 22.42 52.32 78.46
CA GLY F 124 21.63 51.81 77.37
C GLY F 124 22.37 51.57 76.09
N LEU F 125 23.65 51.91 76.02
CA LEU F 125 24.22 51.72 74.70
C LEU F 125 24.59 50.26 74.52
N PRO F 126 24.54 49.76 73.29
CA PRO F 126 24.55 48.31 73.06
C PRO F 126 25.86 47.58 73.35
N ILE F 127 26.84 48.25 73.95
CA ILE F 127 28.15 47.64 74.16
C ILE F 127 28.68 48.03 75.54
N GLU F 128 29.40 47.11 76.18
CA GLU F 128 30.22 47.48 77.33
C GLU F 128 31.39 46.51 77.47
N PHE F 129 32.51 47.05 77.95
CA PHE F 129 33.78 46.33 78.04
C PHE F 129 34.08 45.88 79.47
N SER F 130 34.69 44.69 79.60
CA SER F 130 34.97 44.05 80.88
C SER F 130 36.43 43.65 80.98
N LEU F 131 36.97 43.74 82.19
CA LEU F 131 38.27 43.15 82.52
C LEU F 131 38.11 42.15 83.65
N ASN F 132 38.55 40.91 83.42
CA ASN F 132 38.49 39.85 84.42
C ASN F 132 39.89 39.62 85.00
N PHE F 133 40.02 39.81 86.31
CA PHE F 133 41.30 39.65 86.98
C PHE F 133 41.40 38.29 87.66
N GLN F 134 42.56 37.65 87.54
CA GLN F 134 42.82 36.31 88.03
C GLN F 134 44.00 36.33 88.98
N LYS F 135 44.30 35.16 89.54
CA LYS F 135 45.39 34.99 90.48
C LYS F 135 46.71 34.89 89.73
N GLY F 136 47.38 36.00 89.56
CA GLY F 136 48.71 36.04 89.05
C GLY F 136 48.87 35.98 87.56
N SER F 137 47.96 35.23 86.97
CA SER F 137 48.10 34.89 85.59
C SER F 137 48.13 36.13 84.72
N HIS F 138 47.12 37.00 84.87
CA HIS F 138 46.97 38.21 84.09
C HIS F 138 45.50 38.64 84.09
N ARG F 139 45.10 39.40 83.08
CA ARG F 139 43.74 39.89 82.94
C ARG F 139 43.23 39.58 81.54
N LEU F 140 41.91 39.48 81.40
CA LEU F 140 41.25 39.18 80.13
C LEU F 140 40.23 40.26 79.81
N LEU F 141 39.94 40.43 78.52
CA LEU F 141 38.97 41.42 78.04
C LEU F 141 37.67 40.74 77.61
N ARG F 142 36.55 41.39 77.96
CA ARG F 142 35.19 40.91 77.72
C ARG F 142 34.37 41.99 77.04
N ILE F 143 33.53 41.60 76.09
CA ILE F 143 32.62 42.55 75.44
C ILE F 143 31.20 42.01 75.51
N GLY F 144 30.28 42.84 75.99
CA GLY F 144 28.86 42.54 75.92
C GLY F 144 28.20 43.33 74.81
N PHE F 145 27.49 42.61 73.94
CA PHE F 145 27.03 43.18 72.68
C PHE F 145 25.55 42.91 72.49
N GLU F 146 24.81 43.92 72.03
CA GLU F 146 23.47 43.72 71.47
C GLU F 146 23.43 44.35 70.09
N PRO F 147 23.37 43.54 69.05
CA PRO F 147 23.32 44.08 67.68
C PRO F 147 22.14 45.00 67.51
N VAL F 148 22.33 46.03 66.69
CA VAL F 148 21.31 47.05 66.45
C VAL F 148 21.32 47.43 64.97
N SER F 149 20.16 47.87 64.48
CA SER F 149 20.05 48.46 63.15
C SER F 149 19.03 49.59 63.20
N PHE F 150 18.88 50.30 62.08
CA PHE F 150 17.87 51.35 62.03
C PHE F 150 16.46 50.79 62.17
N LEU F 151 16.26 49.51 61.86
CA LEU F 151 14.97 48.88 62.07
C LEU F 151 14.64 48.61 63.54
N SER F 152 15.66 48.52 64.41
CA SER F 152 15.41 48.15 65.81
C SER F 152 14.47 49.15 66.49
N GLY F 153 13.40 48.63 67.06
CA GLY F 153 12.40 49.43 67.72
C GLY F 153 11.32 49.98 66.82
N SER F 154 11.35 49.65 65.52
CA SER F 154 10.40 50.20 64.57
C SER F 154 9.27 49.21 64.35
N SER F 155 8.36 49.57 63.45
CA SER F 155 7.23 48.70 63.13
C SER F 155 7.71 47.35 62.58
N GLN F 156 8.77 47.35 61.79
CA GLN F 156 9.16 46.09 61.17
C GLN F 156 9.80 45.15 62.17
N ASP F 157 10.41 45.68 63.23
CA ASP F 157 11.00 44.87 64.28
C ASP F 157 11.02 45.66 65.58
N PRO F 158 9.93 45.66 66.32
CA PRO F 158 9.87 46.52 67.51
C PRO F 158 10.70 46.01 68.67
N PHE F 159 11.05 44.71 68.68
CA PHE F 159 11.79 44.13 69.79
C PHE F 159 13.10 43.52 69.37
N ASN F 160 13.67 43.97 68.26
CA ASN F 160 15.09 43.81 67.96
C ASN F 160 15.51 42.34 67.91
N ARG F 161 14.73 41.52 67.20
CA ARG F 161 15.15 40.16 66.94
C ARG F 161 16.01 40.03 65.69
N ILE F 162 15.87 40.95 64.73
CA ILE F 162 16.47 40.76 63.40
C ILE F 162 17.98 40.83 63.55
N PRO F 163 18.52 41.89 64.15
CA PRO F 163 19.98 41.98 64.27
C PRO F 163 20.60 40.78 64.99
N ILE F 164 19.87 40.21 65.96
CA ILE F 164 20.39 39.05 66.67
C ILE F 164 20.70 37.93 65.69
N THR F 165 19.73 37.60 64.83
CA THR F 165 19.89 36.49 63.90
C THR F 165 20.89 36.78 62.79
N ASP F 166 20.99 38.04 62.36
CA ASP F 166 22.01 38.42 61.38
C ASP F 166 23.41 38.20 61.92
N LEU F 167 23.73 38.82 63.05
CA LEU F 167 25.06 38.67 63.63
C LEU F 167 25.37 37.21 63.92
N LEU F 168 24.37 36.44 64.31
CA LEU F 168 24.62 35.04 64.59
C LEU F 168 25.07 34.28 63.34
N ASN F 169 24.73 34.79 62.15
CA ASN F 169 25.18 34.14 60.93
C ASN F 169 26.59 34.57 60.54
N ARG F 170 26.91 35.84 60.77
CA ARG F 170 28.30 36.25 60.60
C ARG F 170 29.22 35.31 61.37
N LEU F 171 28.86 35.04 62.63
CA LEU F 171 29.71 34.24 63.49
C LEU F 171 29.83 32.81 62.98
N SER F 172 28.73 32.25 62.50
CA SER F 172 28.80 30.91 61.93
C SER F 172 29.62 30.87 60.66
N LYS F 173 29.67 31.98 59.90
CA LYS F 173 30.50 32.02 58.68
C LYS F 173 31.99 32.04 59.01
N LEU F 174 32.38 32.78 60.04
CA LEU F 174 33.75 32.77 60.53
C LEU F 174 34.12 31.40 61.06
N GLN F 175 35.31 30.95 60.71
CA GLN F 175 35.80 29.64 61.16
C GLN F 175 36.31 29.79 62.60
N LEU F 176 35.43 29.51 63.54
CA LEU F 176 35.69 29.65 64.97
C LEU F 176 35.72 28.27 65.62
N SER F 177 36.69 28.09 66.53
CA SER F 177 36.87 26.80 67.18
C SER F 177 35.74 26.54 68.16
N ASN F 178 35.15 25.34 68.07
CA ASN F 178 34.19 24.85 69.04
C ASN F 178 32.98 25.78 69.13
N PHE F 179 32.35 26.03 67.98
CA PHE F 179 31.25 26.98 67.91
C PHE F 179 30.01 26.22 67.45
N ASP F 180 29.10 25.92 68.38
CA ASP F 180 27.81 25.33 68.07
C ASP F 180 26.70 26.23 68.59
N THR F 181 25.61 26.30 67.82
CA THR F 181 24.51 27.18 68.16
C THR F 181 23.26 26.45 68.68
N PRO F 182 23.19 25.12 68.58
CA PRO F 182 21.89 24.48 68.85
C PRO F 182 21.32 24.86 70.19
N PHE F 183 22.14 24.85 71.24
CA PHE F 183 21.63 25.13 72.57
C PHE F 183 21.02 26.53 72.61
N PHE F 184 21.70 27.50 72.01
CA PHE F 184 21.19 28.87 71.98
C PHE F 184 19.98 28.99 71.08
N GLN F 185 20.03 28.35 69.91
CA GLN F 185 18.83 28.33 69.07
C GLN F 185 17.62 27.84 69.86
N HIS F 186 17.82 26.80 70.67
CA HIS F 186 16.73 26.25 71.47
C HIS F 186 16.10 27.32 72.36
N LEU F 187 16.92 28.10 73.07
CA LEU F 187 16.35 29.10 73.94
C LEU F 187 15.62 30.19 73.16
N LEU F 188 16.16 30.64 72.03
CA LEU F 188 15.44 31.60 71.19
C LEU F 188 14.07 31.08 70.79
N SER F 189 14.02 29.87 70.20
CA SER F 189 12.74 29.31 69.80
C SER F 189 11.77 29.35 70.97
N LYS F 190 12.24 28.99 72.16
CA LYS F 190 11.41 29.01 73.36
C LYS F 190 10.93 30.39 73.74
N PHE F 191 11.44 31.46 73.11
CA PHE F 191 11.05 32.79 73.55
C PHE F 191 10.71 33.72 72.38
N GLN F 192 10.20 33.17 71.26
CA GLN F 192 9.76 34.03 70.17
C GLN F 192 8.33 34.51 70.41
N LEU F 193 7.79 35.32 69.50
CA LEU F 193 6.55 36.02 69.83
C LEU F 193 5.45 35.94 68.77
N SER F 194 5.67 36.51 67.59
CA SER F 194 4.70 36.43 66.49
C SER F 194 3.47 37.31 66.74
N LEU F 195 2.31 36.68 66.90
CA LEU F 195 1.13 37.45 67.25
C LEU F 195 1.30 38.15 68.60
N SER F 196 2.16 37.62 69.46
CA SER F 196 2.39 38.25 70.76
C SER F 196 2.92 39.67 70.59
N GLU F 197 3.76 39.90 69.57
CA GLU F 197 4.19 41.25 69.26
C GLU F 197 3.01 42.22 69.25
N VAL F 198 1.91 41.82 68.60
CA VAL F 198 0.78 42.74 68.45
C VAL F 198 0.22 43.09 69.83
N ARG F 199 0.03 42.07 70.68
CA ARG F 199 -0.34 42.31 72.07
C ARG F 199 0.69 43.21 72.76
N GLN F 200 1.96 42.87 72.59
CA GLN F 200 3.00 43.59 73.32
C GLN F 200 3.01 45.07 72.95
N LEU F 201 2.98 45.38 71.66
CA LEU F 201 3.01 46.78 71.22
C LEU F 201 2.05 47.66 72.02
N GLN F 202 0.87 47.15 72.36
CA GLN F 202 -0.01 47.90 73.25
C GLN F 202 0.51 47.88 74.69
N PRO F 212 9.71 50.60 79.30
CA PRO F 212 10.56 49.65 80.05
C PRO F 212 11.76 49.16 79.24
N LEU F 213 12.06 47.86 79.33
CA LEU F 213 13.21 47.26 78.68
C LEU F 213 12.74 46.31 77.59
N LYS F 214 13.25 46.49 76.36
CA LYS F 214 12.64 45.83 75.21
C LYS F 214 13.45 44.70 74.57
N SER F 215 14.76 44.63 74.79
CA SER F 215 15.57 43.69 74.03
C SER F 215 15.26 42.25 74.42
N GLN F 216 15.43 41.32 73.48
CA GLN F 216 15.15 39.92 73.75
C GLN F 216 16.39 39.05 73.84
N ALA F 217 17.54 39.52 73.39
CA ALA F 217 18.73 38.69 73.42
C ALA F 217 19.96 39.59 73.41
N ALA F 218 21.11 38.98 73.70
CA ALA F 218 22.35 39.73 73.70
C ALA F 218 23.49 38.75 73.51
N PHE F 219 24.68 39.31 73.30
CA PHE F 219 25.88 38.57 73.02
C PHE F 219 26.99 38.96 73.98
N GLY F 220 27.94 38.05 74.12
CA GLY F 220 29.12 38.32 74.90
C GLY F 220 30.32 37.71 74.24
N PHE F 221 31.47 38.37 74.34
CA PHE F 221 32.70 37.93 73.70
C PHE F 221 33.84 37.93 74.71
N ASP F 222 34.45 36.76 74.89
CA ASP F 222 35.64 36.60 75.72
C ASP F 222 36.83 36.37 74.81
N PHE F 223 37.83 37.23 74.92
CA PHE F 223 39.06 37.13 74.14
C PHE F 223 40.12 36.52 75.05
N ASN F 224 40.39 35.23 74.91
CA ASN F 224 41.36 34.63 75.81
C ASN F 224 42.77 34.99 75.31
N PRO F 225 43.81 34.77 76.13
CA PRO F 225 45.14 35.23 75.73
C PRO F 225 45.59 34.64 74.41
N ASP F 226 45.28 33.37 74.18
CA ASP F 226 45.44 32.82 72.85
C ASP F 226 44.57 33.62 71.87
N GLY F 227 44.98 33.65 70.61
CA GLY F 227 44.19 34.37 69.63
C GLY F 227 42.87 33.69 69.33
N ALA F 228 42.03 33.49 70.35
CA ALA F 228 40.76 32.80 70.18
C ALA F 228 39.65 33.56 70.90
N ILE F 229 38.49 33.71 70.22
CA ILE F 229 37.31 34.34 70.79
C ILE F 229 36.31 33.28 71.20
N LEU F 230 35.65 33.49 72.32
CA LEU F 230 34.57 32.63 72.78
C LEU F 230 33.29 33.46 72.89
N VAL F 231 32.19 32.92 72.35
CA VAL F 231 30.96 33.65 72.16
C VAL F 231 29.96 33.26 73.24
N LYS F 232 29.39 34.26 73.91
CA LYS F 232 28.43 34.06 74.96
C LYS F 232 27.12 34.70 74.53
N GLY F 233 26.03 33.98 74.76
CA GLY F 233 24.71 34.45 74.36
C GLY F 233 23.78 34.62 75.55
N TYR F 234 22.87 35.59 75.44
CA TYR F 234 21.92 35.92 76.49
C TYR F 234 20.51 35.79 75.96
N VAL F 235 19.55 35.71 76.87
CA VAL F 235 18.13 35.62 76.54
C VAL F 235 17.34 36.37 77.59
N PHE F 236 16.37 37.15 77.16
CA PHE F 236 15.59 37.97 78.09
C PHE F 236 14.15 37.55 78.07
N PRO F 237 13.72 36.67 78.97
CA PRO F 237 12.39 36.08 78.88
C PRO F 237 11.28 36.97 79.41
N TYR F 238 11.59 38.18 79.87
CA TYR F 238 10.54 39.05 80.38
C TYR F 238 9.49 39.34 79.33
N LEU F 239 9.91 39.54 78.08
CA LEU F 239 8.95 39.81 77.03
C LEU F 239 8.02 38.63 76.83
N LYS F 240 8.58 37.44 76.61
CA LYS F 240 7.77 36.24 76.39
C LYS F 240 6.82 35.99 77.55
N ALA F 241 7.29 36.15 78.78
CA ALA F 241 6.43 35.92 79.94
C ALA F 241 5.31 36.95 80.01
N LYS F 242 5.61 38.21 79.74
CA LYS F 242 4.61 39.27 79.86
C LYS F 242 3.48 39.09 78.85
N ALA F 243 3.82 38.68 77.62
CA ALA F 243 2.78 38.51 76.61
C ALA F 243 1.82 37.39 76.98
N ALA F 244 2.35 36.26 77.44
CA ALA F 244 1.54 35.11 77.84
C ALA F 244 1.01 35.23 79.27
N ASP F 245 1.29 36.33 79.96
CA ASP F 245 0.87 36.51 81.35
C ASP F 245 1.15 35.27 82.19
N VAL F 246 2.38 34.76 82.07
CA VAL F 246 2.81 33.60 82.85
C VAL F 246 4.05 34.03 83.65
N PRO F 247 4.19 33.62 84.91
CA PRO F 247 5.37 34.02 85.68
C PRO F 247 6.67 33.56 85.03
N VAL F 248 7.70 34.40 85.15
CA VAL F 248 8.94 34.17 84.40
C VAL F 248 9.51 32.79 84.71
N GLY F 249 9.63 32.48 86.00
CA GLY F 249 10.26 31.23 86.41
C GLY F 249 9.55 30.01 85.87
N THR F 250 8.22 30.07 85.80
CA THR F 250 7.42 28.94 85.32
C THR F 250 7.82 28.52 83.92
N LEU F 251 8.00 29.50 83.02
CA LEU F 251 8.48 29.17 81.68
C LEU F 251 9.98 29.00 81.64
N ILE F 252 10.73 29.69 82.52
CA ILE F 252 12.17 29.41 82.63
C ILE F 252 12.38 27.96 83.04
N ALA F 253 11.69 27.55 84.11
CA ALA F 253 11.75 26.16 84.55
C ALA F 253 11.35 25.21 83.43
N GLU F 254 10.22 25.50 82.78
CA GLU F 254 9.78 24.64 81.69
C GLU F 254 10.77 24.72 80.54
N ALA F 255 11.39 25.88 80.35
CA ALA F 255 12.44 25.98 79.34
C ALA F 255 13.63 25.10 79.71
N VAL F 256 14.06 25.16 80.96
CA VAL F 256 15.14 24.29 81.41
C VAL F 256 14.70 22.83 81.30
N ARG F 257 13.45 22.55 81.66
CA ARG F 257 12.98 21.18 81.61
C ARG F 257 12.94 20.64 80.18
N THR F 258 12.52 21.48 79.22
CA THR F 258 12.45 21.03 77.83
C THR F 258 13.79 20.56 77.31
N ILE F 259 14.89 21.11 77.86
CA ILE F 259 16.23 20.63 77.52
C ILE F 259 16.63 19.45 78.39
N ASP F 260 15.80 19.07 79.37
CA ASP F 260 16.14 17.99 80.29
C ASP F 260 15.98 16.61 79.64
N VAL F 261 14.86 16.36 78.96
CA VAL F 261 14.80 15.17 78.12
C VAL F 261 15.85 15.26 77.03
N GLU F 262 16.21 16.49 76.63
CA GLU F 262 17.29 16.70 75.66
C GLU F 262 18.64 16.36 76.29
N ARG F 263 18.85 16.76 77.55
CA ARG F 263 19.77 16.10 78.48
C ARG F 263 19.57 16.61 79.90
N ASN F 264 19.21 15.68 80.80
CA ASN F 264 18.79 15.99 82.15
C ASN F 264 19.97 16.15 83.10
N GLN F 265 20.92 17.01 82.74
CA GLN F 265 22.08 17.25 83.58
C GLN F 265 21.97 18.52 84.41
N PHE F 266 21.02 19.38 84.10
CA PHE F 266 20.83 20.63 84.81
C PHE F 266 19.69 20.55 85.82
N THR F 267 18.93 19.45 85.81
CA THR F 267 17.75 19.30 86.66
C THR F 267 18.08 19.54 88.12
N HIS F 268 19.02 18.77 88.65
CA HIS F 268 19.32 18.83 90.08
C HIS F 268 19.67 20.24 90.51
N ALA F 269 20.73 20.81 89.93
CA ALA F 269 21.18 22.13 90.33
C ALA F 269 20.11 23.20 90.11
N PHE F 270 19.41 23.14 88.97
CA PHE F 270 18.43 24.19 88.72
C PHE F 270 17.27 24.10 89.69
N GLY F 271 16.57 22.97 89.70
CA GLY F 271 15.48 22.77 90.66
C GLY F 271 15.88 23.17 92.06
N LEU F 272 17.18 23.06 92.36
CA LEU F 272 17.72 23.52 93.64
C LEU F 272 17.70 25.05 93.72
N ILE F 273 17.89 25.71 92.58
CA ILE F 273 17.81 27.17 92.53
C ILE F 273 16.37 27.62 92.48
N ASN F 274 15.55 26.94 91.67
CA ASN F 274 14.18 27.36 91.50
C ASN F 274 13.44 27.28 92.83
N ASP F 275 13.84 26.33 93.69
CA ASP F 275 13.25 26.25 95.03
C ASP F 275 13.59 27.48 95.84
N TYR F 276 14.86 27.87 95.85
CA TYR F 276 15.21 29.08 96.58
C TYR F 276 14.53 30.32 95.98
N MET F 277 14.46 30.39 94.65
CA MET F 277 13.86 31.54 94.00
C MET F 277 12.38 31.66 94.33
N GLN F 278 11.67 30.53 94.36
CA GLN F 278 10.26 30.54 94.74
C GLN F 278 10.09 30.79 96.22
N GLU F 279 11.03 30.30 97.05
CA GLU F 279 11.02 30.68 98.47
C GLU F 279 11.06 32.19 98.64
N SER F 280 12.05 32.84 98.03
CA SER F 280 12.42 34.21 98.32
C SER F 280 11.78 35.23 97.40
N THR F 281 10.87 34.81 96.53
CA THR F 281 10.31 35.71 95.52
C THR F 281 11.43 36.37 94.74
N GLY F 282 12.47 35.59 94.44
CA GLY F 282 13.62 36.14 93.74
C GLY F 282 13.33 36.43 92.28
N TYR F 283 12.54 35.56 91.64
CA TYR F 283 12.13 35.81 90.27
C TYR F 283 11.40 37.14 90.16
N ASN F 284 11.62 37.81 89.05
CA ASN F 284 11.05 39.13 88.80
C ASN F 284 11.21 39.44 87.33
N GLU F 285 10.80 40.63 86.94
CA GLU F 285 10.99 41.05 85.56
C GLU F 285 12.46 40.98 85.17
N TYR F 286 13.36 41.27 86.12
CA TYR F 286 14.78 41.41 85.80
C TYR F 286 15.50 40.06 85.65
N THR F 287 14.91 38.96 86.10
CA THR F 287 15.57 37.67 85.92
C THR F 287 15.72 37.34 84.44
N PHE F 288 16.90 36.87 84.06
CA PHE F 288 17.14 36.44 82.68
C PHE F 288 18.17 35.31 82.70
N LEU F 289 18.62 34.89 81.52
CA LEU F 289 19.29 33.62 81.37
C LEU F 289 20.50 33.80 80.46
N SER F 290 21.42 32.85 80.52
CA SER F 290 22.68 32.96 79.79
C SER F 290 23.16 31.58 79.36
N CYS F 291 24.13 31.54 78.45
CA CYS F 291 24.73 30.27 78.07
C CYS F 291 25.94 30.53 77.16
N ASP F 292 26.63 29.46 76.79
CA ASP F 292 27.81 29.48 75.94
C ASP F 292 27.51 28.85 74.60
N PHE F 293 28.27 29.25 73.59
CA PHE F 293 28.15 28.71 72.23
C PHE F 293 29.14 27.58 72.01
N VAL F 294 28.79 26.40 72.55
CA VAL F 294 29.63 25.22 72.38
C VAL F 294 28.82 23.97 72.72
N GLU F 295 29.31 22.82 72.25
CA GLU F 295 28.95 21.49 72.75
C GLU F 295 28.30 21.52 74.14
N THR F 296 27.22 20.76 74.31
CA THR F 296 26.47 20.75 75.56
C THR F 296 27.32 20.30 76.74
N SER F 297 28.24 19.35 76.52
CA SER F 297 29.03 18.82 77.62
C SER F 297 29.76 19.94 78.34
N GLU F 298 30.44 20.80 77.58
CA GLU F 298 31.27 21.86 78.14
C GLU F 298 30.51 23.15 78.37
N GLN F 299 29.18 23.12 78.35
CA GLN F 299 28.39 24.34 78.44
C GLN F 299 27.98 24.63 79.87
N ARG F 300 27.93 25.91 80.19
CA ARG F 300 27.66 26.40 81.54
C ARG F 300 26.48 27.35 81.47
N LEU F 301 25.27 26.86 81.77
CA LEU F 301 24.11 27.75 81.71
C LEU F 301 23.99 28.47 83.04
N LYS F 302 23.53 29.72 82.96
CA LYS F 302 23.53 30.63 84.09
C LYS F 302 22.16 31.30 84.20
N ILE F 303 21.68 31.48 85.43
CA ILE F 303 20.45 32.23 85.70
C ILE F 303 20.83 33.50 86.42
N TYR F 304 20.40 34.65 85.89
CA TYR F 304 20.66 35.91 86.56
C TYR F 304 19.35 36.48 87.10
N GLY F 305 19.47 37.37 88.06
CA GLY F 305 18.33 38.06 88.62
C GLY F 305 18.84 39.25 89.42
N ALA F 306 17.91 40.01 89.96
CA ALA F 306 18.28 41.21 90.70
C ALA F 306 17.38 41.39 91.91
N HIS F 307 17.82 42.26 92.84
CA HIS F 307 17.01 42.67 93.98
C HIS F 307 17.16 44.15 94.25
N THR F 308 16.02 44.79 94.49
CA THR F 308 15.96 46.25 94.65
C THR F 308 16.78 46.71 95.85
N GLU F 309 16.46 46.23 97.04
CA GLU F 309 17.20 46.54 98.26
C GLU F 309 17.69 45.24 98.89
N VAL F 310 18.94 45.24 99.32
CA VAL F 310 19.58 44.02 99.80
C VAL F 310 20.54 44.38 100.93
N THR F 311 20.46 43.64 102.02
CA THR F 311 21.35 43.78 103.17
C THR F 311 22.46 42.74 103.09
N TRP F 312 23.43 42.83 104.01
CA TRP F 312 24.42 41.76 104.06
C TRP F 312 23.76 40.41 104.34
N ALA F 313 22.84 40.37 105.29
CA ALA F 313 22.17 39.12 105.60
C ALA F 313 21.48 38.57 104.36
N LYS F 314 20.79 39.44 103.60
CA LYS F 314 20.20 39.01 102.35
C LYS F 314 21.25 38.44 101.41
N ILE F 315 22.42 39.10 101.34
CA ILE F 315 23.51 38.64 100.48
C ILE F 315 23.98 37.26 100.91
N ALA F 316 24.19 37.10 102.21
CA ALA F 316 24.55 35.78 102.71
C ALA F 316 23.45 34.76 102.44
N GLU F 317 22.19 35.17 102.65
CA GLU F 317 21.07 34.29 102.34
C GLU F 317 21.08 33.86 100.90
N MET F 318 21.34 34.79 99.95
CA MET F 318 21.36 34.44 98.54
C MET F 318 22.59 33.63 98.19
N TRP F 319 23.75 34.05 98.68
CA TRP F 319 24.98 33.35 98.32
C TRP F 319 24.90 31.88 98.72
N THR F 320 24.34 31.61 99.89
CA THR F 320 24.10 30.24 100.33
C THR F 320 22.73 29.76 99.91
N LEU F 321 22.06 30.49 99.02
CA LEU F 321 20.82 30.04 98.38
C LEU F 321 19.83 29.59 99.45
N GLY F 322 19.57 30.49 100.38
CA GLY F 322 18.94 30.12 101.62
C GLY F 322 19.94 29.39 102.50
N GLY F 323 19.70 28.12 102.81
CA GLY F 323 20.72 27.31 103.45
C GLY F 323 21.11 26.13 102.61
N ARG F 324 20.67 26.12 101.36
CA ARG F 324 20.77 24.93 100.54
C ARG F 324 22.20 24.36 100.51
N LEU F 325 23.20 25.24 100.43
CA LEU F 325 24.56 24.80 100.11
C LEU F 325 25.57 25.26 101.16
N ILE F 326 25.15 25.35 102.42
CA ILE F 326 26.09 25.51 103.54
C ILE F 326 27.04 24.31 103.64
N GLU F 327 26.60 23.14 103.17
CA GLU F 327 27.42 21.93 103.27
C GLU F 327 28.75 22.11 102.54
N GLU F 328 28.72 22.71 101.36
CA GLU F 328 29.94 22.88 100.58
C GLU F 328 30.91 23.82 101.28
N PRO F 329 32.19 23.44 101.39
CA PRO F 329 33.16 24.35 102.02
C PRO F 329 33.50 25.55 101.18
N GLU F 330 33.55 25.36 99.86
CA GLU F 330 33.85 26.45 98.93
C GLU F 330 33.03 27.71 99.21
N ILE F 331 31.70 27.56 99.24
CA ILE F 331 30.82 28.71 99.41
C ILE F 331 31.18 29.48 100.66
N ILE F 332 31.38 28.76 101.78
CA ILE F 332 31.70 29.44 103.04
C ILE F 332 32.98 30.24 102.87
N ALA F 333 33.98 29.64 102.25
CA ALA F 333 35.21 30.38 101.97
C ALA F 333 34.92 31.59 101.08
N GLY F 334 34.26 31.34 99.94
CA GLY F 334 33.93 32.43 99.05
C GLY F 334 33.17 33.54 99.73
N LEU F 335 32.21 33.19 100.59
CA LEU F 335 31.41 34.23 101.24
C LEU F 335 32.25 35.07 102.19
N ALA F 336 33.25 34.48 102.83
CA ALA F 336 34.11 35.24 103.72
C ALA F 336 34.81 36.37 102.96
N ARG F 337 35.57 36.02 101.92
CA ARG F 337 36.24 37.03 101.10
C ARG F 337 35.25 38.08 100.64
N LEU F 338 34.04 37.67 100.28
CA LEU F 338 33.06 38.59 99.73
C LEU F 338 32.77 39.74 100.69
N LYS F 339 32.60 39.44 101.99
CA LYS F 339 32.34 40.53 102.93
C LYS F 339 33.56 41.42 103.11
N GLN F 340 34.79 40.88 102.89
CA GLN F 340 35.96 41.81 102.84
C GLN F 340 35.79 42.90 101.83
N ILE F 341 35.20 42.62 100.67
CA ILE F 341 35.00 43.65 99.68
C ILE F 341 33.78 44.47 100.05
N TRP F 342 32.69 43.79 100.43
CA TRP F 342 31.47 44.51 100.77
C TRP F 342 31.80 45.65 101.73
N SER F 343 32.70 45.39 102.68
CA SER F 343 33.11 46.40 103.66
C SER F 343 33.95 47.49 103.02
N LEU F 344 34.90 47.11 102.15
CA LEU F 344 35.75 48.10 101.50
C LEU F 344 34.95 49.04 100.60
N LEU F 345 33.98 48.51 99.85
CA LEU F 345 33.40 49.25 98.74
C LEU F 345 32.42 50.32 99.20
N GLN F 346 31.34 49.93 99.87
CA GLN F 346 30.27 50.85 100.19
C GLN F 346 30.54 51.64 101.46
N ILE F 347 31.73 51.48 102.04
CA ILE F 347 32.10 52.13 103.30
C ILE F 347 32.28 53.63 103.10
N ILE F 369 15.50 55.09 91.17
CA ILE F 369 16.06 55.93 92.21
C ILE F 369 17.52 55.54 92.46
N ALA F 370 17.86 54.28 92.18
CA ALA F 370 19.20 53.78 92.37
C ALA F 370 19.37 52.49 91.58
N SER F 371 20.62 52.03 91.48
CA SER F 371 20.94 50.83 90.70
C SER F 371 20.77 49.56 91.54
N PRO F 372 20.24 48.50 90.94
CA PRO F 372 20.07 47.24 91.68
C PRO F 372 21.36 46.43 91.74
N ILE F 373 21.37 45.41 92.62
CA ILE F 373 22.50 44.48 92.72
C ILE F 373 22.09 43.18 92.04
N ILE F 374 23.01 42.58 91.29
CA ILE F 374 22.68 41.45 90.43
C ILE F 374 23.35 40.20 90.97
N TRP F 375 22.69 39.07 90.79
CA TRP F 375 23.22 37.77 91.20
C TRP F 375 23.17 36.80 90.03
N ASN F 376 23.95 35.73 90.16
CA ASN F 376 24.18 34.76 89.11
C ASN F 376 24.35 33.38 89.72
N TYR F 377 23.71 32.39 89.12
CA TYR F 377 23.91 31.01 89.54
C TYR F 377 24.34 30.21 88.32
N GLU F 378 25.54 29.68 88.37
CA GLU F 378 26.14 28.99 87.24
C GLU F 378 25.96 27.48 87.38
N ILE F 379 25.24 26.89 86.45
CA ILE F 379 24.94 25.47 86.52
C ILE F 379 25.86 24.71 85.58
N HIS F 380 27.07 24.44 86.02
CA HIS F 380 27.88 23.46 85.30
C HIS F 380 27.15 22.12 85.27
N PRO F 381 27.07 21.46 84.10
CA PRO F 381 26.16 20.31 83.99
C PRO F 381 26.59 19.12 84.84
N GLY F 382 27.88 18.77 84.82
CA GLY F 382 28.31 17.62 85.59
C GLY F 382 28.06 17.78 87.08
N SER F 383 28.30 18.98 87.62
CA SER F 383 28.29 19.18 89.07
C SER F 383 26.87 19.10 89.61
N ARG F 384 26.77 19.07 90.95
CA ARG F 384 25.49 18.96 91.65
C ARG F 384 25.03 20.24 92.31
N PHE F 385 25.91 21.22 92.51
CA PHE F 385 25.48 22.51 93.05
C PHE F 385 25.70 23.63 92.04
N PRO F 386 24.99 24.73 92.19
CA PRO F 386 25.32 25.94 91.44
C PRO F 386 26.49 26.68 92.07
N VAL F 387 27.18 27.46 91.25
CA VAL F 387 28.23 28.36 91.69
C VAL F 387 27.69 29.79 91.62
N PRO F 388 27.75 30.56 92.69
CA PRO F 388 27.18 31.90 92.68
C PRO F 388 28.14 32.94 92.09
N LYS F 389 27.60 34.14 91.89
CA LYS F 389 28.34 35.30 91.40
C LYS F 389 27.48 36.55 91.55
N PHE F 390 28.01 37.59 92.15
CA PHE F 390 27.23 38.80 92.35
C PHE F 390 27.86 39.95 91.60
N TYR F 391 27.06 41.00 91.40
CA TYR F 391 27.46 42.18 90.65
C TYR F 391 27.13 43.39 91.49
N LEU F 392 28.13 44.24 91.74
CA LEU F 392 27.99 45.25 92.77
C LEU F 392 28.11 46.65 92.17
N PRO F 393 27.13 47.52 92.40
CA PRO F 393 27.13 48.84 91.74
C PRO F 393 28.29 49.71 92.18
N VAL F 394 28.99 50.30 91.20
CA VAL F 394 30.12 51.18 91.45
C VAL F 394 29.88 52.57 90.86
N HIS F 395 29.20 52.64 89.72
CA HIS F 395 28.73 53.93 89.21
C HIS F 395 27.88 54.59 90.27
N GLY F 396 28.27 55.79 90.68
CA GLY F 396 27.74 56.42 91.87
C GLY F 396 28.74 56.44 93.01
N GLU F 397 29.79 55.62 92.93
CA GLU F 397 30.91 55.65 93.85
C GLU F 397 32.12 56.29 93.18
N ASN F 398 32.80 57.18 93.90
CA ASN F 398 34.03 57.78 93.40
C ASN F 398 34.93 56.72 92.79
N ASP F 399 35.14 56.78 91.48
CA ASP F 399 35.90 55.74 90.81
C ASP F 399 37.32 55.62 91.34
N LEU F 400 37.85 56.64 92.01
CA LEU F 400 39.16 56.54 92.63
C LEU F 400 39.09 55.78 93.94
N HIS F 401 38.14 56.17 94.80
CA HIS F 401 37.86 55.36 95.98
C HIS F 401 37.65 53.90 95.61
N VAL F 402 36.97 53.65 94.48
CA VAL F 402 36.73 52.28 94.05
C VAL F 402 38.04 51.62 93.61
N ALA F 403 38.88 52.35 92.88
CA ALA F 403 40.18 51.82 92.49
C ALA F 403 41.03 51.53 93.71
N ARG F 404 41.09 52.48 94.63
CA ARG F 404 41.88 52.30 95.85
C ARG F 404 41.43 51.05 96.61
N ALA F 405 40.17 51.04 97.08
CA ALA F 405 39.66 49.91 97.84
C ALA F 405 39.80 48.62 97.03
N LEU F 406 39.59 48.69 95.72
CA LEU F 406 39.70 47.50 94.88
C LEU F 406 41.12 46.94 94.94
N ALA F 407 42.13 47.82 95.03
CA ALA F 407 43.51 47.36 95.06
C ALA F 407 43.91 46.79 96.42
N GLN F 408 43.47 47.44 97.51
CA GLN F 408 43.74 46.91 98.85
C GLN F 408 43.31 45.47 98.95
N PHE F 409 42.13 45.14 98.44
CA PHE F 409 41.65 43.78 98.47
C PHE F 409 42.55 42.83 97.70
N TRP F 410 43.33 43.31 96.73
CA TRP F 410 44.18 42.36 96.02
C TRP F 410 45.37 41.94 96.86
N ASP F 411 45.96 42.88 97.61
CA ASP F 411 47.02 42.51 98.54
C ASP F 411 46.52 41.50 99.56
N SER F 412 45.34 41.76 100.15
CA SER F 412 44.73 40.79 101.04
C SER F 412 44.73 39.39 100.44
N LEU F 413 44.43 39.28 99.15
CA LEU F 413 44.55 38.00 98.46
C LEU F 413 45.99 37.68 98.08
N GLY F 414 46.84 38.69 97.98
CA GLY F 414 48.23 38.48 97.59
C GLY F 414 48.49 38.44 96.09
N TRP F 415 47.93 39.38 95.34
CA TRP F 415 48.24 39.48 93.93
C TRP F 415 49.25 40.61 93.74
N PRO F 416 50.52 40.30 93.47
CA PRO F 416 51.58 41.33 93.56
C PRO F 416 51.43 42.46 92.58
N GLU F 417 51.44 42.10 91.29
CA GLU F 417 51.39 43.12 90.23
C GLU F 417 49.95 43.63 89.98
N HIS F 418 48.96 42.80 90.22
CA HIS F 418 47.56 43.06 90.06
C HIS F 418 47.14 44.28 90.82
N ALA F 419 47.60 44.37 92.08
CA ALA F 419 47.16 45.45 92.97
C ALA F 419 48.01 46.69 92.86
N CYS F 420 49.32 46.54 92.57
CA CYS F 420 50.23 47.68 92.56
C CYS F 420 49.94 48.61 91.39
N ALA F 421 49.72 48.03 90.20
CA ALA F 421 49.58 48.80 88.99
C ALA F 421 48.14 48.96 88.55
N TYR F 422 47.18 48.81 89.47
CA TYR F 422 45.80 48.95 89.02
C TYR F 422 45.42 50.39 88.72
N PRO F 423 45.34 51.26 89.73
CA PRO F 423 44.87 52.63 89.46
C PRO F 423 45.66 53.36 88.40
N ASP F 424 46.95 53.03 88.21
CA ASP F 424 47.66 53.54 87.05
C ASP F 424 47.08 52.97 85.76
N THR F 425 46.58 51.74 85.81
CA THR F 425 45.92 51.15 84.65
C THR F 425 44.56 51.80 84.40
N LEU F 426 43.95 52.37 85.42
CA LEU F 426 42.63 52.98 85.28
C LEU F 426 42.71 54.33 84.57
N GLN F 427 43.67 55.18 84.97
CA GLN F 427 43.82 56.47 84.31
C GLN F 427 44.31 56.33 82.88
N GLN F 428 45.15 55.33 82.62
CA GLN F 428 45.67 55.12 81.27
C GLN F 428 44.57 54.69 80.30
N LEU F 429 43.45 54.17 80.81
CA LEU F 429 42.26 53.90 80.00
C LEU F 429 41.42 55.14 79.78
N TYR F 430 41.53 56.13 80.66
CA TYR F 430 40.68 57.33 80.59
C TYR F 430 41.54 58.58 80.79
N PRO F 431 42.56 58.76 79.95
CA PRO F 431 43.41 59.94 80.13
C PRO F 431 42.67 61.26 79.97
N ASP F 432 41.59 61.29 79.17
CA ASP F 432 40.81 62.53 79.06
C ASP F 432 40.17 62.89 80.40
N GLN F 433 39.77 61.91 81.19
CA GLN F 433 39.08 62.12 82.45
C GLN F 433 40.08 62.18 83.60
N ASP F 434 39.63 62.75 84.70
CA ASP F 434 40.42 62.83 85.94
C ASP F 434 39.70 62.03 87.01
N ILE F 435 40.28 60.90 87.39
CA ILE F 435 39.60 59.97 88.29
C ILE F 435 39.23 60.63 89.61
N SER F 436 39.96 61.68 89.99
CA SER F 436 39.68 62.35 91.27
C SER F 436 38.21 62.73 91.41
N GLN F 437 37.58 63.11 90.30
CA GLN F 437 36.23 63.63 90.33
C GLN F 437 35.24 62.76 89.56
N THR F 438 35.70 61.66 88.99
CA THR F 438 34.88 60.85 88.10
C THR F 438 34.08 59.83 88.91
N THR F 439 32.89 59.51 88.41
CA THR F 439 31.99 58.59 89.09
C THR F 439 31.47 57.46 88.22
N ARG F 440 31.14 57.74 86.96
CA ARG F 440 30.52 56.74 86.10
C ARG F 440 31.55 55.85 85.40
N LEU F 441 32.85 56.11 85.58
CA LEU F 441 33.84 55.35 84.83
C LEU F 441 33.81 53.83 85.11
N GLN F 442 33.38 53.35 86.29
CA GLN F 442 33.35 51.89 86.59
C GLN F 442 31.97 51.70 87.10
N SER F 443 31.34 50.67 86.64
CA SER F 443 29.92 50.56 86.88
C SER F 443 29.53 49.32 87.68
N TRP F 444 30.19 48.19 87.46
CA TRP F 444 29.85 46.96 88.15
C TRP F 444 31.13 46.23 88.55
N ILE F 445 31.02 45.39 89.59
CA ILE F 445 32.08 44.45 89.94
C ILE F 445 31.47 43.09 90.23
N SER F 446 32.05 42.03 89.64
CA SER F 446 31.56 40.67 89.77
C SER F 446 32.47 39.86 90.68
N TYR F 447 31.86 38.94 91.44
CA TYR F 447 32.59 38.10 92.37
C TYR F 447 32.13 36.65 92.26
N SER F 448 33.09 35.77 92.04
CA SER F 448 32.88 34.34 92.03
C SER F 448 34.03 33.73 92.82
N TYR F 449 33.81 32.55 93.39
CA TYR F 449 34.88 31.88 94.08
C TYR F 449 34.85 30.39 93.74
N THR F 450 36.02 29.82 93.52
CA THR F 450 36.17 28.40 93.30
C THR F 450 37.36 27.91 94.11
N ALA F 451 37.31 26.63 94.49
CA ALA F 451 38.47 26.02 95.09
C ALA F 451 39.65 26.04 94.13
N LYS F 452 39.42 25.60 92.89
CA LYS F 452 40.49 25.53 91.92
C LYS F 452 40.94 26.93 91.48
N ARG F 453 40.04 27.70 90.87
CA ARG F 453 40.44 29.00 90.32
C ARG F 453 40.87 29.97 91.40
N GLY F 454 40.15 30.00 92.50
CA GLY F 454 40.39 31.03 93.48
C GLY F 454 39.32 32.09 93.41
N VAL F 455 39.72 33.33 93.19
CA VAL F 455 38.79 34.45 93.21
C VAL F 455 38.66 34.95 91.78
N TYR F 456 37.53 34.62 91.15
CA TYR F 456 37.07 35.30 89.95
C TYR F 456 36.62 36.71 90.31
N MET F 457 36.92 37.65 89.43
CA MET F 457 36.43 39.01 89.67
C MET F 457 36.62 39.91 88.45
N SER F 458 35.57 40.62 88.04
CA SER F 458 35.56 41.36 86.78
C SER F 458 34.99 42.76 87.00
N VAL F 459 35.48 43.71 86.22
CA VAL F 459 35.05 45.09 86.34
C VAL F 459 34.49 45.57 84.99
N TYR F 460 33.38 46.28 85.06
CA TYR F 460 32.61 46.71 83.91
C TYR F 460 32.69 48.22 83.84
N TYR F 461 33.06 48.74 82.67
CA TYR F 461 33.50 50.11 82.53
C TYR F 461 32.54 50.93 81.68
N HIS F 462 32.70 52.25 81.82
CA HIS F 462 32.09 53.20 80.90
C HIS F 462 32.71 52.97 79.54
N SER F 463 31.92 52.48 78.58
CA SER F 463 32.46 51.87 77.37
C SER F 463 32.32 52.73 76.12
N GLN F 464 32.17 54.05 76.28
CA GLN F 464 32.26 55.00 75.17
C GLN F 464 33.16 56.17 75.58
N SER F 465 33.51 57.01 74.60
CA SER F 465 34.52 58.03 74.81
C SER F 465 33.93 59.42 75.04
N THR F 466 32.62 59.54 75.22
CA THR F 466 32.01 60.82 75.54
C THR F 466 31.24 60.67 76.86
N TYR F 467 31.62 61.47 77.85
CA TYR F 467 31.16 61.31 79.23
C TYR F 467 30.44 62.57 79.68
N LEU F 468 29.27 62.39 80.29
CA LEU F 468 28.39 63.52 80.58
C LEU F 468 28.64 64.02 81.99
N PRO G 52 -4.79 55.09 42.23
CA PRO G 52 -3.40 55.45 42.54
C PRO G 52 -2.46 55.33 41.35
N SER G 53 -1.27 55.94 41.45
CA SER G 53 -0.27 55.87 40.40
C SER G 53 0.47 54.52 40.45
N PRO G 54 0.91 54.02 39.30
CA PRO G 54 1.21 52.59 39.19
C PRO G 54 2.63 52.16 39.54
N ALA G 55 3.62 52.78 38.88
CA ALA G 55 4.94 52.17 38.77
C ALA G 55 5.62 51.86 40.10
N GLN G 56 5.22 52.51 41.19
CA GLN G 56 5.82 52.28 42.50
C GLN G 56 5.37 50.96 43.17
N ALA G 57 4.73 50.05 42.43
CA ALA G 57 4.43 48.71 42.93
C ALA G 57 5.67 47.86 43.12
N LEU G 58 6.77 48.17 42.42
CA LEU G 58 8.02 47.41 42.55
C LEU G 58 8.57 47.43 43.97
N ALA G 59 8.50 48.57 44.64
CA ALA G 59 9.05 48.70 45.97
C ALA G 59 8.45 47.70 46.94
N SER G 60 7.27 47.15 46.64
CA SER G 60 6.62 46.28 47.61
C SER G 60 7.54 45.15 48.07
N TYR G 61 8.21 44.48 47.14
CA TYR G 61 9.07 43.36 47.46
C TYR G 61 10.53 43.75 47.33
N HIS G 62 10.83 44.98 47.70
CA HIS G 62 12.19 45.45 47.75
C HIS G 62 12.46 46.09 49.10
N HIS G 63 13.65 45.84 49.62
CA HIS G 63 14.09 46.42 50.89
C HIS G 63 15.27 47.34 50.65
N PHE G 64 15.09 48.60 50.96
CA PHE G 64 16.17 49.54 50.74
C PHE G 64 17.20 49.34 51.83
N PRO G 65 18.47 49.13 51.48
CA PRO G 65 19.46 48.71 52.50
C PRO G 65 19.61 49.69 53.65
N THR G 66 19.77 50.97 53.34
CA THR G 66 20.06 51.96 54.36
C THR G 66 18.83 52.79 54.72
N ASN G 67 18.87 53.39 55.90
CA ASN G 67 17.81 54.33 56.26
C ASN G 67 17.80 55.53 55.32
N ASP G 68 18.98 56.01 54.92
CA ASP G 68 19.02 57.13 53.99
C ASP G 68 18.17 56.86 52.76
N GLN G 69 18.41 55.73 52.08
CA GLN G 69 17.69 55.44 50.84
C GLN G 69 16.19 55.36 51.09
N GLU G 70 15.79 54.67 52.15
CA GLU G 70 14.38 54.58 52.46
C GLU G 70 13.73 55.95 52.49
N ARG G 71 14.38 56.92 53.14
CA ARG G 71 13.79 58.24 53.27
C ARG G 71 13.69 58.96 51.93
N TRP G 72 14.70 58.82 51.06
CA TRP G 72 14.63 59.42 49.73
C TRP G 72 13.50 58.82 48.91
N TRP G 73 13.40 57.50 48.90
CA TRP G 73 12.30 56.85 48.23
C TRP G 73 10.98 57.46 48.65
N GLU G 74 10.79 57.58 49.95
CA GLU G 74 9.55 58.15 50.46
C GLU G 74 9.39 59.60 50.03
N GLU G 75 10.50 60.30 49.78
CA GLU G 75 10.45 61.71 49.44
C GLU G 75 10.21 61.93 47.96
N THR G 76 10.80 61.09 47.09
CA THR G 76 10.73 61.28 45.65
C THR G 76 10.14 60.10 44.90
N GLY G 77 9.89 58.99 45.57
CA GLY G 77 9.46 57.80 44.86
C GLY G 77 8.14 57.98 44.14
N SER G 78 7.09 58.36 44.88
CA SER G 78 5.78 58.55 44.27
C SER G 78 5.86 59.58 43.15
N LEU G 79 6.54 60.70 43.42
CA LEU G 79 6.61 61.79 42.46
C LEU G 79 7.17 61.32 41.13
N PHE G 80 8.23 60.51 41.17
CA PHE G 80 8.80 60.02 39.92
C PHE G 80 7.82 59.11 39.19
N SER G 81 7.07 58.30 39.94
CA SER G 81 6.04 57.48 39.30
C SER G 81 5.01 58.34 38.58
N ARG G 82 4.67 59.50 39.14
CA ARG G 82 3.69 60.35 38.50
C ARG G 82 4.23 60.94 37.20
N PHE G 83 5.48 61.41 37.19
CA PHE G 83 6.00 61.96 35.94
C PHE G 83 6.10 60.87 34.89
N LEU G 84 6.47 59.65 35.27
CA LEU G 84 6.42 58.54 34.33
C LEU G 84 5.03 58.40 33.74
N GLU G 85 4.02 58.49 34.60
CA GLU G 85 2.64 58.46 34.12
C GLU G 85 2.37 59.66 33.22
N ALA G 86 2.68 60.86 33.71
CA ALA G 86 2.50 62.09 32.95
C ALA G 86 3.33 62.14 31.68
N GLY G 87 4.32 61.27 31.52
CA GLY G 87 5.06 61.22 30.29
C GLY G 87 4.42 60.34 29.25
N GLN G 88 3.32 59.68 29.59
CA GLN G 88 2.62 58.82 28.65
C GLN G 88 3.53 57.69 28.19
N TYR G 89 4.30 57.15 29.12
CA TYR G 89 5.23 56.08 28.77
C TYR G 89 4.50 54.75 28.77
N GLY G 90 4.95 53.86 27.89
CA GLY G 90 4.42 52.50 27.92
C GLY G 90 4.62 51.88 29.29
N LEU G 91 3.60 51.14 29.74
CA LEU G 91 3.66 50.58 31.09
C LEU G 91 4.91 49.74 31.29
N PRO G 92 5.33 48.88 30.36
CA PRO G 92 6.63 48.21 30.54
C PRO G 92 7.77 49.19 30.74
N GLN G 93 7.79 50.26 29.96
CA GLN G 93 8.87 51.22 30.06
C GLN G 93 8.84 51.92 31.41
N GLN G 94 7.64 52.19 31.94
CA GLN G 94 7.57 52.83 33.24
C GLN G 94 8.32 52.01 34.28
N TYR G 95 7.99 50.72 34.41
CA TYR G 95 8.68 49.86 35.36
C TYR G 95 10.16 49.75 35.02
N GLN G 96 10.47 49.75 33.72
CA GLN G 96 11.85 49.60 33.28
C GLN G 96 12.69 50.78 33.73
N PHE G 97 12.17 52.00 33.59
CA PHE G 97 12.89 53.16 34.12
C PHE G 97 12.73 53.23 35.64
N MET G 98 11.57 52.88 36.15
CA MET G 98 11.42 52.85 37.60
C MET G 98 12.48 51.95 38.22
N PHE G 99 12.72 50.78 37.62
CA PHE G 99 13.79 49.91 38.09
C PHE G 99 15.12 50.65 38.16
N PHE G 100 15.45 51.36 37.08
CA PHE G 100 16.69 52.13 37.04
C PHE G 100 16.76 53.17 38.17
N PHE G 101 15.67 53.90 38.39
CA PHE G 101 15.65 54.93 39.42
C PHE G 101 15.97 54.37 40.80
N MET G 102 15.38 53.22 41.15
CA MET G 102 15.55 52.69 42.49
C MET G 102 16.99 52.27 42.74
N HIS G 103 17.60 51.60 41.76
CA HIS G 103 18.89 50.96 41.96
C HIS G 103 20.06 51.94 41.87
N HIS G 104 19.99 52.90 40.97
CA HIS G 104 21.18 53.69 40.68
C HIS G 104 21.10 55.12 41.15
N LEU G 105 19.90 55.69 41.31
CA LEU G 105 19.76 57.07 41.72
C LEU G 105 19.44 57.21 43.19
N ILE G 106 18.68 56.28 43.75
CA ILE G 106 18.33 56.37 45.16
C ILE G 106 19.59 56.18 46.00
N PRO G 107 20.40 55.15 45.74
CA PRO G 107 21.70 55.06 46.44
C PRO G 107 22.56 56.31 46.26
N ALA G 108 22.52 56.93 45.10
CA ALA G 108 23.39 58.06 44.82
C ALA G 108 22.93 59.36 45.47
N LEU G 109 21.74 59.38 46.08
CA LEU G 109 21.23 60.61 46.69
C LEU G 109 21.91 60.95 47.99
N GLY G 110 22.48 59.96 48.69
CA GLY G 110 23.22 60.25 49.89
C GLY G 110 22.34 60.38 51.12
N PRO G 111 22.87 61.06 52.14
CA PRO G 111 22.12 61.23 53.40
C PRO G 111 20.78 61.90 53.17
N TYR G 112 19.72 61.35 53.79
CA TYR G 112 18.39 61.94 53.60
C TYR G 112 18.29 63.35 54.13
N PRO G 113 18.48 63.63 55.40
CA PRO G 113 18.64 65.02 55.80
C PRO G 113 19.89 65.54 55.10
N GLN G 114 19.72 66.13 53.92
CA GLN G 114 20.87 66.35 53.06
C GLN G 114 21.79 67.37 53.68
N LYS G 115 23.07 67.04 53.69
CA LYS G 115 24.10 67.90 54.24
C LYS G 115 24.71 68.80 53.17
N TRP G 116 24.44 68.49 51.90
CA TRP G 116 25.10 69.10 50.75
C TRP G 116 24.08 69.90 49.93
N ARG G 117 24.44 71.12 49.55
CA ARG G 117 23.67 71.84 48.54
C ARG G 117 24.26 71.54 47.17
N SER G 118 23.40 71.12 46.25
CA SER G 118 23.79 70.92 44.85
C SER G 118 23.57 72.20 44.06
N THR G 119 24.52 72.49 43.16
CA THR G 119 24.43 73.69 42.32
C THR G 119 23.24 73.62 41.37
N ILE G 120 22.79 72.42 41.03
CA ILE G 120 21.83 72.28 39.94
C ILE G 120 20.45 72.80 40.29
N SER G 121 20.06 72.72 41.55
CA SER G 121 18.69 73.04 41.92
C SER G 121 18.62 74.40 42.61
N ARG G 122 17.52 75.11 42.38
CA ARG G 122 17.32 76.37 43.10
C ARG G 122 17.36 76.12 44.60
N SER G 123 16.63 75.10 45.06
CA SER G 123 16.64 74.76 46.48
C SER G 123 17.94 74.10 46.89
N GLY G 124 18.61 73.46 45.94
CA GLY G 124 19.87 72.78 46.19
C GLY G 124 19.78 71.29 46.23
N LEU G 125 18.62 70.71 46.06
CA LEU G 125 18.66 69.27 46.25
C LEU G 125 19.16 68.59 44.98
N PRO G 126 19.78 67.43 45.11
CA PRO G 126 20.52 66.85 43.98
C PRO G 126 19.72 66.34 42.80
N ILE G 127 18.42 66.61 42.74
CA ILE G 127 17.60 66.04 41.67
C ILE G 127 16.52 67.03 41.25
N GLU G 128 16.20 67.01 39.95
CA GLU G 128 14.99 67.70 39.51
C GLU G 128 14.48 67.07 38.21
N PHE G 129 13.15 67.07 38.08
CA PHE G 129 12.48 66.40 36.98
C PHE G 129 12.03 67.40 35.92
N SER G 130 12.10 66.99 34.66
CA SER G 130 11.81 67.84 33.52
C SER G 130 10.82 67.14 32.60
N LEU G 131 9.98 67.93 31.96
CA LEU G 131 9.11 67.47 30.88
C LEU G 131 9.40 68.30 29.65
N ASN G 132 9.73 67.64 28.54
CA ASN G 132 9.98 68.33 27.28
C ASN G 132 8.80 68.12 26.35
N PHE G 133 8.16 69.22 25.96
CA PHE G 133 6.98 69.16 25.13
C PHE G 133 7.33 69.42 23.67
N GLN G 134 6.78 68.60 22.78
CA GLN G 134 7.06 68.62 21.36
C GLN G 134 5.77 68.85 20.60
N LYS G 135 5.90 68.95 19.28
CA LYS G 135 4.76 69.22 18.42
C LYS G 135 3.93 67.96 18.26
N GLY G 136 2.98 67.76 19.17
CA GLY G 136 2.00 66.71 19.06
C GLY G 136 2.47 65.29 19.27
N SER G 137 3.76 65.03 19.07
CA SER G 137 4.26 63.67 19.24
C SER G 137 3.93 63.16 20.63
N HIS G 138 4.28 63.94 21.66
CA HIS G 138 4.07 63.61 23.06
C HIS G 138 5.04 64.40 23.92
N ARG G 139 5.33 63.87 25.11
CA ARG G 139 6.22 64.51 26.06
C ARG G 139 7.27 63.50 26.52
N LEU G 140 8.41 64.02 26.97
CA LEU G 140 9.52 63.20 27.45
C LEU G 140 9.90 63.64 28.86
N LEU G 141 10.46 62.69 29.62
CA LEU G 141 10.88 62.90 30.99
C LEU G 141 12.40 63.02 31.09
N ARG G 142 12.85 63.98 31.89
CA ARG G 142 14.24 64.36 32.05
C ARG G 142 14.55 64.36 33.54
N ILE G 143 15.74 63.91 33.92
CA ILE G 143 16.19 63.97 35.31
C ILE G 143 17.57 64.64 35.34
N GLY G 144 17.72 65.63 36.21
CA GLY G 144 19.03 66.21 36.52
C GLY G 144 19.55 65.69 37.86
N PHE G 145 20.79 65.19 37.83
CA PHE G 145 21.34 64.45 38.97
C PHE G 145 22.71 64.98 39.36
N GLU G 146 22.96 65.06 40.66
CA GLU G 146 24.32 65.17 41.18
C GLU G 146 24.50 64.12 42.25
N PRO G 147 25.26 63.05 41.99
CA PRO G 147 25.46 62.03 43.02
C PRO G 147 26.13 62.60 44.27
N VAL G 148 25.73 62.07 45.42
CA VAL G 148 26.24 62.53 46.71
C VAL G 148 26.46 61.34 47.64
N SER G 149 27.36 61.55 48.60
CA SER G 149 27.58 60.61 49.70
C SER G 149 27.84 61.40 50.98
N PHE G 150 27.92 60.67 52.10
CA PHE G 150 28.20 61.31 53.38
C PHE G 150 29.57 61.97 53.41
N LEU G 151 30.48 61.53 52.54
CA LEU G 151 31.78 62.19 52.47
C LEU G 151 31.68 63.55 51.79
N SER G 152 30.66 63.76 50.97
CA SER G 152 30.54 65.00 50.21
C SER G 152 30.55 66.22 51.12
N GLY G 153 31.45 67.15 50.86
CA GLY G 153 31.60 68.34 51.67
C GLY G 153 32.51 68.19 52.88
N SER G 154 33.13 67.04 53.07
CA SER G 154 33.98 66.79 54.22
C SER G 154 35.45 67.00 53.86
N SER G 155 36.32 66.71 54.82
CA SER G 155 37.75 66.82 54.58
C SER G 155 38.22 65.89 53.47
N GLN G 156 37.64 64.68 53.40
CA GLN G 156 38.13 63.67 52.45
C GLN G 156 37.73 63.99 51.02
N ASP G 157 36.61 64.71 50.82
CA ASP G 157 36.19 65.14 49.49
C ASP G 157 35.37 66.42 49.60
N PRO G 158 36.04 67.58 49.68
CA PRO G 158 35.31 68.82 49.97
C PRO G 158 34.50 69.36 48.82
N PHE G 159 34.77 68.97 47.57
CA PHE G 159 34.03 69.49 46.42
C PHE G 159 33.36 68.39 45.62
N ASN G 160 33.12 67.24 46.24
CA ASN G 160 32.18 66.24 45.76
C ASN G 160 32.58 65.67 44.41
N ARG G 161 33.84 65.27 44.28
CA ARG G 161 34.23 64.58 43.06
C ARG G 161 33.98 63.09 43.14
N ILE G 162 34.01 62.50 44.34
CA ILE G 162 34.07 61.05 44.49
C ILE G 162 32.78 60.45 43.95
N PRO G 163 31.61 60.91 44.38
CA PRO G 163 30.37 60.33 43.86
C PRO G 163 30.27 60.40 42.34
N ILE G 164 30.82 61.45 41.73
CA ILE G 164 30.73 61.57 40.28
C ILE G 164 31.34 60.35 39.63
N THR G 165 32.54 59.98 40.08
CA THR G 165 33.25 58.91 39.40
C THR G 165 32.64 57.55 39.73
N ASP G 166 32.09 57.39 40.94
CA ASP G 166 31.42 56.14 41.28
C ASP G 166 30.25 55.88 40.35
N LEU G 167 29.32 56.84 40.28
CA LEU G 167 28.16 56.66 39.42
C LEU G 167 28.56 56.44 37.97
N LEU G 168 29.62 57.11 37.53
CA LEU G 168 30.04 56.92 36.15
C LEU G 168 30.50 55.49 35.88
N ASN G 169 30.89 54.75 36.94
CA ASN G 169 31.24 53.36 36.76
C ASN G 169 30.01 52.46 36.77
N ARG G 170 29.04 52.75 37.64
CA ARG G 170 27.80 52.00 37.57
C ARG G 170 27.27 51.99 36.15
N LEU G 171 27.22 53.17 35.53
CA LEU G 171 26.59 53.30 34.22
C LEU G 171 27.35 52.50 33.16
N SER G 172 28.67 52.57 33.20
CA SER G 172 29.46 51.81 32.23
C SER G 172 29.26 50.31 32.40
N LYS G 173 28.96 49.87 33.62
CA LYS G 173 28.69 48.45 33.83
C LYS G 173 27.36 48.06 33.21
N LEU G 174 26.37 48.95 33.29
CA LEU G 174 25.09 48.73 32.63
C LEU G 174 25.32 48.66 31.13
N GLN G 175 24.66 47.71 30.49
CA GLN G 175 24.74 47.59 29.03
C GLN G 175 23.76 48.60 28.41
N LEU G 176 24.30 49.78 28.12
CA LEU G 176 23.55 50.90 27.56
C LEU G 176 24.00 51.19 26.14
N SER G 177 23.03 51.43 25.26
CA SER G 177 23.32 51.64 23.86
C SER G 177 24.07 52.94 23.64
N ASN G 178 25.15 52.88 22.87
CA ASN G 178 25.84 54.08 22.43
C ASN G 178 26.32 54.89 23.62
N PHE G 179 27.09 54.26 24.49
CA PHE G 179 27.55 54.90 25.72
C PHE G 179 29.07 54.92 25.69
N ASP G 180 29.64 56.08 25.41
CA ASP G 180 31.08 56.29 25.49
C ASP G 180 31.35 57.42 26.46
N THR G 181 32.45 57.32 27.20
CA THR G 181 32.79 58.34 28.19
C THR G 181 33.95 59.24 27.77
N PRO G 182 34.63 58.98 26.64
CA PRO G 182 35.87 59.73 26.38
C PRO G 182 35.71 61.25 26.43
N PHE G 183 34.69 61.77 25.77
CA PHE G 183 34.55 63.22 25.69
C PHE G 183 34.38 63.82 27.08
N PHE G 184 33.54 63.20 27.91
CA PHE G 184 33.27 63.72 29.25
C PHE G 184 34.52 63.63 30.12
N GLN G 185 35.20 62.49 30.09
CA GLN G 185 36.46 62.36 30.80
C GLN G 185 37.41 63.50 30.45
N HIS G 186 37.46 63.86 29.15
CA HIS G 186 38.34 64.94 28.71
C HIS G 186 38.07 66.21 29.50
N LEU G 187 36.80 66.57 29.64
CA LEU G 187 36.48 67.79 30.37
C LEU G 187 36.79 67.66 31.87
N LEU G 188 36.51 66.51 32.48
CA LEU G 188 36.89 66.32 33.88
C LEU G 188 38.39 66.55 34.09
N SER G 189 39.22 65.85 33.32
CA SER G 189 40.66 66.00 33.50
C SER G 189 41.06 67.47 33.43
N LYS G 190 40.46 68.20 32.49
CA LYS G 190 40.78 69.61 32.35
C LYS G 190 40.40 70.44 33.57
N PHE G 191 39.63 69.90 34.51
CA PHE G 191 39.12 70.73 35.59
C PHE G 191 39.30 70.09 36.96
N GLN G 192 40.30 69.23 37.15
CA GLN G 192 40.54 68.69 38.48
C GLN G 192 41.40 69.67 39.28
N LEU G 193 41.71 69.32 40.54
CA LEU G 193 42.21 70.35 41.44
C LEU G 193 43.49 69.98 42.19
N SER G 194 43.43 68.98 43.07
CA SER G 194 44.61 68.48 43.79
C SER G 194 45.08 69.45 44.89
N LEU G 195 46.30 69.98 44.72
CA LEU G 195 46.78 70.99 45.63
C LEU G 195 45.88 72.22 45.60
N SER G 196 45.14 72.39 44.49
CA SER G 196 44.18 73.48 44.38
C SER G 196 43.10 73.37 45.45
N GLU G 197 42.66 72.14 45.76
CA GLU G 197 41.72 71.96 46.86
C GLU G 197 42.18 72.73 48.10
N VAL G 198 43.46 72.62 48.45
CA VAL G 198 43.94 73.23 49.68
C VAL G 198 43.80 74.75 49.60
N ARG G 199 44.22 75.35 48.48
CA ARG G 199 44.02 76.78 48.26
C ARG G 199 42.57 77.14 48.43
N GLN G 200 41.68 76.36 47.76
CA GLN G 200 40.22 76.69 47.74
C GLN G 200 39.66 76.65 49.15
N LEU G 201 39.93 75.58 49.88
CA LEU G 201 39.40 75.42 51.23
C LEU G 201 39.50 76.73 52.03
N GLN G 202 40.59 77.44 51.88
CA GLN G 202 40.66 78.77 52.43
C GLN G 202 39.77 79.74 51.63
N PRO G 212 29.50 79.79 48.71
CA PRO G 212 29.02 79.86 47.32
C PRO G 212 28.56 78.52 46.79
N LEU G 213 28.93 78.22 45.55
CA LEU G 213 28.51 76.99 44.87
C LEU G 213 29.74 76.12 44.67
N LYS G 214 29.66 74.87 45.13
CA LYS G 214 30.86 74.05 45.26
C LYS G 214 30.95 72.89 44.27
N SER G 215 29.85 72.45 43.67
CA SER G 215 29.88 71.23 42.88
C SER G 215 30.66 71.43 41.60
N GLN G 216 31.32 70.36 41.15
CA GLN G 216 32.15 70.40 39.95
C GLN G 216 31.56 69.63 38.79
N ALA G 217 30.54 68.80 39.00
CA ALA G 217 29.99 68.01 37.93
C ALA G 217 28.57 67.61 38.29
N ALA G 218 27.85 67.10 37.30
CA ALA G 218 26.49 66.64 37.53
C ALA G 218 26.13 65.72 36.37
N PHE G 219 24.94 65.11 36.46
CA PHE G 219 24.45 64.18 35.46
C PHE G 219 23.08 64.58 34.94
N GLY G 220 22.74 64.07 33.77
CA GLY G 220 21.43 64.25 33.20
C GLY G 220 20.93 62.99 32.52
N PHE G 221 19.64 62.69 32.62
CA PHE G 221 19.08 61.47 32.07
C PHE G 221 17.84 61.80 31.24
N ASP G 222 17.85 61.39 29.98
CA ASP G 222 16.69 61.54 29.11
C ASP G 222 16.09 60.15 28.91
N PHE G 223 14.81 59.98 29.25
CA PHE G 223 14.09 58.72 29.06
C PHE G 223 13.25 58.83 27.80
N ASN G 224 13.70 58.30 26.68
CA ASN G 224 12.95 58.48 25.45
C ASN G 224 11.82 57.47 25.43
N PRO G 225 10.85 57.65 24.55
CA PRO G 225 9.68 56.77 24.56
C PRO G 225 10.05 55.30 24.42
N ASP G 226 11.04 55.00 23.60
CA ASP G 226 11.65 53.68 23.58
C ASP G 226 12.28 53.40 24.93
N GLY G 227 12.39 52.11 25.27
CA GLY G 227 13.00 51.76 26.54
C GLY G 227 14.49 51.98 26.62
N ALA G 228 14.94 53.21 26.37
CA ALA G 228 16.35 53.55 26.32
C ALA G 228 16.61 54.83 27.09
N ILE G 229 17.70 54.85 27.87
CA ILE G 229 18.14 56.04 28.59
C ILE G 229 19.29 56.66 27.81
N LEU G 230 19.34 57.98 27.78
CA LEU G 230 20.49 58.74 27.27
C LEU G 230 21.05 59.60 28.39
N VAL G 231 22.37 59.59 28.56
CA VAL G 231 23.01 60.20 29.70
C VAL G 231 23.66 61.51 29.29
N LYS G 232 23.37 62.56 30.02
CA LYS G 232 23.89 63.89 29.77
C LYS G 232 24.73 64.31 30.96
N GLY G 233 25.92 64.86 30.70
CA GLY G 233 26.84 65.25 31.75
C GLY G 233 27.16 66.73 31.71
N TYR G 234 27.39 67.30 32.90
CA TYR G 234 27.68 68.72 33.06
C TYR G 234 29.04 68.91 33.73
N VAL G 235 29.59 70.13 33.59
CA VAL G 235 30.88 70.47 34.19
C VAL G 235 30.84 71.93 34.61
N PHE G 236 31.35 72.23 35.81
CA PHE G 236 31.30 73.56 36.42
C PHE G 236 32.71 74.12 36.62
N PRO G 237 33.20 74.89 35.66
CA PRO G 237 34.61 75.31 35.70
C PRO G 237 34.90 76.49 36.61
N TYR G 238 33.92 77.07 37.29
CA TYR G 238 34.22 78.22 38.14
C TYR G 238 35.27 77.88 39.17
N LEU G 239 35.23 76.68 39.71
CA LEU G 239 36.19 76.29 40.73
C LEU G 239 37.61 76.30 40.17
N LYS G 240 37.84 75.55 39.08
CA LYS G 240 39.17 75.48 38.48
C LYS G 240 39.68 76.85 38.10
N ALA G 241 38.79 77.69 37.53
CA ALA G 241 39.19 79.04 37.13
C ALA G 241 39.48 79.91 38.35
N LYS G 242 38.69 79.79 39.39
CA LYS G 242 38.93 80.60 40.59
C LYS G 242 40.27 80.22 41.24
N ALA G 243 40.61 78.92 41.25
CA ALA G 243 41.82 78.47 41.89
C ALA G 243 43.05 79.01 41.18
N ALA G 244 43.05 78.95 39.85
CA ALA G 244 44.18 79.42 39.06
C ALA G 244 44.14 80.93 38.84
N ASP G 245 43.16 81.62 39.41
CA ASP G 245 42.99 83.04 39.21
C ASP G 245 43.05 83.38 37.72
N VAL G 246 42.34 82.59 36.93
CA VAL G 246 42.27 82.77 35.49
C VAL G 246 40.80 82.93 35.10
N PRO G 247 40.45 83.88 34.23
CA PRO G 247 39.04 84.05 33.86
C PRO G 247 38.51 82.76 33.25
N VAL G 248 37.24 82.47 33.56
CA VAL G 248 36.68 81.16 33.21
C VAL G 248 36.79 80.94 31.70
N GLY G 249 36.43 81.95 30.92
CA GLY G 249 36.41 81.75 29.48
C GLY G 249 37.76 81.38 28.90
N THR G 250 38.84 81.99 29.40
CA THR G 250 40.17 81.71 28.88
C THR G 250 40.50 80.23 28.99
N LEU G 251 40.16 79.61 30.12
CA LEU G 251 40.39 78.17 30.24
C LEU G 251 39.28 77.38 29.59
N ILE G 252 38.07 77.93 29.53
CA ILE G 252 37.04 77.28 28.72
C ILE G 252 37.47 77.28 27.26
N ALA G 253 37.90 78.44 26.77
CA ALA G 253 38.36 78.51 25.39
C ALA G 253 39.46 77.50 25.15
N GLU G 254 40.48 77.50 26.01
CA GLU G 254 41.60 76.59 25.84
C GLU G 254 41.17 75.13 26.00
N ALA G 255 40.16 74.90 26.84
CA ALA G 255 39.60 73.57 26.99
C ALA G 255 38.96 73.10 25.69
N VAL G 256 38.16 73.97 25.06
CA VAL G 256 37.59 73.64 23.76
C VAL G 256 38.68 73.47 22.72
N ARG G 257 39.71 74.32 22.79
CA ARG G 257 40.81 74.22 21.83
C ARG G 257 41.57 72.91 22.00
N THR G 258 41.76 72.47 23.26
CA THR G 258 42.47 71.22 23.51
C THR G 258 41.80 70.04 22.83
N ILE G 259 40.48 70.12 22.63
CA ILE G 259 39.77 69.12 21.85
C ILE G 259 39.78 69.45 20.36
N ASP G 260 40.33 70.61 19.96
CA ASP G 260 40.29 71.02 18.55
C ASP G 260 41.29 70.23 17.71
N VAL G 261 42.54 70.13 18.15
CA VAL G 261 43.45 69.20 17.48
C VAL G 261 42.92 67.77 17.64
N GLU G 262 42.15 67.53 18.70
CA GLU G 262 41.47 66.25 18.88
C GLU G 262 40.36 66.06 17.84
N ARG G 263 39.58 67.13 17.57
CA ARG G 263 38.87 67.35 16.30
C ARG G 263 38.32 68.76 16.22
N ASN G 264 38.76 69.50 15.20
CA ASN G 264 38.48 70.92 15.07
C ASN G 264 37.13 71.20 14.43
N GLN G 265 36.05 70.62 14.98
CA GLN G 265 34.71 70.84 14.46
C GLN G 265 33.94 71.85 15.29
N PHE G 266 34.42 72.19 16.47
CA PHE G 266 33.77 73.15 17.34
C PHE G 266 34.39 74.54 17.26
N THR G 267 35.53 74.67 16.58
CA THR G 267 36.25 75.93 16.53
C THR G 267 35.33 77.04 16.03
N HIS G 268 34.79 76.87 14.83
CA HIS G 268 34.03 77.93 14.20
C HIS G 268 32.89 78.36 15.09
N ALA G 269 32.02 77.42 15.45
CA ALA G 269 30.87 77.80 16.25
C ALA G 269 31.29 78.40 17.57
N PHE G 270 32.27 77.78 18.24
CA PHE G 270 32.66 78.26 19.55
C PHE G 270 33.31 79.63 19.48
N GLY G 271 34.41 79.76 18.73
CA GLY G 271 35.02 81.06 18.58
C GLY G 271 34.00 82.14 18.26
N LEU G 272 32.91 81.76 17.61
CA LEU G 272 31.83 82.69 17.33
C LEU G 272 31.10 83.07 18.62
N ILE G 273 30.98 82.14 19.56
CA ILE G 273 30.33 82.43 20.83
C ILE G 273 31.27 83.18 21.76
N ASN G 274 32.53 82.75 21.82
CA ASN G 274 33.50 83.36 22.72
C ASN G 274 33.71 84.83 22.40
N ASP G 275 33.58 85.20 21.13
CA ASP G 275 33.68 86.61 20.77
C ASP G 275 32.53 87.41 21.40
N TYR G 276 31.30 86.91 21.25
CA TYR G 276 30.16 87.62 21.84
C TYR G 276 30.26 87.67 23.36
N MET G 277 30.75 86.58 23.96
CA MET G 277 30.89 86.53 25.42
C MET G 277 31.88 87.58 25.91
N GLN G 278 32.96 87.77 25.16
CA GLN G 278 33.93 88.80 25.50
C GLN G 278 33.42 90.20 25.19
N GLU G 279 32.63 90.36 24.13
CA GLU G 279 31.98 91.64 23.88
C GLU G 279 31.15 92.10 25.07
N SER G 280 30.22 91.25 25.52
CA SER G 280 29.15 91.62 26.43
C SER G 280 29.49 91.36 27.90
N THR G 281 30.72 90.97 28.20
CA THR G 281 31.06 90.53 29.55
C THR G 281 30.09 89.43 29.98
N GLY G 282 29.77 88.54 29.05
CA GLY G 282 28.80 87.49 29.35
C GLY G 282 29.35 86.44 30.28
N TYR G 283 30.63 86.10 30.13
CA TYR G 283 31.25 85.17 31.06
C TYR G 283 31.18 85.70 32.48
N ASN G 284 31.00 84.78 33.41
CA ASN G 284 30.86 85.09 34.83
C ASN G 284 31.08 83.81 35.60
N GLU G 285 30.96 83.91 36.92
CA GLU G 285 31.09 82.71 37.74
C GLU G 285 30.09 81.64 37.34
N TYR G 286 28.89 82.04 36.93
CA TYR G 286 27.81 81.08 36.69
C TYR G 286 27.96 80.31 35.38
N THR G 287 28.81 80.79 34.47
CA THR G 287 29.00 80.09 33.20
C THR G 287 29.52 78.68 33.42
N PHE G 288 28.92 77.72 32.72
CA PHE G 288 29.34 76.33 32.82
C PHE G 288 29.09 75.64 31.49
N LEU G 289 29.31 74.33 31.47
CA LEU G 289 29.46 73.59 30.23
C LEU G 289 28.71 72.26 30.33
N SER G 290 28.42 71.65 29.18
CA SER G 290 27.62 70.43 29.13
C SER G 290 28.06 69.58 27.95
N CYS G 291 27.61 68.32 27.92
CA CYS G 291 27.86 67.48 26.74
C CYS G 291 27.06 66.19 26.88
N ASP G 292 27.16 65.33 25.87
CA ASP G 292 26.45 64.06 25.79
C ASP G 292 27.43 62.91 25.89
N PHE G 293 26.94 61.76 26.36
CA PHE G 293 27.75 60.56 26.50
C PHE G 293 27.60 59.67 25.27
N VAL G 294 28.25 60.06 24.18
CA VAL G 294 28.22 59.25 22.95
C VAL G 294 29.38 59.66 22.04
N GLU G 295 29.73 58.75 21.12
CA GLU G 295 30.52 59.05 19.93
C GLU G 295 30.59 60.53 19.59
N THR G 296 31.80 61.01 19.29
CA THR G 296 32.02 62.43 19.01
C THR G 296 31.18 62.90 17.83
N SER G 297 30.95 62.05 16.83
CA SER G 297 30.19 62.48 15.66
C SER G 297 28.82 63.03 16.05
N GLU G 298 28.10 62.29 16.89
CA GLU G 298 26.73 62.60 17.27
C GLU G 298 26.62 63.45 18.54
N GLN G 299 27.72 64.05 19.00
CA GLN G 299 27.70 64.75 20.27
C GLN G 299 27.44 66.25 20.10
N ARG G 300 26.76 66.81 21.08
CA ARG G 300 26.31 68.19 21.06
C ARG G 300 26.86 68.92 22.29
N LEU G 301 27.96 69.66 22.18
CA LEU G 301 28.43 70.35 23.37
C LEU G 301 27.74 71.70 23.49
N LYS G 302 27.50 72.12 24.72
CA LYS G 302 26.69 73.28 25.03
C LYS G 302 27.41 74.15 26.04
N ILE G 303 27.32 75.47 25.88
CA ILE G 303 27.83 76.43 26.86
C ILE G 303 26.64 77.16 27.48
N TYR G 304 26.58 77.17 28.81
CA TYR G 304 25.50 77.89 29.47
C TYR G 304 26.09 79.11 30.19
N GLY G 305 25.21 80.06 30.50
CA GLY G 305 25.60 81.24 31.25
C GLY G 305 24.36 81.91 31.78
N ALA G 306 24.56 82.98 32.53
CA ALA G 306 23.44 83.66 33.17
C ALA G 306 23.63 85.17 33.14
N HIS G 307 22.54 85.89 33.38
CA HIS G 307 22.59 87.33 33.55
C HIS G 307 21.64 87.76 34.66
N THR G 308 22.16 88.62 35.54
CA THR G 308 21.43 89.06 36.72
C THR G 308 20.17 89.81 36.32
N GLU G 309 20.32 90.90 35.56
CA GLU G 309 19.20 91.68 35.06
C GLU G 309 19.27 91.71 33.54
N VAL G 310 18.13 91.47 32.91
CA VAL G 310 18.07 91.29 31.46
C VAL G 310 16.76 91.86 30.97
N THR G 311 16.84 92.70 29.94
CA THR G 311 15.68 93.27 29.26
C THR G 311 15.40 92.47 28.01
N TRP G 312 14.30 92.79 27.34
CA TRP G 312 14.05 92.16 26.04
C TRP G 312 15.16 92.46 25.04
N ALA G 313 15.59 93.72 24.96
CA ALA G 313 16.68 94.06 24.05
C ALA G 313 17.91 93.23 24.35
N LYS G 314 18.25 93.06 25.63
CA LYS G 314 19.33 92.16 26.00
C LYS G 314 19.02 90.73 25.54
N ILE G 315 17.76 90.31 25.71
CA ILE G 315 17.35 88.98 25.26
C ILE G 315 17.52 88.86 23.76
N ALA G 316 17.01 89.85 23.02
CA ALA G 316 17.21 89.84 21.57
C ALA G 316 18.68 89.90 21.23
N GLU G 317 19.43 90.72 21.95
CA GLU G 317 20.87 90.77 21.76
C GLU G 317 21.50 89.40 21.95
N MET G 318 21.09 88.65 22.99
CA MET G 318 21.69 87.36 23.25
C MET G 318 21.23 86.30 22.25
N TRP G 319 19.92 86.26 21.95
CA TRP G 319 19.40 85.24 21.05
C TRP G 319 20.07 85.30 19.69
N THR G 320 20.31 86.51 19.19
CA THR G 320 21.06 86.71 17.97
C THR G 320 22.54 86.91 18.24
N LEU G 321 22.98 86.61 19.46
CA LEU G 321 24.39 86.54 19.82
C LEU G 321 25.08 87.83 19.38
N GLY G 322 24.55 88.94 19.85
CA GLY G 322 24.87 90.21 19.25
C GLY G 322 24.15 90.27 17.91
N GLY G 323 24.90 90.33 16.81
CA GLY G 323 24.30 90.18 15.50
C GLY G 323 24.85 88.99 14.75
N ARG G 324 25.61 88.13 15.45
CA ARG G 324 26.42 87.11 14.78
C ARG G 324 25.62 86.29 13.77
N LEU G 325 24.37 85.97 14.09
CA LEU G 325 23.60 85.01 13.32
C LEU G 325 22.24 85.57 12.91
N ILE G 326 22.16 86.89 12.69
CA ILE G 326 20.96 87.47 12.08
C ILE G 326 20.73 86.89 10.69
N GLU G 327 21.80 86.45 10.02
CA GLU G 327 21.68 85.91 8.67
C GLU G 327 20.73 84.72 8.62
N GLU G 328 20.82 83.84 9.60
CA GLU G 328 19.95 82.66 9.62
C GLU G 328 18.48 83.06 9.74
N PRO G 329 17.61 82.52 8.90
CA PRO G 329 16.19 82.86 9.04
C PRO G 329 15.56 82.22 10.26
N GLU G 330 16.01 81.01 10.59
CA GLU G 330 15.51 80.31 11.77
C GLU G 330 15.45 81.24 12.98
N ILE G 331 16.57 81.89 13.28
CA ILE G 331 16.67 82.74 14.46
C ILE G 331 15.55 83.78 14.48
N ILE G 332 15.29 84.43 13.34
CA ILE G 332 14.26 85.46 13.31
C ILE G 332 12.92 84.87 13.72
N ALA G 333 12.53 83.75 13.09
CA ALA G 333 11.25 83.12 13.42
C ALA G 333 11.20 82.70 14.88
N GLY G 334 12.23 81.97 15.34
CA GLY G 334 12.28 81.57 16.72
C GLY G 334 12.18 82.75 17.67
N LEU G 335 12.80 83.88 17.30
CA LEU G 335 12.76 85.05 18.18
C LEU G 335 11.35 85.61 18.26
N ALA G 336 10.60 85.53 17.16
CA ALA G 336 9.21 85.98 17.18
C ALA G 336 8.40 85.20 18.20
N ARG G 337 8.34 83.87 18.03
CA ARG G 337 7.66 83.03 19.00
C ARG G 337 8.14 83.33 20.42
N LEU G 338 9.44 83.61 20.57
CA LEU G 338 10.01 83.81 21.89
C LEU G 338 9.38 85.01 22.58
N LYS G 339 9.23 86.14 21.86
CA LYS G 339 8.60 87.28 22.50
C LYS G 339 7.13 86.98 22.82
N GLN G 340 6.51 86.11 22.04
CA GLN G 340 5.13 85.75 22.31
C GLN G 340 5.01 85.13 23.70
N ILE G 341 6.03 84.38 24.14
CA ILE G 341 6.00 83.81 25.47
C ILE G 341 6.41 84.84 26.51
N TRP G 342 7.48 85.58 26.23
CA TRP G 342 7.97 86.57 27.18
C TRP G 342 6.80 87.43 27.67
N SER G 343 5.89 87.79 26.76
CA SER G 343 4.75 88.63 27.12
C SER G 343 3.75 87.88 27.99
N LEU G 344 3.46 86.63 27.66
CA LEU G 344 2.50 85.87 28.45
C LEU G 344 2.97 85.68 29.89
N LEU G 345 4.27 85.42 30.09
CA LEU G 345 4.74 84.89 31.37
C LEU G 345 4.84 85.96 32.45
N GLN G 346 5.68 86.97 32.23
CA GLN G 346 5.94 87.95 33.27
C GLN G 346 4.91 89.06 33.30
N ILE G 347 3.84 88.96 32.51
CA ILE G 347 2.83 90.02 32.42
C ILE G 347 2.01 90.11 33.72
N ILE G 369 18.54 88.00 45.87
CA ILE G 369 17.32 88.77 45.98
C ILE G 369 16.27 88.21 45.02
N ALA G 370 16.73 87.60 43.93
CA ALA G 370 15.85 87.04 42.91
C ALA G 370 16.66 86.08 42.06
N SER G 371 15.95 85.33 41.21
CA SER G 371 16.52 84.30 40.34
C SER G 371 17.01 84.91 39.02
N PRO G 372 18.18 84.45 38.55
CA PRO G 372 18.71 84.93 37.26
C PRO G 372 18.08 84.21 36.07
N ILE G 373 18.33 84.77 34.86
CA ILE G 373 17.88 84.15 33.62
C ILE G 373 19.09 83.49 32.96
N ILE G 374 18.91 82.27 32.44
CA ILE G 374 20.02 81.45 31.93
C ILE G 374 19.86 81.27 30.44
N TRP G 375 20.99 81.21 29.74
CA TRP G 375 21.05 80.99 28.30
C TRP G 375 21.96 79.82 27.97
N ASN G 376 21.79 79.33 26.74
CA ASN G 376 22.44 78.12 26.27
C ASN G 376 22.76 78.27 24.79
N TYR G 377 23.97 77.90 24.39
CA TYR G 377 24.37 77.88 22.97
C TYR G 377 24.86 76.49 22.64
N GLU G 378 24.16 75.80 21.75
CA GLU G 378 24.39 74.41 21.46
C GLU G 378 25.21 74.30 20.19
N ILE G 379 26.41 73.75 20.31
CA ILE G 379 27.32 73.66 19.18
C ILE G 379 27.29 72.26 18.60
N HIS G 380 26.29 71.97 17.76
CA HIS G 380 26.36 70.78 16.95
C HIS G 380 27.61 70.84 16.08
N PRO G 381 28.39 69.76 15.99
CA PRO G 381 29.72 69.85 15.38
C PRO G 381 29.73 70.17 13.89
N GLY G 382 28.89 69.46 13.12
CA GLY G 382 28.90 69.66 11.68
C GLY G 382 28.53 71.08 11.28
N SER G 383 27.54 71.66 11.96
CA SER G 383 26.98 72.93 11.54
C SER G 383 27.97 74.07 11.80
N ARG G 384 27.61 75.26 11.30
CA ARG G 384 28.45 76.43 11.41
C ARG G 384 27.97 77.46 12.42
N PHE G 385 26.70 77.40 12.84
CA PHE G 385 26.24 78.30 13.87
C PHE G 385 25.82 77.54 15.13
N PRO G 386 25.80 78.22 16.27
CA PRO G 386 25.17 77.65 17.45
C PRO G 386 23.65 77.82 17.40
N VAL G 387 22.97 76.95 18.12
CA VAL G 387 21.53 77.05 18.32
C VAL G 387 21.28 77.55 19.75
N PRO G 388 20.54 78.63 19.94
CA PRO G 388 20.33 79.15 21.29
C PRO G 388 19.21 78.42 22.03
N LYS G 389 19.09 78.76 23.31
CA LYS G 389 18.06 78.22 24.19
C LYS G 389 18.04 79.02 25.48
N PHE G 390 16.88 79.43 25.96
CA PHE G 390 16.83 80.20 27.19
C PHE G 390 16.04 79.49 28.27
N TYR G 391 16.26 79.92 29.50
CA TYR G 391 15.67 79.34 30.70
C TYR G 391 15.08 80.47 31.54
N LEU G 392 13.81 80.32 31.91
CA LEU G 392 13.04 81.43 32.42
C LEU G 392 12.53 81.12 33.83
N PRO G 393 12.76 82.00 34.80
CA PRO G 393 12.31 81.73 36.18
C PRO G 393 10.79 81.72 36.27
N VAL G 394 10.25 80.68 36.91
CA VAL G 394 8.81 80.57 37.08
C VAL G 394 8.50 80.48 38.56
N HIS G 395 9.38 79.85 39.32
CA HIS G 395 9.28 79.95 40.77
C HIS G 395 9.29 81.42 41.16
N GLY G 396 8.23 81.85 41.83
CA GLY G 396 7.96 83.26 42.02
C GLY G 396 6.78 83.74 41.21
N GLU G 397 6.37 82.97 40.21
CA GLU G 397 5.15 83.22 39.45
C GLU G 397 4.09 82.21 39.86
N ASN G 398 2.86 82.68 40.05
CA ASN G 398 1.75 81.79 40.34
C ASN G 398 1.76 80.62 39.37
N ASP G 399 2.00 79.42 39.90
CA ASP G 399 2.16 78.26 39.03
C ASP G 399 0.91 77.98 38.20
N LEU G 400 -0.26 78.48 38.61
CA LEU G 400 -1.43 78.39 37.76
C LEU G 400 -1.36 79.42 36.64
N HIS G 401 -1.10 80.67 37.00
CA HIS G 401 -0.86 81.68 35.98
C HIS G 401 0.12 81.19 34.95
N VAL G 402 1.19 80.52 35.38
CA VAL G 402 2.16 80.03 34.43
C VAL G 402 1.56 78.90 33.60
N ALA G 403 0.80 78.01 34.24
CA ALA G 403 0.15 76.94 33.50
C ALA G 403 -0.82 77.49 32.48
N ARG G 404 -1.64 78.46 32.89
CA ARG G 404 -2.59 79.08 31.97
C ARG G 404 -1.86 79.68 30.78
N ALA G 405 -0.99 80.67 31.04
CA ALA G 405 -0.24 81.32 29.98
C ALA G 405 0.57 80.31 29.17
N LEU G 406 1.11 79.29 29.84
CA LEU G 406 1.88 78.29 29.12
C LEU G 406 1.00 77.55 28.13
N ALA G 407 -0.25 77.27 28.51
CA ALA G 407 -1.17 76.51 27.66
C ALA G 407 -1.72 77.36 26.53
N GLN G 408 -2.03 78.63 26.80
CA GLN G 408 -2.45 79.54 25.73
C GLN G 408 -1.43 79.52 24.59
N PHE G 409 -0.16 79.58 24.94
CA PHE G 409 0.91 79.55 23.95
C PHE G 409 0.92 78.26 23.12
N TRP G 410 0.37 77.16 23.62
CA TRP G 410 0.40 75.95 22.82
C TRP G 410 -0.61 76.02 21.68
N ASP G 411 -1.80 76.58 21.94
CA ASP G 411 -2.75 76.78 20.87
C ASP G 411 -2.18 77.68 19.77
N SER G 412 -1.57 78.81 20.16
CA SER G 412 -0.91 79.67 19.17
C SER G 412 -0.04 78.86 18.23
N LEU G 413 0.70 77.88 18.75
CA LEU G 413 1.44 76.98 17.90
C LEU G 413 0.56 75.92 17.26
N GLY G 414 -0.60 75.61 17.85
CA GLY G 414 -1.47 74.58 17.33
C GLY G 414 -1.14 73.17 17.81
N TRP G 415 -0.92 73.00 19.11
CA TRP G 415 -0.78 71.67 19.70
C TRP G 415 -2.10 71.29 20.36
N PRO G 416 -2.91 70.41 19.77
CA PRO G 416 -4.27 70.21 20.28
C PRO G 416 -4.34 69.65 21.69
N GLU G 417 -3.69 68.49 21.90
CA GLU G 417 -3.84 67.81 23.19
C GLU G 417 -2.90 68.41 24.26
N HIS G 418 -1.76 69.01 23.84
CA HIS G 418 -0.82 69.42 24.88
C HIS G 418 -1.35 70.59 25.64
N ALA G 419 -2.11 71.47 24.95
CA ALA G 419 -2.60 72.66 25.64
C ALA G 419 -3.89 72.40 26.40
N CYS G 420 -4.73 71.45 25.94
CA CYS G 420 -6.04 71.23 26.57
C CYS G 420 -5.89 70.58 27.95
N ALA G 421 -5.04 69.57 28.04
CA ALA G 421 -4.93 68.76 29.24
C ALA G 421 -3.69 69.10 30.07
N TYR G 422 -3.11 70.28 29.91
CA TYR G 422 -1.90 70.58 30.68
C TYR G 422 -2.22 70.83 32.15
N PRO G 423 -2.93 71.89 32.50
CA PRO G 423 -3.15 72.18 33.93
C PRO G 423 -3.82 71.04 34.67
N ASP G 424 -4.64 70.24 34.00
CA ASP G 424 -5.10 69.00 34.61
C ASP G 424 -3.94 68.05 34.83
N THR G 425 -2.96 68.08 33.91
CA THR G 425 -1.73 67.31 34.08
C THR G 425 -0.84 67.92 35.14
N LEU G 426 -0.98 69.22 35.41
CA LEU G 426 -0.17 69.87 36.44
C LEU G 426 -0.67 69.50 37.83
N GLN G 427 -1.99 69.55 38.04
CA GLN G 427 -2.53 69.21 39.35
C GLN G 427 -2.35 67.72 39.64
N GLN G 428 -2.46 66.88 38.60
CA GLN G 428 -2.35 65.44 38.81
C GLN G 428 -0.94 65.03 39.24
N LEU G 429 0.06 65.90 39.02
CA LEU G 429 1.40 65.72 39.56
C LEU G 429 1.53 66.18 40.99
N TYR G 430 0.67 67.08 41.44
CA TYR G 430 0.73 67.67 42.77
C TYR G 430 -0.65 67.68 43.42
N PRO G 431 -1.28 66.51 43.56
CA PRO G 431 -2.61 66.49 44.18
C PRO G 431 -2.62 67.00 45.61
N ASP G 432 -1.53 66.84 46.35
CA ASP G 432 -1.49 67.38 47.71
C ASP G 432 -1.57 68.90 47.69
N GLN G 433 -0.99 69.54 46.68
CA GLN G 433 -0.93 70.99 46.59
C GLN G 433 -2.13 71.51 45.81
N ASP G 434 -2.42 72.80 46.01
CA ASP G 434 -3.49 73.49 45.30
C ASP G 434 -2.86 74.60 44.46
N ILE G 435 -2.90 74.41 43.14
CA ILE G 435 -2.21 75.31 42.22
C ILE G 435 -2.71 76.75 42.36
N SER G 436 -3.94 76.91 42.85
CA SER G 436 -4.48 78.24 43.04
C SER G 436 -3.50 79.12 43.83
N GLN G 437 -2.76 78.53 44.76
CA GLN G 437 -1.92 79.29 45.67
C GLN G 437 -0.44 78.95 45.54
N THR G 438 -0.06 78.05 44.64
CA THR G 438 1.30 77.55 44.59
C THR G 438 2.18 78.45 43.72
N THR G 439 3.44 78.53 44.09
CA THR G 439 4.41 79.36 43.38
C THR G 439 5.67 78.64 43.00
N ARG G 440 6.21 77.77 43.87
CA ARG G 440 7.47 77.09 43.62
C ARG G 440 7.31 75.79 42.86
N LEU G 441 6.09 75.32 42.62
CA LEU G 441 5.94 74.02 41.98
C LEU G 441 6.60 73.98 40.61
N GLN G 442 6.74 75.13 39.95
CA GLN G 442 7.37 75.07 38.65
C GLN G 442 8.28 76.27 38.50
N SER G 443 9.50 75.99 38.07
CA SER G 443 10.65 76.85 38.34
C SER G 443 11.34 77.36 37.09
N TRP G 444 11.48 76.55 36.06
CA TRP G 444 12.17 77.00 34.85
C TRP G 444 11.40 76.57 33.61
N ILE G 445 11.55 77.33 32.53
CA ILE G 445 11.00 76.98 31.23
C ILE G 445 12.10 77.19 30.19
N SER G 446 12.29 76.19 29.33
CA SER G 446 13.34 76.21 28.31
C SER G 446 12.73 76.46 26.95
N TYR G 447 13.45 77.23 26.13
CA TYR G 447 12.98 77.59 24.79
C TYR G 447 14.09 77.42 23.77
N SER G 448 13.81 76.63 22.74
CA SER G 448 14.68 76.50 21.58
C SER G 448 13.80 76.48 20.35
N TYR G 449 14.36 76.86 19.20
CA TYR G 449 13.62 76.83 17.95
C TYR G 449 14.46 76.21 16.84
N THR G 450 13.82 75.36 16.04
CA THR G 450 14.46 74.75 14.89
C THR G 450 13.48 74.75 13.73
N ALA G 451 14.02 74.82 12.52
CA ALA G 451 13.19 74.64 11.34
C ALA G 451 12.57 73.25 11.31
N LYS G 452 13.40 72.23 11.51
CA LYS G 452 12.93 70.85 11.48
C LYS G 452 12.01 70.54 12.66
N ARG G 453 12.56 70.60 13.88
CA ARG G 453 11.80 70.20 15.05
C ARG G 453 10.59 71.09 15.30
N GLY G 454 10.77 72.40 15.14
CA GLY G 454 9.74 73.33 15.57
C GLY G 454 10.12 74.03 16.86
N VAL G 455 9.31 73.88 17.89
CA VAL G 455 9.52 74.57 19.15
C VAL G 455 9.86 73.54 20.22
N TYR G 456 11.14 73.45 20.60
CA TYR G 456 11.55 72.81 21.84
C TYR G 456 11.11 73.63 23.04
N MET G 457 10.66 72.96 24.08
CA MET G 457 10.28 73.67 25.29
C MET G 457 10.06 72.69 26.44
N SER G 458 10.70 72.94 27.57
CA SER G 458 10.73 72.01 28.68
C SER G 458 10.42 72.75 29.98
N VAL G 459 9.84 72.03 30.93
CA VAL G 459 9.42 72.61 32.20
C VAL G 459 10.13 71.87 33.32
N TYR G 460 10.61 72.64 34.32
CA TYR G 460 11.42 72.12 35.42
C TYR G 460 10.65 72.30 36.72
N TYR G 461 10.48 71.21 37.47
CA TYR G 461 9.49 71.18 38.54
C TYR G 461 10.14 71.02 39.91
N HIS G 462 9.34 71.32 40.93
CA HIS G 462 9.66 70.99 42.31
C HIS G 462 9.68 69.49 42.45
N SER G 463 10.88 68.93 42.66
CA SER G 463 11.13 67.51 42.44
C SER G 463 11.28 66.72 43.75
N GLN G 464 10.70 67.22 44.85
CA GLN G 464 10.54 66.45 46.07
C GLN G 464 9.10 66.57 46.53
N SER G 465 8.74 65.77 47.53
CA SER G 465 7.35 65.65 47.97
C SER G 465 7.06 66.42 49.24
N THR G 466 7.97 67.26 49.70
CA THR G 466 7.72 68.12 50.85
C THR G 466 7.98 69.57 50.44
N TYR G 467 6.95 70.40 50.57
CA TYR G 467 6.94 71.77 50.04
C TYR G 467 6.75 72.74 51.18
N LEU G 468 7.59 73.76 51.24
CA LEU G 468 7.63 74.64 52.40
C LEU G 468 6.73 75.85 52.14
N PRO H 52 8.16 38.02 21.59
CA PRO H 52 8.93 37.51 22.74
C PRO H 52 8.16 37.64 24.07
N SER H 53 8.63 36.96 25.11
CA SER H 53 8.03 37.05 26.44
C SER H 53 8.49 38.32 27.15
N PRO H 54 7.66 38.86 28.05
CA PRO H 54 7.82 40.28 28.44
C PRO H 54 8.67 40.57 29.66
N ALA H 55 8.37 39.91 30.79
CA ALA H 55 8.79 40.40 32.10
C ALA H 55 10.30 40.55 32.25
N GLN H 56 11.10 39.88 31.43
CA GLN H 56 12.55 39.97 31.52
C GLN H 56 13.09 41.29 30.97
N ALA H 57 12.21 42.26 30.72
CA ALA H 57 12.66 43.58 30.29
C ALA H 57 13.38 44.31 31.42
N LEU H 58 13.09 43.95 32.67
CA LEU H 58 13.74 44.60 33.80
C LEU H 58 15.25 44.48 33.74
N ALA H 59 15.75 43.33 33.33
CA ALA H 59 17.19 43.08 33.33
C ALA H 59 17.96 44.08 32.47
N SER H 60 17.30 44.74 31.52
CA SER H 60 18.01 45.62 30.60
C SER H 60 18.86 46.63 31.36
N TYR H 61 18.30 47.25 32.39
CA TYR H 61 19.01 48.27 33.17
C TYR H 61 19.37 47.77 34.56
N HIS H 62 19.75 46.50 34.65
CA HIS H 62 20.25 45.90 35.88
C HIS H 62 21.55 45.16 35.61
N HIS H 63 22.48 45.26 36.56
CA HIS H 63 23.77 44.59 36.47
C HIS H 63 23.91 43.56 37.58
N PHE H 64 24.03 42.30 37.19
CA PHE H 64 24.21 41.23 38.17
C PHE H 64 25.65 41.25 38.70
N PRO H 65 25.85 41.36 40.00
CA PRO H 65 27.20 41.60 40.52
C PRO H 65 28.21 40.51 40.19
N THR H 66 27.89 39.26 40.44
CA THR H 66 28.89 38.21 40.25
C THR H 66 28.64 37.44 38.96
N ASN H 67 29.68 36.79 38.47
CA ASN H 67 29.50 35.91 37.32
C ASN H 67 28.56 34.76 37.64
N ASP H 68 28.62 34.22 38.86
CA ASP H 68 27.68 33.17 39.24
C ASP H 68 26.25 33.60 38.96
N GLN H 69 25.85 34.78 39.46
CA GLN H 69 24.48 35.22 39.26
C GLN H 69 24.15 35.38 37.78
N GLU H 70 25.03 36.04 37.04
CA GLU H 70 24.76 36.24 35.62
C GLU H 70 24.44 34.92 34.93
N ARG H 71 25.20 33.87 35.22
CA ARG H 71 24.99 32.61 34.51
C ARG H 71 23.66 31.98 34.89
N TRP H 72 23.23 32.09 36.16
CA TRP H 72 21.92 31.57 36.50
C TRP H 72 20.82 32.31 35.75
N TRP H 73 20.89 33.64 35.73
CA TRP H 73 19.92 34.42 34.97
C TRP H 73 19.81 33.90 33.55
N GLU H 74 20.94 33.69 32.91
CA GLU H 74 20.93 33.19 31.55
C GLU H 74 20.34 31.79 31.51
N GLU H 75 20.45 31.04 32.60
CA GLU H 75 19.99 29.65 32.62
C GLU H 75 18.50 29.55 32.95
N THR H 76 17.99 30.41 33.83
CA THR H 76 16.60 30.32 34.26
C THR H 76 15.79 31.59 34.06
N GLY H 77 16.41 32.69 33.64
CA GLY H 77 15.71 33.95 33.55
C GLY H 77 14.54 33.98 32.58
N SER H 78 14.78 33.66 31.31
CA SER H 78 13.68 33.62 30.35
C SER H 78 12.62 32.63 30.81
N LEU H 79 13.04 31.47 31.29
CA LEU H 79 12.08 30.44 31.65
C LEU H 79 11.13 30.95 32.70
N PHE H 80 11.64 31.63 33.71
CA PHE H 80 10.76 32.17 34.74
C PHE H 80 9.82 33.20 34.16
N SER H 81 10.33 34.02 33.24
CA SER H 81 9.45 35.00 32.61
C SER H 81 8.30 34.31 31.88
N ARG H 82 8.58 33.17 31.25
CA ARG H 82 7.53 32.49 30.51
C ARG H 82 6.48 31.90 31.45
N PHE H 83 6.91 31.34 32.59
CA PHE H 83 5.91 30.80 33.52
C PHE H 83 5.02 31.90 34.07
N LEU H 84 5.57 33.08 34.32
CA LEU H 84 4.71 34.19 34.69
C LEU H 84 3.64 34.44 33.63
N GLU H 85 4.04 34.41 32.35
CA GLU H 85 3.08 34.58 31.26
C GLU H 85 2.04 33.47 31.27
N ALA H 86 2.49 32.20 31.30
CA ALA H 86 1.57 31.07 31.34
C ALA H 86 0.72 31.04 32.60
N GLY H 87 1.08 31.79 33.64
CA GLY H 87 0.26 31.85 34.81
C GLY H 87 -0.86 32.86 34.75
N GLN H 88 -0.93 33.65 33.69
CA GLN H 88 -2.01 34.62 33.51
C GLN H 88 -2.02 35.63 34.66
N TYR H 89 -0.83 36.10 35.02
CA TYR H 89 -0.68 37.10 36.05
C TYR H 89 -0.86 38.50 35.47
N GLY H 90 -1.33 39.43 36.31
CA GLY H 90 -1.36 40.81 35.89
C GLY H 90 0.03 41.29 35.53
N LEU H 91 0.11 42.07 34.45
CA LEU H 91 1.41 42.53 33.98
C LEU H 91 2.15 43.24 35.10
N PRO H 92 1.52 44.11 35.91
CA PRO H 92 2.22 44.65 37.08
C PRO H 92 2.76 43.58 38.00
N GLN H 93 2.00 42.53 38.28
CA GLN H 93 2.53 41.51 39.16
C GLN H 93 3.65 40.73 38.50
N GLN H 94 3.61 40.51 37.19
CA GLN H 94 4.72 39.81 36.55
C GLN H 94 6.04 40.48 36.91
N TYR H 95 6.12 41.79 36.65
CA TYR H 95 7.31 42.55 36.99
C TYR H 95 7.56 42.54 38.49
N GLN H 96 6.48 42.53 39.27
CA GLN H 96 6.60 42.58 40.72
C GLN H 96 7.27 41.32 41.26
N PHE H 97 6.87 40.15 40.76
CA PHE H 97 7.57 38.92 41.15
C PHE H 97 8.90 38.79 40.42
N MET H 98 8.96 39.21 39.16
CA MET H 98 10.24 39.20 38.47
C MET H 98 11.28 39.95 39.27
N PHE H 99 10.90 41.12 39.80
CA PHE H 99 11.76 41.86 40.70
C PHE H 99 12.17 40.99 41.87
N PHE H 100 11.20 40.35 42.52
CA PHE H 100 11.52 39.48 43.63
C PHE H 100 12.47 38.37 43.19
N PHE H 101 12.21 37.77 42.04
CA PHE H 101 13.04 36.66 41.59
C PHE H 101 14.50 37.07 41.46
N MET H 102 14.76 38.24 40.86
CA MET H 102 16.13 38.66 40.59
C MET H 102 16.91 38.92 41.87
N HIS H 103 16.30 39.62 42.81
CA HIS H 103 17.03 40.12 43.98
C HIS H 103 17.29 39.05 45.03
N HIS H 104 16.36 38.12 45.23
CA HIS H 104 16.48 37.23 46.36
C HIS H 104 16.75 35.78 45.99
N LEU H 105 16.40 35.34 44.79
CA LEU H 105 16.60 33.95 44.45
C LEU H 105 17.82 33.74 43.58
N ILE H 106 18.11 34.65 42.67
CA ILE H 106 19.31 34.52 41.87
C ILE H 106 20.57 34.58 42.76
N PRO H 107 20.65 35.53 43.70
CA PRO H 107 21.77 35.44 44.69
C PRO H 107 21.85 34.09 45.40
N ALA H 108 20.71 33.49 45.73
CA ALA H 108 20.71 32.26 46.51
C ALA H 108 21.04 31.01 45.71
N LEU H 109 21.15 31.10 44.39
CA LEU H 109 21.44 29.88 43.63
C LEU H 109 22.90 29.42 43.77
N GLY H 110 23.81 30.33 44.10
CA GLY H 110 25.18 29.96 44.32
C GLY H 110 26.01 29.82 43.05
N PRO H 111 27.10 29.08 43.12
CA PRO H 111 27.99 28.93 41.97
C PRO H 111 27.22 28.41 40.78
N TYR H 112 27.41 29.05 39.61
CA TYR H 112 26.66 28.60 38.44
C TYR H 112 26.97 27.16 38.06
N PRO H 113 28.19 26.82 37.73
CA PRO H 113 28.50 25.39 37.62
C PRO H 113 28.28 24.79 39.00
N GLN H 114 27.04 24.34 39.26
CA GLN H 114 26.67 24.08 40.63
C GLN H 114 27.41 22.85 41.14
N LYS H 115 28.01 23.00 42.34
CA LYS H 115 28.72 21.85 42.89
C LYS H 115 27.87 21.07 43.89
N TRP H 116 26.67 21.56 44.20
CA TRP H 116 25.80 21.01 45.22
C TRP H 116 24.59 20.40 44.53
N ARG H 117 24.25 19.17 44.91
CA ARG H 117 22.97 18.60 44.56
C ARG H 117 21.97 18.89 45.66
N SER H 118 20.85 19.48 45.28
CA SER H 118 19.77 19.72 46.22
C SER H 118 18.84 18.51 46.23
N THR H 119 18.35 18.17 47.40
CA THR H 119 17.45 17.02 47.51
C THR H 119 16.14 17.25 46.76
N ILE H 120 15.74 18.51 46.58
CA ILE H 120 14.39 18.81 46.13
C ILE H 120 14.16 18.40 44.68
N SER H 121 15.16 18.44 43.83
CA SER H 121 14.93 18.20 42.42
C SER H 121 15.43 16.82 41.99
N ARG H 122 14.76 16.23 41.01
CA ARG H 122 15.25 14.97 40.46
C ARG H 122 16.68 15.13 39.95
N SER H 123 16.94 16.19 39.17
CA SER H 123 18.27 16.45 38.67
C SER H 123 19.18 16.97 39.77
N GLY H 124 18.59 17.58 40.79
CA GLY H 124 19.34 18.10 41.92
C GLY H 124 19.48 19.60 41.94
N LEU H 125 19.00 20.31 40.92
CA LEU H 125 19.31 21.73 40.96
C LEU H 125 18.37 22.47 41.90
N PRO H 126 18.85 23.54 42.53
CA PRO H 126 18.16 24.09 43.70
C PRO H 126 16.80 24.72 43.48
N ILE H 127 16.27 24.61 42.26
CA ILE H 127 15.04 25.33 41.93
C ILE H 127 14.15 24.46 41.05
N GLU H 128 12.84 24.59 41.25
CA GLU H 128 11.90 24.04 40.27
C GLU H 128 10.59 24.80 40.32
N PHE H 129 9.97 24.92 39.15
CA PHE H 129 8.77 25.72 38.97
C PHE H 129 7.53 24.83 38.87
N SER H 130 6.43 25.31 39.45
CA SER H 130 5.19 24.55 39.54
C SER H 130 4.03 25.38 39.00
N LEU H 131 3.07 24.70 38.38
CA LEU H 131 1.78 25.27 38.01
C LEU H 131 0.67 24.47 38.66
N ASN H 132 -0.21 25.15 39.41
CA ASN H 132 -1.38 24.55 40.04
C ASN H 132 -2.63 24.95 39.29
N PHE H 133 -3.37 23.95 38.80
CA PHE H 133 -4.60 24.19 38.06
C PHE H 133 -5.81 23.97 38.96
N GLN H 134 -6.79 24.85 38.82
CA GLN H 134 -8.00 24.88 39.63
C GLN H 134 -9.22 24.78 38.72
N LYS H 135 -10.39 24.74 39.32
CA LYS H 135 -11.63 24.62 38.58
C LYS H 135 -11.95 25.96 37.94
N GLY H 136 -11.42 26.15 36.73
CA GLY H 136 -11.77 27.28 35.88
C GLY H 136 -11.28 28.64 36.35
N SER H 137 -10.99 28.77 37.65
CA SER H 137 -10.51 30.05 38.15
C SER H 137 -9.31 30.51 37.36
N HIS H 138 -8.31 29.64 37.21
CA HIS H 138 -7.06 29.93 36.51
C HIS H 138 -5.97 29.00 37.01
N ARG H 139 -4.71 29.43 36.86
CA ARG H 139 -3.56 28.66 37.28
C ARG H 139 -2.65 29.53 38.14
N LEU H 140 -1.86 28.89 39.02
CA LEU H 140 -0.95 29.59 39.92
C LEU H 140 0.46 29.04 39.77
N LEU H 141 1.45 29.89 40.08
CA LEU H 141 2.86 29.55 39.95
C LEU H 141 3.52 29.30 41.30
N ARG H 142 4.34 28.26 41.36
CA ARG H 142 5.01 27.77 42.55
C ARG H 142 6.49 27.61 42.27
N ILE H 143 7.34 27.94 43.25
CA ILE H 143 8.78 27.71 43.14
C ILE H 143 9.25 26.95 44.37
N GLY H 144 9.97 25.86 44.16
CA GLY H 144 10.69 25.17 45.24
C GLY H 144 12.16 25.55 45.22
N PHE H 145 12.67 25.97 46.38
CA PHE H 145 13.99 26.58 46.47
C PHE H 145 14.83 25.91 47.55
N GLU H 146 16.12 25.75 47.29
CA GLU H 146 17.09 25.46 48.34
C GLU H 146 18.22 26.47 48.21
N PRO H 147 18.37 27.41 49.15
CA PRO H 147 19.50 28.35 49.07
C PRO H 147 20.83 27.60 49.11
N VAL H 148 21.80 28.09 48.34
CA VAL H 148 23.12 27.49 48.23
C VAL H 148 24.17 28.59 48.13
N SER H 149 25.40 28.26 48.54
CA SER H 149 26.56 29.13 48.30
C SER H 149 27.77 28.24 48.00
N PHE H 150 28.89 28.89 47.67
CA PHE H 150 30.13 28.15 47.42
C PHE H 150 30.60 27.39 48.66
N LEU H 151 30.16 27.80 49.85
CA LEU H 151 30.44 27.03 51.07
C LEU H 151 29.63 25.74 51.16
N SER H 152 28.48 25.68 50.50
CA SER H 152 27.60 24.52 50.64
C SER H 152 28.34 23.24 50.24
N GLY H 153 28.35 22.28 51.15
CA GLY H 153 29.04 21.02 50.94
C GLY H 153 30.51 21.02 51.33
N SER H 154 31.01 22.11 51.90
CA SER H 154 32.42 22.22 52.25
C SER H 154 32.60 21.92 53.74
N SER H 155 33.85 22.04 54.19
CA SER H 155 34.14 21.82 55.60
C SER H 155 33.39 22.81 56.47
N GLN H 156 33.22 24.05 56.00
CA GLN H 156 32.63 25.09 56.86
C GLN H 156 31.13 24.89 57.01
N ASP H 157 30.49 24.29 56.02
CA ASP H 157 29.07 23.95 56.10
C ASP H 157 28.80 22.76 55.19
N PRO H 158 29.06 21.55 55.67
CA PRO H 158 28.95 20.39 54.79
C PRO H 158 27.51 20.03 54.46
N PHE H 159 26.53 20.49 55.25
CA PHE H 159 25.14 20.16 55.00
C PHE H 159 24.26 21.38 54.80
N ASN H 160 24.86 22.49 54.41
CA ASN H 160 24.14 23.60 53.81
C ASN H 160 23.10 24.19 54.75
N ARG H 161 23.50 24.46 55.99
CA ARG H 161 22.59 25.18 56.88
C ARG H 161 22.68 26.70 56.71
N ILE H 162 23.82 27.19 56.26
CA ILE H 162 24.09 28.63 56.28
C ILE H 162 23.15 29.34 55.32
N PRO H 163 23.05 28.90 54.06
CA PRO H 163 22.15 29.60 53.15
C PRO H 163 20.72 29.67 53.65
N ILE H 164 20.26 28.62 54.33
CA ILE H 164 18.88 28.58 54.81
C ILE H 164 18.59 29.74 55.75
N THR H 165 19.46 29.93 56.75
CA THR H 165 19.20 31.00 57.72
C THR H 165 19.45 32.38 57.10
N ASP H 166 20.40 32.47 56.15
CA ASP H 166 20.60 33.72 55.45
C ASP H 166 19.34 34.12 54.71
N LEU H 167 18.83 33.24 53.87
CA LEU H 167 17.62 33.55 53.12
C LEU H 167 16.47 33.89 54.03
N LEU H 168 16.36 33.18 55.16
CA LEU H 168 15.27 33.42 56.09
C LEU H 168 15.33 34.82 56.71
N ASN H 169 16.49 35.47 56.71
CA ASN H 169 16.53 36.84 57.18
C ASN H 169 16.20 37.84 56.10
N ARG H 170 16.60 37.58 54.85
CA ARG H 170 16.13 38.45 53.79
C ARG H 170 14.61 38.58 53.87
N LEU H 171 13.94 37.44 54.05
CA LEU H 171 12.49 37.43 53.98
C LEU H 171 11.89 38.25 55.11
N SER H 172 12.41 38.08 56.32
CA SER H 172 11.88 38.86 57.43
C SER H 172 12.14 40.35 57.23
N LYS H 173 13.21 40.70 56.53
CA LYS H 173 13.46 42.12 56.27
C LYS H 173 12.45 42.69 55.29
N LEU H 174 12.09 41.91 54.27
CA LEU H 174 11.03 42.32 53.37
C LEU H 174 9.72 42.44 54.14
N GLN H 175 8.99 43.52 53.88
CA GLN H 175 7.71 43.73 54.53
C GLN H 175 6.67 42.84 53.84
N LEU H 176 6.51 41.65 54.41
CA LEU H 176 5.63 40.61 53.87
C LEU H 176 4.44 40.39 54.80
N SER H 177 3.26 40.25 54.20
CA SER H 177 2.02 40.10 54.96
C SER H 177 1.93 38.72 55.62
N ASN H 178 1.62 38.72 56.92
CA ASN H 178 1.33 37.50 57.65
C ASN H 178 2.53 36.55 57.63
N PHE H 179 3.68 37.05 58.04
CA PHE H 179 4.91 36.28 57.97
C PHE H 179 5.44 36.15 59.41
N ASP H 180 5.24 34.97 59.99
CA ASP H 180 5.82 34.60 61.27
C ASP H 180 6.69 33.37 61.06
N THR H 181 7.80 33.33 61.78
CA THR H 181 8.76 32.24 61.64
C THR H 181 8.75 31.27 62.82
N PRO H 182 8.06 31.55 63.93
CA PRO H 182 8.26 30.70 65.12
C PRO H 182 8.08 29.22 64.84
N PHE H 183 7.04 28.83 64.12
CA PHE H 183 6.76 27.42 63.94
C PHE H 183 7.92 26.74 63.22
N PHE H 184 8.42 27.37 62.16
CA PHE H 184 9.51 26.79 61.37
C PHE H 184 10.81 26.77 62.17
N GLN H 185 11.12 27.88 62.85
CA GLN H 185 12.28 27.89 63.72
C GLN H 185 12.24 26.70 64.66
N HIS H 186 11.06 26.40 65.20
CA HIS H 186 10.92 25.29 66.13
C HIS H 186 11.39 23.98 65.49
N LEU H 187 10.97 23.74 64.25
CA LEU H 187 11.36 22.49 63.63
C LEU H 187 12.85 22.46 63.34
N LEU H 188 13.43 23.57 62.88
CA LEU H 188 14.88 23.60 62.69
C LEU H 188 15.61 23.27 63.97
N SER H 189 15.30 23.99 65.05
CA SER H 189 15.96 23.71 66.32
C SER H 189 15.88 22.22 66.64
N LYS H 190 14.73 21.61 66.43
CA LYS H 190 14.54 20.19 66.64
C LYS H 190 15.41 19.33 65.74
N PHE H 191 16.08 19.89 64.75
CA PHE H 191 16.83 19.06 63.81
C PHE H 191 18.22 19.61 63.55
N GLN H 192 18.82 20.35 64.50
CA GLN H 192 20.19 20.80 64.29
C GLN H 192 21.15 19.67 64.70
N LEU H 193 22.46 19.90 64.53
CA LEU H 193 23.39 18.77 64.59
C LEU H 193 24.61 18.97 65.49
N SER H 194 25.50 19.91 65.15
CA SER H 194 26.69 20.23 65.94
C SER H 194 27.79 19.17 65.90
N LEU H 195 28.09 18.54 67.04
CA LEU H 195 29.04 17.44 67.04
C LEU H 195 28.57 16.30 66.15
N SER H 196 27.26 16.26 65.85
CA SER H 196 26.69 15.26 64.94
C SER H 196 27.30 15.40 63.55
N GLU H 197 27.57 16.63 63.12
CA GLU H 197 28.26 16.84 61.85
C GLU H 197 29.49 15.95 61.74
N VAL H 198 30.32 15.96 62.78
CA VAL H 198 31.60 15.25 62.70
C VAL H 198 31.36 13.75 62.52
N ARG H 199 30.43 13.19 63.31
CA ARG H 199 30.02 11.81 63.11
C ARG H 199 29.61 11.56 61.65
N GLN H 200 28.81 12.46 61.14
CA GLN H 200 28.07 12.42 59.91
C GLN H 200 29.05 12.41 58.73
N LEU H 201 30.00 13.34 58.82
CA LEU H 201 31.10 13.46 57.84
C LEU H 201 31.74 12.11 57.53
N GLN H 202 31.93 11.27 58.54
CA GLN H 202 32.37 9.92 58.29
C GLN H 202 31.25 9.10 57.66
N PRO H 212 24.70 10.15 49.33
CA PRO H 212 23.23 10.24 49.38
C PRO H 212 22.72 11.67 49.19
N LEU H 213 21.72 12.04 50.01
CA LEU H 213 21.05 13.32 49.94
C LEU H 213 21.40 14.09 51.18
N LYS H 214 21.87 15.32 51.03
CA LYS H 214 22.50 16.02 52.13
C LYS H 214 21.71 17.19 52.71
N SER H 215 20.72 17.72 51.99
CA SER H 215 20.09 18.96 52.42
C SER H 215 19.24 18.74 53.68
N GLN H 216 19.15 19.79 54.49
CA GLN H 216 18.37 19.73 55.71
C GLN H 216 17.10 20.57 55.68
N ALA H 217 16.95 21.44 54.70
CA ALA H 217 15.78 22.30 54.63
C ALA H 217 15.63 22.78 53.18
N ALA H 218 14.47 23.37 52.90
CA ALA H 218 14.17 23.93 51.60
C ALA H 218 13.08 24.96 51.79
N PHE H 219 12.79 25.70 50.72
CA PHE H 219 11.79 26.75 50.76
C PHE H 219 10.77 26.51 49.66
N GLY H 220 9.62 27.12 49.83
CA GLY H 220 8.64 27.09 48.77
C GLY H 220 8.01 28.46 48.64
N PHE H 221 7.68 28.85 47.42
CA PHE H 221 7.09 30.16 47.16
C PHE H 221 5.84 30.00 46.29
N ASP H 222 4.71 30.44 46.82
CA ASP H 222 3.47 30.49 46.07
C ASP H 222 3.16 31.93 45.73
N PHE H 223 3.04 32.22 44.43
CA PHE H 223 2.66 33.54 43.93
C PHE H 223 1.17 33.52 43.60
N ASN H 224 0.32 34.08 44.46
CA ASN H 224 -1.11 34.05 44.21
C ASN H 224 -1.47 35.17 43.23
N PRO H 225 -2.65 35.13 42.63
CA PRO H 225 -2.97 36.12 41.60
C PRO H 225 -2.84 37.56 42.08
N ASP H 226 -3.23 37.83 43.31
CA ASP H 226 -2.90 39.10 43.93
C ASP H 226 -1.39 39.22 44.05
N GLY H 227 -0.90 40.46 44.08
CA GLY H 227 0.53 40.65 44.16
C GLY H 227 1.13 40.26 45.50
N ALA H 228 0.94 39.01 45.93
CA ALA H 228 1.42 38.53 47.21
C ALA H 228 2.08 37.16 47.08
N ILE H 229 3.23 37.00 47.76
CA ILE H 229 3.96 35.73 47.79
C ILE H 229 3.65 35.09 49.13
N LEU H 230 3.47 33.76 49.15
CA LEU H 230 3.34 33.01 50.39
C LEU H 230 4.47 31.99 50.50
N VAL H 231 5.08 31.94 51.68
CA VAL H 231 6.33 31.21 51.89
C VAL H 231 6.06 29.88 52.55
N LYS H 232 6.57 28.81 51.93
CA LYS H 232 6.44 27.46 52.44
C LYS H 232 7.84 26.94 52.72
N GLY H 233 8.00 26.29 53.87
CA GLY H 233 9.28 25.79 54.31
C GLY H 233 9.27 24.28 54.50
N TYR H 234 10.41 23.65 54.24
CA TYR H 234 10.56 22.22 54.35
C TYR H 234 11.66 21.88 55.35
N VAL H 235 11.67 20.64 55.81
CA VAL H 235 12.68 20.16 56.76
C VAL H 235 12.92 18.69 56.46
N PHE H 236 14.20 18.30 56.45
CA PHE H 236 14.55 16.93 56.07
C PHE H 236 15.18 16.21 57.24
N PRO H 237 14.39 15.46 58.02
CA PRO H 237 14.88 14.92 59.28
C PRO H 237 15.77 13.70 59.11
N TYR H 238 16.04 13.26 57.88
CA TYR H 238 16.85 12.08 57.69
C TYR H 238 18.23 12.24 58.32
N LEU H 239 18.83 13.42 58.18
CA LEU H 239 20.17 13.61 58.74
C LEU H 239 20.15 13.48 60.26
N LYS H 240 19.31 14.28 60.92
CA LYS H 240 19.23 14.24 62.38
C LYS H 240 18.93 12.83 62.85
N ALA H 241 18.05 12.12 62.14
CA ALA H 241 17.72 10.76 62.53
C ALA H 241 18.92 9.83 62.35
N LYS H 242 19.65 9.98 61.24
CA LYS H 242 20.78 9.08 60.98
C LYS H 242 21.89 9.27 62.01
N ALA H 243 22.14 10.51 62.42
CA ALA H 243 23.19 10.77 63.40
C ALA H 243 22.84 10.14 64.75
N ALA H 244 21.58 10.27 65.18
CA ALA H 244 21.16 9.74 66.47
C ALA H 244 20.81 8.26 66.42
N ASP H 245 20.93 7.62 65.25
CA ASP H 245 20.52 6.22 65.10
C ASP H 245 19.15 5.99 65.72
N VAL H 246 18.23 6.91 65.43
CA VAL H 246 16.85 6.82 65.91
C VAL H 246 15.95 6.83 64.68
N PRO H 247 14.93 5.99 64.61
CA PRO H 247 14.04 5.99 63.45
C PRO H 247 13.35 7.34 63.26
N VAL H 248 13.16 7.72 62.00
CA VAL H 248 12.71 9.07 61.70
C VAL H 248 11.43 9.38 62.46
N GLY H 249 10.45 8.47 62.38
CA GLY H 249 9.14 8.75 62.95
C GLY H 249 9.18 9.02 64.44
N THR H 250 10.01 8.28 65.18
CA THR H 250 10.06 8.47 66.62
C THR H 250 10.40 9.92 66.97
N LEU H 251 11.36 10.51 66.25
CA LEU H 251 11.66 11.92 66.48
C LEU H 251 10.70 12.83 65.74
N ILE H 252 10.17 12.40 64.58
CA ILE H 252 9.11 13.17 63.95
C ILE H 252 7.91 13.27 64.88
N ALA H 253 7.45 12.13 65.40
CA ALA H 253 6.36 12.13 66.36
C ALA H 253 6.74 12.99 67.55
N GLU H 254 7.95 12.79 68.09
CA GLU H 254 8.36 13.56 69.24
C GLU H 254 8.48 15.04 68.88
N ALA H 255 8.87 15.32 67.64
CA ALA H 255 8.90 16.70 67.17
C ALA H 255 7.49 17.29 67.12
N VAL H 256 6.54 16.54 66.56
CA VAL H 256 5.15 16.99 66.57
C VAL H 256 4.65 17.11 68.00
N ARG H 257 5.01 16.15 68.85
CA ARG H 257 4.54 16.18 70.23
C ARG H 257 5.08 17.41 70.96
N THR H 258 6.33 17.78 70.70
CA THR H 258 6.91 18.95 71.35
C THR H 258 6.12 20.22 71.05
N ILE H 259 5.47 20.29 69.88
CA ILE H 259 4.58 21.40 69.57
C ILE H 259 3.17 21.19 70.10
N ASP H 260 2.87 20.02 70.67
CA ASP H 260 1.52 19.72 71.14
C ASP H 260 1.19 20.44 72.44
N VAL H 261 2.08 20.38 73.44
CA VAL H 261 1.88 21.26 74.59
C VAL H 261 1.97 22.71 74.13
N GLU H 262 2.70 22.96 73.04
CA GLU H 262 2.75 24.29 72.44
C GLU H 262 1.40 24.65 71.81
N ARG H 263 0.78 23.68 71.13
CA ARG H 263 -0.67 23.60 70.93
C ARG H 263 -1.07 22.25 70.36
N ASN H 264 -1.91 21.55 71.11
CA ASN H 264 -2.27 20.16 70.86
C ASN H 264 -3.40 20.02 69.85
N GLN H 265 -3.25 20.64 68.68
CA GLN H 265 -4.27 20.54 67.63
C GLN H 265 -3.89 19.53 66.55
N PHE H 266 -2.64 19.10 66.52
CA PHE H 266 -2.16 18.16 65.51
C PHE H 266 -2.11 16.74 66.04
N THR H 267 -2.36 16.56 67.33
CA THR H 267 -2.25 15.23 67.95
C THR H 267 -3.12 14.21 67.23
N HIS H 268 -4.43 14.47 67.18
CA HIS H 268 -5.38 13.50 66.66
C HIS H 268 -5.02 13.11 65.22
N ALA H 269 -4.94 14.11 64.33
CA ALA H 269 -4.68 13.81 62.93
C ALA H 269 -3.33 13.11 62.75
N PHE H 270 -2.30 13.59 63.45
CA PHE H 270 -0.98 13.00 63.29
C PHE H 270 -0.91 11.59 63.87
N GLY H 271 -1.23 11.45 65.17
CA GLY H 271 -1.30 10.12 65.74
C GLY H 271 -2.09 9.17 64.86
N LEU H 272 -3.05 9.71 64.11
CA LEU H 272 -3.79 8.91 63.15
C LEU H 272 -2.92 8.49 61.97
N ILE H 273 -2.01 9.36 61.54
CA ILE H 273 -1.13 9.00 60.43
C ILE H 273 0.00 8.11 60.92
N ASN H 274 0.60 8.47 62.07
CA ASN H 274 1.75 7.74 62.57
C ASN H 274 1.43 6.27 62.78
N ASP H 275 0.18 5.96 63.12
CA ASP H 275 -0.23 4.57 63.24
C ASP H 275 -0.16 3.87 61.89
N TYR H 276 -0.68 4.52 60.84
CA TYR H 276 -0.62 3.89 59.53
C TYR H 276 0.81 3.75 59.04
N MET H 277 1.65 4.73 59.32
CA MET H 277 3.04 4.66 58.90
C MET H 277 3.75 3.49 59.57
N GLN H 278 3.51 3.32 60.88
CA GLN H 278 4.10 2.19 61.58
C GLN H 278 3.46 0.88 61.18
N GLU H 279 2.15 0.87 60.86
CA GLU H 279 1.55 -0.33 60.29
C GLU H 279 2.31 -0.79 59.05
N SER H 280 2.46 0.10 58.08
CA SER H 280 2.84 -0.24 56.72
C SER H 280 4.34 -0.15 56.49
N THR H 281 5.13 0.11 57.53
CA THR H 281 6.54 0.41 57.33
C THR H 281 6.68 1.55 56.33
N GLY H 282 5.79 2.54 56.43
CA GLY H 282 5.79 3.62 55.47
C GLY H 282 6.95 4.58 55.69
N TYR H 283 7.29 4.83 56.96
CA TYR H 283 8.44 5.67 57.28
C TYR H 283 9.71 5.09 56.67
N ASN H 284 10.57 6.00 56.22
CA ASN H 284 11.81 5.63 55.53
C ASN H 284 12.73 6.84 55.54
N GLU H 285 13.90 6.68 54.90
CA GLU H 285 14.82 7.80 54.78
C GLU H 285 14.19 8.98 54.06
N TYR H 286 13.34 8.71 53.10
CA TYR H 286 12.77 9.78 52.27
C TYR H 286 11.66 10.56 52.96
N THR H 287 11.12 10.06 54.07
CA THR H 287 10.08 10.79 54.78
C THR H 287 10.62 12.14 55.24
N PHE H 288 9.84 13.19 55.02
CA PHE H 288 10.22 14.52 55.47
C PHE H 288 8.95 15.32 55.74
N LEU H 289 9.12 16.60 56.01
CA LEU H 289 8.07 17.38 56.66
C LEU H 289 7.96 18.73 55.94
N SER H 290 6.84 19.41 56.16
CA SER H 290 6.51 20.66 55.49
C SER H 290 5.71 21.55 56.43
N CYS H 291 5.59 22.82 56.09
CA CYS H 291 4.71 23.70 56.86
C CYS H 291 4.66 25.05 56.15
N ASP H 292 3.86 25.97 56.73
CA ASP H 292 3.68 27.31 56.20
C ASP H 292 4.29 28.32 57.16
N PHE H 293 4.64 29.47 56.62
CA PHE H 293 5.21 30.58 57.39
C PHE H 293 4.12 31.57 57.78
N VAL H 294 3.32 31.19 58.79
CA VAL H 294 2.28 32.09 59.27
C VAL H 294 1.83 31.64 60.66
N GLU H 295 1.21 32.56 61.38
CA GLU H 295 0.36 32.26 62.53
C GLU H 295 -0.02 30.79 62.63
N THR H 296 0.09 30.23 63.84
CA THR H 296 -0.19 28.80 64.05
C THR H 296 -1.62 28.45 63.64
N SER H 297 -2.58 29.36 63.86
CA SER H 297 -3.98 29.06 63.59
C SER H 297 -4.19 28.63 62.14
N GLU H 298 -3.66 29.40 61.21
CA GLU H 298 -3.88 29.16 59.78
C GLU H 298 -2.83 28.25 59.16
N GLN H 299 -2.04 27.56 59.97
CA GLN H 299 -0.94 26.78 59.43
C GLN H 299 -1.32 25.35 59.18
N ARG H 300 -0.77 24.79 58.10
CA ARG H 300 -1.09 23.46 57.61
C ARG H 300 0.22 22.67 57.56
N LEU H 301 0.49 21.86 58.57
CA LEU H 301 1.72 21.08 58.52
C LEU H 301 1.48 19.81 57.71
N LYS H 302 2.50 19.39 56.97
CA LYS H 302 2.38 18.31 55.99
C LYS H 302 3.52 17.31 56.21
N ILE H 303 3.22 16.02 56.08
CA ILE H 303 4.24 14.97 56.13
C ILE H 303 4.33 14.33 54.77
N TYR H 304 5.53 14.26 54.22
CA TYR H 304 5.69 13.62 52.92
C TYR H 304 6.45 12.32 53.11
N GLY H 305 6.35 11.45 52.11
CA GLY H 305 7.07 10.20 52.12
C GLY H 305 7.04 9.64 50.72
N ALA H 306 7.68 8.48 50.55
CA ALA H 306 7.76 7.85 49.23
C ALA H 306 7.68 6.35 49.37
N HIS H 307 7.41 5.68 48.25
CA HIS H 307 7.45 4.23 48.16
C HIS H 307 8.10 3.81 46.85
N THR H 308 8.98 2.82 46.94
CA THR H 308 9.74 2.35 45.78
C THR H 308 8.84 1.76 44.72
N GLU H 309 8.14 0.69 45.07
CA GLU H 309 7.20 0.05 44.16
C GLU H 309 5.84 0.07 44.82
N VAL H 310 4.84 0.47 44.03
CA VAL H 310 3.50 0.74 44.53
C VAL H 310 2.52 0.32 43.46
N THR H 311 1.52 -0.45 43.87
CA THR H 311 0.43 -0.87 42.99
C THR H 311 -0.77 0.06 43.18
N TRP H 312 -1.81 -0.13 42.36
CA TRP H 312 -3.04 0.61 42.63
C TRP H 312 -3.59 0.27 44.01
N ALA H 313 -3.60 -1.02 44.37
CA ALA H 313 -4.09 -1.37 45.69
C ALA H 313 -3.28 -0.65 46.75
N LYS H 314 -1.96 -0.60 46.57
CA LYS H 314 -1.13 0.16 47.49
C LYS H 314 -1.54 1.62 47.51
N ILE H 315 -1.86 2.18 46.35
CA ILE H 315 -2.31 3.56 46.30
C ILE H 315 -3.60 3.74 47.09
N ALA H 316 -4.58 2.87 46.83
CA ALA H 316 -5.83 2.96 47.56
C ALA H 316 -5.60 2.76 49.06
N GLU H 317 -4.75 1.80 49.39
CA GLU H 317 -4.40 1.59 50.79
C GLU H 317 -3.85 2.87 51.39
N MET H 318 -2.98 3.56 50.66
CA MET H 318 -2.37 4.79 51.16
C MET H 318 -3.36 5.93 51.13
N TRP H 319 -4.12 6.06 50.04
CA TRP H 319 -5.06 7.17 49.93
C TRP H 319 -6.07 7.16 51.06
N THR H 320 -6.56 5.98 51.43
CA THR H 320 -7.45 5.81 52.58
C THR H 320 -6.67 5.47 53.84
N LEU H 321 -5.36 5.65 53.81
CA LEU H 321 -4.51 5.55 54.98
C LEU H 321 -4.79 4.24 55.70
N GLY H 322 -4.69 3.15 54.96
CA GLY H 322 -5.26 1.91 55.41
C GLY H 322 -6.78 1.99 55.28
N GLY H 323 -7.50 1.89 56.39
CA GLY H 323 -8.93 2.17 56.34
C GLY H 323 -9.31 3.32 57.22
N ARG H 324 -8.31 4.05 57.73
CA ARG H 324 -8.56 5.01 58.80
C ARG H 324 -9.72 5.95 58.47
N LEU H 325 -9.82 6.36 57.21
CA LEU H 325 -10.71 7.46 56.83
C LEU H 325 -11.65 7.06 55.68
N ILE H 326 -12.02 5.78 55.61
CA ILE H 326 -13.11 5.36 54.73
C ILE H 326 -14.40 6.06 55.12
N GLU H 327 -14.55 6.40 56.40
CA GLU H 327 -15.77 7.04 56.87
C GLU H 327 -16.05 8.33 56.11
N GLU H 328 -15.02 9.12 55.86
CA GLU H 328 -15.20 10.36 55.12
C GLU H 328 -15.64 10.06 53.70
N PRO H 329 -16.72 10.69 53.21
CA PRO H 329 -17.13 10.45 51.83
C PRO H 329 -16.19 11.10 50.84
N GLU H 330 -15.62 12.26 51.22
CA GLU H 330 -14.67 12.96 50.35
C GLU H 330 -13.62 12.03 49.76
N ILE H 331 -12.97 11.26 50.62
CA ILE H 331 -11.86 10.40 50.19
C ILE H 331 -12.32 9.46 49.07
N ILE H 332 -13.49 8.85 49.23
CA ILE H 332 -13.98 7.87 48.26
C ILE H 332 -14.14 8.50 46.87
N ALA H 333 -14.76 9.67 46.79
CA ALA H 333 -14.89 10.35 45.50
C ALA H 333 -13.52 10.73 44.92
N GLY H 334 -12.70 11.43 45.72
CA GLY H 334 -11.38 11.84 45.24
C GLY H 334 -10.57 10.68 44.70
N LEU H 335 -10.65 9.53 45.38
CA LEU H 335 -9.93 8.36 44.90
C LEU H 335 -10.50 7.90 43.57
N ALA H 336 -11.80 8.08 43.36
CA ALA H 336 -12.43 7.70 42.10
C ALA H 336 -11.82 8.46 40.93
N ARG H 337 -11.86 9.79 41.01
CA ARG H 337 -11.16 10.59 40.01
C ARG H 337 -9.70 10.16 39.90
N LEU H 338 -9.06 9.85 41.02
CA LEU H 338 -7.63 9.56 40.97
C LEU H 338 -7.33 8.36 40.07
N LYS H 339 -8.13 7.30 40.15
CA LYS H 339 -7.88 6.18 39.27
C LYS H 339 -8.16 6.55 37.82
N GLN H 340 -9.05 7.52 37.63
CA GLN H 340 -9.34 7.95 36.27
C GLN H 340 -8.09 8.46 35.58
N ILE H 341 -7.20 9.12 36.32
CA ILE H 341 -5.94 9.61 35.79
C ILE H 341 -4.91 8.50 35.76
N TRP H 342 -4.77 7.77 36.87
CA TRP H 342 -3.80 6.69 36.93
C TRP H 342 -3.88 5.84 35.67
N SER H 343 -5.10 5.60 35.18
CA SER H 343 -5.31 4.84 33.97
C SER H 343 -4.84 5.60 32.75
N LEU H 344 -5.10 6.92 32.70
CA LEU H 344 -4.65 7.71 31.55
C LEU H 344 -3.13 7.75 31.45
N LEU H 345 -2.44 7.91 32.58
CA LEU H 345 -1.03 8.31 32.55
C LEU H 345 -0.10 7.14 32.20
N GLN H 346 -0.09 6.11 33.04
CA GLN H 346 0.89 5.06 32.86
C GLN H 346 0.45 4.04 31.82
N ILE H 347 -0.65 4.32 31.12
CA ILE H 347 -1.21 3.40 30.14
C ILE H 347 -0.31 3.32 28.91
N ILE H 369 17.10 2.91 39.78
CA ILE H 369 16.67 2.23 38.56
C ILE H 369 15.44 2.94 37.99
N ALA H 370 14.68 3.59 38.87
CA ALA H 370 13.48 4.31 38.48
C ALA H 370 13.11 5.27 39.60
N SER H 371 12.16 6.17 39.30
CA SER H 371 11.73 7.21 40.24
C SER H 371 10.62 6.70 41.16
N PRO H 372 10.67 7.09 42.43
CA PRO H 372 9.62 6.70 43.37
C PRO H 372 8.40 7.61 43.23
N ILE H 373 7.29 7.17 43.86
CA ILE H 373 6.07 7.99 43.94
C ILE H 373 5.99 8.56 45.34
N ILE H 374 5.54 9.79 45.47
CA ILE H 374 5.55 10.49 46.74
C ILE H 374 4.13 10.68 47.21
N TRP H 375 3.95 10.66 48.53
CA TRP H 375 2.66 10.90 49.15
C TRP H 375 2.78 12.03 50.17
N ASN H 376 1.64 12.63 50.48
CA ASN H 376 1.56 13.80 51.32
C ASN H 376 0.31 13.71 52.17
N TYR H 377 0.44 14.02 53.45
CA TYR H 377 -0.69 14.08 54.36
C TYR H 377 -0.71 15.45 55.03
N GLU H 378 -1.74 16.23 54.75
CA GLU H 378 -1.85 17.61 55.20
C GLU H 378 -2.72 17.68 56.44
N ILE H 379 -2.15 18.12 57.55
CA ILE H 379 -2.87 18.18 58.81
C ILE H 379 -3.30 19.61 59.12
N HIS H 380 -4.40 20.03 58.52
CA HIS H 380 -5.02 21.27 58.97
C HIS H 380 -5.34 21.14 60.45
N PRO H 381 -5.02 22.14 61.27
CA PRO H 381 -5.10 21.94 62.73
C PRO H 381 -6.50 21.76 63.25
N GLY H 382 -7.46 22.58 62.80
CA GLY H 382 -8.81 22.48 63.32
C GLY H 382 -9.46 21.11 63.05
N SER H 383 -9.23 20.56 61.86
CA SER H 383 -9.95 19.38 61.44
C SER H 383 -9.47 18.14 62.22
N ARG H 384 -10.17 17.03 61.99
CA ARG H 384 -9.88 15.77 62.66
C ARG H 384 -9.22 14.74 61.78
N PHE H 385 -9.28 14.88 60.45
CA PHE H 385 -8.59 13.94 59.57
C PHE H 385 -7.50 14.63 58.75
N PRO H 386 -6.54 13.86 58.25
CA PRO H 386 -5.60 14.39 57.27
C PRO H 386 -6.18 14.35 55.87
N VAL H 387 -5.67 15.22 55.02
CA VAL H 387 -6.00 15.24 53.60
C VAL H 387 -4.82 14.67 52.83
N PRO H 388 -5.00 13.67 51.97
CA PRO H 388 -3.88 13.11 51.22
C PRO H 388 -3.56 13.94 49.98
N LYS H 389 -2.48 13.56 49.36
CA LYS H 389 -2.01 14.14 48.10
C LYS H 389 -0.91 13.26 47.54
N PHE H 390 -0.97 12.92 46.27
CA PHE H 390 0.06 12.09 45.67
C PHE H 390 0.78 12.83 44.56
N TYR H 391 1.97 12.33 44.25
CA TYR H 391 2.86 12.93 43.29
C TYR H 391 3.30 11.82 42.34
N LEU H 392 3.13 12.03 41.05
CA LEU H 392 3.22 10.92 40.13
C LEU H 392 4.35 11.15 39.12
N PRO H 393 5.26 10.19 38.96
CA PRO H 393 6.40 10.39 38.06
C PRO H 393 5.96 10.52 36.62
N VAL H 394 6.46 11.55 35.94
CA VAL H 394 6.14 11.80 34.55
C VAL H 394 7.42 11.79 33.71
N HIS H 395 8.52 12.27 34.31
CA HIS H 395 9.82 12.13 33.68
C HIS H 395 10.07 10.67 33.39
N GLY H 396 10.30 10.36 32.12
CA GLY H 396 10.31 9.01 31.62
C GLY H 396 9.11 8.68 30.77
N GLU H 397 8.06 9.49 30.85
CA GLU H 397 6.89 9.37 29.99
C GLU H 397 6.93 10.48 28.95
N ASN H 398 6.62 10.12 27.70
CA ASN H 398 6.52 11.09 26.61
C ASN H 398 5.73 12.31 27.04
N ASP H 399 6.40 13.46 27.09
CA ASP H 399 5.77 14.66 27.61
C ASP H 399 4.57 15.08 26.76
N LEU H 400 4.46 14.58 25.52
CA LEU H 400 3.25 14.82 24.74
C LEU H 400 2.12 13.88 25.14
N HIS H 401 2.40 12.58 25.21
CA HIS H 401 1.43 11.66 25.78
C HIS H 401 0.91 12.17 27.11
N VAL H 402 1.79 12.75 27.92
CA VAL H 402 1.38 13.27 29.21
C VAL H 402 0.47 14.49 29.04
N ALA H 403 0.81 15.37 28.11
CA ALA H 403 -0.04 16.52 27.85
C ALA H 403 -1.41 16.10 27.32
N ARG H 404 -1.42 15.16 26.38
CA ARG H 404 -2.69 14.66 25.85
C ARG H 404 -3.56 14.10 26.96
N ALA H 405 -3.09 13.05 27.63
CA ALA H 405 -3.87 12.43 28.69
C ALA H 405 -4.27 13.44 29.76
N LEU H 406 -3.38 14.36 30.07
CA LEU H 406 -3.67 15.34 31.11
C LEU H 406 -4.85 16.21 30.73
N ALA H 407 -4.98 16.53 29.43
CA ALA H 407 -6.04 17.41 28.97
C ALA H 407 -7.39 16.69 28.86
N GLN H 408 -7.38 15.43 28.39
CA GLN H 408 -8.61 14.64 28.39
C GLN H 408 -9.23 14.64 29.77
N PHE H 409 -8.41 14.43 30.80
CA PHE H 409 -8.89 14.40 32.17
C PHE H 409 -9.51 15.72 32.59
N TRP H 410 -9.17 16.83 31.94
CA TRP H 410 -9.81 18.07 32.36
C TRP H 410 -11.23 18.16 31.85
N ASP H 411 -11.50 17.68 30.63
CA ASP H 411 -12.87 17.60 30.15
C ASP H 411 -13.71 16.71 31.05
N SER H 412 -13.21 15.51 31.37
CA SER H 412 -13.92 14.66 32.31
C SER H 412 -14.36 15.44 33.52
N LEU H 413 -13.48 16.32 33.99
CA LEU H 413 -13.86 17.25 35.04
C LEU H 413 -14.64 18.42 34.51
N GLY H 414 -14.50 18.74 33.23
CA GLY H 414 -15.26 19.85 32.73
C GLY H 414 -14.60 21.18 33.01
N TRP H 415 -13.29 21.26 32.76
CA TRP H 415 -12.63 22.55 32.80
C TRP H 415 -12.48 23.05 31.37
N PRO H 416 -13.27 24.02 30.94
CA PRO H 416 -13.33 24.32 29.51
C PRO H 416 -11.99 24.81 28.97
N GLU H 417 -11.43 25.85 29.58
CA GLU H 417 -10.28 26.51 28.96
C GLU H 417 -8.95 25.82 29.27
N HIS H 418 -8.77 25.28 30.47
CA HIS H 418 -7.48 24.67 30.78
C HIS H 418 -7.19 23.49 29.87
N ALA H 419 -8.21 22.71 29.54
CA ALA H 419 -7.97 21.50 28.76
C ALA H 419 -7.78 21.79 27.28
N CYS H 420 -8.43 22.82 26.76
CA CYS H 420 -8.32 23.10 25.33
C CYS H 420 -6.95 23.66 24.97
N ALA H 421 -6.43 24.60 25.76
CA ALA H 421 -5.21 25.31 25.45
C ALA H 421 -4.01 24.84 26.25
N TYR H 422 -4.03 23.62 26.79
CA TYR H 422 -2.88 23.20 27.57
C TYR H 422 -1.67 22.93 26.67
N PRO H 423 -1.72 21.92 25.81
CA PRO H 423 -0.52 21.56 25.03
C PRO H 423 0.07 22.72 24.24
N ASP H 424 -0.76 23.68 23.82
CA ASP H 424 -0.21 24.92 23.27
C ASP H 424 0.53 25.71 24.34
N THR H 425 0.05 25.66 25.58
CA THR H 425 0.74 26.32 26.69
C THR H 425 2.01 25.58 27.08
N LEU H 426 2.10 24.29 26.78
CA LEU H 426 3.30 23.55 27.11
C LEU H 426 4.44 23.87 26.15
N GLN H 427 4.15 23.90 24.84
CA GLN H 427 5.19 24.20 23.86
C GLN H 427 5.67 25.63 23.99
N GLN H 428 4.77 26.56 24.33
CA GLN H 428 5.14 27.97 24.46
C GLN H 428 6.07 28.21 25.64
N LEU H 429 6.11 27.27 26.58
CA LEU H 429 7.09 27.27 27.66
C LEU H 429 8.43 26.70 27.23
N TYR H 430 8.46 25.88 26.18
CA TYR H 430 9.68 25.21 25.73
C TYR H 430 9.77 25.31 24.21
N PRO H 431 9.80 26.52 23.68
CA PRO H 431 9.83 26.66 22.22
C PRO H 431 11.07 26.06 21.59
N ASP H 432 12.19 26.03 22.30
CA ASP H 432 13.41 25.42 21.77
C ASP H 432 13.23 23.92 21.54
N GLN H 433 12.45 23.24 22.39
CA GLN H 433 12.27 21.79 22.33
C GLN H 433 11.07 21.41 21.48
N ASP H 434 11.04 20.15 21.05
CA ASP H 434 9.93 19.59 20.29
C ASP H 434 9.27 18.49 21.13
N ILE H 435 8.06 18.77 21.62
CA ILE H 435 7.38 17.87 22.54
C ILE H 435 7.17 16.48 21.96
N SER H 436 7.13 16.36 20.64
CA SER H 436 6.97 15.04 20.02
C SER H 436 7.98 14.03 20.59
N GLN H 437 9.20 14.47 20.91
CA GLN H 437 10.30 13.58 21.27
C GLN H 437 10.82 13.77 22.70
N THR H 438 10.26 14.70 23.45
CA THR H 438 10.78 15.07 24.76
C THR H 438 10.20 14.20 25.87
N THR H 439 10.97 13.99 26.92
CA THR H 439 10.56 13.15 28.03
C THR H 439 10.71 13.80 29.39
N ARG H 440 11.80 14.54 29.62
CA ARG H 440 12.09 15.08 30.94
C ARG H 440 11.43 16.44 31.20
N LEU H 441 10.75 17.02 30.20
CA LEU H 441 10.22 18.37 30.41
C LEU H 441 9.25 18.47 31.56
N GLN H 442 8.56 17.39 31.91
CA GLN H 442 7.61 17.48 33.00
C GLN H 442 7.69 16.19 33.81
N SER H 443 7.75 16.38 35.13
CA SER H 443 8.34 15.38 36.02
C SER H 443 7.40 14.83 37.10
N TRP H 444 6.53 15.66 37.68
CA TRP H 444 5.64 15.17 38.73
C TRP H 444 4.25 15.75 38.50
N ILE H 445 3.24 15.03 39.00
CA ILE H 445 1.86 15.54 39.04
C ILE H 445 1.30 15.30 40.42
N SER H 446 0.70 16.33 41.00
CA SER H 446 0.15 16.26 42.33
C SER H 446 -1.37 16.15 42.25
N TYR H 447 -1.96 15.38 43.18
CA TYR H 447 -3.39 15.17 43.20
C TYR H 447 -3.90 15.36 44.61
N SER H 448 -4.84 16.27 44.77
CA SER H 448 -5.53 16.49 46.02
C SER H 448 -7.02 16.59 45.67
N TYR H 449 -7.88 16.25 46.63
CA TYR H 449 -9.31 16.37 46.41
C TYR H 449 -9.98 16.97 47.63
N THR H 450 -10.90 17.90 47.38
CA THR H 450 -11.65 18.57 48.42
C THR H 450 -13.09 18.64 47.97
N ALA H 451 -14.01 18.63 48.94
CA ALA H 451 -15.39 18.96 48.63
C ALA H 451 -15.53 20.40 48.15
N LYS H 452 -14.96 21.34 48.92
CA LYS H 452 -15.04 22.76 48.57
C LYS H 452 -14.24 23.07 47.31
N ARG H 453 -12.92 22.84 47.35
CA ARG H 453 -12.06 23.21 46.24
C ARG H 453 -12.38 22.41 44.98
N GLY H 454 -12.61 21.12 45.12
CA GLY H 454 -12.72 20.26 43.95
C GLY H 454 -11.48 19.43 43.76
N VAL H 455 -10.82 19.58 42.63
CA VAL H 455 -9.63 18.80 42.29
C VAL H 455 -8.45 19.75 42.28
N TYR H 456 -7.64 19.71 43.33
CA TYR H 456 -6.30 20.27 43.29
C TYR H 456 -5.43 19.46 42.36
N MET H 457 -4.57 20.14 41.61
CA MET H 457 -3.64 19.41 40.75
C MET H 457 -2.55 20.33 40.22
N SER H 458 -1.28 19.93 40.36
CA SER H 458 -0.13 20.76 40.05
C SER H 458 0.86 19.97 39.20
N VAL H 459 1.58 20.68 38.35
CA VAL H 459 2.54 20.09 37.43
C VAL H 459 3.92 20.70 37.70
N TYR H 460 4.94 19.84 37.73
CA TYR H 460 6.31 20.21 38.08
C TYR H 460 7.18 19.99 36.85
N TYR H 461 7.95 21.00 36.47
CA TYR H 461 8.60 21.07 35.17
C TYR H 461 10.12 21.04 35.28
N HIS H 462 10.74 20.81 34.13
CA HIS H 462 12.16 21.03 33.93
C HIS H 462 12.43 22.53 34.03
N SER H 463 13.14 22.95 35.08
CA SER H 463 13.16 24.35 35.48
C SER H 463 14.49 25.04 35.20
N GLN H 464 15.26 24.54 34.25
CA GLN H 464 16.41 25.27 33.71
C GLN H 464 16.32 25.20 32.20
N SER H 465 17.16 25.99 31.52
CA SER H 465 17.03 26.15 30.07
C SER H 465 18.03 25.31 29.29
N THR H 466 18.74 24.41 29.93
CA THR H 466 19.67 23.52 29.23
C THR H 466 19.27 22.07 29.51
N TYR H 467 18.93 21.34 28.45
CA TYR H 467 18.32 20.02 28.56
C TYR H 467 19.22 18.99 27.88
N LEU H 468 19.49 17.89 28.56
CA LEU H 468 20.49 16.93 28.09
C LEU H 468 19.82 15.83 27.27
N PRO I 52 56.76 29.46 61.53
CA PRO I 52 55.99 29.90 60.36
C PRO I 52 56.05 31.41 60.16
N SER I 53 55.67 31.89 58.97
CA SER I 53 55.65 33.32 58.73
C SER I 53 54.39 33.95 59.35
N PRO I 54 54.47 35.22 59.76
CA PRO I 54 53.50 35.75 60.75
C PRO I 54 52.23 36.45 60.20
N ALA I 55 52.37 37.41 59.28
CA ALA I 55 51.33 38.39 59.01
C ALA I 55 50.01 37.79 58.55
N GLN I 56 50.00 36.55 58.07
CA GLN I 56 48.78 35.90 57.62
C GLN I 56 47.89 35.41 58.78
N ALA I 57 48.17 35.83 60.02
CA ALA I 57 47.29 35.54 61.14
C ALA I 57 45.98 36.30 61.05
N LEU I 58 45.96 37.45 60.36
CA LEU I 58 44.73 38.22 60.25
C LEU I 58 43.59 37.40 59.62
N ALA I 59 43.92 36.57 58.65
CA ALA I 59 42.91 35.80 57.96
C ALA I 59 42.09 34.92 58.90
N SER I 60 42.61 34.58 60.08
CA SER I 60 41.90 33.64 60.96
C SER I 60 40.49 34.11 61.22
N TYR I 61 40.31 35.40 61.54
CA TYR I 61 39.00 35.95 61.86
C TYR I 61 38.46 36.85 60.76
N HIS I 62 38.68 36.45 59.50
CA HIS I 62 38.12 37.10 58.34
C HIS I 62 37.56 36.03 57.40
N HIS I 63 36.43 36.33 56.80
CA HIS I 63 35.78 35.44 55.85
C HIS I 63 35.73 36.09 54.47
N PHE I 64 36.35 35.46 53.49
CA PHE I 64 36.37 36.02 52.14
C PHE I 64 35.04 35.81 51.44
N PRO I 65 34.39 36.87 50.96
CA PRO I 65 33.01 36.73 50.46
C PRO I 65 32.85 35.73 49.34
N THR I 66 33.70 35.76 48.34
CA THR I 66 33.52 34.93 47.16
C THR I 66 34.49 33.74 47.20
N ASN I 67 34.16 32.70 46.44
CA ASN I 67 35.14 31.63 46.24
C ASN I 67 36.34 32.14 45.47
N ASP I 68 36.12 33.01 44.48
CA ASP I 68 37.24 33.58 43.74
C ASP I 68 38.27 34.17 44.68
N GLN I 69 37.83 35.01 45.63
CA GLN I 69 38.77 35.63 46.57
C GLN I 69 39.49 34.57 47.42
N GLU I 70 38.76 33.58 47.90
CA GLU I 70 39.40 32.53 48.70
C GLU I 70 40.56 31.88 47.94
N ARG I 71 40.34 31.54 46.67
CA ARG I 71 41.37 30.84 45.93
C ARG I 71 42.58 31.73 45.71
N TRP I 72 42.37 33.03 45.44
CA TRP I 72 43.52 33.92 45.29
C TRP I 72 44.29 34.04 46.59
N TRP I 73 43.59 34.20 47.71
CA TRP I 73 44.25 34.20 49.01
C TRP I 73 45.10 32.95 49.18
N GLU I 74 44.52 31.79 48.90
CA GLU I 74 45.25 30.53 49.06
C GLU I 74 46.45 30.50 48.11
N GLU I 75 46.38 31.22 46.99
CA GLU I 75 47.40 31.20 45.96
C GLU I 75 48.53 32.18 46.25
N THR I 76 48.21 33.35 46.80
CA THR I 76 49.24 34.36 47.01
C THR I 76 49.34 34.86 48.44
N GLY I 77 48.48 34.40 49.33
CA GLY I 77 48.47 34.94 50.68
C GLY I 77 49.75 34.73 51.48
N SER I 78 50.19 33.48 51.59
CA SER I 78 51.41 33.20 52.33
C SER I 78 52.58 33.94 51.72
N LEU I 79 52.68 33.88 50.39
CA LEU I 79 53.82 34.44 49.69
C LEU I 79 53.96 35.92 50.00
N PHE I 80 52.86 36.66 49.98
CA PHE I 80 52.94 38.08 50.32
C PHE I 80 53.37 38.26 51.77
N SER I 81 52.91 37.38 52.66
CA SER I 81 53.35 37.44 54.03
C SER I 81 54.87 37.27 54.11
N ARG I 82 55.41 36.40 53.26
CA ARG I 82 56.83 36.15 53.29
C ARG I 82 57.62 37.35 52.76
N PHE I 83 57.14 38.00 51.71
CA PHE I 83 57.89 39.16 51.25
C PHE I 83 57.84 40.27 52.29
N LEU I 84 56.73 40.39 53.00
CA LEU I 84 56.67 41.33 54.11
C LEU I 84 57.76 41.04 55.13
N GLU I 85 57.95 39.76 55.44
CA GLU I 85 59.04 39.35 56.33
C GLU I 85 60.38 39.67 55.70
N ALA I 86 60.58 39.21 54.46
CA ALA I 86 61.84 39.44 53.77
C ALA I 86 62.13 40.91 53.57
N GLY I 87 61.15 41.79 53.69
CA GLY I 87 61.36 43.22 53.56
C GLY I 87 61.77 43.93 54.82
N GLN I 88 61.86 43.21 55.94
CA GLN I 88 62.30 43.80 57.21
C GLN I 88 61.41 44.97 57.63
N TYR I 89 60.11 44.81 57.46
CA TYR I 89 59.14 45.80 57.88
C TYR I 89 58.78 45.62 59.34
N GLY I 90 58.47 46.72 60.01
CA GLY I 90 57.98 46.63 61.37
C GLY I 90 56.74 45.76 61.45
N LEU I 91 56.66 44.96 62.53
CA LEU I 91 55.52 44.05 62.66
C LEU I 91 54.18 44.78 62.58
N PRO I 92 53.98 45.94 63.22
CA PRO I 92 52.75 46.70 62.97
C PRO I 92 52.55 47.00 61.51
N GLN I 93 53.61 47.40 60.81
CA GLN I 93 53.47 47.75 59.41
C GLN I 93 53.14 46.52 58.59
N GLN I 94 53.70 45.37 58.94
CA GLN I 94 53.35 44.15 58.22
C GLN I 94 51.85 43.92 58.23
N TYR I 95 51.25 43.93 59.42
CA TYR I 95 49.80 43.77 59.54
C TYR I 95 49.06 44.91 58.85
N GLN I 96 49.62 46.11 58.92
CA GLN I 96 48.96 47.27 58.33
C GLN I 96 48.87 47.14 56.79
N PHE I 97 49.96 46.73 56.15
CA PHE I 97 49.90 46.49 54.71
C PHE I 97 49.17 45.19 54.40
N MET I 98 49.33 44.17 55.25
CA MET I 98 48.55 42.94 55.08
C MET I 98 47.07 43.25 55.08
N PHE I 99 46.64 44.16 55.95
CA PHE I 99 45.27 44.63 55.92
C PHE I 99 44.94 45.19 54.55
N PHE I 100 45.78 46.09 54.05
CA PHE I 100 45.53 46.69 52.74
C PHE I 100 45.42 45.62 51.65
N PHE I 101 46.33 44.64 51.65
CA PHE I 101 46.32 43.62 50.62
C PHE I 101 45.00 42.86 50.61
N MET I 102 44.50 42.49 51.79
CA MET I 102 43.31 41.65 51.84
C MET I 102 42.09 42.36 51.29
N HIS I 103 41.90 43.62 51.70
CA HIS I 103 40.68 44.35 51.39
C HIS I 103 40.64 44.90 49.96
N HIS I 104 41.77 45.33 49.41
CA HIS I 104 41.73 46.05 48.16
C HIS I 104 42.34 45.30 46.98
N LEU I 105 43.25 44.37 47.22
CA LEU I 105 43.89 43.73 46.08
C LEU I 105 43.34 42.34 45.81
N ILE I 106 42.99 41.59 46.84
CA ILE I 106 42.36 40.26 46.66
C ILE I 106 41.01 40.43 45.92
N PRO I 107 40.14 41.35 46.31
CA PRO I 107 38.93 41.59 45.50
C PRO I 107 39.21 41.89 44.03
N ALA I 108 40.28 42.64 43.74
CA ALA I 108 40.58 43.11 42.39
C ALA I 108 41.26 42.07 41.51
N LEU I 109 41.63 40.90 42.01
CA LEU I 109 42.28 39.92 41.15
C LEU I 109 41.30 39.23 40.20
N GLY I 110 40.02 39.16 40.54
CA GLY I 110 39.01 38.58 39.69
C GLY I 110 38.88 37.07 39.83
N PRO I 111 38.35 36.41 38.80
CA PRO I 111 38.15 34.96 38.87
C PRO I 111 39.44 34.25 39.15
N TYR I 112 39.40 33.30 40.09
CA TYR I 112 40.64 32.59 40.44
C TYR I 112 41.22 31.83 39.27
N PRO I 113 40.54 30.87 38.67
CA PRO I 113 41.04 30.36 37.40
C PRO I 113 40.99 31.51 36.40
N GLN I 114 42.08 32.26 36.32
CA GLN I 114 41.98 33.56 35.69
C GLN I 114 41.78 33.38 34.18
N LYS I 115 40.81 34.15 33.64
CA LYS I 115 40.61 34.05 32.18
C LYS I 115 41.32 35.17 31.42
N TRP I 116 41.91 36.15 32.10
CA TRP I 116 42.48 37.33 31.51
C TRP I 116 43.99 37.25 31.65
N ARG I 117 44.71 37.51 30.55
CA ARG I 117 46.13 37.70 30.62
C ARG I 117 46.40 39.19 30.77
N SER I 118 47.17 39.53 31.80
CA SER I 118 47.60 40.90 32.02
C SER I 118 48.92 41.14 31.30
N THR I 119 49.08 42.34 30.74
CA THR I 119 50.31 42.67 30.04
C THR I 119 51.51 42.70 30.98
N ILE I 120 51.29 42.96 32.28
CA ILE I 120 52.40 43.28 33.17
C ILE I 120 53.26 42.06 33.47
N SER I 121 52.70 40.88 33.51
CA SER I 121 53.46 39.73 33.97
C SER I 121 53.88 38.86 32.79
N ARG I 122 55.04 38.22 32.91
CA ARG I 122 55.47 37.28 31.87
C ARG I 122 54.44 36.17 31.70
N SER I 123 54.02 35.58 32.82
CA SER I 123 52.99 34.54 32.75
C SER I 123 51.63 35.13 32.42
N GLY I 124 51.42 36.39 32.76
CA GLY I 124 50.15 37.05 32.51
C GLY I 124 49.31 37.26 33.74
N LEU I 125 49.72 36.78 34.93
CA LEU I 125 48.80 36.96 36.03
C LEU I 125 48.89 38.38 36.57
N PRO I 126 47.79 38.91 37.06
CA PRO I 126 47.70 40.36 37.26
C PRO I 126 48.56 40.95 38.36
N ILE I 127 49.48 40.18 38.93
CA ILE I 127 50.24 40.67 40.06
C ILE I 127 51.71 40.21 39.99
N GLU I 128 52.61 41.04 40.49
CA GLU I 128 53.96 40.56 40.77
C GLU I 128 54.61 41.39 41.88
N PHE I 129 55.45 40.74 42.65
CA PHE I 129 56.08 41.35 43.81
C PHE I 129 57.53 41.72 43.47
N SER I 130 58.00 42.85 44.00
CA SER I 130 59.33 43.37 43.73
C SER I 130 60.02 43.66 45.04
N LEU I 131 61.34 43.45 45.07
CA LEU I 131 62.22 43.86 46.17
C LEU I 131 63.26 44.83 45.65
N ASN I 132 63.31 46.02 46.24
CA ASN I 132 64.27 47.04 45.85
C ASN I 132 65.36 47.11 46.90
N PHE I 133 66.59 46.88 46.49
CA PHE I 133 67.74 46.91 47.38
C PHE I 133 68.48 48.25 47.27
N GLN I 134 68.87 48.77 48.41
CA GLN I 134 69.53 50.06 48.50
C GLN I 134 70.89 49.89 49.17
N LYS I 135 71.60 51.00 49.28
CA LYS I 135 72.91 50.93 49.90
C LYS I 135 72.75 50.81 51.42
N GLY I 136 72.66 49.56 51.89
CA GLY I 136 72.70 49.23 53.29
C GLY I 136 71.49 49.67 54.08
N SER I 137 70.73 50.63 53.58
CA SER I 137 69.54 51.08 54.30
C SER I 137 68.65 49.90 54.61
N HIS I 138 68.34 49.11 53.59
CA HIS I 138 67.47 47.94 53.70
C HIS I 138 66.86 47.66 52.34
N ARG I 139 65.73 46.97 52.35
CA ARG I 139 65.03 46.61 51.13
C ARG I 139 63.57 47.06 51.27
N LEU I 140 62.92 47.30 50.13
CA LEU I 140 61.54 47.72 50.09
C LEU I 140 60.75 46.75 49.23
N LEU I 141 59.46 46.66 49.52
CA LEU I 141 58.56 45.77 48.79
C LEU I 141 57.70 46.56 47.81
N ARG I 142 57.55 46.00 46.62
CA ARG I 142 56.85 46.63 45.51
C ARG I 142 55.81 45.65 44.98
N ILE I 143 54.63 46.16 44.63
CA ILE I 143 53.60 45.34 43.99
C ILE I 143 53.12 46.03 42.72
N GLY I 144 53.15 45.29 41.61
CA GLY I 144 52.56 45.73 40.36
C GLY I 144 51.26 45.00 40.17
N PHE I 145 50.21 45.77 39.88
CA PHE I 145 48.85 45.27 39.93
C PHE I 145 48.14 45.63 38.64
N GLU I 146 47.33 44.72 38.13
CA GLU I 146 46.32 45.09 37.13
C GLU I 146 44.98 44.56 37.61
N PRO I 147 44.06 45.43 38.03
CA PRO I 147 42.74 44.96 38.45
C PRO I 147 42.01 44.18 37.35
N VAL I 148 41.23 43.19 37.78
CA VAL I 148 40.50 42.32 36.86
C VAL I 148 39.10 42.03 37.43
N SER I 149 38.16 41.72 36.53
CA SER I 149 36.86 41.19 36.92
C SER I 149 36.42 40.16 35.87
N PHE I 150 35.29 39.51 36.14
CA PHE I 150 34.73 38.55 35.20
C PHE I 150 34.28 39.22 33.92
N LEU I 151 34.00 40.52 33.97
CA LEU I 151 33.71 41.28 32.74
C LEU I 151 34.96 41.51 31.91
N SER I 152 36.15 41.48 32.51
CA SER I 152 37.37 41.81 31.79
C SER I 152 37.56 40.88 30.59
N GLY I 153 37.72 41.49 29.41
CA GLY I 153 37.89 40.73 28.18
C GLY I 153 36.60 40.29 27.52
N SER I 154 35.46 40.67 28.06
CA SER I 154 34.17 40.25 27.52
C SER I 154 33.61 41.37 26.65
N SER I 155 32.39 41.14 26.15
CA SER I 155 31.73 42.13 25.31
C SER I 155 31.52 43.43 26.05
N GLN I 156 31.26 43.35 27.36
CA GLN I 156 30.94 44.58 28.08
C GLN I 156 32.19 45.42 28.32
N ASP I 157 33.36 44.79 28.40
CA ASP I 157 34.63 45.51 28.53
C ASP I 157 35.76 44.66 27.97
N PRO I 158 35.97 44.73 26.66
CA PRO I 158 36.94 43.82 26.03
C PRO I 158 38.37 44.18 26.33
N PHE I 159 38.65 45.42 26.76
CA PHE I 159 40.02 45.83 27.03
C PHE I 159 40.23 46.30 28.46
N ASN I 160 39.36 45.87 29.38
CA ASN I 160 39.64 45.92 30.82
C ASN I 160 39.84 47.35 31.32
N ARG I 161 38.92 48.24 30.95
CA ARG I 161 38.97 49.58 31.54
C ARG I 161 38.20 49.68 32.85
N ILE I 162 37.16 48.87 33.04
CA ILE I 162 36.22 49.11 34.14
C ILE I 162 36.96 48.88 35.45
N PRO I 163 37.61 47.74 35.64
CA PRO I 163 38.29 47.52 36.91
C PRO I 163 39.25 48.63 37.28
N ILE I 164 39.90 49.23 36.29
CA ILE I 164 40.86 50.30 36.57
C ILE I 164 40.17 51.44 37.31
N THR I 165 39.02 51.87 36.82
CA THR I 165 38.35 53.01 37.42
C THR I 165 37.77 52.66 38.77
N ASP I 166 37.32 51.42 38.96
CA ASP I 166 36.82 51.00 40.26
C ASP I 166 37.90 51.12 41.32
N LEU I 167 39.03 50.44 41.11
CA LEU I 167 40.10 50.47 42.10
C LEU I 167 40.58 51.89 42.38
N LEU I 168 40.60 52.74 41.36
CA LEU I 168 41.07 54.10 41.58
C LEU I 168 40.15 54.87 42.54
N ASN I 169 38.88 54.47 42.66
CA ASN I 169 38.00 55.10 43.62
C ASN I 169 38.13 54.52 45.02
N ARG I 170 38.33 53.21 45.15
CA ARG I 170 38.69 52.70 46.46
C ARG I 170 39.84 53.53 47.04
N LEU I 171 40.87 53.78 46.21
CA LEU I 171 42.10 54.40 46.71
C LEU I 171 41.87 55.84 47.14
N SER I 172 41.10 56.58 46.35
CA SER I 172 40.79 57.95 46.72
C SER I 172 39.91 58.04 47.96
N LYS I 173 39.08 57.01 48.20
CA LYS I 173 38.28 56.96 49.43
C LYS I 173 39.15 56.74 50.64
N LEU I 174 40.18 55.91 50.50
CA LEU I 174 41.16 55.73 51.56
C LEU I 174 41.87 57.04 51.83
N GLN I 175 42.04 57.36 53.09
CA GLN I 175 42.74 58.58 53.47
C GLN I 175 44.24 58.31 53.31
N LEU I 176 44.74 58.63 52.13
CA LEU I 176 46.11 58.38 51.74
C LEU I 176 46.87 59.69 51.62
N SER I 177 48.09 59.71 52.15
CA SER I 177 48.88 60.93 52.16
C SER I 177 49.38 61.27 50.78
N ASN I 178 49.18 62.52 50.38
CA ASN I 178 49.74 63.06 49.15
C ASN I 178 49.24 62.26 47.94
N PHE I 179 47.92 62.17 47.82
CA PHE I 179 47.30 61.36 46.77
C PHE I 179 46.45 62.29 45.93
N ASP I 180 46.94 62.62 44.73
CA ASP I 180 46.19 63.34 43.73
C ASP I 180 46.14 62.53 42.45
N THR I 181 45.04 62.60 41.74
CA THR I 181 44.87 61.81 40.55
C THR I 181 44.99 62.64 39.26
N PRO I 182 45.08 63.98 39.32
CA PRO I 182 44.93 64.76 38.09
C PRO I 182 45.84 64.31 36.97
N PHE I 183 47.12 64.09 37.28
CA PHE I 183 48.09 63.78 36.25
C PHE I 183 47.73 62.47 35.55
N PHE I 184 47.38 61.45 36.33
CA PHE I 184 47.04 60.15 35.75
C PHE I 184 45.74 60.21 34.98
N GLN I 185 44.71 60.87 35.53
CA GLN I 185 43.47 61.05 34.78
C GLN I 185 43.77 61.67 33.43
N HIS I 186 44.71 62.62 33.39
CA HIS I 186 45.10 63.26 32.14
C HIS I 186 45.57 62.23 31.12
N LEU I 187 46.41 61.30 31.54
CA LEU I 187 46.90 60.30 30.62
C LEU I 187 45.80 59.34 30.19
N LEU I 188 44.95 58.88 31.11
CA LEU I 188 43.84 58.02 30.72
C LEU I 188 42.96 58.66 29.66
N SER I 189 42.49 59.88 29.91
CA SER I 189 41.64 60.54 28.94
C SER I 189 42.29 60.54 27.56
N LYS I 190 43.60 60.81 27.51
CA LYS I 190 44.35 60.84 26.26
C LYS I 190 44.40 59.50 25.55
N PHE I 191 43.99 58.42 26.17
CA PHE I 191 44.15 57.11 25.55
C PHE I 191 42.89 56.25 25.62
N GLN I 192 41.69 56.84 25.65
CA GLN I 192 40.46 56.05 25.63
C GLN I 192 40.07 55.74 24.18
N LEU I 193 38.95 55.02 23.98
CA LEU I 193 38.72 54.42 22.67
C LEU I 193 37.32 54.66 22.06
N SER I 194 36.27 54.14 22.68
CA SER I 194 34.89 54.36 22.21
C SER I 194 34.55 53.59 20.94
N LEU I 195 34.26 54.32 19.85
CA LEU I 195 34.05 53.66 18.57
C LEU I 195 35.29 52.91 18.13
N SER I 196 36.44 53.28 18.67
CA SER I 196 37.68 52.56 18.38
C SER I 196 37.60 51.11 18.84
N GLU I 197 36.98 50.87 20.01
CA GLU I 197 36.78 49.50 20.47
C GLU I 197 36.24 48.61 19.37
N VAL I 198 35.19 49.08 18.68
CA VAL I 198 34.54 48.24 17.68
C VAL I 198 35.52 47.89 16.57
N ARG I 199 36.29 48.89 16.11
CA ARG I 199 37.32 48.67 15.10
C ARG I 199 38.25 47.58 15.55
N GLN I 200 38.72 47.73 16.78
CA GLN I 200 39.78 46.84 17.28
C GLN I 200 39.29 45.42 17.50
N LEU I 201 38.12 45.25 18.11
CA LEU I 201 37.54 43.93 18.26
C LEU I 201 37.79 43.12 16.98
N GLN I 202 37.63 43.77 15.85
CA GLN I 202 38.03 43.16 14.60
C GLN I 202 39.56 43.12 14.50
N PRO I 212 47.28 39.33 20.94
CA PRO I 212 48.39 40.13 21.48
C PRO I 212 48.20 40.49 22.96
N LEU I 213 48.50 41.74 23.32
CA LEU I 213 48.43 42.22 24.68
C LEU I 213 47.32 43.27 24.74
N LYS I 214 46.39 43.10 25.66
CA LYS I 214 45.15 43.86 25.61
C LYS I 214 45.01 44.93 26.69
N SER I 215 45.78 44.87 27.77
CA SER I 215 45.52 45.78 28.89
C SER I 215 45.88 47.21 28.53
N GLN I 216 45.14 48.15 29.12
CA GLN I 216 45.34 49.57 28.86
C GLN I 216 45.93 50.34 30.01
N ALA I 217 45.97 49.76 31.22
CA ALA I 217 46.52 50.48 32.35
C ALA I 217 46.84 49.47 33.44
N ALA I 218 47.58 49.91 34.45
CA ALA I 218 47.94 49.07 35.57
C ALA I 218 48.34 49.98 36.72
N PHE I 219 48.60 49.36 37.87
CA PHE I 219 48.94 50.04 39.11
C PHE I 219 50.22 49.46 39.71
N GLY I 220 50.85 50.23 40.57
CA GLY I 220 51.96 49.74 41.34
C GLY I 220 51.91 50.31 42.73
N PHE I 221 52.37 49.52 43.68
CA PHE I 221 52.35 49.92 45.07
C PHE I 221 53.71 49.78 45.71
N ASP I 222 54.23 50.90 46.21
CA ASP I 222 55.48 50.96 46.96
C ASP I 222 55.16 51.13 48.43
N PHE I 223 55.60 50.16 49.24
CA PHE I 223 55.37 50.17 50.68
C PHE I 223 56.64 50.65 51.33
N ASN I 224 56.70 51.92 51.72
CA ASN I 224 57.96 52.39 52.27
C ASN I 224 58.05 51.93 53.71
N PRO I 225 59.23 52.02 54.33
CA PRO I 225 59.38 51.47 55.69
C PRO I 225 58.40 52.08 56.68
N ASP I 226 58.13 53.37 56.57
CA ASP I 226 57.03 53.97 57.30
C ASP I 226 55.73 53.35 56.84
N GLY I 227 54.73 53.36 57.72
CA GLY I 227 53.46 52.78 57.32
C GLY I 227 52.67 53.58 56.29
N ALA I 228 53.28 53.86 55.14
CA ALA I 228 52.66 54.67 54.09
C ALA I 228 52.86 54.00 52.74
N ILE I 229 51.80 53.97 51.94
CA ILE I 229 51.83 53.39 50.62
C ILE I 229 51.97 54.53 49.63
N LEU I 230 52.75 54.33 48.58
CA LEU I 230 52.81 55.26 47.45
C LEU I 230 52.33 54.54 46.20
N VAL I 231 51.44 55.18 45.46
CA VAL I 231 50.73 54.55 44.35
C VAL I 231 51.32 55.00 43.02
N LYS I 232 51.65 54.03 42.18
CA LYS I 232 52.23 54.27 40.87
C LYS I 232 51.26 53.71 39.85
N GLY I 233 51.03 54.46 38.78
CA GLY I 233 50.11 54.06 37.75
C GLY I 233 50.78 53.98 36.40
N TYR I 234 50.30 53.05 35.56
CA TYR I 234 50.85 52.79 34.24
C TYR I 234 49.79 53.03 33.16
N VAL I 235 50.24 53.20 31.91
CA VAL I 235 49.37 53.42 30.77
C VAL I 235 50.01 52.76 29.54
N PHE I 236 49.20 52.03 28.80
CA PHE I 236 49.72 51.26 27.67
C PHE I 236 49.12 51.79 26.37
N PRO I 237 49.80 52.70 25.67
CA PRO I 237 49.18 53.40 24.53
C PRO I 237 49.14 52.60 23.23
N TYR I 238 49.58 51.33 23.22
CA TYR I 238 49.56 50.58 21.96
C TYR I 238 48.16 50.50 21.38
N LEU I 239 47.16 50.29 22.22
CA LEU I 239 45.81 50.13 21.70
C LEU I 239 45.34 51.41 21.02
N LYS I 240 45.42 52.55 21.72
CA LYS I 240 44.97 53.82 21.17
C LYS I 240 45.68 54.14 19.86
N ALA I 241 46.98 53.88 19.79
CA ALA I 241 47.74 54.15 18.58
C ALA I 241 47.35 53.18 17.47
N LYS I 242 47.15 51.91 17.81
CA LYS I 242 46.79 50.93 16.79
C LYS I 242 45.44 51.27 16.16
N ALA I 243 44.48 51.72 16.97
CA ALA I 243 43.15 52.03 16.45
C ALA I 243 43.21 53.22 15.50
N ALA I 244 43.90 54.28 15.91
CA ALA I 244 43.99 55.47 15.07
C ALA I 244 45.04 55.33 13.98
N ASP I 245 45.72 54.20 13.90
CA ASP I 245 46.80 53.97 12.94
C ASP I 245 47.80 55.12 12.94
N VAL I 246 48.22 55.50 14.14
CA VAL I 246 49.19 56.57 14.32
C VAL I 246 50.37 56.00 15.10
N PRO I 247 51.61 56.30 14.72
CA PRO I 247 52.76 55.78 15.46
C PRO I 247 52.75 56.21 16.93
N VAL I 248 53.19 55.29 17.80
CA VAL I 248 53.03 55.48 19.24
C VAL I 248 53.68 56.78 19.70
N GLY I 249 54.92 57.03 19.26
CA GLY I 249 55.65 58.18 19.76
C GLY I 249 54.95 59.48 19.44
N THR I 250 54.32 59.54 18.26
CA THR I 250 53.67 60.78 17.85
C THR I 250 52.60 61.20 18.85
N LEU I 251 51.78 60.25 19.29
CA LEU I 251 50.76 60.63 20.27
C LEU I 251 51.34 60.66 21.66
N ILE I 252 52.36 59.86 21.95
CA ILE I 252 53.06 60.01 23.22
C ILE I 252 53.68 61.41 23.32
N ALA I 253 54.38 61.83 22.26
CA ALA I 253 54.91 63.18 22.24
C ALA I 253 53.81 64.18 22.45
N GLU I 254 52.73 64.05 21.68
CA GLU I 254 51.62 64.97 21.78
C GLU I 254 50.94 64.86 23.14
N ALA I 255 50.95 63.66 23.73
CA ALA I 255 50.42 63.48 25.08
C ALA I 255 51.25 64.25 26.09
N VAL I 256 52.57 64.14 26.00
CA VAL I 256 53.44 64.91 26.89
C VAL I 256 53.30 66.39 26.61
N ARG I 257 53.18 66.77 25.34
CA ARG I 257 53.07 68.19 25.01
C ARG I 257 51.79 68.78 25.59
N THR I 258 50.68 68.02 25.54
CA THR I 258 49.41 68.51 26.08
C THR I 258 49.52 68.86 27.54
N ILE I 259 50.42 68.20 28.27
CA ILE I 259 50.70 68.57 29.66
C ILE I 259 51.75 69.68 29.73
N ASP I 260 52.33 70.07 28.58
CA ASP I 260 53.38 71.09 28.57
C ASP I 260 52.83 72.50 28.76
N VAL I 261 51.77 72.86 28.03
CA VAL I 261 51.06 74.09 28.40
C VAL I 261 50.47 73.94 29.79
N GLU I 262 50.17 72.70 30.19
CA GLU I 262 49.73 72.42 31.55
C GLU I 262 50.86 72.63 32.54
N ARG I 263 52.07 72.17 32.19
CA ARG I 263 53.33 72.72 32.69
C ARG I 263 54.51 72.18 31.88
N ASN I 264 55.25 73.11 31.27
CA ASN I 264 56.31 72.79 30.31
C ASN I 264 57.63 72.47 31.00
N GLN I 265 57.61 71.52 31.95
CA GLN I 265 58.81 71.10 32.65
C GLN I 265 59.37 69.79 32.12
N PHE I 266 58.60 69.07 31.33
CA PHE I 266 59.03 67.81 30.77
C PHE I 266 59.51 67.94 29.33
N THR I 267 59.33 69.12 28.72
CA THR I 267 59.68 69.33 27.32
C THR I 267 61.13 68.97 27.05
N HIS I 268 62.05 69.63 27.77
CA HIS I 268 63.48 69.48 27.48
C HIS I 268 63.91 68.03 27.58
N ALA I 269 63.69 67.41 28.74
CA ALA I 269 64.14 66.04 28.94
C ALA I 269 63.49 65.07 27.96
N PHE I 270 62.18 65.21 27.73
CA PHE I 270 61.49 64.27 26.85
C PHE I 270 61.91 64.45 25.40
N GLY I 271 61.73 65.65 24.85
CA GLY I 271 62.18 65.90 23.49
C GLY I 271 63.58 65.39 23.26
N LEU I 272 64.36 65.35 24.32
CA LEU I 272 65.69 64.77 24.30
C LEU I 272 65.63 63.26 24.13
N ILE I 273 64.60 62.62 24.70
CA ILE I 273 64.39 61.17 24.57
C ILE I 273 63.74 60.83 23.24
N ASN I 274 62.73 61.61 22.85
CA ASN I 274 61.99 61.38 21.62
C ASN I 274 62.91 61.48 20.39
N ASP I 275 63.95 62.30 20.48
CA ASP I 275 64.93 62.35 19.41
C ASP I 275 65.68 61.03 19.28
N TYR I 276 66.17 60.49 20.40
CA TYR I 276 66.89 59.22 20.30
C TYR I 276 65.98 58.07 19.86
N MET I 277 64.73 58.07 20.35
CA MET I 277 63.80 57.00 19.99
C MET I 277 63.53 57.01 18.49
N GLN I 278 63.37 58.20 17.92
CA GLN I 278 63.17 58.29 16.48
C GLN I 278 64.44 57.99 15.70
N GLU I 279 65.61 58.36 16.25
CA GLU I 279 66.86 57.92 15.63
C GLU I 279 66.91 56.41 15.51
N SER I 280 66.72 55.71 16.63
CA SER I 280 67.07 54.31 16.74
C SER I 280 65.92 53.39 16.42
N THR I 281 64.79 53.94 15.96
CA THR I 281 63.58 53.14 15.81
C THR I 281 63.27 52.44 17.13
N GLY I 282 63.45 53.17 18.23
CA GLY I 282 63.29 52.59 19.54
C GLY I 282 61.83 52.35 19.90
N TYR I 283 60.95 53.28 19.52
CA TYR I 283 59.52 53.13 19.71
C TYR I 283 59.00 51.89 19.01
N ASN I 284 58.08 51.21 19.66
CA ASN I 284 57.54 49.96 19.16
C ASN I 284 56.26 49.69 19.90
N GLU I 285 55.63 48.57 19.58
CA GLU I 285 54.38 48.22 20.26
C GLU I 285 54.57 48.18 21.76
N TYR I 286 55.71 47.72 22.23
CA TYR I 286 55.91 47.50 23.65
C TYR I 286 56.16 48.79 24.42
N THR I 287 56.45 49.90 23.75
CA THR I 287 56.68 51.14 24.47
C THR I 287 55.45 51.52 25.27
N PHE I 288 55.64 51.95 26.51
CA PHE I 288 54.52 52.43 27.31
C PHE I 288 55.03 53.50 28.28
N LEU I 289 54.17 53.91 29.20
CA LEU I 289 54.41 55.11 29.97
C LEU I 289 53.98 54.88 31.43
N SER I 290 54.48 55.71 32.35
CA SER I 290 54.19 55.55 33.79
C SER I 290 54.23 56.92 34.45
N CYS I 291 53.80 56.96 35.70
CA CYS I 291 53.91 58.19 36.50
C CYS I 291 53.51 57.89 37.94
N ASP I 292 53.58 58.90 38.78
CA ASP I 292 53.28 58.77 40.20
C ASP I 292 51.99 59.51 40.51
N PHE I 293 51.34 59.06 41.58
CA PHE I 293 50.08 59.66 42.06
C PHE I 293 50.35 60.72 43.11
N VAL I 294 50.79 61.90 42.67
CA VAL I 294 51.01 63.00 43.60
C VAL I 294 51.09 64.30 42.84
N GLU I 295 50.91 65.41 43.55
CA GLU I 295 51.31 66.74 43.11
C GLU I 295 52.31 66.71 41.95
N THR I 296 52.10 67.57 40.96
CA THR I 296 52.96 67.57 39.78
C THR I 296 54.41 67.83 40.16
N SER I 297 54.65 68.68 41.16
CA SER I 297 56.03 69.05 41.49
C SER I 297 56.89 67.83 41.78
N GLU I 298 56.41 66.94 42.64
CA GLU I 298 57.18 65.78 43.08
C GLU I 298 56.97 64.57 42.20
N GLN I 299 56.39 64.73 41.03
CA GLN I 299 56.07 63.58 40.20
C GLN I 299 57.18 63.27 39.22
N ARG I 300 57.34 61.98 38.96
CA ARG I 300 58.42 61.49 38.12
C ARG I 300 57.81 60.67 36.98
N LEU I 301 57.66 61.27 35.80
CA LEU I 301 57.10 60.49 34.70
C LEU I 301 58.21 59.71 34.04
N LYS I 302 57.87 58.51 33.57
CA LYS I 302 58.84 57.54 33.06
C LYS I 302 58.33 57.00 31.73
N ILE I 303 59.21 56.77 30.78
CA ILE I 303 58.87 56.14 29.51
C ILE I 303 59.54 54.79 29.45
N TYR I 304 58.78 53.75 29.12
CA TYR I 304 59.35 52.41 29.00
C TYR I 304 59.35 51.97 27.54
N GLY I 305 60.16 50.98 27.23
CA GLY I 305 60.23 50.38 25.90
C GLY I 305 61.01 49.08 25.96
N ALA I 306 61.11 48.43 24.80
CA ALA I 306 61.80 47.16 24.74
C ALA I 306 62.58 47.04 23.43
N HIS I 307 63.51 46.08 23.41
CA HIS I 307 64.26 45.69 22.22
C HIS I 307 64.41 44.17 22.20
N THR I 308 64.18 43.60 21.02
CA THR I 308 64.20 42.15 20.86
C THR I 308 65.59 41.57 21.11
N GLU I 309 66.58 41.99 20.34
CA GLU I 309 67.95 41.52 20.49
C GLU I 309 68.82 42.73 20.77
N VAL I 310 69.71 42.60 21.75
CA VAL I 310 70.49 43.73 22.22
C VAL I 310 71.87 43.23 22.59
N THR I 311 72.90 43.91 22.09
CA THR I 311 74.29 43.66 22.41
C THR I 311 74.74 44.64 23.47
N TRP I 312 75.95 44.43 23.97
CA TRP I 312 76.47 45.41 24.92
C TRP I 312 76.56 46.81 24.32
N ALA I 313 77.08 46.90 23.09
CA ALA I 313 77.19 48.20 22.44
C ALA I 313 75.85 48.89 22.31
N LYS I 314 74.81 48.14 21.92
CA LYS I 314 73.47 48.70 21.88
C LYS I 314 73.06 49.19 23.26
N ILE I 315 73.37 48.41 24.30
CA ILE I 315 73.02 48.81 25.66
C ILE I 315 73.72 50.11 26.03
N ALA I 316 75.02 50.20 25.71
CA ALA I 316 75.76 51.45 25.93
C ALA I 316 75.18 52.58 25.10
N GLU I 317 74.80 52.28 23.86
CA GLU I 317 74.13 53.27 23.03
C GLU I 317 72.85 53.76 23.67
N MET I 318 72.05 52.85 24.25
CA MET I 318 70.80 53.25 24.89
C MET I 318 71.05 53.92 26.23
N TRP I 319 71.94 53.35 27.06
CA TRP I 319 72.14 53.95 28.37
C TRP I 319 72.54 55.40 28.21
N THR I 320 73.41 55.68 27.24
CA THR I 320 73.84 57.04 26.94
C THR I 320 72.96 57.68 25.90
N LEU I 321 71.84 57.06 25.56
CA LEU I 321 70.80 57.68 24.74
C LEU I 321 71.40 58.24 23.45
N GLY I 322 72.11 57.38 22.74
CA GLY I 322 73.03 57.82 21.70
C GLY I 322 74.28 58.41 22.32
N GLY I 323 74.53 59.70 22.06
CA GLY I 323 75.58 60.38 22.79
C GLY I 323 75.06 61.53 23.61
N ARG I 324 73.73 61.61 23.73
CA ARG I 324 73.08 62.80 24.27
C ARG I 324 73.68 63.23 25.60
N LEU I 325 73.99 62.26 26.48
CA LEU I 325 74.31 62.57 27.87
C LEU I 325 75.65 61.96 28.30
N ILE I 326 76.59 61.79 27.37
CA ILE I 326 77.96 61.48 27.75
C ILE I 326 78.56 62.59 28.60
N GLU I 327 78.11 63.82 28.40
CA GLU I 327 78.64 64.94 29.16
C GLU I 327 78.42 64.74 30.65
N GLU I 328 77.28 64.21 31.05
CA GLU I 328 77.02 63.95 32.47
C GLU I 328 77.97 62.87 32.99
N PRO I 329 78.64 63.08 34.12
CA PRO I 329 79.53 62.04 34.65
C PRO I 329 78.78 60.87 35.28
N GLU I 330 77.64 61.14 35.92
CA GLU I 330 76.83 60.09 36.53
C GLU I 330 76.64 58.90 35.60
N ILE I 331 76.16 59.16 34.39
CA ILE I 331 75.88 58.07 33.44
C ILE I 331 77.11 57.20 33.21
N ILE I 332 78.27 57.83 32.99
CA ILE I 332 79.47 57.05 32.72
C ILE I 332 79.74 56.12 33.89
N ALA I 333 79.67 56.66 35.11
CA ALA I 333 79.88 55.85 36.30
C ALA I 333 78.85 54.75 36.39
N GLY I 334 77.56 55.13 36.25
CA GLY I 334 76.45 54.19 36.25
C GLY I 334 76.60 53.10 35.20
N LEU I 335 77.08 53.46 34.02
CA LEU I 335 77.29 52.46 32.97
C LEU I 335 78.45 51.50 33.29
N ALA I 336 79.48 51.98 33.98
CA ALA I 336 80.56 51.09 34.33
C ALA I 336 80.04 49.96 35.19
N ARG I 337 79.40 50.31 36.31
CA ARG I 337 78.82 49.31 37.19
C ARG I 337 77.91 48.38 36.42
N LEU I 338 77.19 48.93 35.44
CA LEU I 338 76.21 48.13 34.71
C LEU I 338 76.86 46.97 33.98
N LYS I 339 78.00 47.21 33.29
CA LYS I 339 78.65 46.10 32.61
C LYS I 339 79.18 45.08 33.60
N GLN I 340 79.47 45.53 34.81
CA GLN I 340 79.92 44.63 35.86
C GLN I 340 78.86 43.57 36.13
N ILE I 341 77.58 43.94 36.03
CA ILE I 341 76.52 42.96 36.22
C ILE I 341 76.26 42.19 34.94
N TRP I 342 76.19 42.89 33.81
CA TRP I 342 75.91 42.21 32.55
C TRP I 342 76.80 40.98 32.39
N SER I 343 78.08 41.11 32.78
CA SER I 343 79.06 40.02 32.68
C SER I 343 78.78 38.90 33.68
N LEU I 344 78.44 39.25 34.92
CA LEU I 344 78.12 38.24 35.91
C LEU I 344 76.90 37.41 35.50
N LEU I 345 75.88 38.06 34.95
CA LEU I 345 74.56 37.45 34.83
C LEU I 345 74.49 36.45 33.69
N GLN I 346 74.71 36.91 32.47
CA GLN I 346 74.49 36.07 31.31
C GLN I 346 75.71 35.22 30.98
N ILE I 347 76.73 35.25 31.83
CA ILE I 347 77.98 34.54 31.57
C ILE I 347 77.79 33.03 31.66
N ILE I 369 60.13 33.51 21.16
CA ILE I 369 61.25 32.57 21.21
C ILE I 369 62.09 32.85 22.47
N ALA I 370 62.06 34.09 22.93
CA ALA I 370 62.82 34.50 24.11
C ALA I 370 62.23 35.83 24.61
N SER I 371 62.66 36.21 25.80
CA SER I 371 62.17 37.41 26.48
C SER I 371 62.97 38.64 26.06
N PRO I 372 62.30 39.78 25.89
CA PRO I 372 63.01 41.03 25.53
C PRO I 372 63.61 41.69 26.77
N ILE I 373 64.54 42.65 26.52
CA ILE I 373 65.13 43.45 27.58
C ILE I 373 64.48 44.83 27.55
N ILE I 374 64.18 45.38 28.72
CA ILE I 374 63.37 46.60 28.82
C ILE I 374 64.21 47.74 29.37
N TRP I 375 63.88 48.95 28.92
CA TRP I 375 64.53 50.17 29.35
C TRP I 375 63.50 51.18 29.84
N ASN I 376 64.00 52.17 30.57
CA ASN I 376 63.19 53.16 31.28
C ASN I 376 63.97 54.47 31.30
N TYR I 377 63.30 55.57 31.00
CA TYR I 377 63.92 56.90 31.12
C TYR I 377 63.05 57.75 32.02
N GLU I 378 63.57 58.13 33.16
CA GLU I 378 62.80 58.78 34.20
C GLU I 378 63.01 60.27 34.09
N ILE I 379 61.94 61.00 33.82
CA ILE I 379 62.03 62.45 33.61
C ILE I 379 61.57 63.18 34.86
N HIS I 380 62.44 63.30 35.85
CA HIS I 380 62.15 64.22 36.94
C HIS I 380 61.96 65.62 36.34
N PRO I 381 60.93 66.35 36.76
CA PRO I 381 60.59 67.58 36.03
C PRO I 381 61.64 68.67 36.14
N GLY I 382 62.18 68.90 37.33
CA GLY I 382 63.14 69.98 37.49
C GLY I 382 64.39 69.80 36.66
N SER I 383 64.89 68.57 36.56
CA SER I 383 66.20 68.34 35.96
C SER I 383 66.14 68.54 34.45
N ARG I 384 67.34 68.51 33.84
CA ARG I 384 67.52 68.71 32.41
C ARG I 384 67.82 67.44 31.63
N PHE I 385 68.23 66.36 32.29
CA PHE I 385 68.42 65.08 31.62
C PHE I 385 67.48 64.02 32.20
N PRO I 386 67.18 62.97 31.43
CA PRO I 386 66.55 61.78 31.99
C PRO I 386 67.57 60.87 32.66
N VAL I 387 67.09 60.09 33.62
CA VAL I 387 67.89 59.06 34.28
C VAL I 387 67.42 57.72 33.75
N PRO I 388 68.30 56.89 33.23
CA PRO I 388 67.89 55.60 32.68
C PRO I 388 67.69 54.53 33.74
N LYS I 389 67.20 53.40 33.30
CA LYS I 389 67.03 52.21 34.12
C LYS I 389 66.75 51.01 33.23
N PHE I 390 67.42 49.88 33.44
CA PHE I 390 67.17 48.73 32.59
C PHE I 390 66.64 47.56 33.38
N TYR I 391 66.05 46.63 32.64
CA TYR I 391 65.40 45.45 33.18
C TYR I 391 65.97 44.24 32.45
N LEU I 392 66.47 43.28 33.21
CA LEU I 392 67.26 42.24 32.61
C LEU I 392 66.57 40.89 32.82
N PRO I 393 66.33 40.12 31.75
CA PRO I 393 65.64 38.83 31.90
C PRO I 393 66.46 37.82 32.71
N VAL I 394 65.80 37.21 33.69
CA VAL I 394 66.46 36.25 34.58
C VAL I 394 65.74 34.91 34.47
N HIS I 395 64.43 34.93 34.28
CA HIS I 395 63.71 33.71 33.97
C HIS I 395 64.30 33.06 32.75
N GLY I 396 64.75 31.82 32.90
CA GLY I 396 65.60 31.15 31.93
C GLY I 396 67.03 30.99 32.39
N GLU I 397 67.44 31.73 33.43
CA GLU I 397 68.73 31.57 34.08
C GLU I 397 68.55 30.88 35.42
N ASN I 398 69.42 29.92 35.73
CA ASN I 398 69.40 29.23 37.01
C ASN I 398 69.28 30.22 38.15
N ASP I 399 68.16 30.17 38.88
CA ASP I 399 67.90 31.16 39.91
C ASP I 399 68.95 31.15 41.01
N LEU I 400 69.70 30.06 41.14
CA LEU I 400 70.80 30.01 42.10
C LEU I 400 72.02 30.71 41.55
N HIS I 401 72.40 30.38 40.32
CA HIS I 401 73.43 31.15 39.62
C HIS I 401 73.14 32.64 39.71
N VAL I 402 71.87 33.01 39.57
CA VAL I 402 71.48 34.42 39.65
C VAL I 402 71.60 34.91 41.08
N ALA I 403 71.22 34.09 42.06
CA ALA I 403 71.41 34.49 43.45
C ALA I 403 72.89 34.67 43.75
N ARG I 404 73.71 33.69 43.35
CA ARG I 404 75.16 33.76 43.54
C ARG I 404 75.73 35.01 42.89
N ALA I 405 75.59 35.11 41.56
CA ALA I 405 76.13 36.25 40.83
C ALA I 405 75.57 37.56 41.39
N LEU I 406 74.29 37.57 41.74
CA LEU I 406 73.69 38.78 42.25
C LEU I 406 74.35 39.22 43.55
N ALA I 407 74.73 38.25 44.39
CA ALA I 407 75.34 38.52 45.69
C ALA I 407 76.78 38.97 45.56
N GLN I 408 77.55 38.35 44.66
CA GLN I 408 78.93 38.79 44.40
C GLN I 408 78.96 40.28 44.09
N PHE I 409 78.06 40.73 43.22
CA PHE I 409 77.98 42.14 42.84
C PHE I 409 77.71 43.07 44.02
N TRP I 410 77.12 42.56 45.11
CA TRP I 410 76.88 43.46 46.23
C TRP I 410 78.16 43.72 47.01
N ASP I 411 79.02 42.71 47.16
CA ASP I 411 80.33 42.94 47.77
C ASP I 411 81.12 43.95 46.96
N SER I 412 81.17 43.79 45.63
CA SER I 412 81.81 44.78 44.76
C SER I 412 81.38 46.21 45.08
N LEU I 413 80.10 46.42 45.33
CA LEU I 413 79.65 47.72 45.81
C LEU I 413 79.92 47.93 47.30
N GLY I 414 80.07 46.86 48.06
CA GLY I 414 80.27 46.99 49.49
C GLY I 414 78.99 47.09 50.30
N TRP I 415 78.03 46.19 50.03
CA TRP I 415 76.85 46.08 50.88
C TRP I 415 77.02 44.89 51.79
N PRO I 416 77.33 45.07 53.07
CA PRO I 416 77.72 43.93 53.91
C PRO I 416 76.63 42.88 54.11
N GLU I 417 75.46 43.29 54.59
CA GLU I 417 74.47 42.31 55.01
C GLU I 417 73.63 41.78 53.84
N HIS I 418 73.35 42.63 52.85
CA HIS I 418 72.50 42.20 51.73
C HIS I 418 73.12 41.04 50.98
N ALA I 419 74.44 41.06 50.83
CA ALA I 419 75.10 40.04 50.03
C ALA I 419 75.31 38.73 50.80
N CYS I 420 75.52 38.81 52.11
CA CYS I 420 75.77 37.58 52.86
C CYS I 420 74.51 36.74 52.97
N ALA I 421 73.37 37.39 53.27
CA ALA I 421 72.14 36.67 53.57
C ALA I 421 71.14 36.69 52.42
N TYR I 422 71.59 36.93 51.19
CA TYR I 422 70.60 36.94 50.12
C TYR I 422 70.12 35.52 49.84
N PRO I 423 70.97 34.67 49.30
CA PRO I 423 70.48 33.34 48.90
C PRO I 423 69.77 32.60 50.02
N ASP I 424 70.15 32.84 51.27
CA ASP I 424 69.32 32.33 52.36
C ASP I 424 67.97 33.02 52.38
N THR I 425 67.92 34.30 52.01
CA THR I 425 66.64 34.99 51.92
C THR I 425 65.83 34.55 50.72
N LEU I 426 66.50 34.07 49.68
CA LEU I 426 65.76 33.63 48.50
C LEU I 426 65.08 32.30 48.76
N GLN I 427 65.77 31.37 49.44
CA GLN I 427 65.14 30.10 49.75
C GLN I 427 64.03 30.27 50.75
N GLN I 428 64.17 31.23 51.66
CA GLN I 428 63.15 31.46 52.68
C GLN I 428 61.85 32.01 52.09
N LEU I 429 61.89 32.58 50.89
CA LEU I 429 60.68 32.96 50.16
C LEU I 429 60.07 31.80 49.39
N TYR I 430 60.83 30.76 49.10
CA TYR I 430 60.36 29.63 48.29
C TYR I 430 60.78 28.31 48.92
N PRO I 431 60.37 28.06 50.17
CA PRO I 431 60.77 26.80 50.82
C PRO I 431 60.23 25.57 50.13
N ASP I 432 59.06 25.65 49.48
CA ASP I 432 58.57 24.49 48.75
C ASP I 432 59.51 24.11 47.60
N GLN I 433 60.15 25.08 46.98
CA GLN I 433 61.01 24.86 45.83
C GLN I 433 62.47 24.69 46.27
N ASP I 434 63.26 24.12 45.37
CA ASP I 434 64.70 23.90 45.56
C ASP I 434 65.48 24.71 44.53
N ILE I 435 66.19 25.74 45.01
CA ILE I 435 66.87 26.68 44.12
C ILE I 435 67.86 25.99 43.20
N SER I 436 68.39 24.84 43.62
CA SER I 436 69.36 24.14 42.78
C SER I 436 68.86 23.93 41.35
N GLN I 437 67.55 23.69 41.19
CA GLN I 437 67.00 23.30 39.91
C GLN I 437 65.99 24.30 39.35
N THR I 438 65.75 25.42 40.03
CA THR I 438 64.70 26.35 39.65
C THR I 438 65.20 27.40 38.67
N THR I 439 64.30 27.86 37.83
CA THR I 439 64.63 28.85 36.80
C THR I 439 63.69 30.05 36.79
N ARG I 440 62.38 29.84 36.99
CA ARG I 440 61.41 30.90 36.85
C ARG I 440 61.22 31.72 38.13
N LEU I 441 61.87 31.36 39.24
CA LEU I 441 61.59 32.02 40.52
C LEU I 441 61.88 33.52 40.53
N GLN I 442 62.79 33.97 39.65
CA GLN I 442 63.08 35.37 39.58
C GLN I 442 63.25 35.76 38.05
N SER I 443 62.57 36.84 37.76
CA SER I 443 62.22 37.12 36.39
C SER I 443 62.90 38.36 35.83
N TRP I 444 63.08 39.43 36.61
CA TRP I 444 63.69 40.65 36.10
C TRP I 444 64.62 41.21 37.15
N ILE I 445 65.62 41.97 36.68
CA ILE I 445 66.47 42.78 37.56
C ILE I 445 66.58 44.18 36.98
N SER I 446 66.35 45.19 37.82
CA SER I 446 66.34 46.58 37.40
C SER I 446 67.61 47.27 37.89
N TYR I 447 68.12 48.19 37.08
CA TYR I 447 69.34 48.90 37.42
C TYR I 447 69.17 50.38 37.13
N SER I 448 69.41 51.20 38.14
CA SER I 448 69.45 52.65 38.02
C SER I 448 70.69 53.12 38.74
N TYR I 449 71.19 54.29 38.37
CA TYR I 449 72.31 54.85 39.09
C TYR I 449 72.09 56.34 39.31
N THR I 450 72.42 56.80 40.50
CA THR I 450 72.35 58.20 40.86
C THR I 450 73.61 58.55 41.64
N ALA I 451 74.01 59.81 41.57
CA ALA I 451 75.08 60.25 42.44
C ALA I 451 74.67 60.16 43.90
N LYS I 452 73.49 60.71 44.22
CA LYS I 452 73.01 60.74 45.59
C LYS I 452 72.65 59.34 46.10
N ARG I 453 71.70 58.68 45.44
CA ARG I 453 71.21 57.40 45.91
C ARG I 453 72.28 56.33 45.89
N GLY I 454 73.06 56.28 44.83
CA GLY I 454 73.97 55.18 44.63
C GLY I 454 73.40 54.26 43.58
N VAL I 455 73.23 52.99 43.91
CA VAL I 455 72.79 52.02 42.93
C VAL I 455 71.39 51.57 43.31
N TYR I 456 70.39 52.07 42.58
CA TYR I 456 69.07 51.48 42.60
C TYR I 456 69.11 50.11 41.97
N MET I 457 68.38 49.17 42.53
CA MET I 457 68.29 47.86 41.90
C MET I 457 67.21 46.99 42.56
N SER I 458 66.32 46.40 41.75
CA SER I 458 65.16 45.67 42.24
C SER I 458 65.04 44.35 41.52
N VAL I 459 64.45 43.38 42.20
CA VAL I 459 64.30 42.03 41.67
C VAL I 459 62.81 41.69 41.62
N TYR I 460 62.41 41.04 40.53
CA TYR I 460 61.01 40.73 40.26
C TYR I 460 60.84 39.23 40.26
N TYR I 461 59.87 38.74 41.05
CA TYR I 461 59.79 37.34 41.43
C TYR I 461 58.54 36.68 40.87
N HIS I 462 58.57 35.34 40.90
CA HIS I 462 57.38 34.51 40.66
C HIS I 462 56.39 34.74 41.79
N SER I 463 55.23 35.35 41.48
CA SER I 463 54.40 35.96 42.50
C SER I 463 53.11 35.18 42.79
N GLN I 464 53.08 33.89 42.47
CA GLN I 464 52.03 32.99 42.94
C GLN I 464 52.68 31.75 43.53
N SER I 465 51.89 30.90 44.17
CA SER I 465 52.43 29.80 44.94
C SER I 465 52.33 28.46 44.20
N THR I 466 51.97 28.48 42.93
CA THR I 466 51.94 27.26 42.14
C THR I 466 52.86 27.43 40.92
N TYR I 467 53.84 26.53 40.82
CA TYR I 467 54.93 26.65 39.87
C TYR I 467 54.92 25.44 38.95
N LEU I 468 54.98 25.69 37.64
CA LEU I 468 54.77 24.63 36.66
C LEU I 468 56.10 24.02 36.24
N PRO J 52 91.47 22.67 -8.26
CA PRO J 52 90.06 22.33 -8.54
C PRO J 52 89.80 20.83 -8.51
N SER J 53 88.53 20.43 -8.44
CA SER J 53 88.17 19.01 -8.42
C SER J 53 88.22 18.42 -9.84
N PRO J 54 88.55 17.13 -9.96
CA PRO J 54 89.04 16.61 -11.24
C PRO J 54 87.98 16.08 -12.21
N ALA J 55 87.12 15.17 -11.73
CA ALA J 55 86.38 14.28 -12.62
C ALA J 55 85.49 15.03 -13.61
N GLN J 56 85.13 16.28 -13.33
CA GLN J 56 84.27 17.05 -14.20
C GLN J 56 84.98 17.56 -15.45
N ALA J 57 86.19 17.07 -15.74
CA ALA J 57 86.87 17.40 -16.99
C ALA J 57 86.18 16.82 -18.22
N LEU J 58 85.41 15.74 -18.04
CA LEU J 58 84.73 15.09 -19.16
C LEU J 58 83.82 16.06 -19.91
N ALA J 59 83.14 16.93 -19.17
CA ALA J 59 82.16 17.81 -19.80
C ALA J 59 82.75 18.71 -20.88
N SER J 60 84.06 18.97 -20.84
CA SER J 60 84.64 19.91 -21.79
C SER J 60 84.27 19.54 -23.20
N TYR J 61 84.40 18.26 -23.54
CA TYR J 61 84.13 17.76 -24.88
C TYR J 61 82.83 16.98 -24.93
N HIS J 62 81.86 17.45 -24.16
CA HIS J 62 80.50 16.93 -24.21
C HIS J 62 79.53 18.10 -24.26
N HIS J 63 78.49 17.95 -25.06
CA HIS J 63 77.44 18.95 -25.23
C HIS J 63 76.12 18.36 -24.73
N PHE J 64 75.55 18.99 -23.72
CA PHE J 64 74.29 18.49 -23.20
C PHE J 64 73.14 18.85 -24.14
N PRO J 65 72.34 17.87 -24.57
CA PRO J 65 71.36 18.16 -25.62
C PRO J 65 70.34 19.22 -25.24
N THR J 66 69.72 19.11 -24.08
CA THR J 66 68.63 20.00 -23.72
C THR J 66 69.09 21.05 -22.72
N ASN J 67 68.34 22.16 -22.67
CA ASN J 67 68.61 23.16 -21.65
C ASN J 67 68.36 22.61 -20.25
N ASP J 68 67.33 21.76 -20.09
CA ASP J 68 67.11 21.14 -18.79
C ASP J 68 68.38 20.48 -18.29
N GLN J 69 68.98 19.60 -19.12
CA GLN J 69 70.15 18.86 -18.68
C GLN J 69 71.28 19.81 -18.33
N GLU J 70 71.56 20.78 -19.20
CA GLU J 70 72.63 21.74 -18.94
C GLU J 70 72.47 22.38 -17.57
N ARG J 71 71.25 22.77 -17.23
CA ARG J 71 71.03 23.43 -15.95
C ARG J 71 71.23 22.47 -14.78
N TRP J 72 70.80 21.21 -14.93
CA TRP J 72 71.07 20.23 -13.87
C TRP J 72 72.55 19.99 -13.72
N TRP J 73 73.27 19.84 -14.82
CA TRP J 73 74.72 19.71 -14.74
C TRP J 73 75.32 20.86 -13.93
N GLU J 74 74.90 22.07 -14.25
CA GLU J 74 75.42 23.24 -13.57
C GLU J 74 75.06 23.25 -12.08
N GLU J 75 73.96 22.60 -11.72
CA GLU J 75 73.48 22.61 -10.34
C GLU J 75 74.15 21.54 -9.50
N THR J 76 74.41 20.36 -10.08
CA THR J 76 74.95 19.25 -9.31
C THR J 76 76.24 18.68 -9.87
N GLY J 77 76.68 19.11 -11.04
CA GLY J 77 77.82 18.49 -11.66
C GLY J 77 79.07 18.56 -10.83
N SER J 78 79.48 19.78 -10.44
CA SER J 78 80.64 19.94 -9.59
C SER J 78 80.46 19.17 -8.29
N LEU J 79 79.27 19.27 -7.69
CA LEU J 79 79.05 18.66 -6.39
C LEU J 79 79.32 17.16 -6.42
N PHE J 80 78.82 16.47 -7.45
CA PHE J 80 79.05 15.02 -7.55
C PHE J 80 80.54 14.71 -7.73
N SER J 81 81.24 15.53 -8.51
CA SER J 81 82.68 15.34 -8.70
C SER J 81 83.41 15.41 -7.37
N ARG J 82 82.95 16.29 -6.48
CA ARG J 82 83.60 16.42 -5.18
C ARG J 82 83.38 15.19 -4.32
N PHE J 83 82.17 14.61 -4.35
CA PHE J 83 81.94 13.41 -3.55
C PHE J 83 82.77 12.25 -4.06
N LEU J 84 82.91 12.12 -5.38
CA LEU J 84 83.82 11.10 -5.91
C LEU J 84 85.20 11.27 -5.31
N GLU J 85 85.68 12.51 -5.27
CA GLU J 85 86.95 12.81 -4.63
C GLU J 85 86.90 12.48 -3.15
N ALA J 86 85.87 12.99 -2.46
CA ALA J 86 85.72 12.71 -1.03
C ALA J 86 85.53 11.23 -0.74
N GLY J 87 85.20 10.43 -1.75
CA GLY J 87 85.07 9.01 -1.58
C GLY J 87 86.37 8.26 -1.74
N GLN J 88 87.45 8.95 -2.08
CA GLN J 88 88.76 8.33 -2.23
C GLN J 88 88.73 7.23 -3.29
N TYR J 89 88.03 7.49 -4.39
CA TYR J 89 87.93 6.52 -5.47
C TYR J 89 89.13 6.63 -6.41
N GLY J 90 89.50 5.49 -6.99
CA GLY J 90 90.54 5.51 -8.00
C GLY J 90 90.18 6.44 -9.14
N LEU J 91 91.19 7.17 -9.64
CA LEU J 91 90.92 8.15 -10.67
C LEU J 91 90.18 7.56 -11.86
N PRO J 92 90.58 6.38 -12.39
CA PRO J 92 89.75 5.76 -13.45
C PRO J 92 88.33 5.55 -13.02
N GLN J 93 88.11 5.11 -11.78
CA GLN J 93 86.76 4.86 -11.32
C GLN J 93 85.98 6.16 -11.25
N GLN J 94 86.61 7.25 -10.85
CA GLN J 94 85.91 8.53 -10.80
C GLN J 94 85.31 8.88 -12.17
N TYR J 95 86.15 8.88 -13.21
CA TYR J 95 85.63 9.17 -14.55
C TYR J 95 84.60 8.14 -14.98
N GLN J 96 84.81 6.89 -14.58
CA GLN J 96 83.91 5.81 -14.96
C GLN J 96 82.52 6.03 -14.37
N PHE J 97 82.45 6.42 -13.09
CA PHE J 97 81.14 6.75 -12.52
C PHE J 97 80.70 8.13 -12.99
N MET J 98 81.65 9.06 -13.14
CA MET J 98 81.33 10.36 -13.71
C MET J 98 80.68 10.20 -15.08
N PHE J 99 81.21 9.27 -15.89
CA PHE J 99 80.58 8.94 -17.16
C PHE J 99 79.13 8.52 -16.96
N PHE J 100 78.91 7.56 -16.06
CA PHE J 100 77.56 7.06 -15.81
C PHE J 100 76.61 8.19 -15.40
N PHE J 101 77.06 9.02 -14.46
CA PHE J 101 76.20 10.07 -13.92
C PHE J 101 75.64 10.96 -15.02
N MET J 102 76.49 11.36 -15.97
CA MET J 102 76.10 12.30 -17.03
C MET J 102 75.06 11.71 -17.96
N HIS J 103 75.27 10.45 -18.37
CA HIS J 103 74.46 9.83 -19.41
C HIS J 103 73.11 9.36 -18.89
N HIS J 104 73.06 8.86 -17.66
CA HIS J 104 71.87 8.20 -17.18
C HIS J 104 71.13 8.95 -16.08
N LEU J 105 71.82 9.80 -15.34
CA LEU J 105 71.12 10.47 -14.25
C LEU J 105 70.71 11.89 -14.60
N ILE J 106 71.52 12.60 -15.38
CA ILE J 106 71.21 13.98 -15.74
C ILE J 106 69.99 13.99 -16.64
N PRO J 107 69.92 13.12 -17.65
CA PRO J 107 68.68 13.05 -18.45
C PRO J 107 67.45 12.82 -17.60
N ALA J 108 67.58 11.98 -16.58
CA ALA J 108 66.44 11.58 -15.76
C ALA J 108 65.98 12.63 -14.75
N LEU J 109 66.72 13.72 -14.57
CA LEU J 109 66.30 14.72 -13.60
C LEU J 109 65.12 15.54 -14.09
N GLY J 110 64.92 15.63 -15.40
CA GLY J 110 63.78 16.34 -15.95
C GLY J 110 64.00 17.84 -16.05
N PRO J 111 62.91 18.59 -16.09
CA PRO J 111 63.02 20.05 -16.22
C PRO J 111 63.84 20.63 -15.09
N TYR J 112 64.77 21.52 -15.46
CA TYR J 112 65.60 22.12 -14.41
C TYR J 112 64.78 22.89 -13.40
N PRO J 113 64.01 23.89 -13.77
CA PRO J 113 63.04 24.42 -12.82
C PRO J 113 62.07 23.31 -12.48
N GLN J 114 62.39 22.52 -11.45
CA GLN J 114 61.67 21.28 -11.28
C GLN J 114 60.24 21.57 -10.83
N LYS J 115 59.28 20.94 -11.53
CA LYS J 115 57.89 21.15 -11.12
C LYS J 115 57.38 20.02 -10.22
N TRP J 116 58.17 18.97 -10.02
CA TRP J 116 57.76 17.78 -9.31
C TRP J 116 58.54 17.71 -7.99
N ARG J 117 57.82 17.44 -6.90
CA ARG J 117 58.47 17.12 -5.64
C ARG J 117 58.64 15.62 -5.53
N SER J 118 59.85 15.18 -5.24
CA SER J 118 60.13 13.78 -5.00
C SER J 118 59.95 13.47 -3.53
N THR J 119 59.42 12.29 -3.24
CA THR J 119 59.23 11.88 -1.84
C THR J 119 60.56 11.73 -1.12
N ILE J 120 61.62 11.39 -1.84
CA ILE J 120 62.87 10.92 -1.22
C ILE J 120 63.60 12.04 -0.48
N SER J 121 63.46 13.27 -0.91
CA SER J 121 64.29 14.32 -0.35
C SER J 121 63.48 15.18 0.62
N ARG J 122 64.17 15.71 1.63
CA ARG J 122 63.51 16.67 2.49
C ARG J 122 63.04 17.88 1.66
N SER J 123 63.94 18.44 0.84
CA SER J 123 63.59 19.57 -0.01
C SER J 123 62.71 19.14 -1.18
N GLY J 124 62.81 17.88 -1.59
CA GLY J 124 62.02 17.37 -2.68
C GLY J 124 62.78 17.18 -3.97
N LEU J 125 64.05 17.51 -4.03
CA LEU J 125 64.60 17.34 -5.36
C LEU J 125 64.96 15.88 -5.59
N PRO J 126 64.88 15.41 -6.82
CA PRO J 126 64.89 13.97 -7.08
C PRO J 126 66.20 13.26 -6.84
N ILE J 127 67.17 13.91 -6.22
CA ILE J 127 68.48 13.31 -6.03
C ILE J 127 69.01 13.67 -4.65
N GLU J 128 69.77 12.76 -4.05
CA GLU J 128 70.60 13.13 -2.91
C GLU J 128 71.79 12.18 -2.79
N PHE J 129 72.90 12.72 -2.31
CA PHE J 129 74.17 12.01 -2.24
C PHE J 129 74.47 11.54 -0.81
N SER J 130 75.09 10.35 -0.70
CA SER J 130 75.36 9.70 0.58
C SER J 130 76.82 9.28 0.68
N LEU J 131 77.34 9.33 1.90
CA LEU J 131 78.65 8.77 2.26
C LEU J 131 78.52 7.76 3.39
N ASN J 132 78.99 6.53 3.15
CA ASN J 132 78.96 5.48 4.16
C ASN J 132 80.36 5.27 4.73
N PHE J 133 80.50 5.44 6.04
CA PHE J 133 81.79 5.30 6.72
C PHE J 133 81.90 3.92 7.37
N GLN J 134 83.04 3.29 7.20
CA GLN J 134 83.31 1.94 7.67
C GLN J 134 84.50 1.93 8.61
N LYS J 135 84.79 0.77 9.17
CA LYS J 135 85.89 0.63 10.11
C LYS J 135 87.19 0.66 9.34
N GLY J 136 87.71 1.86 9.13
CA GLY J 136 89.04 2.07 8.58
C GLY J 136 89.24 1.75 7.12
N SER J 137 88.38 0.90 6.54
CA SER J 137 88.53 0.55 5.14
C SER J 137 88.55 1.79 4.27
N HIS J 138 87.53 2.65 4.42
CA HIS J 138 87.37 3.88 3.66
C HIS J 138 85.92 4.30 3.69
N ARG J 139 85.51 5.04 2.68
CA ARG J 139 84.14 5.53 2.57
C ARG J 139 83.60 5.21 1.18
N LEU J 140 82.27 5.11 1.08
CA LEU J 140 81.61 4.79 -0.17
C LEU J 140 80.58 5.87 -0.47
N LEU J 141 80.31 6.05 -1.78
CA LEU J 141 79.37 7.05 -2.24
C LEU J 141 78.07 6.41 -2.70
N ARG J 142 76.96 7.05 -2.35
CA ARG J 142 75.61 6.55 -2.59
C ARG J 142 74.79 7.64 -3.26
N ILE J 143 73.94 7.26 -4.22
CA ILE J 143 73.02 8.19 -4.84
C ILE J 143 71.59 7.64 -4.76
N GLY J 144 70.67 8.44 -4.24
CA GLY J 144 69.26 8.12 -4.27
C GLY J 144 68.57 8.92 -5.36
N PHE J 145 67.81 8.21 -6.20
CA PHE J 145 67.30 8.78 -7.44
C PHE J 145 65.80 8.59 -7.55
N GLU J 146 65.11 9.60 -8.07
CA GLU J 146 63.77 9.39 -8.64
C GLU J 146 63.73 10.00 -10.03
N PRO J 147 63.69 9.19 -11.09
CA PRO J 147 63.59 9.74 -12.44
C PRO J 147 62.34 10.61 -12.58
N VAL J 148 62.48 11.68 -13.38
CA VAL J 148 61.41 12.63 -13.60
C VAL J 148 61.37 13.05 -15.06
N SER J 149 60.20 13.47 -15.53
CA SER J 149 60.08 14.10 -16.84
C SER J 149 59.04 15.22 -16.76
N PHE J 150 58.91 15.96 -17.87
CA PHE J 150 57.91 17.01 -17.92
C PHE J 150 56.50 16.45 -17.82
N LEU J 151 56.31 15.18 -18.18
CA LEU J 151 55.02 14.54 -18.00
C LEU J 151 54.74 14.22 -16.53
N SER J 152 55.78 14.11 -15.70
CA SER J 152 55.58 13.74 -14.31
C SER J 152 54.67 14.75 -13.64
N GLY J 153 53.61 14.24 -13.02
CA GLY J 153 52.64 15.10 -12.37
C GLY J 153 51.58 15.65 -13.28
N SER J 154 51.56 15.24 -14.54
CA SER J 154 50.60 15.79 -15.48
C SER J 154 49.42 14.83 -15.65
N SER J 155 48.49 15.20 -16.54
CA SER J 155 47.35 14.35 -16.80
C SER J 155 47.78 12.99 -17.34
N GLN J 156 48.81 12.96 -18.17
CA GLN J 156 49.21 11.70 -18.80
C GLN J 156 49.94 10.79 -17.81
N ASP J 157 50.57 11.36 -16.78
CA ASP J 157 51.22 10.56 -15.74
C ASP J 157 51.25 11.31 -14.42
N PRO J 158 50.15 11.24 -13.64
CA PRO J 158 50.08 12.05 -12.41
C PRO J 158 50.93 11.52 -11.25
N PHE J 159 51.31 10.25 -11.26
CA PHE J 159 52.08 9.69 -10.15
C PHE J 159 53.41 9.12 -10.58
N ASN J 160 53.92 9.57 -11.71
CA ASN J 160 55.33 9.40 -12.03
C ASN J 160 55.70 7.92 -12.12
N ARG J 161 54.90 7.15 -12.86
CA ARG J 161 55.32 5.79 -13.17
C ARG J 161 56.19 5.68 -14.41
N ILE J 162 56.04 6.59 -15.36
CA ILE J 162 56.66 6.43 -16.68
C ILE J 162 58.17 6.47 -16.52
N PRO J 163 58.73 7.53 -15.92
CA PRO J 163 60.20 7.63 -15.81
C PRO J 163 60.81 6.42 -15.14
N ILE J 164 60.11 5.82 -14.17
CA ILE J 164 60.64 4.66 -13.48
C ILE J 164 60.90 3.53 -14.48
N THR J 165 59.92 3.27 -15.36
CA THR J 165 60.09 2.16 -16.28
C THR J 165 61.12 2.48 -17.36
N ASP J 166 61.20 3.74 -17.78
CA ASP J 166 62.19 4.12 -18.77
C ASP J 166 63.60 3.89 -18.26
N LEU J 167 63.93 4.51 -17.12
CA LEU J 167 65.27 4.36 -16.57
C LEU J 167 65.62 2.90 -16.35
N LEU J 168 64.65 2.10 -15.94
CA LEU J 168 64.92 0.69 -15.68
C LEU J 168 65.36 -0.06 -16.94
N ASN J 169 64.99 0.42 -18.12
CA ASN J 169 65.45 -0.24 -19.34
C ASN J 169 66.84 0.21 -19.72
N ARG J 170 67.15 1.50 -19.53
CA ARG J 170 68.52 1.93 -19.73
C ARG J 170 69.46 1.01 -18.96
N LEU J 171 69.13 0.75 -17.70
CA LEU J 171 70.03 -0.02 -16.84
C LEU J 171 70.16 -1.45 -17.33
N SER J 172 69.06 -2.07 -17.71
CA SER J 172 69.12 -3.42 -18.22
C SER J 172 69.87 -3.47 -19.54
N LYS J 173 69.84 -2.38 -20.32
CA LYS J 173 70.63 -2.34 -21.54
C LYS J 173 72.13 -2.27 -21.24
N LEU J 174 72.51 -1.51 -20.20
CA LEU J 174 73.90 -1.50 -19.75
C LEU J 174 74.29 -2.89 -19.25
N GLN J 175 75.46 -3.34 -19.65
CA GLN J 175 75.95 -4.65 -19.25
C GLN J 175 76.51 -4.54 -17.84
N LEU J 176 75.65 -4.82 -16.87
CA LEU J 176 75.95 -4.71 -15.46
C LEU J 176 76.02 -6.08 -14.83
N SER J 177 77.01 -6.29 -13.95
CA SER J 177 77.18 -7.58 -13.33
C SER J 177 76.07 -7.85 -12.31
N ASN J 178 75.47 -9.04 -12.41
CA ASN J 178 74.52 -9.54 -11.43
C ASN J 178 73.29 -8.62 -11.33
N PHE J 179 72.66 -8.34 -12.48
CA PHE J 179 71.56 -7.40 -12.53
C PHE J 179 70.32 -8.15 -13.00
N ASP J 180 69.42 -8.44 -12.05
CA ASP J 180 68.12 -9.02 -12.35
C ASP J 180 67.01 -8.12 -11.83
N THR J 181 65.89 -8.09 -12.56
CA THR J 181 64.78 -7.22 -12.19
C THR J 181 63.57 -7.96 -11.62
N PRO J 182 63.51 -9.30 -11.68
CA PRO J 182 62.24 -9.94 -11.34
C PRO J 182 61.70 -9.52 -10.00
N PHE J 183 62.55 -9.50 -8.97
CA PHE J 183 62.05 -9.22 -7.63
C PHE J 183 61.43 -7.84 -7.58
N PHE J 184 62.11 -6.85 -8.15
CA PHE J 184 61.59 -5.50 -8.15
C PHE J 184 60.33 -5.38 -9.00
N GLN J 185 60.33 -6.00 -10.18
CA GLN J 185 59.12 -6.04 -11.00
C GLN J 185 57.93 -6.55 -10.19
N HIS J 186 58.16 -7.58 -9.39
CA HIS J 186 57.09 -8.17 -8.59
C HIS J 186 56.44 -7.10 -7.70
N LEU J 187 57.25 -6.28 -7.04
CA LEU J 187 56.71 -5.27 -6.14
C LEU J 187 55.93 -4.20 -6.89
N LEU J 188 56.45 -3.71 -8.02
CA LEU J 188 55.70 -2.75 -8.82
C LEU J 188 54.33 -3.30 -9.20
N SER J 189 54.31 -4.48 -9.84
CA SER J 189 53.05 -5.07 -10.25
C SER J 189 52.08 -5.08 -9.07
N LYS J 190 52.59 -5.43 -7.89
CA LYS J 190 51.79 -5.41 -6.68
C LYS J 190 51.30 -4.01 -6.32
N PHE J 191 51.79 -2.96 -6.98
CA PHE J 191 51.43 -1.62 -6.53
C PHE J 191 51.03 -0.71 -7.68
N GLN J 192 50.50 -1.25 -8.78
CA GLN J 192 50.01 -0.38 -9.85
C GLN J 192 48.59 0.09 -9.55
N LEU J 193 48.01 0.91 -10.42
CA LEU J 193 46.77 1.59 -10.03
C LEU J 193 45.65 1.53 -11.07
N SER J 194 45.84 2.11 -12.26
CA SER J 194 44.88 2.05 -13.35
C SER J 194 43.66 2.93 -13.10
N LEU J 195 42.48 2.31 -12.95
CA LEU J 195 41.29 3.08 -12.60
C LEU J 195 41.47 3.75 -11.24
N SER J 196 42.35 3.21 -10.41
CA SER J 196 42.64 3.80 -9.12
C SER J 196 43.20 5.22 -9.28
N GLU J 197 44.03 5.45 -10.31
CA GLU J 197 44.46 6.80 -10.62
C GLU J 197 43.27 7.76 -10.59
N VAL J 198 42.17 7.37 -11.23
CA VAL J 198 41.04 8.28 -11.38
C VAL J 198 40.48 8.65 -10.01
N ARG J 199 40.28 7.63 -9.15
CA ARG J 199 39.88 7.87 -7.78
C ARG J 199 40.85 8.82 -7.09
N GLN J 200 42.14 8.52 -7.24
CA GLN J 200 43.18 9.25 -6.53
C GLN J 200 43.26 10.71 -6.96
N LEU J 201 43.21 10.99 -8.26
CA LEU J 201 43.19 12.38 -8.74
C LEU J 201 42.23 13.24 -7.92
N GLN J 202 41.07 12.71 -7.56
CA GLN J 202 40.19 13.42 -6.65
C GLN J 202 40.75 13.35 -5.22
N PRO J 212 50.10 16.08 -0.57
CA PRO J 212 50.95 15.10 0.15
C PRO J 212 52.16 14.64 -0.67
N LEU J 213 52.49 13.35 -0.61
CA LEU J 213 53.66 12.78 -1.27
C LEU J 213 53.19 11.82 -2.36
N LYS J 214 53.68 12.01 -3.59
CA LYS J 214 53.07 11.38 -4.74
C LYS J 214 53.87 10.26 -5.39
N SER J 215 55.17 10.15 -5.13
CA SER J 215 55.98 9.18 -5.88
C SER J 215 55.63 7.75 -5.47
N GLN J 216 55.77 6.82 -6.42
CA GLN J 216 55.46 5.42 -6.17
C GLN J 216 56.69 4.55 -6.12
N ALA J 217 57.85 5.05 -6.55
CA ALA J 217 59.06 4.25 -6.53
C ALA J 217 60.27 5.17 -6.60
N ALA J 218 61.45 4.60 -6.36
CA ALA J 218 62.70 5.34 -6.47
C ALA J 218 63.85 4.37 -6.66
N PHE J 219 65.03 4.91 -6.93
CA PHE J 219 66.21 4.13 -7.22
C PHE J 219 67.36 4.53 -6.31
N GLY J 220 68.34 3.63 -6.22
CA GLY J 220 69.55 3.92 -5.48
C GLY J 220 70.75 3.35 -6.18
N PHE J 221 71.87 4.05 -6.04
CA PHE J 221 73.12 3.65 -6.69
C PHE J 221 74.24 3.65 -5.67
N ASP J 222 74.83 2.48 -5.45
CA ASP J 222 76.01 2.33 -4.61
C ASP J 222 77.21 2.09 -5.51
N PHE J 223 78.20 2.96 -5.41
CA PHE J 223 79.42 2.84 -6.20
C PHE J 223 80.48 2.23 -5.29
N ASN J 224 80.75 0.94 -5.44
CA ASN J 224 81.73 0.32 -4.57
C ASN J 224 83.12 0.71 -5.08
N PRO J 225 84.15 0.50 -4.28
CA PRO J 225 85.48 0.94 -4.70
C PRO J 225 85.91 0.34 -6.02
N ASP J 226 85.57 -0.91 -6.26
CA ASP J 226 85.71 -1.48 -7.59
C ASP J 226 84.86 -0.67 -8.58
N GLY J 227 85.27 -0.66 -9.84
CA GLY J 227 84.49 0.08 -10.80
C GLY J 227 83.15 -0.58 -11.09
N ALA J 228 82.34 -0.82 -10.05
CA ALA J 228 81.06 -1.51 -10.20
C ALA J 228 79.98 -0.75 -9.45
N ILE J 229 78.81 -0.59 -10.10
CA ILE J 229 77.65 0.06 -9.50
C ILE J 229 76.66 -1.01 -9.10
N LEU J 230 76.02 -0.81 -7.95
CA LEU J 230 74.93 -1.68 -7.50
C LEU J 230 73.66 -0.87 -7.37
N VAL J 231 72.57 -1.40 -7.91
CA VAL J 231 71.33 -0.68 -8.05
C VAL J 231 70.35 -1.13 -6.98
N LYS J 232 69.77 -0.15 -6.28
CA LYS J 232 68.80 -0.36 -5.24
C LYS J 232 67.50 0.29 -5.64
N GLY J 233 66.38 -0.40 -5.42
CA GLY J 233 65.08 0.09 -5.80
C GLY J 233 64.14 0.23 -4.62
N TYR J 234 63.26 1.22 -4.69
CA TYR J 234 62.30 1.51 -3.63
C TYR J 234 60.88 1.44 -4.19
N VAL J 235 59.92 1.29 -3.28
CA VAL J 235 58.51 1.21 -3.62
C VAL J 235 57.71 1.90 -2.52
N PHE J 236 56.74 2.70 -2.91
CA PHE J 236 55.96 3.48 -1.96
C PHE J 236 54.50 3.07 -1.97
N PRO J 237 54.10 2.17 -1.07
CA PRO J 237 52.75 1.58 -1.11
C PRO J 237 51.67 2.47 -0.51
N TYR J 238 52.00 3.68 -0.05
CA TYR J 238 50.96 4.54 0.48
C TYR J 238 49.89 4.82 -0.57
N LEU J 239 50.31 5.04 -1.82
CA LEU J 239 49.35 5.33 -2.89
C LEU J 239 48.42 4.14 -3.11
N LYS J 240 49.00 2.97 -3.36
CA LYS J 240 48.20 1.77 -3.60
C LYS J 240 47.26 1.49 -2.43
N ALA J 241 47.75 1.65 -1.20
CA ALA J 241 46.91 1.40 -0.02
C ALA J 241 45.80 2.43 0.09
N LYS J 242 46.10 3.70 -0.16
CA LYS J 242 45.10 4.75 0.01
C LYS J 242 43.94 4.56 -0.94
N ALA J 243 44.23 4.16 -2.20
CA ALA J 243 43.17 3.99 -3.18
C ALA J 243 42.23 2.85 -2.78
N ALA J 244 42.79 1.73 -2.36
CA ALA J 244 41.97 0.59 -1.98
C ALA J 244 41.41 0.71 -0.57
N ASP J 245 41.68 1.82 0.13
CA ASP J 245 41.24 2.01 1.50
C ASP J 245 41.53 0.77 2.34
N VAL J 246 42.75 0.26 2.18
CA VAL J 246 43.21 -0.91 2.91
C VAL J 246 44.47 -0.52 3.66
N PRO J 247 44.63 -0.93 4.93
CA PRO J 247 45.83 -0.54 5.68
C PRO J 247 47.10 -1.00 4.99
N VAL J 248 48.14 -0.16 5.10
CA VAL J 248 49.37 -0.34 4.34
C VAL J 248 49.96 -1.72 4.59
N GLY J 249 50.12 -2.08 5.87
CA GLY J 249 50.75 -3.34 6.20
C GLY J 249 49.99 -4.55 5.68
N THR J 250 48.66 -4.47 5.69
CA THR J 250 47.86 -5.61 5.25
C THR J 250 48.27 -6.04 3.85
N LEU J 251 48.46 -5.07 2.95
CA LEU J 251 48.93 -5.37 1.60
C LEU J 251 50.44 -5.54 1.56
N ILE J 252 51.18 -4.87 2.43
CA ILE J 252 52.62 -5.14 2.52
C ILE J 252 52.86 -6.58 2.95
N ALA J 253 52.18 -7.02 4.00
CA ALA J 253 52.29 -8.41 4.41
C ALA J 253 51.87 -9.33 3.27
N GLU J 254 50.71 -9.07 2.66
CA GLU J 254 50.22 -9.93 1.58
C GLU J 254 51.16 -9.85 0.39
N ALA J 255 51.77 -8.68 0.17
CA ALA J 255 52.79 -8.55 -0.87
C ALA J 255 54.02 -9.40 -0.54
N VAL J 256 54.47 -9.33 0.70
CA VAL J 256 55.57 -10.20 1.11
C VAL J 256 55.13 -11.66 1.02
N ARG J 257 53.89 -11.94 1.41
CA ARG J 257 53.40 -13.32 1.37
C ARG J 257 53.35 -13.83 -0.07
N THR J 258 52.92 -12.97 -1.02
CA THR J 258 52.84 -13.38 -2.41
C THR J 258 54.19 -13.83 -2.95
N ILE J 259 55.29 -13.31 -2.39
CA ILE J 259 56.61 -13.82 -2.73
C ILE J 259 56.99 -15.00 -1.87
N ASP J 260 56.15 -15.37 -0.88
CA ASP J 260 56.51 -16.45 0.03
C ASP J 260 56.37 -17.82 -0.62
N VAL J 261 55.25 -18.08 -1.29
CA VAL J 261 55.19 -19.27 -2.13
C VAL J 261 56.22 -19.15 -3.25
N GLU J 262 56.57 -17.91 -3.62
CA GLU J 262 57.65 -17.68 -4.58
C GLU J 262 59.00 -18.04 -3.98
N ARG J 263 59.23 -17.67 -2.72
CA ARG J 263 60.16 -18.35 -1.80
C ARG J 263 59.99 -17.87 -0.36
N ASN J 264 59.68 -18.80 0.52
CA ASN J 264 59.28 -18.52 1.90
C ASN J 264 60.46 -18.34 2.83
N GLN J 265 61.41 -17.47 2.47
CA GLN J 265 62.55 -17.22 3.33
C GLN J 265 62.43 -15.94 4.15
N PHE J 266 61.46 -15.08 3.84
CA PHE J 266 61.25 -13.84 4.56
C PHE J 266 60.12 -13.93 5.56
N THR J 267 59.38 -15.04 5.54
CA THR J 267 58.21 -15.24 6.40
C THR J 267 58.58 -15.02 7.87
N HIS J 268 59.60 -15.74 8.34
CA HIS J 268 59.95 -15.72 9.74
C HIS J 268 60.24 -14.31 10.22
N ALA J 269 61.26 -13.69 9.62
CA ALA J 269 61.68 -12.36 10.05
C ALA J 269 60.58 -11.33 9.85
N PHE J 270 59.88 -11.37 8.70
CA PHE J 270 58.88 -10.35 8.45
C PHE J 270 57.72 -10.47 9.43
N GLY J 271 57.05 -11.62 9.44
CA GLY J 271 55.99 -11.84 10.42
C GLY J 271 56.43 -11.46 11.80
N LEU J 272 57.74 -11.59 12.07
CA LEU J 272 58.32 -11.12 13.31
C LEU J 272 58.29 -9.59 13.38
N ILE J 273 58.48 -8.93 12.23
CA ILE J 273 58.35 -7.49 12.15
C ILE J 273 56.89 -7.09 12.08
N ASN J 274 56.08 -7.84 11.31
CA ASN J 274 54.68 -7.48 11.14
C ASN J 274 54.00 -7.39 12.50
N ASP J 275 54.43 -8.26 13.44
CA ASP J 275 53.84 -8.29 14.78
C ASP J 275 54.15 -7.06 15.57
N TYR J 276 55.43 -6.64 15.58
CA TYR J 276 55.78 -5.44 16.34
C TYR J 276 55.08 -4.20 15.75
N MET J 277 54.97 -4.12 14.43
CA MET J 277 54.33 -2.98 13.80
C MET J 277 52.87 -2.88 14.19
N GLN J 278 52.19 -4.03 14.24
CA GLN J 278 50.78 -4.02 14.64
C GLN J 278 50.61 -3.75 16.12
N GLU J 279 51.55 -4.24 16.95
CA GLU J 279 51.52 -3.90 18.37
C GLU J 279 51.54 -2.39 18.58
N SER J 280 52.54 -1.73 17.98
CA SER J 280 52.87 -0.35 18.29
C SER J 280 52.20 0.67 17.38
N THR J 281 51.28 0.23 16.51
CA THR J 281 50.73 1.11 15.49
C THR J 281 51.87 1.76 14.70
N GLY J 282 52.90 0.96 14.42
CA GLY J 282 54.06 1.48 13.72
C GLY J 282 53.79 1.79 12.26
N TYR J 283 52.98 0.97 11.60
CA TYR J 283 52.58 1.25 10.23
C TYR J 283 51.86 2.59 10.13
N ASN J 284 52.10 3.27 9.02
CA ASN J 284 51.56 4.60 8.81
C ASN J 284 51.68 4.89 7.32
N GLU J 285 51.22 6.08 6.94
CA GLU J 285 51.37 6.50 5.56
C GLU J 285 52.83 6.46 5.14
N TYR J 286 53.73 6.77 6.07
CA TYR J 286 55.14 6.93 5.71
C TYR J 286 55.85 5.60 5.51
N THR J 287 55.28 4.51 5.97
CA THR J 287 55.95 3.22 5.78
C THR J 287 56.13 2.93 4.30
N PHE J 288 57.31 2.44 3.94
CA PHE J 288 57.55 2.03 2.56
C PHE J 288 58.54 0.88 2.56
N LEU J 289 58.99 0.47 1.37
CA LEU J 289 59.65 -0.82 1.22
C LEU J 289 60.87 -0.64 0.30
N SER J 290 61.79 -1.61 0.36
CA SER J 290 63.04 -1.52 -0.38
C SER J 290 63.47 -2.91 -0.81
N CYS J 291 64.44 -2.97 -1.71
CA CYS J 291 65.06 -4.24 -2.13
C CYS J 291 66.25 -3.93 -3.04
N ASP J 292 66.93 -5.00 -3.46
CA ASP J 292 68.11 -4.93 -4.31
C ASP J 292 67.81 -5.53 -5.67
N PHE J 293 68.61 -5.12 -6.66
CA PHE J 293 68.51 -5.61 -8.04
C PHE J 293 69.48 -6.76 -8.29
N VAL J 294 69.14 -7.93 -7.75
CA VAL J 294 69.96 -9.12 -7.99
C VAL J 294 69.16 -10.37 -7.63
N GLU J 295 69.62 -11.50 -8.16
CA GLU J 295 69.30 -12.83 -7.65
C GLU J 295 68.65 -12.81 -6.26
N THR J 296 67.58 -13.60 -6.11
CA THR J 296 66.84 -13.63 -4.84
C THR J 296 67.74 -14.07 -3.69
N SER J 297 68.67 -15.00 -3.94
CA SER J 297 69.48 -15.53 -2.85
C SER J 297 70.22 -14.42 -2.10
N GLU J 298 70.89 -13.54 -2.84
CA GLU J 298 71.70 -12.49 -2.24
C GLU J 298 70.92 -11.20 -2.00
N GLN J 299 69.59 -11.25 -2.05
CA GLN J 299 68.81 -10.04 -1.96
C GLN J 299 68.40 -9.77 -0.53
N ARG J 300 68.32 -8.50 -0.19
CA ARG J 300 68.05 -8.04 1.17
C ARG J 300 66.83 -7.11 1.11
N LEU J 301 65.64 -7.62 1.42
CA LEU J 301 64.53 -6.70 1.40
C LEU J 301 64.46 -5.99 2.74
N LYS J 302 64.03 -4.74 2.72
CA LYS J 302 64.05 -3.86 3.87
C LYS J 302 62.69 -3.20 3.99
N ILE J 303 62.20 -3.04 5.23
CA ILE J 303 60.98 -2.30 5.50
C ILE J 303 61.36 -1.02 6.24
N TYR J 304 60.87 0.12 5.75
CA TYR J 304 61.19 1.37 6.40
C TYR J 304 59.92 1.90 7.07
N GLY J 305 60.11 2.83 8.00
CA GLY J 305 59.00 3.50 8.63
C GLY J 305 59.45 4.76 9.34
N ALA J 306 58.48 5.47 9.89
CA ALA J 306 58.77 6.72 10.57
C ALA J 306 57.85 6.87 11.78
N HIS J 307 58.28 7.72 12.71
CA HIS J 307 57.48 8.12 13.87
C HIS J 307 57.64 9.60 14.16
N THR J 308 56.50 10.24 14.42
CA THR J 308 56.46 11.69 14.61
C THR J 308 57.30 12.15 15.80
N GLU J 309 56.95 11.66 17.00
CA GLU J 309 57.69 11.97 18.21
C GLU J 309 58.17 10.67 18.83
N VAL J 310 59.42 10.65 19.25
CA VAL J 310 60.07 9.43 19.71
C VAL J 310 61.03 9.80 20.83
N THR J 311 60.97 9.04 21.93
CA THR J 311 61.89 9.18 23.04
C THR J 311 62.98 8.14 22.95
N TRP J 312 63.99 8.24 23.82
CA TRP J 312 64.99 7.17 23.87
C TRP J 312 64.34 5.83 24.18
N ALA J 313 63.41 5.81 25.15
CA ALA J 313 62.73 4.57 25.46
C ALA J 313 62.01 4.02 24.22
N LYS J 314 61.35 4.90 23.47
CA LYS J 314 60.75 4.48 22.21
C LYS J 314 61.80 3.92 21.26
N ILE J 315 62.97 4.57 21.20
CA ILE J 315 64.05 4.13 20.31
C ILE J 315 64.52 2.74 20.72
N ALA J 316 64.77 2.54 22.01
CA ALA J 316 65.18 1.21 22.47
C ALA J 316 64.09 0.19 22.18
N GLU J 317 62.83 0.57 22.41
CA GLU J 317 61.70 -0.30 22.08
C GLU J 317 61.73 -0.73 20.62
N MET J 318 62.00 0.21 19.70
CA MET J 318 62.02 -0.16 18.30
C MET J 318 63.29 -0.94 17.96
N TRP J 319 64.45 -0.48 18.45
CA TRP J 319 65.70 -1.15 18.09
C TRP J 319 65.63 -2.62 18.46
N THR J 320 65.04 -2.92 19.61
CA THR J 320 64.78 -4.28 20.04
C THR J 320 63.40 -4.75 19.64
N LEU J 321 62.72 -4.01 18.77
CA LEU J 321 61.49 -4.46 18.13
C LEU J 321 60.50 -4.97 19.18
N GLY J 322 60.20 -4.09 20.14
CA GLY J 322 59.59 -4.53 21.38
C GLY J 322 60.61 -5.24 22.25
N GLY J 323 60.42 -6.52 22.53
CA GLY J 323 61.47 -7.29 23.17
C GLY J 323 61.88 -8.44 22.28
N ARG J 324 61.39 -8.43 21.04
CA ARG J 324 61.46 -9.63 20.20
C ARG J 324 62.88 -10.21 20.18
N LEU J 325 63.90 -9.36 20.13
CA LEU J 325 65.24 -9.82 19.81
C LEU J 325 66.25 -9.36 20.88
N ILE J 326 65.82 -9.25 22.14
CA ILE J 326 66.77 -9.10 23.23
C ILE J 326 67.72 -10.29 23.32
N GLU J 327 67.27 -11.46 22.85
CA GLU J 327 68.09 -12.67 22.93
C GLU J 327 69.42 -12.48 22.20
N GLU J 328 69.39 -11.86 21.04
CA GLU J 328 70.61 -11.66 20.26
C GLU J 328 71.56 -10.72 20.98
N PRO J 329 72.84 -11.07 21.10
CA PRO J 329 73.79 -10.14 21.74
C PRO J 329 74.12 -8.93 20.88
N GLU J 330 74.25 -9.13 19.56
CA GLU J 330 74.56 -8.04 18.64
C GLU J 330 73.73 -6.80 18.91
N ILE J 331 72.40 -6.96 18.94
CA ILE J 331 71.50 -5.83 19.12
C ILE J 331 71.85 -5.06 20.38
N ILE J 332 72.07 -5.78 21.47
CA ILE J 332 72.39 -5.12 22.73
C ILE J 332 73.66 -4.29 22.54
N ALA J 333 74.67 -4.89 21.93
CA ALA J 333 75.87 -4.13 21.61
C ALA J 333 75.54 -2.95 20.71
N GLY J 334 74.84 -3.22 19.60
CA GLY J 334 74.48 -2.14 18.70
C GLY J 334 73.71 -1.03 19.38
N LEU J 335 72.81 -1.36 20.29
CA LEU J 335 72.02 -0.33 20.95
C LEU J 335 72.88 0.51 21.90
N ALA J 336 73.90 -0.08 22.52
CA ALA J 336 74.76 0.71 23.40
C ALA J 336 75.45 1.84 22.64
N ARG J 337 76.22 1.50 21.61
CA ARG J 337 76.88 2.52 20.78
C ARG J 337 75.91 3.59 20.32
N LEU J 338 74.66 3.18 20.03
CA LEU J 338 73.68 4.11 19.46
C LEU J 338 73.36 5.26 20.42
N LYS J 339 73.13 4.95 21.70
CA LYS J 339 72.83 6.05 22.61
C LYS J 339 74.03 6.97 22.78
N GLN J 340 75.24 6.42 22.58
CA GLN J 340 76.48 7.20 22.61
C GLN J 340 76.38 8.37 21.66
N ILE J 341 75.81 8.09 20.50
CA ILE J 341 75.65 9.10 19.48
C ILE J 341 74.44 9.95 19.81
N TRP J 342 73.33 9.29 20.18
CA TRP J 342 72.11 10.01 20.51
C TRP J 342 72.41 11.16 21.47
N SER J 343 73.32 10.90 22.41
CA SER J 343 73.74 11.93 23.38
C SER J 343 74.58 13.00 22.71
N LEU J 344 75.52 12.61 21.83
CA LEU J 344 76.36 13.61 21.18
C LEU J 344 75.52 14.55 20.31
N LEU J 345 74.55 14.00 19.59
CA LEU J 345 73.93 14.74 18.50
C LEU J 345 72.93 15.79 19.00
N GLN J 346 71.89 15.33 19.71
CA GLN J 346 70.80 16.20 20.09
C GLN J 346 71.09 16.99 21.37
N ILE J 347 72.32 16.88 21.89
CA ILE J 347 72.70 17.54 23.13
C ILE J 347 72.82 19.05 22.93
N ILE J 369 56.01 20.59 11.15
CA ILE J 369 56.60 21.45 12.18
C ILE J 369 58.06 21.07 12.40
N ALA J 370 58.39 19.80 12.12
CA ALA J 370 59.74 19.29 12.29
C ALA J 370 59.87 18.00 11.51
N SER J 371 61.11 17.51 11.40
CA SER J 371 61.40 16.30 10.62
C SER J 371 61.18 15.05 11.48
N PRO J 372 60.62 13.99 10.90
CA PRO J 372 60.43 12.74 11.63
C PRO J 372 61.69 11.90 11.64
N ILE J 373 61.70 10.87 12.51
CA ILE J 373 62.82 9.93 12.58
C ILE J 373 62.40 8.65 11.88
N ILE J 374 63.32 8.05 11.13
CA ILE J 374 63.01 6.89 10.30
C ILE J 374 63.75 5.69 10.83
N TRP J 375 63.12 4.52 10.67
CA TRP J 375 63.72 3.26 11.07
C TRP J 375 63.72 2.31 9.90
N ASN J 376 64.54 1.27 10.01
CA ASN J 376 64.78 0.33 8.93
C ASN J 376 64.97 -1.04 9.54
N TYR J 377 64.33 -2.06 8.95
CA TYR J 377 64.52 -3.44 9.35
C TYR J 377 64.90 -4.24 8.12
N GLU J 378 66.11 -4.76 8.11
CA GLU J 378 66.67 -5.44 6.95
C GLU J 378 66.53 -6.95 7.11
N ILE J 379 65.77 -7.57 6.22
CA ILE J 379 65.48 -8.99 6.32
C ILE J 379 66.35 -9.77 5.36
N HIS J 380 67.59 -10.02 5.74
CA HIS J 380 68.40 -10.98 5.01
C HIS J 380 67.69 -12.33 4.99
N PRO J 381 67.63 -13.01 3.85
CA PRO J 381 66.75 -14.18 3.72
C PRO J 381 67.17 -15.38 4.56
N GLY J 382 68.45 -15.71 4.54
CA GLY J 382 68.91 -16.88 5.29
C GLY J 382 68.67 -16.78 6.78
N SER J 383 68.87 -15.58 7.34
CA SER J 383 68.86 -15.39 8.78
C SER J 383 67.45 -15.49 9.35
N ARG J 384 67.38 -15.50 10.68
CA ARG J 384 66.10 -15.60 11.39
C ARG J 384 65.64 -14.29 12.02
N PHE J 385 66.53 -13.32 12.18
CA PHE J 385 66.10 -12.04 12.73
C PHE J 385 66.31 -10.90 11.74
N PRO J 386 65.60 -9.79 11.93
CA PRO J 386 65.92 -8.56 11.21
C PRO J 386 67.11 -7.85 11.85
N VAL J 387 67.80 -7.08 11.02
CA VAL J 387 68.85 -6.16 11.48
C VAL J 387 68.29 -4.74 11.40
N PRO J 388 68.32 -3.97 12.48
CA PRO J 388 67.70 -2.64 12.44
C PRO J 388 68.67 -1.60 11.89
N LYS J 389 68.13 -0.40 11.71
CA LYS J 389 68.88 0.75 11.22
C LYS J 389 68.03 1.99 11.41
N PHE J 390 68.61 3.04 11.96
CA PHE J 390 67.84 4.26 12.16
C PHE J 390 68.44 5.42 11.38
N TYR J 391 67.61 6.46 11.19
CA TYR J 391 67.97 7.65 10.42
C TYR J 391 67.65 8.87 11.26
N LEU J 392 68.65 9.74 11.44
CA LEU J 392 68.54 10.75 12.46
C LEU J 392 68.60 12.14 11.85
N PRO J 393 67.61 13.01 12.14
CA PRO J 393 67.58 14.34 11.51
C PRO J 393 68.75 15.22 11.92
N VAL J 394 69.40 15.83 10.93
CA VAL J 394 70.54 16.69 11.19
C VAL J 394 70.28 18.10 10.65
N HIS J 395 69.58 18.18 9.53
CA HIS J 395 69.11 19.47 9.06
C HIS J 395 68.29 20.12 10.15
N GLY J 396 68.69 21.32 10.58
CA GLY J 396 68.20 21.93 11.79
C GLY J 396 69.23 21.96 12.90
N GLU J 397 70.27 21.14 12.79
CA GLU J 397 71.41 21.16 13.69
C GLU J 397 72.61 21.79 13.00
N ASN J 398 73.32 22.64 13.74
CA ASN J 398 74.55 23.25 13.25
C ASN J 398 75.44 22.19 12.61
N ASP J 399 75.62 22.27 11.30
CA ASP J 399 76.38 21.24 10.59
C ASP J 399 77.81 21.13 11.10
N LEU J 400 78.30 22.16 11.78
CA LEU J 400 79.59 22.06 12.44
C LEU J 400 79.47 21.31 13.74
N HIS J 401 78.49 21.68 14.57
CA HIS J 401 78.21 20.88 15.75
C HIS J 401 78.06 19.41 15.40
N VAL J 402 77.39 19.11 14.28
CA VAL J 402 77.20 17.73 13.89
C VAL J 402 78.53 17.11 13.45
N ALA J 403 79.34 17.84 12.70
CA ALA J 403 80.64 17.32 12.32
C ALA J 403 81.49 17.05 13.56
N ARG J 404 81.52 18.01 14.48
CA ARG J 404 82.29 17.85 15.71
C ARG J 404 81.85 16.60 16.46
N ALA J 405 80.58 16.56 16.88
CA ALA J 405 80.07 15.41 17.61
C ALA J 405 80.28 14.13 16.81
N LEU J 406 80.09 14.22 15.49
CA LEU J 406 80.23 13.06 14.63
C LEU J 406 81.66 12.53 14.68
N ALA J 407 82.64 13.42 14.74
CA ALA J 407 84.03 13.01 14.74
C ALA J 407 84.45 12.45 16.09
N GLN J 408 83.95 13.06 17.18
CA GLN J 408 84.19 12.52 18.51
C GLN J 408 83.81 11.05 18.58
N PHE J 409 82.63 10.72 18.06
CA PHE J 409 82.15 9.35 18.06
C PHE J 409 83.08 8.41 17.29
N TRP J 410 83.85 8.91 16.33
CA TRP J 410 84.70 7.98 15.59
C TRP J 410 85.89 7.57 16.44
N ASP J 411 86.46 8.51 17.20
CA ASP J 411 87.53 8.15 18.12
C ASP J 411 87.06 7.11 19.13
N SER J 412 85.90 7.34 19.75
CA SER J 412 85.33 6.34 20.64
C SER J 412 85.33 4.95 20.01
N LEU J 413 84.97 4.86 18.74
CA LEU J 413 85.08 3.59 18.03
C LEU J 413 86.52 3.27 17.64
N GLY J 414 87.37 4.29 17.51
CA GLY J 414 88.75 4.11 17.12
C GLY J 414 89.00 4.06 15.63
N TRP J 415 88.41 4.99 14.87
CA TRP J 415 88.71 5.10 13.45
C TRP J 415 89.73 6.21 13.27
N PRO J 416 91.00 5.91 13.03
CA PRO J 416 92.05 6.94 13.09
C PRO J 416 91.85 8.05 12.10
N GLU J 417 91.76 7.71 10.81
CA GLU J 417 91.76 8.76 9.80
C GLU J 417 90.39 9.39 9.53
N HIS J 418 89.31 8.62 9.58
CA HIS J 418 87.98 9.13 9.33
C HIS J 418 87.62 10.27 10.29
N ALA J 419 87.96 10.12 11.58
CA ALA J 419 87.54 11.14 12.55
C ALA J 419 88.42 12.38 12.51
N CYS J 420 89.72 12.23 12.18
CA CYS J 420 90.63 13.37 12.15
C CYS J 420 90.33 14.29 10.98
N ALA J 421 90.11 13.72 9.80
CA ALA J 421 89.98 14.51 8.59
C ALA J 421 88.53 14.66 8.15
N TYR J 422 87.57 14.48 9.07
CA TYR J 422 86.17 14.61 8.64
C TYR J 422 85.77 16.06 8.37
N PRO J 423 85.70 16.91 9.39
CA PRO J 423 85.20 18.27 9.15
C PRO J 423 86.01 19.00 8.07
N ASP J 424 87.28 18.65 7.90
CA ASP J 424 88.01 19.14 6.73
C ASP J 424 87.45 18.56 5.44
N THR J 425 86.97 17.31 5.49
CA THR J 425 86.32 16.72 4.31
C THR J 425 84.96 17.33 4.07
N LEU J 426 84.32 17.88 5.10
CA LEU J 426 83.01 18.48 4.95
C LEU J 426 83.09 19.86 4.29
N GLN J 427 84.04 20.69 4.72
CA GLN J 427 84.19 22.01 4.10
C GLN J 427 84.66 21.90 2.65
N GLN J 428 85.51 20.90 2.35
CA GLN J 428 86.00 20.72 1.00
C GLN J 428 84.89 20.30 0.03
N LEU J 429 83.78 19.78 0.55
CA LEU J 429 82.59 19.52 -0.25
C LEU J 429 81.73 20.75 -0.45
N TYR J 430 81.84 21.74 0.42
CA TYR J 430 81.00 22.94 0.37
C TYR J 430 81.84 24.19 0.56
N PRO J 431 82.85 24.40 -0.28
CA PRO J 431 83.73 25.56 -0.09
C PRO J 431 82.99 26.88 -0.21
N ASP J 432 81.90 26.94 -0.99
CA ASP J 432 81.13 28.17 -1.08
C ASP J 432 80.49 28.53 0.26
N GLN J 433 80.09 27.54 1.05
CA GLN J 433 79.42 27.77 2.31
C GLN J 433 80.42 27.80 3.47
N ASP J 434 79.99 28.38 4.59
CA ASP J 434 80.79 28.45 5.81
C ASP J 434 80.09 27.61 6.87
N ILE J 435 80.70 26.48 7.21
CA ILE J 435 80.05 25.53 8.12
C ILE J 435 79.70 26.20 9.44
N SER J 436 80.42 27.25 9.82
CA SER J 436 80.16 27.95 11.07
C SER J 436 78.68 28.34 11.22
N GLN J 437 78.01 28.68 10.12
CA GLN J 437 76.66 29.20 10.16
C GLN J 437 75.65 28.31 9.45
N THR J 438 76.08 27.18 8.90
CA THR J 438 75.23 26.37 8.05
C THR J 438 74.44 25.35 8.86
N THR J 439 73.27 25.02 8.37
CA THR J 439 72.36 24.09 9.04
C THR J 439 71.87 22.96 8.15
N ARG J 440 71.52 23.24 6.89
CA ARG J 440 70.92 22.25 6.02
C ARG J 440 71.95 21.41 5.26
N LEU J 441 73.24 21.74 5.38
CA LEU J 441 74.22 21.02 4.56
C LEU J 441 74.18 19.53 4.80
N GLN J 442 73.75 19.09 5.98
CA GLN J 442 73.73 17.66 6.22
C GLN J 442 72.48 17.33 6.99
N SER J 443 71.80 16.28 6.54
CA SER J 443 70.36 16.12 6.77
C SER J 443 69.99 14.85 7.52
N TRP J 444 70.66 13.73 7.26
CA TRP J 444 70.35 12.49 7.94
C TRP J 444 71.63 11.75 8.30
N ILE J 445 71.56 10.92 9.34
CA ILE J 445 72.64 9.99 9.67
C ILE J 445 72.01 8.63 9.94
N SER J 446 72.56 7.60 9.32
CA SER J 446 72.06 6.24 9.45
C SER J 446 72.98 5.43 10.37
N TYR J 447 72.38 4.54 11.14
CA TYR J 447 73.12 3.72 12.09
C TYR J 447 72.72 2.26 11.99
N SER J 448 73.70 1.41 11.78
CA SER J 448 73.52 -0.04 11.77
C SER J 448 74.66 -0.66 12.56
N TYR J 449 74.42 -1.85 13.10
CA TYR J 449 75.49 -2.54 13.80
C TYR J 449 75.49 -4.02 13.46
N THR J 450 76.68 -4.57 13.25
CA THR J 450 76.87 -5.99 13.01
C THR J 450 78.06 -6.48 13.80
N ALA J 451 78.01 -7.76 14.18
CA ALA J 451 79.17 -8.40 14.78
C ALA J 451 80.33 -8.43 13.79
N LYS J 452 80.06 -8.88 12.57
CA LYS J 452 81.09 -8.96 11.54
C LYS J 452 81.55 -7.58 11.08
N ARG J 453 80.63 -6.78 10.52
CA ARG J 453 80.99 -5.49 9.95
C ARG J 453 81.45 -4.50 11.01
N GLY J 454 80.73 -4.43 12.12
CA GLY J 454 80.98 -3.36 13.07
C GLY J 454 79.91 -2.30 13.02
N VAL J 455 80.28 -1.06 12.76
CA VAL J 455 79.33 0.05 12.79
C VAL J 455 79.16 0.58 11.37
N TYR J 456 78.02 0.24 10.77
CA TYR J 456 77.54 0.95 9.59
C TYR J 456 77.10 2.36 9.94
N MET J 457 77.40 3.31 9.06
CA MET J 457 76.90 4.66 9.29
C MET J 457 77.14 5.54 8.07
N SER J 458 76.10 6.23 7.60
CA SER J 458 76.16 6.99 6.35
C SER J 458 75.52 8.35 6.56
N VAL J 459 76.02 9.33 5.84
CA VAL J 459 75.57 10.72 6.00
C VAL J 459 74.96 11.19 4.69
N TYR J 460 73.84 11.89 4.81
CA TYR J 460 73.02 12.30 3.68
C TYR J 460 73.10 13.81 3.60
N TYR J 461 73.44 14.32 2.43
CA TYR J 461 73.85 15.71 2.29
C TYR J 461 72.89 16.50 1.42
N HIS J 462 72.98 17.82 1.56
CA HIS J 462 72.33 18.75 0.63
C HIS J 462 72.96 18.57 -0.74
N SER J 463 72.17 18.07 -1.70
CA SER J 463 72.74 17.47 -2.91
C SER J 463 72.57 18.33 -4.16
N GLN J 464 72.38 19.64 -4.01
CA GLN J 464 72.45 20.59 -5.12
C GLN J 464 73.37 21.75 -4.72
N SER J 465 73.68 22.61 -5.69
CA SER J 465 74.70 23.62 -5.49
C SER J 465 74.14 24.99 -5.21
N THR J 466 72.84 25.09 -4.96
CA THR J 466 72.24 26.36 -4.58
C THR J 466 71.52 26.19 -3.25
N TYR J 467 71.92 26.99 -2.25
CA TYR J 467 71.48 26.83 -0.87
C TYR J 467 70.74 28.08 -0.42
N LEU J 468 69.56 27.89 0.17
CA LEU J 468 68.68 29.01 0.48
C LEU J 468 68.91 29.49 1.90
N PRO K 52 34.98 21.20 -37.28
CA PRO K 52 36.37 21.54 -36.95
C PRO K 52 37.31 21.42 -38.15
N SER K 53 38.52 22.01 -38.04
CA SER K 53 39.51 21.89 -39.11
C SER K 53 40.25 20.55 -39.01
N PRO K 54 40.68 20.01 -40.16
CA PRO K 54 40.98 18.57 -40.23
C PRO K 54 42.42 18.16 -39.96
N ALA K 55 43.38 18.78 -40.65
CA ALA K 55 44.70 18.19 -40.83
C ALA K 55 45.40 17.89 -39.51
N GLN K 56 44.98 18.50 -38.40
CA GLN K 56 45.58 18.26 -37.10
C GLN K 56 45.15 16.94 -36.45
N ALA K 57 44.53 16.04 -37.22
CA ALA K 57 44.23 14.69 -36.74
C ALA K 57 45.48 13.85 -36.54
N LEU K 58 46.58 14.18 -37.25
CA LEU K 58 47.84 13.46 -37.12
C LEU K 58 48.38 13.47 -35.70
N ALA K 59 48.25 14.60 -35.01
CA ALA K 59 48.80 14.73 -33.66
C ALA K 59 48.23 13.70 -32.69
N SER K 60 47.07 13.13 -32.99
CA SER K 60 46.40 12.25 -32.03
C SER K 60 47.31 11.12 -31.57
N TYR K 61 47.98 10.45 -32.50
CA TYR K 61 48.83 9.31 -32.16
C TYR K 61 50.30 9.67 -32.29
N HIS K 62 50.63 10.90 -31.92
CA HIS K 62 51.99 11.36 -31.90
C HIS K 62 52.28 12.00 -30.57
N HIS K 63 53.49 11.76 -30.08
CA HIS K 63 53.97 12.33 -28.82
C HIS K 63 55.11 13.29 -29.08
N PHE K 64 54.91 14.56 -28.74
CA PHE K 64 55.97 15.51 -28.95
C PHE K 64 57.03 15.32 -27.87
N PRO K 65 58.29 15.12 -28.24
CA PRO K 65 59.29 14.72 -27.25
C PRO K 65 59.42 15.71 -26.11
N THR K 66 59.59 16.99 -26.42
CA THR K 66 59.88 17.98 -25.40
C THR K 66 58.65 18.79 -25.04
N ASN K 67 58.68 19.39 -23.86
CA ASN K 67 57.63 20.33 -23.50
C ASN K 67 57.64 21.54 -24.43
N ASP K 68 58.83 22.01 -24.81
CA ASP K 68 58.91 23.13 -25.73
C ASP K 68 58.07 22.90 -26.97
N GLN K 69 58.30 21.76 -27.65
CA GLN K 69 57.55 21.48 -28.86
C GLN K 69 56.05 21.41 -28.58
N GLU K 70 55.66 20.69 -27.52
CA GLU K 70 54.25 20.59 -27.21
C GLU K 70 53.61 21.96 -27.14
N ARG K 71 54.27 22.91 -26.50
CA ARG K 71 53.69 24.24 -26.34
C ARG K 71 53.59 24.95 -27.69
N TRP K 72 54.58 24.77 -28.57
CA TRP K 72 54.48 25.35 -29.91
C TRP K 72 53.33 24.74 -30.71
N TRP K 73 53.19 23.41 -30.67
CA TRP K 73 52.05 22.78 -31.32
C TRP K 73 50.74 23.40 -30.86
N GLU K 74 50.57 23.54 -29.55
CA GLU K 74 49.34 24.10 -29.01
C GLU K 74 49.17 25.56 -29.46
N GLU K 75 50.28 26.26 -29.69
CA GLU K 75 50.25 27.67 -30.03
C GLU K 75 50.02 27.89 -31.52
N THR K 76 50.60 27.03 -32.37
CA THR K 76 50.51 27.22 -33.82
C THR K 76 49.93 26.04 -34.57
N GLY K 77 49.62 24.93 -33.90
CA GLY K 77 49.15 23.75 -34.58
C GLY K 77 47.85 23.93 -35.32
N SER K 78 46.81 24.36 -34.60
CA SER K 78 45.52 24.56 -35.24
C SER K 78 45.63 25.59 -36.36
N LEU K 79 46.32 26.70 -36.09
CA LEU K 79 46.38 27.80 -37.05
C LEU K 79 46.95 27.35 -38.39
N PHE K 80 48.06 26.59 -38.35
CA PHE K 80 48.61 26.08 -39.59
C PHE K 80 47.63 25.15 -40.28
N SER K 81 46.92 24.33 -39.49
CA SER K 81 45.89 23.49 -40.09
C SER K 81 44.85 24.33 -40.83
N ARG K 82 44.52 25.51 -40.28
CA ARG K 82 43.50 26.34 -40.93
C ARG K 82 44.02 26.95 -42.22
N PHE K 83 45.27 27.41 -42.25
CA PHE K 83 45.77 27.97 -43.49
C PHE K 83 45.87 26.91 -44.57
N LEU K 84 46.26 25.68 -44.21
CA LEU K 84 46.17 24.58 -45.17
C LEU K 84 44.76 24.45 -45.73
N GLU K 85 43.75 24.55 -44.86
CA GLU K 85 42.38 24.54 -45.33
C GLU K 85 42.09 25.72 -46.25
N ALA K 86 42.42 26.93 -45.78
CA ALA K 86 42.21 28.15 -46.56
C ALA K 86 43.02 28.17 -47.84
N GLY K 87 44.02 27.32 -47.97
CA GLY K 87 44.79 27.26 -49.20
C GLY K 87 44.18 26.39 -50.25
N GLN K 88 43.06 25.73 -49.95
CA GLN K 88 42.37 24.88 -50.92
C GLN K 88 43.30 23.77 -51.41
N TYR K 89 44.06 23.22 -50.48
CA TYR K 89 44.97 22.13 -50.80
C TYR K 89 44.23 20.80 -50.77
N GLY K 90 44.65 19.88 -51.63
CA GLY K 90 44.12 18.53 -51.57
C GLY K 90 44.35 17.89 -50.22
N LEU K 91 43.35 17.16 -49.74
CA LEU K 91 43.42 16.58 -48.39
C LEU K 91 44.66 15.73 -48.17
N PRO K 92 45.11 14.89 -49.11
CA PRO K 92 46.42 14.24 -48.95
C PRO K 92 47.54 15.25 -48.77
N GLN K 93 47.52 16.32 -49.55
CA GLN K 93 48.59 17.30 -49.47
C GLN K 93 48.57 18.01 -48.13
N GLN K 94 47.39 18.27 -47.58
CA GLN K 94 47.34 18.88 -46.26
C GLN K 94 48.09 18.03 -45.25
N TYR K 95 47.74 16.76 -45.16
CA TYR K 95 48.44 15.88 -44.23
C TYR K 95 49.91 15.76 -44.58
N GLN K 96 50.21 15.76 -45.88
CA GLN K 96 51.58 15.62 -46.32
C GLN K 96 52.41 16.81 -45.86
N PHE K 97 51.87 18.03 -46.00
CA PHE K 97 52.57 19.19 -45.46
C PHE K 97 52.40 19.27 -43.94
N MET K 98 51.23 18.92 -43.42
CA MET K 98 51.10 18.86 -41.98
C MET K 98 52.16 17.96 -41.38
N PHE K 99 52.40 16.82 -42.02
CA PHE K 99 53.48 15.96 -41.59
C PHE K 99 54.78 16.73 -41.54
N PHE K 100 55.10 17.43 -42.63
CA PHE K 100 56.34 18.19 -42.68
C PHE K 100 56.41 19.21 -41.56
N PHE K 101 55.32 19.95 -41.34
CA PHE K 101 55.32 20.98 -40.31
C PHE K 101 55.70 20.40 -38.94
N MET K 102 55.15 19.24 -38.58
CA MET K 102 55.40 18.70 -37.25
C MET K 102 56.85 18.29 -37.07
N HIS K 103 57.42 17.59 -38.05
CA HIS K 103 58.72 16.96 -37.88
C HIS K 103 59.87 17.94 -38.02
N HIS K 104 59.75 18.93 -38.88
CA HIS K 104 60.91 19.75 -39.18
C HIS K 104 60.79 21.17 -38.68
N LEU K 105 59.58 21.68 -38.49
CA LEU K 105 59.44 23.07 -38.10
C LEU K 105 59.17 23.24 -36.61
N ILE K 106 58.44 22.33 -36.00
CA ILE K 106 58.17 22.40 -34.56
C ILE K 106 59.43 22.17 -33.73
N PRO K 107 60.24 21.15 -34.03
CA PRO K 107 61.53 21.03 -33.35
C PRO K 107 62.38 22.27 -33.44
N ALA K 108 62.39 22.95 -34.59
CA ALA K 108 63.27 24.09 -34.81
C ALA K 108 62.80 25.38 -34.14
N LEU K 109 61.61 25.41 -33.56
CA LEU K 109 61.14 26.65 -32.97
C LEU K 109 61.85 26.95 -31.65
N GLY K 110 62.35 25.93 -30.95
CA GLY K 110 63.08 26.14 -29.73
C GLY K 110 62.19 26.27 -28.51
N PRO K 111 62.72 26.89 -27.45
CA PRO K 111 61.95 27.05 -26.21
C PRO K 111 60.63 27.78 -26.45
N TYR K 112 59.54 27.24 -25.88
CA TYR K 112 58.23 27.86 -26.10
C TYR K 112 58.13 29.27 -25.58
N PRO K 113 58.30 29.53 -24.30
CA PRO K 113 58.46 30.94 -23.89
C PRO K 113 59.72 31.46 -24.56
N GLN K 114 59.56 32.02 -25.76
CA GLN K 114 60.71 32.24 -26.61
C GLN K 114 61.59 33.34 -26.02
N LYS K 115 62.92 33.04 -25.94
CA LYS K 115 63.84 34.07 -25.43
C LYS K 115 64.52 34.84 -26.55
N TRP K 116 64.34 34.46 -27.81
CA TRP K 116 65.01 35.05 -28.95
C TRP K 116 63.99 35.81 -29.79
N ARG K 117 64.32 37.04 -30.16
CA ARG K 117 63.55 37.76 -31.15
C ARG K 117 64.13 37.49 -32.54
N SER K 118 63.26 37.09 -33.45
CA SER K 118 63.64 36.90 -34.85
C SER K 118 63.47 38.19 -35.64
N THR K 119 64.40 38.45 -36.55
CA THR K 119 64.32 39.64 -37.37
C THR K 119 63.11 39.59 -38.28
N ILE K 120 62.64 38.39 -38.63
CA ILE K 120 61.65 38.28 -39.71
C ILE K 120 60.28 38.81 -39.29
N SER K 121 59.92 38.72 -38.03
CA SER K 121 58.57 39.05 -37.63
C SER K 121 58.51 40.41 -36.96
N ARG K 122 57.39 41.12 -37.17
CA ARG K 122 57.18 42.37 -36.45
C ARG K 122 57.24 42.13 -34.95
N SER K 123 56.52 41.10 -34.48
CA SER K 123 56.54 40.77 -33.05
C SER K 123 57.86 40.14 -32.65
N GLY K 124 58.53 39.48 -33.60
CA GLY K 124 59.78 38.80 -33.30
C GLY K 124 59.71 37.29 -33.26
N LEU K 125 58.54 36.68 -33.45
CA LEU K 125 58.53 35.23 -33.32
C LEU K 125 59.01 34.60 -34.63
N PRO K 126 59.65 33.42 -34.55
CA PRO K 126 60.40 32.89 -35.69
C PRO K 126 59.59 32.39 -36.88
N ILE K 127 58.28 32.61 -36.90
CA ILE K 127 57.47 32.03 -37.97
C ILE K 127 56.36 33.00 -38.37
N GLU K 128 56.03 32.99 -39.66
CA GLU K 128 54.81 33.68 -40.09
C GLU K 128 54.30 33.03 -41.38
N PHE K 129 52.99 33.03 -41.54
CA PHE K 129 52.33 32.35 -42.63
C PHE K 129 51.88 33.37 -43.67
N SER K 130 51.97 33.00 -44.94
CA SER K 130 51.68 33.88 -46.06
C SER K 130 50.72 33.20 -47.02
N LEU K 131 49.85 34.01 -47.63
CA LEU K 131 48.99 33.57 -48.73
C LEU K 131 49.23 34.42 -49.97
N ASN K 132 49.53 33.77 -51.09
CA ASN K 132 49.73 34.44 -52.36
C ASN K 132 48.52 34.22 -53.25
N PHE K 133 47.88 35.31 -53.66
CA PHE K 133 46.68 35.25 -54.47
C PHE K 133 47.02 35.48 -55.94
N GLN K 134 46.41 34.67 -56.79
CA GLN K 134 46.67 34.68 -58.23
C GLN K 134 45.38 34.92 -58.99
N LYS K 135 45.52 35.00 -60.31
CA LYS K 135 44.39 35.30 -61.17
C LYS K 135 43.53 34.05 -61.30
N GLY K 136 42.59 33.90 -60.37
CA GLY K 136 41.55 32.90 -60.43
C GLY K 136 42.01 31.48 -60.23
N SER K 137 43.29 31.21 -60.47
CA SER K 137 43.80 29.86 -60.29
C SER K 137 43.49 29.36 -58.89
N HIS K 138 43.86 30.13 -57.87
CA HIS K 138 43.69 29.78 -56.46
C HIS K 138 44.68 30.56 -55.60
N ARG K 139 44.97 30.01 -54.42
CA ARG K 139 45.87 30.64 -53.47
C ARG K 139 46.93 29.64 -53.03
N LEU K 140 48.09 30.15 -52.59
CA LEU K 140 49.21 29.33 -52.15
C LEU K 140 49.63 29.74 -50.74
N LEU K 141 50.23 28.79 -50.02
CA LEU K 141 50.66 28.98 -48.64
C LEU K 141 52.18 29.11 -48.55
N ARG K 142 52.62 30.07 -47.74
CA ARG K 142 54.03 30.42 -47.58
C ARG K 142 54.34 30.46 -46.09
N ILE K 143 55.52 29.97 -45.71
CA ILE K 143 55.98 30.06 -44.34
C ILE K 143 57.38 30.67 -44.34
N GLY K 144 57.58 31.69 -43.51
CA GLY K 144 58.89 32.23 -43.25
C GLY K 144 59.39 31.71 -41.91
N PHE K 145 60.62 31.19 -41.92
CA PHE K 145 61.14 30.44 -40.78
C PHE K 145 62.50 30.97 -40.38
N GLU K 146 62.75 31.04 -39.08
CA GLU K 146 64.11 31.15 -38.58
C GLU K 146 64.30 30.09 -37.51
N PRO K 147 65.07 29.04 -37.76
CA PRO K 147 65.32 28.03 -36.72
C PRO K 147 66.00 28.62 -35.49
N VAL K 148 65.62 28.09 -34.31
CA VAL K 148 66.12 28.59 -33.04
C VAL K 148 66.39 27.41 -32.11
N SER K 149 67.30 27.63 -31.16
CA SER K 149 67.54 26.69 -30.07
C SER K 149 67.84 27.46 -28.79
N PHE K 150 67.92 26.72 -27.68
CA PHE K 150 68.22 27.36 -26.41
C PHE K 150 69.59 28.02 -26.42
N LEU K 151 70.49 27.56 -27.28
CA LEU K 151 71.78 28.22 -27.41
C LEU K 151 71.67 29.57 -28.10
N SER K 152 70.62 29.77 -28.89
CA SER K 152 70.47 30.99 -29.66
C SER K 152 70.49 32.22 -28.75
N GLY K 153 71.39 33.14 -29.03
CA GLY K 153 71.55 34.32 -28.22
C GLY K 153 72.45 34.14 -27.03
N SER K 154 73.06 32.98 -26.89
CA SER K 154 73.91 32.67 -25.75
C SER K 154 75.38 32.90 -26.08
N SER K 155 76.23 32.58 -25.10
CA SER K 155 77.67 32.71 -25.32
C SER K 155 78.13 31.79 -26.43
N GLN K 156 77.55 30.59 -26.51
CA GLN K 156 78.03 29.59 -27.46
C GLN K 156 77.59 29.92 -28.88
N ASP K 157 76.48 30.64 -29.05
CA ASP K 157 76.07 31.12 -30.37
C ASP K 157 75.22 32.38 -30.22
N PRO K 158 75.86 33.53 -30.09
CA PRO K 158 75.10 34.76 -29.80
C PRO K 158 74.31 35.29 -30.98
N PHE K 159 74.66 34.90 -32.21
CA PHE K 159 73.97 35.38 -33.40
C PHE K 159 73.33 34.27 -34.20
N ASN K 160 73.04 33.14 -33.55
CA ASN K 160 72.07 32.16 -34.04
C ASN K 160 72.47 31.62 -35.42
N ARG K 161 73.74 31.25 -35.56
CA ARG K 161 74.14 30.58 -36.79
C ARG K 161 73.88 29.07 -36.72
N ILE K 162 73.87 28.50 -35.52
CA ILE K 162 73.92 27.04 -35.36
C ILE K 162 72.63 26.44 -35.90
N PRO K 163 71.46 26.90 -35.45
CA PRO K 163 70.20 26.28 -35.97
C PRO K 163 70.07 26.33 -37.49
N ILE K 164 70.60 27.36 -38.13
CA ILE K 164 70.49 27.48 -39.58
C ILE K 164 71.12 26.26 -40.25
N THR K 165 72.33 25.90 -39.83
CA THR K 165 73.03 24.80 -40.49
C THR K 165 72.41 23.46 -40.13
N ASP K 166 71.88 23.31 -38.92
CA ASP K 166 71.19 22.07 -38.54
C ASP K 166 69.99 21.81 -39.43
N LEU K 167 69.07 22.76 -39.47
CA LEU K 167 67.89 22.60 -40.32
C LEU K 167 68.29 22.40 -41.78
N LEU K 168 69.36 23.06 -42.23
CA LEU K 168 69.76 22.90 -43.62
C LEU K 168 70.19 21.47 -43.92
N ASN K 169 70.62 20.71 -42.91
CA ASN K 169 70.98 19.32 -43.14
C ASN K 169 69.75 18.42 -43.10
N ARG K 170 68.80 18.71 -42.22
CA ARG K 170 67.54 17.97 -42.28
C ARG K 170 67.01 17.98 -43.71
N LEU K 171 66.95 19.17 -44.29
CA LEU K 171 66.31 19.32 -45.60
C LEU K 171 67.08 18.55 -46.67
N SER K 172 68.41 18.63 -46.64
CA SER K 172 69.19 17.88 -47.61
C SER K 172 68.97 16.39 -47.45
N LYS K 173 68.68 15.93 -46.23
CA LYS K 173 68.37 14.51 -46.01
C LYS K 173 67.02 14.14 -46.61
N LEU K 174 66.04 15.04 -46.49
CA LEU K 174 64.75 14.81 -47.13
C LEU K 174 64.92 14.74 -48.63
N GLN K 175 64.25 13.76 -49.25
CA GLN K 175 64.34 13.63 -50.70
C GLN K 175 63.39 14.66 -51.32
N LEU K 176 63.96 15.81 -51.65
CA LEU K 176 63.24 16.95 -52.20
C LEU K 176 63.65 17.19 -53.64
N SER K 177 62.67 17.48 -54.48
CA SER K 177 62.93 17.69 -55.90
C SER K 177 63.67 19.01 -56.11
N ASN K 178 64.74 18.94 -56.89
CA ASN K 178 65.44 20.13 -57.37
C ASN K 178 65.95 20.95 -56.19
N PHE K 179 66.71 20.29 -55.33
CA PHE K 179 67.20 20.93 -54.10
C PHE K 179 68.72 20.92 -54.13
N ASP K 180 69.32 22.08 -54.42
CA ASP K 180 70.75 22.28 -54.32
C ASP K 180 71.06 23.43 -53.38
N THR K 181 72.18 23.32 -52.67
CA THR K 181 72.55 24.34 -51.70
C THR K 181 73.69 25.25 -52.14
N PRO K 182 74.40 25.00 -53.25
CA PRO K 182 75.64 25.74 -53.51
C PRO K 182 75.49 27.25 -53.45
N PHE K 183 74.48 27.78 -54.11
CA PHE K 183 74.34 29.24 -54.17
C PHE K 183 74.16 29.83 -52.77
N PHE K 184 73.33 29.22 -51.94
CA PHE K 184 73.06 29.74 -50.60
C PHE K 184 74.30 29.61 -49.72
N GLN K 185 74.96 28.46 -49.77
CA GLN K 185 76.22 28.30 -49.06
C GLN K 185 77.19 29.43 -49.39
N HIS K 186 77.24 29.80 -50.67
CA HIS K 186 78.12 30.89 -51.10
C HIS K 186 77.85 32.15 -50.29
N LEU K 187 76.57 32.51 -50.12
CA LEU K 187 76.23 33.72 -49.38
C LEU K 187 76.57 33.59 -47.90
N LEU K 188 76.25 32.45 -47.28
CA LEU K 188 76.64 32.27 -45.88
C LEU K 188 78.14 32.48 -45.68
N SER K 189 78.97 31.77 -46.45
CA SER K 189 80.41 31.93 -46.30
C SER K 189 80.80 33.40 -46.39
N LYS K 190 80.20 34.13 -47.33
CA LYS K 190 80.50 35.55 -47.47
C LYS K 190 80.09 36.36 -46.25
N PHE K 191 79.33 35.80 -45.32
CA PHE K 191 78.83 36.62 -44.23
C PHE K 191 79.06 35.98 -42.87
N GLN K 192 80.08 35.15 -42.73
CA GLN K 192 80.37 34.60 -41.42
C GLN K 192 81.21 35.60 -40.64
N LEU K 193 81.57 35.24 -39.41
CA LEU K 193 82.08 36.28 -38.52
C LEU K 193 83.37 35.88 -37.80
N SER K 194 83.31 34.87 -36.92
CA SER K 194 84.48 34.38 -36.21
C SER K 194 84.96 35.36 -35.15
N LEU K 195 86.17 35.91 -35.32
CA LEU K 195 86.63 36.93 -34.38
C LEU K 195 85.72 38.14 -34.41
N SER K 196 84.99 38.33 -35.51
CA SER K 196 84.04 39.44 -35.60
C SER K 196 82.99 39.34 -34.49
N GLU K 197 82.56 38.12 -34.14
CA GLU K 197 81.64 37.94 -33.02
C GLU K 197 82.11 38.69 -31.79
N VAL K 198 83.40 38.58 -31.46
CA VAL K 198 83.91 39.18 -30.23
C VAL K 198 83.76 40.71 -30.29
N ARG K 199 84.19 41.31 -31.41
CA ARG K 199 83.95 42.73 -31.62
C ARG K 199 82.46 43.04 -31.49
N GLN K 200 81.58 42.23 -32.16
CA GLN K 200 80.13 42.56 -32.14
C GLN K 200 79.58 42.54 -30.74
N LEU K 201 79.82 41.45 -30.01
CA LEU K 201 79.25 41.29 -28.68
C LEU K 201 79.36 42.59 -27.87
N GLN K 202 80.47 43.30 -28.04
CA GLN K 202 80.57 44.61 -27.47
C GLN K 202 79.67 45.61 -28.22
N PRO K 212 69.41 45.73 -30.94
CA PRO K 212 68.92 45.80 -32.32
C PRO K 212 68.44 44.46 -32.86
N LEU K 213 68.80 44.14 -34.10
CA LEU K 213 68.36 42.93 -34.80
C LEU K 213 69.56 42.02 -35.00
N LYS K 214 69.47 40.76 -34.57
CA LYS K 214 70.65 39.93 -34.44
C LYS K 214 70.79 38.79 -35.44
N SER K 215 69.70 38.37 -36.10
CA SER K 215 69.76 37.16 -36.93
C SER K 215 70.58 37.37 -38.19
N GLN K 216 71.20 36.28 -38.66
CA GLN K 216 72.00 36.33 -39.88
C GLN K 216 71.36 35.60 -41.06
N ALA K 217 70.34 34.78 -40.83
CA ALA K 217 69.77 34.03 -41.93
C ALA K 217 68.34 33.64 -41.58
N ALA K 218 67.62 33.16 -42.58
CA ALA K 218 66.26 32.72 -42.36
C ALA K 218 65.88 31.81 -43.52
N PHE K 219 64.70 31.19 -43.38
CA PHE K 219 64.19 30.23 -44.34
C PHE K 219 62.79 30.62 -44.82
N GLY K 220 62.43 30.09 -45.98
CA GLY K 220 61.09 30.27 -46.50
C GLY K 220 60.61 29.00 -47.18
N PHE K 221 59.33 28.69 -47.05
CA PHE K 221 58.78 27.45 -47.59
C PHE K 221 57.56 27.78 -48.43
N ASP K 222 57.59 27.42 -49.71
CA ASP K 222 56.45 27.55 -50.60
C ASP K 222 55.87 26.17 -50.84
N PHE K 223 54.61 25.98 -50.44
CA PHE K 223 53.89 24.73 -50.64
C PHE K 223 53.03 24.90 -51.89
N ASN K 224 53.49 24.37 -53.02
CA ASN K 224 52.71 24.59 -54.23
C ASN K 224 51.55 23.59 -54.24
N PRO K 225 50.57 23.79 -55.11
CA PRO K 225 49.38 22.92 -55.04
C PRO K 225 49.74 21.44 -55.18
N ASP K 226 50.70 21.14 -56.05
CA ASP K 226 51.28 19.81 -56.07
C ASP K 226 51.97 19.51 -54.75
N GLY K 227 52.04 18.23 -54.41
CA GLY K 227 52.65 17.87 -53.14
C GLY K 227 54.15 18.09 -53.11
N ALA K 228 54.59 19.32 -53.37
CA ALA K 228 56.01 19.66 -53.43
C ALA K 228 56.26 20.94 -52.64
N ILE K 229 57.33 20.95 -51.88
CA ILE K 229 57.77 22.15 -51.16
C ILE K 229 58.93 22.76 -51.93
N LEU K 230 58.98 24.09 -51.97
CA LEU K 230 60.12 24.84 -52.49
C LEU K 230 60.69 25.69 -51.37
N VAL K 231 62.01 25.68 -51.23
CA VAL K 231 62.71 26.25 -50.08
C VAL K 231 63.31 27.59 -50.47
N LYS K 232 63.02 28.61 -49.68
CA LYS K 232 63.52 29.95 -49.91
C LYS K 232 64.44 30.35 -48.76
N GLY K 233 65.59 30.91 -49.09
CA GLY K 233 66.58 31.26 -48.10
C GLY K 233 66.89 32.75 -48.10
N TYR K 234 67.20 33.27 -46.92
CA TYR K 234 67.47 34.69 -46.74
C TYR K 234 68.85 34.88 -46.11
N VAL K 235 69.38 36.11 -46.22
CA VAL K 235 70.67 36.44 -45.63
C VAL K 235 70.64 37.89 -45.17
N PHE K 236 71.14 38.14 -43.95
CA PHE K 236 71.07 39.47 -43.33
C PHE K 236 72.47 40.03 -43.17
N PRO K 237 72.97 40.82 -44.12
CA PRO K 237 74.38 41.21 -44.11
C PRO K 237 74.70 42.36 -43.17
N TYR K 238 73.71 42.94 -42.48
CA TYR K 238 74.01 44.06 -41.60
C TYR K 238 75.04 43.68 -40.55
N LEU K 239 74.99 42.44 -40.05
CA LEU K 239 75.96 42.05 -39.04
C LEU K 239 77.37 42.08 -39.61
N LYS K 240 77.60 41.35 -40.70
CA LYS K 240 78.94 41.30 -41.29
C LYS K 240 79.44 42.70 -41.64
N ALA K 241 78.56 43.54 -42.18
CA ALA K 241 78.97 44.88 -42.55
C ALA K 241 79.29 45.72 -41.32
N LYS K 242 78.52 45.58 -40.26
CA LYS K 242 78.76 46.38 -39.07
C LYS K 242 80.11 46.03 -38.43
N ALA K 243 80.46 44.74 -38.43
CA ALA K 243 81.73 44.32 -37.83
C ALA K 243 82.91 44.88 -38.60
N ALA K 244 82.88 44.81 -39.93
CA ALA K 244 83.96 45.29 -40.77
C ALA K 244 83.91 46.79 -41.03
N ASP K 245 82.93 47.51 -40.47
CA ASP K 245 82.76 48.94 -40.69
C ASP K 245 82.83 49.28 -42.18
N VAL K 246 82.11 48.51 -42.98
CA VAL K 246 82.03 48.71 -44.42
C VAL K 246 80.57 48.88 -44.80
N PRO K 247 80.22 49.84 -45.66
CA PRO K 247 78.81 49.99 -46.03
C PRO K 247 78.29 48.70 -46.64
N VAL K 248 77.04 48.38 -46.33
CA VAL K 248 76.52 47.07 -46.68
C VAL K 248 76.61 46.84 -48.18
N GLY K 249 76.21 47.84 -48.97
CA GLY K 249 76.16 47.65 -50.40
C GLY K 249 77.50 47.29 -51.00
N THR K 250 78.57 47.90 -50.48
CA THR K 250 79.89 47.62 -51.03
C THR K 250 80.23 46.13 -50.95
N LEU K 251 79.90 45.49 -49.82
CA LEU K 251 80.11 44.04 -49.71
C LEU K 251 78.96 43.25 -50.32
N ILE K 252 77.74 43.79 -50.31
CA ILE K 252 76.68 43.14 -51.09
C ILE K 252 77.08 43.11 -52.55
N ALA K 253 77.46 44.28 -53.08
CA ALA K 253 77.91 44.33 -54.46
C ALA K 253 79.07 43.38 -54.67
N GLU K 254 80.05 43.42 -53.78
CA GLU K 254 81.21 42.55 -53.93
C GLU K 254 80.77 41.10 -53.79
N ALA K 255 79.76 40.85 -52.96
CA ALA K 255 79.20 39.51 -52.86
C ALA K 255 78.55 39.10 -54.17
N VAL K 256 77.77 40.00 -54.78
CA VAL K 256 77.20 39.71 -56.08
C VAL K 256 78.30 39.53 -57.11
N ARG K 257 79.34 40.38 -57.04
CA ARG K 257 80.43 40.29 -58.00
C ARG K 257 81.17 38.97 -57.87
N THR K 258 81.36 38.49 -56.63
CA THR K 258 82.05 37.22 -56.40
C THR K 258 81.35 36.06 -57.10
N ILE K 259 80.03 36.15 -57.27
CA ILE K 259 79.30 35.16 -58.05
C ILE K 259 79.29 35.50 -59.54
N ASP K 260 79.85 36.65 -59.94
CA ASP K 260 79.82 37.06 -61.36
C ASP K 260 80.82 36.29 -62.21
N VAL K 261 82.07 36.17 -61.77
CA VAL K 261 82.97 35.24 -62.45
C VAL K 261 82.46 33.82 -62.30
N GLU K 262 81.70 33.55 -61.23
CA GLU K 262 81.04 32.26 -61.06
C GLU K 262 79.91 32.08 -62.07
N ARG K 263 79.13 33.15 -62.30
CA ARG K 263 78.40 33.38 -63.55
C ARG K 263 77.84 34.80 -63.61
N ASN K 264 78.27 35.55 -64.62
CA ASN K 264 77.99 36.97 -64.74
C ASN K 264 76.63 37.25 -65.37
N GLN K 265 75.58 36.66 -64.82
CA GLN K 265 74.23 36.89 -65.32
C GLN K 265 73.47 37.90 -64.49
N PHE K 266 73.97 38.24 -63.31
CA PHE K 266 73.33 39.19 -62.43
C PHE K 266 73.95 40.58 -62.50
N THR K 267 75.08 40.71 -63.20
CA THR K 267 75.80 41.98 -63.27
C THR K 267 74.90 43.11 -63.75
N HIS K 268 74.35 42.96 -64.95
CA HIS K 268 73.58 44.04 -65.57
C HIS K 268 72.44 44.48 -64.66
N ALA K 269 71.56 43.54 -64.30
CA ALA K 269 70.42 43.91 -63.48
C ALA K 269 70.85 44.47 -62.15
N PHE K 270 71.85 43.86 -61.50
CA PHE K 270 72.26 44.32 -60.19
C PHE K 270 72.92 45.69 -60.26
N GLY K 271 73.98 45.81 -61.07
CA GLY K 271 74.60 47.12 -61.26
C GLY K 271 73.58 48.19 -61.57
N LEU K 272 72.46 47.79 -62.18
CA LEU K 272 71.35 48.70 -62.43
C LEU K 272 70.64 49.10 -61.14
N ILE K 273 70.56 48.18 -60.17
CA ILE K 273 69.96 48.49 -58.88
C ILE K 273 70.93 49.25 -57.94
N ASN K 274 72.16 48.77 -57.77
CA ASN K 274 73.20 49.34 -56.99
C ASN K 274 73.40 50.83 -57.34
N ASP K 275 73.20 51.19 -58.61
CA ASP K 275 73.27 52.62 -58.95
C ASP K 275 72.15 53.41 -58.31
N TYR K 276 70.91 52.92 -58.41
CA TYR K 276 69.80 53.66 -57.82
C TYR K 276 69.89 53.71 -56.30
N MET K 277 70.36 52.63 -55.68
CA MET K 277 70.49 52.61 -54.22
C MET K 277 71.49 53.67 -53.77
N GLN K 278 72.58 53.81 -54.51
CA GLN K 278 73.58 54.85 -54.18
C GLN K 278 73.07 56.25 -54.50
N GLU K 279 72.29 56.40 -55.58
CA GLU K 279 71.65 57.69 -55.85
C GLU K 279 70.83 58.17 -54.66
N SER K 280 69.90 57.32 -54.21
CA SER K 280 68.84 57.69 -53.30
C SER K 280 69.17 57.46 -51.84
N THR K 281 70.40 57.07 -51.52
CA THR K 281 70.73 56.64 -50.17
C THR K 281 69.78 55.53 -49.73
N GLY K 282 69.49 54.62 -50.67
CA GLY K 282 68.55 53.55 -50.38
C GLY K 282 69.11 52.49 -49.46
N TYR K 283 70.39 52.14 -49.62
CA TYR K 283 71.00 51.18 -48.72
C TYR K 283 70.95 51.69 -47.29
N ASN K 284 70.76 50.76 -46.37
CA ASN K 284 70.63 51.06 -44.96
C ASN K 284 70.85 49.77 -44.19
N GLU K 285 70.75 49.87 -42.86
CA GLU K 285 70.91 48.68 -42.03
C GLU K 285 69.91 47.59 -42.41
N TYR K 286 68.69 47.99 -42.78
CA TYR K 286 67.62 47.02 -42.98
C TYR K 286 67.74 46.26 -44.30
N THR K 287 68.55 46.73 -45.22
CA THR K 287 68.72 46.03 -46.50
C THR K 287 69.26 44.62 -46.28
N PHE K 288 68.68 43.65 -46.97
CA PHE K 288 69.15 42.27 -46.90
C PHE K 288 68.89 41.59 -48.24
N LEU K 289 69.12 40.29 -48.30
CA LEU K 289 69.23 39.57 -49.56
C LEU K 289 68.48 38.25 -49.48
N SER K 290 68.15 37.68 -50.63
CA SER K 290 67.33 36.46 -50.71
C SER K 290 67.73 35.64 -51.93
N CYS K 291 67.24 34.42 -52.01
CA CYS K 291 67.46 33.60 -53.20
C CYS K 291 66.63 32.31 -53.06
N ASP K 292 66.75 31.44 -54.06
CA ASP K 292 66.08 30.15 -54.07
C ASP K 292 67.09 29.01 -53.97
N PHE K 293 66.61 27.87 -53.47
CA PHE K 293 67.41 26.66 -53.33
C PHE K 293 67.21 25.78 -54.56
N VAL K 294 67.84 26.15 -55.67
CA VAL K 294 67.76 25.35 -56.89
C VAL K 294 68.93 25.72 -57.80
N GLU K 295 69.23 24.82 -58.74
CA GLU K 295 70.00 25.12 -59.94
C GLU K 295 70.06 26.62 -60.25
N THR K 296 71.26 27.10 -60.56
CA THR K 296 71.46 28.53 -60.81
C THR K 296 70.59 29.03 -61.95
N SER K 297 70.37 28.19 -62.97
CA SER K 297 69.59 28.63 -64.12
C SER K 297 68.21 29.12 -63.69
N GLU K 298 67.52 28.34 -62.85
CA GLU K 298 66.16 28.65 -62.45
C GLU K 298 66.09 29.45 -61.15
N GLN K 299 67.20 30.05 -60.71
CA GLN K 299 67.23 30.74 -59.44
C GLN K 299 66.97 32.23 -59.61
N ARG K 300 66.31 32.81 -58.63
CA ARG K 300 65.88 34.20 -58.67
C ARG K 300 66.44 34.88 -57.41
N LEU K 301 67.57 35.57 -57.51
CA LEU K 301 68.08 36.26 -56.33
C LEU K 301 67.42 37.62 -56.21
N LYS K 302 67.17 38.05 -54.97
CA LYS K 302 66.35 39.22 -54.68
C LYS K 302 67.10 40.12 -53.70
N ILE K 303 66.97 41.43 -53.87
CA ILE K 303 67.49 42.41 -52.91
C ILE K 303 66.30 43.14 -52.30
N TYR K 304 66.26 43.17 -50.96
CA TYR K 304 65.21 43.88 -50.24
C TYR K 304 65.82 45.10 -49.55
N GLY K 305 64.95 46.03 -49.17
CA GLY K 305 65.32 47.23 -48.44
C GLY K 305 64.09 47.88 -47.85
N ALA K 306 64.30 49.00 -47.16
CA ALA K 306 63.20 49.71 -46.52
C ALA K 306 63.42 51.21 -46.56
N HIS K 307 62.33 51.95 -46.34
CA HIS K 307 62.38 53.39 -46.13
C HIS K 307 61.43 53.79 -45.02
N THR K 308 61.94 54.66 -44.13
CA THR K 308 61.22 55.06 -42.92
C THR K 308 59.93 55.80 -43.29
N GLU K 309 60.04 56.89 -44.05
CA GLU K 309 58.90 57.65 -44.53
C GLU K 309 58.96 57.68 -46.04
N VAL K 310 57.83 57.45 -46.69
CA VAL K 310 57.79 57.34 -48.14
C VAL K 310 56.47 57.92 -48.64
N THR K 311 56.56 58.78 -49.64
CA THR K 311 55.40 59.36 -50.28
C THR K 311 55.09 58.58 -51.55
N TRP K 312 53.97 58.92 -52.20
CA TRP K 312 53.69 58.30 -53.50
C TRP K 312 54.80 58.58 -54.50
N ALA K 313 55.26 59.84 -54.59
CA ALA K 313 56.34 60.16 -55.51
C ALA K 313 57.57 59.32 -55.23
N LYS K 314 57.90 59.14 -53.95
CA LYS K 314 58.98 58.24 -53.58
C LYS K 314 58.66 56.82 -54.03
N ILE K 315 57.41 56.37 -53.84
CA ILE K 315 57.00 55.03 -54.28
C ILE K 315 57.15 54.92 -55.79
N ALA K 316 56.63 55.90 -56.51
CA ALA K 316 56.77 55.92 -57.95
C ALA K 316 58.23 55.97 -58.33
N GLU K 317 59.01 56.80 -57.62
CA GLU K 317 60.45 56.87 -57.84
C GLU K 317 61.11 55.51 -57.67
N MET K 318 60.73 54.76 -56.62
CA MET K 318 61.36 53.46 -56.36
C MET K 318 60.86 52.41 -57.35
N TRP K 319 59.55 52.36 -57.59
CA TRP K 319 58.99 51.35 -58.48
C TRP K 319 59.65 51.42 -59.85
N THR K 320 59.87 52.64 -60.34
CA THR K 320 60.60 52.86 -61.58
C THR K 320 62.09 53.04 -61.34
N LEU K 321 62.55 52.74 -60.12
CA LEU K 321 63.97 52.68 -59.81
C LEU K 321 64.67 53.96 -60.26
N GLY K 322 64.12 55.09 -59.80
CA GLY K 322 64.41 56.35 -60.44
C GLY K 322 63.67 56.40 -61.75
N GLY K 323 64.40 56.47 -62.86
CA GLY K 323 63.80 56.31 -64.18
C GLY K 323 64.36 55.15 -64.95
N ARG K 324 65.14 54.30 -64.29
CA ARG K 324 65.96 53.30 -64.97
C ARG K 324 65.15 52.49 -65.97
N LEU K 325 63.91 52.13 -65.59
CA LEU K 325 63.11 51.16 -66.33
C LEU K 325 61.75 51.73 -66.69
N ILE K 326 61.68 53.05 -66.92
CA ILE K 326 60.49 53.64 -67.52
C ILE K 326 60.25 53.07 -68.90
N GLU K 327 61.31 52.61 -69.56
CA GLU K 327 61.20 52.08 -70.92
C GLU K 327 60.25 50.89 -70.96
N GLU K 328 60.34 50.00 -69.99
CA GLU K 328 59.49 48.82 -69.98
C GLU K 328 58.02 49.23 -69.84
N PRO K 329 57.13 48.72 -70.69
CA PRO K 329 55.71 49.06 -70.54
C PRO K 329 55.11 48.41 -69.32
N GLU K 330 55.56 47.20 -69.00
CA GLU K 330 55.10 46.48 -67.83
C GLU K 330 55.03 47.39 -66.61
N ILE K 331 56.16 48.02 -66.30
CA ILE K 331 56.28 48.82 -65.08
C ILE K 331 55.17 49.87 -65.02
N ILE K 332 54.92 50.55 -66.14
CA ILE K 332 53.93 51.61 -66.14
C ILE K 332 52.58 51.04 -65.75
N ALA K 333 52.20 49.93 -66.38
CA ALA K 333 50.92 49.31 -66.05
C ALA K 333 50.87 48.88 -64.60
N GLY K 334 51.89 48.15 -64.16
CA GLY K 334 51.94 47.71 -62.77
C GLY K 334 51.81 48.87 -61.80
N LEU K 335 52.44 49.99 -62.12
CA LEU K 335 52.40 51.14 -61.22
C LEU K 335 50.99 51.71 -61.13
N ALA K 336 50.24 51.64 -62.23
CA ALA K 336 48.85 52.12 -62.22
C ALA K 336 48.02 51.34 -61.23
N ARG K 337 47.93 50.02 -61.42
CA ARG K 337 47.21 49.18 -60.45
C ARG K 337 47.70 49.43 -59.04
N LEU K 338 49.00 49.67 -58.89
CA LEU K 338 49.59 49.85 -57.57
C LEU K 338 48.97 51.04 -56.85
N LYS K 339 48.77 52.17 -57.56
CA LYS K 339 48.14 53.33 -56.89
C LYS K 339 46.67 53.06 -56.57
N GLN K 340 46.10 52.15 -57.34
CA GLN K 340 44.75 51.73 -57.16
C GLN K 340 44.56 51.15 -55.74
N ILE K 341 45.59 50.45 -55.25
CA ILE K 341 45.60 49.87 -53.91
C ILE K 341 46.03 50.90 -52.89
N TRP K 342 47.11 51.64 -53.20
CA TRP K 342 47.59 52.65 -52.26
C TRP K 342 46.43 53.50 -51.77
N SER K 343 45.53 53.84 -52.68
CA SER K 343 44.37 54.67 -52.34
C SER K 343 43.38 53.90 -51.48
N LEU K 344 43.10 52.64 -51.82
CA LEU K 344 42.16 51.87 -51.01
C LEU K 344 42.69 51.70 -49.60
N LEU K 345 43.99 51.47 -49.45
CA LEU K 345 44.51 50.95 -48.19
C LEU K 345 44.64 52.04 -47.13
N GLN K 346 45.46 53.04 -47.38
CA GLN K 346 45.76 54.04 -46.38
C GLN K 346 44.72 55.16 -46.34
N ILE K 347 43.63 55.03 -47.09
CA ILE K 347 42.60 56.07 -47.14
C ILE K 347 41.85 56.14 -45.82
N ILE K 369 58.47 54.03 -33.79
CA ILE K 369 57.25 54.81 -33.65
C ILE K 369 56.17 54.26 -34.57
N ALA K 370 56.63 53.61 -35.64
CA ALA K 370 55.75 53.04 -36.65
C ALA K 370 56.56 52.05 -37.47
N SER K 371 55.85 51.29 -38.30
CA SER K 371 56.43 50.26 -39.16
C SER K 371 56.90 50.85 -40.49
N PRO K 372 58.04 50.39 -40.98
CA PRO K 372 58.56 50.88 -42.27
C PRO K 372 57.90 50.18 -43.46
N ILE K 373 58.12 50.77 -44.66
CA ILE K 373 57.64 50.17 -45.91
C ILE K 373 58.83 49.53 -46.62
N ILE K 374 58.62 48.34 -47.19
CA ILE K 374 59.71 47.52 -47.73
C ILE K 374 59.57 47.40 -49.24
N TRP K 375 60.72 47.30 -49.92
CA TRP K 375 60.79 47.12 -51.37
C TRP K 375 61.67 45.93 -51.72
N ASN K 376 61.49 45.43 -52.95
CA ASN K 376 62.12 44.20 -53.41
C ASN K 376 62.43 44.34 -54.88
N TYR K 377 63.65 43.93 -55.28
CA TYR K 377 64.04 43.89 -56.69
C TYR K 377 64.52 42.48 -57.02
N GLU K 378 63.79 41.79 -57.88
CA GLU K 378 64.00 40.38 -58.18
C GLU K 378 64.82 40.30 -59.46
N ILE K 379 66.03 39.75 -59.35
CA ILE K 379 66.95 39.68 -60.48
C ILE K 379 66.91 38.30 -61.12
N HIS K 380 65.90 38.06 -61.96
CA HIS K 380 65.94 36.88 -62.80
C HIS K 380 67.20 36.92 -63.66
N PRO K 381 67.95 35.82 -63.76
CA PRO K 381 69.28 35.91 -64.38
C PRO K 381 69.23 36.18 -65.88
N GLY K 382 68.35 35.49 -66.61
CA GLY K 382 68.31 35.69 -68.05
C GLY K 382 67.95 37.10 -68.44
N SER K 383 67.00 37.72 -67.73
CA SER K 383 66.46 39.00 -68.13
C SER K 383 67.47 40.13 -67.89
N ARG K 384 67.11 41.31 -68.39
CA ARG K 384 67.96 42.49 -68.29
C ARG K 384 67.47 43.52 -67.28
N PHE K 385 66.22 43.46 -66.86
CA PHE K 385 65.75 44.37 -65.82
C PHE K 385 65.36 43.61 -64.56
N PRO K 386 65.36 44.29 -63.43
CA PRO K 386 64.74 43.71 -62.23
C PRO K 386 63.23 43.89 -62.25
N VAL K 387 62.55 43.02 -61.51
CA VAL K 387 61.12 43.13 -61.27
C VAL K 387 60.92 43.64 -59.86
N PRO K 388 60.18 44.71 -59.65
CA PRO K 388 59.99 45.23 -58.29
C PRO K 388 58.90 44.47 -57.54
N LYS K 389 58.79 44.82 -56.27
CA LYS K 389 57.78 44.27 -55.40
C LYS K 389 57.77 45.07 -54.11
N PHE K 390 56.59 45.48 -53.63
CA PHE K 390 56.53 46.26 -52.40
C PHE K 390 55.74 45.51 -51.34
N TYR K 391 55.96 45.93 -50.10
CA TYR K 391 55.35 45.32 -48.93
C TYR K 391 54.76 46.44 -48.09
N LEU K 392 53.48 46.31 -47.74
CA LEU K 392 52.75 47.44 -47.23
C LEU K 392 52.23 47.14 -45.82
N PRO K 393 52.49 48.01 -44.85
CA PRO K 393 52.08 47.74 -43.46
C PRO K 393 50.56 47.71 -43.31
N VAL K 394 50.06 46.67 -42.65
CA VAL K 394 48.62 46.55 -42.43
C VAL K 394 48.33 46.49 -40.94
N HIS K 395 49.23 45.88 -40.18
CA HIS K 395 49.13 45.97 -38.74
C HIS K 395 49.11 47.43 -38.34
N GLY K 396 48.04 47.83 -37.64
CA GLY K 396 47.73 49.23 -37.40
C GLY K 396 46.54 49.70 -38.19
N GLU K 397 46.15 48.97 -39.23
CA GLU K 397 44.94 49.23 -39.99
C GLU K 397 43.89 48.21 -39.62
N ASN K 398 42.66 48.69 -39.45
CA ASN K 398 41.54 47.81 -39.16
C ASN K 398 41.55 46.61 -40.10
N ASP K 399 41.75 45.42 -39.53
CA ASP K 399 41.88 44.25 -40.38
C ASP K 399 40.62 44.00 -41.20
N LEU K 400 39.48 44.55 -40.77
CA LEU K 400 38.26 44.49 -41.58
C LEU K 400 38.28 45.52 -42.70
N HIS K 401 38.58 46.78 -42.38
CA HIS K 401 38.80 47.78 -43.41
C HIS K 401 39.78 47.28 -44.48
N VAL K 402 40.84 46.59 -44.05
CA VAL K 402 41.81 46.09 -45.03
C VAL K 402 41.19 44.97 -45.85
N ALA K 403 40.43 44.08 -45.21
CA ALA K 403 39.75 43.03 -45.95
C ALA K 403 38.78 43.62 -46.96
N ARG K 404 37.95 44.57 -46.52
CA ARG K 404 37.00 45.21 -47.42
C ARG K 404 37.73 45.81 -48.62
N ALA K 405 38.63 46.77 -48.36
CA ALA K 405 39.36 47.44 -49.44
C ALA K 405 40.13 46.45 -50.31
N LEU K 406 40.71 45.42 -49.68
CA LEU K 406 41.51 44.45 -50.43
C LEU K 406 40.63 43.70 -51.44
N ALA K 407 39.39 43.38 -51.06
CA ALA K 407 38.50 42.62 -51.92
C ALA K 407 37.92 43.46 -53.04
N GLN K 408 37.59 44.73 -52.73
CA GLN K 408 37.17 45.65 -53.79
C GLN K 408 38.20 45.65 -54.91
N PHE K 409 39.48 45.72 -54.54
CA PHE K 409 40.53 45.70 -55.54
C PHE K 409 40.55 44.42 -56.37
N TRP K 410 40.00 43.32 -55.86
CA TRP K 410 40.03 42.11 -56.67
C TRP K 410 39.01 42.17 -57.79
N ASP K 411 37.81 42.71 -57.51
CA ASP K 411 36.85 42.92 -58.57
C ASP K 411 37.42 43.84 -59.63
N SER K 412 38.08 44.94 -59.22
CA SER K 412 38.77 45.81 -60.17
C SER K 412 39.64 45.01 -61.14
N LEU K 413 40.34 44.00 -60.64
CA LEU K 413 41.07 43.09 -61.51
C LEU K 413 40.15 42.03 -62.13
N GLY K 414 39.02 41.74 -61.49
CA GLY K 414 38.12 40.73 -62.00
C GLY K 414 38.43 39.31 -61.57
N TRP K 415 38.69 39.12 -60.28
CA TRP K 415 38.84 37.77 -59.75
C TRP K 415 37.52 37.39 -59.08
N PRO K 416 36.70 36.55 -59.72
CA PRO K 416 35.32 36.37 -59.22
C PRO K 416 35.26 35.77 -57.82
N GLU K 417 35.90 34.62 -57.63
CA GLU K 417 35.76 33.92 -56.34
C GLU K 417 36.73 34.52 -55.30
N HIS K 418 37.87 35.11 -55.74
CA HIS K 418 38.80 35.55 -54.71
C HIS K 418 38.26 36.72 -53.96
N ALA K 419 37.48 37.58 -54.63
CA ALA K 419 36.99 38.77 -53.95
C ALA K 419 35.70 38.50 -53.18
N CYS K 420 34.86 37.56 -53.63
CA CYS K 420 33.57 37.33 -52.96
C CYS K 420 33.75 36.67 -51.60
N ALA K 421 34.63 35.68 -51.52
CA ALA K 421 34.76 34.87 -50.32
C ALA K 421 35.99 35.23 -49.50
N TYR K 422 36.53 36.44 -49.64
CA TYR K 422 37.73 36.73 -48.86
C TYR K 422 37.41 36.91 -47.38
N PRO K 423 36.71 37.98 -46.99
CA PRO K 423 36.51 38.25 -45.56
C PRO K 423 35.88 37.10 -44.79
N ASP K 424 35.06 36.26 -45.44
CA ASP K 424 34.64 35.02 -44.80
C ASP K 424 35.83 34.10 -44.60
N THR K 425 36.82 34.16 -45.50
CA THR K 425 38.05 33.38 -45.36
C THR K 425 38.95 33.93 -44.25
N LEU K 426 38.84 35.23 -43.97
CA LEU K 426 39.67 35.83 -42.94
C LEU K 426 39.17 35.48 -41.54
N GLN K 427 37.85 35.56 -41.30
CA GLN K 427 37.32 35.21 -40.00
C GLN K 427 37.47 33.72 -39.71
N GLN K 428 37.35 32.88 -40.76
CA GLN K 428 37.46 31.44 -40.58
C GLN K 428 38.87 31.03 -40.18
N LEU K 429 39.85 31.89 -40.41
CA LEU K 429 41.19 31.71 -39.88
C LEU K 429 41.31 32.19 -38.46
N TYR K 430 40.41 33.09 -38.00
CA TYR K 430 40.49 33.67 -36.67
C TYR K 430 39.11 33.68 -36.02
N PRO K 431 38.49 32.51 -35.86
CA PRO K 431 37.18 32.46 -35.20
C PRO K 431 37.20 32.93 -33.75
N ASP K 432 38.34 32.80 -33.04
CA ASP K 432 38.41 33.32 -31.67
C ASP K 432 38.31 34.84 -31.65
N GLN K 433 38.88 35.50 -32.65
CA GLN K 433 38.93 36.95 -32.72
C GLN K 433 37.74 37.48 -33.51
N ASP K 434 37.45 38.76 -33.33
CA ASP K 434 36.37 39.47 -34.02
C ASP K 434 36.96 40.57 -34.89
N ILE K 435 36.89 40.40 -36.21
CA ILE K 435 37.53 41.31 -37.15
C ILE K 435 37.04 42.74 -36.99
N SER K 436 35.82 42.91 -36.50
CA SER K 436 35.31 44.26 -36.30
C SER K 436 36.27 45.09 -35.44
N GLN K 437 36.98 44.43 -34.49
CA GLN K 437 37.79 45.11 -33.51
C GLN K 437 39.28 44.84 -33.68
N THR K 438 39.70 44.04 -34.67
CA THR K 438 41.09 43.59 -34.73
C THR K 438 42.00 44.47 -35.58
N THR K 439 43.26 44.52 -35.22
CA THR K 439 44.24 45.34 -35.94
C THR K 439 45.50 44.57 -36.37
N ARG K 440 46.04 43.70 -35.50
CA ARG K 440 47.30 43.03 -35.77
C ARG K 440 47.14 41.75 -36.55
N LEU K 441 45.91 41.28 -36.80
CA LEU K 441 45.75 39.98 -37.46
C LEU K 441 46.39 39.93 -38.83
N GLN K 442 46.53 41.06 -39.51
CA GLN K 442 47.14 40.99 -40.83
C GLN K 442 48.06 42.17 -41.03
N SER K 443 49.27 41.87 -41.50
CA SER K 443 50.43 42.71 -41.21
C SER K 443 51.13 43.29 -42.43
N TRP K 444 51.27 42.53 -43.52
CA TRP K 444 51.94 43.06 -44.70
C TRP K 444 51.18 42.65 -45.95
N ILE K 445 51.30 43.45 -47.02
CA ILE K 445 50.74 43.12 -48.34
C ILE K 445 51.82 43.32 -49.39
N SER K 446 52.00 42.34 -50.25
CA SER K 446 53.03 42.36 -51.27
C SER K 446 52.42 42.63 -52.64
N TYR K 447 53.11 43.41 -53.45
CA TYR K 447 52.63 43.77 -54.77
C TYR K 447 53.74 43.60 -55.80
N SER K 448 53.47 42.78 -56.80
CA SER K 448 54.35 42.65 -57.95
C SER K 448 53.47 42.60 -59.18
N TYR K 449 54.04 42.98 -60.32
CA TYR K 449 53.28 42.93 -61.56
C TYR K 449 54.12 42.32 -62.67
N THR K 450 53.47 41.48 -63.47
CA THR K 450 54.09 40.85 -64.61
C THR K 450 53.11 40.85 -65.78
N ALA K 451 53.67 40.88 -66.99
CA ALA K 451 52.84 40.70 -68.17
C ALA K 451 52.18 39.33 -68.18
N LYS K 452 52.97 38.28 -67.98
CA LYS K 452 52.45 36.91 -68.01
C LYS K 452 51.55 36.60 -66.82
N ARG K 453 52.10 36.68 -65.61
CA ARG K 453 51.36 36.27 -64.42
C ARG K 453 50.14 37.14 -64.18
N GLY K 454 50.28 38.45 -64.36
CA GLY K 454 49.26 39.39 -63.96
C GLY K 454 49.65 40.09 -62.68
N VAL K 455 48.87 39.98 -61.63
CA VAL K 455 49.14 40.68 -60.39
C VAL K 455 49.50 39.64 -59.34
N TYR K 456 50.80 39.55 -59.02
CA TYR K 456 51.24 38.88 -57.80
C TYR K 456 50.80 39.69 -56.59
N MET K 457 50.35 38.99 -55.56
CA MET K 457 49.99 39.71 -54.36
C MET K 457 49.78 38.74 -53.21
N SER K 458 50.44 39.01 -52.08
CA SER K 458 50.51 38.08 -50.97
C SER K 458 50.19 38.82 -49.68
N VAL K 459 49.63 38.09 -48.71
CA VAL K 459 49.22 38.65 -47.43
C VAL K 459 49.95 37.93 -46.30
N TYR K 460 50.36 38.69 -45.29
CA TYR K 460 51.12 38.18 -44.16
C TYR K 460 50.34 38.35 -42.86
N TYR K 461 50.21 37.27 -42.10
CA TYR K 461 49.26 37.20 -40.98
C TYR K 461 49.94 37.02 -39.63
N HIS K 462 49.16 37.31 -38.59
CA HIS K 462 49.49 36.97 -37.22
C HIS K 462 49.50 35.46 -37.12
N SER K 463 50.68 34.88 -36.90
CA SER K 463 50.91 33.45 -37.12
C SER K 463 51.09 32.65 -35.82
N GLN K 464 50.57 33.16 -34.70
CA GLN K 464 50.41 32.38 -33.48
C GLN K 464 48.96 32.54 -33.01
N SER K 465 48.57 31.75 -32.02
CA SER K 465 47.18 31.72 -31.62
C SER K 465 46.89 32.49 -30.34
N THR K 466 47.84 33.27 -29.83
CA THR K 466 47.60 34.08 -28.64
C THR K 466 47.85 35.53 -29.01
N TYR K 467 46.81 36.35 -28.86
CA TYR K 467 46.81 37.72 -29.37
C TYR K 467 46.62 38.69 -28.21
N LEU K 468 47.49 39.71 -28.16
CA LEU K 468 47.56 40.57 -26.99
C LEU K 468 46.65 41.79 -27.18
N PRO L 52 47.47 4.09 -58.03
CA PRO L 52 48.30 3.61 -56.92
C PRO L 52 47.61 3.71 -55.57
N SER L 53 48.16 3.02 -54.56
CA SER L 53 47.59 3.10 -53.21
C SER L 53 48.04 4.37 -52.50
N PRO L 54 47.20 4.91 -51.60
CA PRO L 54 47.32 6.32 -51.23
C PRO L 54 48.16 6.61 -50.00
N ALA L 55 47.87 5.90 -48.90
CA ALA L 55 48.30 6.35 -47.59
C ALA L 55 49.82 6.49 -47.45
N GLN L 56 50.60 5.86 -48.32
CA GLN L 56 52.06 5.94 -48.27
C GLN L 56 52.60 7.28 -48.82
N ALA L 57 51.74 8.28 -48.99
CA ALA L 57 52.17 9.62 -49.38
C ALA L 57 52.95 10.34 -48.27
N LEU L 58 52.70 9.96 -47.01
CA LEU L 58 53.39 10.62 -45.90
C LEU L 58 54.91 10.48 -46.02
N ALA L 59 55.39 9.31 -46.44
CA ALA L 59 56.82 9.05 -46.49
C ALA L 59 57.58 10.05 -47.35
N SER L 60 56.89 10.75 -48.25
CA SER L 60 57.59 11.64 -49.18
C SER L 60 58.46 12.64 -48.43
N TYR L 61 57.93 13.26 -47.38
CA TYR L 61 58.66 14.26 -46.62
C TYR L 61 59.05 13.74 -45.24
N HIS L 62 59.42 12.46 -45.19
CA HIS L 62 59.92 11.82 -43.99
C HIS L 62 61.21 11.06 -44.32
N HIS L 63 62.16 11.12 -43.40
CA HIS L 63 63.44 10.45 -43.54
C HIS L 63 63.58 9.41 -42.44
N PHE L 64 63.72 8.15 -42.83
CA PHE L 64 63.90 7.09 -41.85
C PHE L 64 65.32 7.09 -41.30
N PRO L 65 65.50 7.16 -39.98
CA PRO L 65 66.85 7.38 -39.43
C PRO L 65 67.87 6.34 -39.83
N THR L 66 67.55 5.06 -39.67
CA THR L 66 68.52 4.01 -39.94
C THR L 66 68.23 3.34 -41.27
N ASN L 67 69.25 2.69 -41.82
CA ASN L 67 69.03 1.84 -42.97
C ASN L 67 68.12 0.67 -42.62
N ASP L 68 68.23 0.13 -41.40
CA ASP L 68 67.33 -0.93 -40.99
C ASP L 68 65.88 -0.54 -41.24
N GLN L 69 65.48 0.62 -40.72
CA GLN L 69 64.10 1.05 -40.88
C GLN L 69 63.76 1.24 -42.35
N GLU L 70 64.63 1.91 -43.09
CA GLU L 70 64.35 2.14 -44.50
C GLU L 70 63.99 0.83 -45.19
N ARG L 71 64.76 -0.23 -44.91
CA ARG L 71 64.50 -1.50 -45.56
C ARG L 71 63.18 -2.12 -45.12
N TRP L 72 62.81 -2.00 -43.84
CA TRP L 72 61.50 -2.51 -43.43
C TRP L 72 60.39 -1.74 -44.12
N TRP L 73 60.48 -0.41 -44.17
CA TRP L 73 59.49 0.36 -44.88
C TRP L 73 59.30 -0.14 -46.31
N GLU L 74 60.40 -0.31 -47.03
CA GLU L 74 60.34 -0.76 -48.42
C GLU L 74 59.74 -2.16 -48.51
N GLU L 75 59.86 -2.94 -47.43
CA GLU L 75 59.40 -4.32 -47.43
C GLU L 75 57.92 -4.43 -47.09
N THR L 76 57.43 -3.58 -46.17
CA THR L 76 56.04 -3.65 -45.73
C THR L 76 55.26 -2.35 -45.87
N GLY L 77 55.89 -1.24 -46.24
CA GLY L 77 55.18 0.02 -46.25
C GLY L 77 53.99 0.02 -47.19
N SER L 78 54.25 -0.29 -48.45
CA SER L 78 53.19 -0.35 -49.45
C SER L 78 52.11 -1.34 -49.01
N LEU L 79 52.52 -2.50 -48.51
CA LEU L 79 51.56 -3.55 -48.16
C LEU L 79 50.59 -3.07 -47.10
N PHE L 80 51.10 -2.44 -46.06
CA PHE L 80 50.22 -1.92 -45.00
C PHE L 80 49.28 -0.85 -45.53
N SER L 81 49.79 0.03 -46.41
CA SER L 81 48.93 1.04 -47.02
C SER L 81 47.78 0.38 -47.75
N ARG L 82 48.05 -0.77 -48.38
CA ARG L 82 46.99 -1.47 -49.10
C ARG L 82 46.00 -2.09 -48.14
N PHE L 83 46.47 -2.64 -47.02
CA PHE L 83 45.50 -3.17 -46.07
C PHE L 83 44.64 -2.06 -45.48
N LEU L 84 45.21 -0.88 -45.28
CA LEU L 84 44.38 0.26 -44.89
C LEU L 84 43.27 0.51 -45.91
N GLU L 85 43.63 0.47 -47.20
CA GLU L 85 42.65 0.65 -48.27
C GLU L 85 41.60 -0.45 -48.23
N ALA L 86 42.04 -1.70 -48.20
CA ALA L 86 41.12 -2.85 -48.15
C ALA L 86 40.25 -2.87 -46.89
N GLY L 87 40.60 -2.10 -45.87
CA GLY L 87 39.76 -2.06 -44.69
C GLY L 87 38.64 -1.06 -44.75
N GLN L 88 38.56 -0.28 -45.83
CA GLN L 88 37.49 0.70 -46.00
C GLN L 88 37.50 1.72 -44.86
N TYR L 89 38.69 2.14 -44.46
CA TYR L 89 38.87 3.14 -43.42
C TYR L 89 38.76 4.53 -44.02
N GLY L 90 38.26 5.46 -43.22
CA GLY L 90 38.23 6.85 -43.67
C GLY L 90 39.62 7.33 -44.02
N LEU L 91 39.73 8.12 -45.08
CA LEU L 91 41.04 8.56 -45.52
C LEU L 91 41.83 9.22 -44.40
N PRO L 92 41.27 10.11 -43.59
CA PRO L 92 42.02 10.62 -42.42
C PRO L 92 42.53 9.52 -41.53
N GLN L 93 41.70 8.52 -41.27
CA GLN L 93 42.14 7.44 -40.41
C GLN L 93 43.27 6.66 -41.06
N GLN L 94 43.22 6.47 -42.38
CA GLN L 94 44.33 5.79 -43.05
C GLN L 94 45.64 6.50 -42.74
N TYR L 95 45.68 7.81 -42.98
CA TYR L 95 46.88 8.57 -42.66
C TYR L 95 47.18 8.52 -41.17
N GLN L 96 46.12 8.48 -40.34
CA GLN L 96 46.28 8.47 -38.90
C GLN L 96 46.96 7.19 -38.41
N PHE L 97 46.50 6.04 -38.89
CA PHE L 97 47.19 4.80 -38.53
C PHE L 97 48.48 4.66 -39.31
N MET L 98 48.52 5.11 -40.56
CA MET L 98 49.79 5.13 -41.27
C MET L 98 50.82 5.89 -40.47
N PHE L 99 50.42 7.01 -39.88
CA PHE L 99 51.32 7.74 -39.01
C PHE L 99 51.81 6.85 -37.90
N PHE L 100 50.89 6.19 -37.21
CA PHE L 100 51.25 5.30 -36.11
C PHE L 100 52.20 4.21 -36.58
N PHE L 101 51.89 3.59 -37.72
CA PHE L 101 52.72 2.50 -38.21
C PHE L 101 54.17 2.93 -38.37
N MET L 102 54.39 4.12 -38.95
CA MET L 102 55.75 4.56 -39.27
C MET L 102 56.57 4.80 -38.02
N HIS L 103 55.99 5.48 -37.04
CA HIS L 103 56.76 5.93 -35.88
C HIS L 103 57.02 4.86 -34.85
N HIS L 104 56.08 3.93 -34.64
CA HIS L 104 56.21 3.06 -33.51
C HIS L 104 56.47 1.60 -33.87
N LEU L 105 56.10 1.16 -35.06
CA LEU L 105 56.28 -0.24 -35.40
C LEU L 105 57.48 -0.46 -36.30
N ILE L 106 57.75 0.44 -37.22
CA ILE L 106 58.93 0.32 -38.07
C ILE L 106 60.23 0.37 -37.23
N PRO L 107 60.37 1.31 -36.29
CA PRO L 107 61.53 1.22 -35.38
C PRO L 107 61.64 -0.14 -34.68
N ALA L 108 60.52 -0.73 -34.27
CA ALA L 108 60.55 -1.96 -33.48
C ALA L 108 60.85 -3.22 -34.29
N LEU L 109 60.90 -3.16 -35.62
CA LEU L 109 61.15 -4.38 -36.36
C LEU L 109 62.60 -4.83 -36.23
N GLY L 110 63.51 -3.91 -35.95
CA GLY L 110 64.89 -4.28 -35.76
C GLY L 110 65.66 -4.39 -37.07
N PRO L 111 66.75 -5.17 -37.06
CA PRO L 111 67.58 -5.29 -38.25
C PRO L 111 66.77 -5.76 -39.45
N TYR L 112 66.98 -5.11 -40.60
CA TYR L 112 66.21 -5.52 -41.77
C TYR L 112 66.48 -6.97 -42.15
N PRO L 113 67.69 -7.35 -42.50
CA PRO L 113 67.95 -8.79 -42.59
C PRO L 113 67.78 -9.35 -41.19
N GLN L 114 66.56 -9.83 -40.89
CA GLN L 114 66.20 -10.08 -39.50
C GLN L 114 66.99 -11.26 -38.98
N LYS L 115 67.57 -11.08 -37.80
CA LYS L 115 68.40 -12.09 -37.16
C LYS L 115 67.57 -12.99 -36.26
N TRP L 116 66.34 -12.57 -35.98
CA TRP L 116 65.48 -13.16 -34.97
C TRP L 116 64.26 -13.80 -35.63
N ARG L 117 63.94 -15.03 -35.23
CA ARG L 117 62.66 -15.61 -35.59
C ARG L 117 61.64 -15.31 -34.49
N SER L 118 60.51 -14.75 -34.87
CA SER L 118 59.41 -14.51 -33.95
C SER L 118 58.49 -15.72 -33.94
N THR L 119 58.02 -16.08 -32.75
CA THR L 119 57.13 -17.23 -32.61
C THR L 119 55.81 -17.01 -33.33
N ILE L 120 55.39 -15.75 -33.46
CA ILE L 120 54.02 -15.45 -33.89
C ILE L 120 53.80 -15.82 -35.35
N SER L 121 54.80 -15.75 -36.18
CA SER L 121 54.57 -15.96 -37.60
C SER L 121 55.05 -17.34 -38.03
N ARG L 122 54.34 -17.91 -39.01
CA ARG L 122 54.81 -19.16 -39.58
C ARG L 122 56.23 -19.01 -40.13
N SER L 123 56.47 -17.94 -40.89
CA SER L 123 57.81 -17.69 -41.42
C SER L 123 58.75 -17.21 -40.34
N GLY L 124 58.19 -16.62 -39.29
CA GLY L 124 58.98 -16.11 -38.19
C GLY L 124 59.16 -14.60 -38.19
N LEU L 125 58.62 -13.90 -39.20
CA LEU L 125 58.95 -12.50 -39.17
C LEU L 125 58.04 -11.77 -38.18
N PRO L 126 58.53 -10.72 -37.56
CA PRO L 126 57.87 -10.18 -36.37
C PRO L 126 56.52 -9.53 -36.59
N ILE L 127 55.93 -9.63 -37.78
CA ILE L 127 54.69 -8.91 -38.06
C ILE L 127 53.76 -9.76 -38.93
N GLU L 128 52.46 -9.61 -38.70
CA GLU L 128 51.49 -10.10 -39.66
C GLU L 128 50.19 -9.31 -39.54
N PHE L 129 49.54 -9.15 -40.69
CA PHE L 129 48.35 -8.32 -40.81
C PHE L 129 47.10 -9.20 -40.90
N SER L 130 46.01 -8.73 -40.30
CA SER L 130 44.78 -9.50 -40.22
C SER L 130 43.62 -8.68 -40.74
N LEU L 131 42.66 -9.37 -41.36
CA LEU L 131 41.37 -8.81 -41.71
C LEU L 131 40.28 -9.62 -41.03
N ASN L 132 39.44 -8.93 -40.25
CA ASN L 132 38.30 -9.55 -39.60
C ASN L 132 37.03 -9.08 -40.30
N PHE L 133 36.24 -10.05 -40.80
CA PHE L 133 35.01 -9.78 -41.53
C PHE L 133 33.80 -9.98 -40.62
N GLN L 134 32.84 -9.06 -40.74
CA GLN L 134 31.63 -9.05 -39.93
C GLN L 134 30.39 -9.13 -40.82
N LYS L 135 29.24 -9.17 -40.18
CA LYS L 135 27.97 -9.31 -40.89
C LYS L 135 27.61 -7.96 -41.49
N GLY L 136 28.08 -7.74 -42.72
CA GLY L 136 27.70 -6.62 -43.54
C GLY L 136 28.22 -5.27 -43.08
N SER L 137 28.57 -5.16 -41.79
CA SER L 137 29.10 -3.90 -41.29
C SER L 137 30.29 -3.45 -42.12
N HIS L 138 31.28 -4.33 -42.28
CA HIS L 138 32.52 -4.04 -43.00
C HIS L 138 33.63 -4.95 -42.50
N ARG L 139 34.87 -4.51 -42.68
CA ARG L 139 36.04 -5.27 -42.29
C ARG L 139 36.97 -4.41 -41.45
N LEU L 140 37.77 -5.06 -40.59
CA LEU L 140 38.72 -4.38 -39.72
C LEU L 140 40.12 -4.94 -39.92
N LEU L 141 41.12 -4.12 -39.61
CA LEU L 141 42.52 -4.46 -39.78
C LEU L 141 43.18 -4.76 -38.43
N ARG L 142 44.00 -5.81 -38.41
CA ARG L 142 44.64 -6.29 -37.19
C ARG L 142 46.14 -6.44 -37.48
N ILE L 143 46.98 -6.11 -36.50
CA ILE L 143 48.42 -6.33 -36.61
C ILE L 143 48.91 -7.09 -35.38
N GLY L 144 49.62 -8.18 -35.61
CA GLY L 144 50.32 -8.90 -34.55
C GLY L 144 51.80 -8.56 -34.59
N PHE L 145 52.34 -8.19 -33.43
CA PHE L 145 53.66 -7.57 -33.39
C PHE L 145 54.54 -8.26 -32.34
N GLU L 146 55.82 -8.45 -32.65
CA GLU L 146 56.82 -8.74 -31.63
C GLU L 146 57.98 -7.79 -31.78
N PRO L 147 58.15 -6.82 -30.89
CA PRO L 147 59.27 -5.90 -31.00
C PRO L 147 60.60 -6.64 -30.97
N VAL L 148 61.56 -6.10 -31.74
CA VAL L 148 62.89 -6.70 -31.89
C VAL L 148 63.93 -5.60 -31.91
N SER L 149 65.16 -5.96 -31.55
CA SER L 149 66.34 -5.12 -31.72
C SER L 149 67.52 -6.00 -32.12
N PHE L 150 68.65 -5.35 -32.41
CA PHE L 150 69.87 -6.12 -32.67
C PHE L 150 70.32 -6.89 -31.43
N LEU L 151 69.90 -6.47 -30.24
CA LEU L 151 70.21 -7.24 -29.05
C LEU L 151 69.41 -8.53 -28.97
N SER L 152 68.26 -8.59 -29.66
CA SER L 152 67.40 -9.77 -29.57
C SER L 152 68.15 -11.02 -30.03
N GLY L 153 68.15 -12.05 -29.18
CA GLY L 153 68.87 -13.26 -29.50
C GLY L 153 70.34 -13.25 -29.15
N SER L 154 70.82 -12.17 -28.53
CA SER L 154 72.22 -12.05 -28.20
C SER L 154 72.43 -12.39 -26.72
N SER L 155 73.69 -12.28 -26.29
CA SER L 155 74.00 -12.51 -24.89
C SER L 155 73.28 -11.52 -23.98
N GLN L 156 73.14 -10.26 -24.43
CA GLN L 156 72.58 -9.24 -23.55
C GLN L 156 71.09 -9.43 -23.37
N ASP L 157 70.41 -10.02 -24.35
CA ASP L 157 68.99 -10.36 -24.22
C ASP L 157 68.67 -11.53 -25.12
N PRO L 158 68.95 -12.75 -24.66
CA PRO L 158 68.77 -13.91 -25.54
C PRO L 158 67.32 -14.30 -25.79
N PHE L 159 66.37 -13.85 -24.95
CA PHE L 159 64.96 -14.19 -25.13
C PHE L 159 64.07 -12.97 -25.29
N ASN L 160 64.65 -11.85 -25.71
CA ASN L 160 63.90 -10.74 -26.29
C ASN L 160 62.87 -10.16 -25.32
N ARG L 161 63.30 -9.88 -24.09
CA ARG L 161 62.43 -9.15 -23.18
C ARG L 161 62.56 -7.64 -23.34
N ILE L 162 63.69 -7.16 -23.81
CA ILE L 162 64.00 -5.73 -23.76
C ILE L 162 63.06 -4.98 -24.69
N PRO L 163 62.95 -5.39 -25.96
CA PRO L 163 62.06 -4.66 -26.87
C PRO L 163 60.63 -4.57 -26.37
N ILE L 164 60.16 -5.61 -25.68
CA ILE L 164 58.80 -5.65 -25.17
C ILE L 164 58.54 -4.50 -24.21
N THR L 165 59.43 -4.31 -23.23
CA THR L 165 59.23 -3.26 -22.24
C THR L 165 59.44 -1.89 -22.84
N ASP L 166 60.35 -1.76 -23.81
CA ASP L 166 60.53 -0.49 -24.50
C ASP L 166 59.25 -0.07 -25.18
N LEU L 167 58.73 -0.94 -26.05
CA LEU L 167 57.50 -0.61 -26.76
C LEU L 167 56.36 -0.31 -25.79
N LEU L 168 56.31 -1.04 -24.67
CA LEU L 168 55.22 -0.83 -23.72
C LEU L 168 55.27 0.55 -23.08
N ASN L 169 56.44 1.19 -23.06
CA ASN L 169 56.49 2.57 -22.60
C ASN L 169 56.14 3.57 -23.68
N ARG L 170 56.53 3.33 -24.93
CA ARG L 170 56.05 4.20 -25.99
C ARG L 170 54.54 4.33 -25.91
N LEU L 171 53.86 3.19 -25.74
CA LEU L 171 52.41 3.16 -25.80
C LEU L 171 51.79 3.96 -24.67
N SER L 172 52.34 3.79 -23.47
CA SER L 172 51.84 4.55 -22.34
C SER L 172 52.08 6.05 -22.50
N LYS L 173 53.16 6.43 -23.21
CA LYS L 173 53.41 7.85 -23.44
C LYS L 173 52.39 8.46 -24.39
N LEU L 174 51.99 7.69 -25.41
CA LEU L 174 50.91 8.11 -26.30
C LEU L 174 49.62 8.23 -25.52
N GLN L 175 48.90 9.32 -25.77
CA GLN L 175 47.64 9.54 -25.10
C GLN L 175 46.59 8.68 -25.80
N LEU L 176 46.41 7.47 -25.27
CA LEU L 176 45.52 6.46 -25.80
C LEU L 176 44.34 6.22 -24.86
N SER L 177 43.15 6.09 -25.44
CA SER L 177 41.95 5.94 -24.63
C SER L 177 41.91 4.57 -23.97
N ASN L 178 41.63 4.56 -22.67
CA ASN L 178 41.35 3.33 -21.91
C ASN L 178 42.54 2.38 -21.94
N PHE L 179 43.70 2.87 -21.53
CA PHE L 179 44.95 2.11 -21.62
C PHE L 179 45.53 1.96 -20.23
N ASP L 180 45.39 0.76 -19.65
CA ASP L 180 46.02 0.39 -18.40
C ASP L 180 46.88 -0.85 -18.63
N THR L 181 48.00 -0.92 -17.94
CA THR L 181 48.92 -2.03 -18.15
C THR L 181 48.93 -3.03 -17.00
N PRO L 182 48.29 -2.78 -15.85
CA PRO L 182 48.55 -3.64 -14.69
C PRO L 182 48.35 -5.12 -14.97
N PHE L 183 47.24 -5.48 -15.61
CA PHE L 183 46.95 -6.90 -15.83
C PHE L 183 48.06 -7.55 -16.64
N PHE L 184 48.51 -6.90 -17.71
CA PHE L 184 49.55 -7.48 -18.54
C PHE L 184 50.87 -7.54 -17.78
N GLN L 185 51.22 -6.45 -17.09
CA GLN L 185 52.40 -6.47 -16.24
C GLN L 185 52.36 -7.65 -15.27
N HIS L 186 51.18 -7.92 -14.71
CA HIS L 186 51.04 -9.04 -13.78
C HIS L 186 51.49 -10.35 -14.42
N LEU L 187 51.05 -10.60 -15.65
CA LEU L 187 51.43 -11.85 -16.28
C LEU L 187 52.93 -11.88 -16.57
N LEU L 188 53.48 -10.75 -17.05
CA LEU L 188 54.93 -10.68 -17.27
C LEU L 188 55.70 -11.02 -16.01
N SER L 189 55.39 -10.33 -14.92
CA SER L 189 56.08 -10.64 -13.67
C SER L 189 56.02 -12.13 -13.40
N LYS L 190 54.84 -12.74 -13.59
CA LYS L 190 54.63 -14.17 -13.40
C LYS L 190 55.47 -15.02 -14.35
N PHE L 191 56.13 -14.43 -15.32
CA PHE L 191 56.87 -15.24 -16.27
C PHE L 191 58.27 -14.69 -16.55
N GLN L 192 58.90 -14.01 -15.60
CA GLN L 192 60.27 -13.57 -15.83
C GLN L 192 61.24 -14.70 -15.48
N LEU L 193 62.55 -14.47 -15.69
CA LEU L 193 63.47 -15.60 -15.66
C LEU L 193 64.73 -15.41 -14.79
N SER L 194 65.61 -14.46 -15.16
CA SER L 194 66.80 -14.14 -14.36
C SER L 194 67.89 -15.20 -14.42
N LEU L 195 68.17 -15.85 -13.29
CA LEU L 195 69.12 -16.96 -13.32
C LEU L 195 68.64 -18.08 -14.23
N SER L 196 67.32 -18.13 -14.48
CA SER L 196 66.77 -19.13 -15.36
C SER L 196 67.35 -19.01 -16.76
N GLU L 197 67.56 -17.76 -17.22
CA GLU L 197 68.20 -17.56 -18.51
C GLU L 197 69.42 -18.45 -18.66
N VAL L 198 70.27 -18.47 -17.63
CA VAL L 198 71.55 -19.19 -17.71
C VAL L 198 71.29 -20.68 -17.93
N ARG L 199 70.37 -21.26 -17.15
CA ARG L 199 69.95 -22.64 -17.36
C ARG L 199 69.48 -22.81 -18.80
N GLN L 200 68.63 -21.88 -19.24
CA GLN L 200 67.97 -22.01 -20.53
C GLN L 200 68.96 -21.95 -21.67
N LEU L 201 69.89 -21.00 -21.64
CA LEU L 201 70.94 -20.91 -22.68
C LEU L 201 71.55 -22.28 -23.00
N GLN L 202 71.75 -23.12 -21.99
CA GLN L 202 72.19 -24.48 -22.23
C GLN L 202 71.06 -25.31 -22.83
N PRO L 212 64.37 -24.15 -30.91
CA PRO L 212 62.90 -24.09 -30.82
C PRO L 212 62.35 -22.66 -30.97
N LEU L 213 61.36 -22.31 -30.16
CA LEU L 213 60.68 -21.02 -30.22
C LEU L 213 61.02 -20.22 -28.98
N LYS L 214 61.54 -19.00 -29.16
CA LYS L 214 62.19 -18.32 -28.05
C LYS L 214 61.42 -17.13 -27.49
N SER L 215 60.47 -16.59 -28.21
CA SER L 215 59.87 -15.34 -27.77
C SER L 215 59.07 -15.55 -26.49
N GLN L 216 59.02 -14.51 -25.67
CA GLN L 216 58.29 -14.58 -24.41
C GLN L 216 57.03 -13.74 -24.43
N ALA L 217 56.88 -12.83 -25.38
CA ALA L 217 55.71 -11.97 -25.41
C ALA L 217 55.53 -11.41 -26.82
N ALA L 218 54.36 -10.82 -27.06
CA ALA L 218 54.05 -10.20 -28.33
C ALA L 218 52.92 -9.21 -28.12
N PHE L 219 52.60 -8.47 -29.17
CA PHE L 219 51.59 -7.43 -29.12
C PHE L 219 50.58 -7.66 -30.24
N GLY L 220 49.43 -7.05 -30.06
CA GLY L 220 48.43 -7.05 -31.11
C GLY L 220 47.80 -5.68 -31.21
N PHE L 221 47.45 -5.24 -32.41
CA PHE L 221 46.88 -3.91 -32.58
C PHE L 221 45.62 -4.07 -33.40
N ASP L 222 44.49 -3.68 -32.81
CA ASP L 222 43.23 -3.64 -33.50
C ASP L 222 42.87 -2.19 -33.81
N PHE L 223 42.70 -1.90 -35.10
CA PHE L 223 42.33 -0.57 -35.59
C PHE L 223 40.83 -0.58 -35.86
N ASN L 224 40.04 -0.02 -34.96
CA ASN L 224 38.60 -0.04 -35.21
C ASN L 224 38.26 1.08 -36.19
N PRO L 225 37.05 1.06 -36.77
CA PRO L 225 36.73 2.05 -37.81
C PRO L 225 36.89 3.48 -37.34
N ASP L 226 36.52 3.75 -36.09
CA ASP L 226 36.88 5.00 -35.46
C ASP L 226 38.41 5.11 -35.37
N GLY L 227 38.89 6.34 -35.34
CA GLY L 227 40.33 6.54 -35.27
C GLY L 227 40.92 6.18 -33.92
N ALA L 228 40.72 4.94 -33.46
CA ALA L 228 41.21 4.50 -32.16
C ALA L 228 41.87 3.14 -32.31
N ILE L 229 43.04 2.99 -31.69
CA ILE L 229 43.76 1.73 -31.72
C ILE L 229 43.50 1.06 -30.39
N LEU L 230 43.31 -0.26 -30.40
CA LEU L 230 43.21 -1.08 -29.19
C LEU L 230 44.35 -2.08 -29.17
N VAL L 231 45.00 -2.18 -28.02
CA VAL L 231 46.26 -2.91 -27.88
C VAL L 231 46.02 -4.26 -27.22
N LYS L 232 46.51 -5.31 -27.85
CA LYS L 232 46.40 -6.68 -27.36
C LYS L 232 47.79 -7.22 -27.07
N GLY L 233 47.92 -7.89 -25.92
CA GLY L 233 49.20 -8.43 -25.49
C GLY L 233 49.16 -9.93 -25.31
N TYR L 234 50.30 -10.56 -25.60
CA TYR L 234 50.47 -12.01 -25.55
C TYR L 234 51.60 -12.36 -24.59
N VAL L 235 51.60 -13.62 -24.16
CA VAL L 235 52.58 -14.17 -23.23
C VAL L 235 52.80 -15.62 -23.62
N PHE L 236 54.06 -16.05 -23.62
CA PHE L 236 54.41 -17.40 -24.03
C PHE L 236 55.06 -18.10 -22.84
N PRO L 237 54.28 -18.83 -22.04
CA PRO L 237 54.80 -19.37 -20.79
C PRO L 237 55.64 -20.62 -20.99
N TYR L 238 55.85 -21.07 -22.22
CA TYR L 238 56.66 -22.26 -22.43
C TYR L 238 58.06 -22.08 -21.83
N LEU L 239 58.63 -20.90 -21.97
CA LEU L 239 59.97 -20.66 -21.44
C LEU L 239 59.96 -20.78 -19.93
N LYS L 240 59.11 -19.99 -19.26
CA LYS L 240 59.04 -20.03 -17.81
C LYS L 240 58.80 -21.46 -17.32
N ALA L 241 57.90 -22.18 -18.00
CA ALA L 241 57.59 -23.56 -17.61
C ALA L 241 58.76 -24.49 -17.86
N LYS L 242 59.47 -24.34 -18.98
CA LYS L 242 60.57 -25.25 -19.28
C LYS L 242 61.72 -25.08 -18.29
N ALA L 243 62.01 -23.86 -17.88
CA ALA L 243 63.12 -23.64 -16.96
C ALA L 243 62.85 -24.28 -15.61
N ALA L 244 61.63 -24.10 -15.07
CA ALA L 244 61.27 -24.63 -13.77
C ALA L 244 60.86 -26.11 -13.81
N ASP L 245 60.90 -26.74 -14.98
CA ASP L 245 60.46 -28.13 -15.15
C ASP L 245 59.08 -28.35 -14.50
N VAL L 246 58.16 -27.43 -14.76
CA VAL L 246 56.79 -27.49 -14.30
C VAL L 246 55.86 -27.43 -15.51
N PRO L 247 54.82 -28.27 -15.56
CA PRO L 247 53.91 -28.25 -16.72
C PRO L 247 53.27 -26.88 -16.89
N VAL L 248 53.04 -26.53 -18.17
CA VAL L 248 52.59 -25.17 -18.47
C VAL L 248 51.30 -24.86 -17.73
N GLY L 249 50.34 -25.78 -17.77
CA GLY L 249 49.05 -25.50 -17.18
C GLY L 249 49.12 -25.24 -15.69
N THR L 250 49.98 -25.99 -14.99
CA THR L 250 50.08 -25.84 -13.55
C THR L 250 50.42 -24.41 -13.18
N LEU L 251 51.38 -23.80 -13.88
CA LEU L 251 51.68 -22.41 -13.65
C LEU L 251 50.72 -21.50 -14.38
N ILE L 252 50.15 -21.96 -15.50
CA ILE L 252 49.06 -21.20 -16.12
C ILE L 252 47.89 -21.10 -15.15
N ALA L 253 47.47 -22.25 -14.61
CA ALA L 253 46.40 -22.27 -13.62
C ALA L 253 46.75 -21.40 -12.42
N GLU L 254 47.96 -21.58 -11.88
CA GLU L 254 48.37 -20.82 -10.71
C GLU L 254 48.49 -19.34 -11.05
N ALA L 255 48.90 -19.03 -12.29
CA ALA L 255 48.93 -17.64 -12.73
C ALA L 255 47.52 -17.06 -12.75
N VAL L 256 46.57 -17.79 -13.31
CA VAL L 256 45.19 -17.34 -13.29
C VAL L 256 44.70 -17.22 -11.86
N ARG L 257 45.08 -18.17 -11.00
CA ARG L 257 44.64 -18.14 -9.62
C ARG L 257 45.19 -16.92 -8.89
N THR L 258 46.43 -16.55 -9.16
CA THR L 258 47.03 -15.39 -8.51
C THR L 258 46.24 -14.12 -8.79
N ILE L 259 45.59 -14.04 -9.95
CA ILE L 259 44.71 -12.92 -10.26
C ILE L 259 43.30 -13.15 -9.72
N ASP L 260 43.03 -14.33 -9.14
CA ASP L 260 41.68 -14.65 -8.63
C ASP L 260 41.38 -13.94 -7.31
N VAL L 261 42.31 -14.01 -6.35
CA VAL L 261 42.16 -13.14 -5.18
C VAL L 261 42.25 -11.68 -5.62
N GLU L 262 42.96 -11.43 -6.72
CA GLU L 262 42.99 -10.10 -7.31
C GLU L 262 41.63 -9.73 -7.92
N ARG L 263 40.98 -10.70 -8.59
CA ARG L 263 39.52 -10.77 -8.74
C ARG L 263 39.10 -12.12 -9.32
N ASN L 264 38.26 -12.83 -8.56
CA ASN L 264 37.89 -14.21 -8.84
C ASN L 264 36.74 -14.32 -9.83
N GLN L 265 36.87 -13.69 -10.99
CA GLN L 265 35.85 -13.76 -12.03
C GLN L 265 36.20 -14.72 -13.16
N PHE L 266 37.44 -15.18 -13.20
CA PHE L 266 37.89 -16.11 -14.23
C PHE L 266 37.89 -17.55 -13.73
N THR L 267 37.67 -17.74 -12.43
CA THR L 267 37.76 -19.07 -11.82
C THR L 267 36.87 -20.08 -12.53
N HIS L 268 35.57 -19.81 -12.56
CA HIS L 268 34.62 -20.77 -13.09
C HIS L 268 34.98 -21.15 -14.51
N ALA L 269 35.06 -20.15 -15.39
CA ALA L 269 35.32 -20.44 -16.79
C ALA L 269 36.67 -21.13 -16.99
N PHE L 270 37.72 -20.64 -16.32
CA PHE L 270 39.04 -21.24 -16.52
C PHE L 270 39.09 -22.65 -15.96
N GLY L 271 38.80 -22.81 -14.67
CA GLY L 271 38.72 -24.14 -14.11
C GLY L 271 37.88 -25.06 -14.97
N LEU L 272 36.91 -24.50 -15.69
CA LEU L 272 36.12 -25.28 -16.64
C LEU L 272 36.96 -25.70 -17.86
N ILE L 273 37.88 -24.84 -18.30
CA ILE L 273 38.75 -25.18 -19.41
C ILE L 273 39.89 -26.10 -18.94
N ASN L 274 40.49 -25.76 -17.79
CA ASN L 274 41.65 -26.50 -17.30
C ASN L 274 41.31 -27.97 -17.10
N ASP L 275 40.06 -28.27 -16.72
CA ASP L 275 39.66 -29.66 -16.60
C ASP L 275 39.69 -30.34 -17.96
N TYR L 276 39.15 -29.69 -18.99
CA TYR L 276 39.20 -30.29 -20.31
C TYR L 276 40.63 -30.42 -20.83
N MET L 277 41.48 -29.43 -20.54
CA MET L 277 42.87 -29.49 -21.00
C MET L 277 43.59 -30.68 -20.39
N GLN L 278 43.36 -30.91 -19.10
CA GLN L 278 43.98 -32.05 -18.45
C GLN L 278 43.36 -33.38 -18.89
N GLU L 279 42.05 -33.39 -19.16
CA GLU L 279 41.42 -34.59 -19.72
C GLU L 279 42.16 -35.05 -20.99
N SER L 280 42.28 -34.14 -21.95
CA SER L 280 42.66 -34.47 -23.31
C SER L 280 44.15 -34.36 -23.56
N THR L 281 44.95 -34.10 -22.53
CA THR L 281 46.35 -33.77 -22.74
C THR L 281 46.47 -32.63 -23.75
N GLY L 282 45.58 -31.64 -23.62
CA GLY L 282 45.57 -30.54 -24.57
C GLY L 282 46.75 -29.61 -24.36
N TYR L 283 47.12 -29.34 -23.11
CA TYR L 283 48.28 -28.52 -22.81
C TYR L 283 49.52 -29.10 -23.45
N ASN L 284 50.41 -28.21 -23.89
CA ASN L 284 51.62 -28.61 -24.57
C ASN L 284 52.57 -27.42 -24.59
N GLU L 285 53.72 -27.60 -25.24
CA GLU L 285 54.66 -26.51 -25.36
C GLU L 285 54.04 -25.29 -26.04
N TYR L 286 53.15 -25.53 -27.00
CA TYR L 286 52.61 -24.45 -27.82
C TYR L 286 51.52 -23.62 -27.13
N THR L 287 50.93 -24.13 -26.05
CA THR L 287 49.89 -23.37 -25.37
C THR L 287 50.44 -22.04 -24.85
N PHE L 288 49.70 -20.97 -25.07
CA PHE L 288 50.09 -19.67 -24.54
C PHE L 288 48.83 -18.87 -24.22
N LEU L 289 49.01 -17.60 -23.88
CA LEU L 289 47.98 -16.83 -23.21
C LEU L 289 47.93 -15.44 -23.84
N SER L 290 46.83 -14.74 -23.60
CA SER L 290 46.54 -13.46 -24.23
C SER L 290 45.71 -12.63 -23.26
N CYS L 291 45.58 -11.34 -23.55
CA CYS L 291 44.68 -10.50 -22.77
C CYS L 291 44.58 -9.14 -23.44
N ASP L 292 43.78 -8.25 -22.88
CA ASP L 292 43.60 -6.91 -23.41
C ASP L 292 44.20 -5.89 -22.45
N PHE L 293 44.60 -4.75 -23.00
CA PHE L 293 45.20 -3.65 -22.24
C PHE L 293 44.12 -2.66 -21.82
N VAL L 294 43.36 -3.04 -20.80
CA VAL L 294 42.32 -2.13 -20.30
C VAL L 294 41.90 -2.59 -18.92
N GLU L 295 41.29 -1.68 -18.17
CA GLU L 295 40.44 -1.99 -17.03
C GLU L 295 40.05 -3.46 -16.98
N THR L 296 40.17 -4.07 -15.80
CA THR L 296 39.89 -5.49 -15.63
C THR L 296 38.45 -5.82 -16.02
N SER L 297 37.50 -4.93 -15.73
CA SER L 297 36.10 -5.23 -15.99
C SER L 297 35.86 -5.62 -17.45
N GLU L 298 36.40 -4.83 -18.37
CA GLU L 298 36.18 -5.04 -19.79
C GLU L 298 37.21 -5.95 -20.45
N GLN L 299 37.99 -6.67 -19.66
CA GLN L 299 39.08 -7.45 -20.21
C GLN L 299 38.66 -8.88 -20.49
N ARG L 300 39.20 -9.44 -21.58
CA ARG L 300 38.85 -10.75 -22.08
C ARG L 300 40.14 -11.55 -22.16
N LEU L 301 40.43 -12.35 -21.13
CA LEU L 301 41.66 -13.14 -21.20
C LEU L 301 41.42 -14.42 -21.97
N LYS L 302 42.43 -14.84 -22.72
CA LYS L 302 42.30 -15.90 -23.71
C LYS L 302 43.41 -16.92 -23.49
N ILE L 303 43.09 -18.21 -23.65
CA ILE L 303 44.06 -19.28 -23.61
C ILE L 303 44.16 -19.88 -25.01
N TYR L 304 45.38 -19.96 -25.54
CA TYR L 304 45.53 -20.52 -26.87
C TYR L 304 46.20 -21.88 -26.77
N GLY L 305 46.05 -22.67 -27.83
CA GLY L 305 46.68 -23.98 -27.86
C GLY L 305 46.71 -24.51 -29.27
N ALA L 306 47.31 -25.70 -29.40
CA ALA L 306 47.44 -26.34 -30.71
C ALA L 306 47.35 -27.85 -30.56
N HIS L 307 47.13 -28.53 -31.68
CA HIS L 307 47.19 -29.99 -31.79
C HIS L 307 47.84 -30.39 -33.10
N THR L 308 48.73 -31.38 -33.02
CA THR L 308 49.48 -31.84 -34.18
C THR L 308 48.56 -32.42 -35.25
N GLU L 309 47.79 -33.45 -34.90
CA GLU L 309 46.84 -34.08 -35.81
C GLU L 309 45.45 -34.02 -35.19
N VAL L 310 44.47 -33.64 -36.01
CA VAL L 310 43.12 -33.37 -35.52
C VAL L 310 42.10 -33.75 -36.59
N THR L 311 41.09 -34.50 -36.19
CA THR L 311 39.97 -34.90 -37.05
C THR L 311 38.77 -33.96 -36.81
N TRP L 312 37.71 -34.15 -37.59
CA TRP L 312 36.48 -33.42 -37.27
C TRP L 312 35.98 -33.77 -35.87
N ALA L 313 36.00 -35.05 -35.52
CA ALA L 313 35.54 -35.43 -34.19
C ALA L 313 36.37 -34.74 -33.13
N LYS L 314 37.69 -34.69 -33.33
CA LYS L 314 38.55 -33.94 -32.42
C LYS L 314 38.15 -32.48 -32.37
N ILE L 315 37.81 -31.91 -33.53
CA ILE L 315 37.37 -30.51 -33.55
C ILE L 315 36.07 -30.36 -32.76
N ALA L 316 35.11 -31.23 -33.01
CA ALA L 316 33.85 -31.19 -32.26
C ALA L 316 34.09 -31.40 -30.79
N GLU L 317 34.96 -32.35 -30.44
CA GLU L 317 35.31 -32.56 -29.05
C GLU L 317 35.84 -31.28 -28.42
N MET L 318 36.70 -30.57 -29.14
CA MET L 318 37.27 -29.34 -28.59
C MET L 318 36.26 -28.21 -28.59
N TRP L 319 35.51 -28.05 -29.68
CA TRP L 319 34.57 -26.93 -29.75
C TRP L 319 33.61 -26.96 -28.58
N THR L 320 33.14 -28.15 -28.22
CA THR L 320 32.30 -28.32 -27.05
C THR L 320 33.12 -28.68 -25.81
N LEU L 321 34.43 -28.54 -25.88
CA LEU L 321 35.30 -28.66 -24.71
C LEU L 321 34.99 -29.97 -23.98
N GLY L 322 35.09 -31.06 -24.74
CA GLY L 322 34.50 -32.30 -24.27
C GLY L 322 32.99 -32.22 -24.42
N GLY L 323 32.26 -32.30 -23.32
CA GLY L 323 30.84 -32.03 -23.39
C GLY L 323 30.46 -30.86 -22.51
N ARG L 324 31.46 -30.14 -22.02
CA ARG L 324 31.23 -29.17 -20.93
C ARG L 324 30.08 -28.23 -21.24
N LEU L 325 29.96 -27.80 -22.49
CA LEU L 325 29.07 -26.70 -22.84
C LEU L 325 28.11 -27.09 -23.98
N ILE L 326 27.73 -28.37 -24.04
CA ILE L 326 26.62 -28.78 -24.91
C ILE L 326 25.33 -28.10 -24.48
N GLU L 327 25.19 -27.76 -23.20
CA GLU L 327 23.97 -27.14 -22.72
C GLU L 327 23.67 -25.85 -23.46
N GLU L 328 24.70 -25.03 -23.69
CA GLU L 328 24.50 -23.77 -24.39
C GLU L 328 24.04 -24.03 -25.82
N PRO L 329 22.96 -23.39 -26.27
CA PRO L 329 22.52 -23.60 -27.66
C PRO L 329 23.44 -22.94 -28.66
N GLU L 330 24.03 -21.80 -28.31
CA GLU L 330 24.98 -21.09 -29.18
C GLU L 330 25.99 -22.05 -29.78
N ILE L 331 26.66 -22.84 -28.93
CA ILE L 331 27.76 -23.70 -29.37
C ILE L 331 27.31 -24.60 -30.52
N ILE L 332 26.13 -25.22 -30.37
CA ILE L 332 25.65 -26.18 -31.37
C ILE L 332 25.50 -25.51 -32.73
N ALA L 333 24.86 -24.35 -32.77
CA ALA L 333 24.70 -23.63 -34.03
C ALA L 333 26.05 -23.27 -34.64
N GLY L 334 26.92 -22.63 -33.84
CA GLY L 334 28.24 -22.25 -34.32
C GLY L 334 29.02 -23.41 -34.88
N LEU L 335 28.93 -24.57 -34.22
CA LEU L 335 29.63 -25.73 -34.74
C LEU L 335 29.05 -26.15 -36.07
N ALA L 336 27.75 -25.97 -36.24
CA ALA L 336 27.10 -26.31 -37.50
C ALA L 336 27.72 -25.52 -38.63
N ARG L 337 27.69 -24.19 -38.53
CA ARG L 337 28.39 -23.37 -39.51
C ARG L 337 29.84 -23.79 -39.69
N LEU L 338 30.52 -24.17 -38.60
CA LEU L 338 31.93 -24.46 -38.68
C LEU L 338 32.21 -25.64 -39.61
N LYS L 339 31.43 -26.72 -39.51
CA LYS L 339 31.67 -27.82 -40.44
C LYS L 339 31.38 -27.41 -41.87
N GLN L 340 30.50 -26.43 -42.05
CA GLN L 340 30.21 -25.98 -43.40
C GLN L 340 31.45 -25.45 -44.08
N ILE L 341 32.32 -24.79 -43.32
CA ILE L 341 33.59 -24.29 -43.87
C ILE L 341 34.61 -25.41 -43.95
N TRP L 342 34.72 -26.19 -42.87
CA TRP L 342 35.68 -27.30 -42.84
C TRP L 342 35.57 -28.12 -44.11
N SER L 343 34.34 -28.33 -44.59
CA SER L 343 34.12 -29.08 -45.82
C SER L 343 34.58 -28.31 -47.05
N LEU L 344 34.29 -27.01 -47.11
CA LEU L 344 34.70 -26.21 -48.27
C LEU L 344 36.22 -26.15 -48.39
N LEU L 345 36.92 -25.98 -47.28
CA LEU L 345 38.32 -25.57 -47.34
C LEU L 345 39.23 -26.74 -47.73
N GLN L 346 39.25 -27.78 -46.91
CA GLN L 346 40.20 -28.86 -47.09
C GLN L 346 39.73 -29.88 -48.13
N ILE L 347 38.62 -29.59 -48.79
CA ILE L 347 38.03 -30.52 -49.75
C ILE L 347 38.89 -30.62 -51.00
N ILE L 369 56.63 -31.17 -40.38
CA ILE L 369 56.18 -31.82 -41.60
C ILE L 369 54.95 -31.10 -42.16
N ALA L 370 54.20 -30.45 -41.27
CA ALA L 370 53.00 -29.72 -41.65
C ALA L 370 52.64 -28.76 -40.51
N SER L 371 51.70 -27.86 -40.81
CA SER L 371 51.29 -26.82 -39.86
C SER L 371 50.18 -27.32 -38.93
N PRO L 372 50.24 -26.93 -37.65
CA PRO L 372 49.20 -27.32 -36.70
C PRO L 372 47.97 -26.42 -36.79
N ILE L 373 46.89 -26.87 -36.15
CA ILE L 373 45.65 -26.10 -36.04
C ILE L 373 45.60 -25.53 -34.63
N ILE L 374 45.10 -24.29 -34.49
CA ILE L 374 45.15 -23.59 -33.21
C ILE L 374 43.74 -23.39 -32.69
N TRP L 375 43.60 -23.42 -31.36
CA TRP L 375 42.33 -23.16 -30.69
C TRP L 375 42.48 -22.09 -29.62
N ASN L 376 41.36 -21.49 -29.27
CA ASN L 376 41.29 -20.32 -28.41
C ASN L 376 40.03 -20.41 -27.56
N TYR L 377 40.18 -20.14 -26.28
CA TYR L 377 39.05 -20.08 -25.36
C TYR L 377 39.05 -18.72 -24.69
N GLU L 378 38.03 -17.93 -24.95
CA GLU L 378 37.97 -16.55 -24.49
C GLU L 378 37.13 -16.49 -23.23
N ILE L 379 37.75 -16.08 -22.13
CA ILE L 379 37.07 -16.06 -20.84
C ILE L 379 36.64 -14.64 -20.53
N HIS L 380 35.54 -14.21 -21.11
CA HIS L 380 34.90 -13.00 -20.65
C HIS L 380 34.61 -13.14 -19.16
N PRO L 381 34.96 -12.17 -18.33
CA PRO L 381 34.89 -12.39 -16.88
C PRO L 381 33.48 -12.55 -16.37
N GLY L 382 32.55 -11.71 -16.83
CA GLY L 382 31.18 -11.80 -16.32
C GLY L 382 30.52 -13.14 -16.62
N SER L 383 30.75 -13.68 -17.81
CA SER L 383 30.03 -14.86 -18.23
C SER L 383 30.50 -16.10 -17.46
N ARG L 384 29.77 -17.19 -17.65
CA ARG L 384 30.06 -18.44 -16.96
C ARG L 384 30.70 -19.48 -17.86
N PHE L 385 30.63 -19.33 -19.17
CA PHE L 385 31.32 -20.24 -20.07
C PHE L 385 32.39 -19.52 -20.89
N PRO L 386 33.37 -20.26 -21.39
CA PRO L 386 34.29 -19.70 -22.39
C PRO L 386 33.66 -19.74 -23.78
N VAL L 387 34.16 -18.88 -24.64
CA VAL L 387 33.78 -18.85 -26.05
C VAL L 387 34.94 -19.44 -26.85
N PRO L 388 34.71 -20.41 -27.71
CA PRO L 388 35.80 -21.00 -28.50
C PRO L 388 36.14 -20.16 -29.73
N LYS L 389 37.20 -20.57 -30.38
CA LYS L 389 37.65 -19.95 -31.62
C LYS L 389 38.73 -20.81 -32.22
N PHE L 390 38.67 -21.09 -33.52
CA PHE L 390 39.69 -21.91 -34.13
C PHE L 390 40.43 -21.12 -35.21
N TYR L 391 41.59 -21.65 -35.57
CA TYR L 391 42.48 -21.05 -36.56
C TYR L 391 42.87 -22.15 -37.53
N LEU L 392 42.65 -21.90 -38.82
CA LEU L 392 42.71 -22.99 -39.77
C LEU L 392 43.83 -22.75 -40.79
N PRO L 393 44.74 -23.71 -40.96
CA PRO L 393 45.88 -23.49 -41.87
C PRO L 393 45.42 -23.34 -43.31
N VAL L 394 45.94 -22.32 -43.99
CA VAL L 394 45.58 -22.08 -45.38
C VAL L 394 46.85 -22.14 -46.24
N HIS L 395 47.97 -21.70 -45.69
CA HIS L 395 49.26 -21.88 -46.34
C HIS L 395 49.50 -23.35 -46.61
N GLY L 396 49.72 -23.68 -47.89
CA GLY L 396 49.70 -25.04 -48.38
C GLY L 396 48.48 -25.34 -49.23
N GLU L 397 47.46 -24.51 -49.13
CA GLU L 397 46.26 -24.59 -49.95
C GLU L 397 46.26 -23.47 -50.98
N ASN L 398 45.90 -23.81 -52.22
CA ASN L 398 45.80 -22.83 -53.28
C ASN L 398 45.04 -21.59 -52.82
N ASP L 399 45.71 -20.44 -52.75
CA ASP L 399 45.10 -19.24 -52.23
C ASP L 399 43.90 -18.80 -53.04
N LEU L 400 43.76 -19.28 -54.27
CA LEU L 400 42.56 -19.01 -55.06
C LEU L 400 41.40 -19.91 -54.64
N HIS L 401 41.64 -21.22 -54.60
CA HIS L 401 40.65 -22.12 -54.03
C HIS L 401 40.16 -21.61 -52.68
N VAL L 402 41.07 -21.07 -51.86
CA VAL L 402 40.70 -20.55 -50.55
C VAL L 402 39.83 -19.32 -50.69
N ALA L 403 40.15 -18.44 -51.63
CA ALA L 403 39.30 -17.28 -51.88
C ALA L 403 37.93 -17.73 -52.36
N ARG L 404 37.91 -18.66 -53.33
CA ARG L 404 36.66 -19.20 -53.86
C ARG L 404 35.79 -19.79 -52.76
N ALA L 405 36.29 -20.86 -52.12
CA ALA L 405 35.52 -21.49 -51.06
C ALA L 405 35.14 -20.48 -49.99
N LEU L 406 36.04 -19.54 -49.69
CA LEU L 406 35.79 -18.57 -48.64
C LEU L 406 34.58 -17.70 -48.99
N ALA L 407 34.42 -17.37 -50.25
CA ALA L 407 33.35 -16.48 -50.65
C ALA L 407 32.00 -17.19 -50.72
N GLN L 408 31.95 -18.42 -51.23
CA GLN L 408 30.70 -19.16 -51.24
C GLN L 408 30.09 -19.17 -49.84
N PHE L 409 30.92 -19.42 -48.83
CA PHE L 409 30.47 -19.46 -47.46
C PHE L 409 29.85 -18.15 -46.99
N TRP L 410 30.20 -17.02 -47.62
CA TRP L 410 29.58 -15.78 -47.19
C TRP L 410 28.15 -15.67 -47.69
N ASP L 411 27.87 -16.12 -48.92
CA ASP L 411 26.49 -16.17 -49.38
C ASP L 411 25.63 -17.06 -48.48
N SER L 412 26.11 -18.27 -48.19
CA SER L 412 25.36 -19.12 -47.25
C SER L 412 24.99 -18.33 -46.01
N LEU L 413 25.92 -17.51 -45.52
CA LEU L 413 25.61 -16.60 -44.44
C LEU L 413 24.87 -15.38 -44.95
N GLY L 414 24.97 -15.08 -46.23
CA GLY L 414 24.25 -13.94 -46.75
C GLY L 414 24.96 -12.63 -46.51
N TRP L 415 26.26 -12.57 -46.76
CA TRP L 415 26.90 -11.27 -46.71
C TRP L 415 27.03 -10.78 -48.14
N PRO L 416 26.19 -9.83 -48.55
CA PRO L 416 26.11 -9.52 -49.98
C PRO L 416 27.41 -9.01 -50.55
N GLU L 417 27.96 -7.97 -49.95
CA GLU L 417 29.09 -7.29 -50.58
C GLU L 417 30.42 -7.99 -50.29
N HIS L 418 30.59 -8.55 -49.09
CA HIS L 418 31.86 -9.18 -48.75
C HIS L 418 32.12 -10.38 -49.65
N ALA L 419 31.08 -11.12 -49.99
CA ALA L 419 31.30 -12.33 -50.77
C ALA L 419 31.52 -12.02 -52.25
N CYS L 420 30.87 -10.98 -52.77
CA CYS L 420 30.98 -10.69 -54.19
C CYS L 420 32.35 -10.13 -54.53
N ALA L 421 32.87 -9.23 -53.71
CA ALA L 421 34.10 -8.51 -54.01
C ALA L 421 35.31 -9.02 -53.24
N TYR L 422 35.29 -10.25 -52.75
CA TYR L 422 36.48 -10.69 -52.00
C TYR L 422 37.68 -10.95 -52.91
N PRO L 423 37.63 -11.98 -53.77
CA PRO L 423 38.83 -12.31 -54.56
C PRO L 423 39.36 -11.14 -55.38
N ASP L 424 38.50 -10.21 -55.80
CA ASP L 424 39.01 -8.97 -56.37
C ASP L 424 39.77 -8.17 -55.33
N THR L 425 39.34 -8.25 -54.06
CA THR L 425 40.08 -7.60 -52.98
C THR L 425 41.38 -8.31 -52.67
N LEU L 426 41.49 -9.59 -52.99
CA LEU L 426 42.69 -10.34 -52.68
C LEU L 426 43.81 -10.01 -53.66
N GLN L 427 43.50 -9.96 -54.95
CA GLN L 427 44.53 -9.65 -55.94
C GLN L 427 45.02 -8.21 -55.80
N GLN L 428 44.11 -7.30 -55.43
CA GLN L 428 44.50 -5.89 -55.29
C GLN L 428 45.46 -5.67 -54.13
N LEU L 429 45.53 -6.61 -53.19
CA LEU L 429 46.55 -6.60 -52.14
C LEU L 429 47.86 -7.19 -52.60
N TYR L 430 47.86 -8.03 -53.62
CA TYR L 430 49.05 -8.73 -54.08
C TYR L 430 49.12 -8.65 -55.60
N PRO L 431 49.12 -7.44 -56.15
CA PRO L 431 49.14 -7.31 -57.61
C PRO L 431 50.40 -7.88 -58.25
N ASP L 432 51.52 -7.91 -57.53
CA ASP L 432 52.73 -8.51 -58.08
C ASP L 432 52.56 -10.01 -58.31
N GLN L 433 51.76 -10.68 -57.46
CA GLN L 433 51.57 -12.13 -57.52
C GLN L 433 50.33 -12.49 -58.34
N ASP L 434 50.28 -13.75 -58.77
CA ASP L 434 49.16 -14.29 -59.53
C ASP L 434 48.49 -15.39 -58.69
N ILE L 435 47.28 -15.10 -58.21
CA ILE L 435 46.62 -16.00 -57.27
C ILE L 435 46.44 -17.40 -57.85
N SER L 436 46.38 -17.50 -59.18
CA SER L 436 46.23 -18.80 -59.80
C SER L 436 47.24 -19.82 -59.29
N GLN L 437 48.47 -19.36 -58.97
CA GLN L 437 49.56 -20.26 -58.63
C GLN L 437 50.08 -20.09 -57.21
N THR L 438 49.50 -19.18 -56.43
CA THR L 438 50.03 -18.84 -55.12
C THR L 438 49.47 -19.73 -54.01
N THR L 439 50.27 -19.94 -53.00
CA THR L 439 49.89 -20.81 -51.89
C THR L 439 50.09 -20.16 -50.52
N ARG L 440 51.16 -19.40 -50.32
CA ARG L 440 51.50 -18.83 -49.02
C ARG L 440 50.83 -17.47 -48.77
N LEU L 441 50.12 -16.89 -49.74
CA LEU L 441 49.60 -15.54 -49.55
C LEU L 441 48.64 -15.40 -48.35
N GLN L 442 48.03 -16.52 -47.93
CA GLN L 442 46.99 -16.56 -46.96
C GLN L 442 47.09 -17.85 -46.11
N SER L 443 47.18 -17.65 -44.78
CA SER L 443 47.81 -18.63 -43.91
C SER L 443 46.90 -19.18 -42.83
N TRP L 444 46.05 -18.35 -42.22
CA TRP L 444 45.18 -18.83 -41.17
C TRP L 444 43.79 -18.24 -41.36
N ILE L 445 42.78 -18.95 -40.85
CA ILE L 445 41.42 -18.42 -40.78
C ILE L 445 40.90 -18.68 -39.38
N SER L 446 40.33 -17.65 -38.77
CA SER L 446 39.80 -17.71 -37.42
C SER L 446 38.28 -17.77 -37.48
N TYR L 447 37.70 -18.55 -36.58
CA TYR L 447 36.26 -18.74 -36.55
C TYR L 447 35.76 -18.60 -35.11
N SER L 448 34.80 -17.71 -34.93
CA SER L 448 34.09 -17.54 -33.68
C SER L 448 32.61 -17.46 -34.00
N TYR L 449 31.77 -17.82 -33.04
CA TYR L 449 30.33 -17.68 -33.24
C TYR L 449 29.67 -17.09 -32.00
N THR L 450 28.75 -16.16 -32.24
CA THR L 450 27.98 -15.56 -31.16
C THR L 450 26.53 -15.42 -31.59
N ALA L 451 25.62 -15.47 -30.63
CA ALA L 451 24.23 -15.13 -30.90
C ALA L 451 24.11 -13.67 -31.34
N LYS L 452 24.71 -12.77 -30.57
CA LYS L 452 24.62 -11.34 -30.89
C LYS L 452 25.40 -11.00 -32.16
N ARG L 453 26.72 -11.20 -32.13
CA ARG L 453 27.56 -10.78 -33.24
C ARG L 453 27.23 -11.53 -34.53
N GLY L 454 27.01 -12.84 -34.43
CA GLY L 454 26.90 -13.65 -35.62
C GLY L 454 28.15 -14.46 -35.85
N VAL L 455 28.81 -14.27 -36.99
CA VAL L 455 29.99 -15.06 -37.35
C VAL L 455 31.20 -14.13 -37.35
N TYR L 456 32.02 -14.23 -36.30
CA TYR L 456 33.38 -13.72 -36.34
C TYR L 456 34.23 -14.55 -37.29
N MET L 457 35.10 -13.89 -38.03
CA MET L 457 36.01 -14.62 -38.89
C MET L 457 37.09 -13.70 -39.44
N SER L 458 38.34 -14.12 -39.33
CA SER L 458 39.48 -13.27 -39.65
C SER L 458 40.46 -14.04 -40.51
N VAL L 459 41.15 -13.30 -41.36
CA VAL L 459 42.09 -13.89 -42.31
C VAL L 459 43.47 -13.29 -42.04
N TYR L 460 44.49 -14.15 -42.05
CA TYR L 460 45.86 -13.80 -41.74
C TYR L 460 46.71 -14.03 -42.97
N TYR L 461 47.47 -12.99 -43.35
CA TYR L 461 48.08 -12.91 -44.67
C TYR L 461 49.60 -12.95 -44.60
N HIS L 462 50.19 -13.19 -45.78
CA HIS L 462 51.62 -12.98 -46.01
C HIS L 462 51.91 -11.50 -45.88
N SER L 463 52.65 -11.09 -44.84
CA SER L 463 52.67 -9.70 -44.41
C SER L 463 53.98 -9.00 -44.75
N GLN L 464 54.73 -9.49 -45.73
CA GLN L 464 55.85 -8.77 -46.32
C GLN L 464 55.71 -8.83 -47.84
N SER L 465 56.54 -8.06 -48.54
CA SER L 465 56.38 -7.90 -49.97
C SER L 465 57.35 -8.73 -50.80
N THR L 466 58.10 -9.63 -50.18
CA THR L 466 59.00 -10.51 -50.92
C THR L 466 58.61 -11.96 -50.64
N TYR L 467 58.27 -12.68 -51.69
CA TYR L 467 57.66 -14.00 -51.61
C TYR L 467 58.55 -15.03 -52.30
N LEU L 468 58.81 -16.14 -51.62
CA LEU L 468 59.80 -17.10 -52.10
C LEU L 468 59.12 -18.20 -52.93
N PRO M 52 96.66 -5.03 -19.04
CA PRO M 52 95.88 -4.54 -20.19
C PRO M 52 95.95 -3.01 -20.34
N SER M 53 95.54 -2.50 -21.51
CA SER M 53 95.53 -1.06 -21.74
C SER M 53 94.30 -0.43 -21.08
N PRO M 54 94.42 0.83 -20.67
CA PRO M 54 93.49 1.39 -19.67
C PRO M 54 92.24 2.10 -20.19
N ALA M 55 92.38 3.01 -21.16
CA ALA M 55 91.35 4.02 -21.41
C ALA M 55 90.00 3.44 -21.79
N GLN M 56 89.96 2.22 -22.29
CA GLN M 56 88.72 1.59 -22.70
C GLN M 56 87.88 1.10 -21.52
N ALA M 57 88.20 1.53 -20.30
CA ALA M 57 87.37 1.22 -19.15
C ALA M 57 86.03 1.95 -19.18
N LEU M 58 85.97 3.10 -19.87
CA LEU M 58 84.72 3.87 -19.94
C LEU M 58 83.59 3.05 -20.54
N ALA M 59 83.90 2.22 -21.53
CA ALA M 59 82.87 1.46 -22.22
C ALA M 59 82.06 0.57 -21.28
N SER M 60 82.61 0.20 -20.12
CA SER M 60 81.93 -0.74 -19.23
C SER M 60 80.52 -0.27 -18.92
N TYR M 61 80.35 1.01 -18.63
CA TYR M 61 79.05 1.57 -18.27
C TYR M 61 78.48 2.46 -19.38
N HIS M 62 78.69 2.06 -20.63
CA HIS M 62 78.09 2.72 -21.78
C HIS M 62 77.54 1.67 -22.72
N HIS M 63 76.38 1.97 -23.33
CA HIS M 63 75.71 1.09 -24.29
C HIS M 63 75.64 1.77 -25.66
N PHE M 64 76.23 1.15 -26.67
CA PHE M 64 76.21 1.73 -28.02
C PHE M 64 74.85 1.50 -28.68
N PRO M 65 74.19 2.56 -29.15
CA PRO M 65 72.79 2.42 -29.59
C PRO M 65 72.60 1.43 -30.72
N THR M 66 73.39 1.53 -31.80
CA THR M 66 73.18 0.70 -32.98
C THR M 66 74.20 -0.43 -33.05
N ASN M 67 73.85 -1.48 -33.79
CA ASN M 67 74.81 -2.54 -34.03
C ASN M 67 76.00 -2.02 -34.81
N ASP M 68 75.78 -1.14 -35.78
CA ASP M 68 76.89 -0.58 -36.53
C ASP M 68 77.97 -0.04 -35.59
N GLN M 69 77.57 0.84 -34.66
CA GLN M 69 78.56 1.42 -33.76
C GLN M 69 79.25 0.36 -32.92
N GLU M 70 78.49 -0.58 -32.38
CA GLU M 70 79.11 -1.63 -31.59
C GLU M 70 80.23 -2.30 -32.37
N ARG M 71 79.99 -2.61 -33.64
CA ARG M 71 80.99 -3.32 -34.41
C ARG M 71 82.23 -2.46 -34.66
N TRP M 72 82.05 -1.16 -34.88
CA TRP M 72 83.21 -0.27 -35.02
C TRP M 72 84.01 -0.20 -33.73
N TRP M 73 83.33 -0.08 -32.59
CA TRP M 73 84.02 -0.09 -31.31
C TRP M 73 84.91 -1.30 -31.16
N GLU M 74 84.35 -2.48 -31.40
CA GLU M 74 85.11 -3.71 -31.29
C GLU M 74 86.28 -3.76 -32.29
N GLU M 75 86.15 -3.06 -33.42
CA GLU M 75 87.17 -3.14 -34.46
C GLU M 75 88.33 -2.19 -34.18
N THR M 76 88.05 -1.01 -33.64
CA THR M 76 89.09 -0.01 -33.40
C THR M 76 89.15 0.48 -31.96
N GLY M 77 88.25 0.06 -31.09
CA GLY M 77 88.22 0.61 -29.74
C GLY M 77 89.52 0.39 -28.97
N SER M 78 89.94 -0.87 -28.87
CA SER M 78 91.20 -1.16 -28.18
C SER M 78 92.37 -0.44 -28.83
N LEU M 79 92.40 -0.45 -30.17
CA LEU M 79 93.54 0.11 -30.89
C LEU M 79 93.74 1.57 -30.53
N PHE M 80 92.65 2.33 -30.46
CA PHE M 80 92.75 3.74 -30.08
C PHE M 80 93.21 3.88 -28.64
N SER M 81 92.73 3.00 -27.76
CA SER M 81 93.20 3.06 -26.38
C SER M 81 94.72 2.87 -26.32
N ARG M 82 95.25 1.99 -27.17
CA ARG M 82 96.69 1.76 -27.17
C ARG M 82 97.45 2.96 -27.70
N PHE M 83 96.94 3.63 -28.75
CA PHE M 83 97.67 4.79 -29.23
C PHE M 83 97.66 5.90 -28.20
N LEU M 84 96.58 6.06 -27.44
CA LEU M 84 96.60 7.00 -26.34
C LEU M 84 97.75 6.68 -25.39
N GLU M 85 97.88 5.40 -25.05
CA GLU M 85 98.97 4.95 -24.20
C GLU M 85 100.30 5.22 -24.88
N ALA M 86 100.45 4.78 -26.13
CA ALA M 86 101.68 5.03 -26.84
C ALA M 86 101.94 6.52 -27.02
N GLY M 87 100.93 7.35 -26.83
CA GLY M 87 101.11 8.78 -26.93
C GLY M 87 101.59 9.44 -25.68
N GLN M 88 101.72 8.68 -24.59
CA GLN M 88 102.22 9.22 -23.31
C GLN M 88 101.35 10.37 -22.82
N TYR M 89 100.04 10.21 -22.98
CA TYR M 89 99.08 11.20 -22.53
C TYR M 89 98.75 11.02 -21.06
N GLY M 90 98.46 12.14 -20.40
CA GLY M 90 98.00 12.06 -19.03
C GLY M 90 96.75 11.20 -18.92
N LEU M 91 96.70 10.40 -17.85
CA LEU M 91 95.57 9.48 -17.70
C LEU M 91 94.25 10.22 -17.78
N PRO M 92 94.07 11.38 -17.13
CA PRO M 92 92.82 12.15 -17.33
C PRO M 92 92.58 12.47 -18.79
N GLN M 93 93.63 12.90 -19.50
CA GLN M 93 93.46 13.26 -20.89
C GLN M 93 93.12 12.05 -21.74
N GLN M 94 93.72 10.89 -21.44
CA GLN M 94 93.36 9.69 -22.17
C GLN M 94 91.85 9.47 -22.13
N TYR M 95 91.28 9.47 -20.92
CA TYR M 95 89.83 9.32 -20.80
C TYR M 95 89.10 10.45 -21.48
N GLN M 96 89.66 11.66 -21.40
CA GLN M 96 88.99 12.82 -21.96
C GLN M 96 88.87 12.71 -23.48
N PHE M 97 89.96 12.31 -24.14
CA PHE M 97 89.87 12.08 -25.58
C PHE M 97 89.12 10.78 -25.86
N MET M 98 89.28 9.78 -25.01
CA MET M 98 88.51 8.56 -25.17
C MET M 98 87.04 8.89 -25.22
N PHE M 99 86.61 9.80 -24.35
CA PHE M 99 85.23 10.26 -24.36
C PHE M 99 84.85 10.82 -25.72
N PHE M 100 85.66 11.75 -26.22
CA PHE M 100 85.40 12.35 -27.52
C PHE M 100 85.31 11.30 -28.61
N PHE M 101 86.24 10.35 -28.63
CA PHE M 101 86.24 9.33 -29.67
C PHE M 101 84.93 8.57 -29.67
N MET M 102 84.43 8.21 -28.48
CA MET M 102 83.22 7.37 -28.42
C MET M 102 82.02 8.11 -28.96
N HIS M 103 81.84 9.38 -28.57
CA HIS M 103 80.62 10.12 -28.87
C HIS M 103 80.58 10.68 -30.29
N HIS M 104 81.70 11.12 -30.83
CA HIS M 104 81.64 11.87 -32.08
C HIS M 104 82.23 11.16 -33.26
N LEU M 105 83.14 10.22 -33.07
CA LEU M 105 83.76 9.57 -34.20
C LEU M 105 83.19 8.18 -34.48
N ILE M 106 82.81 7.44 -33.43
CA ILE M 106 82.20 6.13 -33.66
C ILE M 106 80.87 6.26 -34.38
N PRO M 107 79.97 7.16 -34.00
CA PRO M 107 78.76 7.39 -34.80
C PRO M 107 79.05 7.72 -36.27
N ALA M 108 80.09 8.50 -36.52
CA ALA M 108 80.40 8.99 -37.86
C ALA M 108 81.03 7.94 -38.77
N LEU M 109 81.41 6.77 -38.27
CA LEU M 109 82.01 5.77 -39.15
C LEU M 109 80.96 5.10 -40.04
N GLY M 110 79.69 5.08 -39.61
CA GLY M 110 78.63 4.52 -40.42
C GLY M 110 78.50 3.02 -40.29
N PRO M 111 77.95 2.38 -41.31
CA PRO M 111 77.75 0.93 -41.27
C PRO M 111 79.07 0.20 -41.01
N TYR M 112 79.02 -0.78 -40.10
CA TYR M 112 80.26 -1.51 -39.83
C TYR M 112 80.80 -2.23 -41.04
N PRO M 113 80.08 -3.15 -41.64
CA PRO M 113 80.53 -3.65 -42.95
C PRO M 113 80.53 -2.47 -43.91
N GLN M 114 81.65 -1.75 -43.99
CA GLN M 114 81.59 -0.46 -44.62
C GLN M 114 81.38 -0.62 -46.13
N LYS M 115 80.36 0.11 -46.64
CA LYS M 115 80.12 0.03 -48.09
C LYS M 115 80.81 1.16 -48.84
N TRP M 116 81.44 2.09 -48.14
CA TRP M 116 82.04 3.27 -48.72
C TRP M 116 83.54 3.15 -48.57
N ARG M 117 84.25 3.40 -49.67
CA ARG M 117 85.68 3.58 -49.60
C ARG M 117 85.97 5.06 -49.42
N SER M 118 86.75 5.37 -48.40
CA SER M 118 87.21 6.73 -48.19
C SER M 118 88.50 6.95 -48.94
N THR M 119 88.64 8.14 -49.51
CA THR M 119 89.85 8.47 -50.25
C THR M 119 91.07 8.49 -49.34
N ILE M 120 90.89 8.76 -48.04
CA ILE M 120 92.02 9.07 -47.17
C ILE M 120 92.88 7.86 -46.88
N SER M 121 92.31 6.68 -46.84
CA SER M 121 93.11 5.53 -46.44
C SER M 121 93.47 4.68 -47.65
N ARG M 122 94.65 4.05 -47.59
CA ARG M 122 95.03 3.13 -48.65
C ARG M 122 93.98 2.05 -48.82
N SER M 123 93.55 1.46 -47.71
CA SER M 123 92.51 0.43 -47.73
C SER M 123 91.13 1.00 -48.02
N GLY M 124 90.91 2.27 -47.67
CA GLY M 124 89.63 2.90 -47.89
C GLY M 124 88.82 3.05 -46.62
N LEU M 125 89.30 2.59 -45.49
CA LEU M 125 88.39 2.77 -44.37
C LEU M 125 88.51 4.19 -43.84
N PRO M 126 87.43 4.75 -43.33
CA PRO M 126 87.36 6.20 -43.12
C PRO M 126 88.26 6.76 -42.04
N ILE M 127 89.16 5.98 -41.48
CA ILE M 127 89.92 6.46 -40.33
C ILE M 127 91.36 5.92 -40.39
N GLU M 128 92.30 6.73 -39.90
CA GLU M 128 93.66 6.23 -39.65
C GLU M 128 94.34 7.08 -38.59
N PHE M 129 95.19 6.43 -37.81
CA PHE M 129 95.84 7.04 -36.66
C PHE M 129 97.29 7.38 -36.99
N SER M 130 97.76 8.50 -36.45
CA SER M 130 99.10 9.00 -36.71
C SER M 130 99.82 9.25 -35.39
N LEU M 131 101.13 9.02 -35.42
CA LEU M 131 102.03 9.42 -34.34
C LEU M 131 103.07 10.38 -34.89
N ASN M 132 103.13 11.59 -34.30
CA ASN M 132 104.11 12.58 -34.70
C ASN M 132 105.20 12.65 -33.65
N PHE M 133 106.45 12.40 -34.07
CA PHE M 133 107.59 12.40 -33.18
C PHE M 133 108.34 13.71 -33.29
N GLN M 134 108.78 14.23 -32.15
CA GLN M 134 109.47 15.51 -32.02
C GLN M 134 110.83 15.29 -31.34
N LYS M 135 111.59 16.38 -31.22
CA LYS M 135 112.91 16.32 -30.62
C LYS M 135 112.77 16.20 -29.12
N GLY M 136 112.69 14.96 -28.64
CA GLY M 136 112.76 14.63 -27.23
C GLY M 136 111.56 15.06 -26.40
N SER M 137 110.79 16.04 -26.87
CA SER M 137 109.63 16.47 -26.12
C SER M 137 108.72 15.30 -25.84
N HIS M 138 108.36 14.55 -26.88
CA HIS M 138 107.46 13.41 -26.80
C HIS M 138 106.84 13.14 -28.17
N ARG M 139 105.68 12.48 -28.17
CA ARG M 139 104.98 12.14 -29.39
C ARG M 139 103.53 12.59 -29.25
N LEU M 140 102.88 12.82 -30.40
CA LEU M 140 101.49 13.25 -30.46
C LEU M 140 100.68 12.27 -31.29
N LEU M 141 99.37 12.20 -31.00
CA LEU M 141 98.45 11.31 -31.68
C LEU M 141 97.57 12.12 -32.62
N ARG M 142 97.36 11.58 -33.83
CA ARG M 142 96.62 12.21 -34.90
C ARG M 142 95.56 11.25 -35.43
N ILE M 143 94.38 11.79 -35.78
CA ILE M 143 93.32 10.98 -36.39
C ILE M 143 92.84 11.64 -37.67
N GLY M 144 92.81 10.88 -38.75
CA GLY M 144 92.23 11.34 -40.00
C GLY M 144 90.87 10.70 -40.15
N PHE M 145 89.87 11.52 -40.44
CA PHE M 145 88.49 11.08 -40.39
C PHE M 145 87.76 11.45 -41.66
N GLU M 146 86.93 10.55 -42.17
CA GLU M 146 85.92 10.91 -43.15
C GLU M 146 84.58 10.39 -42.65
N PRO M 147 83.69 11.27 -42.19
CA PRO M 147 82.37 10.81 -41.71
C PRO M 147 81.62 10.06 -42.80
N VAL M 148 80.87 9.04 -42.38
CA VAL M 148 80.12 8.19 -43.29
C VAL M 148 78.77 7.84 -42.69
N SER M 149 77.79 7.55 -43.56
CA SER M 149 76.51 6.99 -43.13
C SER M 149 76.04 6.01 -44.18
N PHE M 150 74.90 5.36 -43.90
CA PHE M 150 74.32 4.43 -44.85
C PHE M 150 73.90 5.11 -46.14
N LEU M 151 73.62 6.41 -46.10
CA LEU M 151 73.35 7.15 -47.33
C LEU M 151 74.62 7.37 -48.17
N SER M 152 75.79 7.31 -47.54
CA SER M 152 77.01 7.62 -48.28
C SER M 152 77.12 6.70 -49.48
N GLY M 153 77.26 7.28 -50.67
CA GLY M 153 77.34 6.51 -51.89
C GLY M 153 76.02 6.16 -52.53
N SER M 154 74.89 6.62 -51.99
CA SER M 154 73.59 6.27 -52.55
C SER M 154 73.07 7.41 -53.43
N SER M 155 71.85 7.21 -53.93
CA SER M 155 71.21 8.23 -54.77
C SER M 155 71.01 9.54 -54.02
N GLN M 156 70.70 9.47 -52.73
CA GLN M 156 70.41 10.70 -52.01
C GLN M 156 71.67 11.52 -51.77
N ASP M 157 72.83 10.84 -51.69
CA ASP M 157 74.11 11.51 -51.54
C ASP M 157 75.20 10.62 -52.12
N PRO M 158 75.39 10.68 -53.44
CA PRO M 158 76.35 9.75 -54.07
C PRO M 158 77.80 10.09 -53.78
N PHE M 159 78.10 11.33 -53.37
CA PHE M 159 79.48 11.75 -53.13
C PHE M 159 79.70 12.22 -51.70
N ASN M 160 78.87 11.79 -50.75
CA ASN M 160 79.19 11.85 -49.33
C ASN M 160 79.42 13.28 -48.85
N ARG M 161 78.47 14.17 -49.16
CA ARG M 161 78.55 15.51 -48.58
C ARG M 161 77.83 15.62 -47.23
N ILE M 162 76.79 14.81 -47.01
CA ILE M 162 75.89 15.05 -45.88
C ILE M 162 76.66 14.85 -44.59
N PRO M 163 77.35 13.72 -44.42
CA PRO M 163 78.04 13.48 -43.14
C PRO M 163 79.00 14.59 -42.78
N ILE M 164 79.65 15.19 -43.78
CA ILE M 164 80.61 16.25 -43.51
C ILE M 164 79.95 17.39 -42.75
N THR M 165 78.80 17.86 -43.23
CA THR M 165 78.13 18.98 -42.59
C THR M 165 77.53 18.59 -41.25
N ASP M 166 77.07 17.35 -41.12
CA ASP M 166 76.56 16.90 -39.82
C ASP M 166 77.63 16.98 -38.75
N LEU M 167 78.78 16.34 -38.99
CA LEU M 167 79.87 16.38 -38.02
C LEU M 167 80.35 17.81 -37.75
N LEU M 168 80.35 18.66 -38.77
CA LEU M 168 80.83 20.01 -38.57
C LEU M 168 79.94 20.77 -37.59
N ASN M 169 78.67 20.37 -37.46
CA ASN M 169 77.80 21.01 -36.48
C ASN M 169 77.98 20.41 -35.08
N ARG M 170 78.21 19.11 -34.98
CA ARG M 170 78.55 18.57 -33.67
C ARG M 170 79.70 19.37 -33.08
N LEU M 171 80.75 19.58 -33.88
CA LEU M 171 81.97 20.20 -33.39
C LEU M 171 81.73 21.65 -33.00
N SER M 172 80.94 22.38 -33.80
CA SER M 172 80.63 23.75 -33.43
C SER M 172 79.81 23.82 -32.14
N LYS M 173 79.00 22.80 -31.87
CA LYS M 173 78.26 22.78 -30.62
C LYS M 173 79.17 22.55 -29.43
N LEU M 174 80.16 21.66 -29.57
CA LEU M 174 81.13 21.48 -28.51
C LEU M 174 81.85 22.79 -28.27
N GLN M 175 82.06 23.11 -27.00
CA GLN M 175 82.77 24.33 -26.63
C GLN M 175 84.27 24.07 -26.81
N LEU M 176 84.76 24.39 -28.00
CA LEU M 176 86.14 24.15 -28.38
C LEU M 176 86.92 25.45 -28.48
N SER M 177 88.14 25.45 -27.93
CA SER M 177 88.92 26.67 -27.90
C SER M 177 89.39 27.02 -29.31
N ASN M 178 89.16 28.27 -29.71
CA ASN M 178 89.71 28.80 -30.94
C ASN M 178 89.21 28.01 -32.15
N PHE M 179 87.88 27.91 -32.26
CA PHE M 179 87.27 27.11 -33.32
C PHE M 179 86.40 28.01 -34.17
N ASP M 180 86.89 28.34 -35.37
CA ASP M 180 86.12 29.06 -36.38
C ASP M 180 86.04 28.22 -37.65
N THR M 181 84.91 28.33 -38.34
CA THR M 181 84.75 27.56 -39.56
C THR M 181 84.84 28.42 -40.82
N PRO M 182 84.93 29.76 -40.73
CA PRO M 182 84.76 30.55 -41.97
C PRO M 182 85.68 30.12 -43.10
N PHE M 183 86.96 29.91 -42.81
CA PHE M 183 87.90 29.59 -43.87
C PHE M 183 87.51 28.27 -44.56
N PHE M 184 87.15 27.27 -43.77
CA PHE M 184 86.79 25.99 -44.34
C PHE M 184 85.49 26.07 -45.13
N GLN M 185 84.48 26.74 -44.56
CA GLN M 185 83.25 26.95 -45.30
C GLN M 185 83.52 27.54 -46.67
N HIS M 186 84.45 28.50 -46.73
CA HIS M 186 84.81 29.12 -47.99
C HIS M 186 85.25 28.08 -49.02
N LEU M 187 86.09 27.13 -48.61
CA LEU M 187 86.57 26.13 -49.55
C LEU M 187 85.46 25.18 -49.98
N LEU M 188 84.63 24.72 -49.04
CA LEU M 188 83.51 23.84 -49.41
C LEU M 188 82.61 24.50 -50.44
N SER M 189 82.16 25.73 -50.16
CA SER M 189 81.31 26.44 -51.10
C SER M 189 81.95 26.46 -52.48
N LYS M 190 83.26 26.68 -52.54
CA LYS M 190 84.00 26.71 -53.80
C LYS M 190 84.00 25.38 -54.53
N PHE M 191 83.58 24.29 -53.91
CA PHE M 191 83.69 23.00 -54.56
C PHE M 191 82.41 22.17 -54.49
N GLN M 192 81.24 22.81 -54.39
CA GLN M 192 80.00 22.03 -54.39
C GLN M 192 79.57 21.73 -55.83
N LEU M 193 78.45 21.01 -55.99
CA LEU M 193 78.19 20.40 -57.29
C LEU M 193 76.79 20.64 -57.86
N SER M 194 75.74 20.15 -57.20
CA SER M 194 74.35 20.37 -57.64
C SER M 194 73.97 19.57 -58.88
N LEU M 195 73.68 20.27 -59.99
CA LEU M 195 73.45 19.58 -61.26
C LEU M 195 74.68 18.82 -61.70
N SER M 196 75.85 19.21 -61.19
CA SER M 196 77.09 18.51 -61.51
C SER M 196 77.01 17.06 -61.08
N GLU M 197 76.40 16.79 -59.93
CA GLU M 197 76.17 15.41 -59.50
C GLU M 197 75.59 14.58 -60.62
N VAL M 198 74.56 15.10 -61.30
CA VAL M 198 73.89 14.30 -62.32
C VAL M 198 74.89 13.96 -63.44
N ARG M 199 75.63 14.97 -63.90
CA ARG M 199 76.69 14.74 -64.88
C ARG M 199 77.65 13.68 -64.38
N GLN M 200 78.08 13.86 -63.13
CA GLN M 200 79.11 13.00 -62.55
C GLN M 200 78.62 11.57 -62.40
N LEU M 201 77.39 11.37 -61.89
CA LEU M 201 76.81 10.03 -61.81
C LEU M 201 77.01 9.25 -63.11
N GLN M 202 76.88 9.90 -64.25
CA GLN M 202 77.23 9.26 -65.50
C GLN M 202 78.74 9.14 -65.64
N PRO M 212 86.67 5.29 -59.38
CA PRO M 212 87.77 6.09 -58.84
C PRO M 212 87.59 6.44 -57.36
N LEU M 213 87.90 7.68 -56.99
CA LEU M 213 87.84 8.14 -55.60
C LEU M 213 86.73 9.17 -55.50
N LYS M 214 85.84 9.00 -54.52
CA LYS M 214 84.61 9.76 -54.53
C LYS M 214 84.50 10.86 -53.48
N SER M 215 85.29 10.81 -52.41
CA SER M 215 85.08 11.74 -51.30
C SER M 215 85.46 13.16 -51.67
N GLN M 216 84.75 14.12 -51.05
CA GLN M 216 84.98 15.53 -51.30
C GLN M 216 85.61 16.26 -50.14
N ALA M 217 85.61 15.66 -48.95
CA ALA M 217 86.22 16.33 -47.80
C ALA M 217 86.49 15.28 -46.74
N ALA M 218 87.29 15.66 -45.76
CA ALA M 218 87.65 14.79 -44.65
C ALA M 218 88.12 15.67 -43.50
N PHE M 219 88.31 15.05 -42.35
CA PHE M 219 88.67 15.76 -41.14
C PHE M 219 89.96 15.21 -40.57
N GLY M 220 90.57 16.04 -39.73
CA GLY M 220 91.74 15.60 -39.02
C GLY M 220 91.68 16.08 -37.58
N PHE M 221 92.20 15.28 -36.65
CA PHE M 221 92.17 15.64 -35.24
C PHE M 221 93.56 15.48 -34.64
N ASP M 222 94.11 16.58 -34.13
CA ASP M 222 95.38 16.60 -33.40
C ASP M 222 95.07 16.75 -31.93
N PHE M 223 95.51 15.79 -31.12
CA PHE M 223 95.31 15.81 -29.69
C PHE M 223 96.61 16.29 -29.06
N ASN M 224 96.68 17.54 -28.66
CA ASN M 224 97.93 18.02 -28.11
C ASN M 224 98.05 17.53 -26.67
N PRO M 225 99.24 17.63 -26.07
CA PRO M 225 99.43 17.05 -24.73
C PRO M 225 98.48 17.64 -23.70
N ASP M 226 98.22 18.93 -23.77
CA ASP M 226 97.12 19.52 -23.02
C ASP M 226 95.81 18.92 -23.50
N GLY M 227 94.81 18.91 -22.63
CA GLY M 227 93.53 18.35 -23.01
C GLY M 227 92.73 19.15 -24.03
N ALA M 228 93.34 19.45 -25.18
CA ALA M 228 92.70 20.28 -26.20
C ALA M 228 92.88 19.63 -27.56
N ILE M 229 91.81 19.60 -28.33
CA ILE M 229 91.80 19.06 -29.67
C ILE M 229 91.83 20.21 -30.66
N LEU M 230 92.58 20.03 -31.75
CA LEU M 230 92.62 20.99 -32.85
C LEU M 230 92.10 20.28 -34.09
N VAL M 231 91.23 20.94 -34.83
CA VAL M 231 90.51 20.32 -35.93
C VAL M 231 91.14 20.71 -37.26
N LYS M 232 91.42 19.72 -38.09
CA LYS M 232 92.01 19.91 -39.40
C LYS M 232 91.02 19.41 -40.43
N GLY M 233 90.83 20.20 -41.48
CA GLY M 233 89.88 19.88 -42.53
C GLY M 233 90.53 19.79 -43.90
N TYR M 234 90.00 18.90 -44.72
CA TYR M 234 90.53 18.66 -46.05
C TYR M 234 89.43 18.90 -47.08
N VAL M 235 89.84 19.11 -48.33
CA VAL M 235 88.93 19.33 -49.45
C VAL M 235 89.56 18.67 -50.67
N PHE M 236 88.74 17.97 -51.45
CA PHE M 236 89.20 17.20 -52.60
C PHE M 236 88.59 17.77 -53.88
N PRO M 237 89.29 18.67 -54.56
CA PRO M 237 88.68 19.37 -55.69
C PRO M 237 88.63 18.57 -56.98
N TYR M 238 89.07 17.31 -56.98
CA TYR M 238 89.05 16.54 -58.22
C TYR M 238 87.64 16.42 -58.77
N LEU M 239 86.66 16.20 -57.90
CA LEU M 239 85.29 16.07 -58.38
C LEU M 239 84.83 17.37 -59.03
N LYS M 240 84.93 18.49 -58.30
CA LYS M 240 84.53 19.78 -58.84
C LYS M 240 85.27 20.09 -60.14
N ALA M 241 86.56 19.79 -60.19
CA ALA M 241 87.33 20.03 -61.41
C ALA M 241 86.89 19.13 -62.54
N LYS M 242 86.61 17.86 -62.24
CA LYS M 242 86.23 16.90 -63.27
C LYS M 242 84.88 17.26 -63.90
N ALA M 243 83.92 17.72 -63.07
CA ALA M 243 82.61 18.03 -63.61
C ALA M 243 82.67 19.19 -64.58
N ALA M 244 83.38 20.26 -64.23
CA ALA M 244 83.44 21.44 -65.08
C ALA M 244 84.46 21.31 -66.20
N ASP M 245 85.15 20.16 -66.31
CA ASP M 245 86.20 19.98 -67.31
C ASP M 245 87.21 21.14 -67.29
N VAL M 246 87.65 21.50 -66.08
CA VAL M 246 88.64 22.56 -65.88
C VAL M 246 89.80 21.95 -65.10
N PRO M 247 91.06 22.24 -65.47
CA PRO M 247 92.19 21.67 -64.73
C PRO M 247 92.19 22.10 -63.27
N VAL M 248 92.62 21.17 -62.41
CA VAL M 248 92.47 21.35 -60.97
C VAL M 248 93.16 22.65 -60.54
N GLY M 249 94.38 22.87 -61.03
CA GLY M 249 95.13 24.02 -60.58
C GLY M 249 94.43 25.34 -60.88
N THR M 250 93.79 25.43 -62.05
CA THR M 250 93.16 26.69 -62.44
C THR M 250 92.11 27.11 -61.41
N LEU M 251 91.29 26.16 -60.98
CA LEU M 251 90.29 26.53 -59.98
C LEU M 251 90.88 26.54 -58.58
N ILE M 252 91.89 25.72 -58.32
CA ILE M 252 92.59 25.84 -57.05
C ILE M 252 93.21 27.22 -56.93
N ALA M 253 93.94 27.65 -57.97
CA ALA M 253 94.51 28.98 -57.95
C ALA M 253 93.42 30.02 -57.78
N GLU M 254 92.34 29.89 -58.55
CA GLU M 254 91.27 30.87 -58.45
C GLU M 254 90.60 30.79 -57.08
N ALA M 255 90.57 29.59 -56.49
CA ALA M 255 90.03 29.44 -55.14
C ALA M 255 90.88 30.18 -54.12
N VAL M 256 92.20 29.99 -54.18
CA VAL M 256 93.09 30.74 -53.30
C VAL M 256 92.97 32.23 -53.57
N ARG M 257 92.84 32.60 -54.85
CA ARG M 257 92.73 34.01 -55.20
C ARG M 257 91.47 34.62 -54.60
N THR M 258 90.37 33.87 -54.59
CA THR M 258 89.10 34.36 -54.04
C THR M 258 89.24 34.71 -52.56
N ILE M 259 90.15 34.06 -51.85
CA ILE M 259 90.45 34.42 -50.48
C ILE M 259 91.52 35.51 -50.39
N ASP M 260 92.09 35.92 -51.54
CA ASP M 260 93.17 36.92 -51.54
C ASP M 260 92.64 38.33 -51.31
N VAL M 261 91.59 38.73 -52.04
CA VAL M 261 90.91 39.96 -51.64
C VAL M 261 90.31 39.79 -50.25
N GLU M 262 89.99 38.55 -49.87
CA GLU M 262 89.54 38.26 -48.51
C GLU M 262 90.68 38.42 -47.51
N ARG M 263 91.88 37.96 -47.89
CA ARG M 263 93.17 38.47 -47.39
C ARG M 263 94.33 37.93 -48.22
N ASN M 264 95.06 38.85 -48.85
CA ASN M 264 96.09 38.53 -49.83
C ASN M 264 97.42 38.21 -49.17
N GLN M 265 97.41 37.27 -48.22
CA GLN M 265 98.63 36.85 -47.54
C GLN M 265 99.17 35.55 -48.08
N PHE M 266 98.41 34.84 -48.89
CA PHE M 266 98.80 33.58 -49.47
C PHE M 266 99.25 33.72 -50.92
N THR M 267 99.08 34.91 -51.50
CA THR M 267 99.39 35.14 -52.92
C THR M 267 100.84 34.75 -53.23
N HIS M 268 101.79 35.38 -52.53
CA HIS M 268 103.20 35.21 -52.87
C HIS M 268 103.61 33.74 -52.80
N ALA M 269 103.41 33.11 -51.65
CA ALA M 269 103.84 31.72 -51.49
C ALA M 269 103.12 30.80 -52.47
N PHE M 270 101.82 30.98 -52.65
CA PHE M 270 101.09 30.08 -53.53
C PHE M 270 101.51 30.27 -54.98
N GLY M 271 101.35 31.49 -55.50
CA GLY M 271 101.80 31.78 -56.85
C GLY M 271 103.21 31.25 -57.09
N LEU M 272 103.99 31.15 -56.02
CA LEU M 272 105.29 30.53 -56.08
C LEU M 272 105.17 29.01 -56.26
N ILE M 273 104.15 28.40 -55.67
CA ILE M 273 103.93 26.97 -55.83
C ILE M 273 103.25 26.66 -57.16
N ASN M 274 102.25 27.44 -57.52
CA ASN M 274 101.51 27.18 -58.74
C ASN M 274 102.42 27.23 -59.97
N ASP M 275 103.47 28.04 -59.91
CA ASP M 275 104.43 28.10 -61.02
C ASP M 275 105.18 26.79 -61.18
N TYR M 276 105.70 26.25 -60.07
CA TYR M 276 106.42 24.99 -60.18
C TYR M 276 105.51 23.85 -60.63
N MET M 277 104.27 23.85 -60.11
CA MET M 277 103.31 22.80 -60.46
C MET M 277 103.02 22.83 -61.95
N GLN M 278 102.88 24.03 -62.50
CA GLN M 278 102.68 24.17 -63.94
C GLN M 278 103.96 23.88 -64.72
N GLU M 279 105.13 24.24 -64.18
CA GLU M 279 106.37 23.82 -64.82
C GLU M 279 106.42 22.30 -64.98
N SER M 280 106.23 21.59 -63.88
CA SER M 280 106.55 20.17 -63.79
C SER M 280 105.39 19.27 -64.13
N THR M 281 104.26 19.83 -64.56
CA THR M 281 103.04 19.04 -64.69
C THR M 281 102.74 18.32 -63.39
N GLY M 282 102.95 19.03 -62.27
CA GLY M 282 102.76 18.44 -60.96
C GLY M 282 101.30 18.26 -60.60
N TYR M 283 100.45 19.20 -61.01
CA TYR M 283 99.02 19.09 -60.79
C TYR M 283 98.46 17.83 -61.44
N ASN M 284 97.50 17.21 -60.77
CA ASN M 284 96.93 15.95 -61.23
C ASN M 284 95.61 15.71 -60.50
N GLU M 285 94.98 14.57 -60.80
CA GLU M 285 93.73 14.21 -60.13
C GLU M 285 93.92 14.15 -58.62
N TYR M 286 95.07 13.67 -58.17
CA TYR M 286 95.29 13.44 -56.75
C TYR M 286 95.56 14.72 -55.96
N THR M 287 95.83 15.84 -56.63
CA THR M 287 96.09 17.08 -55.89
C THR M 287 94.85 17.45 -55.08
N PHE M 288 95.06 17.83 -53.82
CA PHE M 288 93.95 18.30 -53.00
C PHE M 288 94.48 19.32 -51.99
N LEU M 289 93.60 19.73 -51.07
CA LEU M 289 93.83 20.93 -50.30
C LEU M 289 93.49 20.68 -48.84
N SER M 290 94.00 21.54 -47.96
CA SER M 290 93.87 21.36 -46.51
C SER M 290 93.83 22.72 -45.83
N CYS M 291 93.52 22.74 -44.54
CA CYS M 291 93.55 23.97 -43.77
C CYS M 291 93.29 23.63 -42.31
N ASP M 292 93.33 24.65 -41.49
CA ASP M 292 93.05 24.54 -40.07
C ASP M 292 91.75 25.28 -39.73
N PHE M 293 91.09 24.82 -38.66
CA PHE M 293 89.84 25.41 -38.19
C PHE M 293 90.14 26.45 -37.12
N VAL M 294 90.61 27.63 -37.54
CA VAL M 294 90.89 28.70 -36.59
C VAL M 294 90.99 30.01 -37.34
N GLU M 295 90.83 31.11 -36.61
CA GLU M 295 91.26 32.44 -37.00
C GLU M 295 92.24 32.42 -38.17
N THR M 296 91.99 33.27 -39.17
CA THR M 296 92.82 33.29 -40.38
C THR M 296 94.28 33.56 -40.04
N SER M 297 94.55 34.40 -39.04
CA SER M 297 95.93 34.75 -38.74
C SER M 297 96.77 33.51 -38.47
N GLU M 298 96.28 32.61 -37.63
CA GLU M 298 97.02 31.43 -37.22
C GLU M 298 96.78 30.24 -38.14
N GLN M 299 96.23 30.45 -39.32
CA GLN M 299 95.88 29.33 -40.17
C GLN M 299 97.00 29.04 -41.15
N ARG M 300 97.19 27.76 -41.43
CA ARG M 300 98.28 27.28 -42.26
C ARG M 300 97.65 26.48 -43.39
N LEU M 301 97.45 27.09 -44.55
CA LEU M 301 96.83 26.31 -45.62
C LEU M 301 97.93 25.54 -46.33
N LYS M 302 97.58 24.34 -46.79
CA LYS M 302 98.53 23.37 -47.31
C LYS M 302 98.01 22.83 -48.64
N ILE M 303 98.91 22.61 -49.60
CA ILE M 303 98.57 21.95 -50.85
C ILE M 303 99.25 20.59 -50.91
N TYR M 304 98.46 19.55 -51.19
CA TYR M 304 99.03 18.21 -51.31
C TYR M 304 98.97 17.78 -52.78
N GLY M 305 99.80 16.79 -53.12
CA GLY M 305 99.83 16.20 -54.44
C GLY M 305 100.57 14.88 -54.40
N ALA M 306 100.65 14.22 -55.54
CA ALA M 306 101.30 12.92 -55.63
C ALA M 306 102.08 12.80 -56.94
N HIS M 307 102.98 11.81 -56.96
CA HIS M 307 103.70 11.40 -58.16
C HIS M 307 103.82 9.89 -58.21
N THR M 308 103.54 9.33 -59.39
CA THR M 308 103.55 7.89 -59.58
C THR M 308 104.95 7.31 -59.37
N GLU M 309 105.91 7.76 -60.16
CA GLU M 309 107.29 7.34 -60.05
C GLU M 309 108.16 8.55 -59.80
N VAL M 310 109.10 8.41 -58.87
CA VAL M 310 109.91 9.54 -58.41
C VAL M 310 111.30 9.03 -58.09
N THR M 311 112.31 9.72 -58.61
CA THR M 311 113.71 9.43 -58.31
C THR M 311 114.19 10.36 -57.21
N TRP M 312 115.40 10.11 -56.73
CA TRP M 312 115.95 11.06 -55.77
C TRP M 312 116.04 12.46 -56.37
N ALA M 313 116.54 12.57 -57.61
CA ALA M 313 116.62 13.87 -58.26
C ALA M 313 115.24 14.53 -58.36
N LYS M 314 114.22 13.75 -58.73
CA LYS M 314 112.87 14.30 -58.74
C LYS M 314 112.49 14.78 -57.35
N ILE M 315 112.87 14.02 -56.32
CA ILE M 315 112.57 14.43 -54.95
C ILE M 315 113.27 15.74 -54.62
N ALA M 316 114.57 15.82 -54.96
CA ALA M 316 115.31 17.06 -54.74
C ALA M 316 114.70 18.21 -55.54
N GLU M 317 114.32 17.95 -56.79
CA GLU M 317 113.63 18.95 -57.59
C GLU M 317 112.36 19.43 -56.91
N MET M 318 111.57 18.52 -56.32
CA MET M 318 110.33 18.91 -55.67
C MET M 318 110.58 19.59 -54.32
N TRP M 319 111.45 19.03 -53.49
CA TRP M 319 111.69 19.62 -52.17
C TRP M 319 112.16 21.07 -52.31
N THR M 320 113.01 21.34 -53.28
CA THR M 320 113.45 22.70 -53.57
C THR M 320 112.58 23.38 -54.61
N LEU M 321 111.43 22.79 -54.94
CA LEU M 321 110.41 23.44 -55.75
C LEU M 321 111.02 24.00 -57.03
N GLY M 322 111.70 23.11 -57.77
CA GLY M 322 112.58 23.55 -58.83
C GLY M 322 113.85 24.13 -58.25
N GLY M 323 114.11 25.40 -58.49
CA GLY M 323 115.20 26.06 -57.78
C GLY M 323 114.71 27.22 -56.94
N ARG M 324 113.38 27.31 -56.82
CA ARG M 324 112.75 28.51 -56.28
C ARG M 324 113.34 28.94 -54.95
N LEU M 325 113.63 27.99 -54.06
CA LEU M 325 113.95 28.30 -52.66
C LEU M 325 115.28 27.68 -52.25
N ILE M 326 116.20 27.53 -53.20
CA ILE M 326 117.59 27.22 -52.87
C ILE M 326 118.19 28.31 -52.01
N GLU M 327 117.69 29.54 -52.13
CA GLU M 327 118.23 30.64 -51.34
C GLU M 327 118.11 30.38 -49.85
N GLU M 328 116.98 29.85 -49.42
CA GLU M 328 116.79 29.56 -47.99
C GLU M 328 117.74 28.47 -47.51
N PRO M 329 118.47 28.71 -46.42
CA PRO M 329 119.37 27.66 -45.91
C PRO M 329 118.63 26.49 -45.28
N GLU M 330 117.49 26.77 -44.63
CA GLU M 330 116.67 25.71 -44.04
C GLU M 330 116.46 24.55 -45.00
N ILE M 331 115.95 24.85 -46.19
CA ILE M 331 115.62 23.80 -47.16
C ILE M 331 116.82 22.89 -47.40
N ILE M 332 118.00 23.49 -47.60
CA ILE M 332 119.19 22.70 -47.88
C ILE M 332 119.45 21.73 -46.73
N ALA M 333 119.38 22.24 -45.50
CA ALA M 333 119.60 21.36 -44.37
C ALA M 333 118.56 20.24 -44.34
N GLY M 334 117.29 20.61 -44.41
CA GLY M 334 116.23 19.62 -44.38
C GLY M 334 116.40 18.54 -45.44
N LEU M 335 116.84 18.94 -46.64
CA LEU M 335 117.01 17.96 -47.70
C LEU M 335 118.16 17.00 -47.41
N ALA M 336 119.21 17.48 -46.73
CA ALA M 336 120.29 16.58 -46.37
C ALA M 336 119.77 15.43 -45.51
N ARG M 337 119.16 15.78 -44.37
CA ARG M 337 118.57 14.78 -43.50
C ARG M 337 117.62 13.88 -44.27
N LEU M 338 116.88 14.45 -45.22
CA LEU M 338 115.86 13.68 -45.90
C LEU M 338 116.48 12.50 -46.67
N LYS M 339 117.59 12.73 -47.38
CA LYS M 339 118.21 11.63 -48.10
C LYS M 339 118.77 10.60 -47.13
N GLN M 340 119.10 11.03 -45.92
CA GLN M 340 119.57 10.10 -44.90
C GLN M 340 118.51 9.04 -44.61
N ILE M 341 117.24 9.42 -44.65
CA ILE M 341 116.17 8.45 -44.42
C ILE M 341 115.88 7.67 -45.69
N TRP M 342 115.78 8.38 -46.83
CA TRP M 342 115.48 7.72 -48.10
C TRP M 342 116.36 6.49 -48.28
N SER M 343 117.64 6.60 -47.89
CA SER M 343 118.59 5.51 -48.01
C SER M 343 118.29 4.37 -47.04
N LEU M 344 117.94 4.71 -45.80
CA LEU M 344 117.63 3.67 -44.82
C LEU M 344 116.40 2.86 -45.23
N LEU M 345 115.37 3.53 -45.76
CA LEU M 345 114.06 2.92 -45.87
C LEU M 345 113.96 1.95 -47.04
N GLN M 346 114.18 2.43 -48.26
CA GLN M 346 113.96 1.61 -49.45
C GLN M 346 115.18 0.74 -49.77
N ILE M 347 116.20 0.75 -48.93
CA ILE M 347 117.43 0.03 -49.20
C ILE M 347 117.20 -1.48 -49.10
N ILE M 369 99.37 -0.56 -59.38
CA ILE M 369 100.45 -1.54 -59.36
C ILE M 369 101.31 -1.32 -58.10
N ALA M 370 101.32 -0.09 -57.61
CA ALA M 370 102.10 0.28 -56.44
C ALA M 370 101.57 1.61 -55.91
N SER M 371 102.02 1.97 -54.72
CA SER M 371 101.58 3.18 -54.03
C SER M 371 102.41 4.39 -54.47
N PRO M 372 101.77 5.54 -54.64
CA PRO M 372 102.50 6.77 -55.00
C PRO M 372 103.11 7.43 -53.77
N ILE M 373 104.04 8.38 -54.02
CA ILE M 373 104.67 9.16 -52.95
C ILE M 373 104.02 10.55 -52.97
N ILE M 374 103.78 11.11 -51.78
CA ILE M 374 102.99 12.33 -51.64
C ILE M 374 103.85 13.48 -51.14
N TRP M 375 103.49 14.69 -51.55
CA TRP M 375 104.16 15.91 -51.12
C TRP M 375 103.15 16.91 -50.55
N ASN M 376 103.69 17.88 -49.82
CA ASN M 376 102.92 18.88 -49.10
C ASN M 376 103.68 20.20 -49.10
N TYR M 377 102.97 21.30 -49.37
CA TYR M 377 103.56 22.64 -49.28
C TYR M 377 102.70 23.47 -48.36
N GLU M 378 103.24 23.87 -47.23
CA GLU M 378 102.48 24.54 -46.19
C GLU M 378 102.70 26.04 -46.31
N ILE M 379 101.62 26.77 -46.56
CA ILE M 379 101.70 28.21 -46.75
C ILE M 379 101.28 28.91 -45.47
N HIS M 380 102.17 28.99 -44.50
CA HIS M 380 101.93 29.90 -43.40
C HIS M 380 101.73 31.29 -43.98
N PRO M 381 100.70 32.03 -43.56
CA PRO M 381 100.33 33.25 -44.30
C PRO M 381 101.38 34.33 -44.21
N GLY M 382 101.93 34.59 -43.03
CA GLY M 382 102.89 35.67 -42.90
C GLY M 382 104.14 35.48 -43.75
N SER M 383 104.65 34.25 -43.82
CA SER M 383 105.95 34.02 -44.43
C SER M 383 105.90 34.20 -45.95
N ARG M 384 107.09 34.16 -46.55
CA ARG M 384 107.24 34.38 -47.99
C ARG M 384 107.53 33.11 -48.78
N PHE M 385 107.96 32.03 -48.15
CA PHE M 385 108.13 30.77 -48.85
C PHE M 385 107.20 29.69 -48.28
N PRO M 386 106.91 28.67 -49.07
CA PRO M 386 106.24 27.49 -48.52
C PRO M 386 107.23 26.57 -47.82
N VAL M 387 106.71 25.77 -46.90
CA VAL M 387 107.46 24.74 -46.21
C VAL M 387 107.01 23.39 -46.77
N PRO M 388 107.91 22.55 -47.23
CA PRO M 388 107.52 21.26 -47.80
C PRO M 388 107.35 20.18 -46.73
N LYS M 389 106.86 19.03 -47.19
CA LYS M 389 106.68 17.84 -46.38
C LYS M 389 106.37 16.67 -47.29
N PHE M 390 107.04 15.54 -47.09
CA PHE M 390 106.79 14.39 -47.94
C PHE M 390 106.25 13.21 -47.14
N TYR M 391 105.63 12.30 -47.87
CA TYR M 391 104.98 11.13 -47.32
C TYR M 391 105.49 9.92 -48.08
N LEU M 392 105.98 8.93 -47.35
CA LEU M 392 106.76 7.88 -47.96
C LEU M 392 106.08 6.54 -47.76
N PRO M 393 105.87 5.77 -48.82
CA PRO M 393 105.19 4.48 -48.69
C PRO M 393 106.00 3.51 -47.84
N VAL M 394 105.34 2.90 -46.87
CA VAL M 394 106.01 1.94 -46.00
C VAL M 394 105.30 0.61 -46.12
N HIS M 395 103.99 0.64 -46.31
CA HIS M 395 103.24 -0.58 -46.64
C HIS M 395 103.83 -1.19 -47.91
N GLY M 396 104.27 -2.44 -47.79
CA GLY M 396 105.12 -3.08 -48.77
C GLY M 396 106.54 -3.28 -48.32
N GLU M 397 106.96 -2.55 -47.29
CA GLU M 397 108.26 -2.73 -46.65
C GLU M 397 108.06 -3.43 -45.31
N ASN M 398 108.92 -4.41 -45.02
CA ASN M 398 108.89 -5.11 -43.74
C ASN M 398 108.79 -4.14 -42.57
N ASP M 399 107.68 -4.21 -41.84
CA ASP M 399 107.45 -3.26 -40.77
C ASP M 399 108.53 -3.33 -39.69
N LEU M 400 109.25 -4.44 -39.61
CA LEU M 400 110.38 -4.52 -38.68
C LEU M 400 111.60 -3.81 -39.25
N HIS M 401 111.95 -4.14 -40.49
CA HIS M 401 112.96 -3.36 -41.20
C HIS M 401 112.67 -1.87 -41.08
N VAL M 402 111.39 -1.49 -41.19
CA VAL M 402 111.02 -0.08 -41.12
C VAL M 402 111.25 0.45 -39.70
N ALA M 403 110.86 -0.33 -38.69
CA ALA M 403 111.10 0.07 -37.32
C ALA M 403 112.58 0.23 -37.05
N ARG M 404 113.36 -0.76 -37.49
CA ARG M 404 114.82 -0.73 -37.30
C ARG M 404 115.42 0.53 -37.91
N ALA M 405 115.31 0.67 -39.24
CA ALA M 405 115.88 1.83 -39.93
C ALA M 405 115.33 3.12 -39.36
N LEU M 406 114.05 3.12 -39.01
CA LEU M 406 113.44 4.34 -38.49
C LEU M 406 114.11 4.76 -37.20
N ALA M 407 114.49 3.79 -36.38
CA ALA M 407 115.10 4.06 -35.08
C ALA M 407 116.56 4.49 -35.21
N GLN M 408 117.30 3.85 -36.13
CA GLN M 408 118.67 4.30 -36.39
C GLN M 408 118.70 5.79 -36.68
N PHE M 409 117.77 6.25 -37.52
CA PHE M 409 117.70 7.67 -37.87
C PHE M 409 117.45 8.57 -36.67
N TRP M 410 116.88 8.04 -35.58
CA TRP M 410 116.66 8.91 -34.43
C TRP M 410 117.95 9.18 -33.69
N ASP M 411 118.82 8.17 -33.54
CA ASP M 411 120.15 8.42 -32.97
C ASP M 411 120.91 9.41 -33.83
N SER M 412 120.89 9.22 -35.15
CA SER M 412 121.50 10.18 -36.07
C SER M 412 121.11 11.61 -35.70
N LEU M 413 119.84 11.81 -35.38
CA LEU M 413 119.42 13.10 -34.87
C LEU M 413 119.76 13.27 -33.39
N GLY M 414 119.92 12.17 -32.65
CA GLY M 414 120.20 12.23 -31.23
C GLY M 414 118.96 12.36 -30.37
N TRP M 415 117.94 11.55 -30.65
CA TRP M 415 116.77 11.50 -29.77
C TRP M 415 116.92 10.30 -28.85
N PRO M 416 117.27 10.48 -27.58
CA PRO M 416 117.67 9.34 -26.74
C PRO M 416 116.56 8.34 -26.56
N GLU M 417 115.40 8.81 -26.09
CA GLU M 417 114.36 7.85 -25.71
C GLU M 417 113.48 7.36 -26.89
N HIS M 418 113.19 8.19 -27.89
CA HIS M 418 112.39 7.79 -29.02
C HIS M 418 113.00 6.63 -29.79
N ALA M 419 114.30 6.64 -29.95
CA ALA M 419 114.90 5.59 -30.78
C ALA M 419 115.07 4.28 -30.03
N CYS M 420 115.32 4.34 -28.71
CA CYS M 420 115.57 3.12 -27.95
C CYS M 420 114.30 2.30 -27.79
N ALA M 421 113.20 2.95 -27.45
CA ALA M 421 111.96 2.25 -27.14
C ALA M 421 110.96 2.29 -28.28
N TYR M 422 111.41 2.54 -29.50
CA TYR M 422 110.43 2.58 -30.57
C TYR M 422 109.93 1.18 -30.88
N PRO M 423 110.77 0.29 -31.41
CA PRO M 423 110.27 -1.02 -31.83
C PRO M 423 109.56 -1.77 -30.72
N ASP M 424 109.96 -1.56 -29.46
CA ASP M 424 109.16 -2.07 -28.37
C ASP M 424 107.80 -1.38 -28.33
N THR M 425 107.76 -0.11 -28.72
CA THR M 425 106.48 0.62 -28.78
C THR M 425 105.62 0.14 -29.94
N LEU M 426 106.23 -0.36 -31.01
CA LEU M 426 105.47 -0.79 -32.17
C LEU M 426 104.76 -2.12 -31.90
N GLN M 427 105.45 -3.08 -31.29
CA GLN M 427 104.81 -4.36 -30.97
C GLN M 427 103.72 -4.19 -29.93
N GLN M 428 103.91 -3.26 -29.00
CA GLN M 428 102.91 -3.05 -27.96
C GLN M 428 101.61 -2.48 -28.51
N LEU M 429 101.65 -1.89 -29.71
CA LEU M 429 100.42 -1.49 -30.40
C LEU M 429 99.77 -2.64 -31.16
N TYR M 430 100.51 -3.69 -31.49
CA TYR M 430 100.01 -4.78 -32.32
C TYR M 430 100.42 -6.12 -31.72
N PRO M 431 99.99 -6.38 -30.48
CA PRO M 431 100.38 -7.66 -29.85
C PRO M 431 99.84 -8.88 -30.58
N ASP M 432 98.69 -8.76 -31.22
CA ASP M 432 98.17 -9.90 -31.96
C ASP M 432 99.10 -10.29 -33.10
N GLN M 433 99.77 -9.31 -33.69
CA GLN M 433 100.64 -9.51 -34.83
C GLN M 433 102.09 -9.71 -34.39
N ASP M 434 102.89 -10.27 -35.31
CA ASP M 434 104.32 -10.49 -35.12
C ASP M 434 105.09 -9.68 -36.15
N ILE M 435 105.81 -8.65 -35.68
CA ILE M 435 106.48 -7.71 -36.58
C ILE M 435 107.45 -8.42 -37.51
N SER M 436 107.98 -9.57 -37.09
CA SER M 436 108.93 -10.29 -37.94
C SER M 436 108.40 -10.50 -39.35
N GLN M 437 107.10 -10.70 -39.51
CA GLN M 437 106.50 -11.06 -40.79
C GLN M 437 105.50 -10.03 -41.32
N THR M 438 105.29 -8.93 -40.61
CA THR M 438 104.22 -7.98 -40.96
C THR M 438 104.71 -6.91 -41.94
N THR M 439 103.81 -6.47 -42.79
CA THR M 439 104.12 -5.49 -43.84
C THR M 439 103.20 -4.28 -43.86
N ARG M 440 101.89 -4.47 -43.65
CA ARG M 440 100.94 -3.39 -43.79
C ARG M 440 100.76 -2.58 -42.51
N LEU M 441 101.40 -2.99 -41.39
CA LEU M 441 101.15 -2.35 -40.09
C LEU M 441 101.51 -0.86 -40.06
N GLN M 442 102.40 -0.40 -40.96
CA GLN M 442 102.69 0.99 -41.01
C GLN M 442 102.85 1.40 -42.53
N SER M 443 102.18 2.52 -42.81
CA SER M 443 101.77 2.82 -44.16
C SER M 443 102.45 4.04 -44.72
N TRP M 444 102.63 5.10 -43.93
CA TRP M 444 103.22 6.34 -44.43
C TRP M 444 104.19 6.90 -43.40
N ILE M 445 105.17 7.65 -43.89
CA ILE M 445 106.04 8.46 -43.05
C ILE M 445 106.13 9.85 -43.63
N SER M 446 105.94 10.87 -42.79
CA SER M 446 105.99 12.25 -43.22
C SER M 446 107.26 12.91 -42.70
N TYR M 447 107.83 13.82 -43.50
CA TYR M 447 109.07 14.50 -43.16
C TYR M 447 108.94 15.99 -43.43
N SER M 448 109.19 16.79 -42.42
CA SER M 448 109.23 18.24 -42.54
C SER M 448 110.47 18.73 -41.81
N TYR M 449 110.97 19.90 -42.20
CA TYR M 449 112.11 20.46 -41.50
C TYR M 449 111.91 21.94 -41.28
N THR M 450 112.24 22.40 -40.08
CA THR M 450 112.22 23.81 -39.72
C THR M 450 113.47 24.11 -38.92
N ALA M 451 113.93 25.35 -39.00
CA ALA M 451 115.02 25.79 -38.14
C ALA M 451 114.61 25.70 -36.66
N LYS M 452 113.45 26.25 -36.33
CA LYS M 452 112.98 26.27 -34.95
C LYS M 452 112.63 24.87 -34.45
N ARG M 453 111.65 24.23 -35.09
CA ARG M 453 111.16 22.93 -34.63
C ARG M 453 112.22 21.85 -34.73
N GLY M 454 112.95 21.80 -35.84
CA GLY M 454 113.84 20.70 -36.10
C GLY M 454 113.24 19.76 -37.12
N VAL M 455 113.08 18.49 -36.76
CA VAL M 455 112.62 17.48 -37.70
C VAL M 455 111.22 17.04 -37.27
N TYR M 456 110.21 17.55 -37.97
CA TYR M 456 108.87 16.98 -37.92
C TYR M 456 108.87 15.60 -38.58
N MET M 457 108.13 14.66 -37.99
CA MET M 457 108.03 13.36 -38.62
C MET M 457 106.95 12.52 -37.96
N SER M 458 106.07 11.93 -38.77
CA SER M 458 104.89 11.23 -38.29
C SER M 458 104.76 9.89 -39.01
N VAL M 459 104.15 8.93 -38.34
CA VAL M 459 103.97 7.58 -38.87
C VAL M 459 102.47 7.29 -38.93
N TYR M 460 102.04 6.68 -40.02
CA TYR M 460 100.63 6.42 -40.27
C TYR M 460 100.44 4.92 -40.25
N TYR M 461 99.49 4.46 -39.44
CA TYR M 461 99.42 3.07 -39.04
C TYR M 461 98.17 2.40 -39.56
N HIS M 462 98.19 1.05 -39.50
CA HIS M 462 97.00 0.21 -39.70
C HIS M 462 96.05 0.48 -38.56
N SER M 463 94.90 1.11 -38.86
CA SER M 463 94.07 1.73 -37.82
C SER M 463 92.80 0.94 -37.52
N GLN M 464 92.78 -0.34 -37.86
CA GLN M 464 91.73 -1.27 -37.42
C GLN M 464 92.41 -2.53 -36.86
N SER M 465 91.61 -3.39 -36.25
CA SER M 465 92.13 -4.52 -35.52
C SER M 465 91.99 -5.84 -36.26
N THR M 466 91.59 -5.82 -37.53
CA THR M 466 91.52 -7.05 -38.32
C THR M 466 92.40 -6.89 -39.55
N TYR M 467 93.39 -7.77 -39.67
CA TYR M 467 94.47 -7.65 -40.64
C TYR M 467 94.47 -8.85 -41.57
N LEU M 468 94.52 -8.60 -42.87
CA LEU M 468 94.32 -9.66 -43.87
C LEU M 468 95.67 -10.23 -44.31
N PRO N 52 -3.25 71.39 -49.55
CA PRO N 52 -3.42 70.61 -48.31
C PRO N 52 -2.55 69.36 -48.27
N SER N 53 -2.43 68.76 -47.08
CA SER N 53 -1.66 67.53 -46.91
C SER N 53 -2.47 66.33 -47.38
N PRO N 54 -1.80 65.29 -47.87
CA PRO N 54 -2.45 64.31 -48.74
C PRO N 54 -3.09 63.10 -48.06
N ALA N 55 -2.32 62.34 -47.28
CA ALA N 55 -2.71 60.97 -46.94
C ALA N 55 -4.05 60.86 -46.22
N GLN N 56 -4.56 61.93 -45.61
CA GLN N 56 -5.81 61.86 -44.88
C GLN N 56 -7.04 61.80 -45.79
N ALA N 57 -6.85 61.52 -47.08
CA ALA N 57 -7.98 61.29 -47.98
C ALA N 57 -8.70 59.99 -47.67
N LEU N 58 -8.01 59.02 -47.06
CA LEU N 58 -8.64 57.73 -46.75
C LEU N 58 -9.89 57.89 -45.88
N ALA N 59 -9.88 58.82 -44.94
CA ALA N 59 -10.99 58.99 -44.03
C ALA N 59 -12.32 59.30 -44.73
N SER N 60 -12.29 59.82 -45.95
CA SER N 60 -13.53 60.25 -46.60
C SER N 60 -14.56 59.13 -46.64
N TYR N 61 -14.14 57.93 -47.01
CA TYR N 61 -15.05 56.79 -47.13
C TYR N 61 -14.85 55.78 -45.99
N HIS N 62 -14.60 56.29 -44.79
CA HIS N 62 -14.50 55.47 -43.60
C HIS N 62 -15.30 56.11 -42.50
N HIS N 63 -15.97 55.28 -41.70
CA HIS N 63 -16.78 55.73 -40.58
C HIS N 63 -16.20 55.23 -39.28
N PHE N 64 -15.81 56.13 -38.42
CA PHE N 64 -15.22 55.68 -37.16
C PHE N 64 -16.31 55.19 -36.20
N PRO N 65 -16.20 53.97 -35.68
CA PRO N 65 -17.32 53.38 -34.94
C PRO N 65 -17.77 54.19 -33.74
N THR N 66 -16.85 54.59 -32.85
CA THR N 66 -17.21 55.27 -31.63
C THR N 66 -16.92 56.77 -31.71
N ASN N 67 -17.62 57.53 -30.88
CA ASN N 67 -17.28 58.95 -30.77
C ASN N 67 -15.88 59.14 -30.22
N ASP N 68 -15.45 58.28 -29.28
CA ASP N 68 -14.07 58.39 -28.82
C ASP N 68 -13.12 58.40 -30.00
N GLN N 69 -13.23 57.40 -30.89
CA GLN N 69 -12.33 57.36 -32.04
C GLN N 69 -12.47 58.59 -32.93
N GLU N 70 -13.69 59.02 -33.21
CA GLU N 70 -13.85 60.20 -34.04
C GLU N 70 -13.05 61.37 -33.48
N ARG N 71 -13.13 61.60 -32.17
CA ARG N 71 -12.47 62.76 -31.60
C ARG N 71 -10.94 62.64 -31.65
N TRP N 72 -10.38 61.45 -31.44
CA TRP N 72 -8.94 61.28 -31.59
C TRP N 72 -8.49 61.56 -33.01
N TRP N 73 -9.20 61.03 -34.00
CA TRP N 73 -8.88 61.34 -35.38
C TRP N 73 -8.81 62.85 -35.62
N GLU N 74 -9.82 63.56 -35.16
CA GLU N 74 -9.85 64.99 -35.36
C GLU N 74 -8.70 65.66 -34.63
N GLU N 75 -8.21 65.02 -33.57
CA GLU N 75 -7.17 65.60 -32.72
C GLU N 75 -5.78 65.35 -33.28
N THR N 76 -5.56 64.17 -33.85
CA THR N 76 -4.24 63.81 -34.35
C THR N 76 -4.19 63.40 -35.82
N GLY N 77 -5.33 63.26 -36.47
CA GLY N 77 -5.34 62.72 -37.81
C GLY N 77 -4.54 63.54 -38.78
N SER N 78 -4.86 64.83 -38.87
CA SER N 78 -4.15 65.70 -39.78
C SER N 78 -2.67 65.72 -39.45
N LEU N 79 -2.36 65.86 -38.17
CA LEU N 79 -0.97 66.00 -37.73
C LEU N 79 -0.12 64.81 -38.17
N PHE N 80 -0.62 63.59 -38.03
CA PHE N 80 0.13 62.42 -38.49
C PHE N 80 0.33 62.45 -40.00
N SER N 81 -0.69 62.88 -40.75
CA SER N 81 -0.55 62.98 -42.19
C SER N 81 0.59 63.93 -42.57
N ARG N 82 0.77 64.99 -41.80
CA ARG N 82 1.84 65.93 -42.11
C ARG N 82 3.21 65.31 -41.83
N PHE N 83 3.35 64.55 -40.73
CA PHE N 83 4.64 63.91 -40.45
C PHE N 83 4.99 62.89 -41.50
N LEU N 84 3.98 62.18 -42.02
CA LEU N 84 4.24 61.32 -43.17
C LEU N 84 4.81 62.13 -44.32
N GLU N 85 4.25 63.30 -44.56
CA GLU N 85 4.77 64.18 -45.61
C GLU N 85 6.18 64.63 -45.25
N ALA N 86 6.36 65.14 -44.03
CA ALA N 86 7.67 65.60 -43.61
C ALA N 86 8.72 64.50 -43.61
N GLY N 87 8.30 63.23 -43.60
CA GLY N 87 9.23 62.14 -43.65
C GLY N 87 9.66 61.73 -45.03
N GLN N 88 9.09 62.35 -46.06
CA GLN N 88 9.49 62.07 -47.43
C GLN N 88 9.23 60.60 -47.79
N TYR N 89 8.08 60.09 -47.37
CA TYR N 89 7.71 58.73 -47.69
C TYR N 89 7.06 58.65 -49.08
N GLY N 90 7.28 57.53 -49.76
CA GLY N 90 6.59 57.32 -51.00
C GLY N 90 5.08 57.38 -50.79
N LEU N 91 4.39 58.00 -51.74
CA LEU N 91 2.95 58.19 -51.57
C LEU N 91 2.24 56.90 -51.27
N PRO N 92 2.52 55.78 -51.93
CA PRO N 92 1.89 54.51 -51.52
C PRO N 92 2.15 54.18 -50.07
N GLN N 93 3.37 54.39 -49.60
CA GLN N 93 3.70 54.05 -48.22
C GLN N 93 2.96 54.95 -47.26
N GLN N 94 2.79 56.22 -47.60
CA GLN N 94 2.03 57.11 -46.72
C GLN N 94 0.64 56.53 -46.46
N TYR N 95 -0.10 56.23 -47.54
CA TYR N 95 -1.43 55.65 -47.37
C TYR N 95 -1.35 54.32 -46.64
N GLN N 96 -0.30 53.55 -46.93
CA GLN N 96 -0.15 52.25 -46.31
C GLN N 96 0.02 52.38 -44.81
N PHE N 97 0.86 53.32 -44.36
CA PHE N 97 0.97 53.57 -42.93
C PHE N 97 -0.25 54.33 -42.43
N MET N 98 -0.79 55.23 -43.24
CA MET N 98 -2.03 55.88 -42.83
C MET N 98 -3.10 54.87 -42.52
N PHE N 99 -3.18 53.82 -43.34
CA PHE N 99 -4.12 52.75 -43.07
C PHE N 99 -3.87 52.15 -41.69
N PHE N 100 -2.62 51.79 -41.41
CA PHE N 100 -2.28 51.18 -40.14
C PHE N 100 -2.65 52.07 -38.96
N PHE N 101 -2.37 53.36 -39.06
CA PHE N 101 -2.68 54.26 -37.95
C PHE N 101 -4.16 54.23 -37.59
N MET N 102 -5.05 54.26 -38.60
CA MET N 102 -6.48 54.39 -38.35
C MET N 102 -7.06 53.16 -37.66
N HIS N 103 -6.69 51.97 -38.12
CA HIS N 103 -7.30 50.73 -37.65
C HIS N 103 -6.76 50.28 -36.31
N HIS N 104 -5.48 50.48 -36.04
CA HIS N 104 -4.92 49.88 -34.86
C HIS N 104 -4.50 50.86 -33.78
N LEU N 105 -4.25 52.12 -34.13
CA LEU N 105 -3.81 53.03 -33.10
C LEU N 105 -4.93 53.92 -32.61
N ILE N 106 -5.82 54.36 -33.50
CA ILE N 106 -6.94 55.20 -33.11
C ILE N 106 -7.89 54.46 -32.13
N PRO N 107 -8.26 53.22 -32.42
CA PRO N 107 -9.00 52.45 -31.38
C PRO N 107 -8.31 52.37 -30.02
N ALA N 108 -6.99 52.18 -29.99
CA ALA N 108 -6.27 51.97 -28.73
C ALA N 108 -6.04 53.25 -27.93
N LEU N 109 -6.39 54.43 -28.46
CA LEU N 109 -6.18 55.68 -27.71
C LEU N 109 -7.17 55.84 -26.56
N GLY N 110 -8.34 55.17 -26.61
CA GLY N 110 -9.29 55.18 -25.52
C GLY N 110 -10.23 56.37 -25.54
N PRO N 111 -10.79 56.71 -24.39
CA PRO N 111 -11.74 57.82 -24.31
C PRO N 111 -11.10 59.10 -24.78
N TYR N 112 -11.81 59.86 -25.63
CA TYR N 112 -11.21 61.08 -26.13
C TYR N 112 -10.87 62.05 -25.02
N PRO N 113 -11.81 62.53 -24.25
CA PRO N 113 -11.42 63.26 -23.04
C PRO N 113 -10.65 62.29 -22.15
N GLN N 114 -9.32 62.27 -22.32
CA GLN N 114 -8.56 61.18 -21.75
C GLN N 114 -8.51 61.31 -20.23
N LYS N 115 -8.83 60.18 -19.56
CA LYS N 115 -8.76 60.20 -18.10
C LYS N 115 -7.45 59.63 -17.57
N TRP N 116 -6.61 59.07 -18.43
CA TRP N 116 -5.43 58.32 -18.06
C TRP N 116 -4.22 59.14 -18.47
N ARG N 117 -3.28 59.31 -17.56
CA ARG N 117 -2.00 59.88 -17.91
C ARG N 117 -1.04 58.76 -18.25
N SER N 118 -0.43 58.85 -19.42
CA SER N 118 0.60 57.92 -19.84
C SER N 118 1.97 58.43 -19.42
N THR N 119 2.82 57.50 -18.98
CA THR N 119 4.16 57.88 -18.53
C THR N 119 5.01 58.43 -19.67
N ILE N 120 4.71 58.02 -20.91
CA ILE N 120 5.64 58.27 -22.01
C ILE N 120 5.70 59.74 -22.38
N SER N 121 4.62 60.49 -22.21
CA SER N 121 4.59 61.84 -22.71
C SER N 121 4.72 62.82 -21.55
N ARG N 122 5.37 63.96 -21.83
CA ARG N 122 5.45 65.00 -20.81
C ARG N 122 4.06 65.42 -20.38
N SER N 123 3.19 65.68 -21.36
CA SER N 123 1.82 66.04 -21.07
C SER N 123 1.00 64.85 -20.58
N GLY N 124 1.41 63.64 -20.93
CA GLY N 124 0.70 62.47 -20.48
C GLY N 124 -0.15 61.80 -21.53
N LEU N 125 -0.24 62.36 -22.73
CA LEU N 125 -1.13 61.70 -23.65
C LEU N 125 -0.44 60.50 -24.29
N PRO N 126 -1.20 59.46 -24.64
CA PRO N 126 -0.59 58.16 -24.91
C PRO N 126 0.25 58.08 -26.18
N ILE N 127 0.53 59.21 -26.82
CA ILE N 127 1.21 59.17 -28.12
C ILE N 127 2.16 60.34 -28.27
N GLU N 128 3.27 60.09 -28.95
CA GLU N 128 4.11 61.19 -29.40
C GLU N 128 4.89 60.73 -30.63
N PHE N 129 5.11 61.69 -31.51
CA PHE N 129 5.71 61.42 -32.80
C PHE N 129 7.18 61.86 -32.79
N SER N 130 8.01 61.10 -33.50
CA SER N 130 9.45 61.34 -33.53
C SER N 130 9.90 61.41 -34.96
N LEU N 131 10.89 62.25 -35.22
CA LEU N 131 11.61 62.28 -36.48
C LEU N 131 13.08 62.00 -36.22
N ASN N 132 13.64 61.00 -36.92
CA ASN N 132 15.05 60.65 -36.77
C ASN N 132 15.79 61.14 -38.00
N PHE N 133 16.79 61.97 -37.78
CA PHE N 133 17.59 62.54 -38.86
C PHE N 133 18.92 61.80 -39.01
N GLN N 134 19.28 61.52 -40.25
CA GLN N 134 20.47 60.77 -40.59
C GLN N 134 21.36 61.60 -41.53
N LYS N 135 22.51 61.03 -41.86
CA LYS N 135 23.46 61.69 -42.72
C LYS N 135 22.96 61.61 -44.15
N GLY N 136 22.16 62.61 -44.53
CA GLY N 136 21.78 62.83 -45.90
C GLY N 136 20.83 61.82 -46.52
N SER N 137 20.75 60.61 -45.96
CA SER N 137 19.83 59.63 -46.52
C SER N 137 18.42 60.20 -46.56
N HIS N 138 17.96 60.72 -45.43
CA HIS N 138 16.62 61.26 -45.26
C HIS N 138 16.24 61.23 -43.79
N ARG N 139 14.95 61.23 -43.50
CA ARG N 139 14.45 61.23 -42.14
C ARG N 139 13.40 60.13 -41.98
N LEU N 140 13.23 59.64 -40.75
CA LEU N 140 12.29 58.57 -40.45
C LEU N 140 11.32 59.01 -39.38
N LEU N 141 10.13 58.41 -39.39
CA LEU N 141 9.05 58.72 -38.48
C LEU N 141 8.91 57.63 -37.43
N ARG N 142 8.72 58.04 -36.18
CA ARG N 142 8.67 57.18 -35.00
C ARG N 142 7.42 57.53 -34.21
N ILE N 143 6.73 56.53 -33.68
CA ILE N 143 5.58 56.75 -32.80
C ILE N 143 5.75 55.96 -31.51
N GLY N 144 5.60 56.65 -30.38
CA GLY N 144 5.55 56.01 -29.09
C GLY N 144 4.11 55.93 -28.62
N PHE N 145 3.70 54.74 -28.21
CA PHE N 145 2.30 54.47 -27.98
C PHE N 145 2.14 53.84 -26.60
N GLU N 146 1.09 54.23 -25.90
CA GLU N 146 0.62 53.44 -24.77
C GLU N 146 -0.86 53.19 -24.96
N PRO N 147 -1.25 51.96 -25.28
CA PRO N 147 -2.67 51.65 -25.43
C PRO N 147 -3.43 51.97 -24.15
N VAL N 148 -4.67 52.41 -24.33
CA VAL N 148 -5.55 52.80 -23.24
C VAL N 148 -6.97 52.35 -23.55
N SER N 149 -7.77 52.17 -22.51
CA SER N 149 -9.20 51.96 -22.67
C SER N 149 -9.94 52.63 -21.51
N PHE N 150 -11.27 52.57 -21.55
CA PHE N 150 -12.06 53.16 -20.47
C PHE N 150 -11.83 52.43 -19.15
N LEU N 151 -11.39 51.18 -19.22
CA LEU N 151 -11.02 50.44 -18.02
C LEU N 151 -9.69 50.92 -17.42
N SER N 152 -8.83 51.54 -18.23
CA SER N 152 -7.51 51.94 -17.77
C SER N 152 -7.64 52.91 -16.61
N GLY N 153 -6.97 52.56 -15.50
CA GLY N 153 -7.02 53.34 -14.28
C GLY N 153 -8.19 53.03 -13.38
N SER N 154 -8.99 52.02 -13.72
CA SER N 154 -10.17 51.69 -12.94
C SER N 154 -9.90 50.51 -12.02
N SER N 155 -10.95 50.08 -11.31
CA SER N 155 -10.85 48.95 -10.41
C SER N 155 -10.45 47.69 -11.16
N GLN N 156 -10.96 47.52 -12.37
CA GLN N 156 -10.72 46.26 -13.08
C GLN N 156 -9.30 46.19 -13.63
N ASP N 157 -8.70 47.33 -13.92
CA ASP N 157 -7.30 47.36 -14.36
C ASP N 157 -6.69 48.69 -13.97
N PRO N 158 -6.22 48.80 -12.72
CA PRO N 158 -5.75 50.09 -12.23
C PRO N 158 -4.40 50.48 -12.80
N PHE N 159 -3.65 49.55 -13.37
CA PHE N 159 -2.33 49.86 -13.92
C PHE N 159 -2.20 49.52 -15.39
N ASN N 160 -3.30 49.46 -16.10
CA ASN N 160 -3.31 49.53 -17.56
C ASN N 160 -2.51 48.40 -18.17
N ARG N 161 -2.74 47.17 -17.69
CA ARG N 161 -2.16 46.02 -18.37
C ARG N 161 -3.02 45.48 -19.49
N ILE N 162 -4.33 45.68 -19.44
CA ILE N 162 -5.23 44.99 -20.36
C ILE N 162 -4.99 45.48 -21.78
N PRO N 163 -5.03 46.78 -22.03
CA PRO N 163 -4.81 47.28 -23.40
C PRO N 163 -3.48 46.81 -23.99
N ILE N 164 -2.45 46.69 -23.17
CA ILE N 164 -1.16 46.25 -23.70
C ILE N 164 -1.31 44.88 -24.36
N THR N 165 -1.94 43.94 -23.65
CA THR N 165 -2.05 42.59 -24.20
C THR N 165 -3.01 42.54 -25.37
N ASP N 166 -4.05 43.37 -25.35
CA ASP N 166 -4.94 43.44 -26.51
C ASP N 166 -4.17 43.85 -27.75
N LEU N 167 -3.52 45.01 -27.70
CA LEU N 167 -2.77 45.51 -28.85
C LEU N 167 -1.71 44.51 -29.31
N LEU N 168 -1.09 43.82 -28.37
CA LEU N 168 -0.09 42.86 -28.76
C LEU N 168 -0.69 41.72 -29.57
N ASN N 169 -2.01 41.47 -29.44
CA ASN N 169 -2.63 40.42 -30.25
C ASN N 169 -3.01 40.91 -31.63
N ARG N 170 -3.48 42.16 -31.75
CA ARG N 170 -3.68 42.72 -33.08
C ARG N 170 -2.43 42.56 -33.93
N LEU N 171 -1.27 42.92 -33.36
CA LEU N 171 -0.02 42.97 -34.11
C LEU N 171 0.42 41.58 -34.56
N SER N 172 0.32 40.60 -33.66
CA SER N 172 0.65 39.24 -34.05
C SER N 172 -0.30 38.70 -35.11
N LYS N 173 -1.56 39.18 -35.13
CA LYS N 173 -2.50 38.78 -36.19
C LYS N 173 -2.10 39.37 -37.54
N LEU N 174 -1.64 40.62 -37.55
CA LEU N 174 -1.12 41.21 -38.77
C LEU N 174 0.11 40.44 -39.24
N GLN N 175 0.19 40.23 -40.55
CA GLN N 175 1.33 39.53 -41.13
C GLN N 175 2.47 40.54 -41.24
N LEU N 176 3.31 40.56 -40.20
CA LEU N 176 4.43 41.49 -40.08
C LEU N 176 5.75 40.75 -40.18
N SER N 177 6.68 41.31 -40.94
CA SER N 177 7.95 40.64 -41.16
C SER N 177 8.78 40.65 -39.88
N ASN N 178 9.30 39.47 -39.53
CA ASN N 178 10.28 39.36 -38.46
C ASN N 178 9.71 39.86 -37.14
N PHE N 179 8.55 39.30 -36.75
CA PHE N 179 7.84 39.75 -35.56
C PHE N 179 7.71 38.57 -34.60
N ASP N 180 8.53 38.57 -33.54
CA ASP N 180 8.44 37.59 -32.45
C ASP N 180 8.23 38.31 -31.13
N THR N 181 7.50 37.67 -30.24
CA THR N 181 7.20 38.28 -28.94
C THR N 181 7.93 37.64 -27.76
N PRO N 182 8.62 36.50 -27.91
CA PRO N 182 9.11 35.83 -26.70
C PRO N 182 9.90 36.74 -25.78
N PHE N 183 10.85 37.51 -26.32
CA PHE N 183 11.70 38.31 -25.46
C PHE N 183 10.88 39.32 -24.67
N PHE N 184 9.95 39.99 -25.33
CA PHE N 184 9.12 40.97 -24.63
C PHE N 184 8.18 40.28 -23.65
N GLN N 185 7.56 39.18 -24.06
CA GLN N 185 6.76 38.39 -23.13
C GLN N 185 7.56 38.06 -21.89
N HIS N 186 8.83 37.68 -22.08
CA HIS N 186 9.72 37.36 -20.97
C HIS N 186 9.78 38.52 -19.98
N LEU N 187 9.96 39.75 -20.49
CA LEU N 187 10.04 40.89 -19.59
C LEU N 187 8.72 41.16 -18.89
N LEU N 188 7.60 41.13 -19.62
CA LEU N 188 6.33 41.33 -18.96
C LEU N 188 6.15 40.37 -17.81
N SER N 189 6.32 39.07 -18.09
CA SER N 189 6.14 38.06 -17.04
C SER N 189 6.96 38.41 -15.82
N LYS N 190 8.20 38.86 -16.03
CA LYS N 190 9.06 39.26 -14.93
C LYS N 190 8.53 40.46 -14.16
N PHE N 191 7.51 41.14 -14.65
CA PHE N 191 7.05 42.34 -13.96
C PHE N 191 5.54 42.40 -13.76
N GLN N 192 4.87 41.26 -13.64
CA GLN N 192 3.42 41.29 -13.38
C GLN N 192 3.19 41.43 -11.87
N LEU N 193 1.91 41.49 -11.46
CA LEU N 193 1.64 41.96 -10.10
C LEU N 193 0.71 41.07 -9.27
N SER N 194 -0.56 40.98 -9.65
CA SER N 194 -1.51 40.10 -8.94
C SER N 194 -1.92 40.62 -7.56
N LEU N 195 -1.59 39.88 -6.50
CA LEU N 195 -1.85 40.37 -5.16
C LEU N 195 -1.11 41.67 -4.87
N SER N 196 -0.03 41.92 -5.62
CA SER N 196 0.67 43.18 -5.48
C SER N 196 -0.23 44.36 -5.84
N GLU N 197 -1.07 44.22 -6.87
CA GLU N 197 -2.03 45.27 -7.20
C GLU N 197 -2.73 45.78 -5.96
N VAL N 198 -3.20 44.86 -5.09
CA VAL N 198 -3.96 45.28 -3.92
C VAL N 198 -3.08 46.11 -2.99
N ARG N 199 -1.85 45.63 -2.75
CA ARG N 199 -0.87 46.44 -2.03
C ARG N 199 -0.65 47.77 -2.75
N GLN N 200 -0.49 47.72 -4.11
CA GLN N 200 -0.21 48.94 -4.89
C GLN N 200 -1.32 49.95 -4.71
N LEU N 201 -2.57 49.50 -4.89
CA LEU N 201 -3.71 50.40 -4.80
C LEU N 201 -3.65 51.30 -3.56
N GLN N 202 -3.23 50.75 -2.43
CA GLN N 202 -2.97 51.58 -1.27
C GLN N 202 -1.68 52.39 -1.44
N PRO N 212 1.63 59.48 -8.91
CA PRO N 212 2.87 59.33 -9.68
C PRO N 212 2.62 58.83 -11.10
N LEU N 213 3.45 57.90 -11.56
CA LEU N 213 3.37 57.37 -12.91
C LEU N 213 2.94 55.91 -12.82
N LYS N 214 1.88 55.55 -13.55
CA LYS N 214 1.22 54.27 -13.31
C LYS N 214 1.43 53.23 -14.39
N SER N 215 1.84 53.62 -15.59
CA SER N 215 1.87 52.66 -16.69
C SER N 215 2.96 51.62 -16.48
N GLN N 216 2.73 50.42 -17.01
CA GLN N 216 3.68 49.34 -16.87
C GLN N 216 4.36 49.01 -18.18
N ALA N 217 3.84 49.47 -19.30
CA ALA N 217 4.48 49.15 -20.56
C ALA N 217 3.99 50.12 -21.61
N ALA N 218 4.69 50.14 -22.75
CA ALA N 218 4.34 51.01 -23.85
C ALA N 218 4.95 50.43 -25.11
N PHE N 219 4.59 51.04 -26.25
CA PHE N 219 4.99 50.57 -27.56
C PHE N 219 5.64 51.71 -28.33
N GLY N 220 6.42 51.35 -29.33
CA GLY N 220 6.92 52.31 -30.26
C GLY N 220 6.89 51.73 -31.66
N PHE N 221 6.69 52.61 -32.62
CA PHE N 221 6.59 52.18 -34.00
C PHE N 221 7.55 52.96 -34.88
N ASP N 222 8.44 52.24 -35.56
CA ASP N 222 9.36 52.82 -36.54
C ASP N 222 8.90 52.45 -37.94
N PHE N 223 8.64 53.46 -38.76
CA PHE N 223 8.18 53.26 -40.14
C PHE N 223 9.37 53.47 -41.06
N ASN N 224 9.98 52.40 -41.54
CA ASN N 224 11.17 52.61 -42.35
C ASN N 224 10.75 53.02 -43.75
N PRO N 225 11.69 53.52 -44.57
CA PRO N 225 11.28 54.03 -45.90
C PRO N 225 10.58 52.98 -46.73
N ASP N 226 11.04 51.74 -46.65
CA ASP N 226 10.30 50.61 -47.19
C ASP N 226 8.96 50.51 -46.47
N GLY N 227 7.96 49.96 -47.15
CA GLY N 227 6.66 49.87 -46.50
C GLY N 227 6.58 48.85 -45.37
N ALA N 228 7.46 48.96 -44.38
CA ALA N 228 7.55 47.98 -43.29
C ALA N 228 7.63 48.71 -41.97
N ILE N 229 6.88 48.20 -40.98
CA ILE N 229 6.86 48.73 -39.62
C ILE N 229 7.73 47.86 -38.73
N LEU N 230 8.46 48.48 -37.81
CA LEU N 230 9.21 47.77 -36.79
C LEU N 230 8.68 48.18 -35.43
N VAL N 231 8.41 47.19 -34.58
CA VAL N 231 7.69 47.41 -33.33
C VAL N 231 8.67 47.37 -32.17
N LYS N 232 8.62 48.40 -31.34
CA LYS N 232 9.47 48.54 -30.18
C LYS N 232 8.59 48.53 -28.95
N GLY N 233 9.00 47.78 -27.94
CA GLY N 233 8.23 47.65 -26.71
C GLY N 233 9.03 48.12 -25.51
N TYR N 234 8.30 48.69 -24.54
CA TYR N 234 8.90 49.26 -23.34
C TYR N 234 8.30 48.56 -22.13
N VAL N 235 9.00 48.66 -21.00
CA VAL N 235 8.55 48.07 -19.75
C VAL N 235 8.98 48.97 -18.62
N PHE N 236 8.08 49.23 -17.69
CA PHE N 236 8.37 50.19 -16.63
C PHE N 236 8.43 49.47 -15.30
N PRO N 237 9.61 49.10 -14.81
CA PRO N 237 9.72 48.23 -13.63
C PRO N 237 9.51 48.95 -12.32
N TYR N 238 9.22 50.26 -12.33
CA TYR N 238 9.03 50.96 -11.07
C TYR N 238 7.92 50.36 -10.23
N LEU N 239 6.82 49.96 -10.87
CA LEU N 239 5.69 49.40 -10.10
C LEU N 239 6.08 48.11 -9.42
N LYS N 240 6.60 47.13 -10.18
CA LYS N 240 6.97 45.84 -9.62
C LYS N 240 7.98 46.00 -8.49
N ALA N 241 8.97 46.88 -8.67
CA ALA N 241 9.99 47.09 -7.65
C ALA N 241 9.39 47.75 -6.41
N LYS N 242 8.46 48.69 -6.60
CA LYS N 242 7.85 49.36 -5.46
C LYS N 242 7.03 48.39 -4.62
N ALA N 243 6.30 47.45 -5.27
CA ALA N 243 5.48 46.49 -4.53
C ALA N 243 6.31 45.63 -3.64
N ALA N 244 7.35 45.06 -4.22
CA ALA N 244 8.18 44.14 -3.50
C ALA N 244 9.20 44.85 -2.62
N ASP N 245 9.18 46.18 -2.58
CA ASP N 245 10.16 46.96 -1.83
C ASP N 245 11.58 46.49 -2.10
N VAL N 246 11.91 46.35 -3.39
CA VAL N 246 13.23 45.94 -3.82
C VAL N 246 13.79 47.01 -4.75
N PRO N 247 15.07 47.39 -4.63
CA PRO N 247 15.60 48.41 -5.54
C PRO N 247 15.48 47.98 -7.00
N VAL N 248 15.19 48.95 -7.87
CA VAL N 248 14.84 48.62 -9.25
C VAL N 248 15.95 47.83 -9.92
N GLY N 249 17.20 48.29 -9.81
CA GLY N 249 18.29 47.64 -10.51
C GLY N 249 18.47 46.18 -10.13
N THR N 250 18.26 45.85 -8.86
CA THR N 250 18.44 44.47 -8.42
C THR N 250 17.55 43.53 -9.22
N LEU N 251 16.29 43.90 -9.44
CA LEU N 251 15.42 43.05 -10.25
C LEU N 251 15.65 43.27 -11.74
N ILE N 252 16.05 44.48 -12.14
CA ILE N 252 16.50 44.67 -13.53
C ILE N 252 17.69 43.78 -13.83
N ALA N 253 18.70 43.79 -12.95
CA ALA N 253 19.82 42.88 -13.12
C ALA N 253 19.36 41.44 -13.15
N GLU N 254 18.52 41.05 -12.19
CA GLU N 254 18.06 39.66 -12.16
C GLU N 254 17.20 39.36 -13.37
N ALA N 255 16.48 40.37 -13.86
CA ALA N 255 15.71 40.21 -15.09
C ALA N 255 16.62 39.96 -16.28
N VAL N 256 17.68 40.75 -16.40
CA VAL N 256 18.67 40.51 -17.45
C VAL N 256 19.33 39.15 -17.24
N ARG N 257 19.62 38.80 -15.98
CA ARG N 257 20.26 37.53 -15.71
C ARG N 257 19.37 36.35 -16.13
N THR N 258 18.06 36.46 -15.88
CA THR N 258 17.13 35.38 -16.22
C THR N 258 17.15 35.07 -17.70
N ILE N 259 17.44 36.06 -18.54
CA ILE N 259 17.64 35.80 -19.96
C ILE N 259 19.06 35.39 -20.29
N ASP N 260 19.98 35.39 -19.30
CA ASP N 260 21.38 35.06 -19.56
C ASP N 260 21.61 33.57 -19.74
N VAL N 261 21.07 32.73 -18.85
CA VAL N 261 21.06 31.32 -19.17
C VAL N 261 20.20 31.11 -20.40
N GLU N 262 19.23 32.00 -20.61
CA GLU N 262 18.43 31.98 -21.83
C GLU N 262 19.28 32.39 -23.02
N ARG N 263 20.14 33.40 -22.84
CA ARG N 263 21.39 33.57 -23.59
C ARG N 263 22.26 34.66 -22.98
N ASN N 264 23.46 34.26 -22.57
CA ASN N 264 24.36 35.10 -21.78
C ASN N 264 25.17 36.03 -22.68
N GLN N 265 24.49 36.76 -23.55
CA GLN N 265 25.16 37.71 -24.44
C GLN N 265 25.05 39.14 -23.95
N PHE N 266 24.19 39.40 -22.99
CA PHE N 266 24.03 40.72 -22.42
C PHE N 266 24.77 40.85 -21.11
N THR N 267 25.32 39.73 -20.61
CA THR N 267 26.00 39.73 -19.33
C THR N 267 27.09 40.80 -19.30
N HIS N 268 28.04 40.70 -20.22
CA HIS N 268 29.22 41.58 -20.20
C HIS N 268 28.82 43.05 -20.26
N ALA N 269 28.12 43.45 -21.32
CA ALA N 269 27.77 44.85 -21.49
C ALA N 269 26.87 45.36 -20.36
N PHE N 270 25.90 44.56 -19.93
CA PHE N 270 25.01 45.03 -18.88
C PHE N 270 25.73 45.17 -17.55
N GLY N 271 26.31 44.06 -17.06
CA GLY N 271 27.09 44.14 -15.83
C GLY N 271 28.05 45.30 -15.85
N LEU N 272 28.48 45.71 -17.03
CA LEU N 272 29.31 46.90 -17.20
C LEU N 272 28.52 48.19 -16.94
N ILE N 273 27.23 48.21 -17.29
CA ILE N 273 26.40 49.38 -16.99
C ILE N 273 25.95 49.38 -15.54
N ASN N 274 25.53 48.22 -15.03
CA ASN N 274 25.01 48.10 -13.67
C ASN N 274 26.05 48.52 -12.63
N ASP N 275 27.32 48.31 -12.92
CA ASP N 275 28.36 48.77 -12.02
C ASP N 275 28.36 50.29 -11.92
N TYR N 276 28.32 50.97 -13.07
CA TYR N 276 28.29 52.43 -13.04
C TYR N 276 27.02 52.95 -12.38
N MET N 277 25.88 52.30 -12.65
CA MET N 277 24.63 52.73 -12.07
C MET N 277 24.66 52.64 -10.55
N GLN N 278 25.27 51.57 -10.04
CA GLN N 278 25.46 51.43 -8.60
C GLN N 278 26.55 52.37 -8.08
N GLU N 279 27.61 52.63 -8.86
CA GLU N 279 28.56 53.66 -8.44
C GLU N 279 27.84 54.98 -8.19
N SER N 280 27.11 55.46 -9.19
CA SER N 280 26.65 56.84 -9.23
C SER N 280 25.27 57.02 -8.64
N THR N 281 24.69 55.98 -8.03
CA THR N 281 23.31 56.03 -7.60
C THR N 281 22.42 56.40 -8.77
N GLY N 282 22.74 55.84 -9.94
CA GLY N 282 22.02 56.22 -11.15
C GLY N 282 20.62 55.65 -11.21
N TYR N 283 20.45 54.41 -10.74
CA TYR N 283 19.12 53.83 -10.69
C TYR N 283 18.21 54.68 -9.83
N ASN N 284 16.95 54.76 -10.24
CA ASN N 284 15.97 55.59 -9.59
C ASN N 284 14.60 55.13 -10.03
N GLU N 285 13.57 55.81 -9.55
CA GLU N 285 12.20 55.46 -9.95
C GLU N 285 12.05 55.53 -11.46
N TYR N 286 12.71 56.48 -12.08
CA TYR N 286 12.48 56.72 -13.50
C TYR N 286 13.15 55.71 -14.42
N THR N 287 14.09 54.91 -13.90
CA THR N 287 14.76 53.92 -14.75
C THR N 287 13.74 52.93 -15.32
N PHE N 288 13.86 52.65 -16.61
CA PHE N 288 13.00 51.66 -17.23
C PHE N 288 13.75 50.98 -18.38
N LEU N 289 13.05 50.13 -19.10
CA LEU N 289 13.72 49.18 -19.95
C LEU N 289 13.00 49.11 -21.30
N SER N 290 13.71 48.62 -22.31
CA SER N 290 13.22 48.60 -23.69
C SER N 290 13.81 47.40 -24.40
N CYS N 291 13.27 47.11 -25.57
CA CYS N 291 13.80 46.05 -26.41
C CYS N 291 13.02 46.10 -27.73
N ASP N 292 13.41 45.23 -28.64
CA ASP N 292 12.78 45.15 -29.95
C ASP N 292 12.01 43.85 -30.06
N PHE N 293 11.03 43.85 -30.97
CA PHE N 293 10.20 42.67 -31.24
C PHE N 293 10.79 41.88 -32.40
N VAL N 294 11.85 41.12 -32.12
CA VAL N 294 12.44 40.27 -33.15
C VAL N 294 13.34 39.23 -32.49
N GLU N 295 13.61 38.15 -33.23
CA GLU N 295 14.71 37.24 -32.98
C GLU N 295 15.76 37.80 -32.02
N THR N 296 16.18 36.97 -31.05
CA THR N 296 17.14 37.41 -30.05
C THR N 296 18.43 37.89 -30.69
N SER N 297 18.85 37.25 -31.79
CA SER N 297 20.12 37.60 -32.42
C SER N 297 20.17 39.09 -32.78
N GLU N 298 19.14 39.58 -33.44
CA GLU N 298 19.11 40.96 -33.91
C GLU N 298 18.48 41.94 -32.93
N GLN N 299 18.31 41.56 -31.67
CA GLN N 299 17.61 42.41 -30.72
C GLN N 299 18.57 43.28 -29.94
N ARG N 300 18.13 44.49 -29.64
CA ARG N 300 18.96 45.49 -28.98
C ARG N 300 18.24 45.90 -27.70
N LEU N 301 18.62 45.34 -26.56
CA LEU N 301 17.93 45.76 -25.35
C LEU N 301 18.58 47.03 -24.84
N LYS N 302 17.76 47.91 -24.26
CA LYS N 302 18.16 49.25 -23.87
C LYS N 302 17.72 49.51 -22.44
N ILE N 303 18.56 50.20 -21.67
CA ILE N 303 18.21 50.65 -20.32
C ILE N 303 18.10 52.16 -20.36
N TYR N 304 17.00 52.69 -19.83
CA TYR N 304 16.81 54.13 -19.80
C TYR N 304 16.90 54.63 -18.36
N GLY N 305 17.19 55.91 -18.21
CA GLY N 305 17.15 56.53 -16.89
C GLY N 305 17.13 58.04 -17.02
N ALA N 306 17.05 58.69 -15.87
CA ALA N 306 17.00 60.14 -15.84
C ALA N 306 17.82 60.66 -14.66
N HIS N 307 18.13 61.95 -14.73
CA HIS N 307 18.78 62.68 -13.64
C HIS N 307 18.15 64.05 -13.50
N THR N 308 17.89 64.41 -12.25
CA THR N 308 17.21 65.66 -11.95
C THR N 308 18.04 66.88 -12.38
N GLU N 309 19.26 67.00 -11.85
CA GLU N 309 20.15 68.09 -12.21
C GLU N 309 21.45 67.50 -12.72
N VAL N 310 21.97 68.05 -13.81
CA VAL N 310 23.13 67.47 -14.47
C VAL N 310 23.96 68.57 -15.08
N THR N 311 25.28 68.53 -14.84
CA THR N 311 26.24 69.46 -15.43
C THR N 311 26.89 68.79 -16.63
N TRP N 312 27.71 69.57 -17.35
CA TRP N 312 28.48 68.98 -18.44
C TRP N 312 29.41 67.88 -17.94
N ALA N 313 30.11 68.12 -16.83
CA ALA N 313 30.99 67.10 -16.28
C ALA N 313 30.21 65.83 -15.93
N LYS N 314 29.03 65.99 -15.34
CA LYS N 314 28.17 64.83 -15.10
C LYS N 314 27.80 64.15 -16.42
N ILE N 315 27.52 64.94 -17.45
CA ILE N 315 27.19 64.39 -18.75
C ILE N 315 28.37 63.60 -19.30
N ALA N 316 29.57 64.17 -19.23
CA ALA N 316 30.76 63.44 -19.65
C ALA N 316 30.96 62.21 -18.79
N GLU N 317 30.73 62.33 -17.49
CA GLU N 317 30.81 61.18 -16.61
C GLU N 317 29.87 60.07 -17.06
N MET N 318 28.62 60.42 -17.43
CA MET N 318 27.67 59.40 -17.87
C MET N 318 27.98 58.89 -19.27
N TRP N 319 28.29 59.78 -20.21
CA TRP N 319 28.53 59.32 -21.56
C TRP N 319 29.66 58.31 -21.60
N THR N 320 30.70 58.54 -20.79
CA THR N 320 31.80 57.59 -20.66
C THR N 320 31.58 56.61 -19.53
N LEU N 321 30.36 56.56 -18.99
CA LEU N 321 29.96 55.54 -18.05
C LEU N 321 30.97 55.43 -16.92
N GLY N 322 31.24 56.56 -16.28
CA GLY N 322 32.41 56.69 -15.43
C GLY N 322 33.67 56.81 -16.27
N GLY N 323 34.60 55.87 -16.13
CA GLY N 323 35.69 55.75 -17.05
C GLY N 323 35.68 54.46 -17.83
N ARG N 324 34.59 53.70 -17.77
CA ARG N 324 34.56 52.33 -18.27
C ARG N 324 35.03 52.23 -19.71
N LEU N 325 34.61 53.18 -20.55
CA LEU N 325 34.76 53.03 -21.98
C LEU N 325 35.48 54.22 -22.60
N ILE N 326 36.39 54.84 -21.83
CA ILE N 326 37.33 55.77 -22.44
C ILE N 326 38.19 55.07 -23.48
N GLU N 327 38.41 53.77 -23.31
CA GLU N 327 39.24 53.03 -24.25
C GLU N 327 38.69 53.13 -25.66
N GLU N 328 37.37 53.01 -25.81
CA GLU N 328 36.76 53.08 -27.13
C GLU N 328 36.90 54.47 -27.72
N PRO N 329 37.38 54.61 -28.96
CA PRO N 329 37.50 55.94 -29.56
C PRO N 329 36.17 56.56 -29.95
N GLU N 330 35.21 55.74 -30.40
CA GLU N 330 33.89 56.25 -30.78
C GLU N 330 33.33 57.22 -29.77
N ILE N 331 33.29 56.81 -28.52
CA ILE N 331 32.71 57.63 -27.45
C ILE N 331 33.35 59.01 -27.40
N ILE N 332 34.67 59.06 -27.45
CA ILE N 332 35.34 60.35 -27.37
C ILE N 332 34.87 61.23 -28.51
N ALA N 333 34.86 60.66 -29.71
CA ALA N 333 34.38 61.40 -30.87
C ALA N 333 32.92 61.80 -30.68
N GLY N 334 32.08 60.82 -30.33
CA GLY N 334 30.69 61.11 -30.08
C GLY N 334 30.49 62.20 -29.03
N LEU N 335 31.30 62.16 -27.96
CA LEU N 335 31.17 63.17 -26.91
C LEU N 335 31.62 64.55 -27.38
N ALA N 336 32.57 64.63 -28.31
CA ALA N 336 32.99 65.92 -28.82
C ALA N 336 31.83 66.65 -29.48
N ARG N 337 31.25 66.00 -30.51
CA ARG N 337 30.08 66.55 -31.18
C ARG N 337 28.98 66.88 -30.19
N LEU N 338 28.82 66.05 -29.17
CA LEU N 338 27.72 66.25 -28.26
C LEU N 338 27.83 67.60 -27.56
N LYS N 339 29.02 67.98 -27.08
CA LYS N 339 29.15 69.29 -26.45
C LYS N 339 28.93 70.40 -27.45
N GLN N 340 29.20 70.13 -28.73
CA GLN N 340 28.92 71.11 -29.76
C GLN N 340 27.44 71.47 -29.78
N ILE N 341 26.58 70.49 -29.52
CA ILE N 341 25.15 70.77 -29.45
C ILE N 341 24.77 71.34 -28.09
N TRP N 342 25.27 70.72 -27.02
CA TRP N 342 24.96 71.22 -25.68
C TRP N 342 25.14 72.72 -25.61
N SER N 343 26.20 73.23 -26.26
CA SER N 343 26.48 74.66 -26.25
C SER N 343 25.46 75.44 -27.09
N LEU N 344 25.11 74.92 -28.26
CA LEU N 344 24.14 75.62 -29.10
C LEU N 344 22.78 75.72 -28.40
N LEU N 345 22.35 74.65 -27.74
CA LEU N 345 20.95 74.53 -27.33
C LEU N 345 20.60 75.38 -26.11
N GLN N 346 21.27 75.13 -24.99
CA GLN N 346 20.90 75.80 -23.75
C GLN N 346 21.54 77.17 -23.61
N ILE N 347 22.24 77.62 -24.64
CA ILE N 347 22.96 78.90 -24.58
C ILE N 347 21.97 80.07 -24.59
N ILE N 369 9.49 70.78 -10.91
CA ILE N 369 9.84 72.19 -11.10
C ILE N 369 10.42 72.37 -12.51
N ALA N 370 10.96 71.29 -13.06
CA ALA N 370 11.57 71.31 -14.38
C ALA N 370 11.66 69.89 -14.90
N SER N 371 11.97 69.76 -16.19
CA SER N 371 12.02 68.45 -16.83
C SER N 371 13.41 67.81 -16.64
N PRO N 372 13.46 66.51 -16.40
CA PRO N 372 14.75 65.83 -16.27
C PRO N 372 15.36 65.52 -17.64
N ILE N 373 16.68 65.19 -17.61
CA ILE N 373 17.38 64.78 -18.83
C ILE N 373 17.50 63.27 -18.77
N ILE N 374 17.31 62.60 -19.90
CA ILE N 374 17.19 61.16 -19.93
C ILE N 374 18.40 60.58 -20.63
N TRP N 375 18.80 59.39 -20.21
CA TRP N 375 19.88 58.67 -20.85
C TRP N 375 19.43 57.26 -21.22
N ASN N 376 20.18 56.66 -22.14
CA ASN N 376 19.88 55.38 -22.75
C ASN N 376 21.19 54.65 -23.00
N TYR N 377 21.23 53.36 -22.65
CA TYR N 377 22.40 52.53 -22.95
C TYR N 377 21.93 51.32 -23.75
N GLU N 378 22.40 51.22 -24.98
CA GLU N 378 21.95 50.19 -25.89
C GLU N 378 22.94 49.02 -25.89
N ILE N 379 22.49 47.84 -25.47
CA ILE N 379 23.34 46.67 -25.36
C ILE N 379 23.12 45.75 -26.56
N HIS N 380 23.75 46.04 -27.67
CA HIS N 380 23.77 45.06 -28.74
C HIS N 380 24.38 43.77 -28.22
N PRO N 381 23.77 42.62 -28.49
CA PRO N 381 24.20 41.41 -27.78
C PRO N 381 25.60 40.96 -28.14
N GLY N 382 25.95 40.96 -29.42
CA GLY N 382 27.28 40.51 -29.81
C GLY N 382 28.37 41.36 -29.21
N SER N 383 28.16 42.67 -29.16
CA SER N 383 29.23 43.59 -28.79
C SER N 383 29.58 43.47 -27.31
N ARG N 384 30.69 44.13 -26.95
CA ARG N 384 31.21 44.12 -25.60
C ARG N 384 31.00 45.42 -24.84
N PHE N 385 30.67 46.52 -25.51
CA PHE N 385 30.33 47.73 -24.80
C PHE N 385 28.90 48.18 -25.08
N PRO N 386 28.32 48.98 -24.20
CA PRO N 386 27.06 49.67 -24.51
C PRO N 386 27.31 50.91 -25.35
N VAL N 387 26.28 51.29 -26.11
CA VAL N 387 26.27 52.53 -26.88
C VAL N 387 25.35 53.52 -26.17
N PRO N 388 25.79 54.73 -25.88
CA PRO N 388 24.93 55.67 -25.16
C PRO N 388 23.97 56.40 -26.10
N LYS N 389 23.08 57.16 -25.49
CA LYS N 389 22.13 58.03 -26.17
C LYS N 389 21.47 58.91 -25.13
N PHE N 390 21.41 60.20 -25.36
CA PHE N 390 20.81 61.10 -24.41
C PHE N 390 19.63 61.81 -25.02
N TYR N 391 18.78 62.33 -24.14
CA TYR N 391 17.53 62.99 -24.52
C TYR N 391 17.54 64.34 -23.82
N LEU N 392 17.34 65.41 -24.57
CA LEU N 392 17.60 66.72 -24.04
C LEU N 392 16.33 67.56 -24.02
N PRO N 393 15.96 68.14 -22.88
CA PRO N 393 14.69 68.88 -22.79
C PRO N 393 14.68 70.10 -23.69
N VAL N 394 13.62 70.24 -24.48
CA VAL N 394 13.50 71.37 -25.40
C VAL N 394 12.23 72.15 -25.08
N HIS N 395 11.19 71.45 -24.63
CA HIS N 395 10.02 72.13 -24.14
C HIS N 395 10.41 73.07 -23.02
N GLY N 396 10.14 74.36 -23.19
CA GLY N 396 10.69 75.41 -22.36
C GLY N 396 11.71 76.29 -23.06
N GLU N 397 12.26 75.85 -24.19
CA GLU N 397 13.14 76.66 -25.03
C GLU N 397 12.37 77.09 -26.28
N ASN N 398 12.53 78.35 -26.68
CA ASN N 398 11.90 78.86 -27.90
C ASN N 398 12.12 77.92 -29.06
N ASP N 399 11.03 77.36 -29.57
CA ASP N 399 11.10 76.35 -30.60
C ASP N 399 11.77 76.87 -31.87
N LEU N 400 11.84 78.19 -32.06
CA LEU N 400 12.59 78.76 -33.18
C LEU N 400 14.08 78.79 -32.87
N HIS N 401 14.46 79.29 -31.70
CA HIS N 401 15.85 79.18 -31.28
C HIS N 401 16.36 77.75 -31.44
N VAL N 402 15.53 76.77 -31.05
CA VAL N 402 15.97 75.38 -31.14
C VAL N 402 16.08 74.97 -32.59
N ALA N 403 15.14 75.39 -33.42
CA ALA N 403 15.25 75.08 -34.83
C ALA N 403 16.50 75.70 -35.40
N ARG N 404 16.76 76.97 -35.06
CA ARG N 404 17.95 77.67 -35.52
C ARG N 404 19.23 76.94 -35.11
N ALA N 405 19.46 76.81 -33.80
CA ALA N 405 20.66 76.13 -33.34
C ALA N 405 20.73 74.72 -33.88
N LEU N 406 19.59 74.05 -33.97
CA LEU N 406 19.57 72.67 -34.41
C LEU N 406 20.11 72.57 -35.82
N ALA N 407 19.81 73.56 -36.65
CA ALA N 407 20.24 73.57 -38.04
C ALA N 407 21.69 73.96 -38.20
N GLN N 408 22.17 74.94 -37.41
CA GLN N 408 23.59 75.28 -37.43
C GLN N 408 24.43 74.02 -37.22
N PHE N 409 24.05 73.21 -36.23
CA PHE N 409 24.76 71.98 -35.95
C PHE N 409 24.76 71.01 -37.13
N TRP N 410 23.80 71.12 -38.05
CA TRP N 410 23.84 70.18 -39.18
C TRP N 410 24.90 70.58 -40.18
N ASP N 411 25.06 71.89 -40.43
CA ASP N 411 26.16 72.32 -41.29
C ASP N 411 27.50 71.88 -40.71
N SER N 412 27.68 72.11 -39.41
CA SER N 412 28.90 71.64 -38.74
C SER N 412 29.17 70.20 -39.10
N LEU N 413 28.13 69.38 -39.15
CA LEU N 413 28.25 68.02 -39.63
C LEU N 413 28.28 67.95 -41.15
N GLY N 414 27.73 68.95 -41.84
CA GLY N 414 27.71 68.95 -43.29
C GLY N 414 26.58 68.17 -43.88
N TRP N 415 25.35 68.35 -43.36
CA TRP N 415 24.18 67.74 -43.96
C TRP N 415 23.49 68.79 -44.83
N PRO N 416 23.60 68.70 -46.13
CA PRO N 416 23.16 69.84 -46.98
C PRO N 416 21.69 70.16 -46.88
N GLU N 417 20.82 69.19 -47.16
CA GLU N 417 19.40 69.49 -47.32
C GLU N 417 18.66 69.58 -45.98
N HIS N 418 19.04 68.75 -45.01
CA HIS N 418 18.33 68.74 -43.73
C HIS N 418 18.46 70.09 -43.03
N ALA N 419 19.63 70.71 -43.12
CA ALA N 419 19.86 71.94 -42.37
C ALA N 419 19.23 73.15 -43.05
N CYS N 420 19.16 73.14 -44.38
CA CYS N 420 18.62 74.30 -45.09
C CYS N 420 17.11 74.39 -44.92
N ALA N 421 16.41 73.26 -45.03
CA ALA N 421 14.96 73.24 -45.04
C ALA N 421 14.36 72.75 -43.73
N TYR N 422 15.08 72.82 -42.62
CA TYR N 422 14.49 72.33 -41.39
C TYR N 422 13.41 73.28 -40.88
N PRO N 423 13.76 74.50 -40.45
CA PRO N 423 12.73 75.38 -39.87
C PRO N 423 11.55 75.65 -40.80
N ASP N 424 11.76 75.64 -42.12
CA ASP N 424 10.60 75.64 -43.00
C ASP N 424 9.81 74.36 -42.84
N THR N 425 10.50 73.25 -42.55
CA THR N 425 9.81 71.99 -42.29
C THR N 425 9.09 72.01 -40.96
N LEU N 426 9.55 72.82 -40.02
CA LEU N 426 8.93 72.89 -38.70
C LEU N 426 7.62 73.67 -38.74
N GLN N 427 7.59 74.81 -39.43
CA GLN N 427 6.34 75.56 -39.53
C GLN N 427 5.33 74.79 -40.34
N GLN N 428 5.77 74.05 -41.36
CA GLN N 428 4.84 73.32 -42.21
C GLN N 428 4.16 72.19 -41.44
N LEU N 429 4.72 71.77 -40.31
CA LEU N 429 4.05 70.86 -39.39
C LEU N 429 3.09 71.54 -38.44
N TYR N 430 3.25 72.83 -38.19
CA TYR N 430 2.42 73.57 -37.23
C TYR N 430 1.97 74.89 -37.85
N PRO N 431 1.26 74.84 -38.98
CA PRO N 431 0.84 76.08 -39.62
C PRO N 431 -0.11 76.89 -38.77
N ASP N 432 -0.88 76.26 -37.89
CA ASP N 432 -1.74 77.04 -37.02
C ASP N 432 -0.90 77.89 -36.06
N GLN N 433 0.27 77.39 -35.65
CA GLN N 433 1.11 78.07 -34.68
C GLN N 433 2.15 78.94 -35.36
N ASP N 434 2.69 79.90 -34.60
CA ASP N 434 3.73 80.81 -35.05
C ASP N 434 4.98 80.56 -34.23
N ILE N 435 6.00 79.96 -34.86
CA ILE N 435 7.18 79.50 -34.13
C ILE N 435 7.86 80.64 -33.38
N SER N 436 7.69 81.88 -33.84
CA SER N 436 8.34 82.99 -33.17
C SER N 436 8.07 82.98 -31.67
N GLN N 437 6.89 82.51 -31.25
CA GLN N 437 6.46 82.60 -29.86
C GLN N 437 6.23 81.23 -29.20
N THR N 438 6.46 80.13 -29.91
CA THR N 438 6.10 78.81 -29.44
C THR N 438 7.20 78.17 -28.61
N THR N 439 6.81 77.35 -27.65
CA THR N 439 7.77 76.73 -26.74
C THR N 439 7.62 75.22 -26.61
N ARG N 440 6.39 74.71 -26.55
CA ARG N 440 6.19 73.29 -26.30
C ARG N 440 6.22 72.46 -27.57
N LEU N 441 6.36 73.09 -28.74
CA LEU N 441 6.30 72.33 -29.98
C LEU N 441 7.38 71.22 -30.12
N GLN N 442 8.57 71.29 -29.45
CA GLN N 442 9.60 70.26 -29.56
C GLN N 442 9.98 69.99 -28.15
N SER N 443 10.03 68.74 -27.81
CA SER N 443 10.09 68.38 -26.41
C SER N 443 11.38 67.66 -26.05
N TRP N 444 11.90 66.80 -26.93
CA TRP N 444 13.14 66.09 -26.62
C TRP N 444 13.99 66.04 -27.88
N ILE N 445 15.31 65.93 -27.67
CA ILE N 445 16.26 65.66 -28.74
C ILE N 445 17.19 64.55 -28.28
N SER N 446 17.38 63.55 -29.15
CA SER N 446 18.19 62.40 -28.82
C SER N 446 19.53 62.46 -29.56
N TYR N 447 20.58 62.00 -28.90
CA TYR N 447 21.91 62.01 -29.46
C TYR N 447 22.56 60.64 -29.28
N SER N 448 22.97 60.04 -30.39
CA SER N 448 23.73 58.81 -30.39
C SER N 448 24.84 58.98 -31.40
N TYR N 449 25.92 58.26 -31.21
CA TYR N 449 27.00 58.33 -32.18
C TYR N 449 27.50 56.93 -32.45
N THR N 450 27.77 56.64 -33.71
CA THR N 450 28.37 55.38 -34.11
C THR N 450 29.43 55.66 -35.15
N ALA N 451 30.44 54.80 -35.21
CA ALA N 451 31.41 54.91 -36.29
C ALA N 451 30.76 54.73 -37.65
N LYS N 452 29.98 53.65 -37.80
CA LYS N 452 29.35 53.36 -39.07
C LYS N 452 28.25 54.37 -39.40
N ARG N 453 27.26 54.48 -38.53
CA ARG N 453 26.10 55.32 -38.81
C ARG N 453 26.45 56.80 -38.88
N GLY N 454 27.26 57.28 -37.96
CA GLY N 454 27.48 58.70 -37.86
C GLY N 454 26.74 59.29 -36.69
N VAL N 455 25.89 60.28 -36.91
CA VAL N 455 25.22 60.97 -35.82
C VAL N 455 23.75 60.59 -35.88
N TYR N 456 23.35 59.67 -35.00
CA TYR N 456 21.93 59.48 -34.70
C TYR N 456 21.39 60.70 -33.98
N MET N 457 20.17 61.09 -34.32
CA MET N 457 19.57 62.21 -33.62
C MET N 457 18.09 62.34 -33.97
N SER N 458 17.25 62.44 -32.95
CA SER N 458 15.81 62.37 -33.12
C SER N 458 15.17 63.51 -32.34
N VAL N 459 14.05 63.99 -32.84
CA VAL N 459 13.34 65.12 -32.25
C VAL N 459 11.93 64.66 -31.89
N TYR N 460 11.49 65.05 -30.71
CA TYR N 460 10.22 64.60 -30.15
C TYR N 460 9.32 65.81 -30.05
N TYR N 461 8.12 65.71 -30.60
CA TYR N 461 7.28 66.87 -30.86
C TYR N 461 6.01 66.80 -30.05
N HIS N 462 5.32 67.95 -29.99
CA HIS N 462 3.95 68.06 -29.50
C HIS N 462 3.04 67.30 -30.44
N SER N 463 2.43 66.21 -29.97
CA SER N 463 1.83 65.22 -30.87
C SER N 463 0.30 65.24 -30.90
N GLN N 464 -0.33 66.36 -30.54
CA GLN N 464 -1.75 66.60 -30.76
C GLN N 464 -1.94 67.97 -31.40
N SER N 465 -3.17 68.25 -31.83
CA SER N 465 -3.44 69.45 -32.60
C SER N 465 -4.07 70.56 -31.76
N THR N 466 -4.12 70.40 -30.45
CA THR N 466 -4.63 71.46 -29.58
C THR N 466 -3.55 71.83 -28.59
N TYR N 467 -3.14 73.09 -28.59
CA TYR N 467 -1.98 73.57 -27.85
C TYR N 467 -2.41 74.65 -26.87
N LEU N 468 -2.00 74.50 -25.61
CA LEU N 468 -2.52 75.36 -24.54
C LEU N 468 -1.60 76.56 -24.35
N PRO O 52 -31.96 40.46 -2.26
CA PRO O 52 -31.77 41.27 -3.48
C PRO O 52 -32.61 40.75 -4.65
N SER O 53 -32.74 41.58 -5.70
CA SER O 53 -33.47 41.18 -6.89
C SER O 53 -32.60 40.28 -7.78
N PRO O 54 -33.21 39.37 -8.54
CA PRO O 54 -32.47 38.20 -9.04
C PRO O 54 -31.86 38.35 -10.42
N ALA O 55 -32.68 38.75 -11.40
CA ALA O 55 -32.35 38.51 -12.80
C ALA O 55 -31.02 39.13 -13.24
N GLN O 56 -30.52 40.13 -12.52
CA GLN O 56 -29.26 40.76 -12.86
C GLN O 56 -28.05 39.90 -12.49
N ALA O 57 -28.27 38.61 -12.22
CA ALA O 57 -27.17 37.69 -12.01
C ALA O 57 -26.40 37.43 -13.31
N LEU O 58 -27.07 37.60 -14.45
CA LEU O 58 -26.43 37.38 -15.75
C LEU O 58 -25.20 38.25 -15.94
N ALA O 59 -25.25 39.50 -15.48
CA ALA O 59 -24.15 40.44 -15.68
C ALA O 59 -22.82 39.96 -15.08
N SER O 60 -22.85 39.04 -14.12
CA SER O 60 -21.61 38.65 -13.45
C SER O 60 -20.56 38.21 -14.46
N TYR O 61 -20.93 37.40 -15.42
CA TYR O 61 -19.99 36.85 -16.38
C TYR O 61 -20.16 37.46 -17.77
N HIS O 62 -20.50 38.74 -17.81
CA HIS O 62 -20.59 39.48 -19.06
C HIS O 62 -19.86 40.80 -18.96
N HIS O 63 -19.19 41.17 -20.05
CA HIS O 63 -18.44 42.41 -20.13
C HIS O 63 -19.05 43.33 -21.17
N PHE O 64 -19.51 44.49 -20.73
CA PHE O 64 -20.07 45.45 -21.66
C PHE O 64 -18.95 46.12 -22.43
N PRO O 65 -18.95 46.06 -23.76
CA PRO O 65 -17.77 46.51 -24.50
C PRO O 65 -17.41 47.96 -24.27
N THR O 66 -18.37 48.88 -24.34
CA THR O 66 -18.04 50.29 -24.25
C THR O 66 -18.39 50.84 -22.87
N ASN O 67 -17.77 51.96 -22.52
CA ASN O 67 -18.14 52.64 -21.29
C ASN O 67 -19.56 53.16 -21.34
N ASP O 68 -20.00 53.65 -22.50
CA ASP O 68 -21.37 54.12 -22.60
C ASP O 68 -22.35 53.06 -22.12
N GLN O 69 -22.20 51.83 -22.62
CA GLN O 69 -23.12 50.77 -22.23
C GLN O 69 -23.04 50.48 -20.74
N GLU O 70 -21.81 50.33 -20.22
CA GLU O 70 -21.64 50.05 -18.80
C GLU O 70 -22.41 51.06 -17.97
N ARG O 71 -22.30 52.33 -18.31
CA ARG O 71 -22.96 53.33 -17.50
C ARG O 71 -24.47 53.21 -17.59
N TRP O 72 -25.02 52.88 -18.76
CA TRP O 72 -26.46 52.64 -18.82
C TRP O 72 -26.85 51.44 -17.99
N TRP O 73 -26.10 50.34 -18.10
CA TRP O 73 -26.40 49.20 -17.25
C TRP O 73 -26.47 49.61 -15.79
N GLU O 74 -25.48 50.34 -15.33
CA GLU O 74 -25.50 50.73 -13.95
C GLU O 74 -26.67 51.65 -13.67
N GLU O 75 -27.16 52.35 -14.69
CA GLU O 75 -28.19 53.34 -14.50
C GLU O 75 -29.59 52.72 -14.49
N THR O 76 -29.82 51.70 -15.33
CA THR O 76 -31.13 51.09 -15.41
C THR O 76 -31.13 49.58 -15.22
N GLY O 77 -29.97 48.95 -15.07
CA GLY O 77 -29.96 47.50 -15.02
C GLY O 77 -30.79 46.94 -13.87
N SER O 78 -30.52 47.41 -12.64
CA SER O 78 -31.27 46.91 -11.49
C SER O 78 -32.77 47.18 -11.64
N LEU O 79 -33.12 48.40 -12.05
CA LEU O 79 -34.52 48.81 -12.10
C LEU O 79 -35.31 47.89 -13.00
N PHE O 80 -34.77 47.58 -14.18
CA PHE O 80 -35.46 46.64 -15.06
C PHE O 80 -35.57 45.27 -14.40
N SER O 81 -34.52 44.85 -13.67
CA SER O 81 -34.59 43.59 -12.97
C SER O 81 -35.74 43.59 -11.97
N ARG O 82 -35.98 44.73 -11.33
CA ARG O 82 -37.10 44.81 -10.40
C ARG O 82 -38.44 44.77 -11.12
N PHE O 83 -38.54 45.44 -12.27
CA PHE O 83 -39.81 45.41 -12.99
C PHE O 83 -40.14 44.01 -13.49
N LEU O 84 -39.15 43.25 -13.93
CA LEU O 84 -39.42 41.85 -14.22
C LEU O 84 -39.99 41.13 -13.01
N GLU O 85 -39.41 41.36 -11.83
CA GLU O 85 -39.92 40.75 -10.60
C GLU O 85 -41.34 41.20 -10.32
N ALA O 86 -41.59 42.52 -10.33
CA ALA O 86 -42.95 43.02 -10.09
C ALA O 86 -43.93 42.58 -11.18
N GLY O 87 -43.45 42.10 -12.30
CA GLY O 87 -44.37 41.62 -13.30
C GLY O 87 -44.78 40.19 -13.11
N GLN O 88 -44.23 39.53 -12.09
CA GLN O 88 -44.57 38.14 -11.78
C GLN O 88 -44.26 37.21 -12.96
N TYR O 89 -43.12 37.42 -13.58
CA TYR O 89 -42.72 36.58 -14.70
C TYR O 89 -42.03 35.33 -14.20
N GLY O 90 -42.23 34.24 -14.93
CA GLY O 90 -41.51 33.02 -14.61
C GLY O 90 -40.01 33.26 -14.64
N LEU O 91 -39.31 32.67 -13.69
CA LEU O 91 -37.89 32.93 -13.58
C LEU O 91 -37.14 32.68 -14.88
N PRO O 92 -37.39 31.60 -15.63
CA PRO O 92 -36.75 31.48 -16.95
C PRO O 92 -37.06 32.65 -17.85
N GLN O 93 -38.29 33.14 -17.83
CA GLN O 93 -38.63 34.25 -18.70
C GLN O 93 -37.91 35.53 -18.27
N GLN O 94 -37.75 35.74 -16.97
CA GLN O 94 -37.01 36.93 -16.53
C GLN O 94 -35.61 36.94 -17.16
N TYR O 95 -34.88 35.84 -17.01
CA TYR O 95 -33.55 35.76 -17.59
C TYR O 95 -33.64 35.87 -19.10
N GLN O 96 -34.69 35.32 -19.68
CA GLN O 96 -34.85 35.31 -21.13
C GLN O 96 -35.05 36.74 -21.65
N PHE O 97 -35.92 37.51 -21.00
CA PHE O 97 -36.07 38.90 -21.39
C PHE O 97 -34.89 39.72 -20.92
N MET O 98 -34.34 39.39 -19.75
CA MET O 98 -33.11 40.08 -19.31
C MET O 98 -32.01 39.94 -20.36
N PHE O 99 -31.83 38.74 -20.89
CA PHE O 99 -30.86 38.54 -21.98
C PHE O 99 -31.13 39.50 -23.11
N PHE O 100 -32.38 39.55 -23.57
CA PHE O 100 -32.77 40.45 -24.65
C PHE O 100 -32.42 41.90 -24.31
N PHE O 101 -32.74 42.33 -23.09
CA PHE O 101 -32.47 43.71 -22.71
C PHE O 101 -31.01 44.04 -22.84
N MET O 102 -30.12 43.15 -22.40
CA MET O 102 -28.69 43.44 -22.39
C MET O 102 -28.13 43.60 -23.80
N HIS O 103 -28.52 42.71 -24.70
CA HIS O 103 -27.89 42.63 -26.02
C HIS O 103 -28.41 43.68 -27.00
N HIS O 104 -29.68 44.01 -26.93
CA HIS O 104 -30.28 44.81 -27.99
C HIS O 104 -30.68 46.20 -27.54
N LEU O 105 -30.91 46.42 -26.26
CA LEU O 105 -31.39 47.73 -25.82
C LEU O 105 -30.29 48.58 -25.18
N ILE O 106 -29.36 47.97 -24.45
CA ILE O 106 -28.28 48.74 -23.85
C ILE O 106 -27.35 49.28 -24.93
N PRO O 107 -26.96 48.48 -25.92
CA PRO O 107 -26.23 49.11 -27.05
C PRO O 107 -26.96 50.29 -27.70
N ALA O 108 -28.28 50.20 -27.80
CA ALA O 108 -29.08 51.21 -28.48
C ALA O 108 -29.33 52.47 -27.68
N LEU O 109 -28.91 52.52 -26.42
CA LEU O 109 -29.11 53.73 -25.64
C LEU O 109 -28.15 54.87 -26.03
N GLY O 110 -26.97 54.57 -26.57
CA GLY O 110 -26.03 55.58 -27.01
C GLY O 110 -25.17 56.11 -25.88
N PRO O 111 -24.63 57.31 -26.04
CA PRO O 111 -23.74 57.87 -25.02
C PRO O 111 -24.42 57.95 -23.66
N TYR O 112 -23.71 57.53 -22.61
CA TYR O 112 -24.33 57.57 -21.30
C TYR O 112 -24.69 58.98 -20.87
N PRO O 113 -23.79 59.89 -20.73
CA PRO O 113 -24.22 61.28 -20.57
C PRO O 113 -24.99 61.64 -21.83
N GLN O 114 -26.30 61.42 -21.81
CA GLN O 114 -27.05 61.41 -23.07
C GLN O 114 -27.08 62.80 -23.65
N LYS O 115 -26.77 62.90 -24.93
CA LYS O 115 -26.70 64.15 -25.65
C LYS O 115 -28.03 64.48 -26.32
N TRP O 116 -28.93 63.50 -26.41
CA TRP O 116 -30.14 63.56 -27.20
C TRP O 116 -31.36 63.53 -26.30
N ARG O 117 -32.30 64.44 -26.53
CA ARG O 117 -33.61 64.32 -25.89
C ARG O 117 -34.55 63.53 -26.78
N SER O 118 -35.13 62.47 -26.21
CA SER O 118 -36.13 61.67 -26.90
C SER O 118 -37.52 62.22 -26.61
N THR O 119 -38.37 62.21 -27.64
CA THR O 119 -39.72 62.76 -27.49
C THR O 119 -40.54 61.95 -26.50
N ILE O 120 -40.24 60.66 -26.36
CA ILE O 120 -41.15 59.75 -25.67
C ILE O 120 -41.21 60.03 -24.17
N SER O 121 -40.15 60.51 -23.58
CA SER O 121 -40.15 60.64 -22.13
C SER O 121 -40.34 62.10 -21.72
N ARG O 122 -41.03 62.31 -20.61
CA ARG O 122 -41.14 63.66 -20.08
C ARG O 122 -39.75 64.25 -19.86
N SER O 123 -38.86 63.48 -19.21
CA SER O 123 -37.50 63.93 -18.96
C SER O 123 -36.67 63.93 -20.22
N GLY O 124 -37.03 63.10 -21.19
CA GLY O 124 -36.30 63.03 -22.43
C GLY O 124 -35.45 61.78 -22.59
N LEU O 125 -35.41 60.92 -21.61
CA LEU O 125 -34.47 59.84 -21.84
C LEU O 125 -35.09 58.75 -22.70
N PRO O 126 -34.29 58.07 -23.48
CA PRO O 126 -34.83 57.21 -24.54
C PRO O 126 -35.59 55.97 -24.09
N ILE O 127 -35.92 55.84 -22.81
CA ILE O 127 -36.53 54.60 -22.34
C ILE O 127 -37.58 54.89 -21.28
N GLU O 128 -38.64 54.08 -21.26
CA GLU O 128 -39.52 54.09 -20.09
C GLU O 128 -40.25 52.77 -19.96
N PHE O 129 -40.50 52.40 -18.70
CA PHE O 129 -41.08 51.11 -18.33
C PHE O 129 -42.52 51.28 -17.89
N SER O 130 -43.35 50.30 -18.27
CA SER O 130 -44.79 50.33 -18.00
C SER O 130 -45.22 49.03 -17.34
N LEU O 131 -46.22 49.14 -16.48
CA LEU O 131 -46.94 47.99 -15.93
C LEU O 131 -48.40 48.10 -16.32
N ASN O 132 -48.91 47.08 -16.99
CA ASN O 132 -50.31 47.03 -17.38
C ASN O 132 -51.03 46.06 -16.46
N PHE O 133 -52.06 46.56 -15.77
CA PHE O 133 -52.84 45.76 -14.85
C PHE O 133 -54.15 45.33 -15.50
N GLN O 134 -54.50 44.07 -15.30
CA GLN O 134 -55.68 43.45 -15.88
C GLN O 134 -56.58 42.91 -14.77
N LYS O 135 -57.72 42.37 -15.17
CA LYS O 135 -58.70 41.87 -14.21
C LYS O 135 -58.19 40.55 -13.66
N GLY O 136 -57.42 40.63 -12.58
CA GLY O 136 -57.01 39.47 -11.81
C GLY O 136 -56.04 38.54 -12.47
N SER O 137 -55.95 38.56 -13.81
CA SER O 137 -55.01 37.68 -14.49
C SER O 137 -53.61 37.88 -13.94
N HIS O 138 -53.17 39.14 -13.91
CA HIS O 138 -51.84 39.54 -13.46
C HIS O 138 -51.49 40.88 -14.07
N ARG O 139 -50.20 41.15 -14.20
CA ARG O 139 -49.70 42.39 -14.75
C ARG O 139 -48.67 42.06 -15.84
N LEU O 140 -48.48 43.01 -16.75
CA LEU O 140 -47.50 42.87 -17.82
C LEU O 140 -46.54 44.04 -17.79
N LEU O 141 -45.34 43.81 -18.33
CA LEU O 141 -44.29 44.81 -18.40
C LEU O 141 -44.14 45.32 -19.83
N ARG O 142 -43.98 46.65 -19.94
CA ARG O 142 -43.89 47.37 -21.21
C ARG O 142 -42.66 48.28 -21.20
N ILE O 143 -41.97 48.38 -22.35
CA ILE O 143 -40.84 49.29 -22.52
C ILE O 143 -41.08 50.17 -23.75
N GLY O 144 -40.90 51.48 -23.57
CA GLY O 144 -40.87 52.40 -24.69
C GLY O 144 -39.43 52.79 -25.01
N PHE O 145 -39.07 52.68 -26.29
CA PHE O 145 -37.67 52.79 -26.70
C PHE O 145 -37.52 53.78 -27.86
N GLU O 146 -36.44 54.57 -27.83
CA GLU O 146 -35.95 55.27 -29.01
C GLU O 146 -34.46 54.99 -29.18
N PRO O 147 -34.05 54.19 -30.16
CA PRO O 147 -32.61 53.97 -30.34
C PRO O 147 -31.86 55.28 -30.60
N VAL O 148 -30.64 55.37 -30.07
CA VAL O 148 -29.80 56.55 -30.18
C VAL O 148 -28.35 56.12 -30.43
N SER O 149 -27.59 57.01 -31.05
CA SER O 149 -26.13 56.85 -31.15
C SER O 149 -25.49 58.22 -31.01
N PHE O 150 -24.17 58.23 -30.96
CA PHE O 150 -23.45 59.49 -30.84
C PHE O 150 -23.69 60.35 -32.06
N LEU O 151 -24.05 59.75 -33.19
CA LEU O 151 -24.41 60.52 -34.37
C LEU O 151 -25.75 61.22 -34.22
N SER O 152 -26.63 60.72 -33.36
CA SER O 152 -27.97 61.28 -33.22
C SER O 152 -27.89 62.75 -32.82
N GLY O 153 -28.54 63.60 -33.62
CA GLY O 153 -28.51 65.03 -33.39
C GLY O 153 -27.35 65.75 -34.01
N SER O 154 -26.51 65.05 -34.77
CA SER O 154 -25.33 65.62 -35.38
C SER O 154 -25.61 66.00 -36.83
N SER O 155 -24.58 66.49 -37.51
CA SER O 155 -24.71 66.80 -38.93
C SER O 155 -25.04 65.55 -39.72
N GLN O 156 -24.48 64.40 -39.32
CA GLN O 156 -24.65 63.19 -40.12
C GLN O 156 -26.04 62.60 -39.96
N ASP O 157 -26.69 62.85 -38.82
CA ASP O 157 -28.08 62.43 -38.61
C ASP O 157 -28.74 63.33 -37.59
N PRO O 158 -29.21 64.51 -38.02
CA PRO O 158 -29.74 65.48 -37.06
C PRO O 158 -31.09 65.11 -36.51
N PHE O 159 -31.82 64.18 -37.14
CA PHE O 159 -33.14 63.79 -36.64
C PHE O 159 -33.25 62.30 -36.35
N ASN O 160 -32.12 61.63 -36.17
CA ASN O 160 -32.09 60.33 -35.51
C ASN O 160 -32.91 59.29 -36.29
N ARG O 161 -32.69 59.21 -37.57
CA ARG O 161 -33.27 58.10 -38.30
C ARG O 161 -32.37 56.87 -38.28
N ILE O 162 -31.06 57.04 -38.12
CA ILE O 162 -30.11 55.96 -38.42
C ILE O 162 -30.32 54.86 -37.39
N PRO O 163 -30.35 55.18 -36.09
CA PRO O 163 -30.54 54.09 -35.11
C PRO O 163 -31.80 53.28 -35.35
N ILE O 164 -32.87 53.93 -35.81
CA ILE O 164 -34.14 53.25 -36.02
C ILE O 164 -33.98 52.10 -37.00
N THR O 165 -33.35 52.35 -38.13
CA THR O 165 -33.18 51.31 -39.13
C THR O 165 -32.14 50.28 -38.68
N ASP O 166 -31.13 50.70 -37.91
CA ASP O 166 -30.18 49.74 -37.36
C ASP O 166 -30.90 48.77 -36.45
N LEU O 167 -31.63 49.30 -35.46
CA LEU O 167 -32.37 48.45 -34.54
C LEU O 167 -33.39 47.57 -35.27
N LEU O 168 -34.03 48.13 -36.30
CA LEU O 168 -35.01 47.35 -37.03
C LEU O 168 -34.40 46.15 -37.72
N ASN O 169 -33.09 46.15 -37.97
CA ASN O 169 -32.47 44.98 -38.57
C ASN O 169 -32.07 43.98 -37.51
N ARG O 170 -31.64 44.43 -36.34
CA ARG O 170 -31.40 43.49 -35.26
C ARG O 170 -32.62 42.60 -35.05
N LEU O 171 -33.79 43.23 -34.97
CA LEU O 171 -34.99 42.49 -34.61
C LEU O 171 -35.33 41.45 -35.67
N SER O 172 -35.20 41.82 -36.95
CA SER O 172 -35.48 40.85 -38.01
C SER O 172 -34.48 39.70 -38.00
N LYS O 173 -33.25 39.95 -37.57
CA LYS O 173 -32.29 38.85 -37.51
C LYS O 173 -32.69 37.87 -36.43
N LEU O 174 -33.19 38.38 -35.31
CA LEU O 174 -33.74 37.53 -34.29
C LEU O 174 -34.94 36.76 -34.85
N GLN O 175 -34.99 35.47 -34.54
CA GLN O 175 -36.12 34.63 -34.96
C GLN O 175 -37.25 34.89 -33.97
N LEU O 176 -38.14 35.82 -34.34
CA LEU O 176 -39.26 36.24 -33.53
C LEU O 176 -40.57 35.80 -34.17
N SER O 177 -41.50 35.33 -33.35
CA SER O 177 -42.77 34.83 -33.85
C SER O 177 -43.61 35.98 -34.37
N ASN O 178 -44.14 35.80 -35.58
CA ASN O 178 -45.13 36.71 -36.16
C ASN O 178 -44.59 38.12 -36.30
N PHE O 179 -43.44 38.25 -36.96
CA PHE O 179 -42.75 39.54 -37.07
C PHE O 179 -42.64 39.90 -38.55
N ASP O 180 -43.48 40.86 -38.98
CA ASP O 180 -43.41 41.43 -40.31
C ASP O 180 -43.20 42.94 -40.20
N THR O 181 -42.45 43.50 -41.14
CA THR O 181 -42.16 44.93 -41.12
C THR O 181 -42.92 45.76 -42.16
N PRO O 182 -43.62 45.16 -43.13
CA PRO O 182 -44.13 45.98 -44.24
C PRO O 182 -44.98 47.16 -43.83
N PHE O 183 -45.92 46.97 -42.90
CA PHE O 183 -46.79 48.09 -42.56
C PHE O 183 -45.97 49.25 -42.01
N PHE O 184 -45.02 48.95 -41.12
CA PHE O 184 -44.22 50.01 -40.52
C PHE O 184 -43.30 50.68 -41.53
N GLN O 185 -42.65 49.88 -42.38
CA GLN O 185 -41.84 50.47 -43.44
C GLN O 185 -42.66 51.48 -44.24
N HIS O 186 -43.91 51.13 -44.57
CA HIS O 186 -44.77 52.02 -45.35
C HIS O 186 -44.89 53.38 -44.67
N LEU O 187 -45.11 53.40 -43.37
CA LEU O 187 -45.27 54.69 -42.71
C LEU O 187 -43.96 55.47 -42.76
N LEU O 188 -42.84 54.81 -42.50
CA LEU O 188 -41.56 55.50 -42.59
C LEU O 188 -41.38 56.13 -43.95
N SER O 189 -41.51 55.33 -45.01
CA SER O 189 -41.33 55.87 -46.34
C SER O 189 -42.18 57.12 -46.52
N LYS O 190 -43.41 57.09 -46.02
CA LYS O 190 -44.29 58.25 -46.06
C LYS O 190 -43.80 59.42 -45.24
N PHE O 191 -42.76 59.25 -44.44
CA PHE O 191 -42.35 60.36 -43.59
C PHE O 191 -40.86 60.62 -43.63
N GLN O 192 -40.17 60.28 -44.73
CA GLN O 192 -38.75 60.59 -44.81
C GLN O 192 -38.59 62.03 -45.28
N LEU O 193 -37.34 62.48 -45.43
CA LEU O 193 -37.15 63.92 -45.56
C LEU O 193 -36.22 64.33 -46.71
N SER O 194 -34.95 63.96 -46.65
CA SER O 194 -33.96 64.23 -47.70
C SER O 194 -33.54 65.70 -47.76
N LEU O 195 -33.86 66.38 -48.86
CA LEU O 195 -33.60 67.81 -48.92
C LEU O 195 -34.37 68.55 -47.84
N SER O 196 -35.43 67.94 -47.29
CA SER O 196 -36.20 68.58 -46.24
C SER O 196 -35.36 68.83 -45.00
N GLU O 197 -34.45 67.89 -44.68
CA GLU O 197 -33.52 68.10 -43.57
C GLU O 197 -32.89 69.48 -43.63
N VAL O 198 -32.40 69.88 -44.83
CA VAL O 198 -31.67 71.13 -44.97
C VAL O 198 -32.57 72.31 -44.60
N ARG O 199 -33.79 72.32 -45.13
CA ARG O 199 -34.77 73.34 -44.74
C ARG O 199 -34.94 73.35 -43.24
N GLN O 200 -35.12 72.15 -42.69
CA GLN O 200 -35.45 71.99 -41.27
C GLN O 200 -34.30 72.47 -40.39
N LEU O 201 -33.07 72.08 -40.72
CA LEU O 201 -31.91 72.56 -39.97
C LEU O 201 -32.00 74.07 -39.70
N GLN O 202 -32.47 74.85 -40.67
CA GLN O 202 -32.74 76.23 -40.39
C GLN O 202 -34.01 76.35 -39.56
N PRO O 212 -37.44 72.42 -30.00
CA PRO O 212 -38.65 71.60 -29.84
C PRO O 212 -38.36 70.11 -29.74
N LEU O 213 -39.16 69.31 -30.44
CA LEU O 213 -39.08 67.87 -30.38
C LEU O 213 -38.62 67.34 -31.73
N LYS O 214 -37.57 66.53 -31.72
CA LYS O 214 -36.87 66.18 -32.95
C LYS O 214 -37.03 64.74 -33.38
N SER O 215 -37.41 63.86 -32.47
CA SER O 215 -37.41 62.45 -32.82
C SER O 215 -38.50 62.15 -33.83
N GLN O 216 -38.19 61.19 -34.71
CA GLN O 216 -39.03 60.87 -35.86
C GLN O 216 -39.69 59.49 -35.79
N ALA O 217 -39.29 58.61 -34.88
CA ALA O 217 -39.87 57.29 -34.70
C ALA O 217 -39.43 56.82 -33.33
N ALA O 218 -40.04 55.73 -32.91
CA ALA O 218 -39.73 55.06 -31.67
C ALA O 218 -40.24 53.63 -31.74
N PHE O 219 -39.92 52.88 -30.68
CA PHE O 219 -40.30 51.48 -30.59
C PHE O 219 -41.06 51.20 -29.30
N GLY O 220 -41.74 50.07 -29.28
CA GLY O 220 -42.38 49.61 -28.06
C GLY O 220 -42.20 48.12 -27.89
N PHE O 221 -42.04 47.65 -26.66
CA PHE O 221 -41.82 46.23 -26.40
C PHE O 221 -42.78 45.75 -25.33
N ASP O 222 -43.61 44.77 -25.70
CA ASP O 222 -44.52 44.10 -24.78
C ASP O 222 -44.02 42.69 -24.53
N PHE O 223 -43.77 42.38 -23.25
CA PHE O 223 -43.32 41.05 -22.81
C PHE O 223 -44.52 40.32 -22.25
N ASN O 224 -45.12 39.42 -23.01
CA ASN O 224 -46.31 38.75 -22.48
C ASN O 224 -45.86 37.63 -21.56
N PRO O 225 -46.77 37.08 -20.76
CA PRO O 225 -46.34 36.10 -19.74
C PRO O 225 -45.59 34.92 -20.33
N ASP O 226 -46.00 34.46 -21.51
CA ASP O 226 -45.20 33.52 -22.27
C ASP O 226 -43.89 34.18 -22.68
N GLY O 227 -42.87 33.35 -22.89
CA GLY O 227 -41.56 33.86 -23.28
C GLY O 227 -41.53 34.46 -24.68
N ALA O 228 -42.37 35.45 -24.93
CA ALA O 228 -42.49 36.07 -26.25
C ALA O 228 -42.51 37.58 -26.12
N ILE O 229 -41.79 38.27 -27.00
CA ILE O 229 -41.81 39.73 -27.07
C ILE O 229 -42.69 40.12 -28.25
N LEU O 230 -43.49 41.16 -28.08
CA LEU O 230 -44.26 41.73 -29.18
C LEU O 230 -43.80 43.17 -29.40
N VAL O 231 -43.58 43.54 -30.66
CA VAL O 231 -42.92 44.79 -31.02
C VAL O 231 -43.97 45.80 -31.49
N LYS O 232 -43.93 46.99 -30.91
CA LYS O 232 -44.81 48.10 -31.25
C LYS O 232 -43.95 49.25 -31.76
N GLY O 233 -44.40 49.89 -32.83
CA GLY O 233 -43.66 50.96 -33.46
C GLY O 233 -44.45 52.26 -33.49
N TYR O 234 -43.72 53.37 -33.40
CA TYR O 234 -44.31 54.69 -33.40
C TYR O 234 -43.77 55.50 -34.58
N VAL O 235 -44.49 56.56 -34.93
CA VAL O 235 -44.07 57.45 -36.02
C VAL O 235 -44.51 58.85 -35.67
N PHE O 236 -43.63 59.83 -35.85
CA PHE O 236 -43.93 61.20 -35.43
C PHE O 236 -43.95 62.12 -36.64
N PRO O 237 -45.14 62.39 -37.20
CA PRO O 237 -45.23 63.10 -38.49
C PRO O 237 -45.08 64.61 -38.39
N TYR O 238 -44.84 65.18 -37.22
CA TYR O 238 -44.70 66.63 -37.14
C TYR O 238 -43.56 67.14 -38.01
N LEU O 239 -42.45 66.41 -38.05
CA LEU O 239 -41.33 66.89 -38.85
C LEU O 239 -41.70 66.96 -40.33
N LYS O 240 -42.14 65.83 -40.89
CA LYS O 240 -42.49 65.80 -42.31
C LYS O 240 -43.54 66.85 -42.61
N ALA O 241 -44.48 67.05 -41.69
CA ALA O 241 -45.53 68.05 -41.89
C ALA O 241 -44.97 69.47 -41.84
N LYS O 242 -44.04 69.74 -40.93
CA LYS O 242 -43.48 71.09 -40.83
C LYS O 242 -42.67 71.46 -42.06
N ALA O 243 -41.91 70.51 -42.60
CA ALA O 243 -41.12 70.80 -43.78
C ALA O 243 -42.01 71.12 -44.98
N ALA O 244 -43.06 70.32 -45.21
CA ALA O 244 -43.94 70.52 -46.35
C ALA O 244 -44.99 71.61 -46.11
N ASP O 245 -44.96 72.27 -44.95
CA ASP O 245 -45.95 73.30 -44.63
C ASP O 245 -47.36 72.81 -44.96
N VAL O 246 -47.65 71.59 -44.55
CA VAL O 246 -48.95 70.96 -44.74
C VAL O 246 -49.48 70.56 -43.37
N PRO O 247 -50.76 70.76 -43.07
CA PRO O 247 -51.29 70.36 -41.77
C PRO O 247 -51.14 68.86 -41.56
N VAL O 248 -50.87 68.47 -40.31
CA VAL O 248 -50.49 67.09 -40.01
C VAL O 248 -51.55 66.12 -40.50
N GLY O 249 -52.82 66.42 -40.19
CA GLY O 249 -53.87 65.49 -40.53
C GLY O 249 -53.98 65.22 -42.01
N THR O 250 -53.78 66.25 -42.83
CA THR O 250 -53.91 66.08 -44.27
C THR O 250 -53.00 64.99 -44.78
N LEU O 251 -51.75 64.97 -44.33
CA LEU O 251 -50.84 63.90 -44.73
C LEU O 251 -51.05 62.65 -43.87
N ILE O 252 -51.52 62.79 -42.63
CA ILE O 252 -51.90 61.60 -41.87
C ILE O 252 -53.04 60.88 -42.58
N ALA O 253 -54.11 61.62 -42.90
CA ALA O 253 -55.21 61.06 -43.66
C ALA O 253 -54.72 60.50 -44.98
N GLU O 254 -53.92 61.28 -45.71
CA GLU O 254 -53.40 60.80 -46.98
C GLU O 254 -52.51 59.59 -46.75
N ALA O 255 -51.84 59.56 -45.60
CA ALA O 255 -51.05 58.40 -45.23
C ALA O 255 -51.93 57.17 -45.01
N VAL O 256 -53.02 57.33 -44.26
CA VAL O 256 -53.96 56.23 -44.07
C VAL O 256 -54.59 55.84 -45.39
N ARG O 257 -54.92 56.83 -46.21
CA ARG O 257 -55.56 56.54 -47.49
C ARG O 257 -54.63 55.73 -48.40
N THR O 258 -53.34 56.06 -48.40
CA THR O 258 -52.38 55.34 -49.23
C THR O 258 -52.35 53.86 -48.90
N ILE O 259 -52.66 53.51 -47.65
CA ILE O 259 -52.80 52.11 -47.27
C ILE O 259 -54.21 51.59 -47.49
N ASP O 260 -55.16 52.45 -47.90
CA ASP O 260 -56.55 52.03 -48.08
C ASP O 260 -56.74 51.21 -49.36
N VAL O 261 -56.21 51.68 -50.50
CA VAL O 261 -56.15 50.80 -51.65
C VAL O 261 -55.27 49.60 -51.34
N GLU O 262 -54.31 49.78 -50.42
CA GLU O 262 -53.49 48.67 -49.94
C GLU O 262 -54.33 47.72 -49.09
N ARG O 263 -55.21 48.25 -48.24
CA ARG O 263 -56.44 47.60 -47.79
C ARG O 263 -57.33 48.59 -47.04
N ASN O 264 -58.53 48.76 -47.59
CA ASN O 264 -59.48 49.78 -47.15
C ASN O 264 -60.29 49.32 -45.95
N GLN O 265 -59.61 48.86 -44.90
CA GLN O 265 -60.29 48.44 -43.69
C GLN O 265 -60.24 49.47 -42.59
N PHE O 266 -59.41 50.49 -42.73
CA PHE O 266 -59.28 51.55 -41.74
C PHE O 266 -60.06 52.78 -42.12
N THR O 267 -60.59 52.80 -43.35
CA THR O 267 -61.29 53.97 -43.87
C THR O 267 -62.42 54.41 -42.94
N HIS O 268 -63.37 53.51 -42.68
CA HIS O 268 -64.56 53.89 -41.93
C HIS O 268 -64.18 54.45 -40.57
N ALA O 269 -63.45 53.66 -39.79
CA ALA O 269 -63.09 54.12 -38.45
C ALA O 269 -62.25 55.39 -38.51
N PHE O 270 -61.28 55.44 -39.42
CA PHE O 270 -60.39 56.60 -39.45
C PHE O 270 -61.14 57.85 -39.85
N GLY O 271 -61.76 57.84 -41.03
CA GLY O 271 -62.57 58.97 -41.44
C GLY O 271 -63.53 59.39 -40.35
N LEU O 272 -63.92 58.44 -39.50
CA LEU O 272 -64.77 58.77 -38.36
C LEU O 272 -64.01 59.58 -37.31
N ILE O 273 -62.71 59.31 -37.15
CA ILE O 273 -61.92 60.11 -36.21
C ILE O 273 -61.50 61.46 -36.82
N ASN O 274 -60.93 61.46 -38.02
CA ASN O 274 -60.48 62.60 -38.77
C ASN O 274 -61.56 63.68 -38.82
N ASP O 275 -62.85 63.27 -38.84
CA ASP O 275 -63.90 64.27 -38.76
C ASP O 275 -63.90 64.98 -37.42
N TYR O 276 -63.82 64.21 -36.34
CA TYR O 276 -63.82 64.85 -35.02
C TYR O 276 -62.58 65.71 -34.82
N MET O 277 -61.42 65.26 -35.30
CA MET O 277 -60.21 66.04 -35.11
C MET O 277 -60.33 67.39 -35.79
N GLN O 278 -60.93 67.40 -36.98
CA GLN O 278 -61.15 68.66 -37.70
C GLN O 278 -62.26 69.48 -37.05
N GLU O 279 -63.26 68.84 -36.47
CA GLU O 279 -64.24 69.61 -35.71
C GLU O 279 -63.56 70.41 -34.61
N SER O 280 -62.80 69.75 -33.75
CA SER O 280 -62.35 70.32 -32.49
C SER O 280 -60.98 70.98 -32.58
N THR O 281 -60.40 71.08 -33.76
CA THR O 281 -59.01 71.50 -33.89
C THR O 281 -58.13 70.58 -33.04
N GLY O 282 -58.46 69.29 -33.08
CA GLY O 282 -57.75 68.33 -32.26
C GLY O 282 -56.34 68.08 -32.76
N TYR O 283 -56.16 68.06 -34.08
CA TYR O 283 -54.84 67.94 -34.66
C TYR O 283 -53.95 69.08 -34.22
N ASN O 284 -52.67 68.79 -34.02
CA ASN O 284 -51.71 69.76 -33.53
C ASN O 284 -50.32 69.18 -33.78
N GLU O 285 -49.30 69.90 -33.33
CA GLU O 285 -47.95 69.39 -33.44
C GLU O 285 -47.78 68.06 -32.73
N TYR O 286 -48.48 67.87 -31.61
CA TYR O 286 -48.29 66.71 -30.74
C TYR O 286 -48.96 65.43 -31.26
N THR O 287 -49.92 65.55 -32.18
CA THR O 287 -50.55 64.37 -32.73
C THR O 287 -49.51 63.47 -33.40
N PHE O 288 -49.60 62.17 -33.14
CA PHE O 288 -48.72 61.21 -33.80
C PHE O 288 -49.46 59.88 -33.94
N LEU O 289 -48.73 58.84 -34.36
CA LEU O 289 -49.35 57.64 -34.89
C LEU O 289 -48.61 56.43 -34.34
N SER O 290 -49.25 55.25 -34.40
CA SER O 290 -48.70 54.03 -33.80
C SER O 290 -49.12 52.81 -34.60
N CYS O 291 -48.49 51.68 -34.35
CA CYS O 291 -48.92 50.44 -34.99
C CYS O 291 -48.18 49.27 -34.35
N ASP O 292 -48.48 48.07 -34.83
CA ASP O 292 -47.88 46.82 -34.37
C ASP O 292 -47.07 46.20 -35.50
N PHE O 293 -46.10 45.38 -35.14
CA PHE O 293 -45.24 44.69 -36.10
C PHE O 293 -45.75 43.28 -36.40
N VAL O 294 -46.83 43.20 -37.17
CA VAL O 294 -47.38 41.90 -37.54
C VAL O 294 -48.27 42.04 -38.76
N GLU O 295 -48.50 40.92 -39.45
CA GLU O 295 -49.59 40.73 -40.39
C GLU O 295 -50.68 41.80 -40.28
N THR O 296 -51.11 42.32 -41.43
CA THR O 296 -52.09 43.39 -41.45
C THR O 296 -53.39 42.97 -40.78
N SER O 297 -53.79 41.70 -40.94
CA SER O 297 -55.06 41.26 -40.41
C SER O 297 -55.17 41.53 -38.91
N GLU O 298 -54.12 41.17 -38.16
CA GLU O 298 -54.12 41.31 -36.72
C GLU O 298 -53.56 42.63 -36.23
N GLN O 299 -53.42 43.61 -37.12
CA GLN O 299 -52.76 44.85 -36.74
C GLN O 299 -53.74 45.91 -36.28
N ARG O 300 -53.31 46.69 -35.30
CA ARG O 300 -54.13 47.69 -34.63
C ARG O 300 -53.42 49.03 -34.74
N LEU O 301 -53.79 49.87 -35.72
CA LEU O 301 -53.15 51.17 -35.81
C LEU O 301 -53.86 52.16 -34.87
N LYS O 302 -53.09 53.06 -34.30
CA LYS O 302 -53.56 53.94 -33.24
C LYS O 302 -53.14 55.35 -33.58
N ILE O 303 -54.01 56.32 -33.31
CA ILE O 303 -53.70 57.74 -33.49
C ILE O 303 -53.68 58.39 -32.12
N TYR O 304 -52.60 59.08 -31.80
CA TYR O 304 -52.52 59.73 -30.49
C TYR O 304 -52.58 61.23 -30.70
N GLY O 305 -52.87 61.94 -29.61
CA GLY O 305 -52.90 63.38 -29.63
C GLY O 305 -52.86 63.91 -28.22
N ALA O 306 -52.86 65.24 -28.11
CA ALA O 306 -52.77 65.90 -26.81
C ALA O 306 -53.61 67.17 -26.80
N HIS O 307 -53.90 67.66 -25.60
CA HIS O 307 -54.53 68.96 -25.39
C HIS O 307 -53.94 69.67 -24.19
N THR O 308 -53.69 70.96 -24.37
CA THR O 308 -53.04 71.76 -23.34
C THR O 308 -53.88 71.84 -22.06
N GLU O 309 -55.10 72.35 -22.17
CA GLU O 309 -56.04 72.43 -21.07
C GLU O 309 -57.31 71.69 -21.42
N VAL O 310 -57.80 70.90 -20.46
CA VAL O 310 -58.91 70.00 -20.71
C VAL O 310 -59.76 69.90 -19.45
N THR O 311 -61.07 70.06 -19.61
CA THR O 311 -62.03 69.89 -18.54
C THR O 311 -62.59 68.47 -18.61
N TRP O 312 -63.40 68.11 -17.61
CA TRP O 312 -64.10 66.84 -17.72
C TRP O 312 -64.97 66.83 -18.98
N ALA O 313 -65.71 67.92 -19.20
CA ALA O 313 -66.57 67.95 -20.37
C ALA O 313 -65.76 67.71 -21.63
N LYS O 314 -64.58 68.33 -21.71
CA LYS O 314 -63.69 68.08 -22.83
C LYS O 314 -63.31 66.60 -22.89
N ILE O 315 -63.06 66.01 -21.72
CA ILE O 315 -62.71 64.59 -21.68
C ILE O 315 -63.87 63.76 -22.20
N ALA O 316 -65.07 64.07 -21.73
CA ALA O 316 -66.25 63.35 -22.22
C ALA O 316 -66.43 63.59 -23.70
N GLU O 317 -66.28 64.84 -24.14
CA GLU O 317 -66.35 65.17 -25.55
C GLU O 317 -65.36 64.35 -26.38
N MET O 318 -64.13 64.22 -25.90
CA MET O 318 -63.16 63.41 -26.63
C MET O 318 -63.45 61.94 -26.48
N TRP O 319 -63.80 61.49 -25.26
CA TRP O 319 -64.01 60.06 -25.03
C TRP O 319 -65.09 59.52 -25.94
N THR O 320 -66.17 60.28 -26.10
CA THR O 320 -67.25 59.95 -27.02
C THR O 320 -67.06 60.57 -28.40
N LEU O 321 -65.88 61.10 -28.68
CA LEU O 321 -65.50 61.55 -30.02
C LEU O 321 -66.57 62.49 -30.57
N GLY O 322 -66.83 63.54 -29.81
CA GLY O 322 -68.02 64.33 -30.06
C GLY O 322 -69.23 63.53 -29.60
N GLY O 323 -70.12 63.21 -30.53
CA GLY O 323 -71.17 62.27 -30.23
C GLY O 323 -71.10 61.05 -31.10
N ARG O 324 -70.00 60.90 -31.84
CA ARG O 324 -69.95 59.92 -32.92
C ARG O 324 -70.39 58.54 -32.47
N LEU O 325 -70.00 58.15 -31.25
CA LEU O 325 -70.14 56.76 -30.83
C LEU O 325 -70.87 56.65 -29.49
N ILE O 326 -71.78 57.58 -29.21
CA ILE O 326 -72.72 57.40 -28.10
C ILE O 326 -73.58 56.16 -28.31
N GLU O 327 -73.78 55.76 -29.56
CA GLU O 327 -74.61 54.60 -29.84
C GLU O 327 -74.06 53.36 -29.16
N GLU O 328 -72.75 53.16 -29.19
CA GLU O 328 -72.16 51.99 -28.56
C GLU O 328 -72.36 52.05 -27.05
N PRO O 329 -72.87 50.98 -26.43
CA PRO O 329 -73.07 51.01 -24.98
C PRO O 329 -71.76 50.93 -24.22
N GLU O 330 -70.78 50.21 -24.77
CA GLU O 330 -69.46 50.10 -24.16
C GLU O 330 -68.92 51.45 -23.70
N ILE O 331 -68.87 52.42 -24.62
CA ILE O 331 -68.29 53.74 -24.34
C ILE O 331 -68.91 54.38 -23.10
N ILE O 332 -70.23 54.31 -22.96
CA ILE O 332 -70.90 54.95 -21.83
C ILE O 332 -70.44 54.36 -20.51
N ALA O 333 -70.35 53.04 -20.43
CA ALA O 333 -69.86 52.40 -19.22
C ALA O 333 -68.41 52.79 -18.93
N GLY O 334 -67.53 52.62 -19.93
CA GLY O 334 -66.12 52.98 -19.75
C GLY O 334 -65.94 54.40 -19.29
N LEU O 335 -66.74 55.33 -19.83
CA LEU O 335 -66.61 56.72 -19.42
C LEU O 335 -67.06 56.90 -17.97
N ALA O 336 -68.03 56.13 -17.52
CA ALA O 336 -68.48 56.19 -16.14
C ALA O 336 -67.34 55.85 -15.20
N ARG O 337 -66.74 54.66 -15.39
CA ARG O 337 -65.54 54.33 -14.61
C ARG O 337 -64.48 55.42 -14.73
N LEU O 338 -64.33 55.99 -15.92
CA LEU O 338 -63.25 56.91 -16.13
C LEU O 338 -63.37 58.09 -15.17
N LYS O 339 -64.58 58.63 -15.02
CA LYS O 339 -64.70 59.74 -14.10
C LYS O 339 -64.45 59.28 -12.67
N GLN O 340 -64.66 58.00 -12.40
CA GLN O 340 -64.42 57.50 -11.06
C GLN O 340 -62.96 57.68 -10.68
N ILE O 341 -62.05 57.51 -11.64
CA ILE O 341 -60.63 57.71 -11.40
C ILE O 341 -60.31 59.19 -11.44
N TRP O 342 -60.79 59.87 -12.47
CA TRP O 342 -60.54 61.29 -12.59
C TRP O 342 -60.80 61.99 -11.28
N SER O 343 -61.86 61.59 -10.59
CA SER O 343 -62.20 62.21 -9.32
C SER O 343 -61.18 61.85 -8.24
N LEU O 344 -60.76 60.58 -8.22
CA LEU O 344 -59.77 60.16 -7.24
C LEU O 344 -58.43 60.88 -7.44
N LEU O 345 -57.98 61.01 -8.69
CA LEU O 345 -56.60 61.36 -8.95
C LEU O 345 -56.34 62.82 -8.68
N GLN O 346 -57.04 63.69 -9.39
CA GLN O 346 -56.77 65.11 -9.32
C GLN O 346 -57.46 65.77 -8.13
N ILE O 347 -58.08 64.98 -7.27
CA ILE O 347 -58.83 65.52 -6.13
C ILE O 347 -57.89 66.11 -5.08
N ILE O 369 -45.39 74.79 -18.91
CA ILE O 369 -45.82 75.21 -17.58
C ILE O 369 -46.37 74.01 -16.82
N ALA O 370 -46.89 73.04 -17.57
CA ALA O 370 -47.47 71.83 -16.98
C ALA O 370 -47.55 70.77 -18.05
N SER O 371 -47.83 69.53 -17.63
CA SER O 371 -47.84 68.43 -18.58
C SER O 371 -49.21 68.32 -19.25
N PRO O 372 -49.25 68.01 -20.53
CA PRO O 372 -50.52 67.85 -21.24
C PRO O 372 -51.11 66.48 -21.00
N ILE O 373 -52.37 66.31 -21.37
CA ILE O 373 -53.03 65.01 -21.28
C ILE O 373 -53.09 64.45 -22.70
N ILE O 374 -52.88 63.16 -22.83
CA ILE O 374 -52.81 62.54 -24.16
C ILE O 374 -54.00 61.60 -24.33
N TRP O 375 -54.47 61.48 -25.57
CA TRP O 375 -55.56 60.58 -25.93
C TRP O 375 -55.15 59.66 -27.08
N ASN O 376 -55.88 58.57 -27.21
CA ASN O 376 -55.55 57.48 -28.13
C ASN O 376 -56.85 56.91 -28.69
N TYR O 377 -56.89 56.69 -30.01
CA TYR O 377 -58.02 56.04 -30.67
C TYR O 377 -57.51 54.84 -31.45
N GLU O 378 -57.89 53.65 -31.04
CA GLU O 378 -57.35 52.41 -31.59
C GLU O 378 -58.31 51.85 -32.64
N ILE O 379 -57.84 51.76 -33.88
CA ILE O 379 -58.67 51.34 -35.00
C ILE O 379 -58.38 49.89 -35.34
N HIS O 380 -59.01 48.98 -34.62
CA HIS O 380 -59.01 47.60 -35.06
C HIS O 380 -59.61 47.53 -36.46
N PRO O 381 -58.97 46.83 -37.41
CA PRO O 381 -59.42 46.95 -38.80
C PRO O 381 -60.79 46.38 -39.04
N GLY O 382 -61.09 45.20 -38.48
CA GLY O 382 -62.38 44.60 -38.71
C GLY O 382 -63.53 45.46 -38.20
N SER O 383 -63.35 46.09 -37.05
CA SER O 383 -64.46 46.78 -36.40
C SER O 383 -64.84 48.05 -37.15
N ARG O 384 -65.94 48.65 -36.71
CA ARG O 384 -66.48 49.86 -37.31
C ARG O 384 -66.29 51.11 -36.48
N PHE O 385 -66.00 50.98 -35.19
CA PHE O 385 -65.70 52.14 -34.37
C PHE O 385 -64.28 52.09 -33.83
N PRO O 386 -63.72 53.24 -33.45
CA PRO O 386 -62.46 53.26 -32.72
C PRO O 386 -62.67 53.02 -31.23
N VAL O 387 -61.63 52.55 -30.57
CA VAL O 387 -61.61 52.38 -29.12
C VAL O 387 -60.74 53.49 -28.54
N PRO O 388 -61.24 54.27 -27.58
CA PRO O 388 -60.43 55.34 -27.01
C PRO O 388 -59.49 54.84 -25.90
N LYS O 389 -58.64 55.76 -25.44
CA LYS O 389 -57.72 55.50 -24.35
C LYS O 389 -57.12 56.83 -23.93
N PHE O 390 -57.03 57.12 -22.65
CA PHE O 390 -56.42 58.37 -22.22
C PHE O 390 -55.18 58.09 -21.39
N TYR O 391 -54.36 59.13 -21.26
CA TYR O 391 -53.10 59.07 -20.55
C TYR O 391 -53.07 60.26 -19.60
N LEU O 392 -52.84 59.99 -18.33
CA LEU O 392 -53.12 60.98 -17.33
C LEU O 392 -51.84 61.38 -16.61
N PRO O 393 -51.54 62.69 -16.52
CA PRO O 393 -50.30 63.12 -15.87
C PRO O 393 -50.30 62.83 -14.37
N VAL O 394 -49.24 62.20 -13.89
CA VAL O 394 -49.14 61.85 -12.48
C VAL O 394 -47.89 62.50 -11.89
N HIS O 395 -46.85 62.64 -12.69
CA HIS O 395 -45.71 63.45 -12.31
C HIS O 395 -46.16 64.84 -11.94
N GLY O 396 -45.88 65.24 -10.71
CA GLY O 396 -46.45 66.41 -10.11
C GLY O 396 -47.46 66.09 -9.03
N GLU O 397 -47.97 64.87 -8.99
CA GLU O 397 -48.86 64.43 -7.93
C GLU O 397 -48.10 63.53 -6.98
N ASN O 398 -48.29 63.75 -5.68
CA ASN O 398 -47.65 62.89 -4.69
C ASN O 398 -47.82 61.44 -5.11
N ASP O 399 -46.71 60.79 -5.43
CA ASP O 399 -46.78 59.42 -5.93
C ASP O 399 -47.40 58.46 -4.92
N LEU O 400 -47.46 58.85 -3.65
CA LEU O 400 -48.20 58.05 -2.67
C LEU O 400 -49.70 58.27 -2.80
N HIS O 401 -50.11 59.54 -2.78
CA HIS O 401 -51.52 59.86 -3.07
C HIS O 401 -51.98 59.13 -4.32
N VAL O 402 -51.14 59.08 -5.34
CA VAL O 402 -51.51 58.40 -6.57
C VAL O 402 -51.62 56.90 -6.33
N ALA O 403 -50.70 56.33 -5.56
CA ALA O 403 -50.79 54.91 -5.26
C ALA O 403 -52.06 54.63 -4.47
N ARG O 404 -52.33 55.46 -3.48
CA ARG O 404 -53.53 55.30 -2.67
C ARG O 404 -54.78 55.35 -3.55
N ALA O 405 -54.98 56.47 -4.25
CA ALA O 405 -56.16 56.60 -5.12
C ALA O 405 -56.21 55.49 -6.15
N LEU O 406 -55.06 55.10 -6.68
CA LEU O 406 -55.03 54.06 -7.70
C LEU O 406 -55.51 52.73 -7.12
N ALA O 407 -55.18 52.46 -5.84
CA ALA O 407 -55.55 51.18 -5.24
C ALA O 407 -57.02 51.13 -4.85
N GLN O 408 -57.55 52.23 -4.32
CA GLN O 408 -58.99 52.30 -4.05
C GLN O 408 -59.78 51.94 -5.30
N PHE O 409 -59.39 52.52 -6.43
CA PHE O 409 -60.09 52.25 -7.68
C PHE O 409 -60.04 50.78 -8.06
N TRP O 410 -59.06 50.01 -7.58
CA TRP O 410 -59.06 48.59 -7.95
C TRP O 410 -60.10 47.82 -7.18
N ASP O 411 -60.30 48.16 -5.90
CA ASP O 411 -61.40 47.53 -5.18
C ASP O 411 -62.74 47.83 -5.84
N SER O 412 -63.00 49.10 -6.14
CA SER O 412 -64.21 49.45 -6.85
C SER O 412 -64.45 48.51 -8.01
N LEU O 413 -63.39 48.19 -8.74
CA LEU O 413 -63.50 47.19 -9.79
C LEU O 413 -63.52 45.80 -9.21
N GLY O 414 -62.99 45.62 -8.00
CA GLY O 414 -62.96 44.30 -7.41
C GLY O 414 -61.78 43.47 -7.88
N TRP O 415 -60.58 44.06 -7.90
CA TRP O 415 -59.39 43.28 -8.19
C TRP O 415 -58.72 42.96 -6.86
N PRO O 416 -58.83 41.75 -6.35
CA PRO O 416 -58.42 41.48 -4.97
C PRO O 416 -56.95 41.74 -4.73
N GLU O 417 -56.06 41.09 -5.49
CA GLU O 417 -54.64 41.11 -5.14
C GLU O 417 -53.93 42.37 -5.65
N HIS O 418 -54.31 42.88 -6.82
CA HIS O 418 -53.61 44.04 -7.38
C HIS O 418 -53.73 45.26 -6.47
N ALA O 419 -54.91 45.46 -5.87
CA ALA O 419 -55.11 46.65 -5.08
C ALA O 419 -54.51 46.55 -3.69
N CYS O 420 -54.50 45.34 -3.11
CA CYS O 420 -53.98 45.20 -1.75
C CYS O 420 -52.47 45.38 -1.73
N ALA O 421 -51.79 44.79 -2.70
CA ALA O 421 -50.33 44.76 -2.72
C ALA O 421 -49.73 45.76 -3.70
N TYR O 422 -50.47 46.81 -4.07
CA TYR O 422 -49.88 47.74 -5.02
C TYR O 422 -48.80 48.59 -4.36
N PRO O 423 -49.17 49.48 -3.44
CA PRO O 423 -48.16 50.38 -2.86
C PRO O 423 -46.96 49.66 -2.24
N ASP O 424 -47.14 48.43 -1.73
CA ASP O 424 -45.97 47.64 -1.36
C ASP O 424 -45.15 47.27 -2.58
N THR O 425 -45.80 47.06 -3.72
CA THR O 425 -45.08 46.80 -4.96
C THR O 425 -44.39 48.04 -5.48
N LEU O 426 -44.89 49.23 -5.13
CA LEU O 426 -44.30 50.46 -5.63
C LEU O 426 -42.99 50.77 -4.92
N GLN O 427 -42.97 50.66 -3.59
CA GLN O 427 -41.75 50.93 -2.85
C GLN O 427 -40.67 49.90 -3.16
N GLN O 428 -41.06 48.66 -3.41
CA GLN O 428 -40.09 47.62 -3.72
C GLN O 428 -39.40 47.87 -5.06
N LEU O 429 -40.00 48.73 -5.90
CA LEU O 429 -39.36 49.20 -7.13
C LEU O 429 -38.42 50.37 -6.90
N TYR O 430 -38.59 51.15 -5.84
CA TYR O 430 -37.75 52.33 -5.60
C TYR O 430 -37.28 52.35 -4.15
N PRO O 431 -36.58 51.30 -3.71
CA PRO O 431 -36.19 51.24 -2.31
C PRO O 431 -35.31 52.39 -1.87
N ASP O 432 -34.53 52.95 -2.78
CA ASP O 432 -33.72 54.11 -2.45
C ASP O 432 -34.60 55.31 -2.09
N GLN O 433 -35.76 55.44 -2.73
CA GLN O 433 -36.63 56.60 -2.57
C GLN O 433 -37.66 56.35 -1.48
N ASP O 434 -38.24 57.45 -0.98
CA ASP O 434 -39.31 57.41 0.01
C ASP O 434 -40.57 58.02 -0.60
N ILE O 435 -41.55 57.17 -0.88
CA ILE O 435 -42.77 57.59 -1.58
C ILE O 435 -43.50 58.70 -0.85
N SER O 436 -43.33 58.79 0.47
CA SER O 436 -44.01 59.82 1.24
C SER O 436 -43.77 61.20 0.63
N GLN O 437 -42.59 61.42 0.05
CA GLN O 437 -42.18 62.74 -0.42
C GLN O 437 -41.92 62.80 -1.93
N THR O 438 -42.06 61.70 -2.64
CA THR O 438 -41.68 61.62 -4.06
C THR O 438 -42.83 62.05 -4.98
N THR O 439 -42.46 62.58 -6.14
CA THR O 439 -43.44 63.08 -7.10
C THR O 439 -43.26 62.56 -8.52
N ARG O 440 -42.04 62.44 -8.99
CA ARG O 440 -41.80 62.07 -10.39
C ARG O 440 -41.75 60.57 -10.62
N LEU O 441 -41.84 59.74 -9.57
CA LEU O 441 -41.64 58.31 -9.78
C LEU O 441 -42.64 57.69 -10.76
N GLN O 442 -43.80 58.32 -10.91
CA GLN O 442 -44.92 57.82 -11.64
C GLN O 442 -45.62 58.99 -12.36
N SER O 443 -45.74 58.83 -13.70
CA SER O 443 -45.88 59.96 -14.61
C SER O 443 -47.16 59.93 -15.44
N TRP O 444 -47.59 58.77 -15.95
CA TRP O 444 -48.80 58.71 -16.76
C TRP O 444 -49.62 57.50 -16.30
N ILE O 445 -50.93 57.60 -16.52
CA ILE O 445 -51.83 56.47 -16.32
C ILE O 445 -52.70 56.35 -17.55
N SER O 446 -52.81 55.14 -18.09
CA SER O 446 -53.57 54.90 -19.31
C SER O 446 -54.87 54.25 -18.91
N TYR O 447 -55.94 54.58 -19.64
CA TYR O 447 -57.25 54.03 -19.37
C TYR O 447 -57.91 53.58 -20.67
N SER O 448 -58.27 52.31 -20.73
CA SER O 448 -59.03 51.77 -21.85
C SER O 448 -60.14 50.90 -21.28
N TYR O 449 -61.23 50.74 -22.03
CA TYR O 449 -62.33 49.91 -21.56
C TYR O 449 -62.86 49.01 -22.68
N THR O 450 -63.09 47.74 -22.34
CA THR O 450 -63.67 46.78 -23.25
C THR O 450 -64.72 45.97 -22.52
N ALA O 451 -65.75 45.56 -23.25
CA ALA O 451 -66.70 44.61 -22.70
C ALA O 451 -66.00 43.29 -22.40
N LYS O 452 -65.25 42.77 -23.36
CA LYS O 452 -64.58 41.49 -23.16
C LYS O 452 -63.48 41.61 -22.11
N ARG O 453 -62.48 42.45 -22.38
CA ARG O 453 -61.33 42.56 -21.47
C ARG O 453 -61.74 43.13 -20.12
N GLY O 454 -62.60 44.14 -20.09
CA GLY O 454 -62.86 44.84 -18.85
C GLY O 454 -62.18 46.19 -18.80
N VAL O 455 -61.30 46.41 -17.83
CA VAL O 455 -60.63 47.69 -17.68
C VAL O 455 -59.14 47.49 -17.97
N TYR O 456 -58.69 47.94 -19.14
CA TYR O 456 -57.26 48.16 -19.39
C TYR O 456 -56.76 49.33 -18.57
N MET O 457 -55.55 49.19 -18.06
CA MET O 457 -54.96 50.31 -17.36
C MET O 457 -53.48 50.07 -17.10
N SER O 458 -52.63 51.04 -17.45
CA SER O 458 -51.19 50.88 -17.39
C SER O 458 -50.60 52.12 -16.73
N VAL O 459 -49.46 51.89 -16.07
CA VAL O 459 -48.75 52.90 -15.31
C VAL O 459 -47.36 53.07 -15.91
N TYR O 460 -46.93 54.32 -16.01
CA TYR O 460 -45.65 54.68 -16.63
C TYR O 460 -44.75 55.31 -15.58
N TYR O 461 -43.52 54.82 -15.47
CA TYR O 461 -42.70 55.13 -14.32
C TYR O 461 -41.46 55.94 -14.71
N HIS O 462 -40.86 56.55 -13.70
CA HIS O 462 -39.51 57.08 -13.81
C HIS O 462 -38.56 55.91 -14.03
N SER O 463 -37.96 55.84 -15.22
CA SER O 463 -37.30 54.60 -15.64
C SER O 463 -35.77 54.68 -15.59
N GLN O 464 -35.21 55.54 -14.76
CA GLN O 464 -33.78 55.49 -14.46
C GLN O 464 -33.61 55.52 -12.95
N SER O 465 -32.38 55.27 -12.50
CA SER O 465 -32.11 55.06 -11.09
C SER O 465 -31.52 56.27 -10.41
N THR O 466 -31.48 57.41 -11.08
CA THR O 466 -30.99 58.64 -10.46
C THR O 466 -32.09 59.70 -10.55
N TYR O 467 -32.50 60.18 -9.39
CA TYR O 467 -33.69 61.02 -9.28
C TYR O 467 -33.30 62.37 -8.70
N LEU O 468 -33.76 63.44 -9.34
CA LEU O 468 -33.29 64.78 -9.02
C LEU O 468 -34.21 65.44 -8.00
N PRO P 52 -38.39 18.52 -21.79
CA PRO P 52 -37.10 18.90 -22.38
C PRO P 52 -36.13 19.50 -21.38
N SER P 53 -34.85 19.59 -21.74
CA SER P 53 -33.89 20.20 -20.84
C SER P 53 -33.99 21.72 -20.93
N PRO P 54 -33.73 22.42 -19.81
CA PRO P 54 -34.23 23.80 -19.67
C PRO P 54 -33.33 24.91 -20.19
N ALA P 55 -32.05 24.87 -19.79
CA ALA P 55 -31.20 26.06 -19.83
C ALA P 55 -31.01 26.65 -21.22
N GLN P 56 -31.21 25.88 -22.28
CA GLN P 56 -31.02 26.37 -23.64
C GLN P 56 -32.16 27.29 -24.11
N ALA P 57 -33.01 27.74 -23.18
CA ALA P 57 -34.05 28.73 -23.45
C ALA P 57 -33.48 30.09 -23.76
N LEU P 58 -32.25 30.39 -23.31
CA LEU P 58 -31.61 31.67 -23.60
C LEU P 58 -31.44 31.91 -25.10
N ALA P 59 -31.07 30.86 -25.84
CA ALA P 59 -30.80 31.00 -27.28
C ALA P 59 -32.00 31.54 -28.05
N SER P 60 -33.20 31.43 -27.49
CA SER P 60 -34.40 31.83 -28.24
C SER P 60 -34.29 33.26 -28.73
N TYR P 61 -33.86 34.17 -27.87
CA TYR P 61 -33.76 35.59 -28.22
C TYR P 61 -32.32 36.05 -28.40
N HIS P 62 -31.49 35.16 -28.94
CA HIS P 62 -30.11 35.47 -29.28
C HIS P 62 -29.80 35.01 -30.69
N HIS P 63 -29.02 35.80 -31.40
CA HIS P 63 -28.61 35.50 -32.77
C HIS P 63 -27.11 35.32 -32.83
N PHE P 64 -26.67 34.14 -33.23
CA PHE P 64 -25.24 33.91 -33.30
C PHE P 64 -24.67 34.57 -34.54
N PRO P 65 -23.65 35.43 -34.40
CA PRO P 65 -23.21 36.25 -35.52
C PRO P 65 -22.76 35.47 -36.74
N THR P 66 -21.92 34.46 -36.56
CA THR P 66 -21.39 33.74 -37.70
C THR P 66 -22.09 32.40 -37.86
N ASN P 67 -22.01 31.85 -39.07
CA ASN P 67 -22.49 30.49 -39.28
C ASN P 67 -21.66 29.49 -38.48
N ASP P 68 -20.36 29.74 -38.34
CA ASP P 68 -19.54 28.86 -37.51
C ASP P 68 -20.16 28.70 -36.12
N GLN P 69 -20.47 29.81 -35.46
CA GLN P 69 -21.04 29.73 -34.12
C GLN P 69 -22.40 29.02 -34.13
N GLU P 70 -23.28 29.36 -35.07
CA GLU P 70 -24.57 28.69 -35.11
C GLU P 70 -24.40 27.18 -35.13
N ARG P 71 -23.48 26.66 -35.95
CA ARG P 71 -23.31 25.21 -36.05
C ARG P 71 -22.73 24.61 -34.76
N TRP P 72 -21.79 25.28 -34.08
CA TRP P 72 -21.32 24.75 -32.81
C TRP P 72 -22.43 24.69 -31.78
N TRP P 73 -23.26 25.74 -31.69
CA TRP P 73 -24.40 25.69 -30.77
C TRP P 73 -25.25 24.45 -31.00
N GLU P 74 -25.59 24.20 -32.26
CA GLU P 74 -26.47 23.08 -32.56
C GLU P 74 -25.80 21.75 -32.20
N GLU P 75 -24.48 21.69 -32.27
CA GLU P 75 -23.75 20.46 -32.02
C GLU P 75 -23.51 20.21 -30.54
N THR P 76 -23.31 21.25 -29.74
CA THR P 76 -23.01 21.11 -28.33
C THR P 76 -23.96 21.86 -27.40
N GLY P 77 -24.89 22.64 -27.92
CA GLY P 77 -25.73 23.44 -27.04
C GLY P 77 -26.58 22.63 -26.07
N SER P 78 -27.44 21.77 -26.59
CA SER P 78 -28.29 20.96 -25.73
C SER P 78 -27.45 20.10 -24.79
N LEU P 79 -26.40 19.48 -25.33
CA LEU P 79 -25.57 18.59 -24.52
C LEU P 79 -25.02 19.30 -23.29
N PHE P 80 -24.56 20.55 -23.48
CA PHE P 80 -24.10 21.30 -22.32
C PHE P 80 -25.26 21.60 -21.37
N SER P 81 -26.43 21.93 -21.91
CA SER P 81 -27.60 22.15 -21.06
C SER P 81 -27.92 20.92 -20.22
N ARG P 82 -27.74 19.73 -20.81
CA ARG P 82 -28.03 18.53 -20.06
C ARG P 82 -27.02 18.30 -18.94
N PHE P 83 -25.73 18.56 -19.18
CA PHE P 83 -24.76 18.35 -18.11
C PHE P 83 -24.98 19.33 -16.95
N LEU P 84 -25.37 20.56 -17.26
CA LEU P 84 -25.78 21.47 -16.18
C LEU P 84 -26.91 20.88 -15.37
N GLU P 85 -27.91 20.29 -16.05
CA GLU P 85 -28.98 19.60 -15.36
C GLU P 85 -28.42 18.44 -14.56
N ALA P 86 -27.62 17.58 -15.21
CA ALA P 86 -27.00 16.44 -14.56
C ALA P 86 -26.07 16.87 -13.44
N GLY P 87 -25.66 18.12 -13.41
CA GLY P 87 -24.83 18.58 -12.33
C GLY P 87 -25.59 19.05 -11.14
N GLN P 88 -26.92 19.08 -11.22
CA GLN P 88 -27.74 19.51 -10.09
C GLN P 88 -27.39 20.94 -9.70
N TYR P 89 -27.20 21.78 -10.70
CA TYR P 89 -26.90 23.18 -10.40
C TYR P 89 -28.18 23.95 -10.15
N GLY P 90 -28.10 24.92 -9.26
CA GLY P 90 -29.24 25.79 -9.03
C GLY P 90 -29.70 26.41 -10.34
N LEU P 91 -31.01 26.51 -10.52
CA LEU P 91 -31.52 27.00 -11.80
C LEU P 91 -30.91 28.35 -12.18
N PRO P 92 -30.80 29.34 -11.28
CA PRO P 92 -30.07 30.57 -11.64
C PRO P 92 -28.64 30.29 -12.10
N GLN P 93 -27.93 29.39 -11.43
CA GLN P 93 -26.56 29.07 -11.79
C GLN P 93 -26.48 28.42 -13.17
N GLN P 94 -27.45 27.58 -13.51
CA GLN P 94 -27.43 26.97 -14.83
C GLN P 94 -27.39 28.03 -15.92
N TYR P 95 -28.36 28.95 -15.89
CA TYR P 95 -28.42 30.03 -16.87
C TYR P 95 -27.18 30.91 -16.80
N GLN P 96 -26.68 31.15 -15.59
CA GLN P 96 -25.51 32.00 -15.42
C GLN P 96 -24.29 31.38 -16.11
N PHE P 97 -24.11 30.06 -15.96
CA PHE P 97 -23.03 29.41 -16.69
C PHE P 97 -23.39 29.24 -18.16
N MET P 98 -24.65 28.98 -18.47
CA MET P 98 -25.07 28.91 -19.87
C MET P 98 -24.72 30.18 -20.61
N PHE P 99 -25.00 31.33 -19.99
CA PHE P 99 -24.62 32.61 -20.55
C PHE P 99 -23.12 32.62 -20.88
N PHE P 100 -22.30 32.24 -19.91
CA PHE P 100 -20.85 32.21 -20.13
C PHE P 100 -20.52 31.31 -21.32
N PHE P 101 -21.13 30.14 -21.39
CA PHE P 101 -20.81 29.23 -22.48
C PHE P 101 -21.07 29.86 -23.84
N MET P 102 -22.22 30.54 -23.98
CA MET P 102 -22.59 31.09 -25.28
C MET P 102 -21.61 32.16 -25.73
N HIS P 103 -21.28 33.08 -24.82
CA HIS P 103 -20.52 34.26 -25.18
C HIS P 103 -19.03 34.00 -25.35
N HIS P 104 -18.44 33.13 -24.54
CA HIS P 104 -16.99 33.05 -24.52
C HIS P 104 -16.44 31.75 -25.08
N LEU P 105 -17.22 30.68 -25.07
CA LEU P 105 -16.69 29.40 -25.53
C LEU P 105 -17.13 29.08 -26.94
N ILE P 106 -18.36 29.47 -27.30
CA ILE P 106 -18.83 29.23 -28.67
C ILE P 106 -18.02 30.03 -29.67
N PRO P 107 -17.77 31.32 -29.49
CA PRO P 107 -16.88 32.02 -30.41
C PRO P 107 -15.53 31.34 -30.52
N ALA P 108 -15.03 30.80 -29.42
CA ALA P 108 -13.67 30.27 -29.40
C ALA P 108 -13.54 28.92 -30.08
N LEU P 109 -14.65 28.29 -30.47
CA LEU P 109 -14.58 26.98 -31.11
C LEU P 109 -14.10 27.06 -32.56
N GLY P 110 -14.29 28.19 -33.24
CA GLY P 110 -13.78 28.36 -34.57
C GLY P 110 -14.67 27.77 -35.66
N PRO P 111 -14.07 27.44 -36.81
CA PRO P 111 -14.84 26.88 -37.92
C PRO P 111 -15.55 25.61 -37.50
N TYR P 112 -16.84 25.51 -37.87
CA TYR P 112 -17.60 24.32 -37.49
C TYR P 112 -17.04 23.03 -38.09
N PRO P 113 -16.98 22.86 -39.40
CA PRO P 113 -16.22 21.74 -39.92
C PRO P 113 -14.78 21.94 -39.52
N GLN P 114 -14.41 21.41 -38.35
CA GLN P 114 -13.18 21.83 -37.74
C GLN P 114 -11.99 21.29 -38.54
N LYS P 115 -11.05 22.21 -38.85
CA LYS P 115 -9.86 21.75 -39.59
C LYS P 115 -8.70 21.45 -38.66
N TRP P 116 -8.84 21.72 -37.37
CA TRP P 116 -7.77 21.60 -36.39
C TRP P 116 -8.11 20.45 -35.44
N ARG P 117 -7.15 19.55 -35.22
CA ARG P 117 -7.26 18.56 -34.17
C ARG P 117 -6.63 19.14 -32.92
N SER P 118 -7.37 19.11 -31.83
CA SER P 118 -6.87 19.55 -30.55
C SER P 118 -6.23 18.37 -29.82
N THR P 119 -5.12 18.65 -29.13
CA THR P 119 -4.44 17.60 -28.39
C THR P 119 -5.31 17.06 -27.27
N ILE P 120 -6.23 17.87 -26.75
CA ILE P 120 -6.92 17.52 -25.50
C ILE P 120 -7.90 16.36 -25.67
N SER P 121 -8.53 16.21 -26.81
CA SER P 121 -9.56 15.20 -26.94
C SER P 121 -9.04 13.99 -27.72
N ARG P 122 -9.58 12.82 -27.40
CA ARG P 122 -9.24 11.62 -28.18
C ARG P 122 -9.58 11.83 -29.65
N SER P 123 -10.80 12.32 -29.92
CA SER P 123 -11.22 12.58 -31.29
C SER P 123 -10.51 13.80 -31.86
N GLY P 124 -10.09 14.72 -30.99
CA GLY P 124 -9.43 15.94 -31.42
C GLY P 124 -10.28 17.19 -31.33
N LEU P 125 -11.52 17.09 -30.89
CA LEU P 125 -12.25 18.34 -30.94
C LEU P 125 -11.95 19.18 -29.70
N PRO P 126 -12.01 20.49 -29.82
CA PRO P 126 -11.45 21.39 -28.79
C PRO P 126 -12.18 21.43 -27.45
N ILE P 127 -13.15 20.54 -27.22
CA ILE P 127 -13.93 20.63 -26.00
C ILE P 127 -14.27 19.24 -25.48
N GLU P 128 -14.31 19.11 -24.15
CA GLU P 128 -14.88 17.92 -23.54
C GLU P 128 -15.38 18.25 -22.14
N PHE P 129 -16.46 17.58 -21.74
CA PHE P 129 -17.15 17.84 -20.49
C PHE P 129 -16.83 16.77 -19.46
N SER P 130 -16.71 17.19 -18.19
CA SER P 130 -16.29 16.31 -17.11
C SER P 130 -17.30 16.38 -15.99
N LEU P 131 -17.49 15.25 -15.32
CA LEU P 131 -18.25 15.19 -14.08
C LEU P 131 -17.37 14.66 -12.96
N ASN P 132 -17.26 15.42 -11.88
CA ASN P 132 -16.48 15.00 -10.73
C ASN P 132 -17.42 14.57 -9.62
N PHE P 133 -17.30 13.31 -9.21
CA PHE P 133 -18.16 12.75 -8.19
C PHE P 133 -17.45 12.74 -6.83
N GLN P 134 -18.18 13.15 -5.80
CA GLN P 134 -17.66 13.29 -4.46
C GLN P 134 -18.47 12.43 -3.50
N LYS P 135 -18.06 12.43 -2.24
CA LYS P 135 -18.72 11.64 -1.21
C LYS P 135 -20.02 12.32 -0.81
N GLY P 136 -21.09 11.98 -1.51
CA GLY P 136 -22.43 12.37 -1.14
C GLY P 136 -22.79 13.84 -1.28
N SER P 137 -21.79 14.72 -1.31
CA SER P 137 -22.08 16.15 -1.46
C SER P 137 -22.89 16.41 -2.73
N HIS P 138 -22.39 15.91 -3.86
CA HIS P 138 -22.99 16.07 -5.18
C HIS P 138 -21.93 15.89 -6.25
N ARG P 139 -22.19 16.42 -7.44
CA ARG P 139 -21.27 16.32 -8.56
C ARG P 139 -21.03 17.72 -9.12
N LEU P 140 -19.89 17.86 -9.78
CA LEU P 140 -19.49 19.13 -10.38
C LEU P 140 -19.20 18.91 -11.86
N LEU P 141 -19.35 20.00 -12.63
CA LEU P 141 -19.12 19.99 -14.07
C LEU P 141 -17.80 20.69 -14.40
N ARG P 142 -17.05 20.09 -15.32
CA ARG P 142 -15.72 20.52 -15.73
C ARG P 142 -15.69 20.63 -17.25
N ILE P 143 -15.00 21.63 -17.78
CA ILE P 143 -14.85 21.76 -19.23
C ILE P 143 -13.37 21.90 -19.55
N GLY P 144 -12.89 21.10 -20.50
CA GLY P 144 -11.57 21.25 -21.06
C GLY P 144 -11.66 21.92 -22.43
N PHE P 145 -10.89 22.98 -22.62
CA PHE P 145 -11.06 23.85 -23.77
C PHE P 145 -9.72 24.09 -24.46
N GLU P 146 -9.72 24.10 -25.78
CA GLU P 146 -8.62 24.67 -26.54
C GLU P 146 -9.19 25.65 -27.55
N PRO P 147 -9.05 26.95 -27.33
CA PRO P 147 -9.59 27.93 -28.29
C PRO P 147 -9.00 27.75 -29.69
N VAL P 148 -9.83 28.01 -30.69
CA VAL P 148 -9.42 27.84 -32.09
C VAL P 148 -9.98 28.98 -32.93
N SER P 149 -9.30 29.25 -34.04
CA SER P 149 -9.82 30.15 -35.08
C SER P 149 -9.46 29.57 -36.44
N PHE P 150 -9.95 30.24 -37.49
CA PHE P 150 -9.61 29.80 -38.83
C PHE P 150 -8.12 29.94 -39.11
N LEU P 151 -7.42 30.77 -38.35
CA LEU P 151 -5.98 30.90 -38.53
C LEU P 151 -5.22 29.69 -38.00
N SER P 152 -5.81 28.95 -37.06
CA SER P 152 -5.12 27.84 -36.43
C SER P 152 -4.70 26.80 -37.46
N GLY P 153 -3.42 26.43 -37.42
CA GLY P 153 -2.91 25.46 -38.35
C GLY P 153 -2.46 26.05 -39.66
N SER P 154 -2.53 27.37 -39.82
CA SER P 154 -2.15 28.03 -41.05
C SER P 154 -0.73 28.59 -40.96
N SER P 155 -0.33 29.28 -42.02
CA SER P 155 0.96 29.92 -42.02
C SER P 155 1.05 30.96 -40.92
N GLN P 156 -0.05 31.69 -40.68
CA GLN P 156 0.02 32.81 -39.76
C GLN P 156 0.10 32.36 -38.32
N ASP P 157 -0.43 31.18 -38.00
CA ASP P 157 -0.28 30.59 -36.68
C ASP P 157 -0.41 29.08 -36.77
N PRO P 158 0.67 28.39 -37.15
CA PRO P 158 0.55 26.95 -37.40
C PRO P 158 0.40 26.13 -36.14
N PHE P 159 0.73 26.66 -34.96
CA PHE P 159 0.62 25.90 -33.73
C PHE P 159 -0.29 26.58 -32.72
N ASN P 160 -1.18 27.45 -33.18
CA ASN P 160 -2.35 27.86 -32.42
C ASN P 160 -1.97 28.57 -31.11
N ARG P 161 -1.09 29.56 -31.21
CA ARG P 161 -0.82 30.38 -30.03
C ARG P 161 -1.80 31.54 -29.88
N ILE P 162 -2.35 32.04 -30.99
CA ILE P 162 -3.08 33.31 -30.98
C ILE P 162 -4.37 33.19 -30.18
N PRO P 163 -5.17 32.16 -30.44
CA PRO P 163 -6.42 32.03 -29.67
C PRO P 163 -6.19 31.97 -28.18
N ILE P 164 -5.09 31.35 -27.77
CA ILE P 164 -4.80 31.21 -26.35
C ILE P 164 -4.79 32.57 -25.69
N THR P 165 -4.04 33.50 -26.29
CA THR P 165 -3.89 34.83 -25.71
C THR P 165 -5.16 35.66 -25.87
N ASP P 166 -5.90 35.50 -26.97
CA ASP P 166 -7.16 36.22 -27.12
C ASP P 166 -8.15 35.86 -26.02
N LEU P 167 -8.43 34.56 -25.87
CA LEU P 167 -9.33 34.14 -24.81
C LEU P 167 -8.85 34.60 -23.44
N LEU P 168 -7.53 34.56 -23.23
CA LEU P 168 -6.99 34.94 -21.92
C LEU P 168 -7.25 36.39 -21.59
N ASN P 169 -7.50 37.24 -22.61
CA ASN P 169 -7.86 38.62 -22.34
C ASN P 169 -9.33 38.76 -22.05
N ARG P 170 -10.17 38.03 -22.78
CA ARG P 170 -11.59 38.03 -22.45
C ARG P 170 -11.77 37.76 -20.97
N LEU P 171 -11.10 36.74 -20.46
CA LEU P 171 -11.31 36.30 -19.10
C LEU P 171 -10.89 37.38 -18.14
N SER P 172 -9.74 38.00 -18.40
CA SER P 172 -9.27 39.08 -17.53
C SER P 172 -10.21 40.27 -17.56
N LYS P 173 -10.93 40.45 -18.67
CA LYS P 173 -11.94 41.51 -18.72
C LYS P 173 -13.12 41.16 -17.84
N LEU P 174 -13.50 39.89 -17.80
CA LEU P 174 -14.57 39.46 -16.90
C LEU P 174 -14.16 39.68 -15.47
N GLN P 175 -15.09 40.20 -14.67
CA GLN P 175 -14.79 40.41 -13.26
C GLN P 175 -14.94 39.06 -12.57
N LEU P 176 -13.81 38.36 -12.47
CA LEU P 176 -13.74 37.02 -11.91
C LEU P 176 -13.02 37.04 -10.57
N SER P 177 -13.58 36.32 -9.61
CA SER P 177 -13.01 36.30 -8.27
C SER P 177 -11.68 35.57 -8.31
N ASN P 178 -10.66 36.21 -7.72
CA ASN P 178 -9.37 35.56 -7.48
C ASN P 178 -8.76 35.06 -8.79
N PHE P 179 -8.61 35.96 -9.75
CA PHE P 179 -8.12 35.58 -11.06
C PHE P 179 -6.82 36.33 -11.32
N ASP P 180 -5.69 35.62 -11.22
CA ASP P 180 -4.39 36.15 -11.57
C ASP P 180 -3.75 35.28 -12.65
N THR P 181 -2.99 35.93 -13.54
CA THR P 181 -2.36 35.22 -14.65
C THR P 181 -0.85 35.06 -14.51
N PRO P 182 -0.18 35.73 -13.55
CA PRO P 182 1.29 35.73 -13.59
C PRO P 182 1.90 34.35 -13.67
N PHE P 183 1.38 33.40 -12.90
CA PHE P 183 1.98 32.07 -12.90
C PHE P 183 1.89 31.43 -14.28
N PHE P 184 0.71 31.51 -14.90
CA PHE P 184 0.50 30.90 -16.20
C PHE P 184 1.30 31.62 -17.27
N GLN P 185 1.29 32.95 -17.25
CA GLN P 185 2.14 33.69 -18.17
C GLN P 185 3.59 33.20 -18.09
N HIS P 186 4.08 32.95 -16.89
CA HIS P 186 5.45 32.47 -16.73
C HIS P 186 5.70 31.21 -17.53
N LEU P 187 4.77 30.25 -17.48
CA LEU P 187 4.95 29.01 -18.22
C LEU P 187 4.89 29.24 -19.73
N LEU P 188 3.97 30.08 -20.20
CA LEU P 188 3.94 30.39 -21.63
C LEU P 188 5.26 30.98 -22.10
N SER P 189 5.75 32.04 -21.46
CA SER P 189 7.01 32.63 -21.90
C SER P 189 8.09 31.56 -21.99
N LYS P 190 8.14 30.66 -21.00
CA LYS P 190 9.14 29.59 -21.00
C LYS P 190 9.00 28.63 -22.17
N PHE P 191 7.91 28.72 -22.93
CA PHE P 191 7.68 27.74 -23.98
C PHE P 191 7.27 28.40 -25.30
N GLN P 192 7.69 29.64 -25.55
CA GLN P 192 7.38 30.24 -26.84
C GLN P 192 8.41 29.77 -27.86
N LEU P 193 8.26 30.20 -29.12
CA LEU P 193 9.02 29.53 -30.17
C LEU P 193 9.76 30.47 -31.11
N SER P 194 9.04 31.29 -31.88
CA SER P 194 9.67 32.27 -32.76
C SER P 194 10.34 31.68 -33.99
N LEU P 195 11.67 31.82 -34.11
CA LEU P 195 12.37 31.18 -35.20
C LEU P 195 12.24 29.67 -35.14
N SER P 196 11.93 29.14 -33.95
CA SER P 196 11.72 27.71 -33.78
C SER P 196 10.56 27.23 -34.64
N GLU P 197 9.50 28.03 -34.77
CA GLU P 197 8.41 27.70 -35.70
C GLU P 197 8.95 27.28 -37.06
N VAL P 198 9.89 28.05 -37.61
CA VAL P 198 10.37 27.78 -38.97
C VAL P 198 11.02 26.39 -39.01
N ARG P 199 11.91 26.12 -38.04
CA ARG P 199 12.46 24.78 -37.89
C ARG P 199 11.34 23.76 -37.76
N GLN P 200 10.38 24.08 -36.91
CA GLN P 200 9.31 23.12 -36.62
C GLN P 200 8.48 22.79 -37.86
N LEU P 201 8.01 23.82 -38.59
CA LEU P 201 7.24 23.57 -39.80
C LEU P 201 7.86 22.48 -40.68
N GLN P 202 9.18 22.46 -40.78
CA GLN P 202 9.85 21.36 -41.44
C GLN P 202 9.78 20.10 -40.59
N PRO P 212 1.51 14.77 -36.17
CA PRO P 212 1.42 14.51 -34.72
C PRO P 212 0.43 15.43 -34.01
N LEU P 213 0.83 15.91 -32.82
CA LEU P 213 -0.01 16.75 -31.97
C LEU P 213 0.63 18.13 -31.90
N LYS P 214 -0.15 19.17 -32.21
CA LYS P 214 0.45 20.47 -32.48
C LYS P 214 0.18 21.55 -31.44
N SER P 215 -0.82 21.38 -30.57
CA SER P 215 -1.24 22.46 -29.67
C SER P 215 -0.20 22.76 -28.58
N GLN P 216 -0.16 24.03 -28.16
CA GLN P 216 0.79 24.46 -27.15
C GLN P 216 0.13 24.82 -25.83
N ALA P 217 -1.19 25.00 -25.81
CA ALA P 217 -1.82 25.40 -24.57
C ALA P 217 -3.29 25.02 -24.63
N ALA P 218 -3.94 25.07 -23.47
CA ALA P 218 -5.35 24.74 -23.39
C ALA P 218 -5.91 25.33 -22.12
N PHE P 219 -7.22 25.24 -21.97
CA PHE P 219 -7.91 25.81 -20.81
C PHE P 219 -8.79 24.77 -20.12
N GLY P 220 -9.12 25.04 -18.88
CA GLY P 220 -10.08 24.23 -18.16
C GLY P 220 -10.97 25.12 -17.32
N PHE P 221 -12.21 24.66 -17.18
CA PHE P 221 -13.20 25.41 -16.43
C PHE P 221 -13.89 24.51 -15.42
N ASP P 222 -13.82 24.88 -14.15
CA ASP P 222 -14.57 24.20 -13.10
C ASP P 222 -15.68 25.13 -12.65
N PHE P 223 -16.94 24.66 -12.74
CA PHE P 223 -18.11 25.42 -12.33
C PHE P 223 -18.53 24.90 -10.95
N ASN P 224 -18.18 25.60 -9.89
CA ASN P 224 -18.50 25.07 -8.57
C ASN P 224 -19.95 25.36 -8.27
N PRO P 225 -20.52 24.71 -7.25
CA PRO P 225 -21.96 24.88 -7.00
C PRO P 225 -22.35 26.32 -6.78
N ASP P 226 -21.50 27.09 -6.10
CA ASP P 226 -21.70 28.52 -6.09
C ASP P 226 -21.57 29.07 -7.49
N GLY P 227 -22.22 30.20 -7.74
CA GLY P 227 -22.14 30.79 -9.07
C GLY P 227 -20.77 31.38 -9.42
N ALA P 228 -19.72 30.55 -9.36
CA ALA P 228 -18.37 31.01 -9.62
C ALA P 228 -17.67 30.00 -10.50
N ILE P 229 -16.91 30.50 -11.50
CA ILE P 229 -16.10 29.66 -12.37
C ILE P 229 -14.66 29.74 -11.89
N LEU P 230 -13.95 28.62 -11.94
CA LEU P 230 -12.52 28.59 -11.67
C LEU P 230 -11.81 28.08 -12.92
N VAL P 231 -10.74 28.78 -13.29
CA VAL P 231 -10.07 28.57 -14.57
C VAL P 231 -8.78 27.80 -14.37
N LYS P 232 -8.62 26.75 -15.15
CA LYS P 232 -7.45 25.88 -15.11
C LYS P 232 -6.75 25.98 -16.45
N GLY P 233 -5.42 26.12 -16.44
CA GLY P 233 -4.66 26.26 -17.67
C GLY P 233 -3.63 25.16 -17.85
N TYR P 234 -3.41 24.79 -19.11
CA TYR P 234 -2.49 23.73 -19.48
C TYR P 234 -1.40 24.25 -20.41
N VAL P 235 -0.29 23.50 -20.47
CA VAL P 235 0.82 23.84 -21.34
C VAL P 235 1.46 22.55 -21.83
N PHE P 236 1.78 22.51 -23.11
CA PHE P 236 2.30 21.30 -23.73
C PHE P 236 3.73 21.49 -24.20
N PRO P 237 4.72 21.13 -23.39
CA PRO P 237 6.11 21.50 -23.69
C PRO P 237 6.77 20.64 -24.76
N TYR P 238 6.05 19.70 -25.37
CA TYR P 238 6.68 18.83 -26.36
C TYR P 238 7.24 19.66 -27.52
N LEU P 239 6.51 20.68 -27.94
CA LEU P 239 6.97 21.49 -29.06
C LEU P 239 8.27 22.21 -28.71
N LYS P 240 8.26 22.97 -27.62
CA LYS P 240 9.46 23.72 -27.23
C LYS P 240 10.65 22.79 -27.08
N ALA P 241 10.42 21.61 -26.51
CA ALA P 241 11.50 20.65 -26.33
C ALA P 241 11.97 20.09 -27.67
N LYS P 242 11.05 19.83 -28.58
CA LYS P 242 11.42 19.24 -29.87
C LYS P 242 12.26 20.22 -30.68
N ALA P 243 11.92 21.51 -30.63
CA ALA P 243 12.65 22.48 -31.43
C ALA P 243 14.09 22.61 -30.94
N ALA P 244 14.29 22.68 -29.64
CA ALA P 244 15.62 22.83 -29.06
C ALA P 244 16.40 21.51 -28.95
N ASP P 245 15.83 20.40 -29.40
CA ASP P 245 16.45 19.09 -29.26
C ASP P 245 16.93 18.87 -27.82
N VAL P 246 16.07 19.20 -26.87
CA VAL P 246 16.37 19.03 -25.46
C VAL P 246 15.28 18.15 -24.87
N PRO P 247 15.62 17.17 -24.03
CA PRO P 247 14.57 16.34 -23.41
C PRO P 247 13.61 17.19 -22.60
N VAL P 248 12.34 16.78 -22.64
CA VAL P 248 11.28 17.61 -22.08
C VAL P 248 11.55 17.89 -20.61
N GLY P 249 11.87 16.86 -19.85
CA GLY P 249 12.02 17.06 -18.41
C GLY P 249 13.08 18.08 -18.07
N THR P 250 14.17 18.10 -18.85
CA THR P 250 15.27 19.02 -18.56
C THR P 250 14.79 20.47 -18.57
N LEU P 251 13.96 20.83 -19.54
CA LEU P 251 13.39 22.18 -19.56
C LEU P 251 12.18 22.30 -18.64
N ILE P 252 11.44 21.21 -18.43
CA ILE P 252 10.40 21.24 -17.41
C ILE P 252 11.02 21.49 -16.05
N ALA P 253 12.04 20.71 -15.70
CA ALA P 253 12.72 20.92 -14.43
C ALA P 253 13.26 22.34 -14.34
N GLU P 254 13.96 22.79 -15.39
CA GLU P 254 14.50 24.14 -15.36
C GLU P 254 13.38 25.17 -15.32
N ALA P 255 12.25 24.85 -15.96
CA ALA P 255 11.08 25.71 -15.89
C ALA P 255 10.57 25.82 -14.46
N VAL P 256 10.45 24.68 -13.79
CA VAL P 256 10.06 24.68 -12.37
C VAL P 256 11.11 25.41 -11.54
N ARG P 257 12.38 25.19 -11.86
CA ARG P 257 13.44 25.85 -11.11
C ARG P 257 13.37 27.36 -11.30
N THR P 258 13.07 27.82 -12.52
CA THR P 258 13.00 29.26 -12.78
C THR P 258 11.97 29.93 -11.89
N ILE P 259 10.93 29.20 -11.49
CA ILE P 259 9.97 29.72 -10.53
C ILE P 259 10.40 29.45 -9.09
N ASP P 260 11.50 28.72 -8.87
CA ASP P 260 11.94 28.40 -7.51
C ASP P 260 12.57 29.57 -6.79
N VAL P 261 13.49 30.29 -7.44
CA VAL P 261 13.90 31.56 -6.88
C VAL P 261 12.72 32.51 -6.84
N GLU P 262 11.75 32.30 -7.75
CA GLU P 262 10.50 33.05 -7.70
C GLU P 262 9.66 32.66 -6.49
N ARG P 263 9.60 31.35 -6.18
CA ARG P 263 9.35 30.83 -4.83
C ARG P 263 9.63 29.33 -4.75
N ASN P 264 10.56 28.96 -3.88
CA ASN P 264 11.09 27.60 -3.81
C ASN P 264 10.22 26.68 -2.95
N GLN P 265 8.93 26.61 -3.25
CA GLN P 265 8.03 25.73 -2.53
C GLN P 265 7.73 24.47 -3.30
N PHE P 266 8.08 24.40 -4.56
CA PHE P 266 7.85 23.23 -5.39
C PHE P 266 9.08 22.37 -5.55
N THR P 267 10.23 22.85 -5.08
CA THR P 267 11.49 22.12 -5.26
C THR P 267 11.37 20.70 -4.73
N HIS P 268 11.05 20.55 -3.44
CA HIS P 268 11.07 19.24 -2.79
C HIS P 268 10.16 18.27 -3.52
N ALA P 269 8.88 18.60 -3.63
CA ALA P 269 7.94 17.68 -4.23
C ALA P 269 8.30 17.36 -5.68
N PHE P 270 8.66 18.38 -6.47
CA PHE P 270 8.95 18.13 -7.88
C PHE P 270 10.23 17.31 -8.03
N GLY P 271 11.35 17.81 -7.48
CA GLY P 271 12.57 17.02 -7.50
C GLY P 271 12.33 15.60 -7.08
N LEU P 272 11.31 15.40 -6.25
CA LEU P 272 10.91 14.05 -5.84
C LEU P 272 10.23 13.31 -7.00
N ILE P 273 9.48 14.02 -7.83
CA ILE P 273 8.85 13.40 -8.98
C ILE P 273 9.84 13.22 -10.12
N ASN P 274 10.64 14.25 -10.39
CA ASN P 274 11.58 14.22 -11.49
C ASN P 274 12.57 13.07 -11.36
N ASP P 275 12.90 12.68 -10.12
CA ASP P 275 13.77 11.53 -9.93
C ASP P 275 13.10 10.26 -10.43
N TYR P 276 11.85 10.04 -10.04
CA TYR P 276 11.17 8.82 -10.48
C TYR P 276 10.97 8.81 -11.98
N MET P 277 10.70 9.97 -12.57
CA MET P 277 10.53 10.04 -14.01
C MET P 277 11.83 9.66 -14.72
N GLN P 278 12.95 10.12 -14.21
CA GLN P 278 14.24 9.74 -14.79
C GLN P 278 14.58 8.29 -14.48
N GLU P 279 14.19 7.77 -13.30
CA GLU P 279 14.36 6.34 -13.03
C GLU P 279 13.69 5.51 -14.11
N SER P 280 12.40 5.74 -14.32
CA SER P 280 11.55 4.82 -15.05
C SER P 280 11.43 5.16 -16.53
N THR P 281 12.21 6.12 -17.02
CA THR P 281 12.02 6.64 -18.37
C THR P 281 10.55 7.06 -18.56
N GLY P 282 10.01 7.69 -17.52
CA GLY P 282 8.62 8.09 -17.55
C GLY P 282 8.35 9.28 -18.45
N TYR P 283 9.26 10.25 -18.45
CA TYR P 283 9.12 11.39 -19.35
C TYR P 283 9.05 10.92 -20.80
N ASN P 284 8.27 11.61 -21.59
CA ASN P 284 8.05 11.25 -22.98
C ASN P 284 7.44 12.44 -23.70
N GLU P 285 7.13 12.25 -24.98
CA GLU P 285 6.48 13.31 -25.72
C GLU P 285 5.17 13.73 -25.07
N TYR P 286 4.44 12.79 -24.49
CA TYR P 286 3.10 13.08 -24.00
C TYR P 286 3.10 13.80 -22.66
N THR P 287 4.24 13.83 -21.97
CA THR P 287 4.29 14.52 -20.69
C THR P 287 3.95 15.99 -20.88
N PHE P 288 3.10 16.52 -20.01
CA PHE P 288 2.77 17.94 -20.07
C PHE P 288 2.43 18.43 -18.66
N LEU P 289 1.98 19.67 -18.58
CA LEU P 289 2.01 20.40 -17.33
C LEU P 289 0.70 21.14 -17.16
N SER P 290 0.38 21.53 -15.93
CA SER P 290 -0.90 22.18 -15.66
C SER P 290 -0.72 23.15 -14.51
N CYS P 291 -1.74 23.98 -14.27
CA CYS P 291 -1.73 24.88 -13.11
C CYS P 291 -3.11 25.55 -13.01
N ASP P 292 -3.27 26.38 -11.98
CA ASP P 292 -4.48 27.14 -11.70
C ASP P 292 -4.24 28.63 -11.91
N PHE P 293 -5.33 29.35 -12.17
CA PHE P 293 -5.30 30.79 -12.38
C PHE P 293 -5.63 31.53 -11.08
N VAL P 294 -4.68 31.56 -10.15
CA VAL P 294 -4.88 32.27 -8.89
C VAL P 294 -3.54 32.52 -8.22
N GLU P 295 -3.53 33.48 -7.28
CA GLU P 295 -2.50 33.63 -6.25
C GLU P 295 -1.64 32.39 -6.08
N THR P 296 -0.31 32.60 -5.98
CA THR P 296 0.64 31.50 -5.88
C THR P 296 0.40 30.64 -4.65
N SER P 297 -0.02 31.24 -3.54
CA SER P 297 -0.21 30.48 -2.31
C SER P 297 -1.20 29.33 -2.52
N GLU P 298 -2.33 29.62 -3.14
CA GLU P 298 -3.40 28.64 -3.32
C GLU P 298 -3.30 27.87 -4.63
N GLN P 299 -2.17 27.93 -5.32
CA GLN P 299 -2.05 27.29 -6.63
C GLN P 299 -1.47 25.90 -6.52
N ARG P 300 -1.94 25.01 -7.37
CA ARG P 300 -1.59 23.60 -7.34
C ARG P 300 -1.03 23.22 -8.71
N LEU P 301 0.30 23.18 -8.86
CA LEU P 301 0.81 22.81 -10.17
C LEU P 301 0.89 21.29 -10.30
N LYS P 302 0.66 20.80 -11.52
CA LYS P 302 0.49 19.38 -11.80
C LYS P 302 1.34 18.98 -12.98
N ILE P 303 1.94 17.80 -12.91
CA ILE P 303 2.69 17.22 -14.02
C ILE P 303 1.93 16.00 -14.50
N TYR P 304 1.65 15.93 -15.80
CA TYR P 304 0.94 14.78 -16.35
C TYR P 304 1.90 13.99 -17.23
N GLY P 305 1.54 12.74 -17.49
CA GLY P 305 2.31 11.89 -18.38
C GLY P 305 1.49 10.69 -18.78
N ALA P 306 2.08 9.86 -19.61
CA ALA P 306 1.38 8.67 -20.07
C ALA P 306 2.37 7.53 -20.27
N HIS P 307 1.84 6.31 -20.36
CA HIS P 307 2.59 5.12 -20.71
C HIS P 307 1.79 4.25 -21.65
N THR P 308 2.48 3.75 -22.66
CA THR P 308 1.86 2.96 -23.71
C THR P 308 1.23 1.69 -23.15
N GLU P 309 2.04 0.85 -22.51
CA GLU P 309 1.57 -0.37 -21.88
C GLU P 309 1.93 -0.33 -20.39
N VAL P 310 0.97 -0.72 -19.56
CA VAL P 310 1.10 -0.60 -18.12
C VAL P 310 0.40 -1.79 -17.48
N THR P 311 1.08 -2.44 -16.55
CA THR P 311 0.50 -3.53 -15.77
C THR P 311 0.04 -2.98 -14.42
N TRP P 312 -0.64 -3.81 -13.63
CA TRP P 312 -0.95 -3.38 -12.28
C TRP P 312 0.32 -3.08 -11.50
N ALA P 313 1.32 -3.96 -11.60
CA ALA P 313 2.56 -3.71 -10.89
C ALA P 313 3.12 -2.35 -11.29
N LYS P 314 3.08 -2.05 -12.60
CA LYS P 314 3.47 -0.73 -13.06
C LYS P 314 2.60 0.35 -12.42
N ILE P 315 1.29 0.09 -12.31
CA ILE P 315 0.40 1.06 -11.68
C ILE P 315 0.80 1.26 -10.22
N ALA P 316 1.03 0.14 -9.52
CA ALA P 316 1.49 0.24 -8.14
C ALA P 316 2.83 0.94 -8.07
N GLU P 317 3.74 0.60 -8.99
CA GLU P 317 5.01 1.27 -9.06
C GLU P 317 4.84 2.78 -9.24
N MET P 318 3.94 3.19 -10.14
CA MET P 318 3.73 4.62 -10.37
C MET P 318 2.94 5.27 -9.25
N TRP P 319 1.88 4.62 -8.78
CA TRP P 319 1.08 5.24 -7.74
C TRP P 319 1.94 5.57 -6.52
N THR P 320 2.88 4.68 -6.18
CA THR P 320 3.84 4.91 -5.12
C THR P 320 5.15 5.51 -5.65
N LEU P 321 5.19 5.95 -6.90
CA LEU P 321 6.29 6.74 -7.44
C LEU P 321 7.62 6.05 -7.17
N GLY P 322 7.71 4.79 -7.60
CA GLY P 322 8.76 3.92 -7.13
C GLY P 322 8.49 3.47 -5.71
N GLY P 323 9.36 3.83 -4.77
CA GLY P 323 9.07 3.64 -3.36
C GLY P 323 9.02 4.94 -2.61
N ARG P 324 9.01 6.05 -3.35
CA ARG P 324 9.26 7.36 -2.75
C ARG P 324 8.36 7.63 -1.56
N LEU P 325 7.09 7.28 -1.67
CA LEU P 325 6.11 7.75 -0.71
C LEU P 325 5.31 6.59 -0.13
N ILE P 326 5.92 5.42 -0.02
CA ILE P 326 5.34 4.33 0.74
C ILE P 326 5.14 4.74 2.19
N GLU P 327 5.95 5.68 2.68
CA GLU P 327 5.83 6.13 4.06
C GLU P 327 4.45 6.68 4.37
N GLU P 328 3.89 7.46 3.45
CA GLU P 328 2.57 8.05 3.69
C GLU P 328 1.51 6.97 3.77
N PRO P 329 0.64 7.00 4.78
CA PRO P 329 -0.43 5.99 4.85
C PRO P 329 -1.49 6.19 3.79
N GLU P 330 -1.79 7.45 3.48
CA GLU P 330 -2.79 7.78 2.47
C GLU P 330 -2.62 6.95 1.20
N ILE P 331 -1.42 6.99 0.62
CA ILE P 331 -1.18 6.32 -0.66
C ILE P 331 -1.62 4.86 -0.60
N ILE P 332 -1.21 4.17 0.46
CA ILE P 332 -1.49 2.75 0.55
C ILE P 332 -2.99 2.51 0.52
N ALA P 333 -3.73 3.28 1.31
CA ALA P 333 -5.19 3.17 1.29
C ALA P 333 -5.74 3.48 -0.11
N GLY P 334 -5.35 4.62 -0.65
CA GLY P 334 -5.81 4.99 -1.98
C GLY P 334 -5.49 3.91 -2.99
N LEU P 335 -4.30 3.31 -2.89
CA LEU P 335 -3.96 2.27 -3.86
C LEU P 335 -4.83 1.03 -3.68
N ALA P 336 -5.22 0.74 -2.45
CA ALA P 336 -6.12 -0.38 -2.22
C ALA P 336 -7.41 -0.17 -2.99
N ARG P 337 -8.10 0.94 -2.71
CA ARG P 337 -9.32 1.29 -3.44
C ARG P 337 -9.09 1.25 -4.96
N LEU P 338 -7.91 1.69 -5.41
CA LEU P 338 -7.64 1.81 -6.84
C LEU P 338 -7.72 0.46 -7.54
N LYS P 339 -7.11 -0.58 -6.96
CA LYS P 339 -7.20 -1.88 -7.60
C LYS P 339 -8.64 -2.40 -7.59
N GLN P 340 -9.43 -1.95 -6.62
CA GLN P 340 -10.83 -2.38 -6.58
C GLN P 340 -11.57 -1.94 -7.83
N ILE P 341 -11.21 -0.78 -8.38
CA ILE P 341 -11.81 -0.33 -9.63
C ILE P 341 -11.13 -1.00 -10.82
N TRP P 342 -9.80 -1.02 -10.82
CA TRP P 342 -9.05 -1.62 -11.91
C TRP P 342 -9.61 -3.00 -12.24
N SER P 343 -9.97 -3.76 -11.21
CA SER P 343 -10.56 -5.08 -11.40
C SER P 343 -11.97 -4.98 -11.98
N LEU P 344 -12.78 -4.04 -11.50
CA LEU P 344 -14.12 -3.89 -12.03
C LEU P 344 -14.10 -3.49 -13.50
N LEU P 345 -13.19 -2.60 -13.88
CA LEU P 345 -13.29 -1.95 -15.18
C LEU P 345 -12.82 -2.86 -16.30
N GLN P 346 -11.56 -3.28 -16.26
CA GLN P 346 -11.00 -4.01 -17.38
C GLN P 346 -11.32 -5.51 -17.32
N ILE P 347 -12.16 -5.92 -16.39
CA ILE P 347 -12.46 -7.35 -16.22
C ILE P 347 -13.30 -7.85 -17.38
N ILE P 369 -2.73 2.17 -31.91
CA ILE P 369 -3.38 0.87 -31.89
C ILE P 369 -4.37 0.80 -30.73
N ALA P 370 -4.11 1.58 -29.69
CA ALA P 370 -4.95 1.60 -28.51
C ALA P 370 -4.65 2.87 -27.73
N SER P 371 -5.50 3.16 -26.76
CA SER P 371 -5.35 4.39 -25.97
C SER P 371 -4.39 4.17 -24.80
N PRO P 372 -3.56 5.15 -24.50
CA PRO P 372 -2.63 5.03 -23.37
C PRO P 372 -3.33 5.35 -22.05
N ILE P 373 -2.67 5.00 -20.94
CA ILE P 373 -3.18 5.35 -19.62
C ILE P 373 -2.37 6.53 -19.12
N ILE P 374 -3.04 7.49 -18.47
CA ILE P 374 -2.41 8.75 -18.11
C ILE P 374 -2.30 8.85 -16.60
N TRP P 375 -1.23 9.51 -16.15
CA TRP P 375 -0.98 9.78 -14.74
C TRP P 375 -0.77 11.26 -14.51
N ASN P 376 -0.94 11.64 -13.25
CA ASN P 376 -0.93 13.03 -12.81
C ASN P 376 -0.31 13.10 -11.42
N TYR P 377 0.58 14.06 -11.22
CA TYR P 377 1.15 14.30 -9.90
C TYR P 377 0.91 15.75 -9.53
N GLU P 378 0.11 15.97 -8.49
CA GLU P 378 -0.30 17.29 -8.06
C GLU P 378 0.58 17.77 -6.92
N ILE P 379 1.32 18.86 -7.14
CA ILE P 379 2.28 19.38 -6.17
C ILE P 379 1.71 20.57 -5.42
N HIS P 380 0.90 20.30 -4.40
CA HIS P 380 0.51 21.39 -3.50
C HIS P 380 1.76 22.01 -2.90
N PRO P 381 1.87 23.35 -2.88
CA PRO P 381 3.16 23.97 -2.54
C PRO P 381 3.57 23.76 -1.09
N GLY P 382 2.65 23.94 -0.14
CA GLY P 382 3.01 23.78 1.25
C GLY P 382 3.47 22.37 1.58
N SER P 383 2.79 21.37 1.01
CA SER P 383 3.03 19.99 1.39
C SER P 383 4.40 19.52 0.90
N ARG P 384 4.78 18.33 1.36
CA ARG P 384 6.07 17.76 1.03
C ARG P 384 6.01 16.61 0.04
N PHE P 385 4.84 16.01 -0.17
CA PHE P 385 4.71 14.98 -1.18
C PHE P 385 3.75 15.39 -2.29
N PRO P 386 3.86 14.77 -3.46
CA PRO P 386 2.84 14.92 -4.49
C PRO P 386 1.66 14.01 -4.21
N VAL P 387 0.51 14.39 -4.74
CA VAL P 387 -0.70 13.57 -4.71
C VAL P 387 -0.90 12.97 -6.10
N PRO P 388 -1.04 11.65 -6.24
CA PRO P 388 -1.22 11.07 -7.57
C PRO P 388 -2.68 11.12 -8.03
N LYS P 389 -2.87 10.75 -9.28
CA LYS P 389 -4.18 10.67 -9.91
C LYS P 389 -4.02 9.98 -11.25
N PHE P 390 -4.86 8.99 -11.54
CA PHE P 390 -4.76 8.29 -12.80
C PHE P 390 -6.02 8.47 -13.64
N TYR P 391 -5.85 8.18 -14.93
CA TYR P 391 -6.89 8.35 -15.93
C TYR P 391 -7.01 7.05 -16.71
N LEU P 392 -8.22 6.51 -16.77
CA LEU P 392 -8.39 5.14 -17.20
C LEU P 392 -9.21 5.08 -18.48
N PRO P 393 -8.71 4.42 -19.53
CA PRO P 393 -9.44 4.38 -20.81
C PRO P 393 -10.76 3.63 -20.70
N VAL P 394 -11.83 4.25 -21.20
CA VAL P 394 -13.16 3.65 -21.17
C VAL P 394 -13.74 3.54 -22.59
N HIS P 395 -13.41 4.51 -23.44
CA HIS P 395 -13.72 4.37 -24.85
C HIS P 395 -13.10 3.09 -25.41
N GLY P 396 -13.93 2.21 -25.95
CA GLY P 396 -13.56 0.85 -26.26
C GLY P 396 -14.18 -0.16 -25.32
N GLU P 397 -14.67 0.30 -24.17
CA GLU P 397 -15.41 -0.54 -23.25
C GLU P 397 -16.89 -0.18 -23.36
N ASN P 398 -17.73 -1.21 -23.39
CA ASN P 398 -19.17 -1.00 -23.38
C ASN P 398 -19.56 0.02 -22.32
N ASP P 399 -20.08 1.16 -22.76
CA ASP P 399 -20.39 2.25 -21.83
C ASP P 399 -21.42 1.83 -20.80
N LEU P 400 -22.18 0.77 -21.06
CA LEU P 400 -23.09 0.23 -20.06
C LEU P 400 -22.34 -0.60 -19.03
N HIS P 401 -21.50 -1.53 -19.51
CA HIS P 401 -20.59 -2.23 -18.62
C HIS P 401 -19.84 -1.27 -17.71
N VAL P 402 -19.41 -0.13 -18.26
CA VAL P 402 -18.70 0.86 -17.47
C VAL P 402 -19.64 1.53 -16.48
N ALA P 403 -20.86 1.86 -16.91
CA ALA P 403 -21.82 2.45 -15.99
C ALA P 403 -22.14 1.49 -14.84
N ARG P 404 -22.39 0.23 -15.17
CA ARG P 404 -22.68 -0.78 -14.15
C ARG P 404 -21.53 -0.89 -13.15
N ALA P 405 -20.35 -1.28 -13.62
CA ALA P 405 -19.22 -1.46 -12.72
C ALA P 405 -18.95 -0.19 -11.94
N LEU P 406 -19.06 0.96 -12.60
CA LEU P 406 -18.75 2.22 -11.94
C LEU P 406 -19.65 2.43 -10.73
N ALA P 407 -20.91 2.00 -10.84
CA ALA P 407 -21.88 2.18 -9.76
C ALA P 407 -21.65 1.19 -8.63
N GLN P 408 -21.32 -0.06 -8.96
CA GLN P 408 -20.99 -1.03 -7.93
C GLN P 408 -19.92 -0.48 -7.00
N PHE P 409 -18.88 0.09 -7.59
CA PHE P 409 -17.79 0.68 -6.81
C PHE P 409 -18.26 1.81 -5.91
N TRP P 410 -19.38 2.47 -6.22
CA TRP P 410 -19.81 3.53 -5.33
C TRP P 410 -20.46 2.99 -4.07
N ASP P 411 -21.25 1.91 -4.19
CA ASP P 411 -21.76 1.25 -2.99
C ASP P 411 -20.60 0.80 -2.11
N SER P 412 -19.59 0.17 -2.71
CA SER P 412 -18.40 -0.20 -1.97
C SER P 412 -17.89 0.97 -1.13
N LEU P 413 -17.94 2.19 -1.67
CA LEU P 413 -17.62 3.36 -0.87
C LEU P 413 -18.77 3.77 0.06
N GLY P 414 -20.00 3.42 -0.31
CA GLY P 414 -21.15 3.83 0.46
C GLY P 414 -21.65 5.21 0.09
N TRP P 415 -21.77 5.49 -1.21
CA TRP P 415 -22.39 6.72 -1.67
C TRP P 415 -23.81 6.39 -2.07
N PRO P 416 -24.80 6.73 -1.27
CA PRO P 416 -26.15 6.19 -1.48
C PRO P 416 -26.74 6.60 -2.81
N GLU P 417 -26.81 7.90 -3.06
CA GLU P 417 -27.57 8.36 -4.23
C GLU P 417 -26.77 8.34 -5.54
N HIS P 418 -25.48 8.65 -5.53
CA HIS P 418 -24.69 8.66 -6.76
C HIS P 418 -24.76 7.29 -7.47
N ALA P 419 -24.65 6.20 -6.70
CA ALA P 419 -24.55 4.89 -7.36
C ALA P 419 -25.90 4.37 -7.85
N CYS P 420 -27.00 4.75 -7.18
CA CYS P 420 -28.32 4.24 -7.56
C CYS P 420 -28.82 4.85 -8.87
N ALA P 421 -28.66 6.16 -9.05
CA ALA P 421 -29.21 6.85 -10.20
C ALA P 421 -28.16 7.20 -11.26
N TYR P 422 -27.02 6.50 -11.28
CA TYR P 422 -26.01 6.87 -12.26
C TYR P 422 -26.46 6.47 -13.67
N PRO P 423 -26.58 5.17 -13.97
CA PRO P 423 -26.90 4.77 -15.35
C PRO P 423 -28.18 5.40 -15.87
N ASP P 424 -29.13 5.71 -14.99
CA ASP P 424 -30.25 6.54 -15.42
C ASP P 424 -29.82 7.95 -15.76
N THR P 425 -28.81 8.47 -15.05
CA THR P 425 -28.24 9.76 -15.39
C THR P 425 -27.42 9.72 -16.67
N LEU P 426 -26.88 8.57 -17.05
CA LEU P 426 -26.09 8.45 -18.25
C LEU P 426 -26.96 8.47 -19.51
N GLN P 427 -28.08 7.72 -19.49
CA GLN P 427 -28.97 7.73 -20.65
C GLN P 427 -29.68 9.07 -20.81
N GLN P 428 -30.00 9.74 -19.71
CA GLN P 428 -30.66 11.04 -19.80
C GLN P 428 -29.76 12.09 -20.41
N LEU P 429 -28.44 11.86 -20.41
CA LEU P 429 -27.48 12.70 -21.14
C LEU P 429 -27.36 12.34 -22.61
N TYR P 430 -27.74 11.11 -23.00
CA TYR P 430 -27.61 10.64 -24.37
C TYR P 430 -28.88 9.92 -24.79
N PRO P 431 -30.03 10.59 -24.71
CA PRO P 431 -31.29 9.91 -25.07
C PRO P 431 -31.33 9.45 -26.52
N ASP P 432 -30.63 10.11 -27.44
CA ASP P 432 -30.60 9.64 -28.81
C ASP P 432 -29.91 8.28 -28.93
N GLN P 433 -28.91 8.02 -28.09
CA GLN P 433 -28.14 6.79 -28.15
C GLN P 433 -28.74 5.75 -27.20
N ASP P 434 -28.37 4.49 -27.44
CA ASP P 434 -28.80 3.36 -26.62
C ASP P 434 -27.57 2.74 -25.96
N ILE P 435 -27.46 2.91 -24.64
CA ILE P 435 -26.26 2.51 -23.92
C ILE P 435 -25.94 1.04 -24.15
N SER P 436 -26.95 0.23 -24.43
CA SER P 436 -26.72 -1.21 -24.60
C SER P 436 -25.61 -1.50 -25.59
N GLN P 437 -25.47 -0.68 -26.63
CA GLN P 437 -24.55 -0.96 -27.73
C GLN P 437 -23.45 0.08 -27.89
N THR P 438 -23.39 1.09 -27.04
CA THR P 438 -22.49 2.22 -27.20
C THR P 438 -21.11 1.97 -26.56
N THR P 439 -20.10 2.57 -27.15
CA THR P 439 -18.72 2.39 -26.70
C THR P 439 -17.97 3.68 -26.41
N ARG P 440 -18.14 4.71 -27.24
CA ARG P 440 -17.35 5.92 -27.11
C ARG P 440 -17.98 6.93 -26.15
N LEU P 441 -19.18 6.67 -25.62
CA LEU P 441 -19.87 7.69 -24.83
C LEU P 441 -19.12 8.14 -23.56
N GLN P 442 -18.23 7.28 -23.01
CA GLN P 442 -17.45 7.70 -21.87
C GLN P 442 -15.99 7.14 -22.04
N SER P 443 -15.09 8.08 -21.83
CA SER P 443 -13.76 7.94 -22.40
C SER P 443 -12.68 7.82 -21.34
N TRP P 444 -12.76 8.56 -20.24
CA TRP P 444 -11.73 8.52 -19.22
C TRP P 444 -12.39 8.51 -17.84
N ILE P 445 -11.67 7.93 -16.87
CA ILE P 445 -12.04 8.00 -15.46
C ILE P 445 -10.81 8.36 -14.64
N SER P 446 -10.96 9.36 -13.77
CA SER P 446 -9.87 9.86 -12.95
C SER P 446 -10.04 9.36 -11.53
N TYR P 447 -8.91 9.09 -10.89
CA TYR P 447 -8.90 8.58 -9.53
C TYR P 447 -7.86 9.32 -8.71
N SER P 448 -8.31 9.92 -7.61
CA SER P 448 -7.44 10.53 -6.63
C SER P 448 -7.95 10.10 -5.27
N TYR P 449 -7.06 10.06 -4.30
CA TYR P 449 -7.47 9.70 -2.94
C TYR P 449 -6.86 10.66 -1.96
N THR P 450 -7.68 11.11 -1.01
CA THR P 450 -7.20 11.96 0.06
C THR P 450 -7.80 11.47 1.36
N ALA P 451 -7.06 11.69 2.44
CA ALA P 451 -7.64 11.44 3.75
C ALA P 451 -8.86 12.33 3.97
N LYS P 452 -8.71 13.63 3.70
CA LYS P 452 -9.79 14.57 3.94
C LYS P 452 -10.96 14.34 2.96
N ARG P 453 -10.70 14.53 1.67
CA ARG P 453 -11.77 14.45 0.68
C ARG P 453 -12.37 13.06 0.61
N GLY P 454 -11.53 12.04 0.65
CA GLY P 454 -12.00 10.70 0.37
C GLY P 454 -11.59 10.27 -1.02
N VAL P 455 -12.55 9.94 -1.88
CA VAL P 455 -12.25 9.45 -3.22
C VAL P 455 -12.69 10.51 -4.23
N TYR P 456 -11.73 11.25 -4.77
CA TYR P 456 -11.96 12.01 -5.99
C TYR P 456 -12.16 11.05 -7.15
N MET P 457 -13.10 11.36 -8.02
CA MET P 457 -13.26 10.54 -9.20
C MET P 457 -14.17 11.23 -10.21
N SER P 458 -13.70 11.34 -11.45
CA SER P 458 -14.34 12.12 -12.48
C SER P 458 -14.45 11.30 -13.75
N VAL P 459 -15.48 11.60 -14.54
CA VAL P 459 -15.80 10.87 -15.75
C VAL P 459 -15.79 11.84 -16.93
N TYR P 460 -15.17 11.41 -18.03
CA TYR P 460 -14.98 12.24 -19.20
C TYR P 460 -15.76 11.65 -20.38
N TYR P 461 -16.56 12.47 -21.03
CA TYR P 461 -17.59 12.01 -21.94
C TYR P 461 -17.35 12.46 -23.38
N HIS P 462 -18.10 11.81 -24.28
CA HIS P 462 -18.26 12.26 -25.67
C HIS P 462 -19.02 13.58 -25.67
N SER P 463 -18.34 14.67 -26.07
CA SER P 463 -18.83 16.02 -25.79
C SER P 463 -19.37 16.74 -27.02
N GLN P 464 -19.79 16.00 -28.05
CA GLN P 464 -20.56 16.56 -29.15
C GLN P 464 -21.79 15.69 -29.36
N SER P 465 -22.70 16.15 -30.20
CA SER P 465 -23.99 15.51 -30.35
C SER P 465 -24.10 14.66 -31.60
N THR P 466 -23.00 14.43 -32.31
CA THR P 466 -23.01 13.56 -33.48
C THR P 466 -21.98 12.45 -33.26
N TYR P 467 -22.44 11.21 -33.29
CA TYR P 467 -21.65 10.05 -32.89
C TYR P 467 -21.51 9.08 -34.06
N LEU P 468 -20.28 8.64 -34.31
CA LEU P 468 -19.98 7.86 -35.51
C LEU P 468 -20.05 6.37 -35.18
N PRO Q 52 3.99 44.69 -60.87
CA PRO Q 52 2.68 44.29 -60.35
C PRO Q 52 1.72 45.45 -60.22
N SER Q 53 0.41 45.15 -60.06
CA SER Q 53 -0.59 46.20 -59.90
C SER Q 53 -0.59 46.73 -58.46
N PRO Q 54 -0.95 48.00 -58.29
CA PRO Q 54 -0.54 48.73 -57.07
C PRO Q 54 -1.49 48.72 -55.89
N ALA Q 55 -2.75 49.10 -56.11
CA ALA Q 55 -3.62 49.55 -55.02
C ALA Q 55 -3.84 48.49 -53.93
N GLN Q 56 -3.60 47.21 -54.22
CA GLN Q 56 -3.79 46.16 -53.23
C GLN Q 56 -2.69 46.14 -52.18
N ALA Q 57 -1.85 47.19 -52.12
CA ALA Q 57 -0.83 47.30 -51.08
C ALA Q 57 -1.46 47.55 -49.71
N LEU Q 58 -2.66 48.12 -49.69
CA LEU Q 58 -3.33 48.39 -48.40
C LEU Q 58 -3.52 47.12 -47.58
N ALA Q 59 -3.84 46.01 -48.24
CA ALA Q 59 -4.09 44.77 -47.52
C ALA Q 59 -2.90 44.32 -46.67
N SER Q 60 -1.68 44.80 -46.95
CA SER Q 60 -0.51 44.31 -46.22
C SER Q 60 -0.69 44.47 -44.72
N TYR Q 61 -1.17 45.62 -44.28
CA TYR Q 61 -1.34 45.90 -42.86
C TYR Q 61 -2.82 45.91 -42.47
N HIS Q 62 -3.58 45.00 -43.06
CA HIS Q 62 -4.98 44.80 -42.71
C HIS Q 62 -5.23 43.33 -42.50
N HIS Q 63 -6.03 43.00 -41.49
CA HIS Q 63 -6.42 41.62 -41.22
C HIS Q 63 -7.93 41.45 -41.42
N PHE Q 64 -8.29 40.57 -42.33
CA PHE Q 64 -9.70 40.35 -42.56
C PHE Q 64 -10.28 39.47 -41.45
N PRO Q 65 -11.36 39.92 -40.80
CA PRO Q 65 -11.81 39.24 -39.59
C PRO Q 65 -12.18 37.79 -39.81
N THR Q 66 -13.01 37.48 -40.78
CA THR Q 66 -13.53 36.14 -40.98
C THR Q 66 -12.83 35.43 -42.13
N ASN Q 67 -12.88 34.09 -42.11
CA ASN Q 67 -12.35 33.36 -43.25
C ASN Q 67 -13.12 33.66 -44.53
N ASP Q 68 -14.43 33.88 -44.43
CA ASP Q 68 -15.19 34.23 -45.61
C ASP Q 68 -14.57 35.45 -46.31
N GLN Q 69 -14.32 36.53 -45.56
CA GLN Q 69 -13.80 37.74 -46.21
C GLN Q 69 -12.45 37.47 -46.86
N GLU Q 70 -11.55 36.79 -46.14
CA GLU Q 70 -10.24 36.49 -46.70
C GLU Q 70 -10.34 35.79 -48.05
N ARG Q 71 -11.23 34.81 -48.17
CA ARG Q 71 -11.30 34.09 -49.43
C ARG Q 71 -11.82 34.98 -50.56
N TRP Q 72 -12.77 35.88 -50.25
CA TRP Q 72 -13.23 36.82 -51.27
C TRP Q 72 -12.12 37.76 -51.70
N TRP Q 73 -11.37 38.30 -50.73
CA TRP Q 73 -10.21 39.10 -51.09
C TRP Q 73 -9.30 38.36 -52.05
N GLU Q 74 -8.99 37.11 -51.73
CA GLU Q 74 -8.10 36.34 -52.59
C GLU Q 74 -8.70 36.12 -53.97
N GLU Q 75 -10.04 36.11 -54.06
CA GLU Q 75 -10.72 35.83 -55.32
C GLU Q 75 -10.89 37.08 -56.18
N THR Q 76 -11.14 38.23 -55.55
CA THR Q 76 -11.42 39.46 -56.29
C THR Q 76 -10.49 40.64 -55.99
N GLY Q 77 -9.59 40.54 -55.00
CA GLY Q 77 -8.78 41.67 -54.59
C GLY Q 77 -7.87 42.20 -55.68
N SER Q 78 -7.02 41.35 -56.23
CA SER Q 78 -6.14 41.79 -57.30
C SER Q 78 -6.95 42.31 -58.47
N LEU Q 79 -8.01 41.58 -58.83
CA LEU Q 79 -8.79 41.93 -60.00
C LEU Q 79 -9.36 43.34 -59.89
N PHE Q 80 -9.93 43.68 -58.72
CA PHE Q 80 -10.44 45.04 -58.58
C PHE Q 80 -9.32 46.05 -58.68
N SER Q 81 -8.17 45.72 -58.10
CA SER Q 81 -7.02 46.62 -58.20
C SER Q 81 -6.65 46.87 -59.65
N ARG Q 82 -6.76 45.84 -60.49
CA ARG Q 82 -6.41 46.00 -61.89
C ARG Q 82 -7.42 46.90 -62.61
N PHE Q 83 -8.70 46.76 -62.32
CA PHE Q 83 -9.68 47.63 -62.96
C PHE Q 83 -9.48 49.08 -62.56
N LEU Q 84 -9.14 49.34 -61.31
CA LEU Q 84 -8.78 50.69 -60.92
C LEU Q 84 -7.63 51.20 -61.78
N GLU Q 85 -6.64 50.34 -62.01
CA GLU Q 85 -5.54 50.70 -62.89
C GLU Q 85 -6.05 50.97 -64.30
N ALA Q 86 -6.78 50.00 -64.85
CA ALA Q 86 -7.32 50.13 -66.20
C ALA Q 86 -8.27 51.30 -66.32
N GLY Q 87 -8.77 51.83 -65.21
CA GLY Q 87 -9.64 52.98 -65.25
C GLY Q 87 -8.94 54.31 -65.28
N GLN Q 88 -7.61 54.31 -65.17
CA GLN Q 88 -6.81 55.54 -65.25
C GLN Q 88 -7.18 56.52 -64.15
N TYR Q 89 -7.39 56.01 -62.94
CA TYR Q 89 -7.70 56.84 -61.78
C TYR Q 89 -6.40 57.36 -61.15
N GLY Q 90 -6.49 58.55 -60.56
CA GLY Q 90 -5.37 59.06 -59.79
C GLY Q 90 -4.99 58.09 -58.69
N LEU Q 91 -3.69 57.96 -58.45
CA LEU Q 91 -3.23 57.01 -57.44
C LEU Q 91 -3.90 57.23 -56.09
N PRO Q 92 -4.08 58.47 -55.61
CA PRO Q 92 -4.88 58.67 -54.39
C PRO Q 92 -6.27 58.09 -54.48
N GLN Q 93 -6.94 58.27 -55.63
CA GLN Q 93 -8.30 57.76 -55.77
C GLN Q 93 -8.32 56.25 -55.78
N GLN Q 94 -7.32 55.61 -56.39
CA GLN Q 94 -7.27 54.16 -56.38
C GLN Q 94 -7.33 53.61 -54.96
N TYR Q 95 -6.40 54.05 -54.10
CA TYR Q 95 -6.41 53.62 -52.70
C TYR Q 95 -7.71 54.01 -52.01
N GLN Q 96 -8.27 55.17 -52.35
CA GLN Q 96 -9.48 55.68 -51.73
C GLN Q 96 -10.68 54.76 -52.02
N PHE Q 97 -10.83 54.35 -53.27
CA PHE Q 97 -11.88 53.37 -53.58
C PHE Q 97 -11.48 51.96 -53.15
N MET Q 98 -10.18 51.62 -53.25
CA MET Q 98 -9.72 50.35 -52.71
C MET Q 98 -10.12 50.19 -51.25
N PHE Q 99 -9.95 51.26 -50.48
CA PHE Q 99 -10.38 51.26 -49.09
C PHE Q 99 -11.85 50.92 -48.98
N PHE Q 100 -12.69 51.64 -49.74
CA PHE Q 100 -14.13 51.40 -49.72
C PHE Q 100 -14.46 49.95 -50.09
N PHE Q 101 -13.82 49.43 -51.12
CA PHE Q 101 -14.08 48.06 -51.52
C PHE Q 101 -13.84 47.10 -50.37
N MET Q 102 -12.75 47.29 -49.62
CA MET Q 102 -12.40 46.34 -48.55
C MET Q 102 -13.39 46.38 -47.41
N HIS Q 103 -13.78 47.58 -46.99
CA HIS Q 103 -14.56 47.73 -45.76
C HIS Q 103 -16.04 47.44 -45.95
N HIS Q 104 -16.59 47.79 -47.10
CA HIS Q 104 -18.04 47.73 -47.25
C HIS Q 104 -18.51 46.68 -48.24
N LEU Q 105 -17.68 46.26 -49.17
CA LEU Q 105 -18.16 45.28 -50.14
C LEU Q 105 -17.67 43.88 -49.82
N ILE Q 106 -16.47 43.71 -49.27
CA ILE Q 106 -15.98 42.37 -48.95
C ILE Q 106 -16.80 41.81 -47.79
N PRO Q 107 -17.08 42.60 -46.76
CA PRO Q 107 -18.01 42.09 -45.75
C PRO Q 107 -19.34 41.63 -46.31
N ALA Q 108 -19.87 42.34 -47.31
CA ALA Q 108 -21.20 42.04 -47.83
C ALA Q 108 -21.27 40.84 -48.79
N LEU Q 109 -20.16 40.27 -49.24
CA LEU Q 109 -20.26 39.18 -50.20
C LEU Q 109 -20.78 37.89 -49.57
N GLY Q 110 -20.63 37.71 -48.27
CA GLY Q 110 -21.14 36.53 -47.60
C GLY Q 110 -20.18 35.35 -47.66
N PRO Q 111 -20.71 34.15 -47.49
CA PRO Q 111 -19.86 32.95 -47.49
C PRO Q 111 -19.08 32.83 -48.79
N TYR Q 112 -17.78 32.54 -48.66
CA TYR Q 112 -16.97 32.42 -49.86
C TYR Q 112 -17.45 31.31 -50.77
N PRO Q 113 -17.47 30.07 -50.36
CA PRO Q 113 -18.18 29.09 -51.18
C PRO Q 113 -19.62 29.53 -51.21
N GLN Q 114 -19.98 30.35 -52.20
CA GLN Q 114 -21.24 31.05 -52.12
C GLN Q 114 -22.41 30.06 -52.29
N LYS Q 115 -23.38 30.14 -51.37
CA LYS Q 115 -24.55 29.27 -51.53
C LYS Q 115 -25.70 29.96 -52.25
N TRP Q 116 -25.60 31.25 -52.53
CA TRP Q 116 -26.67 32.06 -53.06
C TRP Q 116 -26.30 32.47 -54.47
N ARG Q 117 -27.22 32.28 -55.40
CA ARG Q 117 -27.05 32.82 -56.73
C ARG Q 117 -27.71 34.18 -56.78
N SER Q 118 -26.96 35.15 -57.27
CA SER Q 118 -27.47 36.49 -57.46
C SER Q 118 -28.08 36.60 -58.86
N THR Q 119 -29.19 37.32 -58.95
CA THR Q 119 -29.85 37.51 -60.23
C THR Q 119 -28.96 38.33 -61.17
N ILE Q 120 -28.09 39.16 -60.62
CA ILE Q 120 -27.38 40.17 -61.42
C ILE Q 120 -26.36 39.56 -62.36
N SER Q 121 -25.77 38.45 -62.01
CA SER Q 121 -24.69 37.93 -62.80
C SER Q 121 -25.16 36.74 -63.64
N ARG Q 122 -24.55 36.57 -64.80
CA ARG Q 122 -24.82 35.36 -65.56
C ARG Q 122 -24.45 34.12 -64.74
N SER Q 123 -23.26 34.13 -64.15
CA SER Q 123 -22.83 33.02 -63.32
C SER Q 123 -23.55 32.99 -61.99
N GLY Q 124 -24.03 34.14 -61.54
CA GLY Q 124 -24.75 34.21 -60.28
C GLY Q 124 -23.98 34.84 -59.15
N LEU Q 125 -22.71 35.21 -59.34
CA LEU Q 125 -22.04 35.72 -58.16
C LEU Q 125 -22.40 37.19 -57.94
N PRO Q 126 -22.40 37.63 -56.69
CA PRO Q 126 -23.08 38.89 -56.34
C PRO Q 126 -22.45 40.18 -56.82
N ILE Q 127 -21.41 40.10 -57.65
CA ILE Q 127 -20.65 41.28 -58.05
C ILE Q 127 -20.23 41.19 -59.51
N GLU Q 128 -20.20 42.33 -60.18
CA GLU Q 128 -19.51 42.37 -61.46
C GLU Q 128 -19.01 43.78 -61.73
N PHE Q 129 -17.89 43.86 -62.44
CA PHE Q 129 -17.21 45.11 -62.73
C PHE Q 129 -17.50 45.59 -64.16
N SER Q 130 -17.64 46.90 -64.32
CA SER Q 130 -17.97 47.51 -65.59
C SER Q 130 -16.95 48.58 -65.90
N LEU Q 131 -16.66 48.72 -67.19
CA LEU Q 131 -15.87 49.82 -67.72
C LEU Q 131 -16.73 50.57 -68.72
N ASN Q 132 -16.91 51.87 -68.50
CA ASN Q 132 -17.71 52.70 -69.39
C ASN Q 132 -16.78 53.57 -70.20
N PHE Q 133 -16.83 53.42 -71.52
CA PHE Q 133 -15.97 54.16 -72.41
C PHE Q 133 -16.68 55.37 -73.01
N GLN Q 134 -15.99 56.51 -73.05
CA GLN Q 134 -16.52 57.79 -73.48
C GLN Q 134 -15.68 58.33 -74.63
N LYS Q 135 -16.09 59.47 -75.15
CA LYS Q 135 -15.42 60.09 -76.28
C LYS Q 135 -14.15 60.75 -75.78
N GLY Q 136 -13.07 59.98 -75.75
CA GLY Q 136 -11.74 60.48 -75.48
C GLY Q 136 -11.45 60.95 -74.07
N SER Q 137 -12.48 61.29 -73.29
CA SER Q 137 -12.24 61.74 -71.92
C SER Q 137 -11.44 60.70 -71.15
N HIS Q 138 -11.90 59.46 -71.17
CA HIS Q 138 -11.28 58.34 -70.46
C HIS Q 138 -12.33 57.26 -70.22
N ARG Q 139 -12.10 56.43 -69.22
CA ARG Q 139 -13.00 55.34 -68.87
C ARG Q 139 -13.31 55.41 -67.38
N LEU Q 140 -14.47 54.86 -67.02
CA LEU Q 140 -14.93 54.83 -65.65
C LEU Q 140 -15.18 53.39 -65.23
N LEU Q 141 -15.08 53.14 -63.92
CA LEU Q 141 -15.26 51.81 -63.35
C LEU Q 141 -16.59 51.76 -62.63
N ARG Q 142 -17.29 50.63 -62.79
CA ARG Q 142 -18.64 50.42 -62.27
C ARG Q 142 -18.64 49.09 -61.53
N ILE Q 143 -19.37 49.03 -60.41
CA ILE Q 143 -19.58 47.78 -59.69
C ILE Q 143 -21.08 47.53 -59.49
N GLY Q 144 -21.52 46.33 -59.86
CA GLY Q 144 -22.86 45.88 -59.55
C GLY Q 144 -22.83 44.91 -58.38
N PHE Q 145 -23.68 45.16 -57.38
CA PHE Q 145 -23.57 44.48 -56.11
C PHE Q 145 -24.91 43.93 -55.67
N GLU Q 146 -24.90 42.72 -55.12
CA GLU Q 146 -26.02 42.24 -54.32
C GLU Q 146 -25.50 41.75 -52.96
N PRO Q 147 -25.79 42.45 -51.86
CA PRO Q 147 -25.31 41.99 -50.55
C PRO Q 147 -25.80 40.59 -50.23
N VAL Q 148 -24.97 39.84 -49.52
CA VAL Q 148 -25.28 38.48 -49.16
C VAL Q 148 -24.78 38.21 -47.74
N SER Q 149 -25.43 37.25 -47.06
CA SER Q 149 -24.94 36.71 -45.80
C SER Q 149 -25.22 35.22 -45.76
N PHE Q 150 -24.79 34.56 -44.69
CA PHE Q 150 -25.08 33.14 -44.53
C PHE Q 150 -26.57 32.89 -44.33
N LEU Q 151 -27.32 33.89 -43.83
CA LEU Q 151 -28.76 33.74 -43.71
C LEU Q 151 -29.47 33.78 -45.07
N SER Q 152 -28.83 34.35 -46.08
CA SER Q 152 -29.48 34.52 -47.38
C SER Q 152 -29.90 33.17 -47.94
N GLY Q 153 -31.19 33.06 -48.32
CA GLY Q 153 -31.72 31.84 -48.87
C GLY Q 153 -32.19 30.84 -47.85
N SER Q 154 -32.19 31.18 -46.58
CA SER Q 154 -32.58 30.30 -45.51
C SER Q 154 -34.00 30.59 -45.06
N SER Q 155 -34.41 29.89 -44.00
CA SER Q 155 -35.72 30.09 -43.41
C SER Q 155 -35.89 31.51 -42.87
N GLN Q 156 -34.83 32.08 -42.29
CA GLN Q 156 -34.96 33.38 -41.64
C GLN Q 156 -35.05 34.50 -42.65
N ASP Q 157 -34.46 34.31 -43.84
CA ASP Q 157 -34.58 35.29 -44.93
C ASP Q 157 -34.40 34.58 -46.26
N PRO Q 158 -35.48 33.99 -46.79
CA PRO Q 158 -35.36 33.18 -48.00
C PRO Q 158 -35.19 33.98 -49.28
N PHE Q 159 -35.50 35.28 -49.30
CA PHE Q 159 -35.32 36.08 -50.50
C PHE Q 159 -34.37 37.27 -50.31
N ASN Q 160 -33.48 37.20 -49.34
CA ASN Q 160 -32.32 38.06 -49.27
C ASN Q 160 -32.71 39.53 -49.14
N ARG Q 161 -33.63 39.83 -48.23
CA ARG Q 161 -33.91 41.23 -47.92
C ARG Q 161 -33.01 41.81 -46.84
N ILE Q 162 -32.46 40.98 -45.95
CA ILE Q 162 -31.79 41.53 -44.79
C ILE Q 162 -30.55 42.27 -45.28
N PRO Q 163 -29.69 41.61 -46.05
CA PRO Q 163 -28.45 42.25 -46.46
C PRO Q 163 -28.67 43.59 -47.15
N ILE Q 164 -29.77 43.70 -47.90
CA ILE Q 164 -30.05 44.94 -48.60
C ILE Q 164 -30.14 46.10 -47.61
N THR Q 165 -30.92 45.91 -46.54
CA THR Q 165 -31.11 46.99 -45.57
C THR Q 165 -29.88 47.20 -44.70
N ASP Q 166 -29.10 46.15 -44.45
CA ASP Q 166 -27.85 46.32 -43.74
C ASP Q 166 -26.91 47.23 -44.52
N LEU Q 167 -26.60 46.83 -45.76
CA LEU Q 167 -25.70 47.65 -46.55
C LEU Q 167 -26.22 49.06 -46.72
N LEU Q 168 -27.54 49.20 -46.84
CA LEU Q 168 -28.09 50.54 -47.00
C LEU Q 168 -27.85 51.42 -45.79
N ASN Q 169 -27.60 50.84 -44.62
CA ASN Q 169 -27.27 51.67 -43.47
C ASN Q 169 -25.78 52.00 -43.41
N ARG Q 170 -24.91 51.05 -43.76
CA ARG Q 170 -23.51 51.41 -43.86
C ARG Q 170 -23.37 52.66 -44.70
N LEU Q 171 -24.06 52.67 -45.84
CA LEU Q 171 -23.88 53.76 -46.80
C LEU Q 171 -24.38 55.08 -46.22
N SER Q 172 -25.51 55.05 -45.53
CA SER Q 172 -25.98 56.29 -44.93
C SER Q 172 -25.05 56.76 -43.83
N LYS Q 173 -24.34 55.85 -43.15
CA LYS Q 173 -23.37 56.25 -42.14
C LYS Q 173 -22.17 56.96 -42.76
N LEU Q 174 -21.69 56.45 -43.89
CA LEU Q 174 -20.62 57.10 -44.62
C LEU Q 174 -21.08 58.48 -45.07
N GLN Q 175 -20.20 59.47 -44.89
CA GLN Q 175 -20.54 60.84 -45.28
C GLN Q 175 -20.34 60.93 -46.80
N LEU Q 176 -21.42 60.68 -47.52
CA LEU Q 176 -21.42 60.66 -48.98
C LEU Q 176 -22.20 61.84 -49.53
N SER Q 177 -21.65 62.47 -50.56
CA SER Q 177 -22.25 63.66 -51.13
C SER Q 177 -23.52 63.30 -51.86
N ASN Q 178 -24.59 64.07 -51.58
CA ASN Q 178 -25.82 63.99 -52.35
C ASN Q 178 -26.42 62.59 -52.29
N PHE Q 179 -26.61 62.08 -51.08
CA PHE Q 179 -27.08 60.71 -50.88
C PHE Q 179 -28.37 60.77 -50.10
N ASP Q 180 -29.49 60.59 -50.79
CA ASP Q 180 -30.80 60.47 -50.18
C ASP Q 180 -31.38 59.12 -50.56
N THR Q 181 -32.17 58.56 -49.64
CA THR Q 181 -32.75 57.24 -49.85
C THR Q 181 -34.26 57.26 -50.10
N PRO Q 182 -34.97 58.39 -49.93
CA PRO Q 182 -36.44 58.30 -49.97
C PRO Q 182 -36.99 57.59 -51.20
N PHE Q 183 -36.48 57.93 -52.37
CA PHE Q 183 -37.02 57.35 -53.59
C PHE Q 183 -36.85 55.84 -53.59
N PHE Q 184 -35.66 55.35 -53.23
CA PHE Q 184 -35.43 53.91 -53.24
C PHE Q 184 -36.25 53.22 -52.17
N GLN Q 185 -36.29 53.78 -50.96
CA GLN Q 185 -37.17 53.25 -49.93
C GLN Q 185 -38.58 53.10 -50.45
N HIS Q 186 -39.05 54.08 -51.21
CA HIS Q 186 -40.40 54.01 -51.76
C HIS Q 186 -40.59 52.76 -52.60
N LEU Q 187 -39.65 52.45 -53.49
CA LEU Q 187 -39.81 51.27 -54.31
C LEU Q 187 -39.70 49.98 -53.49
N LEU Q 188 -38.76 49.92 -52.54
CA LEU Q 188 -38.71 48.76 -51.65
C LEU Q 188 -40.05 48.56 -50.94
N SER Q 189 -40.55 49.61 -50.29
CA SER Q 189 -41.82 49.48 -49.60
C SER Q 189 -42.88 48.93 -50.55
N LYS Q 190 -42.91 49.42 -51.79
CA LYS Q 190 -43.84 48.93 -52.80
C LYS Q 190 -43.64 47.47 -53.19
N PHE Q 191 -42.56 46.82 -52.78
CA PHE Q 191 -42.33 45.45 -53.26
C PHE Q 191 -41.95 44.48 -52.14
N GLN Q 192 -42.37 44.74 -50.90
CA GLN Q 192 -42.09 43.77 -49.84
C GLN Q 192 -43.15 42.67 -49.82
N LEU Q 193 -43.02 41.70 -48.92
CA LEU Q 193 -43.79 40.48 -49.10
C LEU Q 193 -44.54 40.01 -47.84
N SER Q 194 -43.84 39.62 -46.78
CA SER Q 194 -44.46 39.21 -45.52
C SER Q 194 -45.14 37.85 -45.58
N LEU Q 195 -46.47 37.82 -45.43
CA LEU Q 195 -47.19 36.56 -45.62
C LEU Q 195 -47.01 36.03 -47.02
N SER Q 196 -46.69 36.91 -47.97
CA SER Q 196 -46.39 36.48 -49.32
C SER Q 196 -45.17 35.55 -49.32
N GLU Q 197 -44.17 35.84 -48.46
CA GLU Q 197 -43.06 34.92 -48.29
C GLU Q 197 -43.55 33.49 -48.13
N VAL Q 198 -44.58 33.29 -47.28
CA VAL Q 198 -45.05 31.94 -47.01
C VAL Q 198 -45.62 31.31 -48.27
N ARG Q 199 -46.48 32.05 -48.99
CA ARG Q 199 -47.01 31.58 -50.25
C ARG Q 199 -45.89 31.22 -51.19
N GLN Q 200 -44.92 32.12 -51.31
CA GLN Q 200 -43.87 31.99 -52.31
C GLN Q 200 -43.01 30.77 -52.05
N LEU Q 201 -42.60 30.56 -50.79
CA LEU Q 201 -41.80 29.38 -50.42
C LEU Q 201 -42.32 28.11 -51.07
N GLN Q 202 -43.64 27.95 -51.15
CA GLN Q 202 -44.20 26.86 -51.93
C GLN Q 202 -44.05 27.14 -53.43
N PRO Q 212 -35.68 29.31 -59.87
CA PRO Q 212 -35.60 30.53 -60.69
C PRO Q 212 -34.65 31.57 -60.12
N LEU Q 213 -35.05 32.83 -60.15
CA LEU Q 213 -34.24 33.94 -59.68
C LEU Q 213 -34.92 34.57 -58.47
N LYS Q 214 -34.19 34.71 -57.36
CA LYS Q 214 -34.82 35.01 -56.10
C LYS Q 214 -34.58 36.41 -55.56
N SER Q 215 -33.54 37.10 -56.00
CA SER Q 215 -33.17 38.36 -55.36
C SER Q 215 -34.23 39.42 -55.61
N GLN Q 216 -34.39 40.31 -54.64
CA GLN Q 216 -35.39 41.37 -54.76
C GLN Q 216 -34.78 42.75 -54.99
N ALA Q 217 -33.48 42.90 -54.80
CA ALA Q 217 -32.84 44.20 -54.99
C ALA Q 217 -31.35 43.96 -55.21
N ALA Q 218 -30.68 45.02 -55.67
CA ALA Q 218 -29.24 45.00 -55.88
C ALA Q 218 -28.74 46.44 -55.85
N PHE Q 219 -27.43 46.57 -55.87
CA PHE Q 219 -26.78 47.86 -55.76
C PHE Q 219 -25.84 48.06 -56.94
N GLY Q 220 -25.55 49.31 -57.21
CA GLY Q 220 -24.56 49.65 -58.20
C GLY Q 220 -23.73 50.81 -57.71
N PHE Q 221 -22.44 50.78 -58.06
CA PHE Q 221 -21.49 51.80 -57.62
C PHE Q 221 -20.72 52.32 -58.81
N ASP Q 222 -20.81 53.62 -59.04
CA ASP Q 222 -20.03 54.29 -60.07
C ASP Q 222 -18.94 55.12 -59.40
N PHE Q 223 -17.69 54.85 -59.76
CA PHE Q 223 -16.55 55.59 -59.23
C PHE Q 223 -16.13 56.63 -60.28
N ASN Q 224 -16.49 57.89 -60.08
CA ASN Q 224 -16.13 58.88 -61.09
C ASN Q 224 -14.69 59.32 -60.89
N PRO Q 225 -14.10 60.02 -61.87
CA PRO Q 225 -12.66 60.33 -61.76
C PRO Q 225 -12.32 61.13 -60.51
N ASP Q 226 -13.16 62.06 -60.12
CA ASP Q 226 -13.03 62.65 -58.80
C ASP Q 226 -13.22 61.57 -57.74
N GLY Q 227 -12.64 61.79 -56.57
CA GLY Q 227 -12.78 60.80 -55.51
C GLY Q 227 -14.16 60.72 -54.90
N ALA Q 228 -15.19 60.45 -55.71
CA ALA Q 228 -16.58 60.39 -55.26
C ALA Q 228 -17.28 59.17 -55.83
N ILE Q 229 -18.04 58.47 -54.97
CA ILE Q 229 -18.83 57.31 -55.37
C ILE Q 229 -20.28 57.74 -55.51
N LEU Q 230 -20.96 57.22 -56.53
CA LEU Q 230 -22.39 57.41 -56.71
C LEU Q 230 -23.05 56.06 -56.68
N VAL Q 231 -24.14 55.96 -55.92
CA VAL Q 231 -24.79 54.71 -55.58
C VAL Q 231 -26.05 54.53 -56.41
N LYS Q 232 -26.15 53.38 -57.06
CA LYS Q 232 -27.28 53.03 -57.89
C LYS Q 232 -27.94 51.81 -57.29
N GLY Q 233 -29.26 51.84 -57.20
CA GLY Q 233 -30.03 50.75 -56.59
C GLY Q 233 -31.00 50.13 -57.58
N TYR Q 234 -31.22 48.83 -57.41
CA TYR Q 234 -32.09 48.07 -58.30
C TYR Q 234 -33.24 47.46 -57.51
N VAL Q 235 -34.30 47.08 -58.22
CA VAL Q 235 -35.49 46.49 -57.62
C VAL Q 235 -36.03 45.43 -58.57
N PHE Q 236 -36.37 44.27 -58.04
CA PHE Q 236 -36.82 43.15 -58.86
C PHE Q 236 -38.25 42.81 -58.52
N PRO Q 237 -39.23 43.35 -59.26
CA PRO Q 237 -40.63 43.19 -58.86
C PRO Q 237 -41.22 41.85 -59.23
N TYR Q 238 -40.45 40.94 -59.83
CA TYR Q 238 -41.00 39.65 -60.22
C TYR Q 238 -41.58 38.90 -59.02
N LEU Q 239 -40.88 38.94 -57.89
CA LEU Q 239 -41.35 38.20 -56.72
C LEU Q 239 -42.69 38.75 -56.24
N LYS Q 240 -42.75 40.06 -56.00
CA LYS Q 240 -43.99 40.67 -55.52
C LYS Q 240 -45.12 40.41 -56.51
N ALA Q 241 -44.85 40.50 -57.81
CA ALA Q 241 -45.89 40.29 -58.80
C ALA Q 241 -46.36 38.84 -58.81
N LYS Q 242 -45.42 37.90 -58.70
CA LYS Q 242 -45.78 36.49 -58.73
C LYS Q 242 -46.64 36.13 -57.53
N ALA Q 243 -46.33 36.72 -56.36
CA ALA Q 243 -47.08 36.40 -55.14
C ALA Q 243 -48.53 36.86 -55.24
N ALA Q 244 -48.76 38.09 -55.71
CA ALA Q 244 -50.10 38.63 -55.82
C ALA Q 244 -50.81 38.18 -57.10
N ASP Q 245 -50.16 37.36 -57.92
CA ASP Q 245 -50.71 36.94 -59.22
C ASP Q 245 -51.22 38.13 -60.01
N VAL Q 246 -50.39 39.17 -60.10
CA VAL Q 246 -50.70 40.39 -60.83
C VAL Q 246 -49.58 40.61 -61.85
N PRO Q 247 -49.89 41.01 -63.08
CA PRO Q 247 -48.82 41.23 -64.07
C PRO Q 247 -47.82 42.31 -63.63
N VAL Q 248 -46.56 42.09 -64.00
CA VAL Q 248 -45.49 42.91 -63.44
C VAL Q 248 -45.76 44.38 -63.72
N GLY Q 249 -46.05 44.70 -64.99
CA GLY Q 249 -46.19 46.10 -65.39
C GLY Q 249 -47.32 46.81 -64.65
N THR Q 250 -48.40 46.10 -64.36
CA THR Q 250 -49.54 46.71 -63.67
C THR Q 250 -49.10 47.31 -62.35
N LEU Q 251 -48.30 46.57 -61.57
CA LEU Q 251 -47.82 47.15 -60.33
C LEU Q 251 -46.63 48.07 -60.56
N ILE Q 252 -45.81 47.80 -61.58
CA ILE Q 252 -44.75 48.75 -61.93
C ILE Q 252 -45.36 50.09 -62.29
N ALA Q 253 -46.33 50.09 -63.21
CA ALA Q 253 -47.03 51.30 -63.57
C ALA Q 253 -47.65 51.95 -62.34
N GLU Q 254 -48.35 51.15 -61.54
CA GLU Q 254 -48.98 51.68 -60.34
C GLU Q 254 -47.91 52.15 -59.37
N ALA Q 255 -46.76 51.46 -59.37
CA ALA Q 255 -45.61 51.91 -58.57
C ALA Q 255 -45.10 53.25 -59.05
N VAL Q 256 -44.95 53.40 -60.37
CA VAL Q 256 -44.57 54.70 -60.91
C VAL Q 256 -45.65 55.73 -60.63
N ARG Q 257 -46.92 55.35 -60.77
CA ARG Q 257 -47.99 56.31 -60.52
C ARG Q 257 -47.98 56.78 -59.07
N THR Q 258 -47.70 55.86 -58.13
CA THR Q 258 -47.68 56.23 -56.71
C THR Q 258 -46.68 57.33 -56.44
N ILE Q 259 -45.61 57.40 -57.24
CA ILE Q 259 -44.66 58.51 -57.14
C ILE Q 259 -45.10 59.71 -57.97
N ASP Q 260 -46.20 59.57 -58.75
CA ASP Q 260 -46.65 60.65 -59.64
C ASP Q 260 -47.35 61.78 -58.89
N VAL Q 261 -48.30 61.47 -58.01
CA VAL Q 261 -48.78 62.50 -57.11
C VAL Q 261 -47.65 62.96 -56.21
N GLU Q 262 -46.66 62.08 -55.97
CA GLU Q 262 -45.47 62.45 -55.24
C GLU Q 262 -44.62 63.42 -56.06
N ARG Q 263 -44.49 63.16 -57.37
CA ARG Q 263 -44.24 64.18 -58.39
C ARG Q 263 -44.46 63.59 -59.78
N ASN Q 264 -45.40 64.20 -60.50
CA ASN Q 264 -45.89 63.68 -61.77
C ASN Q 264 -44.99 64.08 -62.93
N GLN Q 265 -43.69 63.81 -62.81
CA GLN Q 265 -42.75 64.13 -63.86
C GLN Q 265 -42.38 62.92 -64.71
N PHE Q 266 -42.72 61.72 -64.26
CA PHE Q 266 -42.41 60.51 -64.99
C PHE Q 266 -43.60 59.99 -65.78
N THR Q 267 -44.77 60.60 -65.57
CA THR Q 267 -46.00 60.13 -66.20
C THR Q 267 -45.84 60.07 -67.72
N HIS Q 268 -45.52 61.21 -68.34
CA HIS Q 268 -45.49 61.27 -69.79
C HIS Q 268 -44.53 60.22 -70.35
N ALA Q 269 -43.26 60.30 -69.94
CA ALA Q 269 -42.26 59.38 -70.48
C ALA Q 269 -42.62 57.93 -70.17
N PHE Q 270 -43.06 57.65 -68.95
CA PHE Q 270 -43.36 56.25 -68.61
C PHE Q 270 -44.57 55.74 -69.37
N GLY Q 271 -45.73 56.41 -69.20
CA GLY Q 271 -46.91 56.00 -69.93
C GLY Q 271 -46.61 55.78 -71.40
N LEU Q 272 -45.61 56.49 -71.91
CA LEU Q 272 -45.19 56.27 -73.29
C LEU Q 272 -44.49 54.92 -73.45
N ILE Q 273 -43.76 54.49 -72.43
CA ILE Q 273 -43.10 53.19 -72.51
C ILE Q 273 -44.10 52.09 -72.25
N ASN Q 274 -44.94 52.28 -71.25
CA ASN Q 274 -45.89 51.25 -70.87
C ASN Q 274 -46.83 50.90 -72.02
N ASP Q 275 -47.13 51.88 -72.88
CA ASP Q 275 -47.92 51.59 -74.05
C ASP Q 275 -47.19 50.64 -74.98
N TYR Q 276 -45.91 50.91 -75.24
CA TYR Q 276 -45.16 50.02 -76.12
C TYR Q 276 -44.99 48.63 -75.52
N MET Q 277 -44.78 48.56 -74.21
CA MET Q 277 -44.59 47.27 -73.57
C MET Q 277 -45.84 46.42 -73.69
N GLN Q 278 -47.01 47.04 -73.54
CA GLN Q 278 -48.26 46.32 -73.68
C GLN Q 278 -48.55 45.97 -75.13
N GLU Q 279 -48.18 46.84 -76.07
CA GLU Q 279 -48.28 46.49 -77.48
C GLU Q 279 -47.55 45.19 -77.76
N SER Q 280 -46.28 45.14 -77.39
CA SER Q 280 -45.35 44.12 -77.87
C SER Q 280 -45.24 42.93 -76.95
N THR Q 281 -46.03 42.87 -75.88
CA THR Q 281 -45.83 41.87 -74.85
C THR Q 281 -44.40 41.92 -74.31
N GLY Q 282 -43.89 43.14 -74.14
CA GLY Q 282 -42.52 43.32 -73.70
C GLY Q 282 -42.32 42.97 -72.24
N TYR Q 283 -43.28 43.30 -71.39
CA TYR Q 283 -43.23 42.91 -69.99
C TYR Q 283 -43.17 41.39 -69.85
N ASN Q 284 -42.42 40.96 -68.85
CA ASN Q 284 -42.19 39.54 -68.62
C ASN Q 284 -41.64 39.40 -67.21
N GLU Q 285 -41.29 38.18 -66.84
CA GLU Q 285 -40.70 37.96 -65.53
C GLU Q 285 -39.42 38.76 -65.35
N TYR Q 286 -38.62 38.87 -66.41
CA TYR Q 286 -37.29 39.47 -66.29
C TYR Q 286 -37.33 40.98 -66.17
N THR Q 287 -38.44 41.62 -66.51
CA THR Q 287 -38.49 43.06 -66.37
C THR Q 287 -38.21 43.47 -64.93
N PHE Q 288 -37.39 44.50 -64.76
CA PHE Q 288 -37.13 45.04 -63.44
C PHE Q 288 -36.88 46.53 -63.56
N LEU Q 289 -36.46 47.15 -62.45
CA LEU Q 289 -36.50 48.59 -62.36
C LEU Q 289 -35.22 49.07 -61.70
N SER Q 290 -34.90 50.35 -61.84
CA SER Q 290 -33.64 50.90 -61.36
C SER Q 290 -33.86 52.35 -60.94
N CYS Q 291 -32.88 52.93 -60.26
CA CYS Q 291 -32.93 54.36 -59.95
C CYS Q 291 -31.61 54.79 -59.32
N ASP Q 292 -31.51 56.08 -59.02
CA ASP Q 292 -30.31 56.68 -58.43
C ASP Q 292 -30.61 57.11 -57.00
N PHE Q 293 -29.55 57.17 -56.18
CA PHE Q 293 -29.66 57.57 -54.78
C PHE Q 293 -29.37 59.06 -54.66
N VAL Q 294 -30.37 59.88 -55.02
CA VAL Q 294 -30.21 61.32 -54.89
C VAL Q 294 -31.57 62.00 -54.96
N GLU Q 295 -31.63 63.23 -54.44
CA GLU Q 295 -32.63 64.21 -54.78
C GLU Q 295 -33.44 63.83 -56.02
N THR Q 296 -34.77 63.97 -55.94
CA THR Q 296 -35.65 63.56 -57.03
C THR Q 296 -35.34 64.34 -58.32
N SER Q 297 -34.98 65.62 -58.20
CA SER Q 297 -34.76 66.43 -59.39
C SER Q 297 -33.72 65.79 -60.32
N GLU Q 298 -32.58 65.40 -59.76
CA GLU Q 298 -31.49 64.86 -60.56
C GLU Q 298 -31.55 63.36 -60.71
N GLN Q 299 -32.67 62.73 -60.42
CA GLN Q 299 -32.75 61.29 -60.44
C GLN Q 299 -33.26 60.76 -61.77
N ARG Q 300 -32.72 59.62 -62.18
CA ARG Q 300 -32.97 59.01 -63.47
C ARG Q 300 -33.49 57.59 -63.22
N LEU Q 301 -34.81 57.40 -63.26
CA LEU Q 301 -35.33 56.06 -63.08
C LEU Q 301 -35.33 55.35 -64.43
N LYS Q 302 -35.03 54.06 -64.40
CA LYS Q 302 -34.78 53.27 -65.59
C LYS Q 302 -35.60 51.98 -65.51
N ILE Q 303 -36.17 51.56 -66.63
CA ILE Q 303 -36.90 50.30 -66.72
C ILE Q 303 -36.10 49.35 -67.59
N TYR Q 304 -35.85 48.14 -67.08
CA TYR Q 304 -35.12 47.17 -67.86
C TYR Q 304 -36.07 46.06 -68.29
N GLY Q 305 -35.65 45.30 -69.30
CA GLY Q 305 -36.42 44.15 -69.74
C GLY Q 305 -35.54 43.28 -70.61
N ALA Q 306 -36.09 42.14 -71.03
CA ALA Q 306 -35.33 41.21 -71.85
C ALA Q 306 -36.26 40.56 -72.88
N HIS Q 307 -35.64 40.00 -73.91
CA HIS Q 307 -36.33 39.22 -74.93
C HIS Q 307 -35.52 38.01 -75.34
N THR Q 308 -36.22 36.88 -75.45
CA THR Q 308 -35.58 35.60 -75.72
C THR Q 308 -34.92 35.58 -77.09
N GLU Q 309 -35.69 35.81 -78.15
CA GLU Q 309 -35.17 35.86 -79.51
C GLU Q 309 -35.51 37.21 -80.12
N VAL Q 310 -34.51 37.82 -80.75
CA VAL Q 310 -34.64 39.19 -81.24
C VAL Q 310 -33.83 39.32 -82.53
N THR Q 311 -34.47 39.87 -83.54
CA THR Q 311 -33.87 40.17 -84.84
C THR Q 311 -33.46 41.63 -84.90
N TRP Q 312 -32.80 42.02 -86.00
CA TRP Q 312 -32.50 43.45 -86.16
C TRP Q 312 -33.78 44.26 -86.19
N ALA Q 313 -34.78 43.80 -86.94
CA ALA Q 313 -36.03 44.55 -87.00
C ALA Q 313 -36.64 44.71 -85.63
N LYS Q 314 -36.58 43.65 -84.81
CA LYS Q 314 -37.05 43.73 -83.44
C LYS Q 314 -36.26 44.78 -82.65
N ILE Q 315 -34.94 44.82 -82.86
CA ILE Q 315 -34.11 45.81 -82.17
C ILE Q 315 -34.50 47.22 -82.58
N ALA Q 316 -34.63 47.45 -83.88
CA ALA Q 316 -35.04 48.75 -84.38
C ALA Q 316 -36.44 49.10 -83.88
N GLU Q 317 -37.35 48.12 -83.90
CA GLU Q 317 -38.67 48.29 -83.32
C GLU Q 317 -38.58 48.69 -81.86
N MET Q 318 -37.67 48.05 -81.11
CA MET Q 318 -37.49 48.40 -79.70
C MET Q 318 -36.76 49.72 -79.55
N TRP Q 319 -35.68 49.94 -80.31
CA TRP Q 319 -34.93 51.17 -80.18
C TRP Q 319 -35.83 52.39 -80.44
N THR Q 320 -36.69 52.30 -81.44
CA THR Q 320 -37.65 53.36 -81.71
C THR Q 320 -38.97 53.12 -81.02
N LEU Q 321 -39.03 52.16 -80.09
CA LEU Q 321 -40.18 51.97 -79.22
C LEU Q 321 -41.45 51.88 -80.05
N GLY Q 322 -41.42 50.94 -80.99
CA GLY Q 322 -42.39 50.96 -82.06
C GLY Q 322 -42.00 52.06 -83.02
N GLY Q 323 -42.85 53.06 -83.18
CA GLY Q 323 -42.46 54.25 -83.92
C GLY Q 323 -42.57 55.48 -83.04
N ARG Q 324 -42.75 55.27 -81.75
CA ARG Q 324 -43.16 56.36 -80.86
C ARG Q 324 -42.27 57.58 -81.04
N LEU Q 325 -40.98 57.37 -81.23
CA LEU Q 325 -40.00 58.45 -81.15
C LEU Q 325 -39.14 58.51 -82.40
N ILE Q 326 -39.71 58.17 -83.56
CA ILE Q 326 -39.06 58.46 -84.85
C ILE Q 326 -38.90 59.96 -85.05
N GLU Q 327 -39.78 60.77 -84.46
CA GLU Q 327 -39.70 62.21 -84.63
C GLU Q 327 -38.35 62.75 -84.17
N GLU Q 328 -37.86 62.27 -83.04
CA GLU Q 328 -36.60 62.75 -82.50
C GLU Q 328 -35.45 62.40 -83.43
N PRO Q 329 -34.57 63.34 -83.75
CA PRO Q 329 -33.43 63.00 -84.62
C PRO Q 329 -32.40 62.14 -83.92
N GLU Q 330 -32.17 62.38 -82.63
CA GLU Q 330 -31.19 61.62 -81.86
C GLU Q 330 -31.31 60.12 -82.08
N ILE Q 331 -32.50 59.58 -81.87
CA ILE Q 331 -32.71 58.13 -81.95
C ILE Q 331 -32.25 57.57 -83.29
N ILE Q 332 -32.63 58.24 -84.38
CA ILE Q 332 -32.30 57.75 -85.71
C ILE Q 332 -30.79 57.66 -85.86
N ALA Q 333 -30.08 58.71 -85.42
CA ALA Q 333 -28.62 58.69 -85.48
C ALA Q 333 -28.05 57.56 -84.63
N GLY Q 334 -28.46 57.49 -83.37
CA GLY Q 334 -27.98 56.43 -82.50
C GLY Q 334 -28.22 55.04 -83.07
N LEU Q 335 -29.39 54.83 -83.69
CA LEU Q 335 -29.70 53.52 -84.24
C LEU Q 335 -28.78 53.15 -85.40
N ALA Q 336 -28.36 54.16 -86.17
CA ALA Q 336 -27.44 53.90 -87.27
C ALA Q 336 -26.13 53.34 -86.72
N ARG Q 337 -25.49 54.07 -85.79
CA ARG Q 337 -24.28 53.57 -85.13
C ARG Q 337 -24.49 52.17 -84.55
N LEU Q 338 -25.67 51.91 -84.00
CA LEU Q 338 -25.92 50.64 -83.32
C LEU Q 338 -25.76 49.45 -84.27
N LYS Q 339 -26.33 49.54 -85.47
CA LYS Q 339 -26.21 48.41 -86.38
C LYS Q 339 -24.77 48.22 -86.82
N GLN Q 340 -24.00 49.30 -86.81
CA GLN Q 340 -22.59 49.18 -87.15
C GLN Q 340 -21.90 48.22 -86.19
N ILE Q 341 -22.32 48.22 -84.91
CA ILE Q 341 -21.78 47.30 -83.93
C ILE Q 341 -22.42 45.94 -84.07
N TRP Q 342 -23.74 45.91 -84.15
CA TRP Q 342 -24.46 44.65 -84.28
C TRP Q 342 -23.82 43.81 -85.37
N SER Q 343 -23.42 44.46 -86.47
CA SER Q 343 -22.81 43.76 -87.59
C SER Q 343 -21.42 43.25 -87.24
N LEU Q 344 -20.61 44.08 -86.56
CA LEU Q 344 -19.26 43.63 -86.20
C LEU Q 344 -19.29 42.46 -85.24
N LEU Q 345 -20.20 42.48 -84.26
CA LEU Q 345 -20.11 41.56 -83.14
C LEU Q 345 -20.56 40.16 -83.55
N GLN Q 346 -21.80 40.05 -83.98
CA GLN Q 346 -22.38 38.74 -84.23
C GLN Q 346 -21.99 38.19 -85.59
N ILE Q 347 -21.10 38.87 -86.30
CA ILE Q 347 -20.70 38.43 -87.63
C ILE Q 347 -19.83 37.19 -87.49
N ILE Q 369 -30.90 27.96 -72.81
CA ILE Q 369 -30.18 27.43 -73.97
C ILE Q 369 -29.14 28.45 -74.44
N ALA Q 370 -29.43 29.73 -74.18
CA ALA Q 370 -28.56 30.82 -74.61
C ALA Q 370 -28.92 32.06 -73.82
N SER Q 371 -28.09 33.09 -73.93
CA SER Q 371 -28.31 34.30 -73.15
C SER Q 371 -29.28 35.24 -73.86
N PRO Q 372 -30.18 35.88 -73.12
CA PRO Q 372 -31.10 36.86 -73.71
C PRO Q 372 -30.42 38.21 -73.87
N ILE Q 373 -31.06 39.10 -74.64
CA ILE Q 373 -30.57 40.46 -74.81
C ILE Q 373 -31.43 41.37 -73.94
N ILE Q 374 -30.81 42.37 -73.32
CA ILE Q 374 -31.51 43.19 -72.33
C ILE Q 374 -31.64 44.58 -72.90
N TRP Q 375 -32.72 45.25 -72.53
CA TRP Q 375 -32.96 46.63 -72.93
C TRP Q 375 -33.27 47.49 -71.71
N ASN Q 376 -33.16 48.79 -71.90
CA ASN Q 376 -33.22 49.79 -70.84
C ASN Q 376 -33.91 51.03 -71.39
N TYR Q 377 -34.79 51.62 -70.61
CA TYR Q 377 -35.38 52.90 -70.97
C TYR Q 377 -35.17 53.86 -69.82
N GLU Q 378 -34.43 54.93 -70.06
CA GLU Q 378 -34.07 55.89 -69.02
C GLU Q 378 -34.98 57.10 -69.10
N ILE Q 379 -35.76 57.33 -68.05
CA ILE Q 379 -36.74 58.42 -67.99
C ILE Q 379 -36.20 59.57 -67.14
N HIS Q 380 -35.35 60.39 -67.72
CA HIS Q 380 -35.00 61.64 -67.06
C HIS Q 380 -36.27 62.45 -66.81
N PRO Q 381 -36.44 63.01 -65.60
CA PRO Q 381 -37.76 63.58 -65.26
C PRO Q 381 -38.13 64.79 -66.09
N GLY Q 382 -37.20 65.72 -66.30
CA GLY Q 382 -37.53 66.91 -67.06
C GLY Q 382 -37.97 66.60 -68.47
N SER Q 383 -37.31 65.64 -69.13
CA SER Q 383 -37.50 65.43 -70.55
C SER Q 383 -38.87 64.81 -70.84
N ARG Q 384 -39.18 64.74 -72.15
CA ARG Q 384 -40.46 64.21 -72.62
C ARG Q 384 -40.36 62.85 -73.29
N PHE Q 385 -39.18 62.41 -73.69
CA PHE Q 385 -39.02 61.07 -74.24
C PHE Q 385 -38.09 60.22 -73.39
N PRO Q 386 -38.19 58.90 -73.50
CA PRO Q 386 -37.19 58.02 -72.90
C PRO Q 386 -35.96 57.91 -73.78
N VAL Q 387 -34.84 57.61 -73.15
CA VAL Q 387 -33.59 57.33 -73.84
C VAL Q 387 -33.32 55.83 -73.76
N PRO Q 388 -33.07 55.16 -74.87
CA PRO Q 388 -32.87 53.72 -74.81
C PRO Q 388 -31.44 53.31 -74.48
N LYS Q 389 -31.21 52.00 -74.33
CA LYS Q 389 -29.90 51.44 -74.08
C LYS Q 389 -30.02 49.94 -74.20
N PHE Q 390 -29.10 49.29 -74.90
CA PHE Q 390 -29.18 47.85 -75.03
C PHE Q 390 -27.94 47.19 -74.44
N TYR Q 391 -28.06 45.89 -74.19
CA TYR Q 391 -27.01 45.09 -73.57
C TYR Q 391 -26.86 43.82 -74.41
N LEU Q 392 -25.67 43.53 -74.86
CA LEU Q 392 -25.53 42.53 -75.87
C LEU Q 392 -24.67 41.39 -75.36
N PRO Q 393 -25.12 40.15 -75.48
CA PRO Q 393 -24.34 39.03 -74.95
C PRO Q 393 -23.02 38.87 -75.68
N VAL Q 394 -21.94 38.74 -74.91
CA VAL Q 394 -20.62 38.57 -75.49
C VAL Q 394 -20.03 37.25 -75.00
N HIS Q 395 -20.35 36.87 -73.77
CA HIS Q 395 -19.99 35.55 -73.29
C HIS Q 395 -20.55 34.52 -74.25
N GLY Q 396 -19.66 33.70 -74.79
CA GLY Q 396 -19.96 32.83 -75.90
C GLY Q 396 -19.31 33.28 -77.17
N GLU Q 397 -18.85 34.53 -77.22
CA GLU Q 397 -18.10 35.06 -78.33
C GLU Q 397 -16.63 35.14 -77.94
N ASN Q 398 -15.76 34.71 -78.86
CA ASN Q 398 -14.33 34.82 -78.65
C ASN Q 398 -13.98 36.22 -78.16
N ASP Q 399 -13.53 36.30 -76.91
CA ASP Q 399 -13.26 37.60 -76.31
C ASP Q 399 -12.17 38.34 -77.07
N LEU Q 400 -11.38 37.64 -77.88
CA LEU Q 400 -10.44 38.32 -78.75
C LEU Q 400 -11.17 38.90 -79.96
N HIS Q 401 -11.97 38.07 -80.65
CA HIS Q 401 -12.84 38.58 -81.69
C HIS Q 401 -13.64 39.76 -81.18
N VAL Q 402 -14.09 39.68 -79.93
CA VAL Q 402 -14.87 40.77 -79.37
C VAL Q 402 -13.99 42.01 -79.17
N ALA Q 403 -12.77 41.82 -78.67
CA ALA Q 403 -11.85 42.93 -78.51
C ALA Q 403 -11.52 43.55 -79.86
N ARG Q 404 -11.22 42.71 -80.85
CA ARG Q 404 -10.94 43.19 -82.20
C ARG Q 404 -12.11 44.01 -82.72
N ALA Q 405 -13.28 43.39 -82.85
CA ALA Q 405 -14.44 44.11 -83.37
C ALA Q 405 -14.73 45.34 -82.52
N LEU Q 406 -14.57 45.21 -81.22
CA LEU Q 406 -14.89 46.32 -80.34
C LEU Q 406 -14.00 47.51 -80.63
N ALA Q 407 -12.73 47.26 -80.95
CA ALA Q 407 -11.77 48.33 -81.18
C ALA Q 407 -11.98 48.99 -82.53
N GLN Q 408 -12.29 48.19 -83.55
CA GLN Q 408 -12.60 48.74 -84.88
C GLN Q 408 -13.68 49.80 -84.78
N PHE Q 409 -14.75 49.49 -84.04
CA PHE Q 409 -15.83 50.43 -83.88
C PHE Q 409 -15.40 51.74 -83.24
N TRP Q 410 -14.29 51.74 -82.49
CA TRP Q 410 -13.85 53.00 -81.88
C TRP Q 410 -13.21 53.93 -82.90
N ASP Q 411 -12.45 53.40 -83.85
CA ASP Q 411 -11.94 54.24 -84.92
C ASP Q 411 -13.09 54.85 -85.74
N SER Q 412 -14.07 54.03 -86.15
CA SER Q 412 -15.23 54.56 -86.87
C SER Q 412 -15.81 55.78 -86.16
N LEU Q 413 -15.88 55.74 -84.85
CA LEU Q 413 -16.27 56.93 -84.11
C LEU Q 413 -15.11 57.91 -84.00
N GLY Q 414 -13.87 57.42 -84.12
CA GLY Q 414 -12.72 58.29 -84.01
C GLY Q 414 -12.23 58.52 -82.59
N TRP Q 415 -12.13 57.46 -81.80
CA TRP Q 415 -11.53 57.58 -80.48
C TRP Q 415 -10.08 57.15 -80.56
N PRO Q 416 -9.13 58.05 -80.53
CA PRO Q 416 -7.76 57.67 -80.88
C PRO Q 416 -7.16 56.66 -79.93
N GLU Q 417 -7.13 57.00 -78.65
CA GLU Q 417 -6.42 56.16 -77.68
C GLU Q 417 -7.29 54.98 -77.24
N HIS Q 418 -8.65 55.15 -77.24
CA HIS Q 418 -9.43 54.06 -76.67
C HIS Q 418 -9.38 52.84 -77.54
N ALA Q 419 -9.28 53.04 -78.87
CA ALA Q 419 -9.29 51.88 -79.76
C ALA Q 419 -7.93 51.24 -79.91
N CYS Q 420 -6.84 52.02 -79.82
CA CYS Q 420 -5.51 51.48 -80.07
C CYS Q 420 -5.05 50.56 -78.94
N ALA Q 421 -5.28 50.96 -77.69
CA ALA Q 421 -4.75 50.24 -76.54
C ALA Q 421 -5.81 49.42 -75.84
N TYR Q 422 -6.90 49.06 -76.53
CA TYR Q 422 -7.91 48.28 -75.83
C TYR Q 422 -7.46 46.84 -75.57
N PRO Q 423 -7.29 46.03 -76.60
CA PRO Q 423 -6.97 44.62 -76.37
C PRO Q 423 -5.72 44.42 -75.54
N ASP Q 424 -4.77 45.36 -75.59
CA ASP Q 424 -3.68 45.33 -74.61
C ASP Q 424 -4.22 45.58 -73.22
N THR Q 425 -5.28 46.39 -73.12
CA THR Q 425 -5.89 46.63 -71.82
C THR Q 425 -6.67 45.41 -71.35
N LEU Q 426 -7.11 44.58 -72.28
CA LEU Q 426 -7.87 43.39 -71.91
C LEU Q 426 -6.95 42.30 -71.38
N GLN Q 427 -5.82 42.06 -72.04
CA GLN Q 427 -4.88 41.04 -71.59
C GLN Q 427 -4.27 41.44 -70.25
N GLN Q 428 -4.02 42.73 -70.05
CA GLN Q 428 -3.43 43.20 -68.81
C GLN Q 428 -4.39 43.06 -67.63
N LEU Q 429 -5.69 42.93 -67.89
CA LEU Q 429 -6.66 42.62 -66.85
C LEU Q 429 -6.73 41.15 -66.51
N TYR Q 430 -6.29 40.26 -67.41
CA TYR Q 430 -6.39 38.82 -67.20
C TYR Q 430 -5.08 38.17 -67.63
N PRO Q 431 -3.97 38.57 -67.03
CA PRO Q 431 -2.68 37.99 -67.45
C PRO Q 431 -2.62 36.47 -67.30
N ASP Q 432 -3.37 35.91 -66.35
CA ASP Q 432 -3.39 34.45 -66.23
C ASP Q 432 -3.98 33.79 -67.48
N GLN Q 433 -4.97 34.42 -68.09
CA GLN Q 433 -5.69 33.84 -69.22
C GLN Q 433 -5.08 34.28 -70.54
N ASP Q 434 -5.39 33.53 -71.60
CA ASP Q 434 -4.95 33.83 -72.97
C ASP Q 434 -6.18 34.13 -73.83
N ILE Q 435 -6.31 35.40 -74.22
CA ILE Q 435 -7.50 35.84 -74.94
C ILE Q 435 -7.72 35.05 -76.21
N SER Q 436 -6.65 34.52 -76.80
CA SER Q 436 -6.81 33.78 -78.05
C SER Q 436 -7.88 32.71 -77.94
N GLN Q 437 -8.03 32.11 -76.75
CA GLN Q 437 -8.93 30.98 -76.56
C GLN Q 437 -10.05 31.25 -75.56
N THR Q 438 -10.15 32.45 -75.01
CA THR Q 438 -11.12 32.75 -73.95
C THR Q 438 -12.45 33.23 -74.52
N THR Q 439 -13.53 32.92 -73.81
CA THR Q 439 -14.87 33.29 -74.24
C THR Q 439 -15.69 34.00 -73.16
N ARG Q 440 -15.60 33.56 -71.91
CA ARG Q 440 -16.45 34.13 -70.87
C ARG Q 440 -15.88 35.40 -70.27
N LEU Q 441 -14.66 35.79 -70.65
CA LEU Q 441 -14.03 36.95 -70.02
C LEU Q 441 -14.84 38.26 -70.19
N GLN Q 442 -15.66 38.42 -71.23
CA GLN Q 442 -16.47 39.66 -71.41
C GLN Q 442 -17.84 39.14 -71.65
N SER Q 443 -18.79 39.73 -71.01
CA SER Q 443 -20.10 39.14 -70.96
C SER Q 443 -21.20 40.02 -71.55
N TRP Q 444 -21.16 41.33 -71.35
CA TRP Q 444 -22.20 42.21 -71.85
C TRP Q 444 -21.56 43.47 -72.39
N ILE Q 445 -22.25 44.12 -73.34
CA ILE Q 445 -21.88 45.42 -73.86
C ILE Q 445 -23.10 46.31 -73.87
N SER Q 446 -22.98 47.53 -73.34
CA SER Q 446 -24.10 48.45 -73.25
C SER Q 446 -23.92 49.54 -74.31
N TYR Q 447 -25.03 49.99 -74.89
CA TYR Q 447 -25.00 50.99 -75.93
C TYR Q 447 -26.06 52.05 -75.65
N SER Q 448 -25.62 53.31 -75.59
CA SER Q 448 -26.52 54.44 -75.46
C SER Q 448 -26.04 55.52 -76.43
N TYR Q 449 -26.93 56.41 -76.82
CA TYR Q 449 -26.53 57.54 -77.65
C TYR Q 449 -27.21 58.81 -77.18
N THR Q 450 -26.46 59.91 -77.17
CA THR Q 450 -27.01 61.23 -76.91
C THR Q 450 -26.37 62.23 -77.87
N ALA Q 451 -27.11 63.29 -78.19
CA ALA Q 451 -26.52 64.38 -78.95
C ALA Q 451 -25.36 65.00 -78.18
N LYS Q 452 -25.59 65.30 -76.90
CA LYS Q 452 -24.57 65.95 -76.08
C LYS Q 452 -23.40 65.00 -75.82
N ARG Q 453 -23.67 63.88 -75.12
CA ARG Q 453 -22.59 62.98 -74.72
C ARG Q 453 -21.93 62.31 -75.90
N GLY Q 454 -22.73 61.86 -76.85
CA GLY Q 454 -22.18 61.04 -77.90
C GLY Q 454 -22.52 59.58 -77.72
N VAL Q 455 -21.53 58.71 -77.66
CA VAL Q 455 -21.76 57.28 -77.62
C VAL Q 455 -21.37 56.80 -76.22
N TYR Q 456 -22.38 56.57 -75.39
CA TYR Q 456 -22.23 55.77 -74.18
C TYR Q 456 -21.99 54.32 -74.56
N MET Q 457 -21.12 53.66 -73.82
CA MET Q 457 -20.90 52.23 -74.08
C MET Q 457 -20.06 51.61 -72.96
N SER Q 458 -20.52 50.50 -72.40
CA SER Q 458 -19.89 49.91 -71.22
C SER Q 458 -19.73 48.41 -71.42
N VAL Q 459 -18.70 47.87 -70.79
CA VAL Q 459 -18.36 46.45 -70.94
C VAL Q 459 -18.41 45.80 -69.57
N TYR Q 460 -19.00 44.61 -69.51
CA TYR Q 460 -19.25 43.90 -68.26
C TYR Q 460 -18.39 42.65 -68.28
N TYR Q 461 -17.58 42.48 -67.24
CA TYR Q 461 -16.48 41.52 -67.28
C TYR Q 461 -16.69 40.38 -66.30
N HIS Q 462 -15.92 39.31 -66.53
CA HIS Q 462 -15.80 38.22 -65.56
C HIS Q 462 -15.10 38.74 -64.31
N SER Q 463 -15.84 38.81 -63.20
CA SER Q 463 -15.43 39.63 -62.07
C SER Q 463 -14.89 38.82 -60.91
N GLN Q 464 -14.43 37.59 -61.14
CA GLN Q 464 -13.68 36.83 -60.16
C GLN Q 464 -12.44 36.25 -60.83
N SER Q 465 -11.54 35.70 -60.02
CA SER Q 465 -10.24 35.30 -60.53
C SER Q 465 -10.12 33.80 -60.77
N THR Q 466 -11.22 33.07 -60.73
CA THR Q 466 -11.20 31.64 -61.03
C THR Q 466 -12.16 31.35 -62.17
N TYR Q 467 -11.64 30.83 -63.26
CA TYR Q 467 -12.35 30.69 -64.52
C TYR Q 467 -12.42 29.22 -64.90
N LEU Q 468 -13.62 28.73 -65.23
CA LEU Q 468 -13.84 27.30 -65.41
C LEU Q 468 -13.68 26.91 -66.87
N PRO R 52 -14.18 -17.22 -65.26
CA PRO R 52 -14.35 -17.96 -64.01
C PRO R 52 -13.49 -19.22 -63.95
N SER R 53 -13.34 -19.80 -62.75
CA SER R 53 -12.56 -21.02 -62.60
C SER R 53 -13.38 -22.23 -63.05
N PRO R 54 -12.70 -23.28 -63.53
CA PRO R 54 -13.37 -24.26 -64.40
C PRO R 54 -13.99 -25.48 -63.72
N ALA R 55 -13.22 -26.21 -62.91
CA ALA R 55 -13.56 -27.58 -62.57
C ALA R 55 -14.91 -27.73 -61.88
N GLN R 56 -15.47 -26.65 -61.33
CA GLN R 56 -16.75 -26.71 -60.62
C GLN R 56 -17.98 -26.76 -61.57
N ALA R 57 -17.78 -27.06 -62.85
CA ALA R 57 -18.89 -27.31 -63.75
C ALA R 57 -19.60 -28.62 -63.44
N LEU R 58 -18.88 -29.58 -62.83
CA LEU R 58 -19.48 -30.89 -62.51
C LEU R 58 -20.72 -30.74 -61.63
N ALA R 59 -20.70 -29.79 -60.70
CA ALA R 59 -21.81 -29.65 -59.76
C ALA R 59 -23.15 -29.39 -60.44
N SER R 60 -23.13 -28.87 -61.68
CA SER R 60 -24.38 -28.47 -62.34
C SER R 60 -25.38 -29.61 -62.39
N TYR R 61 -24.94 -30.80 -62.79
CA TYR R 61 -25.83 -31.93 -62.94
C TYR R 61 -25.66 -32.94 -61.81
N HIS R 62 -25.38 -32.43 -60.63
CA HIS R 62 -25.29 -33.23 -59.42
C HIS R 62 -26.10 -32.58 -58.31
N HIS R 63 -26.80 -33.41 -57.54
CA HIS R 63 -27.63 -32.96 -56.42
C HIS R 63 -27.05 -33.51 -55.13
N PHE R 64 -26.64 -32.63 -54.23
CA PHE R 64 -26.05 -33.07 -52.98
C PHE R 64 -27.14 -33.59 -52.02
N PRO R 65 -27.02 -34.82 -51.53
CA PRO R 65 -28.16 -35.43 -50.80
C PRO R 65 -28.62 -34.64 -49.59
N THR R 66 -27.71 -34.24 -48.71
CA THR R 66 -28.08 -33.55 -47.48
C THR R 66 -27.81 -32.05 -47.59
N ASN R 67 -28.50 -31.28 -46.74
CA ASN R 67 -28.18 -29.86 -46.62
C ASN R 67 -26.77 -29.66 -46.08
N ASP R 68 -26.34 -30.51 -45.15
CA ASP R 68 -24.98 -30.37 -44.66
C ASP R 68 -24.01 -30.33 -45.83
N GLN R 69 -24.12 -31.33 -46.74
CA GLN R 69 -23.19 -31.37 -47.87
C GLN R 69 -23.32 -30.14 -48.74
N GLU R 70 -24.56 -29.76 -49.05
CA GLU R 70 -24.74 -28.58 -49.89
C GLU R 70 -23.97 -27.40 -49.34
N ARG R 71 -24.08 -27.17 -48.02
CA ARG R 71 -23.45 -26.02 -47.42
C ARG R 71 -21.94 -26.12 -47.46
N TRP R 72 -21.38 -27.32 -47.24
CA TRP R 72 -19.93 -27.47 -47.36
C TRP R 72 -19.46 -27.18 -48.78
N TRP R 73 -20.18 -27.71 -49.78
CA TRP R 73 -19.85 -27.40 -51.16
C TRP R 73 -19.78 -25.90 -51.40
N GLU R 74 -20.79 -25.17 -50.96
CA GLU R 74 -20.82 -23.72 -51.16
C GLU R 74 -19.67 -23.05 -50.41
N GLU R 75 -19.19 -23.67 -49.33
CA GLU R 75 -18.16 -23.07 -48.49
C GLU R 75 -16.75 -23.33 -49.01
N THR R 76 -16.49 -24.51 -49.58
CA THR R 76 -15.17 -24.85 -50.06
C THR R 76 -15.12 -25.25 -51.54
N GLY R 77 -16.27 -25.38 -52.20
CA GLY R 77 -16.29 -25.90 -53.55
C GLY R 77 -15.49 -25.05 -54.52
N SER R 78 -15.80 -23.75 -54.61
CA SER R 78 -15.05 -22.89 -55.52
C SER R 78 -13.57 -22.87 -55.14
N LEU R 79 -13.28 -22.74 -53.86
CA LEU R 79 -11.91 -22.60 -53.42
C LEU R 79 -11.07 -23.79 -53.86
N PHE R 80 -11.61 -25.01 -53.72
CA PHE R 80 -10.86 -26.17 -54.20
C PHE R 80 -10.67 -26.14 -55.71
N SER R 81 -11.69 -25.68 -56.43
CA SER R 81 -11.54 -25.55 -57.88
C SER R 81 -10.39 -24.62 -58.22
N ARG R 82 -10.21 -23.55 -57.47
CA ARG R 82 -9.13 -22.62 -57.76
C ARG R 82 -7.76 -23.22 -57.49
N PHE R 83 -7.62 -24.01 -56.41
CA PHE R 83 -6.31 -24.62 -56.14
C PHE R 83 -5.94 -25.63 -57.22
N LEU R 84 -6.93 -26.38 -57.73
CA LEU R 84 -6.66 -27.22 -58.88
C LEU R 84 -6.07 -26.42 -60.03
N GLU R 85 -6.66 -25.24 -60.29
CA GLU R 85 -6.13 -24.35 -61.31
C GLU R 85 -4.73 -23.90 -60.95
N ALA R 86 -4.56 -23.41 -59.72
CA ALA R 86 -3.26 -22.94 -59.27
C ALA R 86 -2.23 -24.05 -59.25
N GLY R 87 -2.66 -25.31 -59.27
CA GLY R 87 -1.73 -26.41 -59.31
C GLY R 87 -1.25 -26.79 -60.69
N GLN R 88 -1.79 -26.15 -61.72
CA GLN R 88 -1.36 -26.41 -63.10
C GLN R 88 -1.60 -27.87 -63.48
N TYR R 89 -2.75 -28.40 -63.08
CA TYR R 89 -3.10 -29.77 -63.40
C TYR R 89 -3.75 -29.84 -64.78
N GLY R 90 -3.55 -30.98 -65.45
CA GLY R 90 -4.24 -31.19 -66.71
C GLY R 90 -5.75 -31.10 -66.52
N LEU R 91 -6.41 -30.50 -67.49
CA LEU R 91 -7.86 -30.28 -67.37
C LEU R 91 -8.61 -31.57 -67.07
N PRO R 92 -8.34 -32.69 -67.74
CA PRO R 92 -8.96 -33.96 -67.33
C PRO R 92 -8.69 -34.31 -65.87
N GLN R 93 -7.46 -34.10 -65.40
CA GLN R 93 -7.15 -34.44 -64.03
C GLN R 93 -7.90 -33.55 -63.06
N GLN R 94 -8.05 -32.27 -63.38
CA GLN R 94 -8.82 -31.40 -62.49
C GLN R 94 -10.19 -32.00 -62.24
N TYR R 95 -10.92 -32.31 -63.31
CA TYR R 95 -12.23 -32.93 -63.16
C TYR R 95 -12.10 -34.25 -62.44
N GLN R 96 -11.02 -34.98 -62.72
CA GLN R 96 -10.82 -36.29 -62.11
C GLN R 96 -10.70 -36.18 -60.60
N PHE R 97 -9.89 -35.23 -60.13
CA PHE R 97 -9.81 -35.00 -58.70
C PHE R 97 -11.05 -34.29 -58.18
N MET R 98 -11.59 -33.36 -58.96
CA MET R 98 -12.84 -32.73 -58.55
C MET R 98 -13.90 -33.78 -58.27
N PHE R 99 -13.99 -34.79 -59.11
CA PHE R 99 -14.92 -35.88 -58.86
C PHE R 99 -14.68 -36.48 -57.50
N PHE R 100 -13.42 -36.82 -57.20
CA PHE R 100 -13.08 -37.42 -55.92
C PHE R 100 -13.50 -36.54 -54.73
N PHE R 101 -13.25 -35.24 -54.83
CA PHE R 101 -13.56 -34.33 -53.74
C PHE R 101 -15.05 -34.35 -53.39
N MET R 102 -15.92 -34.31 -54.41
CA MET R 102 -17.37 -34.21 -54.16
C MET R 102 -17.91 -35.45 -53.48
N HIS R 103 -17.50 -36.62 -53.94
CA HIS R 103 -18.09 -37.87 -53.49
C HIS R 103 -17.54 -38.32 -52.14
N HIS R 104 -16.28 -38.07 -51.88
CA HIS R 104 -15.67 -38.68 -50.72
C HIS R 104 -15.29 -37.71 -49.62
N LEU R 105 -15.08 -36.43 -49.92
CA LEU R 105 -14.67 -35.51 -48.89
C LEU R 105 -15.83 -34.64 -48.40
N ILE R 106 -16.69 -34.21 -49.30
CA ILE R 106 -17.85 -33.40 -48.84
C ILE R 106 -18.73 -34.21 -47.96
N PRO R 107 -19.15 -35.44 -48.20
CA PRO R 107 -19.89 -36.23 -47.23
C PRO R 107 -19.18 -36.33 -45.89
N ALA R 108 -17.86 -36.48 -45.88
CA ALA R 108 -17.15 -36.71 -44.62
C ALA R 108 -16.95 -35.46 -43.79
N LEU R 109 -17.28 -34.27 -44.30
CA LEU R 109 -17.08 -33.04 -43.52
C LEU R 109 -18.08 -32.91 -42.37
N GLY R 110 -19.22 -33.59 -42.42
CA GLY R 110 -20.17 -33.60 -41.33
C GLY R 110 -21.12 -32.42 -41.38
N PRO R 111 -21.72 -32.09 -40.24
CA PRO R 111 -22.66 -30.97 -40.18
C PRO R 111 -22.01 -29.69 -40.67
N TYR R 112 -22.73 -28.93 -41.50
CA TYR R 112 -22.13 -27.70 -41.99
C TYR R 112 -21.82 -26.73 -40.86
N PRO R 113 -22.77 -26.29 -40.10
CA PRO R 113 -22.41 -25.58 -38.88
C PRO R 113 -21.62 -26.55 -38.00
N GLN R 114 -20.30 -26.57 -38.18
CA GLN R 114 -19.54 -27.67 -37.62
C GLN R 114 -19.49 -27.55 -36.10
N LYS R 115 -19.82 -28.69 -35.42
CA LYS R 115 -19.78 -28.66 -33.95
C LYS R 115 -18.48 -29.22 -33.40
N TRP R 116 -17.60 -29.74 -34.24
CA TRP R 116 -16.38 -30.43 -33.85
C TRP R 116 -15.20 -29.59 -34.28
N ARG R 117 -14.25 -29.40 -33.38
CA ARG R 117 -12.97 -28.83 -33.73
C ARG R 117 -12.03 -29.96 -34.08
N SER R 118 -11.42 -29.88 -35.25
CA SER R 118 -10.39 -30.82 -35.65
C SER R 118 -9.02 -30.30 -35.22
N THR R 119 -8.18 -31.22 -34.75
CA THR R 119 -6.85 -30.83 -34.28
C THR R 119 -6.00 -30.25 -35.43
N ILE R 120 -6.28 -30.64 -36.67
CA ILE R 120 -5.35 -30.36 -37.76
C ILE R 120 -5.29 -28.89 -38.12
N SER R 121 -6.38 -28.16 -37.99
CA SER R 121 -6.37 -26.79 -38.48
C SER R 121 -6.27 -25.81 -37.30
N ARG R 122 -5.61 -24.68 -37.54
CA ARG R 122 -5.53 -23.67 -36.50
C ARG R 122 -6.92 -23.25 -36.07
N SER R 123 -7.81 -22.97 -37.03
CA SER R 123 -9.19 -22.61 -36.70
C SER R 123 -9.98 -23.82 -36.21
N GLY R 124 -9.58 -25.02 -36.63
CA GLY R 124 -10.27 -26.23 -36.21
C GLY R 124 -11.12 -26.88 -37.26
N LEU R 125 -11.23 -26.31 -38.49
CA LEU R 125 -12.12 -27.00 -39.41
C LEU R 125 -11.42 -28.19 -40.06
N PRO R 126 -12.17 -29.24 -40.37
CA PRO R 126 -11.54 -30.54 -40.65
C PRO R 126 -10.72 -30.59 -41.93
N ILE R 127 -10.44 -29.45 -42.56
CA ILE R 127 -9.78 -29.49 -43.86
C ILE R 127 -8.79 -28.34 -43.97
N GLU R 128 -7.69 -28.59 -44.68
CA GLU R 128 -6.86 -27.49 -45.12
C GLU R 128 -6.11 -27.90 -46.37
N PHE R 129 -5.87 -26.92 -47.23
CA PHE R 129 -5.24 -27.16 -48.52
C PHE R 129 -3.78 -26.72 -48.47
N SER R 130 -2.90 -27.46 -49.15
CA SER R 130 -1.47 -27.20 -49.16
C SER R 130 -0.98 -27.14 -50.60
N LEU R 131 -0.01 -26.26 -50.85
CA LEU R 131 0.70 -26.22 -52.12
C LEU R 131 2.18 -26.48 -51.90
N ASN R 132 2.72 -27.49 -52.57
CA ASN R 132 4.14 -27.81 -52.46
C ASN R 132 4.89 -27.32 -53.68
N PHE R 133 5.86 -26.45 -53.46
CA PHE R 133 6.64 -25.87 -54.55
C PHE R 133 7.98 -26.60 -54.69
N GLN R 134 8.36 -26.88 -55.94
CA GLN R 134 9.56 -27.62 -56.29
C GLN R 134 10.45 -26.77 -57.19
N LYS R 135 11.61 -27.32 -57.52
CA LYS R 135 12.57 -26.62 -58.38
C LYS R 135 12.08 -26.68 -59.81
N GLY R 136 11.27 -25.69 -60.18
CA GLY R 136 10.88 -25.46 -61.56
C GLY R 136 9.93 -26.46 -62.18
N SER R 137 9.86 -27.67 -61.61
CA SER R 137 8.94 -28.67 -62.16
C SER R 137 7.53 -28.11 -62.20
N HIS R 138 7.05 -27.60 -61.07
CA HIS R 138 5.71 -27.06 -60.92
C HIS R 138 5.33 -27.11 -59.44
N ARG R 139 4.03 -27.14 -59.17
CA ARG R 139 3.50 -27.18 -57.82
C ARG R 139 2.49 -28.31 -57.68
N LEU R 140 2.30 -28.79 -56.47
CA LEU R 140 1.40 -29.89 -56.19
C LEU R 140 0.40 -29.47 -55.13
N LEU R 141 -0.78 -30.08 -55.16
CA LEU R 141 -1.85 -29.78 -54.23
C LEU R 141 -1.99 -30.88 -53.19
N ARG R 142 -2.18 -30.46 -51.93
CA ARG R 142 -2.23 -31.34 -50.76
C ARG R 142 -3.48 -31.00 -49.96
N ILE R 143 -4.15 -32.02 -49.41
CA ILE R 143 -5.30 -31.81 -48.54
C ILE R 143 -5.13 -32.58 -47.24
N GLY R 144 -5.33 -31.88 -46.13
CA GLY R 144 -5.40 -32.51 -44.82
C GLY R 144 -6.86 -32.63 -44.42
N PHE R 145 -7.23 -33.82 -44.00
CA PHE R 145 -8.64 -34.14 -43.78
C PHE R 145 -8.78 -34.77 -42.41
N GLU R 146 -9.83 -34.42 -41.68
CA GLU R 146 -10.30 -35.23 -40.57
C GLU R 146 -11.78 -35.52 -40.75
N PRO R 147 -12.15 -36.74 -41.09
CA PRO R 147 -13.57 -37.06 -41.26
C PRO R 147 -14.34 -36.76 -39.99
N VAL R 148 -15.58 -36.29 -40.15
CA VAL R 148 -16.46 -35.94 -39.05
C VAL R 148 -17.89 -36.35 -39.38
N SER R 149 -18.69 -36.60 -38.34
CA SER R 149 -20.11 -36.79 -38.50
C SER R 149 -20.83 -36.15 -37.32
N PHE R 150 -22.15 -36.18 -37.36
CA PHE R 150 -22.94 -35.60 -36.27
C PHE R 150 -22.69 -36.34 -34.96
N LEU R 151 -22.28 -37.61 -35.03
CA LEU R 151 -21.90 -38.35 -33.83
C LEU R 151 -20.57 -37.88 -33.26
N SER R 152 -19.71 -37.27 -34.07
CA SER R 152 -18.37 -36.90 -33.61
C SER R 152 -18.47 -35.98 -32.41
N GLY R 153 -17.84 -36.38 -31.31
CA GLY R 153 -17.90 -35.62 -30.08
C GLY R 153 -19.09 -35.95 -29.20
N SER R 154 -19.92 -36.92 -29.57
CA SER R 154 -21.11 -37.24 -28.80
C SER R 154 -20.84 -38.42 -27.87
N SER R 155 -21.88 -38.83 -27.15
CA SER R 155 -21.72 -39.96 -26.25
C SER R 155 -21.33 -41.22 -27.01
N GLN R 156 -21.86 -41.39 -28.22
CA GLN R 156 -21.62 -42.65 -28.94
C GLN R 156 -20.20 -42.72 -29.48
N ASP R 157 -19.60 -41.57 -29.79
CA ASP R 157 -18.21 -41.50 -30.23
C ASP R 157 -17.62 -40.16 -29.84
N PRO R 158 -17.14 -40.04 -28.60
CA PRO R 158 -16.69 -38.73 -28.12
C PRO R 158 -15.36 -38.32 -28.69
N PHE R 159 -14.58 -39.25 -29.23
CA PHE R 159 -13.26 -38.89 -29.75
C PHE R 159 -13.09 -39.23 -31.23
N ASN R 160 -14.20 -39.31 -31.96
CA ASN R 160 -14.19 -39.23 -33.41
C ASN R 160 -13.36 -40.35 -34.04
N ARG R 161 -13.59 -41.59 -33.59
CA ARG R 161 -12.98 -42.74 -34.25
C ARG R 161 -13.84 -43.30 -35.38
N ILE R 162 -15.17 -43.15 -35.32
CA ILE R 162 -16.05 -43.83 -36.26
C ILE R 162 -15.82 -43.28 -37.66
N PRO R 163 -15.87 -41.97 -37.86
CA PRO R 163 -15.65 -41.44 -39.22
C PRO R 163 -14.33 -41.89 -39.80
N ILE R 164 -13.29 -42.03 -38.98
CA ILE R 164 -12.00 -42.44 -39.48
C ILE R 164 -12.12 -43.77 -40.19
N THR R 165 -12.74 -44.75 -39.52
CA THR R 165 -12.83 -46.10 -40.06
C THR R 165 -13.80 -46.15 -41.24
N ASP R 166 -14.85 -45.33 -41.19
CA ASP R 166 -15.77 -45.27 -42.32
C ASP R 166 -15.03 -44.83 -43.58
N LEU R 167 -14.36 -43.67 -43.53
CA LEU R 167 -13.63 -43.18 -44.70
C LEU R 167 -12.56 -44.16 -45.15
N LEU R 168 -11.90 -44.83 -44.21
CA LEU R 168 -10.88 -45.79 -44.59
C LEU R 168 -11.45 -46.95 -45.40
N ASN R 169 -12.75 -47.23 -45.28
CA ASN R 169 -13.33 -48.26 -46.13
C ASN R 169 -13.72 -47.70 -47.49
N ARG R 170 -14.23 -46.48 -47.54
CA ARG R 170 -14.46 -45.87 -48.84
C ARG R 170 -13.22 -45.99 -49.71
N LEU R 171 -12.07 -45.64 -49.14
CA LEU R 171 -10.86 -45.60 -49.95
C LEU R 171 -10.48 -47.00 -50.42
N SER R 172 -10.57 -47.98 -49.54
CA SER R 172 -10.22 -49.34 -49.91
C SER R 172 -11.15 -49.89 -50.99
N LYS R 173 -12.38 -49.42 -51.03
CA LYS R 173 -13.27 -49.84 -52.12
C LYS R 173 -12.83 -49.25 -53.44
N LEU R 174 -12.39 -48.00 -53.45
CA LEU R 174 -11.86 -47.40 -54.66
C LEU R 174 -10.63 -48.18 -55.13
N GLN R 175 -10.55 -48.41 -56.43
CA GLN R 175 -9.40 -49.10 -57.02
C GLN R 175 -8.25 -48.11 -57.14
N LEU R 176 -7.44 -48.05 -56.09
CA LEU R 176 -6.34 -47.11 -55.96
C LEU R 176 -5.01 -47.84 -56.03
N SER R 177 -4.08 -47.26 -56.77
CA SER R 177 -2.78 -47.90 -56.99
C SER R 177 -1.96 -47.86 -55.70
N ASN R 178 -1.41 -49.02 -55.34
CA ASN R 178 -0.44 -49.13 -54.26
C ASN R 178 -1.03 -48.65 -52.93
N PHE R 179 -2.15 -49.25 -52.54
CA PHE R 179 -2.86 -48.81 -51.34
C PHE R 179 -2.95 -49.99 -50.38
N ASP R 180 -2.12 -49.95 -49.33
CA ASP R 180 -2.20 -50.93 -48.25
C ASP R 180 -2.45 -50.20 -46.93
N THR R 181 -3.23 -50.84 -46.06
CA THR R 181 -3.56 -50.23 -44.79
C THR R 181 -2.85 -50.89 -43.60
N PRO R 182 -2.17 -52.04 -43.76
CA PRO R 182 -1.69 -52.72 -42.56
C PRO R 182 -0.87 -51.82 -41.64
N PHE R 183 0.06 -51.05 -42.20
CA PHE R 183 0.94 -50.25 -41.37
C PHE R 183 0.13 -49.25 -40.56
N PHE R 184 -0.83 -48.58 -41.20
CA PHE R 184 -1.67 -47.63 -40.47
C PHE R 184 -2.56 -48.36 -39.48
N GLN R 185 -3.18 -49.46 -39.90
CA GLN R 185 -3.97 -50.26 -38.99
C GLN R 185 -3.19 -50.59 -37.74
N HIS R 186 -1.90 -50.93 -37.90
CA HIS R 186 -1.06 -51.25 -36.77
C HIS R 186 -1.02 -50.10 -35.77
N LEU R 187 -0.84 -48.88 -36.26
CA LEU R 187 -0.77 -47.74 -35.35
C LEU R 187 -2.10 -47.50 -34.66
N LEU R 188 -3.21 -47.55 -35.40
CA LEU R 188 -4.51 -47.40 -34.77
C LEU R 188 -4.68 -48.42 -33.64
N SER R 189 -4.48 -49.71 -33.96
CA SER R 189 -4.63 -50.74 -32.94
C SER R 189 -3.80 -50.38 -31.71
N LYS R 190 -2.58 -49.89 -31.92
CA LYS R 190 -1.71 -49.44 -30.84
C LYS R 190 -2.23 -48.23 -30.10
N PHE R 191 -3.31 -47.59 -30.56
CA PHE R 191 -3.77 -46.39 -29.88
C PHE R 191 -5.28 -46.35 -29.66
N GLN R 192 -5.94 -47.51 -29.53
CA GLN R 192 -7.38 -47.48 -29.25
C GLN R 192 -7.59 -47.34 -27.74
N LEU R 193 -8.86 -47.29 -27.29
CA LEU R 193 -9.11 -46.84 -25.93
C LEU R 193 -10.05 -47.73 -25.11
N SER R 194 -11.33 -47.82 -25.49
CA SER R 194 -12.30 -48.68 -24.81
C SER R 194 -12.72 -48.16 -23.43
N LEU R 195 -12.39 -48.90 -22.38
CA LEU R 195 -12.68 -48.42 -21.03
C LEU R 195 -11.95 -47.11 -20.74
N SER R 196 -10.87 -46.83 -21.46
CA SER R 196 -10.18 -45.56 -21.30
C SER R 196 -11.11 -44.40 -21.65
N GLU R 197 -11.96 -44.56 -22.68
CA GLU R 197 -12.96 -43.54 -23.00
C GLU R 197 -13.66 -43.04 -21.74
N VAL R 198 -14.11 -43.97 -20.88
CA VAL R 198 -14.86 -43.57 -19.69
C VAL R 198 -13.97 -42.72 -18.78
N ARG R 199 -12.75 -43.20 -18.53
CA ARG R 199 -11.76 -42.40 -17.79
C ARG R 199 -11.58 -41.06 -18.46
N GLN R 200 -11.48 -41.10 -19.79
CA GLN R 200 -11.21 -39.92 -20.59
C GLN R 200 -12.33 -38.89 -20.49
N LEU R 201 -13.58 -39.34 -20.66
CA LEU R 201 -14.74 -38.45 -20.55
C LEU R 201 -14.65 -37.56 -19.30
N GLN R 202 -14.21 -38.11 -18.18
CA GLN R 202 -13.98 -37.28 -17.01
C GLN R 202 -12.73 -36.41 -17.18
N PRO R 212 -9.52 -29.28 -24.58
CA PRO R 212 -8.28 -29.40 -25.37
C PRO R 212 -8.50 -29.90 -26.80
N LEU R 213 -7.64 -30.79 -27.28
CA LEU R 213 -7.67 -31.30 -28.64
C LEU R 213 -8.06 -32.77 -28.58
N LYS R 214 -9.09 -33.15 -29.33
CA LYS R 214 -9.70 -34.45 -29.09
C LYS R 214 -9.48 -35.49 -30.17
N SER R 215 -9.11 -35.09 -31.38
CA SER R 215 -9.07 -36.04 -32.48
C SER R 215 -7.92 -37.03 -32.30
N GLN R 216 -8.13 -38.26 -32.80
CA GLN R 216 -7.13 -39.32 -32.67
C GLN R 216 -6.42 -39.65 -33.98
N ALA R 217 -6.96 -39.24 -35.12
CA ALA R 217 -6.34 -39.53 -36.40
C ALA R 217 -6.87 -38.55 -37.43
N ALA R 218 -6.17 -38.51 -38.56
CA ALA R 218 -6.54 -37.64 -39.67
C ALA R 218 -5.92 -38.18 -40.94
N PHE R 219 -6.29 -37.58 -42.06
CA PHE R 219 -5.90 -38.02 -43.38
C PHE R 219 -5.22 -36.87 -44.11
N GLY R 220 -4.44 -37.23 -45.11
CA GLY R 220 -3.87 -36.26 -46.00
C GLY R 220 -3.92 -36.81 -47.42
N PHE R 221 -4.12 -35.96 -48.40
CA PHE R 221 -4.23 -36.42 -49.77
C PHE R 221 -3.30 -35.61 -50.65
N ASP R 222 -2.40 -36.30 -51.33
CA ASP R 222 -1.50 -35.69 -52.29
C ASP R 222 -1.97 -36.07 -53.69
N PHE R 223 -2.27 -35.06 -54.51
CA PHE R 223 -2.70 -35.23 -55.89
C PHE R 223 -1.51 -34.97 -56.79
N ASN R 224 -0.85 -36.01 -57.29
CA ASN R 224 0.33 -35.77 -58.10
C ASN R 224 -0.11 -35.39 -59.51
N PRO R 225 0.80 -34.87 -60.34
CA PRO R 225 0.38 -34.37 -61.66
C PRO R 225 -0.32 -35.42 -62.51
N ASP R 226 0.15 -36.66 -62.42
CA ASP R 226 -0.59 -37.79 -62.98
C ASP R 226 -1.93 -37.92 -62.26
N GLY R 227 -2.90 -38.49 -62.95
CA GLY R 227 -4.20 -38.62 -62.31
C GLY R 227 -4.24 -39.66 -61.20
N ALA R 228 -3.37 -39.49 -60.19
CA ALA R 228 -3.25 -40.46 -59.10
C ALA R 228 -3.19 -39.73 -57.77
N ILE R 229 -3.94 -40.27 -56.78
CA ILE R 229 -3.97 -39.74 -55.42
C ILE R 229 -3.12 -40.63 -54.54
N LEU R 230 -2.37 -40.03 -53.62
CA LEU R 230 -1.62 -40.75 -52.59
C LEU R 230 -2.13 -40.36 -51.22
N VAL R 231 -2.40 -41.36 -50.38
CA VAL R 231 -3.10 -41.17 -49.13
C VAL R 231 -2.10 -41.23 -47.99
N LYS R 232 -2.16 -40.22 -47.12
CA LYS R 232 -1.29 -40.08 -45.97
C LYS R 232 -2.16 -40.12 -44.72
N GLY R 233 -1.71 -40.87 -43.72
CA GLY R 233 -2.46 -41.03 -42.49
C GLY R 233 -1.68 -40.52 -41.28
N TYR R 234 -2.42 -39.99 -40.32
CA TYR R 234 -1.86 -39.42 -39.09
C TYR R 234 -2.45 -40.16 -37.91
N VAL R 235 -1.77 -40.07 -36.77
CA VAL R 235 -2.21 -40.68 -35.53
C VAL R 235 -1.83 -39.76 -34.39
N PHE R 236 -2.76 -39.54 -33.48
CA PHE R 236 -2.51 -38.56 -32.43
C PHE R 236 -2.46 -39.28 -31.09
N PRO R 237 -1.27 -39.60 -30.59
CA PRO R 237 -1.14 -40.46 -29.42
C PRO R 237 -1.36 -39.74 -28.09
N TYR R 238 -1.67 -38.45 -28.11
CA TYR R 238 -1.85 -37.75 -26.84
C TYR R 238 -2.94 -38.40 -25.99
N LEU R 239 -4.04 -38.80 -26.63
CA LEU R 239 -5.14 -39.37 -25.86
C LEU R 239 -4.71 -40.68 -25.19
N LYS R 240 -4.21 -41.63 -25.97
CA LYS R 240 -3.81 -42.93 -25.42
C LYS R 240 -2.81 -42.76 -24.30
N ALA R 241 -1.86 -41.83 -24.47
CA ALA R 241 -0.86 -41.60 -23.43
C ALA R 241 -1.50 -41.00 -22.18
N LYS R 242 -2.44 -40.07 -22.36
CA LYS R 242 -3.08 -39.45 -21.20
C LYS R 242 -3.88 -40.46 -20.39
N ALA R 243 -4.54 -41.42 -21.06
CA ALA R 243 -5.35 -42.39 -20.35
C ALA R 243 -4.49 -43.26 -19.44
N ALA R 244 -3.39 -43.79 -19.98
CA ALA R 244 -2.49 -44.68 -19.27
C ALA R 244 -1.52 -43.94 -18.38
N ASP R 245 -1.60 -42.61 -18.33
CA ASP R 245 -0.64 -41.82 -17.55
C ASP R 245 0.79 -42.28 -17.83
N VAL R 246 1.09 -42.42 -19.11
CA VAL R 246 2.40 -42.83 -19.59
C VAL R 246 2.91 -41.75 -20.52
N PRO R 247 4.17 -41.34 -20.43
CA PRO R 247 4.68 -40.29 -21.32
C PRO R 247 4.57 -40.70 -22.79
N VAL R 248 4.30 -39.71 -23.64
CA VAL R 248 3.98 -39.99 -25.03
C VAL R 248 5.10 -40.80 -25.70
N GLY R 249 6.33 -40.32 -25.57
CA GLY R 249 7.45 -40.95 -26.27
C GLY R 249 7.66 -42.41 -25.93
N THR R 250 7.45 -42.77 -24.65
CA THR R 250 7.64 -44.14 -24.23
C THR R 250 6.77 -45.10 -25.04
N LEU R 251 5.49 -44.74 -25.25
CA LEU R 251 4.64 -45.59 -26.07
C LEU R 251 4.86 -45.37 -27.56
N ILE R 252 5.27 -44.17 -27.97
CA ILE R 252 5.71 -43.98 -29.35
C ILE R 252 6.91 -44.88 -29.64
N ALA R 253 7.91 -44.86 -28.76
CA ALA R 253 9.05 -45.75 -28.90
C ALA R 253 8.59 -47.21 -28.94
N GLU R 254 7.76 -47.63 -27.98
CA GLU R 254 7.32 -49.01 -27.97
C GLU R 254 6.45 -49.31 -29.18
N ALA R 255 5.69 -48.31 -29.65
CA ALA R 255 4.91 -48.47 -30.87
C ALA R 255 5.83 -48.68 -32.07
N VAL R 256 6.86 -47.87 -32.19
CA VAL R 256 7.84 -48.10 -33.26
C VAL R 256 8.51 -49.45 -33.08
N ARG R 257 8.82 -49.81 -31.83
CA ARG R 257 9.48 -51.08 -31.57
C ARG R 257 8.61 -52.26 -31.95
N THR R 258 7.30 -52.20 -31.67
CA THR R 258 6.42 -53.30 -32.02
C THR R 258 6.45 -53.59 -33.52
N ILE R 259 6.72 -52.58 -34.33
CA ILE R 259 6.92 -52.80 -35.76
C ILE R 259 8.34 -53.21 -36.09
N ASP R 260 9.25 -53.21 -35.09
CA ASP R 260 10.66 -53.52 -35.35
C ASP R 260 10.89 -55.02 -35.54
N VAL R 261 10.35 -55.86 -34.65
CA VAL R 261 10.34 -57.27 -34.98
C VAL R 261 9.50 -57.48 -36.22
N GLU R 262 8.51 -56.59 -36.44
CA GLU R 262 7.73 -56.60 -37.67
C GLU R 262 8.58 -56.19 -38.86
N ARG R 263 9.43 -55.17 -38.68
CA ARG R 263 10.67 -54.98 -39.43
C ARG R 263 11.54 -53.90 -38.81
N ASN R 264 12.74 -54.29 -38.40
CA ASN R 264 13.64 -53.45 -37.63
C ASN R 264 14.44 -52.51 -38.51
N GLN R 265 13.76 -51.77 -39.38
CA GLN R 265 14.44 -50.83 -40.26
C GLN R 265 14.34 -49.40 -39.78
N PHE R 266 13.47 -49.12 -38.84
CA PHE R 266 13.34 -47.78 -38.31
C PHE R 266 14.07 -47.63 -37.00
N THR R 267 14.58 -48.74 -36.46
CA THR R 267 15.23 -48.74 -35.16
C THR R 267 16.32 -47.67 -35.10
N HIS R 268 17.28 -47.74 -36.03
CA HIS R 268 18.43 -46.85 -36.01
C HIS R 268 18.00 -45.38 -36.07
N ALA R 269 17.28 -45.02 -37.12
CA ALA R 269 16.90 -43.62 -37.29
C ALA R 269 16.04 -43.12 -36.13
N PHE R 270 15.08 -43.93 -35.69
CA PHE R 270 14.17 -43.49 -34.63
C PHE R 270 14.89 -43.35 -33.29
N GLY R 271 15.48 -44.45 -32.80
CA GLY R 271 16.26 -44.37 -31.57
C GLY R 271 17.21 -43.19 -31.57
N LEU R 272 17.63 -42.78 -32.77
CA LEU R 272 18.46 -41.59 -32.91
C LEU R 272 17.67 -40.30 -32.64
N ILE R 273 16.38 -40.29 -32.98
CA ILE R 273 15.53 -39.13 -32.68
C ILE R 273 15.10 -39.12 -31.23
N ASN R 274 14.70 -40.30 -30.72
CA ASN R 274 14.17 -40.43 -29.35
C ASN R 274 15.21 -40.01 -28.31
N ASP R 275 16.50 -40.20 -28.60
CA ASP R 275 17.52 -39.73 -27.68
C ASP R 275 17.51 -38.22 -27.59
N TYR R 276 17.46 -37.54 -28.74
CA TYR R 276 17.42 -36.08 -28.71
C TYR R 276 16.15 -35.57 -28.05
N MET R 277 15.02 -36.23 -28.29
CA MET R 277 13.77 -35.79 -27.70
C MET R 277 13.83 -35.90 -26.18
N GLN R 278 14.43 -36.98 -25.67
CA GLN R 278 14.57 -37.12 -24.22
C GLN R 278 15.63 -36.17 -23.68
N GLU R 279 16.70 -35.89 -24.44
CA GLU R 279 17.64 -34.87 -24.03
C GLU R 279 16.95 -33.54 -23.80
N SER R 280 16.23 -33.05 -24.80
CA SER R 280 15.76 -31.68 -24.85
C SER R 280 14.36 -31.51 -24.29
N THR R 281 13.79 -32.56 -23.70
CA THR R 281 12.39 -32.55 -23.28
C THR R 281 11.50 -32.16 -24.45
N GLY R 282 11.82 -32.70 -25.64
CA GLY R 282 11.08 -32.33 -26.84
C GLY R 282 9.69 -32.92 -26.88
N TYR R 283 9.55 -34.16 -26.41
CA TYR R 283 8.22 -34.77 -26.36
C TYR R 283 7.29 -33.94 -25.51
N ASN R 284 6.02 -33.90 -25.92
CA ASN R 284 5.01 -33.08 -25.27
C ASN R 284 3.66 -33.58 -25.73
N GLU R 285 2.61 -32.90 -25.27
CA GLU R 285 1.26 -33.25 -25.67
C GLU R 285 1.10 -33.16 -27.18
N TYR R 286 1.76 -32.19 -27.82
CA TYR R 286 1.55 -31.91 -29.23
C TYR R 286 2.25 -32.90 -30.17
N THR R 287 3.19 -33.69 -29.67
CA THR R 287 3.85 -34.67 -30.51
C THR R 287 2.84 -35.68 -31.08
N PHE R 288 2.97 -35.96 -32.38
CA PHE R 288 2.11 -36.95 -33.00
C PHE R 288 2.88 -37.62 -34.14
N LEU R 289 2.19 -38.46 -34.88
CA LEU R 289 2.86 -39.40 -35.75
C LEU R 289 2.14 -39.43 -37.09
N SER R 290 2.82 -39.93 -38.12
CA SER R 290 2.33 -39.92 -39.49
C SER R 290 2.88 -41.14 -40.20
N CYS R 291 2.34 -41.43 -41.37
CA CYS R 291 2.84 -42.51 -42.19
C CYS R 291 2.16 -42.43 -43.54
N ASP R 292 2.53 -43.34 -44.43
CA ASP R 292 1.95 -43.43 -45.75
C ASP R 292 1.16 -44.73 -45.87
N PHE R 293 0.19 -44.74 -46.77
CA PHE R 293 -0.61 -45.93 -47.01
C PHE R 293 0.00 -46.68 -48.17
N VAL R 294 1.09 -47.41 -47.90
CA VAL R 294 1.73 -48.21 -48.93
C VAL R 294 2.61 -49.26 -48.28
N GLU R 295 2.90 -50.32 -49.02
CA GLU R 295 4.02 -51.23 -48.78
C GLU R 295 5.05 -50.66 -47.82
N THR R 296 5.47 -51.48 -46.84
CA THR R 296 6.42 -51.02 -45.84
C THR R 296 7.72 -50.54 -46.48
N SER R 297 8.14 -51.15 -47.60
CA SER R 297 9.40 -50.77 -48.22
C SER R 297 9.43 -49.29 -48.60
N GLU R 298 8.38 -48.82 -49.27
CA GLU R 298 8.35 -47.45 -49.75
C GLU R 298 7.71 -46.47 -48.77
N GLN R 299 7.53 -46.88 -47.52
CA GLN R 299 6.81 -46.05 -46.57
C GLN R 299 7.76 -45.19 -45.77
N ARG R 300 7.32 -44.00 -45.46
CA ARG R 300 8.12 -42.99 -44.78
C ARG R 300 7.38 -42.60 -43.52
N LEU R 301 7.75 -43.18 -42.38
CA LEU R 301 7.07 -42.79 -41.15
C LEU R 301 7.71 -41.51 -40.62
N LYS R 302 6.88 -40.65 -40.05
CA LYS R 302 7.30 -39.30 -39.66
C LYS R 302 6.86 -39.06 -38.23
N ILE R 303 7.71 -38.39 -37.44
CA ILE R 303 7.37 -37.95 -36.09
C ILE R 303 7.29 -36.44 -36.08
N TYR R 304 6.17 -35.90 -35.59
CA TYR R 304 6.02 -34.45 -35.54
C TYR R 304 6.07 -34.00 -34.08
N GLY R 305 6.33 -32.71 -33.89
CA GLY R 305 6.27 -32.10 -32.57
C GLY R 305 6.25 -30.59 -32.69
N ALA R 306 6.14 -29.93 -31.54
CA ALA R 306 6.07 -28.48 -31.50
C ALA R 306 6.83 -27.93 -30.30
N HIS R 307 7.13 -26.63 -30.37
CA HIS R 307 7.74 -25.91 -29.26
C HIS R 307 7.11 -24.54 -29.12
N THR R 308 6.87 -24.18 -27.86
CA THR R 308 6.19 -22.92 -27.52
C THR R 308 7.01 -21.71 -27.96
N GLU R 309 8.22 -21.58 -27.43
CA GLU R 309 9.14 -20.51 -27.78
C GLU R 309 10.44 -21.11 -28.28
N VAL R 310 10.97 -20.55 -29.37
CA VAL R 310 12.13 -21.11 -30.04
C VAL R 310 12.94 -19.97 -30.63
N THR R 311 14.26 -20.00 -30.38
CA THR R 311 15.20 -19.05 -30.97
C THR R 311 15.86 -19.68 -32.18
N TRP R 312 16.67 -18.89 -32.90
CA TRP R 312 17.41 -19.49 -34.00
C TRP R 312 18.33 -20.60 -33.53
N ALA R 313 19.06 -20.35 -32.43
CA ALA R 313 19.94 -21.38 -31.89
C ALA R 313 19.16 -22.65 -31.55
N LYS R 314 17.99 -22.51 -30.95
CA LYS R 314 17.14 -23.66 -30.73
C LYS R 314 16.80 -24.33 -32.06
N ILE R 315 16.52 -23.53 -33.09
CA ILE R 315 16.21 -24.08 -34.41
C ILE R 315 17.41 -24.84 -34.95
N ALA R 316 18.59 -24.24 -34.87
CA ALA R 316 19.81 -24.94 -35.27
C ALA R 316 20.01 -26.19 -34.42
N GLU R 317 19.75 -26.08 -33.13
CA GLU R 317 19.81 -27.25 -32.27
C GLU R 317 18.88 -28.36 -32.74
N MET R 318 17.64 -28.00 -33.12
CA MET R 318 16.69 -29.02 -33.56
C MET R 318 16.99 -29.53 -34.96
N TRP R 319 17.30 -28.64 -35.90
CA TRP R 319 17.54 -29.09 -37.27
C TRP R 319 18.67 -30.09 -37.32
N THR R 320 19.72 -29.88 -36.53
CA THR R 320 20.81 -30.83 -36.43
C THR R 320 20.60 -31.81 -35.29
N LEU R 321 19.39 -31.87 -34.74
CA LEU R 321 18.99 -32.91 -33.79
C LEU R 321 20.02 -33.03 -32.68
N GLY R 322 20.28 -31.90 -32.02
CA GLY R 322 21.45 -31.77 -31.17
C GLY R 322 22.68 -31.62 -32.04
N GLY R 323 23.62 -32.56 -31.95
CA GLY R 323 24.70 -32.60 -32.91
C GLY R 323 24.71 -33.89 -33.70
N ARG R 324 23.64 -34.66 -33.57
CA ARG R 324 23.64 -36.04 -34.05
C ARG R 324 24.10 -36.14 -35.50
N LEU R 325 23.68 -35.20 -36.34
CA LEU R 325 23.86 -35.35 -37.77
C LEU R 325 24.58 -34.16 -38.37
N ILE R 326 25.48 -33.53 -37.61
CA ILE R 326 26.39 -32.57 -38.21
C ILE R 326 27.25 -33.26 -39.25
N GLU R 327 27.51 -34.56 -39.08
CA GLU R 327 28.35 -35.28 -40.03
C GLU R 327 27.81 -35.17 -41.43
N GLU R 328 26.51 -35.30 -41.60
CA GLU R 328 25.91 -35.21 -42.92
C GLU R 328 26.07 -33.82 -43.51
N PRO R 329 26.58 -33.69 -44.73
CA PRO R 329 26.69 -32.35 -45.33
C PRO R 329 25.36 -31.75 -45.73
N GLU R 330 24.40 -32.58 -46.16
CA GLU R 330 23.08 -32.10 -46.54
C GLU R 330 22.51 -31.14 -45.49
N ILE R 331 22.45 -31.57 -44.24
CA ILE R 331 21.85 -30.77 -43.17
C ILE R 331 22.47 -29.38 -43.11
N ILE R 332 23.81 -29.31 -43.14
CA ILE R 332 24.47 -28.02 -43.06
C ILE R 332 24.01 -27.13 -44.21
N ALA R 333 23.99 -27.68 -45.42
CA ALA R 333 23.51 -26.91 -46.57
C ALA R 333 22.06 -26.50 -46.39
N GLY R 334 21.20 -27.47 -46.08
CA GLY R 334 19.80 -27.15 -45.86
C GLY R 334 19.58 -26.08 -44.80
N LEU R 335 20.33 -26.14 -43.70
CA LEU R 335 20.18 -25.16 -42.63
C LEU R 335 20.61 -23.77 -43.08
N ALA R 336 21.59 -23.66 -43.98
CA ALA R 336 21.99 -22.36 -44.49
C ALA R 336 20.82 -21.67 -45.19
N ARG R 337 20.27 -22.35 -46.20
CA ARG R 337 19.09 -21.82 -46.87
C ARG R 337 18.00 -21.50 -45.87
N LEU R 338 17.85 -22.34 -44.85
CA LEU R 338 16.74 -22.17 -43.91
C LEU R 338 16.84 -20.84 -43.18
N LYS R 339 18.03 -20.46 -42.70
CA LYS R 339 18.15 -19.16 -42.05
C LYS R 339 17.94 -18.03 -43.05
N GLN R 340 18.22 -18.29 -44.33
CA GLN R 340 17.95 -17.30 -45.36
C GLN R 340 16.47 -16.94 -45.39
N ILE R 341 15.58 -17.91 -45.13
CA ILE R 341 14.15 -17.65 -45.08
C ILE R 341 13.76 -17.06 -43.72
N TRP R 342 14.24 -17.67 -42.63
CA TRP R 342 13.89 -17.18 -41.29
C TRP R 342 14.07 -15.67 -41.22
N SER R 343 15.13 -15.16 -41.85
CA SER R 343 15.40 -13.72 -41.86
C SER R 343 14.37 -12.96 -42.70
N LEU R 344 14.02 -13.48 -43.88
CA LEU R 344 13.03 -12.80 -44.70
C LEU R 344 11.67 -12.74 -44.01
N LEU R 345 11.26 -13.82 -43.34
CA LEU R 345 9.86 -13.98 -42.92
C LEU R 345 9.52 -13.14 -41.68
N GLN R 346 10.23 -13.36 -40.58
CA GLN R 346 9.88 -12.71 -39.33
C GLN R 346 10.49 -11.32 -39.21
N ILE R 347 11.15 -10.84 -40.27
CA ILE R 347 11.82 -9.55 -40.22
C ILE R 347 10.80 -8.41 -40.19
N ILE R 369 -1.56 -17.78 -26.61
CA ILE R 369 -1.17 -16.39 -26.77
C ILE R 369 -0.60 -16.18 -28.18
N ALA R 370 -0.06 -17.26 -28.75
CA ALA R 370 0.53 -17.23 -30.08
C ALA R 370 0.63 -18.66 -30.59
N SER R 371 0.95 -18.78 -31.88
CA SER R 371 1.01 -20.09 -32.51
C SER R 371 2.39 -20.73 -32.30
N PRO R 372 2.44 -22.04 -32.07
CA PRO R 372 3.73 -22.73 -31.90
C PRO R 372 4.36 -23.03 -33.27
N ILE R 373 5.66 -23.39 -33.23
CA ILE R 373 6.37 -23.82 -34.43
C ILE R 373 6.47 -25.34 -34.37
N ILE R 374 6.27 -26.00 -35.51
CA ILE R 374 6.18 -27.44 -35.56
C ILE R 374 7.38 -27.97 -36.34
N TRP R 375 7.84 -29.15 -35.93
CA TRP R 375 8.93 -29.84 -36.58
C TRP R 375 8.52 -31.26 -36.97
N ASN R 376 9.29 -31.82 -37.89
CA ASN R 376 9.00 -33.11 -38.50
C ASN R 376 10.31 -33.83 -38.78
N TYR R 377 10.37 -35.11 -38.44
CA TYR R 377 11.52 -35.96 -38.73
C TYR R 377 11.06 -37.15 -39.53
N GLU R 378 11.55 -37.26 -40.76
CA GLU R 378 11.11 -38.28 -41.69
C GLU R 378 12.08 -39.45 -41.69
N ILE R 379 11.59 -40.63 -41.29
CA ILE R 379 12.42 -41.83 -41.16
C ILE R 379 12.21 -42.73 -42.37
N HIS R 380 12.85 -42.42 -43.48
CA HIS R 380 12.90 -43.38 -44.57
C HIS R 380 13.53 -44.67 -44.05
N PRO R 381 12.96 -45.83 -44.35
CA PRO R 381 13.42 -47.05 -43.67
C PRO R 381 14.83 -47.44 -44.05
N GLY R 382 15.18 -47.39 -45.33
CA GLY R 382 16.51 -47.81 -45.74
C GLY R 382 17.61 -46.97 -45.12
N SER R 383 17.41 -45.66 -45.03
CA SER R 383 18.48 -44.76 -44.64
C SER R 383 18.82 -44.90 -43.16
N ARG R 384 19.92 -44.24 -42.76
CA ARG R 384 20.41 -44.29 -41.39
C ARG R 384 20.17 -43.00 -40.61
N PHE R 385 19.86 -41.89 -41.28
CA PHE R 385 19.51 -40.67 -40.56
C PHE R 385 18.08 -40.23 -40.86
N PRO R 386 17.48 -39.44 -39.97
CA PRO R 386 16.22 -38.78 -40.29
C PRO R 386 16.46 -37.52 -41.11
N VAL R 387 15.44 -37.14 -41.87
CA VAL R 387 15.42 -35.89 -42.61
C VAL R 387 14.49 -34.94 -41.90
N PRO R 388 14.92 -33.72 -41.57
CA PRO R 388 14.05 -32.79 -40.88
C PRO R 388 13.12 -32.03 -41.83
N LYS R 389 12.21 -31.26 -41.23
CA LYS R 389 11.27 -30.39 -41.92
C LYS R 389 10.61 -29.52 -40.88
N PHE R 390 10.54 -28.23 -41.12
CA PHE R 390 9.89 -27.37 -40.16
C PHE R 390 8.68 -26.66 -40.76
N TYR R 391 7.83 -26.16 -39.87
CA TYR R 391 6.60 -25.49 -40.23
C TYR R 391 6.59 -24.16 -39.48
N LEU R 392 6.39 -23.07 -40.21
CA LEU R 392 6.62 -21.76 -39.67
C LEU R 392 5.31 -20.96 -39.65
N PRO R 393 4.91 -20.41 -38.51
CA PRO R 393 3.63 -19.69 -38.44
C PRO R 393 3.63 -18.46 -39.34
N VAL R 394 2.57 -18.33 -40.15
CA VAL R 394 2.44 -17.21 -41.06
C VAL R 394 1.17 -16.43 -40.74
N HIS R 395 0.14 -17.13 -40.30
CA HIS R 395 -1.04 -16.45 -39.77
C HIS R 395 -0.62 -15.54 -38.64
N GLY R 396 -0.91 -14.25 -38.79
CA GLY R 396 -0.35 -13.22 -37.93
C GLY R 396 0.66 -12.33 -38.63
N GLU R 397 1.18 -12.76 -39.78
CA GLU R 397 2.05 -11.94 -40.62
C GLU R 397 1.27 -11.47 -41.85
N ASN R 398 1.46 -10.20 -42.22
CA ASN R 398 0.85 -9.66 -43.44
C ASN R 398 1.04 -10.60 -44.62
N ASP R 399 -0.06 -11.15 -45.13
CA ASP R 399 0.02 -12.16 -46.17
C ASP R 399 0.68 -11.63 -47.43
N LEU R 400 0.74 -10.31 -47.60
CA LEU R 400 1.48 -9.72 -48.72
C LEU R 400 2.97 -9.69 -48.41
N HIS R 401 3.35 -9.19 -47.22
CA HIS R 401 4.73 -9.32 -46.79
C HIS R 401 5.24 -10.75 -46.97
N VAL R 402 4.40 -11.73 -46.62
CA VAL R 402 4.81 -13.12 -46.74
C VAL R 402 4.96 -13.52 -48.19
N ALA R 403 4.02 -13.11 -49.04
CA ALA R 403 4.14 -13.40 -50.46
C ALA R 403 5.39 -12.77 -51.04
N ARG R 404 5.63 -11.49 -50.72
CA ARG R 404 6.83 -10.78 -51.16
C ARG R 404 8.09 -11.50 -50.70
N ALA R 405 8.27 -11.64 -49.38
CA ALA R 405 9.46 -12.32 -48.87
C ALA R 405 9.58 -13.73 -49.43
N LEU R 406 8.46 -14.43 -49.53
CA LEU R 406 8.47 -15.81 -50.00
C LEU R 406 9.01 -15.88 -51.41
N ALA R 407 8.69 -14.87 -52.23
CA ALA R 407 9.12 -14.83 -53.62
C ALA R 407 10.59 -14.43 -53.75
N GLN R 408 11.06 -13.47 -52.93
CA GLN R 408 12.47 -13.11 -52.94
C GLN R 408 13.33 -14.35 -52.76
N PHE R 409 12.96 -15.20 -51.80
CA PHE R 409 13.71 -16.41 -51.53
C PHE R 409 13.74 -17.36 -52.73
N TRP R 410 12.78 -17.27 -53.66
CA TRP R 410 12.81 -18.17 -54.80
C TRP R 410 13.86 -17.74 -55.82
N ASP R 411 14.01 -16.44 -56.07
CA ASP R 411 15.10 -15.98 -56.92
C ASP R 411 16.45 -16.38 -56.34
N SER R 412 16.63 -16.15 -55.03
CA SER R 412 17.85 -16.60 -54.37
C SER R 412 18.17 -18.03 -54.73
N LEU R 413 17.16 -18.88 -54.75
CA LEU R 413 17.33 -20.25 -55.23
C LEU R 413 17.35 -20.34 -56.75
N GLY R 414 16.80 -19.35 -57.44
CA GLY R 414 16.77 -19.36 -58.89
C GLY R 414 15.63 -20.15 -59.51
N TRP R 415 14.40 -19.97 -59.00
CA TRP R 415 13.23 -20.57 -59.59
C TRP R 415 12.54 -19.52 -60.45
N PRO R 416 12.65 -19.58 -61.78
CA PRO R 416 12.24 -18.45 -62.62
C PRO R 416 10.77 -18.15 -62.53
N GLU R 417 9.95 -19.15 -62.83
CA GLU R 417 8.51 -18.87 -62.97
C GLU R 417 7.74 -18.87 -61.65
N HIS R 418 8.07 -19.75 -60.70
CA HIS R 418 7.39 -19.76 -59.41
C HIS R 418 7.48 -18.38 -58.71
N ALA R 419 8.67 -17.77 -58.74
CA ALA R 419 8.85 -16.53 -57.96
C ALA R 419 8.22 -15.32 -58.63
N CYS R 420 8.18 -15.28 -59.96
CA CYS R 420 7.65 -14.11 -60.67
C CYS R 420 6.14 -14.01 -60.52
N ALA R 421 5.43 -15.13 -60.65
CA ALA R 421 3.98 -15.14 -60.65
C ALA R 421 3.38 -15.64 -59.35
N TYR R 422 4.10 -15.60 -58.23
CA TYR R 422 3.49 -16.11 -57.01
C TYR R 422 2.38 -15.18 -56.51
N PRO R 423 2.71 -13.98 -56.05
CA PRO R 423 1.67 -13.12 -55.46
C PRO R 423 0.51 -12.86 -56.42
N ASP R 424 0.73 -12.88 -57.74
CA ASP R 424 -0.39 -12.89 -58.66
C ASP R 424 -1.19 -14.18 -58.51
N THR R 425 -0.52 -15.28 -58.21
CA THR R 425 -1.22 -16.54 -57.97
C THR R 425 -1.98 -16.51 -56.66
N LEU R 426 -1.52 -15.71 -55.71
CA LEU R 426 -2.14 -15.67 -54.40
C LEU R 426 -3.46 -14.91 -54.43
N GLN R 427 -3.49 -13.75 -55.09
CA GLN R 427 -4.75 -13.01 -55.18
C GLN R 427 -5.78 -13.77 -56.01
N GLN R 428 -5.32 -14.49 -57.04
CA GLN R 428 -6.26 -15.21 -57.88
C GLN R 428 -6.93 -16.36 -57.11
N LEU R 429 -6.34 -16.78 -55.99
CA LEU R 429 -6.99 -17.71 -55.08
C LEU R 429 -7.97 -17.02 -54.13
N TYR R 430 -7.78 -15.74 -53.88
CA TYR R 430 -8.59 -15.00 -52.90
C TYR R 430 -9.03 -13.69 -53.51
N PRO R 431 -9.75 -13.73 -54.63
CA PRO R 431 -10.18 -12.49 -55.26
C PRO R 431 -11.13 -11.67 -54.39
N ASP R 432 -11.94 -12.32 -53.56
CA ASP R 432 -12.83 -11.57 -52.67
C ASP R 432 -12.03 -10.74 -51.67
N GLN R 433 -10.87 -11.24 -51.25
CA GLN R 433 -10.04 -10.58 -50.26
C GLN R 433 -9.02 -9.68 -50.94
N ASP R 434 -8.48 -8.74 -50.16
CA ASP R 434 -7.43 -7.82 -50.60
C ASP R 434 -6.17 -8.09 -49.79
N ILE R 435 -5.15 -8.64 -50.45
CA ILE R 435 -3.95 -9.08 -49.73
C ILE R 435 -3.30 -7.94 -48.96
N SER R 436 -3.50 -6.70 -49.40
CA SER R 436 -2.89 -5.57 -48.71
C SER R 436 -3.18 -5.59 -47.22
N GLN R 437 -4.36 -6.08 -46.82
CA GLN R 437 -4.82 -6.00 -45.44
C GLN R 437 -5.04 -7.36 -44.78
N THR R 438 -4.80 -8.46 -45.48
CA THR R 438 -5.12 -9.80 -44.99
C THR R 438 -3.96 -10.42 -44.22
N THR R 439 -4.30 -11.25 -43.25
CA THR R 439 -3.32 -11.89 -42.37
C THR R 439 -3.47 -13.41 -42.26
N ARG R 440 -4.69 -13.92 -42.19
CA ARG R 440 -4.91 -15.34 -41.95
C ARG R 440 -4.89 -16.17 -43.23
N LEU R 441 -4.76 -15.56 -44.42
CA LEU R 441 -4.87 -16.31 -45.68
C LEU R 441 -3.82 -17.42 -45.87
N GLN R 442 -2.66 -17.29 -45.21
CA GLN R 442 -1.68 -18.33 -45.31
C GLN R 442 -1.05 -18.55 -43.88
N SER R 443 -1.02 -19.83 -43.54
CA SER R 443 -0.95 -20.22 -42.15
C SER R 443 0.34 -20.92 -41.79
N TRP R 444 0.89 -21.76 -42.67
CA TRP R 444 2.13 -22.44 -42.34
C TRP R 444 3.02 -22.46 -43.57
N ILE R 445 4.33 -22.53 -43.34
CA ILE R 445 5.32 -22.77 -44.39
C ILE R 445 6.25 -23.89 -43.95
N SER R 446 6.44 -24.87 -44.83
CA SER R 446 7.22 -26.05 -44.51
C SER R 446 8.56 -25.98 -45.22
N TYR R 447 9.61 -26.44 -44.56
CA TYR R 447 10.96 -26.40 -45.11
C TYR R 447 11.62 -27.76 -44.91
N SER R 448 12.06 -28.34 -46.01
CA SER R 448 12.81 -29.58 -46.04
C SER R 448 13.94 -29.37 -47.02
N TYR R 449 15.03 -30.10 -46.85
CA TYR R 449 16.11 -29.99 -47.81
C TYR R 449 16.60 -31.38 -48.15
N THR R 450 16.90 -31.61 -49.41
CA THR R 450 17.50 -32.86 -49.84
C THR R 450 18.60 -32.55 -50.86
N ALA R 451 19.58 -33.44 -50.91
CA ALA R 451 20.56 -33.36 -51.98
C ALA R 451 19.88 -33.54 -53.32
N LYS R 452 19.06 -34.60 -53.43
CA LYS R 452 18.42 -34.92 -54.70
C LYS R 452 17.33 -33.91 -55.04
N ARG R 453 16.31 -33.79 -54.20
CA ARG R 453 15.17 -32.93 -54.50
C ARG R 453 15.55 -31.45 -54.56
N GLY R 454 16.36 -31.00 -53.63
CA GLY R 454 16.61 -29.58 -53.48
C GLY R 454 15.87 -29.03 -52.30
N VAL R 455 15.04 -28.02 -52.51
CA VAL R 455 14.36 -27.36 -51.40
C VAL R 455 12.89 -27.73 -51.51
N TYR R 456 12.46 -28.66 -50.66
CA TYR R 456 11.04 -28.88 -50.39
C TYR R 456 10.46 -27.70 -49.65
N MET R 457 9.25 -27.33 -50.01
CA MET R 457 8.63 -26.23 -49.28
C MET R 457 7.15 -26.11 -49.64
N SER R 458 6.27 -26.06 -48.62
CA SER R 458 4.85 -26.10 -48.83
C SER R 458 4.20 -24.98 -48.04
N VAL R 459 3.08 -24.50 -48.54
CA VAL R 459 2.36 -23.39 -47.94
C VAL R 459 0.93 -23.85 -47.61
N TYR R 460 0.48 -23.48 -46.42
CA TYR R 460 -0.77 -23.95 -45.87
C TYR R 460 -1.70 -22.75 -45.78
N TYR R 461 -2.91 -22.89 -46.31
CA TYR R 461 -3.75 -21.74 -46.61
C TYR R 461 -5.04 -21.79 -45.79
N HIS R 462 -5.71 -20.64 -45.76
CA HIS R 462 -7.09 -20.54 -45.27
C HIS R 462 -8.01 -21.31 -46.20
N SER R 463 -8.60 -22.41 -45.70
CA SER R 463 -9.20 -23.41 -46.57
C SER R 463 -10.73 -23.39 -46.59
N GLN R 464 -11.35 -22.26 -46.24
CA GLN R 464 -12.77 -22.04 -46.46
C GLN R 464 -12.97 -20.66 -47.08
N SER R 465 -14.19 -20.38 -47.51
CA SER R 465 -14.47 -19.18 -48.27
C SER R 465 -15.13 -18.08 -47.46
N THR R 466 -15.22 -18.23 -46.14
CA THR R 466 -15.75 -17.19 -45.28
C THR R 466 -14.69 -16.81 -44.25
N TYR R 467 -14.28 -15.54 -44.28
CA TYR R 467 -13.12 -15.06 -43.54
C TYR R 467 -13.56 -13.97 -42.56
N LEU R 468 -13.13 -14.11 -41.31
CA LEU R 468 -13.65 -13.27 -40.23
C LEU R 468 -12.76 -12.05 -40.01
N PRO S 52 -42.81 -48.43 -18.31
CA PRO S 52 -42.63 -47.65 -19.53
C PRO S 52 -43.45 -48.19 -20.69
N SER S 53 -43.61 -47.38 -21.76
CA SER S 53 -44.33 -47.82 -22.96
C SER S 53 -43.44 -48.69 -23.85
N PRO S 54 -44.04 -49.64 -24.58
CA PRO S 54 -43.27 -50.78 -25.09
C PRO S 54 -42.65 -50.60 -26.47
N ALA S 55 -43.45 -50.16 -27.45
CA ALA S 55 -43.15 -50.37 -28.86
C ALA S 55 -41.83 -49.75 -29.30
N GLN S 56 -41.30 -48.78 -28.56
CA GLN S 56 -40.03 -48.14 -28.90
C GLN S 56 -38.81 -49.00 -28.52
N ALA S 57 -39.02 -50.27 -28.20
CA ALA S 57 -37.91 -51.20 -28.00
C ALA S 57 -37.16 -51.48 -29.27
N LEU S 58 -37.80 -51.32 -30.44
CA LEU S 58 -37.14 -51.56 -31.72
C LEU S 58 -35.92 -50.67 -31.91
N ALA S 59 -36.01 -49.41 -31.48
CA ALA S 59 -34.94 -48.44 -31.71
C ALA S 59 -33.59 -48.87 -31.11
N SER S 60 -33.60 -49.78 -30.13
CA SER S 60 -32.35 -50.13 -29.47
C SER S 60 -31.29 -50.59 -30.47
N TYR S 61 -31.66 -51.44 -31.44
CA TYR S 61 -30.71 -51.97 -32.40
C TYR S 61 -30.93 -51.38 -33.79
N HIS S 62 -31.26 -50.09 -33.84
CA HIS S 62 -31.35 -49.34 -35.08
C HIS S 62 -30.59 -48.04 -34.95
N HIS S 63 -29.94 -47.65 -36.04
CA HIS S 63 -29.19 -46.41 -36.10
C HIS S 63 -29.80 -45.48 -37.12
N PHE S 64 -30.24 -44.32 -36.68
CA PHE S 64 -30.83 -43.36 -37.61
C PHE S 64 -29.73 -42.68 -38.40
N PRO S 65 -29.78 -42.73 -39.74
CA PRO S 65 -28.63 -42.27 -40.54
C PRO S 65 -28.27 -40.82 -40.32
N THR S 66 -29.23 -39.91 -40.39
CA THR S 66 -28.92 -38.48 -40.31
C THR S 66 -29.27 -37.93 -38.94
N ASN S 67 -28.64 -36.81 -38.60
CA ASN S 67 -29.01 -36.13 -37.37
C ASN S 67 -30.44 -35.61 -37.41
N ASP S 68 -30.90 -35.12 -38.55
CA ASP S 68 -32.28 -34.67 -38.63
C ASP S 68 -33.23 -35.74 -38.12
N GLN S 69 -33.11 -36.97 -38.64
CA GLN S 69 -34.01 -38.03 -38.20
C GLN S 69 -33.86 -38.32 -36.71
N GLU S 70 -32.63 -38.46 -36.23
CA GLU S 70 -32.43 -38.77 -34.80
C GLU S 70 -33.19 -37.78 -33.93
N ARG S 71 -33.10 -36.49 -34.26
CA ARG S 71 -33.79 -35.49 -33.46
C ARG S 71 -35.30 -35.65 -33.58
N TRP S 72 -35.81 -35.97 -34.77
CA TRP S 72 -37.24 -36.21 -34.90
C TRP S 72 -37.67 -37.42 -34.09
N TRP S 73 -36.89 -38.50 -34.14
CA TRP S 73 -37.20 -39.65 -33.30
C TRP S 73 -37.31 -39.25 -31.83
N GLU S 74 -36.32 -38.54 -31.34
CA GLU S 74 -36.34 -38.15 -29.95
C GLU S 74 -37.53 -37.24 -29.67
N GLU S 75 -38.00 -36.53 -30.69
CA GLU S 75 -39.06 -35.54 -30.52
C GLU S 75 -40.43 -36.19 -30.51
N THR S 76 -40.64 -37.20 -31.35
CA THR S 76 -41.95 -37.84 -31.45
C THR S 76 -41.94 -39.35 -31.24
N GLY S 77 -40.78 -39.98 -31.08
CA GLY S 77 -40.75 -41.43 -31.02
C GLY S 77 -41.57 -41.99 -29.87
N SER S 78 -41.28 -41.51 -28.67
CA SER S 78 -42.01 -41.98 -27.50
C SER S 78 -43.51 -41.71 -27.66
N LEU S 79 -43.86 -40.50 -28.09
CA LEU S 79 -45.26 -40.09 -28.14
C LEU S 79 -46.07 -41.03 -29.01
N PHE S 80 -45.56 -41.36 -30.20
CA PHE S 80 -46.27 -42.29 -31.06
C PHE S 80 -46.36 -43.66 -30.42
N SER S 81 -45.32 -44.08 -29.72
CA SER S 81 -45.40 -45.35 -29.01
C SER S 81 -46.56 -45.34 -28.03
N ARG S 82 -46.82 -44.18 -27.42
CA ARG S 82 -47.93 -44.10 -26.48
C ARG S 82 -49.27 -44.16 -27.20
N PHE S 83 -49.40 -43.49 -28.34
CA PHE S 83 -50.69 -43.56 -29.03
C PHE S 83 -50.98 -44.98 -29.51
N LEU S 84 -49.95 -45.72 -29.92
CA LEU S 84 -50.18 -47.13 -30.24
C LEU S 84 -50.77 -47.86 -29.04
N GLU S 85 -50.21 -47.61 -27.85
CA GLU S 85 -50.73 -48.22 -26.63
C GLU S 85 -52.16 -47.77 -26.36
N ALA S 86 -52.39 -46.45 -26.36
CA ALA S 86 -53.73 -45.92 -26.14
C ALA S 86 -54.70 -46.35 -27.23
N GLY S 87 -54.20 -46.83 -28.37
CA GLY S 87 -55.10 -47.31 -29.39
C GLY S 87 -55.52 -48.74 -29.17
N GLN S 88 -55.00 -49.38 -28.13
CA GLN S 88 -55.37 -50.76 -27.79
C GLN S 88 -55.06 -51.70 -28.95
N TYR S 89 -53.91 -51.47 -29.59
CA TYR S 89 -53.49 -52.32 -30.69
C TYR S 89 -52.78 -53.57 -30.16
N GLY S 90 -52.96 -54.67 -30.88
CA GLY S 90 -52.23 -55.87 -30.55
C GLY S 90 -50.72 -55.62 -30.57
N LEU S 91 -50.03 -56.23 -29.63
CA LEU S 91 -48.60 -55.98 -29.53
C LEU S 91 -47.88 -56.22 -30.85
N PRO S 92 -48.14 -57.29 -31.61
CA PRO S 92 -47.51 -57.41 -32.93
C PRO S 92 -47.79 -56.21 -33.82
N GLN S 93 -49.04 -55.77 -33.83
CA GLN S 93 -49.39 -54.65 -34.71
C GLN S 93 -48.68 -53.37 -34.29
N GLN S 94 -48.53 -53.15 -32.97
CA GLN S 94 -47.81 -51.96 -32.54
C GLN S 94 -46.43 -51.92 -33.16
N TYR S 95 -45.67 -53.01 -32.98
CA TYR S 95 -44.34 -53.07 -33.58
C TYR S 95 -44.42 -52.98 -35.08
N GLN S 96 -45.47 -53.58 -35.66
CA GLN S 96 -45.62 -53.59 -37.10
C GLN S 96 -45.80 -52.18 -37.64
N PHE S 97 -46.68 -51.40 -37.00
CA PHE S 97 -46.82 -50.00 -37.39
C PHE S 97 -45.65 -49.17 -36.89
N MET S 98 -45.12 -49.51 -35.71
CA MET S 98 -43.91 -48.82 -35.25
C MET S 98 -42.81 -48.96 -36.29
N PHE S 99 -42.66 -50.16 -36.86
CA PHE S 99 -41.70 -50.36 -37.93
C PHE S 99 -41.96 -49.38 -39.07
N PHE S 100 -43.22 -49.32 -39.52
CA PHE S 100 -43.59 -48.43 -40.63
C PHE S 100 -43.24 -46.98 -40.32
N PHE S 101 -43.58 -46.52 -39.12
CA PHE S 101 -43.32 -45.14 -38.74
C PHE S 101 -41.84 -44.77 -38.87
N MET S 102 -40.95 -45.66 -38.42
CA MET S 102 -39.53 -45.32 -38.40
C MET S 102 -38.99 -45.17 -39.81
N HIS S 103 -39.33 -46.10 -40.69
CA HIS S 103 -38.71 -46.18 -42.00
C HIS S 103 -39.24 -45.15 -42.99
N HIS S 104 -40.52 -44.83 -42.92
CA HIS S 104 -41.10 -44.02 -43.98
C HIS S 104 -41.51 -42.63 -43.55
N LEU S 105 -41.76 -42.41 -42.27
CA LEU S 105 -42.23 -41.10 -41.84
C LEU S 105 -41.14 -40.25 -41.22
N ILE S 106 -40.22 -40.87 -40.45
CA ILE S 106 -39.13 -40.10 -39.86
C ILE S 106 -38.21 -39.52 -40.91
N PRO S 107 -37.75 -40.28 -41.91
CA PRO S 107 -37.01 -39.64 -43.02
C PRO S 107 -37.75 -38.47 -43.65
N ALA S 108 -39.08 -38.58 -43.80
CA ALA S 108 -39.87 -37.58 -44.51
C ALA S 108 -40.11 -36.31 -43.71
N LEU S 109 -39.73 -36.26 -42.43
CA LEU S 109 -39.93 -35.05 -41.65
C LEU S 109 -38.94 -33.95 -42.03
N GLY S 110 -37.78 -34.30 -42.55
CA GLY S 110 -36.85 -33.30 -43.01
C GLY S 110 -36.03 -32.72 -41.88
N PRO S 111 -35.49 -31.52 -42.06
CA PRO S 111 -34.62 -30.93 -41.04
C PRO S 111 -35.30 -30.89 -39.70
N TYR S 112 -34.59 -31.30 -38.65
CA TYR S 112 -35.21 -31.27 -37.32
C TYR S 112 -35.58 -29.86 -36.90
N PRO S 113 -34.66 -28.93 -36.78
CA PRO S 113 -35.09 -27.54 -36.63
C PRO S 113 -35.87 -27.16 -37.88
N GLN S 114 -37.19 -27.38 -37.84
CA GLN S 114 -37.95 -27.35 -39.08
C GLN S 114 -38.03 -25.91 -39.59
N LYS S 115 -37.69 -25.77 -40.86
CA LYS S 115 -37.73 -24.48 -41.55
C LYS S 115 -39.05 -24.27 -42.29
N TRP S 116 -39.86 -25.30 -42.39
CA TRP S 116 -41.05 -25.31 -43.21
C TRP S 116 -42.26 -25.39 -42.29
N ARG S 117 -43.22 -24.51 -42.48
CA ARG S 117 -44.51 -24.65 -41.82
C ARG S 117 -45.43 -25.43 -42.74
N SER S 118 -46.01 -26.50 -42.21
CA SER S 118 -46.98 -27.31 -42.92
C SER S 118 -48.36 -26.74 -42.68
N THR S 119 -49.18 -26.72 -43.73
CA THR S 119 -50.53 -26.16 -43.61
C THR S 119 -51.38 -26.96 -42.63
N ILE S 120 -51.11 -28.26 -42.48
CA ILE S 120 -52.03 -29.16 -41.80
C ILE S 120 -52.12 -28.89 -40.31
N SER S 121 -51.08 -28.39 -39.69
CA SER S 121 -51.09 -28.26 -38.25
C SER S 121 -51.32 -26.79 -37.86
N ARG S 122 -51.97 -26.58 -36.72
CA ARG S 122 -52.06 -25.22 -36.19
C ARG S 122 -50.66 -24.65 -35.95
N SER S 123 -49.80 -25.43 -35.29
CA SER S 123 -48.43 -25.00 -35.04
C SER S 123 -47.62 -25.00 -36.32
N GLY S 124 -48.00 -25.83 -37.28
CA GLY S 124 -47.30 -25.89 -38.54
C GLY S 124 -46.42 -27.10 -38.70
N LEU S 125 -46.29 -27.92 -37.70
CA LEU S 125 -45.33 -28.99 -37.93
C LEU S 125 -45.95 -30.10 -38.76
N PRO S 126 -45.13 -30.82 -39.52
CA PRO S 126 -45.67 -31.68 -40.59
C PRO S 126 -46.48 -32.90 -40.17
N ILE S 127 -46.81 -33.03 -38.89
CA ILE S 127 -47.45 -34.25 -38.41
C ILE S 127 -48.45 -33.93 -37.31
N GLU S 128 -49.52 -34.72 -37.27
CA GLU S 128 -50.39 -34.75 -36.09
C GLU S 128 -51.11 -36.09 -35.99
N PHE S 129 -51.33 -36.51 -34.75
CA PHE S 129 -51.89 -37.81 -34.42
C PHE S 129 -53.36 -37.69 -34.01
N SER S 130 -54.15 -38.68 -34.40
CA SER S 130 -55.59 -38.67 -34.18
C SER S 130 -56.03 -39.96 -33.51
N LEU S 131 -57.05 -39.82 -32.67
CA LEU S 131 -57.77 -40.98 -32.12
C LEU S 131 -59.24 -40.87 -32.50
N ASN S 132 -59.74 -41.90 -33.17
CA ASN S 132 -61.15 -41.97 -33.54
C ASN S 132 -61.83 -42.96 -32.61
N PHE S 133 -62.84 -42.48 -31.90
CA PHE S 133 -63.59 -43.30 -30.95
C PHE S 133 -64.89 -43.76 -31.58
N GLN S 134 -65.23 -45.01 -31.36
CA GLN S 134 -66.41 -45.64 -31.95
C GLN S 134 -67.32 -46.13 -30.83
N LYS S 135 -68.46 -46.67 -31.21
CA LYS S 135 -69.44 -47.14 -30.24
C LYS S 135 -68.95 -48.45 -29.66
N GLY S 136 -68.15 -48.34 -28.60
CA GLY S 136 -67.73 -49.49 -27.82
C GLY S 136 -66.76 -50.45 -28.49
N SER S 137 -66.69 -50.44 -29.82
CA SER S 137 -65.76 -51.33 -30.50
C SER S 137 -64.35 -51.11 -29.98
N HIS S 138 -63.91 -49.85 -29.95
CA HIS S 138 -62.58 -49.45 -29.52
C HIS S 138 -62.23 -48.11 -30.13
N ARG S 139 -60.94 -47.85 -30.27
CA ARG S 139 -60.44 -46.62 -30.84
C ARG S 139 -59.41 -46.95 -31.92
N LEU S 140 -59.24 -46.01 -32.85
CA LEU S 140 -58.30 -46.17 -33.95
C LEU S 140 -57.35 -44.98 -33.94
N LEU S 141 -56.15 -45.20 -34.48
CA LEU S 141 -55.11 -44.18 -34.57
C LEU S 141 -54.94 -43.70 -36.01
N ARG S 142 -54.80 -42.38 -36.16
CA ARG S 142 -54.73 -41.66 -37.42
C ARG S 142 -53.49 -40.77 -37.40
N ILE S 143 -52.81 -40.63 -38.56
CA ILE S 143 -51.68 -39.72 -38.69
C ILE S 143 -51.91 -38.81 -39.89
N GLY S 144 -51.74 -37.51 -39.68
CA GLY S 144 -51.68 -36.55 -40.78
C GLY S 144 -50.24 -36.16 -41.06
N PHE S 145 -49.87 -36.22 -42.34
CA PHE S 145 -48.48 -36.09 -42.73
C PHE S 145 -48.33 -35.07 -43.86
N GLU S 146 -47.26 -34.28 -43.81
CA GLU S 146 -46.76 -33.57 -45.00
C GLU S 146 -45.27 -33.83 -45.15
N PRO S 147 -44.85 -34.64 -46.12
CA PRO S 147 -43.41 -34.88 -46.32
C PRO S 147 -42.65 -33.58 -46.57
N VAL S 148 -41.43 -33.52 -46.02
CA VAL S 148 -40.57 -32.34 -46.11
C VAL S 148 -39.14 -32.77 -46.34
N SER S 149 -38.35 -31.87 -46.94
CA SER S 149 -36.89 -31.99 -47.01
C SER S 149 -36.29 -30.60 -46.87
N PHE S 150 -34.96 -30.56 -46.83
CA PHE S 150 -34.25 -29.29 -46.78
C PHE S 150 -34.51 -28.44 -48.01
N LEU S 151 -34.90 -29.05 -49.14
CA LEU S 151 -35.26 -28.29 -50.32
C LEU S 151 -36.61 -27.57 -50.19
N SER S 152 -37.49 -28.06 -49.34
CA SER S 152 -38.83 -27.49 -49.23
C SER S 152 -38.76 -26.01 -48.85
N GLY S 153 -39.45 -25.19 -49.63
CA GLY S 153 -39.45 -23.76 -49.41
C GLY S 153 -38.29 -23.03 -50.02
N SER S 154 -37.42 -23.73 -50.73
CA SER S 154 -36.25 -23.12 -51.32
C SER S 154 -36.51 -22.81 -52.79
N SER S 155 -35.49 -22.29 -53.46
CA SER S 155 -35.61 -22.00 -54.88
C SER S 155 -35.91 -23.27 -55.66
N GLN S 156 -35.30 -24.39 -55.27
CA GLN S 156 -35.46 -25.61 -56.05
C GLN S 156 -36.85 -26.20 -55.90
N ASP S 157 -37.50 -25.96 -54.77
CA ASP S 157 -38.89 -26.39 -54.57
C ASP S 157 -39.57 -25.48 -53.56
N PRO S 158 -40.05 -24.32 -54.00
CA PRO S 158 -40.60 -23.34 -53.05
C PRO S 158 -41.94 -23.75 -52.50
N PHE S 159 -42.67 -24.68 -53.15
CA PHE S 159 -43.99 -25.09 -52.68
C PHE S 159 -44.10 -26.59 -52.41
N ASN S 160 -42.96 -27.24 -52.17
CA ASN S 160 -42.93 -28.55 -51.53
C ASN S 160 -43.71 -29.60 -52.33
N ARG S 161 -43.45 -29.66 -53.64
CA ARG S 161 -44.00 -30.75 -54.43
C ARG S 161 -43.09 -31.98 -54.45
N ILE S 162 -41.80 -31.81 -54.25
CA ILE S 162 -40.84 -32.88 -54.49
C ILE S 162 -41.08 -33.98 -53.46
N PRO S 163 -41.10 -33.66 -52.16
CA PRO S 163 -41.29 -34.71 -51.16
C PRO S 163 -42.57 -35.49 -51.37
N ILE S 164 -43.63 -34.86 -51.84
CA ILE S 164 -44.90 -35.56 -52.02
C ILE S 164 -44.74 -36.73 -52.99
N THR S 165 -44.14 -36.45 -54.15
CA THR S 165 -44.00 -37.49 -55.15
C THR S 165 -42.98 -38.53 -54.71
N ASP S 166 -41.94 -38.12 -53.97
CA ASP S 166 -41.01 -39.09 -53.41
C ASP S 166 -41.71 -40.07 -52.50
N LEU S 167 -42.39 -39.55 -51.48
CA LEU S 167 -43.13 -40.43 -50.57
C LEU S 167 -44.13 -41.27 -51.34
N LEU S 168 -44.76 -40.69 -52.36
CA LEU S 168 -45.77 -41.44 -53.09
C LEU S 168 -45.17 -42.65 -53.79
N ASN S 169 -43.87 -42.65 -54.04
CA ASN S 169 -43.22 -43.83 -54.62
C ASN S 169 -42.83 -44.85 -53.57
N ARG S 170 -42.36 -44.42 -52.40
CA ARG S 170 -42.11 -45.37 -51.33
C ARG S 170 -43.33 -46.25 -51.12
N LEU S 171 -44.51 -45.63 -51.02
CA LEU S 171 -45.74 -46.34 -50.67
C LEU S 171 -46.10 -47.35 -51.74
N SER S 172 -45.98 -46.97 -53.01
CA SER S 172 -46.28 -47.91 -54.10
C SER S 172 -45.30 -49.07 -54.11
N LYS S 173 -44.06 -48.85 -53.66
CA LYS S 173 -43.10 -49.97 -53.60
C LYS S 173 -43.49 -50.96 -52.51
N LEU S 174 -43.96 -50.48 -51.37
CA LEU S 174 -44.48 -51.36 -50.34
C LEU S 174 -45.70 -52.12 -50.86
N GLN S 175 -45.74 -53.41 -50.55
CA GLN S 175 -46.86 -54.26 -50.95
C GLN S 175 -48.00 -54.01 -49.96
N LEU S 176 -48.89 -53.10 -50.34
CA LEU S 176 -50.03 -52.67 -49.55
C LEU S 176 -51.32 -53.12 -50.22
N SER S 177 -52.27 -53.58 -49.39
CA SER S 177 -53.53 -54.07 -49.90
C SER S 177 -54.39 -52.94 -50.46
N ASN S 178 -54.91 -53.13 -51.67
CA ASN S 178 -55.91 -52.23 -52.24
C ASN S 178 -55.36 -50.81 -52.37
N PHE S 179 -54.24 -50.68 -53.08
CA PHE S 179 -53.53 -49.41 -53.18
C PHE S 179 -53.45 -49.02 -54.65
N ASP S 180 -54.27 -48.04 -55.05
CA ASP S 180 -54.21 -47.43 -56.37
C ASP S 180 -54.01 -45.93 -56.22
N THR S 181 -53.25 -45.36 -57.15
CA THR S 181 -52.94 -43.93 -57.11
C THR S 181 -53.67 -43.11 -58.19
N PRO S 182 -54.32 -43.72 -59.18
CA PRO S 182 -54.84 -42.91 -60.30
C PRO S 182 -55.70 -41.73 -59.87
N PHE S 183 -56.65 -41.95 -58.96
CA PHE S 183 -57.53 -40.85 -58.60
C PHE S 183 -56.72 -39.68 -58.03
N PHE S 184 -55.76 -39.98 -57.16
CA PHE S 184 -54.97 -38.91 -56.55
C PHE S 184 -54.07 -38.23 -57.57
N GLN S 185 -53.39 -39.00 -58.42
CA GLN S 185 -52.59 -38.40 -59.48
C GLN S 185 -53.41 -37.40 -60.30
N HIS S 186 -54.67 -37.76 -60.61
CA HIS S 186 -55.53 -36.88 -61.38
C HIS S 186 -55.63 -35.52 -60.71
N LEU S 187 -55.84 -35.50 -59.39
CA LEU S 187 -56.01 -34.22 -58.72
C LEU S 187 -54.72 -33.42 -58.74
N LEU S 188 -53.58 -34.08 -58.48
CA LEU S 188 -52.31 -33.37 -58.55
C LEU S 188 -52.12 -32.72 -59.90
N SER S 189 -52.25 -33.52 -60.98
CA SER S 189 -52.06 -32.96 -62.31
C SER S 189 -52.94 -31.72 -62.48
N LYS S 190 -54.18 -31.79 -62.01
CA LYS S 190 -55.10 -30.65 -62.07
C LYS S 190 -54.60 -29.46 -61.26
N PHE S 191 -53.58 -29.62 -60.45
CA PHE S 191 -53.17 -28.53 -59.58
C PHE S 191 -51.65 -28.30 -59.61
N GLN S 192 -50.98 -28.64 -60.71
CA GLN S 192 -49.56 -28.33 -60.79
C GLN S 192 -49.37 -26.89 -61.28
N LEU S 193 -48.12 -26.42 -61.38
CA LEU S 193 -47.95 -24.99 -61.51
C LEU S 193 -47.00 -24.56 -62.65
N SER S 194 -45.72 -24.89 -62.56
CA SER S 194 -44.74 -24.59 -63.62
C SER S 194 -44.37 -23.11 -63.68
N LEU S 195 -44.71 -22.44 -64.78
CA LEU S 195 -44.50 -21.02 -64.87
C LEU S 195 -45.28 -20.27 -63.79
N SER S 196 -46.32 -20.90 -63.25
CA SER S 196 -47.09 -20.27 -62.19
C SER S 196 -46.23 -20.02 -60.96
N GLU S 197 -45.32 -20.96 -60.65
CA GLU S 197 -44.38 -20.76 -59.55
C GLU S 197 -43.74 -19.39 -59.61
N VAL S 198 -43.27 -18.99 -60.81
CA VAL S 198 -42.55 -17.73 -60.95
C VAL S 198 -43.47 -16.57 -60.57
N ARG S 199 -44.70 -16.57 -61.10
CA ARG S 199 -45.70 -15.60 -60.70
C ARG S 199 -45.92 -15.65 -59.20
N GLN S 200 -46.07 -16.88 -58.62
CA GLN S 200 -46.35 -16.96 -57.16
C GLN S 200 -45.24 -16.36 -56.35
N LEU S 201 -44.00 -16.76 -56.64
CA LEU S 201 -42.85 -16.31 -55.87
C LEU S 201 -42.92 -14.82 -55.54
N GLN S 202 -43.37 -14.02 -56.50
CA GLN S 202 -43.65 -12.63 -56.22
C GLN S 202 -44.92 -12.47 -55.38
N PRO S 212 -48.35 -16.48 -46.09
CA PRO S 212 -49.54 -17.31 -45.91
C PRO S 212 -49.24 -18.80 -45.77
N LEU S 213 -50.04 -19.62 -46.44
CA LEU S 213 -49.94 -21.07 -46.36
C LEU S 213 -49.48 -21.59 -47.72
N LYS S 214 -48.41 -22.39 -47.71
CA LYS S 214 -47.74 -22.73 -48.96
C LYS S 214 -47.91 -24.16 -49.39
N SER S 215 -48.31 -25.04 -48.49
CA SER S 215 -48.31 -26.45 -48.83
C SER S 215 -49.40 -26.69 -49.86
N GLN S 216 -49.10 -27.65 -50.75
CA GLN S 216 -49.94 -27.96 -51.89
C GLN S 216 -50.62 -29.33 -51.82
N ALA S 217 -50.23 -30.20 -50.88
CA ALA S 217 -50.78 -31.53 -50.70
C ALA S 217 -50.33 -32.02 -49.34
N ALA S 218 -50.93 -33.14 -48.94
CA ALA S 218 -50.61 -33.81 -47.70
C ALA S 218 -51.09 -35.26 -47.77
N PHE S 219 -50.75 -36.01 -46.71
CA PHE S 219 -51.08 -37.43 -46.58
C PHE S 219 -51.79 -37.73 -45.27
N GLY S 220 -52.52 -38.83 -45.25
CA GLY S 220 -53.16 -39.28 -44.04
C GLY S 220 -53.06 -40.79 -43.92
N PHE S 221 -52.90 -41.30 -42.70
CA PHE S 221 -52.71 -42.72 -42.49
C PHE S 221 -53.67 -43.21 -41.42
N ASP S 222 -54.52 -44.17 -41.79
CA ASP S 222 -55.40 -44.85 -40.85
C ASP S 222 -54.83 -46.24 -40.60
N PHE S 223 -54.54 -46.54 -39.33
CA PHE S 223 -54.06 -47.85 -38.90
C PHE S 223 -55.26 -48.59 -38.32
N ASN S 224 -55.88 -49.48 -39.10
CA ASN S 224 -57.07 -50.14 -38.58
C ASN S 224 -56.62 -51.27 -37.67
N PRO S 225 -57.54 -51.83 -36.88
CA PRO S 225 -57.12 -52.81 -35.87
C PRO S 225 -56.36 -53.99 -36.46
N ASP S 226 -56.77 -54.47 -37.63
CA ASP S 226 -55.94 -55.40 -38.36
C ASP S 226 -54.62 -54.75 -38.77
N GLY S 227 -53.61 -55.57 -38.95
CA GLY S 227 -52.31 -55.04 -39.34
C GLY S 227 -52.27 -54.47 -40.75
N ALA S 228 -53.13 -53.48 -41.03
CA ALA S 228 -53.26 -52.86 -42.34
C ALA S 228 -53.30 -51.35 -42.21
N ILE S 229 -52.58 -50.65 -43.10
CA ILE S 229 -52.61 -49.20 -43.17
C ILE S 229 -53.49 -48.79 -44.35
N LEU S 230 -54.26 -47.72 -44.17
CA LEU S 230 -55.03 -47.15 -45.27
C LEU S 230 -54.58 -45.71 -45.47
N VAL S 231 -54.35 -45.35 -46.74
CA VAL S 231 -53.70 -44.10 -47.09
C VAL S 231 -54.75 -43.11 -47.57
N LYS S 232 -54.71 -41.91 -47.00
CA LYS S 232 -55.58 -40.80 -47.33
C LYS S 232 -54.73 -39.66 -47.87
N GLY S 233 -55.21 -39.04 -48.94
CA GLY S 233 -54.48 -37.97 -49.58
C GLY S 233 -55.29 -36.69 -49.62
N TYR S 234 -54.59 -35.56 -49.57
CA TYR S 234 -55.21 -34.25 -49.57
C TYR S 234 -54.66 -33.42 -50.74
N VAL S 235 -55.38 -32.36 -51.07
CA VAL S 235 -54.98 -31.45 -52.14
C VAL S 235 -55.43 -30.06 -51.74
N PHE S 236 -54.53 -29.09 -51.90
CA PHE S 236 -54.83 -27.73 -51.47
C PHE S 236 -54.85 -26.80 -52.67
N PRO S 237 -56.04 -26.55 -53.25
CA PRO S 237 -56.12 -25.87 -54.53
C PRO S 237 -55.97 -24.34 -54.48
N TYR S 238 -55.76 -23.75 -53.31
CA TYR S 238 -55.63 -22.30 -53.23
C TYR S 238 -54.48 -21.78 -54.09
N LEU S 239 -53.34 -22.50 -54.10
CA LEU S 239 -52.20 -22.04 -54.88
C LEU S 239 -52.54 -22.00 -56.37
N LYS S 240 -53.01 -23.12 -56.92
CA LYS S 240 -53.38 -23.18 -58.33
C LYS S 240 -54.43 -22.11 -58.66
N ALA S 241 -55.40 -21.91 -57.76
CA ALA S 241 -56.43 -20.90 -58.01
C ALA S 241 -55.85 -19.49 -57.94
N LYS S 242 -54.98 -19.22 -56.97
CA LYS S 242 -54.42 -17.88 -56.83
C LYS S 242 -53.56 -17.51 -58.03
N ALA S 243 -52.79 -18.47 -58.54
CA ALA S 243 -51.93 -18.20 -59.68
C ALA S 243 -52.75 -17.86 -60.92
N ALA S 244 -53.81 -18.61 -61.17
CA ALA S 244 -54.66 -18.39 -62.34
C ALA S 244 -55.71 -17.30 -62.12
N ASP S 245 -55.75 -16.66 -60.96
CA ASP S 245 -56.74 -15.63 -60.65
C ASP S 245 -58.14 -16.11 -61.02
N VAL S 246 -58.44 -17.34 -60.60
CA VAL S 246 -59.74 -17.97 -60.81
C VAL S 246 -60.29 -18.39 -59.45
N PRO S 247 -61.58 -18.17 -59.16
CA PRO S 247 -62.10 -18.57 -57.85
C PRO S 247 -61.94 -20.08 -57.64
N VAL S 248 -61.64 -20.46 -56.39
CA VAL S 248 -61.27 -21.84 -56.11
C VAL S 248 -62.37 -22.80 -56.56
N GLY S 249 -63.62 -22.49 -56.20
CA GLY S 249 -64.71 -23.40 -56.51
C GLY S 249 -64.87 -23.63 -58.00
N THR S 250 -64.65 -22.59 -58.80
CA THR S 250 -64.77 -22.74 -60.24
C THR S 250 -63.84 -23.83 -60.76
N LEU S 251 -62.59 -23.84 -60.30
CA LEU S 251 -61.68 -24.91 -60.72
C LEU S 251 -61.90 -26.18 -59.91
N ILE S 252 -62.35 -26.07 -58.67
CA ILE S 252 -62.74 -27.26 -57.92
C ILE S 252 -63.88 -27.98 -58.63
N ALA S 253 -64.93 -27.22 -58.96
CA ALA S 253 -66.06 -27.77 -59.69
C ALA S 253 -65.60 -28.37 -61.01
N GLU S 254 -64.80 -27.62 -61.77
CA GLU S 254 -64.31 -28.12 -63.04
C GLU S 254 -63.41 -29.32 -62.82
N ALA S 255 -62.68 -29.34 -61.70
CA ALA S 255 -61.86 -30.49 -61.34
C ALA S 255 -62.72 -31.71 -61.08
N VAL S 256 -63.78 -31.55 -60.29
CA VAL S 256 -64.71 -32.66 -60.09
C VAL S 256 -65.37 -33.04 -61.41
N ARG S 257 -65.71 -32.04 -62.23
CA ARG S 257 -66.35 -32.34 -63.50
C ARG S 257 -65.43 -33.15 -64.42
N THR S 258 -64.14 -32.83 -64.43
CA THR S 258 -63.20 -33.56 -65.28
C THR S 258 -63.17 -35.04 -64.95
N ILE S 259 -63.47 -35.41 -63.70
CA ILE S 259 -63.60 -36.82 -63.33
C ILE S 259 -65.00 -37.36 -63.57
N ASP S 260 -65.94 -36.50 -64.00
CA ASP S 260 -67.33 -36.93 -64.20
C ASP S 260 -67.51 -37.74 -65.48
N VAL S 261 -66.98 -37.26 -66.61
CA VAL S 261 -66.93 -38.14 -67.77
C VAL S 261 -66.04 -39.33 -67.45
N GLU S 262 -65.08 -39.16 -66.54
CA GLU S 262 -64.26 -40.26 -66.05
C GLU S 262 -65.10 -41.22 -65.21
N ARG S 263 -65.97 -40.68 -64.35
CA ARG S 263 -67.19 -41.33 -63.88
C ARG S 263 -68.10 -40.35 -63.15
N ASN S 264 -69.30 -40.18 -63.69
CA ASN S 264 -70.24 -39.16 -63.26
C ASN S 264 -71.05 -39.62 -62.06
N GLN S 265 -70.38 -40.06 -60.99
CA GLN S 265 -71.07 -40.49 -59.79
C GLN S 265 -71.03 -39.45 -58.68
N PHE S 266 -70.19 -38.42 -58.80
CA PHE S 266 -70.08 -37.38 -57.80
C PHE S 266 -70.87 -36.14 -58.18
N THR S 267 -71.40 -36.10 -59.39
CA THR S 267 -72.09 -34.93 -59.90
C THR S 267 -73.21 -34.50 -58.96
N HIS S 268 -74.17 -35.39 -58.71
CA HIS S 268 -75.35 -35.02 -57.95
C HIS S 268 -74.97 -34.46 -56.59
N ALA S 269 -74.21 -35.23 -55.82
CA ALA S 269 -73.83 -34.79 -54.48
C ALA S 269 -72.99 -33.52 -54.51
N PHE S 270 -72.03 -33.44 -55.44
CA PHE S 270 -71.17 -32.27 -55.46
C PHE S 270 -71.94 -31.02 -55.88
N GLY S 271 -72.55 -31.04 -57.07
CA GLY S 271 -73.39 -29.93 -57.50
C GLY S 271 -74.37 -29.49 -56.41
N LEU S 272 -74.76 -30.41 -55.53
CA LEU S 272 -75.62 -30.06 -54.41
C LEU S 272 -74.87 -29.24 -53.37
N ILE S 273 -73.58 -29.53 -53.17
CA ILE S 273 -72.80 -28.73 -52.21
C ILE S 273 -72.38 -27.42 -52.84
N ASN S 274 -71.90 -27.47 -54.08
CA ASN S 274 -71.39 -26.29 -54.74
C ASN S 274 -72.43 -25.19 -54.79
N ASP S 275 -73.71 -25.58 -54.82
CA ASP S 275 -74.80 -24.62 -54.74
C ASP S 275 -74.83 -23.95 -53.38
N TYR S 276 -74.70 -24.74 -52.31
CA TYR S 276 -74.67 -24.11 -50.99
C TYR S 276 -73.44 -23.24 -50.79
N MET S 277 -72.29 -23.67 -51.31
CA MET S 277 -71.07 -22.88 -51.16
C MET S 277 -71.21 -21.52 -51.84
N GLN S 278 -71.80 -21.52 -53.03
CA GLN S 278 -72.00 -20.26 -53.75
C GLN S 278 -73.10 -19.43 -53.10
N GLU S 279 -74.12 -20.08 -52.54
CA GLU S 279 -75.12 -19.34 -51.77
C GLU S 279 -74.45 -18.55 -50.65
N SER S 280 -73.69 -19.24 -49.81
CA SER S 280 -73.24 -18.70 -48.53
C SER S 280 -71.87 -18.04 -48.62
N THR S 281 -71.32 -17.89 -49.83
CA THR S 281 -69.93 -17.45 -49.96
C THR S 281 -69.04 -18.36 -49.14
N GLY S 282 -69.35 -19.66 -49.19
CA GLY S 282 -68.64 -20.62 -48.37
C GLY S 282 -67.23 -20.86 -48.86
N TYR S 283 -67.03 -20.87 -50.18
CA TYR S 283 -65.69 -20.99 -50.74
C TYR S 283 -64.82 -19.84 -50.29
N ASN S 284 -63.55 -20.14 -50.08
CA ASN S 284 -62.59 -19.17 -49.58
C ASN S 284 -61.20 -19.74 -49.85
N GLU S 285 -60.18 -19.01 -49.44
CA GLU S 285 -58.82 -19.52 -49.58
C GLU S 285 -58.64 -20.85 -48.87
N TYR S 286 -59.31 -21.05 -47.73
CA TYR S 286 -59.10 -22.22 -46.89
C TYR S 286 -59.77 -23.50 -47.40
N THR S 287 -60.74 -23.39 -48.32
CA THR S 287 -61.36 -24.59 -48.85
C THR S 287 -60.31 -25.48 -49.52
N PHE S 288 -60.38 -26.79 -49.26
CA PHE S 288 -59.48 -27.75 -49.90
C PHE S 288 -60.21 -29.08 -50.04
N LEU S 289 -59.48 -30.12 -50.45
CA LEU S 289 -60.08 -31.33 -50.96
C LEU S 289 -59.34 -32.54 -50.40
N SER S 290 -59.98 -33.71 -50.48
CA SER S 290 -59.47 -34.94 -49.87
C SER S 290 -59.92 -36.14 -50.69
N CYS S 291 -59.34 -37.30 -50.42
CA CYS S 291 -59.79 -38.55 -51.05
C CYS S 291 -59.06 -39.72 -50.42
N ASP S 292 -59.38 -40.92 -50.88
CA ASP S 292 -58.75 -42.16 -50.44
C ASP S 292 -57.94 -42.76 -51.57
N PHE S 293 -56.93 -43.55 -51.20
CA PHE S 293 -56.03 -44.22 -52.15
C PHE S 293 -56.52 -45.63 -52.45
N VAL S 294 -57.57 -45.73 -53.27
CA VAL S 294 -58.09 -47.04 -53.64
C VAL S 294 -58.97 -46.90 -54.88
N GLU S 295 -59.19 -48.01 -55.56
CA GLU S 295 -60.31 -48.20 -56.48
C GLU S 295 -61.38 -47.12 -56.35
N THR S 296 -61.81 -46.58 -57.50
CA THR S 296 -62.80 -45.51 -57.50
C THR S 296 -64.11 -45.95 -56.81
N SER S 297 -64.49 -47.22 -56.98
CA SER S 297 -65.77 -47.67 -56.45
C SER S 297 -65.88 -47.40 -54.96
N GLU S 298 -64.85 -47.76 -54.20
CA GLU S 298 -64.87 -47.63 -52.75
C GLU S 298 -64.31 -46.30 -52.25
N GLN S 299 -64.15 -45.33 -53.13
CA GLN S 299 -63.48 -44.10 -52.76
C GLN S 299 -64.47 -43.04 -52.32
N ARG S 300 -64.05 -42.25 -51.34
CA ARG S 300 -64.90 -41.26 -50.68
C ARG S 300 -64.22 -39.90 -50.80
N LEU S 301 -64.59 -39.09 -51.79
CA LEU S 301 -63.96 -37.77 -51.88
C LEU S 301 -64.68 -36.79 -50.98
N LYS S 302 -63.94 -35.87 -50.41
CA LYS S 302 -64.42 -34.97 -49.37
C LYS S 302 -63.99 -33.55 -49.72
N ILE S 303 -64.85 -32.58 -49.44
CA ILE S 303 -64.52 -31.17 -49.58
C ILE S 303 -64.52 -30.55 -48.20
N TYR S 304 -63.45 -29.86 -47.87
CA TYR S 304 -63.37 -29.20 -46.57
C TYR S 304 -63.45 -27.69 -46.77
N GLY S 305 -63.76 -26.98 -45.71
CA GLY S 305 -63.81 -25.53 -45.76
C GLY S 305 -63.80 -24.99 -44.35
N ALA S 306 -63.79 -23.67 -44.25
CA ALA S 306 -63.71 -23.02 -42.95
C ALA S 306 -64.53 -21.73 -42.94
N HIS S 307 -64.81 -21.24 -41.74
CA HIS S 307 -65.43 -19.93 -41.52
C HIS S 307 -64.80 -19.25 -40.32
N THR S 308 -64.53 -17.95 -40.49
CA THR S 308 -63.89 -17.16 -39.44
C THR S 308 -64.75 -17.09 -38.18
N GLU S 309 -65.98 -16.57 -38.32
CA GLU S 309 -66.93 -16.49 -37.21
C GLU S 309 -68.19 -17.26 -37.58
N VAL S 310 -68.67 -18.04 -36.63
CA VAL S 310 -69.78 -18.95 -36.88
C VAL S 310 -70.63 -19.07 -35.63
N THR S 311 -71.94 -18.94 -35.81
CA THR S 311 -72.91 -19.15 -34.74
C THR S 311 -73.48 -20.57 -34.83
N TRP S 312 -74.27 -20.94 -33.81
CA TRP S 312 -74.99 -22.20 -33.92
C TRP S 312 -75.90 -22.20 -35.14
N ALA S 313 -76.62 -21.10 -35.37
CA ALA S 313 -77.47 -21.02 -36.55
C ALA S 313 -76.64 -21.23 -37.80
N LYS S 314 -75.46 -20.62 -37.86
CA LYS S 314 -74.55 -20.86 -38.96
C LYS S 314 -74.14 -22.33 -39.03
N ILE S 315 -73.86 -22.94 -37.88
CA ILE S 315 -73.53 -24.36 -37.87
C ILE S 315 -74.70 -25.19 -38.36
N ALA S 316 -75.88 -24.93 -37.82
CA ALA S 316 -77.06 -25.64 -38.29
C ALA S 316 -77.29 -25.38 -39.76
N GLU S 317 -77.12 -24.12 -40.17
CA GLU S 317 -77.23 -23.76 -41.59
C GLU S 317 -76.28 -24.58 -42.43
N MET S 318 -75.04 -24.73 -41.98
CA MET S 318 -74.08 -25.52 -42.73
C MET S 318 -74.36 -27.01 -42.60
N TRP S 319 -74.68 -27.48 -41.39
CA TRP S 319 -74.90 -28.91 -41.20
C TRP S 319 -76.00 -29.40 -42.12
N THR S 320 -77.05 -28.61 -42.28
CA THR S 320 -78.12 -28.93 -43.21
C THR S 320 -77.89 -28.29 -44.58
N LEU S 321 -76.70 -27.76 -44.84
CA LEU S 321 -76.29 -27.31 -46.17
C LEU S 321 -77.36 -26.38 -46.75
N GLY S 322 -77.67 -25.35 -45.97
CA GLY S 322 -78.88 -24.58 -46.22
C GLY S 322 -80.08 -25.38 -45.75
N GLY S 323 -80.97 -25.74 -46.67
CA GLY S 323 -82.02 -26.67 -46.35
C GLY S 323 -81.95 -27.90 -47.24
N ARG S 324 -80.85 -28.05 -47.97
CA ARG S 324 -80.79 -29.04 -49.05
C ARG S 324 -81.24 -30.42 -48.59
N LEU S 325 -80.85 -30.82 -47.38
CA LEU S 325 -80.98 -32.20 -46.95
C LEU S 325 -81.71 -32.31 -45.61
N ILE S 326 -82.63 -31.38 -45.34
CA ILE S 326 -83.56 -31.58 -44.23
C ILE S 326 -84.40 -32.82 -44.43
N GLU S 327 -84.62 -33.23 -45.69
CA GLU S 327 -85.44 -34.39 -45.99
C GLU S 327 -84.90 -35.63 -45.30
N GLU S 328 -83.59 -35.82 -45.32
CA GLU S 328 -82.99 -36.98 -44.68
C GLU S 328 -83.24 -36.93 -43.17
N PRO S 329 -83.72 -38.02 -42.57
CA PRO S 329 -83.92 -38.03 -41.11
C PRO S 329 -82.60 -38.09 -40.35
N GLU S 330 -81.62 -38.80 -40.91
CA GLU S 330 -80.29 -38.92 -40.32
C GLU S 330 -79.77 -37.57 -39.85
N ILE S 331 -79.74 -36.59 -40.75
CA ILE S 331 -79.15 -35.28 -40.47
C ILE S 331 -79.75 -34.67 -39.21
N ILE S 332 -81.07 -34.74 -39.08
CA ILE S 332 -81.76 -34.09 -37.97
C ILE S 332 -81.28 -34.64 -36.63
N ALA S 333 -81.21 -35.97 -36.52
CA ALA S 333 -80.70 -36.59 -35.29
C ALA S 333 -79.25 -36.20 -35.04
N GLY S 334 -78.37 -36.40 -36.04
CA GLY S 334 -76.98 -36.05 -35.87
C GLY S 334 -76.77 -34.61 -35.43
N LEU S 335 -77.55 -33.68 -35.99
CA LEU S 335 -77.41 -32.29 -35.57
C LEU S 335 -77.84 -32.12 -34.13
N ALA S 336 -78.80 -32.93 -33.68
CA ALA S 336 -79.24 -32.87 -32.29
C ALA S 336 -78.08 -33.18 -31.33
N ARG S 337 -77.47 -34.37 -31.48
CA ARG S 337 -76.30 -34.70 -30.69
C ARG S 337 -75.24 -33.62 -30.80
N LEU S 338 -75.10 -33.03 -31.99
CA LEU S 338 -74.03 -32.07 -32.20
C LEU S 338 -74.18 -30.90 -31.24
N LYS S 339 -75.39 -30.35 -31.11
CA LYS S 339 -75.56 -29.24 -30.19
C LYS S 339 -75.33 -29.69 -28.76
N GLN S 340 -75.55 -30.97 -28.49
CA GLN S 340 -75.31 -31.46 -27.14
C GLN S 340 -73.85 -31.28 -26.74
N ILE S 341 -72.95 -31.45 -27.71
CA ILE S 341 -71.54 -31.24 -27.44
C ILE S 341 -71.20 -29.76 -27.49
N TRP S 342 -71.68 -29.07 -28.53
CA TRP S 342 -71.44 -27.64 -28.65
C TRP S 342 -71.71 -26.94 -27.32
N SER S 343 -72.77 -27.36 -26.63
CA SER S 343 -73.10 -26.77 -25.34
C SER S 343 -72.08 -27.14 -24.28
N LEU S 344 -71.63 -28.40 -24.26
CA LEU S 344 -70.63 -28.82 -23.29
C LEU S 344 -69.29 -28.10 -23.49
N LEU S 345 -68.85 -27.96 -24.74
CA LEU S 345 -67.46 -27.62 -25.01
C LEU S 345 -67.19 -26.14 -24.75
N GLN S 346 -67.90 -25.27 -25.46
CA GLN S 346 -67.64 -23.84 -25.39
C GLN S 346 -68.32 -23.17 -24.19
N ILE S 347 -68.95 -23.95 -23.32
CA ILE S 347 -69.68 -23.40 -22.17
C ILE S 347 -68.73 -22.84 -21.12
N ILE S 369 -56.18 -14.12 -34.95
CA ILE S 369 -56.65 -13.71 -33.63
C ILE S 369 -57.22 -14.91 -32.88
N ALA S 370 -57.72 -15.88 -33.63
CA ALA S 370 -58.31 -17.08 -33.05
C ALA S 370 -58.39 -18.15 -34.12
N SER S 371 -58.70 -19.40 -33.69
CA SER S 371 -58.71 -20.52 -34.63
C SER S 371 -60.07 -20.62 -35.32
N PRO S 372 -60.11 -20.94 -36.60
CA PRO S 372 -61.37 -21.11 -37.32
C PRO S 372 -61.98 -22.48 -37.08
N ILE S 373 -63.25 -22.62 -37.48
CA ILE S 373 -63.93 -23.91 -37.41
C ILE S 373 -63.98 -24.47 -38.83
N ILE S 374 -63.79 -25.77 -38.96
CA ILE S 374 -63.68 -26.40 -40.25
C ILE S 374 -64.87 -27.33 -40.47
N TRP S 375 -65.30 -27.43 -41.71
CA TRP S 375 -66.37 -28.35 -42.09
C TRP S 375 -65.93 -29.25 -43.24
N ASN S 376 -66.66 -30.36 -43.37
CA ASN S 376 -66.32 -31.45 -44.27
C ASN S 376 -67.61 -32.01 -44.85
N TYR S 377 -67.63 -32.23 -46.16
CA TYR S 377 -68.76 -32.86 -46.81
C TYR S 377 -68.24 -34.07 -47.58
N GLU S 378 -68.64 -35.25 -47.16
CA GLU S 378 -68.11 -36.50 -47.69
C GLU S 378 -69.07 -37.07 -48.72
N ILE S 379 -68.61 -37.15 -49.96
CA ILE S 379 -69.45 -37.58 -51.08
C ILE S 379 -69.17 -39.04 -51.43
N HIS S 380 -69.78 -39.95 -50.69
CA HIS S 380 -69.78 -41.33 -51.12
C HIS S 380 -70.40 -41.42 -52.51
N PRO S 381 -69.76 -42.12 -53.46
CA PRO S 381 -70.20 -42.02 -54.86
C PRO S 381 -71.59 -42.60 -55.09
N GLY S 382 -71.88 -43.77 -54.51
CA GLY S 382 -73.18 -44.38 -54.74
C GLY S 382 -74.33 -43.52 -54.24
N SER S 383 -74.15 -42.87 -53.09
CA SER S 383 -75.26 -42.16 -52.45
C SER S 383 -75.60 -40.87 -53.21
N ARG S 384 -76.72 -40.27 -52.79
CA ARG S 384 -77.23 -39.06 -53.41
C ARG S 384 -77.05 -37.80 -52.58
N PHE S 385 -76.77 -37.93 -51.29
CA PHE S 385 -76.48 -36.76 -50.48
C PHE S 385 -75.06 -36.79 -49.95
N PRO S 386 -74.52 -35.63 -49.58
CA PRO S 386 -73.24 -35.60 -48.84
C PRO S 386 -73.48 -35.85 -47.35
N VAL S 387 -72.43 -36.34 -46.70
CA VAL S 387 -72.41 -36.51 -45.25
C VAL S 387 -71.53 -35.42 -44.65
N PRO S 388 -72.01 -34.66 -43.69
CA PRO S 388 -71.21 -33.59 -43.09
C PRO S 388 -70.28 -34.12 -42.00
N LYS S 389 -69.42 -33.21 -41.53
CA LYS S 389 -68.51 -33.45 -40.43
C LYS S 389 -67.89 -32.12 -40.04
N PHE S 390 -67.88 -31.79 -38.76
CA PHE S 390 -67.26 -30.54 -38.35
C PHE S 390 -66.04 -30.82 -37.47
N TYR S 391 -65.22 -29.79 -37.35
CA TYR S 391 -63.97 -29.85 -36.62
C TYR S 391 -63.97 -28.67 -35.68
N LEU S 392 -63.72 -28.92 -34.41
CA LEU S 392 -64.00 -27.95 -33.39
C LEU S 392 -62.72 -27.53 -32.67
N PRO S 393 -62.45 -26.23 -32.55
CA PRO S 393 -61.22 -25.79 -31.87
C PRO S 393 -61.24 -26.15 -30.39
N VAL S 394 -60.15 -26.76 -29.92
CA VAL S 394 -60.05 -27.12 -28.51
C VAL S 394 -58.80 -26.47 -27.89
N HIS S 395 -57.74 -26.33 -28.70
CA HIS S 395 -56.61 -25.53 -28.29
C HIS S 395 -57.07 -24.12 -27.94
N GLY S 396 -56.79 -23.70 -26.71
CA GLY S 396 -57.37 -22.50 -26.13
C GLY S 396 -58.40 -22.81 -25.07
N GLU S 397 -58.90 -24.03 -25.03
CA GLU S 397 -59.78 -24.50 -23.97
C GLU S 397 -58.98 -25.40 -23.04
N ASN S 398 -59.16 -25.22 -21.72
CA ASN S 398 -58.53 -26.10 -20.76
C ASN S 398 -58.72 -27.55 -21.17
N ASP S 399 -57.62 -28.22 -21.49
CA ASP S 399 -57.72 -29.57 -22.00
C ASP S 399 -58.35 -30.51 -20.99
N LEU S 400 -58.37 -30.13 -19.71
CA LEU S 400 -59.09 -30.93 -18.72
C LEU S 400 -60.59 -30.67 -18.81
N HIS S 401 -60.98 -29.40 -18.80
CA HIS S 401 -62.37 -29.07 -19.09
C HIS S 401 -62.83 -29.80 -20.35
N VAL S 402 -61.99 -29.85 -21.37
CA VAL S 402 -62.36 -30.51 -22.61
C VAL S 402 -62.47 -32.01 -22.39
N ALA S 403 -61.54 -32.59 -21.63
CA ALA S 403 -61.63 -34.01 -21.31
C ALA S 403 -62.88 -34.30 -20.51
N ARG S 404 -63.15 -33.49 -19.49
CA ARG S 404 -64.33 -33.67 -18.67
C ARG S 404 -65.59 -33.62 -19.54
N ALA S 405 -65.81 -32.49 -20.21
CA ALA S 405 -66.97 -32.36 -21.07
C ALA S 405 -67.01 -33.46 -22.12
N LEU S 406 -65.84 -33.82 -22.66
CA LEU S 406 -65.79 -34.84 -23.70
C LEU S 406 -66.27 -36.18 -23.16
N ALA S 407 -65.94 -36.50 -21.90
CA ALA S 407 -66.30 -37.79 -21.34
C ALA S 407 -67.78 -37.84 -20.94
N GLN S 408 -68.30 -36.74 -20.38
CA GLN S 408 -69.72 -36.67 -20.08
C GLN S 408 -70.55 -37.04 -21.31
N PHE S 409 -70.18 -36.49 -22.46
CA PHE S 409 -70.89 -36.75 -23.70
C PHE S 409 -70.88 -38.23 -24.09
N TRP S 410 -69.90 -39.01 -23.62
CA TRP S 410 -69.90 -40.43 -23.98
C TRP S 410 -70.94 -41.23 -23.21
N ASP S 411 -71.13 -40.92 -21.93
CA ASP S 411 -72.21 -41.58 -21.18
C ASP S 411 -73.57 -41.26 -21.82
N SER S 412 -73.81 -39.99 -22.14
CA SER S 412 -75.04 -39.62 -22.84
C SER S 412 -75.28 -40.56 -24.01
N LEU S 413 -74.23 -40.90 -24.75
CA LEU S 413 -74.33 -41.91 -25.78
C LEU S 413 -74.35 -43.32 -25.20
N GLY S 414 -73.82 -43.49 -23.99
CA GLY S 414 -73.79 -44.80 -23.38
C GLY S 414 -72.63 -45.63 -23.85
N TRP S 415 -71.43 -45.03 -23.90
CA TRP S 415 -70.22 -45.79 -24.19
C TRP S 415 -69.55 -46.10 -22.87
N PRO S 416 -69.64 -47.32 -22.37
CA PRO S 416 -69.22 -47.57 -20.99
C PRO S 416 -67.75 -47.30 -20.76
N GLU S 417 -66.88 -47.94 -21.54
CA GLU S 417 -65.45 -47.92 -21.21
C GLU S 417 -64.74 -46.66 -21.72
N HIS S 418 -65.12 -46.15 -22.89
CA HIS S 418 -64.42 -44.99 -23.43
C HIS S 418 -64.57 -43.78 -22.52
N ALA S 419 -65.74 -43.62 -21.91
CA ALA S 419 -65.99 -42.43 -21.11
C ALA S 419 -65.39 -42.51 -19.71
N CYS S 420 -65.33 -43.71 -19.13
CA CYS S 420 -64.81 -43.84 -17.76
C CYS S 420 -63.31 -43.62 -17.71
N ALA S 421 -62.58 -44.20 -18.65
CA ALA S 421 -61.13 -44.20 -18.64
C ALA S 421 -60.52 -43.21 -19.63
N TYR S 422 -61.26 -42.18 -20.03
CA TYR S 422 -60.68 -41.25 -21.00
C TYR S 422 -59.60 -40.38 -20.36
N PRO S 423 -59.95 -39.47 -19.45
CA PRO S 423 -58.95 -38.54 -18.90
C PRO S 423 -57.75 -39.26 -18.27
N ASP S 424 -57.92 -40.48 -17.75
CA ASP S 424 -56.76 -41.26 -17.38
C ASP S 424 -55.94 -41.64 -18.61
N THR S 425 -56.60 -41.86 -19.74
CA THR S 425 -55.87 -42.12 -20.98
C THR S 425 -55.22 -40.86 -21.54
N LEU S 426 -55.71 -39.68 -21.16
CA LEU S 426 -55.13 -38.42 -21.65
C LEU S 426 -53.84 -38.10 -20.93
N GLN S 427 -53.82 -38.22 -19.61
CA GLN S 427 -52.59 -37.96 -18.86
C GLN S 427 -51.52 -38.99 -19.19
N GLN S 428 -51.93 -40.24 -19.43
CA GLN S 428 -50.97 -41.29 -19.74
C GLN S 428 -50.26 -41.05 -21.07
N LEU S 429 -50.82 -40.19 -21.93
CA LEU S 429 -50.16 -39.75 -23.15
C LEU S 429 -49.18 -38.59 -22.93
N TYR S 430 -49.36 -37.80 -21.88
CA TYR S 430 -48.55 -36.59 -21.65
C TYR S 430 -48.09 -36.56 -20.21
N PRO S 431 -47.36 -37.59 -19.77
CA PRO S 431 -46.97 -37.65 -18.34
C PRO S 431 -46.12 -36.49 -17.91
N ASP S 432 -45.35 -35.90 -18.82
CA ASP S 432 -44.57 -34.73 -18.48
C ASP S 432 -45.45 -33.54 -18.13
N GLN S 433 -46.61 -33.41 -18.77
CA GLN S 433 -47.48 -32.26 -18.59
C GLN S 433 -48.52 -32.52 -17.50
N ASP S 434 -49.11 -31.44 -16.99
CA ASP S 434 -50.18 -31.50 -16.02
C ASP S 434 -51.44 -30.90 -16.65
N ILE S 435 -52.41 -31.77 -16.93
CA ILE S 435 -53.60 -31.34 -17.66
C ILE S 435 -54.31 -30.20 -16.94
N SER S 436 -54.17 -30.12 -15.61
CA SER S 436 -54.84 -29.09 -14.84
C SER S 436 -54.59 -27.70 -15.43
N GLN S 437 -53.42 -27.48 -16.01
CA GLN S 437 -53.03 -26.15 -16.48
C GLN S 437 -52.80 -26.09 -17.98
N THR S 438 -52.96 -27.19 -18.70
CA THR S 438 -52.60 -27.27 -20.12
C THR S 438 -53.75 -26.84 -21.03
N THR S 439 -53.38 -26.28 -22.17
CA THR S 439 -54.37 -25.74 -23.12
C THR S 439 -54.22 -26.24 -24.55
N ARG S 440 -52.99 -26.36 -25.05
CA ARG S 440 -52.77 -26.71 -26.44
C ARG S 440 -52.69 -28.21 -26.70
N LEU S 441 -52.69 -29.05 -25.66
CA LEU S 441 -52.45 -30.48 -25.88
C LEU S 441 -53.43 -31.13 -26.85
N GLN S 442 -54.61 -30.54 -27.03
CA GLN S 442 -55.72 -31.06 -27.73
C GLN S 442 -56.43 -29.91 -28.49
N SER S 443 -56.57 -30.10 -29.81
CA SER S 443 -56.73 -28.99 -30.72
C SER S 443 -58.02 -29.05 -31.52
N TRP S 444 -58.43 -30.22 -32.01
CA TRP S 444 -59.63 -30.32 -32.82
C TRP S 444 -60.46 -31.51 -32.38
N ILE S 445 -61.76 -31.41 -32.59
CA ILE S 445 -62.68 -32.52 -32.42
C ILE S 445 -63.55 -32.62 -33.66
N SER S 446 -63.66 -33.82 -34.19
CA SER S 446 -64.42 -34.06 -35.41
C SER S 446 -65.73 -34.73 -35.03
N TYR S 447 -66.79 -34.38 -35.76
CA TYR S 447 -68.12 -34.92 -35.52
C TYR S 447 -68.76 -35.34 -36.84
N SER S 448 -69.16 -36.60 -36.90
CA SER S 448 -69.94 -37.13 -38.00
C SER S 448 -71.05 -38.00 -37.43
N TYR S 449 -72.16 -38.15 -38.17
CA TYR S 449 -73.25 -39.01 -37.69
C TYR S 449 -73.78 -39.90 -38.81
N THR S 450 -74.01 -41.17 -38.46
CA THR S 450 -74.58 -42.14 -39.37
C THR S 450 -75.63 -42.96 -38.63
N ALA S 451 -76.64 -43.40 -39.37
CA ALA S 451 -77.60 -44.38 -38.84
C ALA S 451 -76.90 -45.69 -38.51
N LYS S 452 -76.13 -46.22 -39.47
CA LYS S 452 -75.45 -47.50 -39.26
C LYS S 452 -74.36 -47.39 -38.21
N ARG S 453 -73.34 -46.56 -38.47
CA ARG S 453 -72.19 -46.46 -37.57
C ARG S 453 -72.59 -45.89 -36.21
N GLY S 454 -73.44 -44.86 -36.20
CA GLY S 454 -73.68 -44.13 -34.97
C GLY S 454 -72.97 -42.79 -34.94
N VAL S 455 -72.09 -42.58 -33.96
CA VAL S 455 -71.40 -41.31 -33.78
C VAL S 455 -69.92 -41.50 -34.10
N TYR S 456 -69.48 -41.04 -35.27
CA TYR S 456 -68.07 -40.81 -35.52
C TYR S 456 -67.55 -39.64 -34.68
N MET S 457 -66.34 -39.78 -34.18
CA MET S 457 -65.74 -38.67 -33.46
C MET S 457 -64.25 -38.90 -33.20
N SER S 458 -63.40 -37.93 -33.54
CA SER S 458 -61.97 -38.10 -33.47
C SER S 458 -61.36 -36.86 -32.82
N VAL S 459 -60.22 -37.08 -32.16
CA VAL S 459 -59.52 -36.03 -31.42
C VAL S 459 -58.12 -35.86 -31.98
N TYR S 460 -57.73 -34.59 -32.13
CA TYR S 460 -56.46 -34.22 -32.75
C TYR S 460 -55.57 -33.54 -31.71
N TYR S 461 -54.35 -34.04 -31.57
CA TYR S 461 -53.53 -33.72 -30.41
C TYR S 461 -52.27 -32.94 -30.80
N HIS S 462 -51.65 -32.31 -29.80
CA HIS S 462 -50.29 -31.78 -29.93
C HIS S 462 -49.34 -32.95 -30.14
N SER S 463 -48.73 -33.03 -31.32
CA SER S 463 -48.11 -34.27 -31.79
C SER S 463 -46.59 -34.25 -31.72
N GLN S 464 -46.01 -33.41 -30.86
CA GLN S 464 -44.59 -33.45 -30.53
C GLN S 464 -44.44 -33.45 -29.01
N SER S 465 -43.22 -33.67 -28.54
CA SER S 465 -42.98 -33.86 -27.11
C SER S 465 -42.42 -32.63 -26.44
N THR S 466 -42.37 -31.49 -27.13
CA THR S 466 -41.91 -30.25 -26.52
C THR S 466 -43.03 -29.21 -26.64
N TYR S 467 -43.47 -28.70 -25.50
CA TYR S 467 -44.65 -27.87 -25.40
C TYR S 467 -44.27 -26.52 -24.82
N LEU S 468 -44.73 -25.44 -25.45
CA LEU S 468 -44.27 -24.11 -25.11
C LEU S 468 -45.20 -23.46 -24.09
N PRO T 52 -49.01 -70.28 -37.88
CA PRO T 52 -47.70 -69.93 -38.44
C PRO T 52 -46.76 -69.34 -37.41
N SER T 53 -45.47 -69.25 -37.76
CA SER T 53 -44.51 -68.65 -36.86
C SER T 53 -44.62 -67.12 -36.93
N PRO T 54 -44.36 -66.44 -35.80
CA PRO T 54 -44.86 -65.07 -35.64
C PRO T 54 -43.94 -63.94 -36.13
N ALA T 55 -42.65 -63.98 -35.78
CA ALA T 55 -41.79 -62.80 -35.83
C ALA T 55 -41.62 -62.21 -37.23
N GLN T 56 -41.81 -62.98 -38.28
CA GLN T 56 -41.63 -62.49 -39.64
C GLN T 56 -42.80 -61.60 -40.10
N ALA T 57 -43.64 -61.15 -39.17
CA ALA T 57 -44.68 -60.17 -39.46
C ALA T 57 -44.10 -58.81 -39.79
N LEU T 58 -42.88 -58.51 -39.34
CA LEU T 58 -42.23 -57.23 -39.62
C LEU T 58 -42.05 -57.01 -41.12
N ALA T 59 -41.70 -58.06 -41.87
CA ALA T 59 -41.43 -57.90 -43.28
C ALA T 59 -42.61 -57.34 -44.06
N SER T 60 -43.83 -57.48 -43.54
CA SER T 60 -45.02 -57.09 -44.28
C SER T 60 -44.93 -55.65 -44.77
N TYR T 61 -44.55 -54.73 -43.89
CA TYR T 61 -44.48 -53.32 -44.23
C TYR T 61 -43.03 -52.85 -44.36
N HIS T 62 -42.19 -53.71 -44.94
CA HIS T 62 -40.82 -53.39 -45.29
C HIS T 62 -40.52 -53.83 -46.72
N HIS T 63 -39.73 -53.02 -47.42
CA HIS T 63 -39.29 -53.31 -48.78
C HIS T 63 -37.77 -53.47 -48.80
N PHE T 64 -37.32 -54.67 -49.20
CA PHE T 64 -35.89 -54.90 -49.26
C PHE T 64 -35.32 -54.22 -50.50
N PRO T 65 -34.30 -53.36 -50.34
CA PRO T 65 -33.88 -52.51 -51.47
C PRO T 65 -33.43 -53.28 -52.69
N THR T 66 -32.57 -54.27 -52.53
CA THR T 66 -32.01 -54.97 -53.69
C THR T 66 -32.69 -56.33 -53.84
N ASN T 67 -32.63 -56.85 -55.07
CA ASN T 67 -33.10 -58.21 -55.28
C ASN T 67 -32.26 -59.21 -54.49
N ASP T 68 -30.96 -58.96 -54.35
CA ASP T 68 -30.14 -59.86 -53.53
C ASP T 68 -30.75 -60.04 -52.15
N GLN T 69 -31.06 -58.93 -51.46
CA GLN T 69 -31.61 -59.04 -50.11
C GLN T 69 -32.96 -59.75 -50.11
N GLU T 70 -33.84 -59.39 -51.04
CA GLU T 70 -35.12 -60.06 -51.10
C GLU T 70 -34.95 -61.58 -51.13
N ARG T 71 -34.00 -62.07 -51.94
CA ARG T 71 -33.82 -63.51 -52.06
C ARG T 71 -33.28 -64.15 -50.78
N TRP T 72 -32.34 -63.47 -50.08
CA TRP T 72 -31.87 -64.00 -48.80
C TRP T 72 -33.00 -64.07 -47.77
N TRP T 73 -33.81 -63.02 -47.68
CA TRP T 73 -34.96 -63.09 -46.79
C TRP T 73 -35.81 -64.32 -47.07
N GLU T 74 -36.11 -64.57 -48.33
CA GLU T 74 -36.98 -65.69 -48.69
C GLU T 74 -36.31 -67.02 -48.32
N GLU T 75 -34.98 -67.06 -48.33
CA GLU T 75 -34.27 -68.30 -48.08
C GLU T 75 -34.11 -68.58 -46.58
N THR T 76 -33.91 -67.53 -45.78
CA THR T 76 -33.63 -67.67 -44.35
C THR T 76 -34.60 -66.94 -43.43
N GLY T 77 -35.54 -66.15 -43.94
CA GLY T 77 -36.39 -65.35 -43.09
C GLY T 77 -37.23 -66.17 -42.13
N SER T 78 -38.03 -67.08 -42.69
CA SER T 78 -38.88 -67.94 -41.87
C SER T 78 -38.05 -68.76 -40.90
N LEU T 79 -36.94 -69.34 -41.38
CA LEU T 79 -36.12 -70.22 -40.55
C LEU T 79 -35.59 -69.49 -39.32
N PHE T 80 -35.10 -68.27 -39.48
CA PHE T 80 -34.63 -67.51 -38.31
C PHE T 80 -35.79 -67.21 -37.37
N SER T 81 -36.95 -66.89 -37.93
CA SER T 81 -38.14 -66.66 -37.10
C SER T 81 -38.47 -67.90 -36.27
N ARG T 82 -38.28 -69.08 -36.86
CA ARG T 82 -38.56 -70.31 -36.12
C ARG T 82 -37.55 -70.54 -35.00
N PHE T 83 -36.27 -70.25 -35.25
CA PHE T 83 -35.30 -70.44 -34.18
C PHE T 83 -35.54 -69.48 -33.03
N LEU T 84 -35.97 -68.24 -33.32
CA LEU T 84 -36.39 -67.33 -32.27
C LEU T 84 -37.52 -67.95 -31.44
N GLU T 85 -38.51 -68.55 -32.11
CA GLU T 85 -39.58 -69.25 -31.41
C GLU T 85 -39.02 -70.43 -30.63
N ALA T 86 -38.20 -71.25 -31.29
CA ALA T 86 -37.58 -72.40 -30.63
C ALA T 86 -36.66 -71.99 -29.49
N GLY T 87 -36.25 -70.73 -29.42
CA GLY T 87 -35.42 -70.26 -28.34
C GLY T 87 -36.19 -69.81 -27.14
N GLN T 88 -37.53 -69.82 -27.19
CA GLN T 88 -38.38 -69.42 -26.06
C GLN T 88 -38.08 -67.98 -25.65
N TYR T 89 -37.87 -67.11 -26.63
CA TYR T 89 -37.61 -65.72 -26.35
C TYR T 89 -38.90 -64.95 -26.15
N GLY T 90 -38.85 -63.96 -25.28
CA GLY T 90 -40.01 -63.10 -25.09
C GLY T 90 -40.43 -62.47 -26.40
N LEU T 91 -41.74 -62.41 -26.61
CA LEU T 91 -42.25 -61.90 -27.89
C LEU T 91 -41.67 -60.54 -28.25
N PRO T 92 -41.56 -59.57 -27.33
CA PRO T 92 -40.85 -58.33 -27.68
C PRO T 92 -39.43 -58.58 -28.13
N GLN T 93 -38.72 -59.50 -27.48
CA GLN T 93 -37.33 -59.77 -27.86
C GLN T 93 -37.25 -60.39 -29.24
N GLN T 94 -38.19 -61.26 -29.61
CA GLN T 94 -38.14 -61.85 -30.95
C GLN T 94 -38.11 -60.77 -32.03
N TYR T 95 -39.09 -59.87 -32.01
CA TYR T 95 -39.14 -58.79 -33.00
C TYR T 95 -37.92 -57.89 -32.88
N GLN T 96 -37.45 -57.69 -31.66
CA GLN T 96 -36.30 -56.82 -31.42
C GLN T 96 -35.05 -57.40 -32.07
N PHE T 97 -34.85 -58.71 -31.96
CA PHE T 97 -33.77 -59.37 -32.69
C PHE T 97 -34.13 -59.55 -34.16
N MET T 98 -35.40 -59.84 -34.45
CA MET T 98 -35.81 -59.89 -35.84
C MET T 98 -35.46 -58.60 -36.55
N PHE T 99 -35.73 -57.46 -35.90
CA PHE T 99 -35.34 -56.18 -36.45
C PHE T 99 -33.85 -56.15 -36.79
N PHE T 100 -33.00 -56.54 -35.84
CA PHE T 100 -31.56 -56.57 -36.09
C PHE T 100 -31.21 -57.44 -37.28
N PHE T 101 -31.81 -58.62 -37.35
CA PHE T 101 -31.47 -59.55 -38.42
C PHE T 101 -31.71 -58.93 -39.79
N MET T 102 -32.85 -58.24 -39.96
CA MET T 102 -33.20 -57.68 -41.27
C MET T 102 -32.22 -56.58 -41.66
N HIS T 103 -31.91 -55.70 -40.73
CA HIS T 103 -31.17 -54.49 -41.06
C HIS T 103 -29.69 -54.74 -41.23
N HIS T 104 -29.08 -55.61 -40.41
CA HIS T 104 -27.62 -55.71 -40.38
C HIS T 104 -27.07 -57.03 -40.92
N LEU T 105 -27.85 -58.09 -40.94
CA LEU T 105 -27.33 -59.35 -41.43
C LEU T 105 -27.78 -59.66 -42.84
N ILE T 106 -29.02 -59.30 -43.19
CA ILE T 106 -29.50 -59.53 -44.56
C ILE T 106 -28.71 -58.72 -45.56
N PRO T 107 -28.48 -57.42 -45.39
CA PRO T 107 -27.60 -56.70 -46.30
C PRO T 107 -26.22 -57.33 -46.43
N ALA T 108 -25.67 -57.86 -45.34
CA ALA T 108 -24.31 -58.35 -45.35
C ALA T 108 -24.14 -59.69 -46.05
N LEU T 109 -25.24 -60.37 -46.42
CA LEU T 109 -25.11 -61.68 -47.05
C LEU T 109 -24.66 -61.61 -48.51
N GLY T 110 -24.90 -60.49 -49.18
CA GLY T 110 -24.39 -60.32 -50.53
C GLY T 110 -25.27 -60.91 -51.62
N PRO T 111 -24.66 -61.21 -52.77
CA PRO T 111 -25.42 -61.76 -53.90
C PRO T 111 -26.12 -63.05 -53.51
N TYR T 112 -27.41 -63.15 -53.88
CA TYR T 112 -28.16 -64.35 -53.50
C TYR T 112 -27.58 -65.63 -54.09
N PRO T 113 -27.50 -65.79 -55.40
CA PRO T 113 -26.73 -66.92 -55.92
C PRO T 113 -25.29 -66.75 -55.49
N GLN T 114 -24.94 -67.31 -54.34
CA GLN T 114 -23.70 -66.92 -53.71
C GLN T 114 -22.52 -67.46 -54.53
N LYS T 115 -21.56 -66.54 -54.82
CA LYS T 115 -20.34 -66.98 -55.52
C LYS T 115 -19.19 -67.25 -54.56
N TRP T 116 -19.34 -66.96 -53.28
CA TRP T 116 -18.29 -67.07 -52.29
C TRP T 116 -18.63 -68.20 -51.32
N ARG T 117 -17.66 -69.08 -51.08
CA ARG T 117 -17.77 -70.06 -50.02
C ARG T 117 -17.16 -69.48 -48.76
N SER T 118 -17.92 -69.52 -47.67
CA SER T 118 -17.41 -69.06 -46.39
C SER T 118 -16.76 -70.24 -45.68
N THR T 119 -15.65 -69.96 -45.00
CA THR T 119 -14.93 -71.00 -44.28
C THR T 119 -15.79 -71.59 -43.17
N ILE T 120 -16.73 -70.81 -42.64
CA ILE T 120 -17.41 -71.16 -41.41
C ILE T 120 -18.40 -72.32 -41.59
N SER T 121 -18.98 -72.47 -42.75
CA SER T 121 -20.01 -73.49 -42.90
C SER T 121 -19.46 -74.71 -43.65
N ARG T 122 -20.00 -75.89 -43.32
CA ARG T 122 -19.66 -77.08 -44.07
C ARG T 122 -20.00 -76.89 -45.55
N SER T 123 -21.22 -76.41 -45.83
CA SER T 123 -21.66 -76.15 -47.19
C SER T 123 -20.98 -74.92 -47.78
N GLY T 124 -20.56 -73.99 -46.92
CA GLY T 124 -19.89 -72.78 -47.35
C GLY T 124 -20.71 -71.50 -47.28
N LEU T 125 -21.98 -71.57 -46.88
CA LEU T 125 -22.74 -70.32 -46.90
C LEU T 125 -22.47 -69.49 -45.64
N PRO T 126 -22.54 -68.16 -45.76
CA PRO T 126 -22.00 -67.27 -44.72
C PRO T 126 -22.73 -67.24 -43.38
N ILE T 127 -23.68 -68.13 -43.15
CA ILE T 127 -24.47 -68.06 -41.91
C ILE T 127 -24.79 -69.46 -41.41
N GLU T 128 -24.82 -69.61 -40.08
CA GLU T 128 -25.40 -70.81 -39.49
C GLU T 128 -25.92 -70.47 -38.09
N PHE T 129 -26.99 -71.17 -37.71
CA PHE T 129 -27.70 -70.92 -36.46
C PHE T 129 -27.36 -72.00 -35.43
N SER T 130 -27.28 -71.59 -34.16
CA SER T 130 -26.87 -72.47 -33.07
C SER T 130 -27.91 -72.40 -31.96
N LEU T 131 -28.11 -73.52 -31.29
CA LEU T 131 -28.89 -73.58 -30.06
C LEU T 131 -28.03 -74.12 -28.93
N ASN T 132 -27.88 -73.35 -27.86
CA ASN T 132 -27.11 -73.77 -26.71
C ASN T 132 -28.05 -74.16 -25.59
N PHE T 133 -27.99 -75.41 -25.17
CA PHE T 133 -28.87 -75.95 -24.15
C PHE T 133 -28.17 -75.97 -22.81
N GLN T 134 -28.88 -75.56 -21.77
CA GLN T 134 -28.35 -75.43 -20.42
C GLN T 134 -29.16 -76.30 -19.46
N LYS T 135 -28.73 -76.30 -18.20
CA LYS T 135 -29.37 -77.11 -17.16
C LYS T 135 -30.69 -76.46 -16.76
N GLY T 136 -31.74 -76.83 -17.47
CA GLY T 136 -33.10 -76.45 -17.11
C GLY T 136 -33.46 -74.99 -17.26
N SER T 137 -32.46 -74.10 -17.29
CA SER T 137 -32.75 -72.68 -17.46
C SER T 137 -33.55 -72.43 -18.74
N HIS T 138 -33.06 -72.94 -19.86
CA HIS T 138 -33.65 -72.77 -21.18
C HIS T 138 -32.58 -72.95 -22.25
N ARG T 139 -32.83 -72.41 -23.43
CA ARG T 139 -31.91 -72.50 -24.55
C ARG T 139 -31.66 -71.11 -25.11
N LEU T 140 -30.51 -70.94 -25.77
CA LEU T 140 -30.12 -69.67 -26.35
C LEU T 140 -29.84 -69.86 -27.84
N LEU T 141 -29.99 -68.77 -28.59
CA LEU T 141 -29.77 -68.77 -30.03
C LEU T 141 -28.45 -68.07 -30.37
N ARG T 142 -27.73 -68.66 -31.31
CA ARG T 142 -26.40 -68.22 -31.73
C ARG T 142 -26.38 -68.11 -33.24
N ILE T 143 -25.68 -67.09 -33.77
CA ILE T 143 -25.52 -66.92 -35.21
C ILE T 143 -24.04 -66.78 -35.53
N GLY T 144 -23.57 -67.59 -36.48
CA GLY T 144 -22.23 -67.42 -37.03
C GLY T 144 -22.31 -66.72 -38.37
N PHE T 145 -21.50 -65.67 -38.53
CA PHE T 145 -21.65 -64.78 -39.68
C PHE T 145 -20.30 -64.55 -40.36
N GLU T 146 -20.30 -64.48 -41.68
CA GLU T 146 -19.20 -63.88 -42.43
C GLU T 146 -19.78 -62.89 -43.43
N PRO T 147 -19.62 -61.59 -43.24
CA PRO T 147 -20.16 -60.62 -44.21
C PRO T 147 -19.59 -60.85 -45.61
N VAL T 148 -20.43 -60.60 -46.61
CA VAL T 148 -20.06 -60.80 -48.00
C VAL T 148 -20.64 -59.68 -48.86
N SER T 149 -19.96 -59.39 -49.98
CA SER T 149 -20.47 -58.50 -51.01
C SER T 149 -20.11 -59.05 -52.38
N PHE T 150 -20.60 -58.39 -53.43
CA PHE T 150 -20.24 -58.80 -54.78
C PHE T 150 -18.76 -58.67 -55.04
N LEU T 151 -18.07 -57.81 -54.29
CA LEU T 151 -16.63 -57.68 -54.46
C LEU T 151 -15.90 -58.89 -53.92
N SER T 152 -16.54 -59.63 -53.02
CA SER T 152 -15.87 -60.75 -52.37
C SER T 152 -15.38 -61.76 -53.39
N GLY T 153 -14.09 -62.11 -53.29
CA GLY T 153 -13.46 -63.07 -54.18
C GLY T 153 -12.95 -62.49 -55.48
N SER T 154 -13.04 -61.18 -55.68
CA SER T 154 -12.66 -60.54 -56.93
C SER T 154 -11.25 -59.96 -56.85
N SER T 155 -10.85 -59.28 -57.92
CA SER T 155 -9.57 -58.60 -57.93
C SER T 155 -9.52 -57.54 -56.84
N GLN T 156 -10.64 -56.85 -56.60
CA GLN T 156 -10.60 -55.72 -55.67
C GLN T 156 -10.50 -56.18 -54.22
N ASP T 157 -11.04 -57.36 -53.90
CA ASP T 157 -10.91 -57.93 -52.56
C ASP T 157 -11.02 -59.45 -52.64
N PRO T 158 -9.91 -60.14 -52.97
CA PRO T 158 -9.98 -61.58 -53.20
C PRO T 158 -10.15 -62.41 -51.93
N PHE T 159 -9.83 -61.86 -50.76
CA PHE T 159 -9.95 -62.62 -49.51
C PHE T 159 -10.87 -61.94 -48.52
N ASN T 160 -11.77 -61.09 -49.01
CA ASN T 160 -12.95 -60.69 -48.26
C ASN T 160 -12.58 -59.98 -46.95
N ARG T 161 -11.71 -58.99 -47.06
CA ARG T 161 -11.46 -58.16 -45.89
C ARG T 161 -12.44 -57.00 -45.76
N ILE T 162 -12.98 -56.50 -46.88
CA ILE T 162 -13.72 -55.24 -46.86
C ILE T 162 -15.01 -55.41 -46.06
N PRO T 163 -15.83 -56.42 -46.37
CA PRO T 163 -17.08 -56.59 -45.62
C PRO T 163 -16.87 -56.70 -44.13
N ILE T 164 -15.74 -57.27 -43.70
CA ILE T 164 -15.45 -57.41 -42.28
C ILE T 164 -15.45 -56.03 -41.62
N THR T 165 -14.72 -55.07 -42.21
CA THR T 165 -14.61 -53.75 -41.61
C THR T 165 -15.88 -52.92 -41.78
N ASP T 166 -16.61 -53.11 -42.89
CA ASP T 166 -17.88 -52.38 -43.04
C ASP T 166 -18.85 -52.76 -41.92
N LEU T 167 -19.14 -54.06 -41.79
CA LEU T 167 -20.04 -54.49 -40.74
C LEU T 167 -19.54 -54.06 -39.37
N LEU T 168 -18.23 -54.09 -39.15
CA LEU T 168 -17.72 -53.73 -37.84
C LEU T 168 -18.01 -52.27 -37.50
N ASN T 169 -18.23 -51.41 -38.52
CA ASN T 169 -18.59 -50.04 -38.22
C ASN T 169 -20.07 -49.91 -37.97
N ARG T 170 -20.89 -50.64 -38.71
CA ARG T 170 -22.30 -50.66 -38.39
C ARG T 170 -22.50 -50.95 -36.91
N LEU T 171 -21.80 -51.96 -36.42
CA LEU T 171 -22.04 -52.41 -35.05
C LEU T 171 -21.64 -51.32 -34.06
N SER T 172 -20.49 -50.69 -34.29
CA SER T 172 -20.07 -49.63 -33.39
C SER T 172 -21.02 -48.45 -33.44
N LYS T 173 -21.67 -48.24 -34.58
CA LYS T 173 -22.67 -47.19 -34.65
C LYS T 173 -23.87 -47.55 -33.79
N LEU T 174 -24.24 -48.83 -33.76
CA LEU T 174 -25.32 -49.28 -32.90
C LEU T 174 -24.94 -49.06 -31.44
N GLN T 175 -25.88 -48.56 -30.66
CA GLN T 175 -25.64 -48.36 -29.24
C GLN T 175 -25.81 -49.71 -28.56
N LEU T 176 -24.67 -50.41 -28.42
CA LEU T 176 -24.60 -51.75 -27.84
C LEU T 176 -23.86 -51.70 -26.52
N SER T 177 -24.39 -52.45 -25.54
CA SER T 177 -23.80 -52.45 -24.22
C SER T 177 -22.46 -53.19 -24.24
N ASN T 178 -21.44 -52.57 -23.64
CA ASN T 178 -20.15 -53.20 -23.39
C ASN T 178 -19.50 -53.65 -24.69
N PHE T 179 -19.35 -52.74 -25.64
CA PHE T 179 -18.85 -53.11 -26.96
C PHE T 179 -17.58 -52.32 -27.24
N ASP T 180 -16.44 -53.01 -27.13
CA ASP T 180 -15.14 -52.47 -27.49
C ASP T 180 -14.49 -53.35 -28.56
N THR T 181 -13.74 -52.71 -29.46
CA THR T 181 -13.10 -53.40 -30.57
C THR T 181 -11.59 -53.53 -30.41
N PRO T 182 -10.93 -52.87 -29.44
CA PRO T 182 -9.46 -52.85 -29.48
C PRO T 182 -8.85 -54.24 -29.58
N PHE T 183 -9.34 -55.18 -28.80
CA PHE T 183 -8.74 -56.51 -28.80
C PHE T 183 -8.85 -57.17 -30.18
N PHE T 184 -10.04 -57.12 -30.79
CA PHE T 184 -10.23 -57.73 -32.09
C PHE T 184 -9.45 -56.99 -33.16
N GLN T 185 -9.48 -55.65 -33.12
CA GLN T 185 -8.63 -54.90 -34.04
C GLN T 185 -7.18 -55.35 -33.96
N HIS T 186 -6.68 -55.63 -32.74
CA HIS T 186 -5.31 -56.11 -32.56
C HIS T 186 -5.06 -57.37 -33.37
N LEU T 187 -6.00 -58.33 -33.34
CA LEU T 187 -5.84 -59.56 -34.11
C LEU T 187 -5.92 -59.30 -35.61
N LEU T 188 -6.84 -58.46 -36.08
CA LEU T 188 -6.87 -58.11 -37.50
C LEU T 188 -5.54 -57.53 -37.95
N SER T 189 -5.04 -56.50 -37.24
CA SER T 189 -3.79 -55.87 -37.64
C SER T 189 -2.68 -56.91 -37.79
N LYS T 190 -2.58 -57.84 -36.83
CA LYS T 190 -1.55 -58.88 -36.84
C LYS T 190 -1.68 -59.84 -38.01
N PHE T 191 -2.78 -59.79 -38.75
CA PHE T 191 -3.01 -60.75 -39.81
C PHE T 191 -3.45 -60.10 -41.11
N GLN T 192 -3.03 -58.85 -41.35
CA GLN T 192 -3.34 -58.23 -42.64
C GLN T 192 -2.30 -58.69 -43.65
N LEU T 193 -2.42 -58.23 -44.89
CA LEU T 193 -1.69 -58.90 -45.96
C LEU T 193 -0.91 -57.95 -46.88
N SER T 194 -1.62 -57.11 -47.63
CA SER T 194 -0.97 -56.13 -48.49
C SER T 194 -0.30 -56.73 -49.71
N LEU T 195 1.03 -56.61 -49.81
CA LEU T 195 1.77 -57.23 -50.92
C LEU T 195 1.65 -58.74 -50.88
N SER T 196 1.35 -59.31 -49.71
CA SER T 196 1.15 -60.75 -49.58
C SER T 196 -0.01 -61.23 -50.44
N GLU T 197 -1.07 -60.42 -50.57
CA GLU T 197 -2.16 -60.74 -51.48
C GLU T 197 -1.63 -61.17 -52.85
N VAL T 198 -0.67 -60.41 -53.39
CA VAL T 198 -0.17 -60.69 -54.73
C VAL T 198 0.49 -62.06 -54.78
N ARG T 199 1.35 -62.35 -53.80
CA ARG T 199 1.93 -63.68 -53.68
C ARG T 199 0.82 -64.76 -53.66
N GLN T 200 -0.18 -64.51 -52.85
CA GLN T 200 -1.22 -65.40 -52.42
C GLN T 200 -2.10 -65.78 -53.62
N LEU T 201 -2.47 -64.76 -54.36
CA LEU T 201 -3.23 -64.92 -55.61
C LEU T 201 -2.61 -66.01 -56.51
N GLN T 202 -1.29 -66.05 -56.60
CA GLN T 202 -0.63 -67.14 -57.27
C GLN T 202 -0.70 -68.41 -56.44
N PRO T 212 -8.85 -73.80 -51.96
CA PRO T 212 -8.95 -74.04 -50.52
C PRO T 212 -9.94 -73.11 -49.79
N LEU T 213 -9.55 -72.62 -48.61
CA LEU T 213 -10.40 -71.78 -47.77
C LEU T 213 -9.80 -70.39 -47.70
N LYS T 214 -10.61 -69.37 -48.00
CA LYS T 214 -10.07 -68.05 -48.27
C LYS T 214 -10.36 -66.98 -47.22
N SER T 215 -11.35 -67.18 -46.35
CA SER T 215 -11.79 -66.10 -45.47
C SER T 215 -10.75 -65.80 -44.40
N GLN T 216 -10.71 -64.53 -43.98
CA GLN T 216 -9.77 -64.11 -42.95
C GLN T 216 -10.42 -63.77 -41.63
N ALA T 217 -11.74 -63.61 -41.60
CA ALA T 217 -12.40 -63.26 -40.35
C ALA T 217 -13.85 -63.68 -40.46
N ALA T 218 -14.53 -63.67 -39.32
CA ALA T 218 -15.95 -63.98 -39.27
C ALA T 218 -16.52 -63.40 -37.99
N PHE T 219 -17.84 -63.47 -37.87
CA PHE T 219 -18.54 -62.89 -36.73
C PHE T 219 -19.42 -63.94 -36.06
N GLY T 220 -19.72 -63.66 -34.81
CA GLY T 220 -20.66 -64.49 -34.07
C GLY T 220 -21.60 -63.63 -33.24
N PHE T 221 -22.85 -64.04 -33.09
CA PHE T 221 -23.85 -63.27 -32.37
C PHE T 221 -24.54 -64.17 -31.38
N ASP T 222 -24.47 -63.81 -30.10
CA ASP T 222 -25.20 -64.48 -29.04
C ASP T 222 -26.35 -63.58 -28.59
N PHE T 223 -27.58 -64.09 -28.70
CA PHE T 223 -28.79 -63.35 -28.28
C PHE T 223 -29.20 -63.89 -26.92
N ASN T 224 -28.89 -63.19 -25.84
CA ASN T 224 -29.22 -63.73 -24.53
C ASN T 224 -30.69 -63.44 -24.24
N PRO T 225 -31.26 -64.08 -23.21
CA PRO T 225 -32.70 -63.92 -22.96
C PRO T 225 -33.09 -62.47 -22.74
N ASP T 226 -32.25 -61.69 -22.07
CA ASP T 226 -32.44 -60.26 -22.05
C ASP T 226 -32.32 -59.72 -23.47
N GLY T 227 -32.97 -58.59 -23.73
CA GLY T 227 -32.88 -58.02 -25.06
C GLY T 227 -31.52 -57.45 -25.41
N ALA T 228 -30.47 -58.27 -25.33
CA ALA T 228 -29.10 -57.83 -25.58
C ALA T 228 -28.38 -58.82 -26.46
N ILE T 229 -27.62 -58.30 -27.44
CA ILE T 229 -26.77 -59.12 -28.31
C ILE T 229 -25.34 -58.97 -27.82
N LEU T 230 -24.59 -60.07 -27.85
CA LEU T 230 -23.16 -60.06 -27.57
C LEU T 230 -22.42 -60.56 -28.80
N VAL T 231 -21.35 -59.86 -29.17
CA VAL T 231 -20.69 -60.07 -30.45
C VAL T 231 -19.40 -60.85 -30.23
N LYS T 232 -19.23 -61.91 -31.00
CA LYS T 232 -18.05 -62.77 -30.97
C LYS T 232 -17.35 -62.69 -32.31
N GLY T 233 -16.01 -62.56 -32.28
CA GLY T 233 -15.22 -62.38 -33.49
C GLY T 233 -14.18 -63.48 -33.69
N TYR T 234 -13.96 -63.84 -34.96
CA TYR T 234 -13.04 -64.89 -35.33
C TYR T 234 -11.97 -64.34 -36.27
N VAL T 235 -10.85 -65.04 -36.33
CA VAL T 235 -9.73 -64.69 -37.18
C VAL T 235 -9.11 -65.99 -37.67
N PHE T 236 -8.78 -66.04 -38.96
CA PHE T 236 -8.26 -67.25 -39.58
C PHE T 236 -6.83 -67.01 -40.04
N PRO T 237 -5.83 -67.36 -39.24
CA PRO T 237 -4.46 -66.95 -39.53
C PRO T 237 -3.79 -67.80 -40.61
N TYR T 238 -4.50 -68.77 -41.19
CA TYR T 238 -3.86 -69.63 -42.17
C TYR T 238 -3.30 -68.82 -43.34
N LEU T 239 -4.03 -67.81 -43.77
CA LEU T 239 -3.58 -67.00 -44.90
C LEU T 239 -2.28 -66.28 -44.56
N LYS T 240 -2.28 -65.51 -43.46
CA LYS T 240 -1.10 -64.78 -43.04
C LYS T 240 0.07 -65.72 -42.85
N ALA T 241 -0.18 -66.90 -42.29
CA ALA T 241 0.90 -67.86 -42.06
C ALA T 241 1.43 -68.42 -43.38
N LYS T 242 0.54 -68.70 -44.32
CA LYS T 242 0.95 -69.30 -45.60
C LYS T 242 1.80 -68.33 -46.42
N ALA T 243 1.45 -67.05 -46.44
CA ALA T 243 2.19 -66.09 -47.24
C ALA T 243 3.60 -65.89 -46.71
N ALA T 244 3.77 -65.80 -45.40
CA ALA T 244 5.10 -65.61 -44.82
C ALA T 244 5.89 -66.92 -44.69
N ASP T 245 5.29 -68.03 -45.11
CA ASP T 245 5.89 -69.36 -44.95
C ASP T 245 6.38 -69.57 -43.52
N VAL T 246 5.54 -69.22 -42.56
CA VAL T 246 5.86 -69.36 -41.16
C VAL T 246 4.78 -70.25 -40.56
N PRO T 247 5.12 -71.22 -39.72
CA PRO T 247 4.09 -72.09 -39.14
C PRO T 247 3.07 -71.28 -38.36
N VAL T 248 1.82 -71.72 -38.44
CA VAL T 248 0.73 -70.92 -37.92
C VAL T 248 0.97 -70.59 -36.45
N GLY T 249 1.33 -71.61 -35.66
CA GLY T 249 1.52 -71.39 -34.24
C GLY T 249 2.59 -70.37 -33.93
N THR T 250 3.66 -70.36 -34.71
CA THR T 250 4.76 -69.42 -34.44
C THR T 250 4.26 -67.98 -34.42
N LEU T 251 3.40 -67.62 -35.38
CA LEU T 251 2.84 -66.28 -35.37
C LEU T 251 1.65 -66.18 -34.43
N ILE T 252 0.91 -67.27 -34.24
CA ILE T 252 -0.15 -67.25 -33.23
C ILE T 252 0.44 -66.97 -31.86
N ALA T 253 1.48 -67.72 -31.47
CA ALA T 253 2.12 -67.48 -30.19
C ALA T 253 2.64 -66.04 -30.11
N GLU T 254 3.35 -65.59 -31.15
CA GLU T 254 3.89 -64.23 -31.12
C GLU T 254 2.75 -63.23 -31.10
N ALA T 255 1.63 -63.58 -31.75
CA ALA T 255 0.44 -62.74 -31.69
C ALA T 255 -0.11 -62.68 -30.26
N VAL T 256 -0.21 -63.84 -29.61
CA VAL T 256 -0.61 -63.85 -28.21
C VAL T 256 0.42 -63.10 -27.38
N ARG T 257 1.70 -63.29 -27.70
CA ARG T 257 2.76 -62.61 -26.96
C ARG T 257 2.68 -61.10 -27.13
N THR T 258 2.36 -60.63 -28.35
CA THR T 258 2.27 -59.19 -28.59
C THR T 258 1.22 -58.54 -27.70
N ILE T 259 0.18 -59.28 -27.32
CA ILE T 259 -0.79 -58.78 -26.35
C ILE T 259 -0.35 -59.04 -24.92
N ASP T 260 0.77 -59.74 -24.70
CA ASP T 260 1.20 -60.07 -23.35
C ASP T 260 1.81 -58.88 -22.63
N VAL T 261 2.73 -58.15 -23.27
CA VAL T 261 3.12 -56.86 -22.72
C VAL T 261 1.91 -55.95 -22.69
N GLU T 262 0.94 -56.17 -23.59
CA GLU T 262 -0.32 -55.42 -23.55
C GLU T 262 -1.15 -55.83 -22.34
N ARG T 263 -1.20 -57.13 -22.02
CA ARG T 263 -1.45 -57.66 -20.67
C ARG T 263 -1.16 -59.15 -20.60
N ASN T 264 -0.22 -59.51 -19.73
CA ASN T 264 0.32 -60.87 -19.66
C ASN T 264 -0.54 -61.80 -18.81
N GLN T 265 -1.83 -61.89 -19.12
CA GLN T 265 -2.73 -62.78 -18.40
C GLN T 265 -2.99 -64.06 -19.17
N PHE T 266 -2.62 -64.12 -20.44
CA PHE T 266 -2.83 -65.27 -21.28
C PHE T 266 -1.59 -66.14 -21.43
N THR T 267 -0.45 -65.68 -20.93
CA THR T 267 0.81 -66.41 -21.09
C THR T 267 0.70 -67.82 -20.55
N HIS T 268 0.37 -67.96 -19.27
CA HIS T 268 0.40 -69.27 -18.62
C HIS T 268 -0.49 -70.27 -19.35
N ALA T 269 -1.78 -69.95 -19.46
CA ALA T 269 -2.71 -70.88 -20.08
C ALA T 269 -2.34 -71.17 -21.54
N PHE T 270 -1.98 -70.13 -22.31
CA PHE T 270 -1.68 -70.35 -23.72
C PHE T 270 -0.41 -71.17 -23.90
N GLY T 271 0.71 -70.69 -23.35
CA GLY T 271 1.93 -71.48 -23.38
C GLY T 271 1.69 -72.92 -22.94
N LEU T 272 0.69 -73.12 -22.08
CA LEU T 272 0.30 -74.47 -21.68
C LEU T 272 -0.37 -75.23 -22.82
N ILE T 273 -1.12 -74.52 -23.66
CA ILE T 273 -1.73 -75.14 -24.84
C ILE T 273 -0.72 -75.28 -25.96
N ASN T 274 0.07 -74.24 -26.21
CA ASN T 274 1.01 -74.25 -27.31
C ASN T 274 2.00 -75.40 -27.18
N ASP T 275 2.35 -75.79 -25.95
CA ASP T 275 3.22 -76.94 -25.75
C ASP T 275 2.55 -78.22 -26.22
N TYR T 276 1.30 -78.43 -25.83
CA TYR T 276 0.60 -79.64 -26.26
C TYR T 276 0.41 -79.67 -27.77
N MET T 277 0.14 -78.50 -28.37
CA MET T 277 -0.03 -78.44 -29.80
C MET T 277 1.26 -78.85 -30.50
N GLN T 278 2.39 -78.38 -29.97
CA GLN T 278 3.69 -78.73 -30.53
C GLN T 278 4.05 -80.18 -30.23
N GLU T 279 3.66 -80.70 -29.06
CA GLU T 279 3.84 -82.12 -28.79
C GLU T 279 3.18 -82.97 -29.87
N SER T 280 1.89 -82.75 -30.10
CA SER T 280 1.04 -83.65 -30.85
C SER T 280 0.93 -83.31 -32.32
N THR T 281 1.71 -82.33 -32.81
CA THR T 281 1.52 -81.82 -34.17
C THR T 281 0.07 -81.39 -34.35
N GLY T 282 -0.47 -80.75 -33.31
CA GLY T 282 -1.88 -80.35 -33.35
C GLY T 282 -2.12 -79.18 -34.27
N TYR T 283 -1.19 -78.22 -34.30
CA TYR T 283 -1.29 -77.09 -35.22
C TYR T 283 -1.36 -77.57 -36.66
N ASN T 284 -2.16 -76.88 -37.46
CA ASN T 284 -2.39 -77.25 -38.85
C ASN T 284 -3.01 -76.06 -39.55
N GLU T 285 -3.34 -76.25 -40.83
CA GLU T 285 -4.02 -75.20 -41.58
C GLU T 285 -5.33 -74.80 -40.93
N TYR T 286 -6.05 -75.75 -40.33
CA TYR T 286 -7.39 -75.48 -39.83
C TYR T 286 -7.41 -74.73 -38.51
N THR T 287 -6.28 -74.68 -37.80
CA THR T 287 -6.22 -73.95 -36.54
C THR T 287 -6.55 -72.48 -36.75
N PHE T 288 -7.41 -71.94 -35.90
CA PHE T 288 -7.76 -70.53 -35.97
C PHE T 288 -8.09 -70.03 -34.57
N LEU T 289 -8.56 -68.79 -34.49
CA LEU T 289 -8.55 -68.06 -33.23
C LEU T 289 -9.89 -67.36 -33.06
N SER T 290 -10.21 -66.98 -31.83
CA SER T 290 -11.51 -66.40 -31.54
C SER T 290 -11.36 -65.38 -30.43
N CYS T 291 -12.41 -64.57 -30.24
CA CYS T 291 -12.42 -63.64 -29.10
C CYS T 291 -13.80 -62.99 -28.99
N ASP T 292 -13.95 -62.19 -27.93
CA ASP T 292 -15.17 -61.47 -27.64
C ASP T 292 -14.94 -59.97 -27.81
N PHE T 293 -16.03 -59.27 -28.09
CA PHE T 293 -15.99 -57.82 -28.27
C PHE T 293 -16.35 -57.12 -26.96
N VAL T 294 -15.40 -57.09 -26.03
CA VAL T 294 -15.62 -56.39 -24.77
C VAL T 294 -14.29 -56.12 -24.10
N GLU T 295 -14.30 -55.17 -23.15
CA GLU T 295 -13.28 -55.01 -22.12
C GLU T 295 -12.39 -56.24 -21.94
N THR T 296 -11.08 -56.00 -21.85
CA THR T 296 -10.10 -57.08 -21.76
C THR T 296 -10.35 -57.96 -20.53
N SER T 297 -10.77 -57.36 -19.41
CA SER T 297 -10.96 -58.13 -18.20
C SER T 297 -11.93 -59.30 -18.41
N GLU T 298 -13.07 -59.02 -19.02
CA GLU T 298 -14.12 -60.00 -19.21
C GLU T 298 -13.99 -60.77 -20.52
N GLN T 299 -12.85 -60.69 -21.19
CA GLN T 299 -12.72 -61.30 -22.50
C GLN T 299 -12.14 -62.70 -22.39
N ARG T 300 -12.62 -63.59 -23.27
CA ARG T 300 -12.28 -65.01 -23.26
C ARG T 300 -11.73 -65.35 -24.64
N LEU T 301 -10.40 -65.37 -24.80
CA LEU T 301 -9.86 -65.72 -26.11
C LEU T 301 -9.78 -67.24 -26.23
N LYS T 302 -10.01 -67.73 -27.44
CA LYS T 302 -10.16 -69.16 -27.70
C LYS T 302 -9.30 -69.54 -28.90
N ILE T 303 -8.67 -70.71 -28.82
CA ILE T 303 -7.92 -71.29 -29.93
C ILE T 303 -8.65 -72.54 -30.39
N TYR T 304 -8.95 -72.62 -31.68
CA TYR T 304 -9.61 -73.80 -32.21
C TYR T 304 -8.63 -74.55 -33.10
N GLY T 305 -8.93 -75.82 -33.36
CA GLY T 305 -8.15 -76.64 -34.26
C GLY T 305 -8.97 -77.84 -34.66
N ALA T 306 -8.39 -78.66 -35.53
CA ALA T 306 -9.09 -79.84 -36.02
C ALA T 306 -8.11 -80.97 -36.23
N HIS T 307 -8.66 -82.18 -36.29
CA HIS T 307 -7.89 -83.39 -36.60
C HIS T 307 -8.67 -84.28 -37.53
N THR T 308 -7.95 -84.79 -38.53
CA THR T 308 -8.55 -85.60 -39.58
C THR T 308 -9.17 -86.88 -39.03
N GLU T 309 -8.37 -87.71 -38.36
CA GLU T 309 -8.84 -88.93 -37.74
C GLU T 309 -8.50 -88.89 -36.26
N VAL T 310 -9.48 -89.29 -35.44
CA VAL T 310 -9.39 -89.18 -34.00
C VAL T 310 -10.07 -90.38 -33.37
N THR T 311 -9.40 -91.04 -32.43
CA THR T 311 -9.96 -92.12 -31.65
C THR T 311 -10.44 -91.59 -30.30
N TRP T 312 -11.11 -92.45 -29.53
CA TRP T 312 -11.42 -92.03 -28.16
C TRP T 312 -10.15 -91.71 -27.39
N ALA T 313 -9.12 -92.56 -27.50
CA ALA T 313 -7.89 -92.27 -26.79
C ALA T 313 -7.34 -90.91 -27.20
N LYS T 314 -7.36 -90.62 -28.51
CA LYS T 314 -6.94 -89.30 -28.97
C LYS T 314 -7.81 -88.22 -28.35
N ILE T 315 -9.12 -88.46 -28.26
CA ILE T 315 -10.03 -87.50 -27.64
C ILE T 315 -9.68 -87.31 -26.18
N ALA T 316 -9.47 -88.41 -25.46
CA ALA T 316 -9.05 -88.31 -24.07
C ALA T 316 -7.70 -87.60 -23.97
N GLU T 317 -6.77 -87.93 -24.87
CA GLU T 317 -5.49 -87.25 -24.89
C GLU T 317 -5.65 -85.74 -25.05
N MET T 318 -6.54 -85.31 -25.97
CA MET T 318 -6.73 -83.88 -26.20
C MET T 318 -7.53 -83.24 -25.07
N TRP T 319 -8.59 -83.92 -24.59
CA TRP T 319 -9.39 -83.32 -23.53
C TRP T 319 -8.54 -83.00 -22.31
N THR T 320 -7.60 -83.87 -21.99
CA THR T 320 -6.63 -83.64 -20.92
C THR T 320 -5.34 -83.02 -21.44
N LEU T 321 -5.33 -82.56 -22.69
CA LEU T 321 -4.24 -81.76 -23.23
C LEU T 321 -2.90 -82.46 -22.98
N GLY T 322 -2.82 -83.71 -23.43
CA GLY T 322 -1.76 -84.59 -22.97
C GLY T 322 -2.05 -85.04 -21.55
N GLY T 323 -1.17 -84.68 -20.62
CA GLY T 323 -1.45 -84.88 -19.21
C GLY T 323 -1.51 -83.59 -18.45
N ARG T 324 -1.55 -82.47 -19.18
CA ARG T 324 -1.33 -81.15 -18.59
C ARG T 324 -2.24 -80.90 -17.39
N LEU T 325 -3.50 -81.28 -17.49
CA LEU T 325 -4.50 -80.84 -16.52
C LEU T 325 -5.29 -82.00 -15.94
N ILE T 326 -4.64 -83.16 -15.81
CA ILE T 326 -5.22 -84.25 -15.04
C ILE T 326 -5.44 -83.82 -13.58
N GLU T 327 -4.65 -82.86 -13.10
CA GLU T 327 -4.76 -82.41 -11.72
C GLU T 327 -6.16 -81.88 -11.42
N GLU T 328 -6.73 -81.10 -12.34
CA GLU T 328 -8.05 -80.53 -12.12
C GLU T 328 -9.12 -81.61 -12.07
N PRO T 329 -9.99 -81.61 -11.06
CA PRO T 329 -11.05 -82.63 -11.01
C PRO T 329 -12.11 -82.42 -12.07
N GLU T 330 -12.42 -81.15 -12.37
CA GLU T 330 -13.42 -80.83 -13.39
C GLU T 330 -13.22 -81.65 -14.66
N ILE T 331 -12.01 -81.62 -15.21
CA ILE T 331 -11.76 -82.27 -16.50
C ILE T 331 -12.18 -83.73 -16.47
N ILE T 332 -11.80 -84.45 -15.42
CA ILE T 332 -12.09 -85.87 -15.35
C ILE T 332 -13.59 -86.12 -15.43
N ALA T 333 -14.36 -85.36 -14.64
CA ALA T 333 -15.81 -85.45 -14.70
C ALA T 333 -16.33 -85.10 -16.09
N GLY T 334 -15.91 -83.93 -16.61
CA GLY T 334 -16.32 -83.55 -17.95
C GLY T 334 -16.00 -84.62 -18.97
N LEU T 335 -14.84 -85.26 -18.84
CA LEU T 335 -14.49 -86.32 -19.77
C LEU T 335 -15.36 -87.55 -19.60
N ALA T 336 -15.77 -87.85 -18.36
CA ALA T 336 -16.68 -88.97 -18.14
C ALA T 336 -17.98 -88.75 -18.90
N ARG T 337 -18.66 -87.64 -18.61
CA ARG T 337 -19.86 -87.29 -19.35
C ARG T 337 -19.62 -87.32 -20.87
N LEU T 338 -18.43 -86.91 -21.31
CA LEU T 338 -18.14 -86.81 -22.74
C LEU T 338 -18.22 -88.16 -23.44
N LYS T 339 -17.64 -89.20 -22.85
CA LYS T 339 -17.70 -90.53 -23.49
C LYS T 339 -19.14 -91.05 -23.52
N GLN T 340 -19.97 -90.60 -22.57
CA GLN T 340 -21.40 -90.93 -22.53
C GLN T 340 -22.06 -90.61 -23.85
N ILE T 341 -21.71 -89.46 -24.40
CA ILE T 341 -22.29 -89.01 -25.64
C ILE T 341 -21.61 -89.66 -26.83
N TRP T 342 -20.27 -89.69 -26.82
CA TRP T 342 -19.54 -90.29 -27.93
C TRP T 342 -20.10 -91.66 -28.28
N SER T 343 -20.44 -92.45 -27.25
CA SER T 343 -21.00 -93.77 -27.46
C SER T 343 -22.41 -93.71 -28.06
N LEU T 344 -23.25 -92.81 -27.55
CA LEU T 344 -24.61 -92.69 -28.08
C LEU T 344 -24.58 -92.29 -29.55
N LEU T 345 -23.68 -91.38 -29.92
CA LEU T 345 -23.73 -90.72 -31.20
C LEU T 345 -23.23 -91.62 -32.33
N GLN T 346 -21.97 -92.04 -32.23
CA GLN T 346 -21.38 -92.76 -33.34
C GLN T 346 -21.70 -94.25 -33.30
N ILE T 347 -22.55 -94.69 -32.38
CA ILE T 347 -22.86 -96.11 -32.22
C ILE T 347 -23.69 -96.63 -33.38
N ILE T 369 -13.20 -86.35 -47.86
CA ILE T 369 -13.83 -87.66 -47.84
C ILE T 369 -14.84 -87.72 -46.69
N ALA T 370 -14.58 -86.95 -45.65
CA ALA T 370 -15.44 -86.92 -44.47
C ALA T 370 -15.11 -85.66 -43.69
N SER T 371 -15.96 -85.38 -42.70
CA SER T 371 -15.81 -84.17 -41.89
C SER T 371 -14.86 -84.41 -40.71
N PRO T 372 -14.02 -83.43 -40.39
CA PRO T 372 -13.12 -83.55 -39.24
C PRO T 372 -13.84 -83.21 -37.94
N ILE T 373 -13.19 -83.53 -36.82
CA ILE T 373 -13.71 -83.19 -35.49
C ILE T 373 -12.91 -82.00 -35.00
N ILE T 374 -13.59 -81.05 -34.34
CA ILE T 374 -12.96 -79.79 -33.96
C ILE T 374 -12.84 -79.71 -32.45
N TRP T 375 -11.76 -79.06 -32.00
CA TRP T 375 -11.52 -78.82 -30.59
C TRP T 375 -11.29 -77.34 -30.33
N ASN T 376 -11.47 -76.96 -29.07
CA ASN T 376 -11.48 -75.56 -28.63
C ASN T 376 -10.87 -75.49 -27.25
N TYR T 377 -10.00 -74.52 -27.05
CA TYR T 377 -9.41 -74.27 -25.74
C TYR T 377 -9.68 -72.82 -25.36
N GLU T 378 -10.46 -72.63 -24.30
CA GLU T 378 -10.92 -71.32 -23.88
C GLU T 378 -10.02 -70.82 -22.74
N ILE T 379 -9.31 -69.73 -22.99
CA ILE T 379 -8.35 -69.20 -22.03
C ILE T 379 -8.96 -68.01 -21.31
N HIS T 380 -9.75 -68.26 -20.27
CA HIS T 380 -10.17 -67.18 -19.39
C HIS T 380 -8.93 -66.54 -18.80
N PRO T 381 -8.83 -65.20 -18.79
CA PRO T 381 -7.54 -64.58 -18.45
C PRO T 381 -7.14 -64.80 -17.01
N GLY T 382 -8.08 -64.63 -16.06
CA GLY T 382 -7.72 -64.81 -14.66
C GLY T 382 -7.26 -66.21 -14.34
N SER T 383 -7.94 -67.22 -14.91
CA SER T 383 -7.69 -68.59 -14.50
C SER T 383 -6.31 -69.06 -14.97
N ARG T 384 -5.93 -70.24 -14.48
CA ARG T 384 -4.63 -70.82 -14.77
C ARG T 384 -4.68 -71.98 -15.76
N PHE T 385 -5.84 -72.58 -15.98
CA PHE T 385 -5.95 -73.61 -17.00
C PHE T 385 -6.89 -73.19 -18.12
N PRO T 386 -6.77 -73.80 -19.30
CA PRO T 386 -7.79 -73.64 -20.33
C PRO T 386 -8.96 -74.59 -20.06
N VAL T 387 -10.11 -74.22 -20.60
CA VAL T 387 -11.29 -75.07 -20.59
C VAL T 387 -11.47 -75.63 -21.98
N PRO T 388 -11.58 -76.94 -22.15
CA PRO T 388 -11.76 -77.52 -23.49
C PRO T 388 -13.23 -77.49 -23.95
N LYS T 389 -13.39 -77.86 -25.19
CA LYS T 389 -14.68 -77.95 -25.84
C LYS T 389 -14.53 -78.66 -27.18
N PHE T 390 -15.38 -79.64 -27.47
CA PHE T 390 -15.25 -80.34 -28.73
C PHE T 390 -16.50 -80.16 -29.58
N TYR T 391 -16.34 -80.44 -30.87
CA TYR T 391 -17.37 -80.24 -31.87
C TYR T 391 -17.47 -81.54 -32.67
N LEU T 392 -18.68 -82.06 -32.78
CA LEU T 392 -18.84 -83.43 -33.22
C LEU T 392 -19.64 -83.48 -34.52
N PRO T 393 -19.14 -84.15 -35.56
CA PRO T 393 -19.86 -84.17 -36.84
C PRO T 393 -21.17 -84.94 -36.73
N VAL T 394 -22.25 -84.32 -37.19
CA VAL T 394 -23.57 -84.95 -37.13
C VAL T 394 -24.14 -85.07 -38.54
N HIS T 395 -23.82 -84.10 -39.40
CA HIS T 395 -24.13 -84.24 -40.81
C HIS T 395 -23.49 -85.53 -41.32
N GLY T 396 -24.32 -86.42 -41.86
CA GLY T 396 -23.93 -87.78 -42.15
C GLY T 396 -24.57 -88.81 -41.22
N GLU T 397 -25.08 -88.36 -40.09
CA GLU T 397 -25.84 -89.21 -39.18
C GLU T 397 -27.31 -88.86 -39.31
N ASN T 398 -28.15 -89.90 -39.35
CA ASN T 398 -29.60 -89.70 -39.37
C ASN T 398 -30.01 -88.68 -38.31
N ASP T 399 -30.53 -87.55 -38.76
CA ASP T 399 -30.86 -86.49 -37.83
C ASP T 399 -31.91 -86.92 -36.82
N LEU T 400 -32.64 -88.01 -37.09
CA LEU T 400 -33.55 -88.57 -36.08
C LEU T 400 -32.80 -89.39 -35.04
N HIS T 401 -31.94 -90.30 -35.51
CA HIS T 401 -31.04 -91.00 -34.60
C HIS T 401 -30.31 -90.03 -33.68
N VAL T 402 -29.86 -88.90 -34.23
CA VAL T 402 -29.13 -87.92 -33.43
C VAL T 402 -30.08 -87.23 -32.44
N ALA T 403 -31.29 -86.88 -32.88
CA ALA T 403 -32.25 -86.29 -31.96
C ALA T 403 -32.59 -87.25 -30.84
N ARG T 404 -32.84 -88.51 -31.18
CA ARG T 404 -33.13 -89.53 -30.18
C ARG T 404 -31.99 -89.66 -29.18
N ALA T 405 -30.79 -90.01 -29.67
CA ALA T 405 -29.64 -90.16 -28.78
C ALA T 405 -29.38 -88.89 -28.00
N LEU T 406 -29.55 -87.75 -28.65
CA LEU T 406 -29.31 -86.47 -28.00
C LEU T 406 -30.24 -86.30 -26.80
N ALA T 407 -31.48 -86.77 -26.92
CA ALA T 407 -32.45 -86.61 -25.86
C ALA T 407 -32.20 -87.58 -24.72
N GLN T 408 -31.81 -88.82 -25.05
CA GLN T 408 -31.48 -89.79 -24.01
C GLN T 408 -30.45 -89.23 -23.06
N PHE T 409 -29.38 -88.63 -23.61
CA PHE T 409 -28.32 -88.06 -22.80
C PHE T 409 -28.81 -86.94 -21.89
N TRP T 410 -29.93 -86.29 -22.21
CA TRP T 410 -30.39 -85.23 -21.32
C TRP T 410 -31.03 -85.79 -20.05
N ASP T 411 -31.81 -86.86 -20.18
CA ASP T 411 -32.34 -87.52 -18.99
C ASP T 411 -31.20 -87.99 -18.10
N SER T 412 -30.18 -88.61 -18.69
CA SER T 412 -28.99 -88.97 -17.93
C SER T 412 -28.51 -87.79 -17.11
N LEU T 413 -28.53 -86.59 -17.68
CA LEU T 413 -28.20 -85.39 -16.92
C LEU T 413 -29.33 -84.95 -16.01
N GLY T 414 -30.56 -85.32 -16.33
CA GLY T 414 -31.70 -84.89 -15.55
C GLY T 414 -32.22 -83.52 -15.93
N TRP T 415 -32.34 -83.25 -17.24
CA TRP T 415 -32.99 -82.03 -17.70
C TRP T 415 -34.40 -82.39 -18.12
N PRO T 416 -35.42 -82.07 -17.33
CA PRO T 416 -36.76 -82.61 -17.59
C PRO T 416 -37.36 -82.19 -18.91
N GLU T 417 -37.44 -80.88 -19.17
CA GLU T 417 -38.22 -80.42 -20.31
C GLU T 417 -37.45 -80.47 -21.64
N HIS T 418 -36.14 -80.21 -21.61
CA HIS T 418 -35.38 -80.17 -22.87
C HIS T 418 -35.41 -81.52 -23.56
N ALA T 419 -35.32 -82.60 -22.80
CA ALA T 419 -35.20 -83.93 -23.39
C ALA T 419 -36.55 -84.46 -23.86
N CYS T 420 -37.64 -84.08 -23.21
CA CYS T 420 -38.95 -84.60 -23.57
C CYS T 420 -39.43 -84.02 -24.90
N ALA T 421 -39.27 -82.71 -25.10
CA ALA T 421 -39.79 -82.03 -26.27
C ALA T 421 -38.72 -81.68 -27.30
N TYR T 422 -37.57 -82.37 -27.28
CA TYR T 422 -36.56 -81.98 -28.26
C TYR T 422 -37.00 -82.37 -29.66
N PRO T 423 -37.11 -83.66 -29.96
CA PRO T 423 -37.40 -84.06 -31.35
C PRO T 423 -38.67 -83.43 -31.88
N ASP T 424 -39.63 -83.13 -31.00
CA ASP T 424 -40.76 -82.30 -31.42
C ASP T 424 -40.29 -80.89 -31.77
N THR T 425 -39.26 -80.40 -31.07
CA THR T 425 -38.68 -79.11 -31.42
C THR T 425 -37.85 -79.16 -32.71
N LEU T 426 -37.34 -80.34 -33.07
CA LEU T 426 -36.52 -80.44 -34.27
C LEU T 426 -37.38 -80.40 -35.53
N GLN T 427 -38.50 -81.13 -35.55
CA GLN T 427 -39.38 -81.12 -36.71
C GLN T 427 -40.07 -79.76 -36.88
N GLN T 428 -40.40 -79.10 -35.77
CA GLN T 428 -41.10 -77.82 -35.86
C GLN T 428 -40.21 -76.73 -36.44
N LEU T 429 -38.90 -76.92 -36.44
CA LEU T 429 -37.96 -76.06 -37.16
C LEU T 429 -37.86 -76.41 -38.63
N TYR T 430 -38.22 -77.65 -39.01
CA TYR T 430 -38.09 -78.13 -40.38
C TYR T 430 -39.36 -78.89 -40.77
N PRO T 431 -40.53 -78.24 -40.70
CA PRO T 431 -41.76 -78.94 -41.06
C PRO T 431 -41.80 -79.41 -42.51
N ASP T 432 -41.08 -78.73 -43.41
CA ASP T 432 -41.05 -79.18 -44.81
C ASP T 432 -40.36 -80.53 -44.95
N GLN T 433 -39.34 -80.79 -44.12
CA GLN T 433 -38.56 -82.02 -44.20
C GLN T 433 -39.13 -83.08 -43.26
N ASP T 434 -38.74 -84.33 -43.51
CA ASP T 434 -39.13 -85.47 -42.67
C ASP T 434 -37.89 -86.05 -42.01
N ILE T 435 -37.78 -85.89 -40.69
CA ILE T 435 -36.57 -86.28 -39.96
C ILE T 435 -36.26 -87.76 -40.17
N SER T 436 -37.29 -88.57 -40.41
CA SER T 436 -37.05 -90.00 -40.59
C SER T 436 -35.99 -90.24 -41.68
N GLN T 437 -35.91 -89.39 -42.75
CA GLN T 437 -35.01 -89.65 -43.90
C GLN T 437 -33.91 -88.61 -43.96
N THR T 438 -33.84 -87.63 -43.06
CA THR T 438 -32.95 -86.48 -43.25
C THR T 438 -31.57 -86.74 -42.65
N THR T 439 -30.55 -86.13 -43.24
CA THR T 439 -29.18 -86.34 -42.77
C THR T 439 -28.42 -85.06 -42.47
N ARG T 440 -28.57 -84.03 -43.30
CA ARG T 440 -27.79 -82.80 -43.16
C ARG T 440 -28.44 -81.78 -42.24
N LEU T 441 -29.67 -82.02 -41.76
CA LEU T 441 -30.35 -81.00 -40.97
C LEU T 441 -29.59 -80.59 -39.72
N GLN T 442 -28.73 -81.45 -39.17
CA GLN T 442 -27.99 -81.00 -38.01
C GLN T 442 -26.58 -81.54 -38.08
N SER T 443 -25.62 -80.64 -37.81
CA SER T 443 -24.27 -80.78 -38.35
C SER T 443 -23.16 -80.87 -37.30
N TRP T 444 -23.25 -80.12 -36.21
CA TRP T 444 -22.20 -80.16 -35.19
C TRP T 444 -22.84 -80.18 -33.80
N ILE T 445 -22.12 -80.76 -32.83
CA ILE T 445 -22.51 -80.70 -31.42
C ILE T 445 -21.30 -80.34 -30.58
N SER T 446 -21.46 -79.33 -29.72
CA SER T 446 -20.37 -78.83 -28.90
C SER T 446 -20.56 -79.32 -27.46
N TYR T 447 -19.42 -79.60 -26.82
CA TYR T 447 -19.42 -80.10 -25.46
C TYR T 447 -18.40 -79.34 -24.63
N SER T 448 -18.86 -78.74 -23.55
CA SER T 448 -17.99 -78.10 -22.57
C SER T 448 -18.49 -78.53 -21.21
N TYR T 449 -17.61 -78.56 -20.22
CA TYR T 449 -18.03 -78.91 -18.89
C TYR T 449 -17.42 -77.96 -17.87
N THR T 450 -18.24 -77.54 -16.92
CA THR T 450 -17.80 -76.71 -15.83
C THR T 450 -18.45 -77.21 -14.55
N ALA T 451 -17.75 -77.01 -13.43
CA ALA T 451 -18.35 -77.28 -12.13
C ALA T 451 -19.56 -76.39 -11.89
N LYS T 452 -19.40 -75.08 -12.14
CA LYS T 452 -20.48 -74.13 -11.91
C LYS T 452 -21.64 -74.35 -12.90
N ARG T 453 -21.37 -74.17 -14.18
CA ARG T 453 -22.43 -74.25 -15.18
C ARG T 453 -23.02 -75.66 -15.26
N GLY T 454 -22.16 -76.67 -15.22
CA GLY T 454 -22.61 -78.01 -15.51
C GLY T 454 -22.17 -78.43 -16.90
N VAL T 455 -23.13 -78.75 -17.77
CA VAL T 455 -22.83 -79.22 -19.13
C VAL T 455 -23.27 -78.16 -20.13
N TYR T 456 -22.31 -77.44 -20.69
CA TYR T 456 -22.53 -76.68 -21.92
C TYR T 456 -22.73 -77.64 -23.08
N MET T 457 -23.67 -77.30 -23.97
CA MET T 457 -23.84 -78.11 -25.16
C MET T 457 -24.75 -77.43 -26.17
N SER T 458 -24.28 -77.31 -27.42
CA SER T 458 -24.94 -76.54 -28.46
C SER T 458 -25.02 -77.36 -29.74
N VAL T 459 -26.05 -77.08 -30.53
CA VAL T 459 -26.35 -77.80 -31.76
C VAL T 459 -26.34 -76.81 -32.91
N TYR T 460 -25.72 -77.22 -34.01
CA TYR T 460 -25.53 -76.39 -35.19
C TYR T 460 -26.30 -77.01 -36.35
N TYR T 461 -27.14 -76.20 -36.99
CA TYR T 461 -28.16 -76.70 -37.89
C TYR T 461 -27.93 -76.25 -39.33
N HIS T 462 -28.65 -76.92 -40.24
CA HIS T 462 -28.80 -76.48 -41.62
C HIS T 462 -29.57 -75.17 -41.63
N SER T 463 -28.90 -74.07 -42.00
CA SER T 463 -29.38 -72.73 -41.71
C SER T 463 -29.92 -72.00 -42.94
N GLN T 464 -30.33 -72.74 -43.97
CA GLN T 464 -31.11 -72.19 -45.08
C GLN T 464 -32.32 -73.07 -45.29
N SER T 465 -33.22 -72.62 -46.16
CA SER T 465 -34.51 -73.28 -46.32
C SER T 465 -34.58 -74.13 -47.58
N THR T 466 -33.47 -74.35 -48.27
CA THR T 466 -33.44 -75.21 -49.45
C THR T 466 -32.40 -76.30 -49.22
N TYR T 467 -32.84 -77.56 -49.26
CA TYR T 467 -32.05 -78.71 -48.86
C TYR T 467 -31.89 -79.66 -50.04
N LEU T 468 -30.66 -80.09 -50.30
CA LEU T 468 -30.36 -80.83 -51.51
C LEU T 468 -30.46 -82.33 -51.23
N PRO U 52 -6.57 -43.96 -76.74
CA PRO U 52 -7.87 -44.37 -76.17
C PRO U 52 -8.85 -43.21 -76.03
N SER U 53 -10.13 -43.54 -75.83
CA SER U 53 -11.17 -42.53 -75.65
C SER U 53 -11.15 -41.97 -74.22
N PRO U 54 -11.55 -40.70 -74.06
CA PRO U 54 -11.15 -39.95 -72.86
C PRO U 54 -12.12 -39.98 -71.68
N ALA U 55 -13.39 -39.62 -71.94
CA ALA U 55 -14.31 -39.18 -70.88
C ALA U 55 -14.54 -40.23 -69.79
N GLN U 56 -14.28 -41.51 -70.06
CA GLN U 56 -14.45 -42.56 -69.06
C GLN U 56 -13.34 -42.54 -68.01
N ALA U 57 -12.55 -41.46 -67.97
CA ALA U 57 -11.51 -41.28 -66.96
C ALA U 57 -12.10 -41.04 -65.57
N LEU U 58 -13.33 -40.50 -65.52
CA LEU U 58 -13.97 -40.24 -64.23
C LEU U 58 -14.13 -41.50 -63.39
N ALA U 59 -14.49 -42.61 -64.01
CA ALA U 59 -14.75 -43.83 -63.27
C ALA U 59 -13.55 -44.28 -62.44
N SER U 60 -12.33 -43.85 -62.76
CA SER U 60 -11.16 -44.36 -62.05
C SER U 60 -11.35 -44.21 -60.55
N TYR U 61 -11.84 -43.05 -60.11
CA TYR U 61 -12.00 -42.77 -58.69
C TYR U 61 -13.47 -42.78 -58.28
N HIS U 62 -14.23 -43.66 -58.85
CA HIS U 62 -15.63 -43.84 -58.57
C HIS U 62 -15.82 -45.32 -58.36
N HIS U 63 -16.63 -45.73 -57.36
CA HIS U 63 -17.01 -47.12 -57.11
C HIS U 63 -18.52 -47.29 -57.30
N PHE U 64 -18.90 -48.16 -58.23
CA PHE U 64 -20.32 -48.36 -58.46
C PHE U 64 -20.90 -49.21 -57.35
N PRO U 65 -21.99 -48.76 -56.70
CA PRO U 65 -22.45 -49.46 -55.49
C PRO U 65 -22.78 -50.92 -55.71
N THR U 66 -23.59 -51.24 -56.71
CA THR U 66 -24.05 -52.60 -56.93
C THR U 66 -23.31 -53.27 -58.07
N ASN U 67 -23.34 -54.60 -58.07
CA ASN U 67 -22.82 -55.32 -59.23
C ASN U 67 -23.62 -55.02 -60.49
N ASP U 68 -24.94 -54.85 -60.36
CA ASP U 68 -25.74 -54.47 -61.54
C ASP U 68 -25.14 -53.24 -62.24
N GLN U 69 -24.86 -52.17 -61.47
CA GLN U 69 -24.31 -50.96 -62.07
C GLN U 69 -22.96 -51.22 -62.68
N GLU U 70 -22.09 -51.94 -61.97
CA GLU U 70 -20.76 -52.22 -62.51
C GLU U 70 -20.85 -52.89 -63.87
N ARG U 71 -21.73 -53.88 -64.02
CA ARG U 71 -21.80 -54.61 -65.29
C ARG U 71 -22.33 -53.71 -66.40
N TRP U 72 -23.31 -52.85 -66.12
CA TRP U 72 -23.77 -51.92 -67.14
C TRP U 72 -22.65 -50.97 -67.57
N TRP U 73 -21.91 -50.43 -66.60
CA TRP U 73 -20.77 -49.59 -66.96
C TRP U 73 -19.85 -50.31 -67.92
N GLU U 74 -19.51 -51.56 -67.60
CA GLU U 74 -18.61 -52.32 -68.45
C GLU U 74 -19.22 -52.56 -69.83
N GLU U 75 -20.55 -52.59 -69.90
CA GLU U 75 -21.23 -52.91 -71.15
C GLU U 75 -21.39 -51.67 -72.01
N THR U 76 -21.63 -50.52 -71.41
CA THR U 76 -21.88 -49.29 -72.17
C THR U 76 -20.95 -48.12 -71.85
N GLY U 77 -20.08 -48.23 -70.85
CA GLY U 77 -19.30 -47.09 -70.39
C GLY U 77 -18.39 -46.52 -71.47
N SER U 78 -17.52 -47.36 -72.01
CA SER U 78 -16.65 -46.90 -73.08
C SER U 78 -17.47 -46.37 -74.25
N LEU U 79 -18.54 -47.10 -74.61
CA LEU U 79 -19.33 -46.75 -75.78
C LEU U 79 -19.90 -45.34 -75.67
N PHE U 80 -20.47 -44.99 -74.52
CA PHE U 80 -20.98 -43.63 -74.38
C PHE U 80 -19.84 -42.63 -74.43
N SER U 81 -18.71 -42.98 -73.82
CA SER U 81 -17.55 -42.10 -73.90
C SER U 81 -17.16 -41.86 -75.35
N ARG U 82 -17.31 -42.87 -76.21
CA ARG U 82 -16.97 -42.70 -77.61
C ARG U 82 -17.98 -41.81 -78.33
N PHE U 83 -19.28 -41.94 -78.04
CA PHE U 83 -20.24 -41.07 -78.72
C PHE U 83 -20.06 -39.61 -78.33
N LEU U 84 -19.68 -39.36 -77.08
CA LEU U 84 -19.31 -38.01 -76.69
C LEU U 84 -18.17 -37.49 -77.57
N GLU U 85 -17.18 -38.34 -77.83
CA GLU U 85 -16.07 -37.98 -78.71
C GLU U 85 -16.58 -37.69 -80.13
N ALA U 86 -17.34 -38.63 -80.70
CA ALA U 86 -17.88 -38.47 -82.05
C ALA U 86 -18.85 -37.31 -82.16
N GLY U 87 -19.36 -36.78 -81.05
CA GLY U 87 -20.25 -35.63 -81.10
C GLY U 87 -19.54 -34.31 -81.12
N GLN U 88 -18.20 -34.31 -81.05
CA GLN U 88 -17.40 -33.09 -81.12
C GLN U 88 -17.78 -32.11 -80.00
N TYR U 89 -18.01 -32.66 -78.81
CA TYR U 89 -18.33 -31.83 -77.65
C TYR U 89 -17.06 -31.30 -77.02
N GLY U 90 -17.16 -30.12 -76.43
CA GLY U 90 -16.05 -29.61 -75.65
C GLY U 90 -15.67 -30.59 -74.55
N LEU U 91 -14.37 -30.69 -74.28
CA LEU U 91 -13.90 -31.64 -73.27
C LEU U 91 -14.58 -31.42 -71.94
N PRO U 92 -14.78 -30.19 -71.44
CA PRO U 92 -15.56 -30.01 -70.20
C PRO U 92 -16.94 -30.62 -70.28
N GLN U 93 -17.64 -30.42 -71.40
CA GLN U 93 -19.00 -30.93 -71.53
C GLN U 93 -19.03 -32.45 -71.54
N GLN U 94 -18.03 -33.08 -72.18
CA GLN U 94 -17.98 -34.53 -72.18
C GLN U 94 -18.04 -35.10 -70.78
N TYR U 95 -17.09 -34.65 -69.92
CA TYR U 95 -17.09 -35.08 -68.53
C TYR U 95 -18.39 -34.66 -67.82
N GLN U 96 -18.93 -33.51 -68.19
CA GLN U 96 -20.16 -33.00 -67.57
C GLN U 96 -21.34 -33.92 -67.87
N PHE U 97 -21.47 -34.34 -69.13
CA PHE U 97 -22.51 -35.32 -69.45
C PHE U 97 -22.09 -36.72 -69.01
N MET U 98 -20.81 -37.04 -69.10
CA MET U 98 -20.35 -38.32 -68.55
C MET U 98 -20.74 -38.45 -67.08
N PHE U 99 -20.57 -37.36 -66.33
CA PHE U 99 -20.99 -37.35 -64.94
C PHE U 99 -22.46 -37.71 -64.83
N PHE U 100 -23.30 -37.00 -65.59
CA PHE U 100 -24.73 -37.25 -65.57
C PHE U 100 -25.05 -38.70 -65.88
N PHE U 101 -24.42 -39.24 -66.90
CA PHE U 101 -24.67 -40.62 -67.32
C PHE U 101 -24.45 -41.60 -66.17
N MET U 102 -23.35 -41.42 -65.42
CA MET U 102 -23.01 -42.39 -64.38
C MET U 102 -24.00 -42.35 -63.23
N HIS U 103 -24.39 -41.16 -62.79
CA HIS U 103 -25.18 -41.01 -61.57
C HIS U 103 -26.64 -41.30 -61.77
N HIS U 104 -27.21 -40.95 -62.91
CA HIS U 104 -28.65 -41.01 -63.05
C HIS U 104 -29.13 -42.08 -64.02
N LEU U 105 -28.31 -42.49 -64.97
CA LEU U 105 -28.77 -43.45 -65.95
C LEU U 105 -28.31 -44.87 -65.62
N ILE U 106 -27.10 -45.03 -65.10
CA ILE U 106 -26.58 -46.35 -64.71
C ILE U 106 -27.39 -46.93 -63.56
N PRO U 107 -27.71 -46.13 -62.52
CA PRO U 107 -28.66 -46.61 -61.51
C PRO U 107 -29.97 -47.08 -62.11
N ALA U 108 -30.46 -46.38 -63.13
CA ALA U 108 -31.78 -46.65 -63.68
C ALA U 108 -31.84 -47.85 -64.62
N LEU U 109 -30.72 -48.41 -65.06
CA LEU U 109 -30.83 -49.52 -66.00
C LEU U 109 -31.32 -50.80 -65.36
N GLY U 110 -31.14 -50.98 -64.05
CA GLY U 110 -31.62 -52.16 -63.37
C GLY U 110 -30.66 -53.33 -63.45
N PRO U 111 -31.19 -54.55 -63.30
CA PRO U 111 -30.33 -55.74 -63.34
C PRO U 111 -29.55 -55.83 -64.64
N TYR U 112 -28.25 -56.16 -64.52
CA TYR U 112 -27.44 -56.28 -65.74
C TYR U 112 -27.89 -57.40 -66.65
N PRO U 113 -27.91 -58.66 -66.23
CA PRO U 113 -28.60 -59.66 -67.06
C PRO U 113 -30.04 -59.23 -67.12
N GLN U 114 -30.39 -58.42 -68.12
CA GLN U 114 -31.65 -57.72 -68.03
C GLN U 114 -32.82 -58.70 -68.19
N LYS U 115 -33.77 -58.55 -67.31
CA LYS U 115 -34.96 -59.34 -67.23
C LYS U 115 -36.14 -58.75 -68.04
N TRP U 116 -36.05 -57.49 -68.40
CA TRP U 116 -37.13 -56.70 -68.96
C TRP U 116 -36.79 -56.30 -70.39
N ARG U 117 -37.72 -56.51 -71.31
CA ARG U 117 -37.57 -55.96 -72.64
C ARG U 117 -38.23 -54.59 -72.69
N SER U 118 -37.47 -53.61 -73.17
CA SER U 118 -37.99 -52.27 -73.36
C SER U 118 -38.58 -52.15 -74.75
N THR U 119 -39.73 -51.48 -74.85
CA THR U 119 -40.38 -51.29 -76.14
C THR U 119 -39.52 -50.48 -77.09
N ILE U 120 -38.65 -49.62 -76.54
CA ILE U 120 -37.98 -48.60 -77.36
C ILE U 120 -36.95 -49.22 -78.28
N SER U 121 -36.34 -50.31 -77.90
CA SER U 121 -35.24 -50.83 -78.70
C SER U 121 -35.70 -52.03 -79.51
N ARG U 122 -35.09 -52.20 -80.69
CA ARG U 122 -35.36 -53.40 -81.46
C ARG U 122 -35.00 -54.64 -80.66
N SER U 123 -33.82 -54.64 -80.05
CA SER U 123 -33.39 -55.76 -79.23
C SER U 123 -34.13 -55.82 -77.89
N GLY U 124 -34.60 -54.67 -77.41
CA GLY U 124 -35.30 -54.61 -76.14
C GLY U 124 -34.52 -54.00 -75.00
N LEU U 125 -33.23 -53.62 -75.17
CA LEU U 125 -32.55 -53.10 -74.00
C LEU U 125 -32.90 -51.63 -73.79
N PRO U 126 -32.89 -51.17 -72.55
CA PRO U 126 -33.55 -49.90 -72.21
C PRO U 126 -32.91 -48.60 -72.70
N ILE U 127 -31.87 -48.69 -73.53
CA ILE U 127 -31.11 -47.51 -73.92
C ILE U 127 -30.71 -47.61 -75.40
N GLU U 128 -30.66 -46.47 -76.07
CA GLU U 128 -29.97 -46.41 -77.35
C GLU U 128 -29.48 -44.99 -77.60
N PHE U 129 -28.38 -44.89 -78.33
CA PHE U 129 -27.73 -43.62 -78.60
C PHE U 129 -28.01 -43.14 -80.02
N SER U 130 -28.18 -41.82 -80.16
CA SER U 130 -28.52 -41.21 -81.43
C SER U 130 -27.51 -40.12 -81.75
N LEU U 131 -27.21 -39.98 -83.04
CA LEU U 131 -26.44 -38.86 -83.57
C LEU U 131 -27.30 -38.13 -84.59
N ASN U 132 -27.49 -36.84 -84.38
CA ASN U 132 -28.28 -36.01 -85.30
C ASN U 132 -27.33 -35.12 -86.09
N PHE U 133 -27.40 -35.23 -87.42
CA PHE U 133 -26.53 -34.48 -88.31
C PHE U 133 -27.25 -33.26 -88.88
N GLN U 134 -26.56 -32.14 -88.90
CA GLN U 134 -27.09 -30.85 -89.35
C GLN U 134 -26.25 -30.29 -90.50
N LYS U 135 -26.68 -29.15 -91.03
CA LYS U 135 -26.02 -28.54 -92.16
C LYS U 135 -24.75 -27.87 -91.66
N GLY U 136 -23.66 -28.64 -91.64
CA GLY U 136 -22.34 -28.12 -91.36
C GLY U 136 -22.07 -27.65 -89.94
N SER U 137 -23.12 -27.35 -89.18
CA SER U 137 -22.91 -26.91 -87.81
C SER U 137 -22.10 -27.94 -87.03
N HIS U 138 -22.55 -29.20 -87.07
CA HIS U 138 -21.92 -30.31 -86.37
C HIS U 138 -22.97 -31.40 -86.13
N ARG U 139 -22.73 -32.23 -85.12
CA ARG U 139 -23.62 -33.33 -84.77
C ARG U 139 -23.93 -33.26 -83.28
N LEU U 140 -25.07 -33.82 -82.91
CA LEU U 140 -25.53 -33.84 -81.53
C LEU U 140 -25.79 -35.27 -81.10
N LEU U 141 -25.68 -35.52 -79.79
CA LEU U 141 -25.87 -36.84 -79.20
C LEU U 141 -27.20 -36.92 -78.48
N ARG U 142 -27.88 -38.06 -78.65
CA ARG U 142 -29.22 -38.30 -78.14
C ARG U 142 -29.22 -39.64 -77.40
N ILE U 143 -29.96 -39.72 -76.29
CA ILE U 143 -30.14 -40.98 -75.56
C ILE U 143 -31.63 -41.26 -75.37
N GLY U 144 -32.06 -42.47 -75.74
CA GLY U 144 -33.40 -42.94 -75.43
C GLY U 144 -33.36 -43.90 -74.25
N PHE U 145 -34.22 -43.64 -73.27
CA PHE U 145 -34.13 -44.31 -71.98
C PHE U 145 -35.49 -44.85 -71.57
N GLU U 146 -35.49 -46.05 -70.98
CA GLU U 146 -36.60 -46.54 -70.17
C GLU U 146 -36.05 -47.04 -68.84
N PRO U 147 -36.29 -46.33 -67.74
CA PRO U 147 -35.76 -46.78 -66.44
C PRO U 147 -36.29 -48.16 -66.06
N VAL U 148 -35.43 -48.95 -65.41
CA VAL U 148 -35.77 -50.32 -65.03
C VAL U 148 -35.23 -50.60 -63.63
N SER U 149 -35.88 -51.54 -62.93
CA SER U 149 -35.39 -52.08 -61.67
C SER U 149 -35.71 -53.56 -61.62
N PHE U 150 -35.24 -54.23 -60.56
CA PHE U 150 -35.56 -55.64 -60.40
C PHE U 150 -37.07 -55.88 -60.23
N LEU U 151 -37.81 -54.87 -59.76
CA LEU U 151 -39.26 -55.00 -59.65
C LEU U 151 -39.97 -54.98 -61.00
N SER U 152 -39.34 -54.41 -62.04
CA SER U 152 -40.02 -54.25 -63.32
C SER U 152 -40.45 -55.59 -63.88
N GLY U 153 -41.74 -55.69 -64.24
CA GLY U 153 -42.32 -56.90 -64.80
C GLY U 153 -42.79 -57.92 -63.80
N SER U 154 -42.73 -57.61 -62.52
CA SER U 154 -43.09 -58.55 -61.47
C SER U 154 -44.51 -58.27 -60.99
N SER U 155 -44.90 -58.98 -59.93
CA SER U 155 -46.21 -58.80 -59.34
C SER U 155 -46.40 -57.38 -58.82
N GLN U 156 -45.36 -56.79 -58.23
CA GLN U 156 -45.50 -55.48 -57.61
C GLN U 156 -45.56 -54.35 -58.62
N ASP U 157 -44.96 -54.53 -59.80
CA ASP U 157 -45.08 -53.57 -60.90
C ASP U 157 -44.89 -54.28 -62.22
N PRO U 158 -45.96 -54.87 -62.76
CA PRO U 158 -45.83 -55.67 -63.98
C PRO U 158 -45.65 -54.86 -65.24
N PHE U 159 -46.00 -53.56 -65.24
CA PHE U 159 -45.85 -52.74 -66.45
C PHE U 159 -44.93 -51.53 -66.22
N ASN U 160 -44.05 -51.61 -65.24
CA ASN U 160 -42.88 -50.76 -65.17
C ASN U 160 -43.26 -49.28 -65.07
N ARG U 161 -44.17 -48.96 -64.15
CA ARG U 161 -44.42 -47.55 -63.87
C ARG U 161 -43.50 -46.98 -62.79
N ILE U 162 -42.99 -47.81 -61.89
CA ILE U 162 -42.34 -47.28 -60.70
C ILE U 162 -41.08 -46.55 -61.12
N PRO U 163 -40.19 -47.18 -61.89
CA PRO U 163 -38.96 -46.49 -62.28
C PRO U 163 -39.21 -45.17 -63.00
N ILE U 164 -40.27 -45.07 -63.79
CA ILE U 164 -40.53 -43.83 -64.50
C ILE U 164 -40.63 -42.67 -63.52
N THR U 165 -41.45 -42.85 -62.48
CA THR U 165 -41.68 -41.77 -61.53
C THR U 165 -40.46 -41.52 -60.66
N ASP U 166 -39.71 -42.57 -60.35
CA ASP U 166 -38.49 -42.37 -59.59
C ASP U 166 -37.53 -41.48 -60.35
N LEU U 167 -37.20 -41.88 -61.58
CA LEU U 167 -36.27 -41.08 -62.37
C LEU U 167 -36.79 -39.67 -62.55
N LEU U 168 -38.09 -39.51 -62.69
CA LEU U 168 -38.63 -38.18 -62.88
C LEU U 168 -38.39 -37.28 -61.67
N ASN U 169 -38.19 -37.87 -60.49
CA ASN U 169 -37.88 -37.04 -59.33
C ASN U 169 -36.39 -36.72 -59.26
N ARG U 170 -35.54 -37.69 -59.61
CA ARG U 170 -34.13 -37.36 -59.73
C ARG U 170 -33.98 -36.11 -60.57
N LEU U 171 -34.67 -36.10 -61.72
CA LEU U 171 -34.50 -35.02 -62.69
C LEU U 171 -35.01 -33.70 -62.14
N SER U 172 -36.16 -33.72 -61.47
CA SER U 172 -36.66 -32.51 -60.86
C SER U 172 -35.76 -32.03 -59.73
N LYS U 173 -35.06 -32.96 -59.05
CA LYS U 173 -34.11 -32.56 -58.01
C LYS U 173 -32.89 -31.87 -58.61
N LEU U 174 -32.42 -32.36 -59.75
CA LEU U 174 -31.35 -31.68 -60.46
C LEU U 174 -31.82 -30.30 -60.90
N GLN U 175 -30.96 -29.30 -60.71
CA GLN U 175 -31.30 -27.94 -61.11
C GLN U 175 -31.08 -27.85 -62.62
N LEU U 176 -32.17 -28.07 -63.35
CA LEU U 176 -32.16 -28.12 -64.81
C LEU U 176 -32.90 -26.93 -65.39
N SER U 177 -32.33 -26.35 -66.45
CA SER U 177 -32.92 -25.16 -67.05
C SER U 177 -34.21 -25.52 -67.77
N ASN U 178 -35.26 -24.74 -67.53
CA ASN U 178 -36.49 -24.82 -68.30
C ASN U 178 -37.06 -26.23 -68.22
N PHE U 179 -37.27 -26.72 -67.00
CA PHE U 179 -37.73 -28.08 -66.77
C PHE U 179 -39.04 -28.00 -65.99
N ASP U 180 -40.15 -28.23 -66.69
CA ASP U 180 -41.46 -28.36 -66.08
C ASP U 180 -42.03 -29.72 -66.43
N THR U 181 -42.81 -30.29 -65.51
CA THR U 181 -43.37 -31.61 -65.72
C THR U 181 -44.87 -31.62 -66.01
N PRO U 182 -45.61 -30.51 -65.85
CA PRO U 182 -47.09 -30.62 -65.92
C PRO U 182 -47.60 -31.32 -67.17
N PHE U 183 -47.10 -30.94 -68.35
CA PHE U 183 -47.64 -31.52 -69.58
C PHE U 183 -47.43 -33.02 -69.59
N PHE U 184 -46.22 -33.48 -69.24
CA PHE U 184 -45.97 -34.91 -69.23
C PHE U 184 -46.80 -35.61 -68.16
N GLN U 185 -46.86 -35.04 -66.95
CA GLN U 185 -47.74 -35.59 -65.92
C GLN U 185 -49.15 -35.75 -66.45
N HIS U 186 -49.63 -34.75 -67.21
CA HIS U 186 -50.99 -34.82 -67.74
C HIS U 186 -51.18 -36.09 -68.57
N LEU U 187 -50.23 -36.40 -69.46
CA LEU U 187 -50.38 -37.58 -70.30
C LEU U 187 -50.30 -38.86 -69.48
N LEU U 188 -49.39 -38.92 -68.50
CA LEU U 188 -49.35 -40.08 -67.61
C LEU U 188 -50.68 -40.31 -66.92
N SER U 189 -51.21 -39.27 -66.26
CA SER U 189 -52.49 -39.40 -65.59
C SER U 189 -53.55 -39.94 -66.55
N LYS U 190 -53.56 -39.45 -67.79
CA LYS U 190 -54.50 -39.94 -68.78
C LYS U 190 -54.32 -41.42 -69.12
N PHE U 191 -53.23 -42.07 -68.73
CA PHE U 191 -52.98 -43.43 -69.19
C PHE U 191 -52.59 -44.36 -68.04
N GLN U 192 -53.04 -44.09 -66.83
CA GLN U 192 -52.77 -45.03 -65.75
C GLN U 192 -53.82 -46.15 -65.78
N LEU U 193 -53.69 -47.12 -64.89
CA LEU U 193 -54.44 -48.35 -65.08
C LEU U 193 -55.19 -48.82 -63.84
N SER U 194 -54.48 -49.19 -62.78
CA SER U 194 -55.08 -49.60 -61.51
C SER U 194 -55.75 -50.96 -61.58
N LEU U 195 -57.09 -50.99 -61.41
CA LEU U 195 -57.79 -52.25 -61.59
C LEU U 195 -57.60 -52.78 -63.00
N SER U 196 -57.29 -51.89 -63.94
CA SER U 196 -56.98 -52.33 -65.30
C SER U 196 -55.79 -53.28 -65.30
N GLU U 197 -54.80 -53.02 -64.44
CA GLU U 197 -53.68 -53.94 -64.27
C GLU U 197 -54.18 -55.38 -64.14
N VAL U 198 -55.19 -55.59 -63.30
CA VAL U 198 -55.66 -56.95 -63.02
C VAL U 198 -56.21 -57.59 -64.29
N ARG U 199 -57.07 -56.86 -65.01
CA ARG U 199 -57.56 -57.33 -66.29
C ARG U 199 -56.42 -57.73 -67.23
N GLN U 200 -55.44 -56.85 -67.31
CA GLN U 200 -54.37 -56.83 -68.27
C GLN U 200 -53.49 -58.06 -68.07
N LEU U 201 -53.15 -58.30 -66.82
CA LEU U 201 -52.34 -59.47 -66.41
C LEU U 201 -52.83 -60.76 -67.07
N GLN U 202 -54.15 -60.91 -67.17
CA GLN U 202 -54.70 -61.99 -67.96
C GLN U 202 -54.55 -61.68 -69.46
N PRO U 212 -46.21 -59.50 -75.84
CA PRO U 212 -46.07 -58.29 -76.68
C PRO U 212 -45.12 -57.25 -76.08
N LEU U 213 -45.52 -55.98 -76.14
CA LEU U 213 -44.71 -54.86 -75.68
C LEU U 213 -45.39 -54.25 -74.47
N LYS U 214 -44.66 -54.12 -73.36
CA LYS U 214 -45.31 -53.84 -72.08
C LYS U 214 -45.11 -52.43 -71.53
N SER U 215 -44.11 -51.71 -71.99
CA SER U 215 -43.78 -50.44 -71.36
C SER U 215 -44.87 -49.39 -71.62
N GLN U 216 -45.04 -48.51 -70.64
CA GLN U 216 -46.02 -47.43 -70.75
C GLN U 216 -45.38 -46.07 -70.95
N ALA U 217 -44.07 -45.95 -70.76
CA ALA U 217 -43.41 -44.65 -70.91
C ALA U 217 -41.92 -44.86 -71.16
N ALA U 218 -41.26 -43.78 -71.59
CA ALA U 218 -39.83 -43.77 -71.83
C ALA U 218 -39.35 -42.33 -71.79
N PHE U 219 -38.03 -42.18 -71.79
CA PHE U 219 -37.40 -40.87 -71.67
C PHE U 219 -36.42 -40.64 -72.82
N GLY U 220 -36.15 -39.36 -73.06
CA GLY U 220 -35.16 -38.99 -74.03
C GLY U 220 -34.31 -37.83 -73.54
N PHE U 221 -33.03 -37.86 -73.91
CA PHE U 221 -32.07 -36.87 -73.47
C PHE U 221 -31.28 -36.34 -74.66
N ASP U 222 -31.39 -35.05 -74.90
CA ASP U 222 -30.62 -34.39 -75.95
C ASP U 222 -29.54 -33.56 -75.27
N PHE U 223 -28.29 -33.83 -75.62
CA PHE U 223 -27.15 -33.10 -75.09
C PHE U 223 -26.76 -32.08 -76.14
N ASN U 224 -27.16 -30.83 -75.96
CA ASN U 224 -26.86 -29.84 -76.97
C ASN U 224 -25.40 -29.41 -76.80
N PRO U 225 -24.84 -28.72 -77.79
CA PRO U 225 -23.40 -28.42 -77.72
C PRO U 225 -23.04 -27.66 -76.46
N ASP U 226 -23.89 -26.75 -76.03
CA ASP U 226 -23.76 -26.15 -74.71
C ASP U 226 -23.92 -27.23 -73.65
N GLY U 227 -23.32 -27.00 -72.48
CA GLY U 227 -23.43 -27.99 -71.42
C GLY U 227 -24.81 -28.09 -70.80
N ALA U 228 -25.84 -28.34 -71.61
CA ALA U 228 -27.23 -28.41 -71.15
C ALA U 228 -27.91 -29.63 -71.74
N ILE U 229 -28.68 -30.33 -70.91
CA ILE U 229 -29.45 -31.49 -71.32
C ILE U 229 -30.90 -31.07 -71.50
N LEU U 230 -31.57 -31.62 -72.49
CA LEU U 230 -33.01 -31.43 -72.66
C LEU U 230 -33.69 -32.79 -72.59
N VAL U 231 -34.78 -32.84 -71.82
CA VAL U 231 -35.44 -34.10 -71.46
C VAL U 231 -36.71 -34.28 -72.29
N LYS U 232 -36.81 -35.43 -72.94
CA LYS U 232 -37.92 -35.78 -73.79
C LYS U 232 -38.60 -37.00 -73.21
N GLY U 233 -39.92 -36.98 -73.17
CA GLY U 233 -40.70 -38.05 -72.59
C GLY U 233 -41.64 -38.69 -73.59
N TYR U 234 -41.88 -39.99 -73.40
CA TYR U 234 -42.74 -40.76 -74.29
C TYR U 234 -43.89 -41.37 -73.50
N VAL U 235 -44.94 -41.74 -74.22
CA VAL U 235 -46.14 -42.32 -73.63
C VAL U 235 -46.67 -43.37 -74.59
N PHE U 236 -46.96 -44.55 -74.06
CA PHE U 236 -47.36 -45.66 -74.91
C PHE U 236 -48.80 -46.03 -74.57
N PRO U 237 -49.77 -45.49 -75.29
CA PRO U 237 -51.18 -45.65 -74.89
C PRO U 237 -51.77 -47.00 -75.25
N TYR U 238 -51.00 -47.91 -75.85
CA TYR U 238 -51.54 -49.22 -76.21
C TYR U 238 -52.10 -49.95 -75.00
N LEU U 239 -51.41 -49.89 -73.87
CA LEU U 239 -51.87 -50.60 -72.67
C LEU U 239 -53.21 -50.05 -72.22
N LYS U 240 -53.27 -48.74 -71.98
CA LYS U 240 -54.51 -48.10 -71.54
C LYS U 240 -55.63 -48.36 -72.53
N ALA U 241 -55.33 -48.31 -73.84
CA ALA U 241 -56.36 -48.53 -74.85
C ALA U 241 -56.85 -49.98 -74.86
N LYS U 242 -55.92 -50.93 -74.73
CA LYS U 242 -56.30 -52.34 -74.76
C LYS U 242 -57.16 -52.73 -73.57
N ALA U 243 -56.85 -52.18 -72.38
CA ALA U 243 -57.62 -52.52 -71.18
C ALA U 243 -59.06 -52.04 -71.29
N ALA U 244 -59.27 -50.81 -71.76
CA ALA U 244 -60.61 -50.25 -71.87
C ALA U 244 -61.33 -50.70 -73.13
N ASP U 245 -60.69 -51.54 -73.96
CA ASP U 245 -61.25 -51.97 -75.23
C ASP U 245 -61.76 -50.75 -76.00
N VAL U 246 -60.93 -49.71 -76.05
CA VAL U 246 -61.23 -48.48 -76.75
C VAL U 246 -60.10 -48.25 -77.75
N PRO U 247 -60.39 -47.87 -78.99
CA PRO U 247 -59.32 -47.66 -79.97
C PRO U 247 -58.34 -46.58 -79.52
N VAL U 248 -57.07 -46.78 -79.89
CA VAL U 248 -56.01 -45.92 -79.36
C VAL U 248 -56.31 -44.46 -79.67
N GLY U 249 -56.62 -44.18 -80.95
CA GLY U 249 -56.82 -42.80 -81.37
C GLY U 249 -57.95 -42.10 -80.66
N THR U 250 -59.03 -42.83 -80.37
CA THR U 250 -60.17 -42.21 -79.69
C THR U 250 -59.74 -41.60 -78.37
N LEU U 251 -58.94 -42.33 -77.59
CA LEU U 251 -58.43 -41.76 -76.35
C LEU U 251 -57.24 -40.84 -76.59
N ILE U 252 -56.44 -41.11 -77.63
CA ILE U 252 -55.39 -40.17 -77.99
C ILE U 252 -55.98 -38.81 -78.35
N ALA U 253 -56.95 -38.82 -79.27
CA ALA U 253 -57.66 -37.59 -79.62
C ALA U 253 -58.29 -36.97 -78.38
N GLU U 254 -58.99 -37.78 -77.59
CA GLU U 254 -59.60 -37.27 -76.37
C GLU U 254 -58.53 -36.81 -75.40
N ALA U 255 -57.37 -37.48 -75.41
CA ALA U 255 -56.23 -37.04 -74.60
C ALA U 255 -55.74 -35.68 -75.08
N VAL U 256 -55.60 -35.52 -76.40
CA VAL U 256 -55.23 -34.23 -76.96
C VAL U 256 -56.31 -33.20 -76.66
N ARG U 257 -57.57 -33.59 -76.77
CA ARG U 257 -58.65 -32.64 -76.53
C ARG U 257 -58.66 -32.15 -75.09
N THR U 258 -58.38 -33.05 -74.14
CA THR U 258 -58.40 -32.67 -72.74
C THR U 258 -57.41 -31.55 -72.46
N ILE U 259 -56.32 -31.49 -73.23
CA ILE U 259 -55.38 -30.38 -73.13
C ILE U 259 -55.80 -29.19 -73.97
N ASP U 260 -56.89 -29.32 -74.75
CA ASP U 260 -57.34 -28.23 -75.64
C ASP U 260 -58.04 -27.12 -74.89
N VAL U 261 -58.99 -27.44 -74.01
CA VAL U 261 -59.49 -26.40 -73.10
C VAL U 261 -58.36 -25.92 -72.21
N GLU U 262 -57.37 -26.79 -71.97
CA GLU U 262 -56.16 -26.39 -71.24
C GLU U 262 -55.31 -25.43 -72.06
N ARG U 263 -55.17 -25.69 -73.35
CA ARG U 263 -54.91 -24.68 -74.39
C ARG U 263 -55.11 -25.26 -75.78
N ASN U 264 -56.04 -24.66 -76.52
CA ASN U 264 -56.53 -25.17 -77.79
C ASN U 264 -55.62 -24.77 -78.94
N GLN U 265 -54.33 -25.06 -78.84
CA GLN U 265 -53.39 -24.75 -79.90
C GLN U 265 -53.03 -25.95 -80.74
N PHE U 266 -53.36 -27.16 -80.29
CA PHE U 266 -53.07 -28.38 -81.03
C PHE U 266 -54.28 -28.91 -81.80
N THR U 267 -55.46 -28.31 -81.57
CA THR U 267 -56.68 -28.79 -82.20
C THR U 267 -56.54 -28.86 -83.71
N HIS U 268 -56.23 -27.72 -84.34
CA HIS U 268 -56.20 -27.66 -85.81
C HIS U 268 -55.22 -28.68 -86.37
N ALA U 269 -53.96 -28.60 -85.94
CA ALA U 269 -52.93 -29.50 -86.46
C ALA U 269 -53.26 -30.95 -86.14
N PHE U 270 -53.70 -31.25 -84.92
CA PHE U 270 -53.99 -32.63 -84.56
C PHE U 270 -55.22 -33.15 -85.32
N GLY U 271 -56.37 -32.49 -85.14
CA GLY U 271 -57.56 -32.87 -85.89
C GLY U 271 -57.27 -33.07 -87.37
N LEU U 272 -56.27 -32.36 -87.88
CA LEU U 272 -55.84 -32.57 -89.26
C LEU U 272 -55.12 -33.91 -89.43
N ILE U 273 -54.37 -34.34 -88.43
CA ILE U 273 -53.69 -35.63 -88.53
C ILE U 273 -54.67 -36.75 -88.26
N ASN U 274 -55.51 -36.59 -87.23
CA ASN U 274 -56.43 -37.65 -86.85
C ASN U 274 -57.37 -37.98 -87.98
N ASP U 275 -57.69 -37.01 -88.82
CA ASP U 275 -58.51 -37.28 -89.99
C ASP U 275 -57.79 -38.23 -90.94
N TYR U 276 -56.52 -37.96 -91.22
CA TYR U 276 -55.77 -38.85 -92.11
C TYR U 276 -55.60 -40.24 -91.50
N MET U 277 -55.37 -40.30 -90.18
CA MET U 277 -55.17 -41.59 -89.53
C MET U 277 -56.42 -42.44 -89.63
N GLN U 278 -57.58 -41.82 -89.46
CA GLN U 278 -58.84 -42.55 -89.61
C GLN U 278 -59.11 -42.89 -91.08
N GLU U 279 -58.71 -42.02 -92.01
CA GLU U 279 -58.80 -42.37 -93.42
C GLU U 279 -58.04 -43.66 -93.70
N SER U 280 -56.75 -43.71 -93.35
CA SER U 280 -55.83 -44.72 -93.82
C SER U 280 -55.69 -45.91 -92.88
N THR U 281 -56.48 -45.97 -91.81
CA THR U 281 -56.29 -46.99 -90.77
C THR U 281 -54.84 -46.97 -90.25
N GLY U 282 -54.30 -45.76 -90.08
CA GLY U 282 -52.92 -45.62 -89.63
C GLY U 282 -52.74 -45.97 -88.16
N TYR U 283 -53.72 -45.62 -87.33
CA TYR U 283 -53.71 -45.99 -85.92
C TYR U 283 -53.63 -47.51 -85.76
N ASN U 284 -52.88 -47.93 -84.75
CA ASN U 284 -52.63 -49.34 -84.51
C ASN U 284 -52.05 -49.47 -83.10
N GLU U 285 -51.70 -50.70 -82.76
CA GLU U 285 -51.08 -50.93 -81.45
C GLU U 285 -49.81 -50.12 -81.30
N TYR U 286 -49.04 -49.97 -82.37
CA TYR U 286 -47.73 -49.35 -82.28
C TYR U 286 -47.79 -47.84 -82.18
N THR U 287 -48.92 -47.23 -82.51
CA THR U 287 -49.03 -45.78 -82.40
C THR U 287 -48.79 -45.33 -80.96
N PHE U 288 -47.98 -44.29 -80.81
CA PHE U 288 -47.74 -43.75 -79.48
C PHE U 288 -47.49 -42.26 -79.58
N LEU U 289 -47.09 -41.65 -78.46
CA LEU U 289 -47.13 -40.20 -78.33
C LEU U 289 -45.84 -39.74 -77.67
N SER U 290 -45.53 -38.45 -77.81
CA SER U 290 -44.28 -37.90 -77.30
C SER U 290 -44.50 -36.44 -76.94
N CYS U 291 -43.54 -35.84 -76.24
CA CYS U 291 -43.57 -34.40 -75.97
C CYS U 291 -42.26 -34.01 -75.29
N ASP U 292 -42.14 -32.70 -75.01
CA ASP U 292 -40.95 -32.13 -74.37
C ASP U 292 -41.26 -31.69 -72.96
N PHE U 293 -40.23 -31.66 -72.11
CA PHE U 293 -40.37 -31.26 -70.72
C PHE U 293 -40.09 -29.78 -70.56
N VAL U 294 -41.05 -28.95 -70.95
CA VAL U 294 -40.90 -27.50 -70.78
C VAL U 294 -42.26 -26.84 -70.93
N GLU U 295 -42.36 -25.62 -70.40
CA GLU U 295 -43.39 -24.65 -70.75
C GLU U 295 -44.19 -25.02 -71.99
N THR U 296 -45.52 -24.90 -71.90
CA THR U 296 -46.40 -25.28 -73.00
C THR U 296 -46.09 -24.51 -74.28
N SER U 297 -45.72 -23.23 -74.15
CA SER U 297 -45.50 -22.41 -75.33
C SER U 297 -44.47 -23.03 -76.26
N GLU U 298 -43.33 -23.45 -75.71
CA GLU U 298 -42.23 -23.98 -76.49
C GLU U 298 -42.26 -25.50 -76.66
N GLN U 299 -43.39 -26.14 -76.37
CA GLN U 299 -43.45 -27.59 -76.39
C GLN U 299 -43.94 -28.12 -77.72
N ARG U 300 -43.39 -29.26 -78.13
CA ARG U 300 -43.66 -29.86 -79.43
C ARG U 300 -44.17 -31.28 -79.19
N LEU U 301 -45.50 -31.47 -79.21
CA LEU U 301 -46.01 -32.82 -79.00
C LEU U 301 -46.01 -33.55 -80.33
N LYS U 302 -45.71 -34.83 -80.28
CA LYS U 302 -45.44 -35.60 -81.48
C LYS U 302 -46.26 -36.88 -81.40
N ILE U 303 -46.82 -37.29 -82.53
CA ILE U 303 -47.55 -38.56 -82.64
C ILE U 303 -46.72 -39.48 -83.53
N TYR U 304 -46.41 -40.67 -83.03
CA TYR U 304 -45.67 -41.63 -83.83
C TYR U 304 -46.58 -42.79 -84.19
N GLY U 305 -46.17 -43.53 -85.21
CA GLY U 305 -46.88 -44.72 -85.62
C GLY U 305 -45.99 -45.54 -86.54
N ALA U 306 -46.50 -46.70 -86.95
CA ALA U 306 -45.75 -47.60 -87.80
C ALA U 306 -46.67 -48.26 -88.81
N HIS U 307 -46.06 -48.84 -89.84
CA HIS U 307 -46.75 -49.64 -90.84
C HIS U 307 -45.92 -50.85 -91.23
N THR U 308 -46.60 -51.99 -91.33
CA THR U 308 -45.96 -53.26 -91.61
C THR U 308 -45.28 -53.26 -92.99
N GLU U 309 -46.06 -53.05 -94.04
CA GLU U 309 -45.54 -52.98 -95.41
C GLU U 309 -45.89 -51.64 -96.02
N VAL U 310 -44.90 -51.03 -96.67
CA VAL U 310 -45.04 -49.67 -97.18
C VAL U 310 -44.24 -49.53 -98.48
N THR U 311 -44.89 -48.97 -99.49
CA THR U 311 -44.29 -48.66 -100.77
C THR U 311 -43.87 -47.20 -100.82
N TRP U 312 -43.20 -46.81 -101.92
CA TRP U 312 -42.91 -45.39 -102.10
C TRP U 312 -44.21 -44.56 -102.14
N ALA U 313 -45.21 -45.04 -102.89
CA ALA U 313 -46.47 -44.30 -102.96
C ALA U 313 -47.09 -44.14 -101.58
N LYS U 314 -47.04 -45.21 -100.76
CA LYS U 314 -47.50 -45.11 -99.38
C LYS U 314 -46.71 -44.07 -98.61
N ILE U 315 -45.38 -44.04 -98.80
CA ILE U 315 -44.54 -43.06 -98.12
C ILE U 315 -44.94 -41.66 -98.54
N ALA U 316 -45.07 -41.43 -99.86
CA ALA U 316 -45.53 -40.14 -100.36
C ALA U 316 -46.94 -39.82 -99.87
N GLU U 317 -47.81 -40.83 -99.86
CA GLU U 317 -49.14 -40.64 -99.28
C GLU U 317 -49.04 -40.18 -97.84
N MET U 318 -48.17 -40.81 -97.04
CA MET U 318 -48.07 -40.43 -95.64
C MET U 318 -47.34 -39.09 -95.46
N TRP U 319 -46.22 -38.90 -96.18
CA TRP U 319 -45.47 -37.66 -96.04
C TRP U 319 -46.36 -36.44 -96.35
N THR U 320 -47.24 -36.57 -97.35
CA THR U 320 -48.23 -35.53 -97.62
C THR U 320 -49.55 -35.78 -96.93
N LEU U 321 -49.60 -36.74 -96.00
CA LEU U 321 -50.75 -36.92 -95.11
C LEU U 321 -52.03 -37.00 -95.94
N GLY U 322 -52.01 -37.92 -96.89
CA GLY U 322 -52.99 -37.89 -97.96
C GLY U 322 -52.68 -36.79 -98.95
N GLY U 323 -53.56 -35.82 -99.09
CA GLY U 323 -53.22 -34.63 -99.86
C GLY U 323 -53.30 -33.38 -99.01
N ARG U 324 -53.42 -33.59 -97.69
CA ARG U 324 -53.77 -32.50 -96.78
C ARG U 324 -52.87 -31.27 -96.97
N LEU U 325 -51.58 -31.49 -97.17
CA LEU U 325 -50.60 -30.41 -97.09
C LEU U 325 -49.73 -30.35 -98.33
N ILE U 326 -50.28 -30.69 -99.52
CA ILE U 326 -49.62 -30.39 -100.78
C ILE U 326 -49.45 -28.88 -100.99
N GLU U 327 -50.34 -28.08 -100.40
CA GLU U 327 -50.27 -26.63 -100.56
C GLU U 327 -48.93 -26.08 -100.11
N GLU U 328 -48.43 -26.55 -98.97
CA GLU U 328 -47.17 -26.07 -98.43
C GLU U 328 -46.01 -26.42 -99.37
N PRO U 329 -45.15 -25.46 -99.71
CA PRO U 329 -44.02 -25.80 -100.58
C PRO U 329 -42.98 -26.64 -99.87
N GLU U 330 -42.75 -26.40 -98.59
CA GLU U 330 -41.76 -27.15 -97.82
C GLU U 330 -41.87 -28.65 -98.03
N ILE U 331 -43.06 -29.21 -97.82
CA ILE U 331 -43.25 -30.67 -97.89
C ILE U 331 -42.76 -31.22 -99.21
N ILE U 332 -43.13 -30.56 -100.32
CA ILE U 332 -42.77 -31.04 -101.64
C ILE U 332 -41.25 -31.13 -101.79
N ALA U 333 -40.54 -30.08 -101.35
CA ALA U 333 -39.08 -30.10 -101.37
C ALA U 333 -38.51 -31.23 -100.51
N GLY U 334 -38.94 -31.31 -99.26
CA GLY U 334 -38.48 -32.37 -98.38
C GLY U 334 -38.72 -33.76 -98.94
N LEU U 335 -39.88 -33.99 -99.56
CA LEU U 335 -40.17 -35.31 -100.11
C LEU U 335 -39.25 -35.66 -101.27
N ALA U 336 -38.87 -34.66 -102.07
CA ALA U 336 -37.94 -34.90 -103.17
C ALA U 336 -36.64 -35.46 -102.63
N ARG U 337 -36.01 -34.73 -101.70
CA ARG U 337 -34.82 -35.23 -101.03
C ARG U 337 -35.05 -36.61 -100.44
N LEU U 338 -36.25 -36.84 -99.91
CA LEU U 338 -36.49 -38.11 -99.22
C LEU U 338 -36.32 -39.28 -100.17
N LYS U 339 -36.89 -39.19 -101.38
CA LYS U 339 -36.73 -40.32 -102.29
C LYS U 339 -35.29 -40.50 -102.69
N GLN U 340 -34.52 -39.43 -102.65
CA GLN U 340 -33.11 -39.54 -103.00
C GLN U 340 -32.42 -40.50 -102.07
N ILE U 341 -32.83 -40.53 -100.80
CA ILE U 341 -32.24 -41.46 -99.84
C ILE U 341 -32.87 -42.83 -99.99
N TRP U 342 -34.20 -42.88 -100.04
CA TRP U 342 -34.90 -44.15 -100.16
C TRP U 342 -34.28 -45.01 -101.26
N SER U 343 -33.89 -44.35 -102.36
CA SER U 343 -33.27 -45.05 -103.48
C SER U 343 -31.88 -45.54 -103.12
N LEU U 344 -31.07 -44.70 -102.45
CA LEU U 344 -29.72 -45.12 -102.08
C LEU U 344 -29.73 -46.29 -101.10
N LEU U 345 -30.64 -46.26 -100.13
CA LEU U 345 -30.56 -47.15 -98.98
C LEU U 345 -30.99 -48.56 -99.36
N GLN U 346 -32.23 -48.70 -99.82
CA GLN U 346 -32.83 -50.00 -100.07
C GLN U 346 -32.45 -50.56 -101.44
N ILE U 347 -31.57 -49.89 -102.17
CA ILE U 347 -31.21 -50.33 -103.52
C ILE U 347 -30.35 -51.59 -103.44
N ILE U 369 -41.32 -60.89 -88.68
CA ILE U 369 -40.58 -61.41 -89.83
C ILE U 369 -39.57 -60.36 -90.32
N ALA U 370 -39.89 -59.09 -90.06
CA ALA U 370 -39.05 -57.98 -90.47
C ALA U 370 -39.44 -56.75 -89.68
N SER U 371 -38.60 -55.70 -89.80
CA SER U 371 -38.83 -54.50 -89.02
C SER U 371 -39.80 -53.55 -89.73
N PRO U 372 -40.70 -52.90 -89.00
CA PRO U 372 -41.60 -51.92 -89.60
C PRO U 372 -40.90 -50.58 -89.76
N ILE U 373 -41.52 -49.69 -90.53
CA ILE U 373 -41.02 -48.32 -90.69
C ILE U 373 -41.90 -47.43 -89.83
N ILE U 374 -41.30 -46.42 -89.20
CA ILE U 374 -42.02 -45.59 -88.25
C ILE U 374 -42.16 -44.19 -88.83
N TRP U 375 -43.26 -43.54 -88.47
CA TRP U 375 -43.53 -42.17 -88.87
C TRP U 375 -43.83 -41.31 -87.64
N ASN U 376 -43.73 -40.00 -87.86
CA ASN U 376 -43.80 -39.00 -86.82
C ASN U 376 -44.48 -37.76 -87.37
N TYR U 377 -45.37 -37.19 -86.58
CA TYR U 377 -45.98 -35.91 -86.92
C TYR U 377 -45.78 -34.96 -85.76
N GLU U 378 -45.02 -33.90 -85.98
CA GLU U 378 -44.66 -32.96 -84.94
C GLU U 378 -45.57 -31.74 -85.00
N ILE U 379 -46.36 -31.54 -83.93
CA ILE U 379 -47.35 -30.46 -83.89
C ILE U 379 -46.83 -29.30 -83.05
N HIS U 380 -46.01 -28.45 -83.64
CA HIS U 380 -45.68 -27.19 -83.01
C HIS U 380 -46.97 -26.40 -82.75
N PRO U 381 -47.15 -25.82 -81.57
CA PRO U 381 -48.47 -25.27 -81.22
C PRO U 381 -48.86 -24.06 -82.04
N GLY U 382 -47.94 -23.11 -82.24
CA GLY U 382 -48.30 -21.91 -82.98
C GLY U 382 -48.72 -22.20 -84.41
N SER U 383 -48.03 -23.13 -85.06
CA SER U 383 -48.21 -23.36 -86.48
C SER U 383 -49.56 -24.01 -86.79
N ARG U 384 -49.86 -24.10 -88.08
CA ARG U 384 -51.12 -24.67 -88.56
C ARG U 384 -50.99 -26.04 -89.20
N PHE U 385 -49.79 -26.46 -89.61
CA PHE U 385 -49.60 -27.80 -90.14
C PHE U 385 -48.65 -28.62 -89.27
N PRO U 386 -48.73 -29.94 -89.37
CA PRO U 386 -47.70 -30.80 -88.75
C PRO U 386 -46.47 -30.90 -89.65
N VAL U 387 -45.34 -31.20 -89.03
CA VAL U 387 -44.09 -31.47 -89.72
C VAL U 387 -43.82 -32.97 -89.65
N PRO U 388 -43.61 -33.66 -90.75
CA PRO U 388 -43.37 -35.09 -90.73
C PRO U 388 -41.91 -35.45 -90.44
N LYS U 389 -41.70 -36.74 -90.29
CA LYS U 389 -40.38 -37.32 -90.06
C LYS U 389 -40.48 -38.83 -90.16
N PHE U 390 -39.58 -39.49 -90.88
CA PHE U 390 -39.66 -40.93 -90.97
C PHE U 390 -38.42 -41.59 -90.39
N TYR U 391 -38.57 -42.88 -90.07
CA TYR U 391 -37.53 -43.68 -89.46
C TYR U 391 -37.41 -44.95 -90.27
N LEU U 392 -36.22 -45.24 -90.77
CA LEU U 392 -36.08 -46.21 -91.83
C LEU U 392 -35.21 -47.36 -91.35
N PRO U 393 -35.66 -48.59 -91.47
CA PRO U 393 -34.88 -49.72 -90.94
C PRO U 393 -33.56 -49.88 -91.65
N VAL U 394 -32.49 -50.03 -90.87
CA VAL U 394 -31.15 -50.20 -91.42
C VAL U 394 -30.57 -51.52 -90.91
N HIS U 395 -30.92 -51.89 -89.68
CA HIS U 395 -30.53 -53.21 -89.18
C HIS U 395 -31.03 -54.29 -90.13
N GLY U 396 -30.10 -55.09 -90.63
CA GLY U 396 -30.33 -56.00 -91.73
C GLY U 396 -29.68 -55.56 -93.01
N GLU U 397 -29.28 -54.29 -93.09
CA GLU U 397 -28.54 -53.76 -94.22
C GLU U 397 -27.07 -53.64 -93.84
N ASN U 398 -26.19 -54.05 -94.77
CA ASN U 398 -24.76 -53.89 -94.54
C ASN U 398 -24.44 -52.50 -94.04
N ASP U 399 -23.96 -52.41 -92.80
CA ASP U 399 -23.71 -51.11 -92.20
C ASP U 399 -22.64 -50.34 -92.95
N LEU U 400 -21.81 -51.01 -93.74
CA LEU U 400 -20.89 -50.30 -94.62
C LEU U 400 -21.61 -49.75 -95.84
N HIS U 401 -22.39 -50.60 -96.52
CA HIS U 401 -23.26 -50.09 -97.57
C HIS U 401 -24.05 -48.90 -97.06
N VAL U 402 -24.50 -48.97 -95.81
CA VAL U 402 -25.30 -47.87 -95.25
C VAL U 402 -24.42 -46.64 -95.04
N ALA U 403 -23.21 -46.84 -94.54
CA ALA U 403 -22.30 -45.72 -94.38
C ALA U 403 -21.96 -45.09 -95.73
N ARG U 404 -21.66 -45.93 -96.71
CA ARG U 404 -21.38 -45.44 -98.06
C ARG U 404 -22.55 -44.64 -98.60
N ALA U 405 -23.71 -45.28 -98.74
CA ALA U 405 -24.87 -44.57 -99.29
C ALA U 405 -25.18 -43.34 -98.47
N LEU U 406 -25.07 -43.45 -97.15
CA LEU U 406 -25.43 -42.34 -96.29
C LEU U 406 -24.53 -41.13 -96.54
N ALA U 407 -23.25 -41.37 -96.82
CA ALA U 407 -22.31 -40.27 -97.02
C ALA U 407 -22.52 -39.62 -98.38
N GLN U 408 -22.78 -40.43 -99.41
CA GLN U 408 -23.08 -39.88 -100.74
C GLN U 408 -24.16 -38.84 -100.64
N PHE U 409 -25.23 -39.15 -99.91
CA PHE U 409 -26.33 -38.20 -99.76
C PHE U 409 -25.89 -36.89 -99.13
N TRP U 410 -24.81 -36.88 -98.35
CA TRP U 410 -24.42 -35.62 -97.72
C TRP U 410 -23.80 -34.68 -98.74
N ASP U 411 -22.98 -35.20 -99.66
CA ASP U 411 -22.45 -34.38 -100.73
C ASP U 411 -23.59 -33.80 -101.58
N SER U 412 -24.54 -34.65 -101.98
CA SER U 412 -25.73 -34.14 -102.69
C SER U 412 -26.33 -32.95 -101.96
N LEU U 413 -26.40 -33.02 -100.63
CA LEU U 413 -26.79 -31.83 -99.88
C LEU U 413 -25.65 -30.83 -99.78
N GLY U 414 -24.41 -31.29 -99.94
CA GLY U 414 -23.26 -30.42 -99.85
C GLY U 414 -22.77 -30.16 -98.44
N TRP U 415 -22.66 -31.20 -97.63
CA TRP U 415 -22.08 -31.06 -96.30
C TRP U 415 -20.64 -31.49 -96.39
N PRO U 416 -19.68 -30.59 -96.37
CA PRO U 416 -18.30 -30.96 -96.70
C PRO U 416 -17.72 -31.97 -95.75
N GLU U 417 -17.72 -31.65 -94.45
CA GLU U 417 -16.97 -32.48 -93.50
C GLU U 417 -17.74 -33.72 -93.05
N HIS U 418 -19.06 -33.62 -92.90
CA HIS U 418 -19.85 -34.74 -92.40
C HIS U 418 -19.77 -35.94 -93.34
N ALA U 419 -19.76 -35.69 -94.65
CA ALA U 419 -19.77 -36.79 -95.61
C ALA U 419 -18.41 -37.43 -95.79
N CYS U 420 -17.34 -36.65 -95.70
CA CYS U 420 -16.01 -37.18 -95.95
C CYS U 420 -15.55 -38.10 -94.83
N ALA U 421 -15.75 -37.71 -93.58
CA ALA U 421 -15.23 -38.43 -92.43
C ALA U 421 -16.29 -39.25 -91.72
N TYR U 422 -17.37 -39.62 -92.40
CA TYR U 422 -18.38 -40.40 -91.71
C TYR U 422 -17.92 -41.84 -91.47
N PRO U 423 -17.71 -42.63 -92.52
CA PRO U 423 -17.38 -44.04 -92.31
C PRO U 423 -16.16 -44.25 -91.42
N ASP U 424 -15.21 -43.30 -91.45
CA ASP U 424 -14.13 -43.34 -90.46
C ASP U 424 -14.69 -43.08 -89.06
N THR U 425 -15.74 -42.27 -88.96
CA THR U 425 -16.37 -42.04 -87.67
C THR U 425 -17.12 -43.26 -87.20
N LEU U 426 -17.58 -44.10 -88.13
CA LEU U 426 -18.36 -45.28 -87.79
C LEU U 426 -17.46 -46.40 -87.25
N GLN U 427 -16.30 -46.61 -87.89
CA GLN U 427 -15.39 -47.64 -87.40
C GLN U 427 -14.80 -47.26 -86.05
N GLN U 428 -14.54 -45.97 -85.84
CA GLN U 428 -13.95 -45.52 -84.59
C GLN U 428 -14.89 -45.67 -83.40
N LEU U 429 -16.20 -45.79 -83.65
CA LEU U 429 -17.16 -46.10 -82.61
C LEU U 429 -17.20 -47.58 -82.26
N TYR U 430 -16.78 -48.45 -83.19
CA TYR U 430 -16.87 -49.90 -83.00
C TYR U 430 -15.56 -50.53 -83.43
N PRO U 431 -14.45 -50.13 -82.82
CA PRO U 431 -13.16 -50.68 -83.23
C PRO U 431 -13.06 -52.19 -83.07
N ASP U 432 -13.82 -52.77 -82.16
CA ASP U 432 -13.85 -54.23 -82.01
C ASP U 432 -14.45 -54.90 -83.25
N GLN U 433 -15.44 -54.27 -83.88
CA GLN U 433 -16.14 -54.86 -85.02
C GLN U 433 -15.51 -54.41 -86.34
N ASP U 434 -15.82 -55.15 -87.41
CA ASP U 434 -15.37 -54.84 -88.77
C ASP U 434 -16.58 -54.53 -89.66
N ILE U 435 -16.71 -53.27 -90.06
CA ILE U 435 -17.89 -52.81 -90.80
C ILE U 435 -18.11 -53.61 -92.09
N SER U 436 -17.04 -54.17 -92.67
CA SER U 436 -17.20 -54.92 -93.91
C SER U 436 -18.28 -55.99 -93.80
N GLN U 437 -18.43 -56.59 -92.60
CA GLN U 437 -19.32 -57.73 -92.39
C GLN U 437 -20.46 -57.48 -91.41
N THR U 438 -20.59 -56.26 -90.86
CA THR U 438 -21.54 -55.97 -89.81
C THR U 438 -22.89 -55.52 -90.38
N THR U 439 -23.97 -55.84 -89.66
CA THR U 439 -25.32 -55.49 -90.08
C THR U 439 -26.15 -54.78 -89.03
N ARG U 440 -26.04 -55.18 -87.75
CA ARG U 440 -26.91 -54.62 -86.72
C ARG U 440 -26.37 -53.34 -86.11
N LEU U 441 -25.15 -52.91 -86.48
CA LEU U 441 -24.56 -51.75 -85.83
C LEU U 441 -25.39 -50.46 -85.98
N GLN U 442 -26.22 -50.28 -87.04
CA GLN U 442 -27.03 -49.05 -87.23
C GLN U 442 -28.40 -49.57 -87.48
N SER U 443 -29.36 -48.97 -86.84
CA SER U 443 -30.68 -49.57 -86.83
C SER U 443 -31.76 -48.70 -87.44
N TRP U 444 -31.70 -47.38 -87.24
CA TRP U 444 -32.76 -46.52 -87.76
C TRP U 444 -32.13 -45.24 -88.32
N ILE U 445 -32.82 -44.62 -89.28
CA ILE U 445 -32.47 -43.30 -89.79
C ILE U 445 -33.71 -42.44 -89.81
N SER U 446 -33.61 -41.23 -89.27
CA SER U 446 -34.75 -40.32 -89.19
C SER U 446 -34.56 -39.20 -90.21
N TYR U 447 -35.68 -38.78 -90.80
CA TYR U 447 -35.66 -37.75 -91.83
C TYR U 447 -36.72 -36.71 -91.56
N SER U 448 -36.31 -35.46 -91.50
CA SER U 448 -37.22 -34.33 -91.40
C SER U 448 -36.71 -33.28 -92.37
N TYR U 449 -37.58 -32.36 -92.77
CA TYR U 449 -37.14 -31.24 -93.58
C TYR U 449 -37.78 -29.96 -93.09
N THR U 450 -37.01 -28.88 -93.08
CA THR U 450 -37.53 -27.55 -92.76
C THR U 450 -36.95 -26.55 -93.75
N ALA U 451 -37.72 -25.50 -94.04
CA ALA U 451 -37.18 -24.41 -94.82
C ALA U 451 -36.02 -23.76 -94.07
N LYS U 452 -36.24 -23.47 -92.79
CA LYS U 452 -35.21 -22.82 -91.99
C LYS U 452 -34.05 -23.77 -91.73
N ARG U 453 -34.31 -24.89 -91.05
CA ARG U 453 -33.25 -25.80 -90.66
C ARG U 453 -32.58 -26.46 -91.85
N GLY U 454 -33.37 -26.91 -92.82
CA GLY U 454 -32.81 -27.72 -93.86
C GLY U 454 -33.15 -29.18 -93.66
N VAL U 455 -32.16 -30.05 -93.60
CA VAL U 455 -32.39 -31.48 -93.54
C VAL U 455 -32.02 -31.98 -92.15
N TYR U 456 -33.04 -32.20 -91.32
CA TYR U 456 -32.88 -33.00 -90.11
C TYR U 456 -32.64 -34.44 -90.48
N MET U 457 -31.75 -35.10 -89.74
CA MET U 457 -31.51 -36.51 -89.99
C MET U 457 -30.62 -37.12 -88.91
N SER U 458 -31.05 -38.25 -88.34
CA SER U 458 -30.41 -38.80 -87.15
C SER U 458 -30.22 -40.30 -87.31
N VAL U 459 -29.18 -40.84 -86.67
CA VAL U 459 -28.85 -42.25 -86.77
C VAL U 459 -28.89 -42.90 -85.38
N TYR U 460 -29.49 -44.09 -85.33
CA TYR U 460 -29.71 -44.80 -84.08
C TYR U 460 -28.87 -46.06 -84.14
N TYR U 461 -28.08 -46.29 -83.09
CA TYR U 461 -27.01 -47.27 -83.14
C TYR U 461 -27.25 -48.41 -82.18
N HIS U 462 -26.49 -49.49 -82.39
CA HIS U 462 -26.37 -50.57 -81.42
C HIS U 462 -25.67 -50.05 -80.17
N SER U 463 -26.40 -49.98 -79.05
CA SER U 463 -25.99 -49.15 -77.92
C SER U 463 -25.44 -49.97 -76.75
N GLN U 464 -24.98 -51.18 -76.99
CA GLN U 464 -24.20 -51.92 -75.99
C GLN U 464 -22.95 -52.48 -76.65
N SER U 465 -22.04 -53.00 -75.84
CA SER U 465 -20.71 -53.38 -76.32
C SER U 465 -20.57 -54.87 -76.55
N THR U 466 -21.65 -55.63 -76.50
CA THR U 466 -21.61 -57.05 -76.81
C THR U 466 -22.59 -57.33 -77.94
N TYR U 467 -22.08 -57.84 -79.05
CA TYR U 467 -22.81 -57.96 -80.30
C TYR U 467 -22.90 -59.44 -80.70
N LEU U 468 -24.09 -59.90 -81.04
CA LEU U 468 -24.34 -61.32 -81.24
C LEU U 468 -24.17 -61.69 -82.70
N PRO V 52 -53.94 16.96 14.55
CA PRO V 52 -54.10 16.18 15.79
C PRO V 52 -53.23 14.93 15.83
N SER V 53 -53.09 14.33 17.02
CA SER V 53 -52.34 13.09 17.17
C SER V 53 -53.18 11.90 16.71
N PRO V 54 -52.51 10.84 16.20
CA PRO V 54 -53.22 9.86 15.35
C PRO V 54 -53.83 8.65 16.07
N ALA V 55 -53.05 7.95 16.89
CA ALA V 55 -53.39 6.59 17.29
C ALA V 55 -54.71 6.45 18.01
N GLN V 56 -55.22 7.52 18.61
CA GLN V 56 -56.50 7.44 19.33
C GLN V 56 -57.71 7.39 18.40
N ALA V 57 -57.50 7.16 17.10
CA ALA V 57 -58.62 6.95 16.19
C ALA V 57 -59.31 5.63 16.47
N LEU V 58 -58.60 4.66 17.07
CA LEU V 58 -59.20 3.37 17.36
C LEU V 58 -60.44 3.49 18.23
N ALA V 59 -60.43 4.43 19.17
CA ALA V 59 -61.54 4.58 20.10
C ALA V 59 -62.88 4.88 19.44
N SER V 60 -62.89 5.40 18.20
CA SER V 60 -64.15 5.84 17.58
C SER V 60 -65.19 4.73 17.56
N TYR V 61 -64.80 3.53 17.19
CA TYR V 61 -65.74 2.41 17.10
C TYR V 61 -65.53 1.38 18.22
N HIS V 62 -65.24 1.87 19.42
CA HIS V 62 -65.11 1.03 20.61
C HIS V 62 -65.92 1.65 21.74
N HIS V 63 -66.58 0.80 22.53
CA HIS V 63 -67.38 1.23 23.67
C HIS V 63 -66.74 0.71 24.95
N PHE V 64 -66.35 1.63 25.84
CA PHE V 64 -65.76 1.19 27.09
C PHE V 64 -66.84 0.71 28.06
N PRO V 65 -66.72 -0.51 28.59
CA PRO V 65 -67.85 -1.09 29.35
C PRO V 65 -68.29 -0.28 30.57
N THR V 66 -67.37 0.14 31.41
CA THR V 66 -67.73 0.81 32.64
C THR V 66 -67.50 2.31 32.54
N ASN V 67 -68.17 3.07 33.39
CA ASN V 67 -67.85 4.49 33.49
C ASN V 67 -66.41 4.68 34.00
N ASP V 68 -65.98 3.84 34.95
CA ASP V 68 -64.60 3.94 35.40
C ASP V 68 -63.66 3.95 34.21
N GLN V 69 -63.78 2.94 33.33
CA GLN V 69 -62.86 2.88 32.19
C GLN V 69 -62.99 4.11 31.31
N GLU V 70 -64.21 4.52 31.01
CA GLU V 70 -64.38 5.71 30.19
C GLU V 70 -63.58 6.87 30.76
N ARG V 71 -63.65 7.06 32.08
CA ARG V 71 -62.99 8.22 32.68
C ARG V 71 -61.47 8.13 32.60
N TRP V 72 -60.91 6.93 32.75
CA TRP V 72 -59.46 6.80 32.57
C TRP V 72 -59.03 7.11 31.15
N TRP V 73 -59.77 6.59 30.17
CA TRP V 73 -59.47 6.91 28.77
C TRP V 73 -59.39 8.41 28.55
N GLU V 74 -60.39 9.14 29.04
CA GLU V 74 -60.40 10.58 28.85
C GLU V 74 -59.23 11.24 29.55
N GLU V 75 -58.72 10.59 30.61
CA GLU V 75 -57.67 11.18 31.43
C GLU V 75 -56.28 10.89 30.85
N THR V 76 -56.09 9.70 30.28
CA THR V 76 -54.77 9.33 29.76
C THR V 76 -54.74 8.92 28.30
N GLY V 77 -55.87 8.80 27.64
CA GLY V 77 -55.90 8.30 26.28
C GLY V 77 -55.12 9.13 25.30
N SER V 78 -55.42 10.43 25.22
CA SER V 78 -54.69 11.28 24.30
C SER V 78 -53.21 11.30 24.63
N LEU V 79 -52.87 11.40 25.92
CA LEU V 79 -51.48 11.55 26.34
C LEU V 79 -50.63 10.37 25.85
N PHE V 80 -51.12 9.15 26.02
CA PHE V 80 -50.37 7.99 25.56
C PHE V 80 -50.21 8.01 24.04
N SER V 81 -51.25 8.47 23.33
CA SER V 81 -51.12 8.58 21.88
C SER V 81 -49.97 9.51 21.53
N ARG V 82 -49.79 10.57 22.31
CA ARG V 82 -48.72 11.51 22.04
C ARG V 82 -47.35 10.89 22.30
N PHE V 83 -47.23 10.08 23.38
CA PHE V 83 -45.96 9.42 23.64
C PHE V 83 -45.63 8.40 22.57
N LEU V 84 -46.63 7.70 22.06
CA LEU V 84 -46.39 6.85 20.89
C LEU V 84 -45.81 7.67 19.75
N GLU V 85 -46.37 8.84 19.50
CA GLU V 85 -45.86 9.72 18.45
C GLU V 85 -44.44 10.16 18.76
N ALA V 86 -44.22 10.67 19.99
CA ALA V 86 -42.89 11.12 20.38
C ALA V 86 -41.86 10.00 20.40
N GLY V 87 -42.27 8.75 20.42
CA GLY V 87 -41.34 7.64 20.39
C GLY V 87 -40.92 7.22 19.00
N GLN V 88 -41.49 7.84 17.96
CA GLN V 88 -41.12 7.55 16.58
C GLN V 88 -41.39 6.07 16.21
N TYR V 89 -42.53 5.56 16.64
CA TYR V 89 -42.92 4.19 16.32
C TYR V 89 -43.59 4.10 14.95
N GLY V 90 -43.39 2.98 14.28
CA GLY V 90 -44.12 2.76 13.04
C GLY V 90 -45.62 2.82 13.28
N LEU V 91 -46.33 3.47 12.36
CA LEU V 91 -47.77 3.69 12.57
C LEU V 91 -48.50 2.39 12.86
N PRO V 92 -48.27 1.29 12.14
CA PRO V 92 -48.87 0.01 12.57
C PRO V 92 -48.54 -0.34 14.00
N GLN V 93 -47.30 -0.10 14.43
CA GLN V 93 -46.93 -0.42 15.79
C GLN V 93 -47.66 0.46 16.79
N GLN V 94 -47.85 1.74 16.46
CA GLN V 94 -48.61 2.61 17.35
C GLN V 94 -50.00 2.03 17.64
N TYR V 95 -50.77 1.75 16.57
CA TYR V 95 -52.10 1.18 16.74
C TYR V 95 -52.02 -0.17 17.44
N GLN V 96 -51.01 -0.95 17.10
CA GLN V 96 -50.86 -2.26 17.71
C GLN V 96 -50.66 -2.14 19.22
N PHE V 97 -49.83 -1.20 19.65
CA PHE V 97 -49.70 -0.96 21.09
C PHE V 97 -50.92 -0.23 21.61
N MET V 98 -51.46 0.72 20.83
CA MET V 98 -52.68 1.38 21.26
C MET V 98 -53.76 0.36 21.59
N PHE V 99 -53.87 -0.66 20.75
CA PHE V 99 -54.80 -1.75 21.02
C PHE V 99 -54.52 -2.36 22.39
N PHE V 100 -53.26 -2.71 22.67
CA PHE V 100 -52.92 -3.33 23.94
C PHE V 100 -53.30 -2.45 25.12
N PHE V 101 -53.04 -1.15 25.02
CA PHE V 101 -53.31 -0.25 26.13
C PHE V 101 -54.78 -0.27 26.53
N MET V 102 -55.68 -0.24 25.53
CA MET V 102 -57.11 -0.11 25.80
C MET V 102 -57.66 -1.34 26.49
N HIS V 103 -57.31 -2.51 26.00
CA HIS V 103 -57.92 -3.75 26.48
C HIS V 103 -57.38 -4.19 27.83
N HIS V 104 -56.09 -3.98 28.09
CA HIS V 104 -55.48 -4.60 29.23
C HIS V 104 -55.03 -3.63 30.31
N LEU V 105 -54.82 -2.36 29.99
CA LEU V 105 -54.35 -1.43 31.02
C LEU V 105 -55.46 -0.54 31.56
N ILE V 106 -56.38 -0.11 30.71
CA ILE V 106 -57.51 0.72 31.12
C ILE V 106 -58.44 -0.04 32.05
N PRO V 107 -58.79 -1.29 31.74
CA PRO V 107 -59.51 -2.09 32.74
C PRO V 107 -58.80 -2.18 34.08
N ALA V 108 -57.48 -2.31 34.09
CA ALA V 108 -56.74 -2.48 35.33
C ALA V 108 -56.53 -1.22 36.15
N LEU V 109 -56.88 -0.03 35.65
CA LEU V 109 -56.67 1.20 36.44
C LEU V 109 -57.64 1.34 37.63
N GLY V 110 -58.81 0.68 37.59
CA GLY V 110 -59.74 0.69 38.70
C GLY V 110 -60.67 1.89 38.70
N PRO V 111 -61.19 2.24 39.88
CA PRO V 111 -62.12 3.37 39.98
C PRO V 111 -61.50 4.64 39.44
N TYR V 112 -62.24 5.37 38.59
CA TYR V 112 -61.65 6.59 38.04
C TYR V 112 -61.32 7.59 39.13
N PRO V 113 -62.26 8.07 39.91
CA PRO V 113 -61.85 8.80 41.11
C PRO V 113 -61.11 7.81 41.99
N GLN V 114 -59.79 7.76 41.82
CA GLN V 114 -59.04 6.65 42.37
C GLN V 114 -58.99 6.75 43.90
N LYS V 115 -59.29 5.61 44.56
CA LYS V 115 -59.19 5.64 46.02
C LYS V 115 -57.87 5.08 46.55
N TRP V 116 -57.04 4.52 45.69
CA TRP V 116 -55.85 3.80 46.07
C TRP V 116 -54.66 4.63 45.63
N ARG V 117 -53.71 4.84 46.52
CA ARG V 117 -52.42 5.39 46.16
C ARG V 117 -51.47 4.25 45.84
N SER V 118 -50.88 4.31 44.66
CA SER V 118 -49.86 3.35 44.26
C SER V 118 -48.48 3.87 44.66
N THR V 119 -47.63 2.94 45.11
CA THR V 119 -46.29 3.31 45.55
C THR V 119 -45.45 3.88 44.41
N ILE V 120 -45.75 3.48 43.18
CA ILE V 120 -44.84 3.73 42.06
C ILE V 120 -44.76 5.20 41.71
N SER V 121 -45.82 5.96 41.89
CA SER V 121 -45.85 7.31 41.39
C SER V 121 -45.68 8.30 42.54
N ARG V 122 -45.05 9.44 42.25
CA ARG V 122 -44.96 10.48 43.24
C ARG V 122 -46.35 10.91 43.69
N SER V 123 -47.24 11.18 42.74
CA SER V 123 -48.61 11.57 43.07
C SER V 123 -49.42 10.39 43.58
N GLY V 124 -49.05 9.17 43.19
CA GLY V 124 -49.77 7.99 43.62
C GLY V 124 -50.63 7.35 42.56
N LEU V 125 -50.70 7.92 41.37
CA LEU V 125 -51.59 7.24 40.46
C LEU V 125 -50.90 6.04 39.83
N PRO V 126 -51.66 4.99 39.52
CA PRO V 126 -51.05 3.68 39.25
C PRO V 126 -50.25 3.57 37.96
N ILE V 127 -50.00 4.68 37.27
CA ILE V 127 -49.33 4.62 35.98
C ILE V 127 -48.37 5.79 35.79
N GLU V 128 -47.27 5.54 35.09
CA GLU V 128 -46.45 6.64 34.61
C GLU V 128 -45.69 6.19 33.37
N PHE V 129 -45.45 7.15 32.47
CA PHE V 129 -44.84 6.89 31.18
C PHE V 129 -43.37 7.34 31.18
N SER V 130 -42.53 6.59 30.46
CA SER V 130 -41.10 6.84 30.42
C SER V 130 -40.63 6.89 28.96
N LEU V 131 -39.65 7.74 28.71
CA LEU V 131 -38.92 7.75 27.44
C LEU V 131 -37.44 7.50 27.69
N ASN V 132 -36.89 6.48 27.02
CA ASN V 132 -35.48 6.14 27.15
C ASN V 132 -34.73 6.61 25.91
N PHE V 133 -33.73 7.47 26.12
CA PHE V 133 -32.93 8.02 25.03
C PHE V 133 -31.61 7.27 24.90
N GLN V 134 -31.23 7.01 23.67
CA GLN V 134 -30.03 6.25 23.31
C GLN V 134 -29.13 7.08 22.38
N LYS V 135 -28.01 6.50 22.02
CA LYS V 135 -27.04 7.18 21.16
C LYS V 135 -27.57 7.11 19.75
N GLY V 136 -28.37 8.11 19.39
CA GLY V 136 -28.80 8.32 18.02
C GLY V 136 -29.76 7.31 17.42
N SER V 137 -29.83 6.11 17.99
CA SER V 137 -30.76 5.13 17.44
C SER V 137 -32.17 5.69 17.39
N HIS V 138 -32.64 6.21 18.53
CA HIS V 138 -33.98 6.74 18.68
C HIS V 138 -34.36 6.73 20.16
N ARG V 139 -35.66 6.72 20.44
CA ARG V 139 -36.17 6.72 21.80
C ARG V 139 -37.21 5.60 21.94
N LEU V 140 -37.38 5.13 23.18
CA LEU V 140 -38.31 4.04 23.48
C LEU V 140 -39.29 4.49 24.56
N LEU V 141 -40.47 3.88 24.55
CA LEU V 141 -41.54 4.21 25.48
C LEU V 141 -41.69 3.12 26.53
N ARG V 142 -41.84 3.56 27.78
CA ARG V 142 -41.88 2.69 28.95
C ARG V 142 -43.12 3.05 29.77
N ILE V 143 -43.81 2.04 30.31
CA ILE V 143 -44.97 2.27 31.16
C ILE V 143 -44.85 1.49 32.46
N GLY V 144 -45.00 2.18 33.58
CA GLY V 144 -45.02 1.55 34.88
C GLY V 144 -46.45 1.46 35.38
N PHE V 145 -46.83 0.25 35.81
CA PHE V 145 -48.23 -0.05 36.07
C PHE V 145 -48.35 -0.66 37.45
N GLU V 146 -49.41 -0.30 38.17
CA GLU V 146 -49.87 -1.11 39.30
C GLU V 146 -51.35 -1.38 39.13
N PRO V 147 -51.76 -2.60 38.78
CA PRO V 147 -53.19 -2.89 38.64
C PRO V 147 -53.95 -2.59 39.93
N VAL V 148 -55.19 -2.13 39.76
CA VAL V 148 -56.06 -1.72 40.85
C VAL V 148 -57.48 -2.16 40.52
N SER V 149 -58.28 -2.34 41.56
CA SER V 149 -59.72 -2.52 41.44
C SER V 149 -60.40 -1.85 42.62
N PHE V 150 -61.73 -1.90 42.61
CA PHE V 150 -62.50 -1.33 43.72
C PHE V 150 -62.25 -2.06 45.03
N LEU V 151 -61.82 -3.31 44.97
CA LEU V 151 -61.46 -4.03 46.17
C LEU V 151 -60.12 -3.58 46.76
N SER V 152 -59.24 -2.99 45.95
CA SER V 152 -57.91 -2.63 46.42
C SER V 152 -57.97 -1.66 47.59
N GLY V 153 -57.32 -2.05 48.69
CA GLY V 153 -57.31 -1.26 49.91
C GLY V 153 -58.48 -1.53 50.84
N SER V 154 -59.33 -2.50 50.51
CA SER V 154 -60.50 -2.80 51.30
C SER V 154 -60.23 -3.99 52.21
N SER V 155 -61.28 -4.42 52.92
CA SER V 155 -61.18 -5.57 53.79
C SER V 155 -60.82 -6.84 53.01
N GLN V 156 -61.35 -6.97 51.80
CA GLN V 156 -61.15 -8.22 51.07
C GLN V 156 -59.75 -8.31 50.50
N ASP V 157 -59.12 -7.18 50.23
CA ASP V 157 -57.72 -7.16 49.78
C ASP V 157 -57.10 -5.84 50.18
N PRO V 158 -56.59 -5.76 51.42
CA PRO V 158 -56.10 -4.46 51.93
C PRO V 158 -54.76 -4.06 51.35
N PHE V 159 -54.01 -5.00 50.76
CA PHE V 159 -52.69 -4.68 50.21
C PHE V 159 -52.57 -5.02 48.73
N ASN V 160 -53.68 -5.05 48.03
CA ASN V 160 -53.70 -4.97 46.58
C ASN V 160 -52.92 -6.13 45.94
N ARG V 161 -53.16 -7.35 46.43
CA ARG V 161 -52.58 -8.50 45.76
C ARG V 161 -53.44 -9.05 44.63
N ILE V 162 -54.77 -8.87 44.69
CA ILE V 162 -55.68 -9.55 43.76
C ILE V 162 -55.45 -9.02 42.35
N PRO V 163 -55.47 -7.70 42.15
CA PRO V 163 -55.27 -7.20 40.79
C PRO V 163 -53.98 -7.70 40.17
N ILE V 164 -52.93 -7.87 40.97
CA ILE V 164 -51.63 -8.28 40.44
C ILE V 164 -51.74 -9.65 39.77
N THR V 165 -52.38 -10.61 40.43
CA THR V 165 -52.48 -11.94 39.85
C THR V 165 -53.45 -11.97 38.68
N ASP V 166 -54.49 -11.13 38.71
CA ASP V 166 -55.41 -11.05 37.58
C ASP V 166 -54.69 -10.62 36.31
N LEU V 167 -54.04 -9.44 36.35
CA LEU V 167 -53.33 -8.95 35.17
C LEU V 167 -52.29 -9.94 34.68
N LEU V 168 -51.64 -10.64 35.60
CA LEU V 168 -50.63 -11.60 35.20
C LEU V 168 -51.23 -12.76 34.38
N ASN V 169 -52.53 -13.03 34.52
CA ASN V 169 -53.16 -14.07 33.71
C ASN V 169 -53.58 -13.56 32.35
N ARG V 170 -54.04 -12.31 32.25
CA ARG V 170 -54.28 -11.73 30.94
C ARG V 170 -53.03 -11.86 30.06
N LEU V 171 -51.88 -11.50 30.62
CA LEU V 171 -50.65 -11.45 29.82
C LEU V 171 -50.25 -12.85 29.37
N SER V 172 -50.35 -13.84 30.25
CA SER V 172 -50.02 -15.21 29.86
C SER V 172 -50.98 -15.74 28.80
N LYS V 173 -52.23 -15.26 28.81
CA LYS V 173 -53.17 -15.66 27.77
C LYS V 173 -52.77 -15.08 26.43
N LEU V 174 -52.29 -13.83 26.43
CA LEU V 174 -51.77 -13.21 25.23
C LEU V 174 -50.57 -13.98 24.71
N GLN V 175 -50.53 -14.19 23.40
CA GLN V 175 -49.39 -14.86 22.79
C GLN V 175 -48.26 -13.86 22.68
N LEU V 176 -47.40 -13.86 23.69
CA LEU V 176 -46.27 -12.96 23.81
C LEU V 176 -44.97 -13.72 23.67
N SER V 177 -44.03 -13.15 22.90
CA SER V 177 -42.77 -13.83 22.66
C SER V 177 -41.92 -13.80 23.93
N ASN V 178 -41.40 -14.96 24.30
CA ASN V 178 -40.40 -15.07 25.36
C ASN V 178 -40.95 -14.56 26.69
N PHE V 179 -42.07 -15.13 27.11
CA PHE V 179 -42.76 -14.70 28.32
C PHE V 179 -42.88 -15.88 29.27
N ASP V 180 -42.05 -15.91 30.33
CA ASP V 180 -42.13 -16.88 31.41
C ASP V 180 -42.34 -16.20 32.76
N THR V 181 -43.07 -16.87 33.66
CA THR V 181 -43.38 -16.28 34.95
C THR V 181 -42.61 -16.89 36.13
N PRO V 182 -41.86 -18.00 35.98
CA PRO V 182 -41.35 -18.67 37.19
C PRO V 182 -40.57 -17.77 38.14
N PHE V 183 -39.65 -16.97 37.61
CA PHE V 183 -38.78 -16.17 38.46
C PHE V 183 -39.60 -15.18 39.29
N PHE V 184 -40.52 -14.48 38.65
CA PHE V 184 -41.36 -13.52 39.34
C PHE V 184 -42.28 -14.21 40.35
N GLN V 185 -42.89 -15.33 39.94
CA GLN V 185 -43.67 -16.14 40.88
C GLN V 185 -42.87 -16.48 42.12
N HIS V 186 -41.59 -16.83 41.94
CA HIS V 186 -40.72 -17.15 43.07
C HIS V 186 -40.67 -16.01 44.08
N LEU V 187 -40.51 -14.78 43.58
CA LEU V 187 -40.43 -13.64 44.48
C LEU V 187 -41.76 -13.35 45.17
N LEU V 188 -42.87 -13.38 44.44
CA LEU V 188 -44.16 -13.20 45.11
C LEU V 188 -44.31 -14.19 46.25
N SER V 189 -44.12 -15.48 45.95
CA SER V 189 -44.27 -16.50 46.98
C SER V 189 -43.43 -16.14 48.20
N LYS V 190 -42.20 -15.67 47.97
CA LYS V 190 -41.32 -15.24 49.03
C LYS V 190 -41.83 -14.03 49.80
N PHE V 191 -42.90 -13.37 49.34
CA PHE V 191 -43.36 -12.17 50.01
C PHE V 191 -44.87 -12.12 50.19
N GLN V 192 -45.56 -13.26 50.32
CA GLN V 192 -46.99 -13.22 50.59
C GLN V 192 -47.22 -13.08 52.11
N LEU V 193 -48.49 -13.02 52.53
CA LEU V 193 -48.72 -12.54 53.90
C LEU V 193 -49.67 -13.42 54.74
N SER V 194 -50.94 -13.51 54.37
CA SER V 194 -51.89 -14.38 55.08
C SER V 194 -52.31 -13.85 56.45
N LEU V 195 -51.97 -14.60 57.51
CA LEU V 195 -52.20 -14.12 58.87
C LEU V 195 -51.44 -12.84 59.14
N SER V 196 -50.39 -12.57 58.37
CA SER V 196 -49.66 -11.33 58.49
C SER V 196 -50.55 -10.14 58.16
N GLU V 197 -51.43 -10.28 57.15
CA GLU V 197 -52.38 -9.21 56.84
C GLU V 197 -53.06 -8.71 58.11
N VAL V 198 -53.53 -9.64 58.95
CA VAL V 198 -54.30 -9.24 60.12
C VAL V 198 -53.41 -8.41 61.06
N ARG V 199 -52.18 -8.88 61.29
CA ARG V 199 -51.20 -8.09 62.04
C ARG V 199 -51.02 -6.72 61.41
N GLN V 200 -50.84 -6.71 60.10
CA GLN V 200 -50.53 -5.48 59.38
C GLN V 200 -51.69 -4.49 59.43
N LEU V 201 -52.93 -4.95 59.20
CA LEU V 201 -54.10 -4.07 59.31
C LEU V 201 -54.04 -3.17 60.55
N GLN V 202 -53.60 -3.69 61.68
CA GLN V 202 -53.37 -2.86 62.83
C GLN V 202 -52.10 -2.01 62.64
N PRO V 212 -48.70 4.92 55.26
CA PRO V 212 -47.47 4.76 54.48
C PRO V 212 -47.73 4.30 53.05
N LEU V 213 -46.93 3.36 52.56
CA LEU V 213 -47.01 2.85 51.19
C LEU V 213 -47.44 1.39 51.27
N LYS V 214 -48.50 1.03 50.55
CA LYS V 214 -49.13 -0.26 50.81
C LYS V 214 -48.94 -1.31 49.72
N SER V 215 -48.57 -0.92 48.50
CA SER V 215 -48.56 -1.89 47.42
C SER V 215 -47.44 -2.91 47.60
N GLN V 216 -47.67 -4.12 47.10
CA GLN V 216 -46.69 -5.20 47.23
C GLN V 216 -46.03 -5.56 45.91
N ALA V 217 -46.58 -5.09 44.78
CA ALA V 217 -46.02 -5.43 43.48
C ALA V 217 -46.47 -4.39 42.46
N ALA V 218 -45.84 -4.41 41.29
CA ALA V 218 -46.18 -3.53 40.19
C ALA V 218 -45.62 -4.15 38.91
N PHE V 219 -45.92 -3.51 37.78
CA PHE V 219 -45.55 -3.98 36.46
C PHE V 219 -44.88 -2.87 35.70
N GLY V 220 -44.13 -3.26 34.67
CA GLY V 220 -43.55 -2.33 33.74
C GLY V 220 -43.63 -2.87 32.32
N PHE V 221 -43.82 -1.98 31.34
CA PHE V 221 -43.94 -2.39 29.95
C PHE V 221 -43.00 -1.58 29.06
N ASP V 222 -42.12 -2.28 28.36
CA ASP V 222 -41.23 -1.68 27.36
C ASP V 222 -41.72 -2.02 25.98
N PHE V 223 -42.00 -1.01 25.17
CA PHE V 223 -42.45 -1.19 23.79
C PHE V 223 -41.27 -0.97 22.86
N ASN V 224 -40.66 -2.05 22.39
CA ASN V 224 -39.46 -1.87 21.57
C ASN V 224 -39.89 -1.49 20.16
N PRO V 225 -38.97 -1.00 19.33
CA PRO V 225 -39.38 -0.49 18.01
C PRO V 225 -40.10 -1.54 17.18
N ASP V 226 -39.66 -2.79 17.28
CA ASP V 226 -40.43 -3.89 16.75
C ASP V 226 -41.76 -3.97 17.47
N GLY V 227 -42.77 -4.51 16.79
CA GLY V 227 -44.07 -4.60 17.42
C GLY V 227 -44.14 -5.63 18.53
N ALA V 228 -43.27 -5.49 19.54
CA ALA V 228 -43.15 -6.46 20.63
C ALA V 228 -43.10 -5.74 21.97
N ILE V 229 -43.82 -6.28 22.94
CA ILE V 229 -43.84 -5.75 24.30
C ILE V 229 -42.99 -6.65 25.18
N LEU V 230 -42.22 -6.04 26.09
CA LEU V 230 -41.46 -6.76 27.10
C LEU V 230 -41.93 -6.35 28.47
N VAL V 231 -42.16 -7.33 29.35
CA VAL V 231 -42.84 -7.12 30.62
C VAL V 231 -41.84 -7.13 31.77
N LYS V 232 -41.89 -6.11 32.61
CA LYS V 232 -41.03 -5.99 33.77
C LYS V 232 -41.90 -5.99 35.01
N GLY V 233 -41.49 -6.73 36.03
CA GLY V 233 -42.24 -6.85 37.27
C GLY V 233 -41.46 -6.37 38.48
N TYR V 234 -42.19 -5.80 39.43
CA TYR V 234 -41.62 -5.24 40.65
C TYR V 234 -42.18 -5.95 41.86
N VAL V 235 -41.48 -5.83 42.98
CA VAL V 235 -41.89 -6.45 44.23
C VAL V 235 -41.41 -5.54 45.34
N PHE V 236 -42.26 -5.29 46.32
CA PHE V 236 -41.93 -4.35 47.38
C PHE V 236 -41.88 -5.08 48.70
N PRO V 237 -40.70 -5.47 49.17
CA PRO V 237 -40.60 -6.35 50.34
C PRO V 237 -40.82 -5.64 51.67
N TYR V 238 -41.09 -4.34 51.67
CA TYR V 238 -41.27 -3.65 52.94
C TYR V 238 -42.39 -4.26 53.77
N LEU V 239 -43.49 -4.64 53.13
CA LEU V 239 -44.61 -5.19 53.88
C LEU V 239 -44.23 -6.51 54.54
N LYS V 240 -43.72 -7.47 53.76
CA LYS V 240 -43.35 -8.77 54.31
C LYS V 240 -42.34 -8.62 55.44
N ALA V 241 -41.37 -7.72 55.28
CA ALA V 241 -40.36 -7.51 56.31
C ALA V 241 -40.97 -6.87 57.56
N LYS V 242 -41.88 -5.90 57.37
CA LYS V 242 -42.48 -5.23 58.51
C LYS V 242 -43.32 -6.19 59.34
N ALA V 243 -44.06 -7.09 58.68
CA ALA V 243 -44.90 -8.03 59.42
C ALA V 243 -44.05 -8.98 60.26
N ALA V 244 -43.00 -9.55 59.68
CA ALA V 244 -42.14 -10.48 60.41
C ALA V 244 -41.11 -9.78 61.28
N ASP V 245 -41.11 -8.43 61.30
CA ASP V 245 -40.13 -7.65 62.06
C ASP V 245 -38.69 -8.11 61.78
N VAL V 246 -38.37 -8.26 60.50
CA VAL V 246 -37.06 -8.67 60.06
C VAL V 246 -36.52 -7.60 59.12
N PRO V 247 -35.24 -7.21 59.22
CA PRO V 247 -34.73 -6.19 58.31
C PRO V 247 -34.87 -6.62 56.84
N VAL V 248 -35.16 -5.64 55.99
CA VAL V 248 -35.54 -5.96 54.62
C VAL V 248 -34.44 -6.80 53.96
N GLY V 249 -33.18 -6.35 54.08
CA GLY V 249 -32.11 -7.01 53.35
C GLY V 249 -31.94 -8.47 53.74
N THR V 250 -32.10 -8.78 55.02
CA THR V 250 -31.88 -10.15 55.47
C THR V 250 -32.77 -11.11 54.69
N LEU V 251 -34.04 -10.76 54.50
CA LEU V 251 -34.91 -11.60 53.70
C LEU V 251 -34.71 -11.35 52.22
N ILE V 252 -34.31 -10.14 51.83
CA ILE V 252 -33.92 -9.94 50.44
C ILE V 252 -32.76 -10.86 50.10
N ALA V 253 -31.71 -10.82 50.95
CA ALA V 253 -30.57 -11.70 50.76
C ALA V 253 -31.00 -13.16 50.76
N GLU V 254 -31.79 -13.56 51.74
CA GLU V 254 -32.23 -14.95 51.78
C GLU V 254 -33.13 -15.26 50.59
N ALA V 255 -33.89 -14.26 50.13
CA ALA V 255 -34.71 -14.42 48.92
C ALA V 255 -33.82 -14.65 47.70
N VAL V 256 -32.77 -13.86 47.57
CA VAL V 256 -31.79 -14.08 46.50
C VAL V 256 -31.13 -15.43 46.67
N ARG V 257 -30.81 -15.80 47.92
CA ARG V 257 -30.15 -17.08 48.17
C ARG V 257 -31.05 -18.25 47.80
N THR V 258 -32.35 -18.15 48.10
CA THR V 258 -33.28 -19.24 47.79
C THR V 258 -33.29 -19.55 46.31
N ILE V 259 -32.99 -18.56 45.47
CA ILE V 259 -32.82 -18.80 44.04
C ILE V 259 -31.39 -19.20 43.70
N ASP V 260 -30.48 -19.22 44.68
CA ASP V 260 -29.07 -19.55 44.42
C ASP V 260 -28.85 -21.05 44.21
N VAL V 261 -29.37 -21.89 45.11
CA VAL V 261 -29.38 -23.31 44.77
C VAL V 261 -30.24 -23.52 43.54
N GLU V 262 -31.22 -22.63 43.33
CA GLU V 262 -32.04 -22.65 42.12
C GLU V 262 -31.19 -22.24 40.92
N ARG V 263 -30.33 -21.23 41.08
CA ARG V 263 -29.11 -21.05 40.31
C ARG V 263 -28.23 -19.94 40.93
N ASN V 264 -27.03 -20.34 41.32
CA ASN V 264 -26.12 -19.49 42.08
C ASN V 264 -25.31 -18.57 41.19
N GLN V 265 -26.00 -17.82 40.31
CA GLN V 265 -25.32 -16.89 39.43
C GLN V 265 -25.42 -15.46 39.93
N PHE V 266 -26.28 -15.19 40.89
CA PHE V 266 -26.44 -13.86 41.45
C PHE V 266 -25.69 -13.72 42.75
N THR V 267 -25.14 -14.83 43.26
CA THR V 267 -24.44 -14.84 44.53
C THR V 267 -23.35 -13.78 44.56
N HIS V 268 -22.41 -13.87 43.62
CA HIS V 268 -21.24 -13.00 43.64
C HIS V 268 -21.62 -11.52 43.59
N ALA V 269 -22.32 -11.12 42.53
CA ALA V 269 -22.65 -9.71 42.37
C ALA V 269 -23.51 -9.20 43.52
N PHE V 270 -24.51 -9.99 43.95
CA PHE V 270 -25.40 -9.51 45.00
C PHE V 270 -24.67 -9.40 46.32
N GLY V 271 -24.10 -10.51 46.81
CA GLY V 271 -23.32 -10.43 48.04
C GLY V 271 -22.37 -9.26 48.01
N LEU V 272 -21.94 -8.87 46.81
CA LEU V 272 -21.13 -7.68 46.62
C LEU V 272 -21.90 -6.39 46.89
N ILE V 273 -23.20 -6.35 46.55
CA ILE V 273 -24.01 -5.17 46.87
C ILE V 273 -24.44 -5.21 48.33
N ASN V 274 -24.88 -6.38 48.79
CA ASN V 274 -25.36 -6.53 50.16
C ASN V 274 -24.29 -6.13 51.17
N ASP V 275 -23.02 -6.33 50.83
CA ASP V 275 -21.95 -5.88 51.71
C ASP V 275 -21.94 -4.37 51.81
N TYR V 276 -22.02 -3.68 50.67
CA TYR V 276 -22.03 -2.22 50.72
C TYR V 276 -23.29 -1.69 51.40
N MET V 277 -24.44 -2.32 51.16
CA MET V 277 -25.69 -1.88 51.77
C MET V 277 -25.61 -1.98 53.28
N GLN V 278 -25.01 -3.05 53.79
CA GLN V 278 -24.84 -3.18 55.24
C GLN V 278 -23.77 -2.22 55.76
N GLU V 279 -22.73 -1.96 54.97
CA GLU V 279 -21.77 -0.93 55.38
C GLU V 279 -22.49 0.38 55.65
N SER V 280 -23.20 0.89 54.65
CA SER V 280 -23.65 2.27 54.63
C SER V 280 -25.04 2.45 55.21
N THR V 281 -25.62 1.41 55.81
CA THR V 281 -27.01 1.44 56.24
C THR V 281 -27.91 1.86 55.08
N GLY V 282 -27.58 1.32 53.89
CA GLY V 282 -28.30 1.69 52.68
C GLY V 282 -29.70 1.12 52.61
N TYR V 283 -29.87 -0.10 53.10
CA TYR V 283 -31.19 -0.71 53.18
C TYR V 283 -32.11 0.13 54.05
N ASN V 284 -33.38 0.17 53.66
CA ASN V 284 -34.37 1.00 54.33
C ASN V 284 -35.74 0.49 53.93
N GLU V 285 -36.77 1.16 54.42
CA GLU V 285 -38.13 0.80 54.04
C GLU V 285 -38.30 0.88 52.53
N TYR V 286 -37.64 1.85 51.90
CA TYR V 286 -37.86 2.11 50.49
C TYR V 286 -37.17 1.12 49.57
N THR V 287 -36.23 0.33 50.08
CA THR V 287 -35.59 -0.65 49.23
C THR V 287 -36.61 -1.65 48.67
N PHE V 288 -36.50 -1.92 47.39
CA PHE V 288 -37.38 -2.90 46.76
C PHE V 288 -36.63 -3.57 45.62
N LEU V 289 -37.34 -4.40 44.86
CA LEU V 289 -36.70 -5.36 43.98
C LEU V 289 -37.45 -5.39 42.66
N SER V 290 -36.78 -5.90 41.63
CA SER V 290 -37.32 -5.89 40.28
C SER V 290 -36.78 -7.09 39.52
N CYS V 291 -37.35 -7.34 38.35
CA CYS V 291 -36.83 -8.39 37.50
C CYS V 291 -37.58 -8.34 36.17
N ASP V 292 -37.21 -9.23 35.27
CA ASP V 292 -37.82 -9.34 33.95
C ASP V 292 -38.59 -10.64 33.84
N PHE V 293 -39.57 -10.65 32.93
CA PHE V 293 -40.40 -11.81 32.67
C PHE V 293 -39.80 -12.60 31.50
N VAL V 294 -38.73 -13.34 31.77
CA VAL V 294 -38.14 -14.20 30.74
C VAL V 294 -37.24 -15.24 31.39
N GLU V 295 -36.99 -16.33 30.65
CA GLU V 295 -35.89 -17.27 30.89
C GLU V 295 -34.82 -16.73 31.84
N THR V 296 -34.39 -17.57 32.78
CA THR V 296 -33.41 -17.14 33.76
C THR V 296 -32.13 -16.67 33.10
N SER V 297 -31.75 -17.29 31.98
CA SER V 297 -30.48 -16.94 31.34
C SER V 297 -30.43 -15.45 31.01
N GLU V 298 -31.48 -14.94 30.38
CA GLU V 298 -31.52 -13.56 29.92
C GLU V 298 -32.14 -12.58 30.92
N GLN V 299 -32.30 -12.97 32.19
CA GLN V 299 -32.98 -12.12 33.14
C GLN V 299 -32.02 -11.25 33.94
N ARG V 300 -32.47 -10.05 34.24
CA ARG V 300 -31.67 -9.02 34.88
C ARG V 300 -32.35 -8.59 36.17
N LEU V 301 -31.93 -9.14 37.33
CA LEU V 301 -32.57 -8.70 38.57
C LEU V 301 -31.87 -7.45 39.06
N LYS V 302 -32.65 -6.56 39.65
CA LYS V 302 -32.20 -5.23 40.02
C LYS V 302 -32.63 -4.96 41.46
N ILE V 303 -31.79 -4.30 42.25
CA ILE V 303 -32.14 -3.88 43.59
C ILE V 303 -32.24 -2.36 43.61
N TYR V 304 -33.37 -1.85 44.10
CA TYR V 304 -33.56 -0.41 44.18
C TYR V 304 -33.55 0.03 45.65
N GLY V 305 -33.32 1.32 45.85
CA GLY V 305 -33.37 1.93 47.15
C GLY V 305 -33.40 3.44 47.03
N ALA V 306 -33.40 4.09 48.18
CA ALA V 306 -33.43 5.55 48.21
C ALA V 306 -32.53 6.06 49.32
N HIS V 307 -32.18 7.34 49.22
CA HIS V 307 -31.50 8.06 50.29
C HIS V 307 -32.07 9.45 50.45
N THR V 308 -32.35 9.80 51.71
CA THR V 308 -33.02 11.04 52.05
C THR V 308 -32.20 12.25 51.60
N GLU V 309 -30.99 12.40 52.12
CA GLU V 309 -30.11 13.49 51.74
C GLU V 309 -28.82 12.89 51.22
N VAL V 310 -28.34 13.44 50.11
CA VAL V 310 -27.18 12.87 49.42
C VAL V 310 -26.39 14.00 48.81
N THR V 311 -25.07 13.97 49.02
CA THR V 311 -24.14 14.91 48.41
C THR V 311 -23.51 14.27 47.18
N TRP V 312 -22.71 15.05 46.45
CA TRP V 312 -21.95 14.45 45.34
C TRP V 312 -21.02 13.34 45.81
N ALA V 313 -20.29 13.57 46.91
CA ALA V 313 -19.41 12.53 47.45
C ALA V 313 -20.19 11.26 47.79
N LYS V 314 -21.35 11.41 48.43
CA LYS V 314 -22.20 10.25 48.67
C LYS V 314 -22.60 9.58 47.37
N ILE V 315 -22.87 10.37 46.33
CA ILE V 315 -23.21 9.79 45.03
C ILE V 315 -22.01 9.00 44.48
N ALA V 316 -20.83 9.59 44.53
CA ALA V 316 -19.63 8.86 44.10
C ALA V 316 -19.41 7.61 44.94
N GLU V 317 -19.60 7.72 46.25
CA GLU V 317 -19.52 6.56 47.12
C GLU V 317 -20.48 5.46 46.67
N MET V 318 -21.71 5.83 46.31
CA MET V 318 -22.71 4.84 45.90
C MET V 318 -22.45 4.33 44.49
N TRP V 319 -22.11 5.21 43.56
CA TRP V 319 -21.90 4.74 42.20
C TRP V 319 -20.78 3.71 42.14
N THR V 320 -19.74 3.93 42.94
CA THR V 320 -18.62 3.00 43.08
C THR V 320 -18.81 2.04 44.24
N LEU V 321 -20.01 1.95 44.80
CA LEU V 321 -20.39 0.92 45.75
C LEU V 321 -19.37 0.84 46.89
N GLY V 322 -19.15 1.98 47.53
CA GLY V 322 -17.99 2.11 48.37
C GLY V 322 -16.76 2.23 47.50
N GLY V 323 -15.84 1.29 47.59
CA GLY V 323 -14.78 1.23 46.60
C GLY V 323 -14.80 -0.05 45.80
N ARG V 324 -15.87 -0.83 45.95
CA ARG V 324 -15.88 -2.20 45.47
C ARG V 324 -15.44 -2.31 44.01
N LEU V 325 -15.85 -1.35 43.19
CA LEU V 325 -15.70 -1.51 41.75
C LEU V 325 -14.98 -0.31 41.14
N ILE V 326 -14.08 0.31 41.89
CA ILE V 326 -13.16 1.26 41.29
C ILE V 326 -12.31 0.56 40.23
N GLU V 327 -12.09 -0.74 40.39
CA GLU V 327 -11.26 -1.48 39.45
C GLU V 327 -11.80 -1.38 38.04
N GLU V 328 -13.12 -1.51 37.88
CA GLU V 328 -13.72 -1.43 36.56
C GLU V 328 -13.57 -0.04 35.99
N PRO V 329 -13.08 0.11 34.75
CA PRO V 329 -12.97 1.45 34.15
C PRO V 329 -14.31 2.04 33.78
N GLU V 330 -15.27 1.22 33.35
CA GLU V 330 -16.60 1.70 33.00
C GLU V 330 -17.14 2.66 34.04
N ILE V 331 -17.19 2.23 35.30
CA ILE V 331 -17.75 3.07 36.36
C ILE V 331 -17.08 4.44 36.41
N ILE V 332 -15.75 4.47 36.36
CA ILE V 332 -15.07 5.75 36.43
C ILE V 332 -15.56 6.64 35.31
N ALA V 333 -15.63 6.09 34.10
CA ALA V 333 -16.13 6.84 32.95
C ALA V 333 -17.57 7.27 33.15
N GLY V 334 -18.42 6.31 33.51
CA GLY V 334 -19.82 6.62 33.77
C GLY V 334 -19.97 7.71 34.81
N LEU V 335 -19.18 7.64 35.89
CA LEU V 335 -19.28 8.63 36.94
C LEU V 335 -18.80 10.00 36.48
N ALA V 336 -17.85 10.05 35.55
CA ALA V 336 -17.43 11.34 35.03
C ALA V 336 -18.59 12.07 34.37
N ARG V 337 -19.19 11.44 33.35
CA ARG V 337 -20.38 11.99 32.70
C ARG V 337 -21.47 12.32 33.70
N LEU V 338 -21.63 11.48 34.71
CA LEU V 338 -22.71 11.67 35.66
C LEU V 338 -22.60 13.00 36.36
N LYS V 339 -21.39 13.38 36.80
CA LYS V 339 -21.26 14.68 37.44
C LYS V 339 -21.51 15.80 36.46
N GLN V 340 -21.27 15.53 35.17
CA GLN V 340 -21.56 16.52 34.15
C GLN V 340 -23.04 16.90 34.17
N ILE V 341 -23.90 15.92 34.44
CA ILE V 341 -25.33 16.20 34.52
C ILE V 341 -25.69 16.78 35.88
N TRP V 342 -25.17 16.17 36.95
CA TRP V 342 -25.46 16.66 38.28
C TRP V 342 -25.25 18.16 38.35
N SER V 343 -24.20 18.66 37.69
CA SER V 343 -23.91 20.09 37.68
C SER V 343 -24.93 20.87 36.87
N LEU V 344 -25.32 20.37 35.69
CA LEU V 344 -26.29 21.08 34.88
C LEU V 344 -27.64 21.17 35.57
N LEU V 345 -28.09 20.10 36.23
CA LEU V 345 -29.49 19.98 36.62
C LEU V 345 -29.81 20.83 37.84
N GLN V 346 -29.15 20.57 38.95
CA GLN V 346 -29.51 21.24 40.20
C GLN V 346 -28.85 22.60 40.35
N ILE V 347 -28.17 23.05 39.30
CA ILE V 347 -27.44 24.31 39.36
C ILE V 347 -28.42 25.49 39.40
N ILE V 369 -40.83 16.26 53.08
CA ILE V 369 -40.45 17.66 52.90
C ILE V 369 -39.90 17.84 51.49
N ALA V 370 -39.36 16.77 50.91
CA ALA V 370 -38.78 16.80 49.58
C ALA V 370 -38.68 15.36 49.07
N SER V 371 -38.38 15.24 47.78
CA SER V 371 -38.31 13.94 47.13
C SER V 371 -36.92 13.31 47.31
N PRO V 372 -36.88 11.99 47.55
CA PRO V 372 -35.59 11.32 47.68
C PRO V 372 -34.98 11.00 46.32
N ILE V 373 -33.67 10.65 46.34
CA ILE V 373 -32.98 10.22 45.13
C ILE V 373 -32.85 8.70 45.20
N ILE V 374 -33.06 8.03 44.07
CA ILE V 374 -33.18 6.59 44.06
C ILE V 374 -32.00 6.03 43.29
N TRP V 375 -31.56 4.85 43.70
CA TRP V 375 -30.47 4.15 43.05
C TRP V 375 -30.92 2.74 42.66
N ASN V 376 -30.16 2.14 41.73
CA ASN V 376 -30.49 0.86 41.14
C ASN V 376 -29.20 0.11 40.88
N TYR V 377 -29.17 -1.18 41.24
CA TYR V 377 -28.02 -2.04 40.93
C TYR V 377 -28.51 -3.23 40.14
N GLU V 378 -28.06 -3.33 38.91
CA GLU V 378 -28.55 -4.34 37.97
C GLU V 378 -27.57 -5.51 37.94
N ILE V 379 -28.03 -6.68 38.36
CA ILE V 379 -27.19 -7.86 38.46
C ILE V 379 -27.46 -8.81 37.29
N HIS V 380 -26.88 -8.53 36.15
CA HIS V 380 -26.86 -9.51 35.08
C HIS V 380 -26.22 -10.80 35.60
N PRO V 381 -26.81 -11.97 35.32
CA PRO V 381 -26.37 -13.18 36.03
C PRO V 381 -24.95 -13.61 35.70
N GLY V 382 -24.58 -13.61 34.42
CA GLY V 382 -23.25 -14.04 34.06
C GLY V 382 -22.16 -13.18 34.66
N SER V 383 -22.37 -11.87 34.69
CA SER V 383 -21.30 -10.95 35.04
C SER V 383 -20.94 -11.05 36.53
N ARG V 384 -19.83 -10.39 36.89
CA ARG V 384 -19.29 -10.40 38.23
C ARG V 384 -19.48 -9.11 38.99
N PHE V 385 -19.79 -8.00 38.32
CA PHE V 385 -20.12 -6.77 39.03
C PHE V 385 -21.55 -6.33 38.76
N PRO V 386 -22.13 -5.52 39.65
CA PRO V 386 -23.38 -4.85 39.34
C PRO V 386 -23.13 -3.61 38.51
N VAL V 387 -24.11 -3.23 37.71
CA VAL V 387 -24.12 -1.99 36.96
C VAL V 387 -25.05 -1.01 37.67
N PRO V 388 -24.60 0.19 38.01
CA PRO V 388 -25.47 1.12 38.72
C PRO V 388 -26.38 1.89 37.78
N LYS V 389 -27.30 2.64 38.37
CA LYS V 389 -28.24 3.51 37.67
C LYS V 389 -28.89 4.39 38.72
N PHE V 390 -28.94 5.70 38.47
CA PHE V 390 -29.53 6.60 39.43
C PHE V 390 -30.74 7.31 38.84
N TYR V 391 -31.55 7.83 39.76
CA TYR V 391 -32.80 8.49 39.43
C TYR V 391 -32.81 9.83 40.17
N LEU V 392 -33.02 10.90 39.42
CA LEU V 392 -32.77 12.23 39.91
C LEU V 392 -34.06 13.04 39.92
N PRO V 393 -34.46 13.61 41.06
CA PRO V 393 -35.73 14.34 41.13
C PRO V 393 -35.72 15.60 40.27
N VAL V 394 -36.75 15.76 39.46
CA VAL V 394 -36.88 16.90 38.56
C VAL V 394 -38.15 17.69 38.91
N HIS V 395 -39.19 16.98 39.36
CA HIS V 395 -40.36 17.65 39.91
C HIS V 395 -39.94 18.55 41.06
N GLY V 396 -40.22 19.83 40.92
CA GLY V 396 -39.65 20.87 41.74
C GLY V 396 -38.64 21.73 41.00
N GLU V 397 -38.13 21.26 39.87
CA GLU V 397 -37.24 22.04 39.01
C GLU V 397 -38.03 22.48 37.78
N ASN V 398 -37.84 23.75 37.38
CA ASN V 398 -38.46 24.31 36.19
C ASN V 398 -38.29 23.38 35.01
N ASP V 399 -39.41 22.84 34.51
CA ASP V 399 -39.36 21.84 33.46
C ASP V 399 -38.72 22.38 32.18
N LEU V 400 -38.64 23.69 32.03
CA LEU V 400 -37.91 24.28 30.91
C LEU V 400 -36.42 24.30 31.19
N HIS V 401 -36.03 24.78 32.37
CA HIS V 401 -34.64 24.65 32.78
C HIS V 401 -34.13 23.23 32.58
N VAL V 402 -34.93 22.24 32.99
CA VAL V 402 -34.50 20.86 32.86
C VAL V 402 -34.42 20.46 31.40
N ALA V 403 -35.37 20.92 30.58
CA ALA V 403 -35.28 20.63 29.17
C ALA V 403 -34.02 21.24 28.59
N ARG V 404 -33.77 22.50 28.96
CA ARG V 404 -32.56 23.21 28.51
C ARG V 404 -31.29 22.46 28.92
N ALA V 405 -31.09 22.28 30.23
CA ALA V 405 -29.92 21.58 30.72
C ALA V 405 -29.83 20.17 30.14
N LEU V 406 -30.96 19.51 30.01
CA LEU V 406 -30.99 18.14 29.51
C LEU V 406 -30.47 18.06 28.08
N ALA V 407 -30.75 19.08 27.26
CA ALA V 407 -30.34 19.06 25.86
C ALA V 407 -28.86 19.41 25.70
N GLN V 408 -28.36 20.38 26.48
CA GLN V 408 -26.94 20.71 26.43
C GLN V 408 -26.09 19.45 26.63
N PHE V 409 -26.45 18.65 27.63
CA PHE V 409 -25.75 17.41 27.91
C PHE V 409 -25.79 16.43 26.73
N TRP V 410 -26.75 16.56 25.82
CA TRP V 410 -26.75 15.65 24.69
C TRP V 410 -25.69 16.02 23.68
N ASP V 411 -25.49 17.34 23.44
CA ASP V 411 -24.39 17.77 22.58
C ASP V 411 -23.05 17.32 23.15
N SER V 412 -22.85 17.52 24.46
CA SER V 412 -21.63 17.04 25.08
C SER V 412 -21.36 15.59 24.68
N LEU V 413 -22.38 14.77 24.67
CA LEU V 413 -22.25 13.39 24.19
C LEU V 413 -22.24 13.32 22.67
N GLY V 414 -22.79 14.32 21.99
CA GLY V 414 -22.84 14.32 20.55
C GLY V 414 -24.00 13.56 19.94
N TRP V 415 -25.22 13.74 20.47
CA TRP V 415 -26.42 13.15 19.88
C TRP V 415 -27.10 14.24 19.05
N PRO V 416 -27.01 14.20 17.74
CA PRO V 416 -27.45 15.36 16.93
C PRO V 416 -28.93 15.70 17.06
N GLU V 417 -29.81 14.73 16.77
CA GLU V 417 -31.23 15.05 16.64
C GLU V 417 -31.94 15.12 17.99
N HIS V 418 -31.56 14.27 18.94
CA HIS V 418 -32.26 14.27 20.23
C HIS V 418 -32.10 15.61 20.93
N ALA V 419 -30.94 16.22 20.82
CA ALA V 419 -30.68 17.45 21.55
C ALA V 419 -31.32 18.66 20.88
N CYS V 420 -31.41 18.65 19.55
CA CYS V 420 -31.95 19.81 18.84
C CYS V 420 -33.46 19.92 19.03
N ALA V 421 -34.16 18.79 18.90
CA ALA V 421 -35.62 18.79 18.89
C ALA V 421 -36.22 18.27 20.20
N TYR V 422 -35.49 18.35 21.31
CA TYR V 422 -36.09 17.87 22.55
C TYR V 422 -37.16 18.84 23.02
N PRO V 423 -36.79 20.05 23.43
CA PRO V 423 -37.79 20.95 24.02
C PRO V 423 -38.99 21.19 23.11
N ASP V 424 -38.82 21.12 21.79
CA ASP V 424 -40.00 21.12 20.92
C ASP V 424 -40.82 19.85 21.12
N THR V 425 -40.16 18.74 21.42
CA THR V 425 -40.87 17.50 21.70
C THR V 425 -41.55 17.51 23.06
N LEU V 426 -41.08 18.32 23.99
CA LEU V 426 -41.69 18.37 25.31
C LEU V 426 -42.99 19.15 25.27
N GLN V 427 -43.01 20.30 24.59
CA GLN V 427 -44.24 21.08 24.48
C GLN V 427 -45.28 20.34 23.65
N GLN V 428 -44.84 19.59 22.64
CA GLN V 428 -45.78 18.84 21.80
C GLN V 428 -46.46 17.71 22.57
N LEU V 429 -45.88 17.29 23.70
CA LEU V 429 -46.53 16.35 24.62
C LEU V 429 -47.47 17.03 25.59
N TYR V 430 -47.30 18.33 25.84
CA TYR V 430 -48.11 19.07 26.81
C TYR V 430 -48.56 20.41 26.24
N PRO V 431 -49.27 20.39 25.12
CA PRO V 431 -49.67 21.67 24.51
C PRO V 431 -50.59 22.48 25.38
N ASP V 432 -51.39 21.84 26.22
CA ASP V 432 -52.25 22.60 27.11
C ASP V 432 -51.42 23.42 28.08
N GLN V 433 -50.26 22.91 28.48
CA GLN V 433 -49.40 23.57 29.44
C GLN V 433 -48.37 24.46 28.75
N ASP V 434 -47.85 25.41 29.52
CA ASP V 434 -46.81 26.32 29.06
C ASP V 434 -45.56 26.03 29.88
N ILE V 435 -44.56 25.44 29.23
CA ILE V 435 -43.36 24.97 29.92
C ILE V 435 -42.68 26.11 30.67
N SER V 436 -42.86 27.36 30.23
CA SER V 436 -42.22 28.48 30.90
C SER V 436 -42.46 28.47 32.41
N GLN V 437 -43.63 28.01 32.85
CA GLN V 437 -44.01 28.10 34.25
C GLN V 437 -44.22 26.75 34.92
N THR V 438 -44.03 25.65 34.20
CA THR V 438 -44.40 24.32 34.67
C THR V 438 -43.27 23.68 35.49
N THR V 439 -43.67 22.86 36.44
CA THR V 439 -42.71 22.22 37.35
C THR V 439 -42.87 20.72 37.47
N ARG V 440 -44.10 20.22 37.54
CA ARG V 440 -44.33 18.81 37.77
C ARG V 440 -44.32 17.99 36.48
N LEU V 441 -44.15 18.62 35.31
CA LEU V 441 -44.28 17.90 34.03
C LEU V 441 -43.26 16.76 33.87
N GLN V 442 -42.10 16.87 34.55
CA GLN V 442 -41.15 15.81 34.47
C GLN V 442 -40.51 15.58 35.89
N SER V 443 -40.46 14.30 36.22
CA SER V 443 -40.36 13.92 37.60
C SER V 443 -39.06 13.20 37.92
N TRP V 444 -38.53 12.36 37.04
CA TRP V 444 -37.31 11.64 37.31
C TRP V 444 -36.43 11.59 36.08
N ILE V 445 -35.11 11.47 36.30
CA ILE V 445 -34.14 11.18 35.24
C ILE V 445 -33.25 10.04 35.69
N SER V 446 -33.07 9.05 34.82
CA SER V 446 -32.29 7.85 35.10
C SER V 446 -30.96 7.92 34.34
N TYR V 447 -29.90 7.43 35.00
CA TYR V 447 -28.56 7.45 34.43
C TYR V 447 -27.90 6.09 34.63
N SER V 448 -27.48 5.49 33.53
CA SER V 448 -26.71 4.27 33.54
C SER V 448 -25.59 4.47 32.53
N TYR V 449 -24.50 3.73 32.70
CA TYR V 449 -23.45 3.80 31.71
C TYR V 449 -22.97 2.40 31.39
N THR V 450 -22.72 2.15 30.11
CA THR V 450 -22.16 0.89 29.67
C THR V 450 -21.11 1.19 28.61
N ALA V 451 -20.10 0.32 28.52
CA ALA V 451 -19.14 0.44 27.44
C ALA V 451 -19.81 0.24 26.09
N LYS V 452 -20.58 -0.83 25.96
CA LYS V 452 -21.23 -1.15 24.70
C LYS V 452 -22.34 -0.14 24.38
N ARG V 453 -23.33 -0.04 25.26
CA ARG V 453 -24.50 0.79 24.97
C ARG V 453 -24.15 2.27 24.88
N GLY V 454 -23.32 2.75 25.79
CA GLY V 454 -23.08 4.17 25.88
C GLY V 454 -23.79 4.75 27.07
N VAL V 455 -24.63 5.75 26.87
CA VAL V 455 -25.28 6.42 27.99
C VAL V 455 -26.75 6.06 27.94
N TYR V 456 -27.14 5.14 28.82
CA TYR V 456 -28.55 4.94 29.15
C TYR V 456 -29.09 6.17 29.88
N MET V 457 -30.31 6.56 29.53
CA MET V 457 -30.91 7.67 30.26
C MET V 457 -32.38 7.80 29.91
N SER V 458 -33.23 7.90 30.95
CA SER V 458 -34.69 7.88 30.78
C SER V 458 -35.31 9.00 31.60
N VAL V 459 -36.42 9.52 31.08
CA VAL V 459 -37.13 10.64 31.70
C VAL V 459 -38.54 10.18 32.06
N TYR V 460 -38.98 10.57 33.26
CA TYR V 460 -40.25 10.11 33.81
C TYR V 460 -41.17 11.31 33.94
N TYR V 461 -42.38 11.19 33.40
CA TYR V 461 -43.23 12.34 33.13
C TYR V 461 -44.50 12.30 33.96
N HIS V 462 -45.15 13.46 34.02
CA HIS V 462 -46.52 13.57 34.52
C HIS V 462 -47.43 12.82 33.58
N SER V 463 -48.03 11.72 34.05
CA SER V 463 -48.64 10.72 33.18
C SER V 463 -50.17 10.76 33.20
N GLN V 464 -50.78 11.89 33.56
CA GLN V 464 -52.20 12.15 33.37
C GLN V 464 -52.38 13.51 32.73
N SER V 465 -53.62 13.80 32.34
CA SER V 465 -53.92 15.01 31.60
C SER V 465 -54.55 16.10 32.45
N THR V 466 -54.59 15.93 33.77
CA THR V 466 -55.11 16.97 34.66
C THR V 466 -54.01 17.34 35.65
N TYR V 467 -53.62 18.61 35.63
CA TYR V 467 -52.45 19.10 36.35
C TYR V 467 -52.86 20.18 37.33
N LEU V 468 -52.41 20.04 38.58
CA LEU V 468 -52.92 20.89 39.66
C LEU V 468 -52.03 22.12 39.84
N PRO W 52 -88.97 -35.92 42.43
CA PRO W 52 -87.67 -35.53 41.84
C PRO W 52 -86.72 -34.95 42.87
N SER W 53 -85.43 -34.86 42.51
CA SER W 53 -84.45 -34.24 43.40
C SER W 53 -84.56 -32.72 43.33
N PRO W 54 -84.28 -32.04 44.43
CA PRO W 54 -84.78 -30.66 44.59
C PRO W 54 -83.90 -29.53 44.05
N ALA W 55 -82.62 -29.53 44.46
CA ALA W 55 -81.78 -28.32 44.40
C ALA W 55 -81.58 -27.74 42.99
N GLN W 56 -81.78 -28.54 41.94
CA GLN W 56 -81.61 -28.05 40.59
C GLN W 56 -82.75 -27.14 40.15
N ALA W 57 -83.58 -26.69 41.11
CA ALA W 57 -84.62 -25.71 40.82
C ALA W 57 -84.03 -24.35 40.48
N LEU W 58 -82.81 -24.06 40.95
CA LEU W 58 -82.15 -22.78 40.66
C LEU W 58 -81.94 -22.53 39.16
N ALA W 59 -81.59 -23.58 38.41
CA ALA W 59 -81.33 -23.40 36.99
C ALA W 59 -82.53 -22.84 36.23
N SER W 60 -83.74 -22.95 36.80
CA SER W 60 -84.95 -22.54 36.11
C SER W 60 -84.87 -21.10 35.62
N TYR W 61 -84.40 -20.20 36.48
CA TYR W 61 -84.28 -18.78 36.15
C TYR W 61 -82.81 -18.35 35.96
N HIS W 62 -82.04 -19.22 35.39
CA HIS W 62 -80.66 -18.99 35.03
C HIS W 62 -80.39 -19.40 33.59
N HIS W 63 -79.62 -18.57 32.87
CA HIS W 63 -79.24 -18.87 31.49
C HIS W 63 -77.72 -19.05 31.41
N PHE W 64 -77.29 -20.25 31.01
CA PHE W 64 -75.86 -20.51 30.90
C PHE W 64 -75.31 -19.83 29.64
N PRO W 65 -74.29 -18.97 29.79
CA PRO W 65 -73.86 -18.13 28.65
C PRO W 65 -73.44 -18.91 27.42
N THR W 66 -72.60 -19.93 27.58
CA THR W 66 -72.11 -20.68 26.43
C THR W 66 -72.85 -22.01 26.30
N ASN W 67 -72.79 -22.57 25.09
CA ASN W 67 -73.25 -23.94 24.89
C ASN W 67 -72.40 -24.93 25.67
N ASP W 68 -71.09 -24.68 25.77
CA ASP W 68 -70.26 -25.56 26.58
C ASP W 68 -70.83 -25.75 27.98
N GLN W 69 -71.13 -24.65 28.69
CA GLN W 69 -71.67 -24.75 30.03
C GLN W 69 -73.03 -25.46 30.05
N GLU W 70 -73.91 -25.12 29.12
CA GLU W 70 -75.20 -25.79 29.11
C GLU W 70 -75.02 -27.30 29.09
N ARG W 71 -74.13 -27.80 28.24
CA ARG W 71 -73.99 -29.24 28.11
C ARG W 71 -73.44 -29.87 29.38
N TRP W 72 -72.49 -29.21 30.06
CA TRP W 72 -72.01 -29.74 31.33
C TRP W 72 -73.12 -29.77 32.37
N TRP W 73 -73.92 -28.71 32.46
CA TRP W 73 -75.04 -28.74 33.38
C TRP W 73 -75.91 -29.96 33.15
N GLU W 74 -76.27 -30.20 31.89
CA GLU W 74 -77.14 -31.33 31.60
C GLU W 74 -76.45 -32.65 31.94
N GLU W 75 -75.12 -32.68 31.86
CA GLU W 75 -74.36 -33.91 32.08
C GLU W 75 -74.09 -34.17 33.55
N THR W 76 -73.93 -33.12 34.36
CA THR W 76 -73.62 -33.26 35.78
C THR W 76 -74.59 -32.57 36.74
N GLY W 77 -75.54 -31.80 36.23
CA GLY W 77 -76.39 -31.02 37.11
C GLY W 77 -77.25 -31.82 38.07
N SER W 78 -78.09 -32.69 37.53
CA SER W 78 -78.97 -33.50 38.39
C SER W 78 -78.14 -34.33 39.35
N LEU W 79 -77.07 -34.95 38.85
CA LEU W 79 -76.24 -35.84 39.66
C LEU W 79 -75.68 -35.12 40.88
N PHE W 80 -75.19 -33.91 40.70
CA PHE W 80 -74.71 -33.16 41.85
C PHE W 80 -75.85 -32.83 42.82
N SER W 81 -77.04 -32.54 42.29
CA SER W 81 -78.19 -32.31 43.16
C SER W 81 -78.48 -33.55 44.00
N ARG W 82 -78.33 -34.74 43.42
CA ARG W 82 -78.62 -35.96 44.17
C ARG W 82 -77.61 -36.19 45.28
N PHE W 83 -76.33 -35.94 45.03
CA PHE W 83 -75.35 -36.14 46.09
C PHE W 83 -75.55 -35.18 47.25
N LEU W 84 -75.94 -33.94 46.97
CA LEU W 84 -76.32 -33.03 48.04
C LEU W 84 -77.47 -33.63 48.86
N GLU W 85 -78.46 -34.20 48.18
CA GLU W 85 -79.54 -34.89 48.88
C GLU W 85 -78.99 -36.05 49.69
N ALA W 86 -78.23 -36.94 49.05
CA ALA W 86 -77.63 -38.09 49.72
C ALA W 86 -76.64 -37.69 50.81
N GLY W 87 -76.20 -36.44 50.83
CA GLY W 87 -75.34 -36.03 51.91
C GLY W 87 -76.09 -35.55 53.11
N GLN W 88 -77.42 -35.48 53.03
CA GLN W 88 -78.26 -35.05 54.15
C GLN W 88 -77.92 -33.61 54.57
N TYR W 89 -77.70 -32.75 53.58
CA TYR W 89 -77.40 -31.35 53.86
C TYR W 89 -78.69 -30.56 54.09
N GLY W 90 -78.60 -29.55 54.95
CA GLY W 90 -79.73 -28.66 55.14
C GLY W 90 -80.19 -28.04 53.83
N LEU W 91 -81.50 -27.93 53.65
CA LEU W 91 -82.00 -27.44 52.36
C LEU W 91 -81.40 -26.09 51.99
N PRO W 92 -81.29 -25.10 52.89
CA PRO W 92 -80.58 -23.88 52.51
C PRO W 92 -79.18 -24.15 52.01
N GLN W 93 -78.45 -25.04 52.68
CA GLN W 93 -77.07 -25.31 52.28
C GLN W 93 -77.01 -26.01 50.93
N GLN W 94 -77.96 -26.90 50.63
CA GLN W 94 -77.95 -27.51 49.31
C GLN W 94 -77.93 -26.44 48.23
N TYR W 95 -78.91 -25.51 48.29
CA TYR W 95 -78.98 -24.42 47.32
C TYR W 95 -77.74 -23.55 47.39
N GLN W 96 -77.21 -23.36 48.58
CA GLN W 96 -76.03 -22.51 48.75
C GLN W 96 -74.82 -23.13 48.06
N PHE W 97 -74.62 -24.44 48.21
CA PHE W 97 -73.54 -25.07 47.46
C PHE W 97 -73.91 -25.23 46.00
N MET W 98 -75.19 -25.51 45.71
CA MET W 98 -75.64 -25.57 44.32
C MET W 98 -75.30 -24.29 43.59
N PHE W 99 -75.53 -23.15 44.24
CA PHE W 99 -75.16 -21.86 43.68
C PHE W 99 -73.68 -21.86 43.33
N PHE W 100 -72.85 -22.27 44.28
CA PHE W 100 -71.41 -22.32 44.05
C PHE W 100 -71.08 -23.18 42.84
N PHE W 101 -71.67 -24.37 42.77
CA PHE W 101 -71.37 -25.28 41.66
C PHE W 101 -71.66 -24.64 40.31
N MET W 102 -72.79 -23.92 40.17
CA MET W 102 -73.15 -23.38 38.87
C MET W 102 -72.16 -22.32 38.44
N HIS W 103 -71.82 -21.40 39.35
CA HIS W 103 -71.08 -20.21 38.98
C HIS W 103 -69.59 -20.45 38.79
N HIS W 104 -68.99 -21.34 39.57
CA HIS W 104 -67.54 -21.44 39.58
C HIS W 104 -67.00 -22.72 38.97
N LEU W 105 -67.78 -23.79 38.95
CA LEU W 105 -67.28 -25.06 38.46
C LEU W 105 -67.77 -25.37 37.06
N ILE W 106 -68.99 -24.98 36.72
CA ILE W 106 -69.53 -25.23 35.38
C ILE W 106 -68.73 -24.45 34.34
N PRO W 107 -68.46 -23.16 34.57
CA PRO W 107 -67.53 -22.45 33.67
C PRO W 107 -66.17 -23.11 33.56
N ALA W 108 -65.68 -23.68 34.65
CA ALA W 108 -64.33 -24.24 34.68
C ALA W 108 -64.21 -25.60 34.01
N LEU W 109 -65.30 -26.24 33.64
CA LEU W 109 -65.20 -27.56 32.99
C LEU W 109 -64.71 -27.48 31.56
N GLY W 110 -64.89 -26.33 30.88
CA GLY W 110 -64.38 -26.16 29.53
C GLY W 110 -65.29 -26.72 28.46
N PRO W 111 -64.72 -27.05 27.29
CA PRO W 111 -65.51 -27.59 26.18
C PRO W 111 -66.26 -28.85 26.59
N TYR W 112 -67.54 -28.92 26.24
CA TYR W 112 -68.33 -30.11 26.63
C TYR W 112 -67.81 -31.39 26.01
N PRO W 113 -67.78 -31.54 24.70
CA PRO W 113 -67.03 -32.66 24.15
C PRO W 113 -65.57 -32.48 24.54
N GLN W 114 -65.20 -33.02 25.71
CA GLN W 114 -63.94 -32.61 26.29
C GLN W 114 -62.77 -33.17 25.48
N LYS W 115 -61.81 -32.28 25.18
CA LYS W 115 -60.62 -32.72 24.44
C LYS W 115 -59.46 -33.02 25.37
N TRP W 116 -59.58 -32.76 26.66
CA TRP W 116 -58.52 -32.90 27.63
C TRP W 116 -58.88 -34.05 28.57
N ARG W 117 -57.94 -34.96 28.78
CA ARG W 117 -58.04 -35.94 29.84
C ARG W 117 -57.36 -35.36 31.08
N SER W 118 -58.09 -35.36 32.18
CA SER W 118 -57.54 -34.93 33.44
C SER W 118 -56.91 -36.12 34.15
N THR W 119 -55.77 -35.86 34.80
CA THR W 119 -55.08 -36.94 35.51
C THR W 119 -55.92 -37.49 36.64
N ILE W 120 -56.81 -36.67 37.21
CA ILE W 120 -57.46 -37.03 38.47
C ILE W 120 -58.45 -38.17 38.30
N SER W 121 -59.07 -38.30 37.14
CA SER W 121 -60.12 -39.28 36.98
C SER W 121 -59.61 -40.50 36.20
N ARG W 122 -60.17 -41.67 36.54
CA ARG W 122 -59.85 -42.86 35.76
C ARG W 122 -60.23 -42.65 34.30
N SER W 123 -61.46 -42.17 34.04
CA SER W 123 -61.91 -41.91 32.68
C SER W 123 -61.24 -40.69 32.09
N GLY W 124 -60.79 -39.77 32.93
CA GLY W 124 -60.17 -38.55 32.48
C GLY W 124 -61.01 -37.30 32.62
N LEU W 125 -62.21 -37.40 33.07
CA LEU W 125 -62.94 -36.14 33.07
C LEU W 125 -62.62 -35.33 34.32
N PRO W 126 -62.67 -34.00 34.21
CA PRO W 126 -62.08 -33.12 35.23
C PRO W 126 -62.78 -33.09 36.58
N ILE W 127 -63.72 -33.98 36.83
CA ILE W 127 -64.50 -33.89 38.07
C ILE W 127 -64.81 -35.28 38.61
N GLU W 128 -64.84 -35.40 39.94
CA GLU W 128 -65.43 -36.57 40.56
C GLU W 128 -65.92 -36.25 41.96
N PHE W 129 -66.99 -36.94 42.36
CA PHE W 129 -67.68 -36.66 43.61
C PHE W 129 -67.36 -37.74 44.66
N SER W 130 -67.23 -37.32 45.92
CA SER W 130 -66.83 -38.19 47.02
C SER W 130 -67.82 -38.11 48.16
N LEU W 131 -68.04 -39.24 48.82
CA LEU W 131 -68.79 -39.29 50.07
C LEU W 131 -67.90 -39.85 51.17
N ASN W 132 -67.77 -39.09 52.26
CA ASN W 132 -66.98 -39.53 53.41
C ASN W 132 -67.93 -39.94 54.51
N PHE W 133 -67.85 -41.19 54.92
CA PHE W 133 -68.70 -41.73 55.96
C PHE W 133 -67.96 -41.77 57.28
N GLN W 134 -68.64 -41.34 58.34
CA GLN W 134 -68.07 -41.18 59.67
C GLN W 134 -68.85 -42.03 60.66
N LYS W 135 -68.42 -42.00 61.91
CA LYS W 135 -69.05 -42.78 62.96
C LYS W 135 -70.36 -42.13 63.37
N GLY W 136 -71.44 -42.49 62.66
CA GLY W 136 -72.80 -42.13 63.01
C GLY W 136 -73.17 -40.67 62.85
N SER W 137 -72.17 -39.77 62.85
CA SER W 137 -72.48 -38.36 62.69
C SER W 137 -73.28 -38.12 61.42
N HIS W 138 -72.78 -38.62 60.28
CA HIS W 138 -73.40 -38.48 58.98
C HIS W 138 -72.36 -38.67 57.89
N ARG W 139 -72.64 -38.15 56.70
CA ARG W 139 -71.75 -38.25 55.55
C ARG W 139 -71.50 -36.86 54.98
N LEU W 140 -70.38 -36.71 54.28
CA LEU W 140 -69.98 -35.44 53.71
C LEU W 140 -69.70 -35.61 52.22
N LEU W 141 -69.84 -34.52 51.48
CA LEU W 141 -69.63 -34.50 50.04
C LEU W 141 -68.32 -33.80 49.70
N ARG W 142 -67.57 -34.39 48.76
CA ARG W 142 -66.25 -33.96 48.34
C ARG W 142 -66.22 -33.86 46.82
N ILE W 143 -65.55 -32.84 46.29
CA ILE W 143 -65.40 -32.71 44.85
C ILE W 143 -63.92 -32.53 44.51
N GLY W 144 -63.44 -33.35 43.58
CA GLY W 144 -62.11 -33.18 42.99
C GLY W 144 -62.23 -32.54 41.62
N PHE W 145 -61.44 -31.49 41.40
CA PHE W 145 -61.62 -30.62 40.25
C PHE W 145 -60.28 -30.42 39.55
N GLU W 146 -60.29 -30.38 38.22
CA GLU W 146 -59.20 -29.80 37.45
C GLU W 146 -59.77 -28.81 36.45
N PRO W 147 -59.60 -27.50 36.66
CA PRO W 147 -60.15 -26.53 35.70
C PRO W 147 -59.59 -26.75 34.30
N VAL W 148 -60.43 -26.50 33.29
CA VAL W 148 -60.07 -26.70 31.90
C VAL W 148 -60.63 -25.56 31.06
N SER W 149 -59.97 -25.29 29.93
CA SER W 149 -60.50 -24.39 28.92
C SER W 149 -60.17 -24.94 27.53
N PHE W 150 -60.66 -24.25 26.50
CA PHE W 150 -60.35 -24.63 25.12
C PHE W 150 -58.87 -24.47 24.82
N LEU W 151 -58.16 -23.64 25.59
CA LEU W 151 -56.70 -23.52 25.44
C LEU W 151 -55.95 -24.73 26.00
N SER W 152 -56.55 -25.45 26.92
CA SER W 152 -55.86 -26.57 27.56
C SER W 152 -55.42 -27.61 26.53
N GLY W 153 -54.13 -27.92 26.55
CA GLY W 153 -53.55 -28.91 25.64
C GLY W 153 -53.11 -28.36 24.30
N SER W 154 -53.23 -27.07 24.09
CA SER W 154 -52.86 -26.47 22.82
C SER W 154 -51.45 -25.89 22.92
N SER W 155 -51.03 -25.22 21.85
CA SER W 155 -49.73 -24.56 21.87
C SER W 155 -49.68 -23.50 22.95
N GLN W 156 -50.79 -22.81 23.19
CA GLN W 156 -50.76 -21.68 24.13
C GLN W 156 -50.69 -22.15 25.57
N ASP W 157 -51.18 -23.35 25.87
CA ASP W 157 -51.02 -23.93 27.19
C ASP W 157 -51.11 -25.43 27.08
N PRO W 158 -50.00 -26.09 26.76
CA PRO W 158 -50.04 -27.54 26.53
C PRO W 158 -50.18 -28.37 27.79
N PHE W 159 -49.87 -27.82 28.97
CA PHE W 159 -49.97 -28.57 30.22
C PHE W 159 -50.91 -27.90 31.22
N ASN W 160 -51.83 -27.08 30.75
CA ASN W 160 -53.01 -26.66 31.51
C ASN W 160 -52.62 -25.94 32.80
N ARG W 161 -51.73 -24.95 32.69
CA ARG W 161 -51.44 -24.13 33.85
C ARG W 161 -52.41 -22.95 34.01
N ILE W 162 -52.98 -22.45 32.91
CA ILE W 162 -53.73 -21.19 32.92
C ILE W 162 -55.01 -21.35 33.74
N PRO W 163 -55.82 -22.37 33.46
CA PRO W 163 -57.06 -22.52 34.23
C PRO W 163 -56.83 -22.58 35.72
N ILE W 164 -55.71 -23.16 36.15
CA ILE W 164 -55.41 -23.30 37.58
C ILE W 164 -55.36 -21.93 38.24
N THR W 165 -54.64 -21.00 37.64
CA THR W 165 -54.50 -19.69 38.23
C THR W 165 -55.77 -18.84 38.09
N ASP W 166 -56.53 -19.00 37.00
CA ASP W 166 -57.79 -18.27 36.87
C ASP W 166 -58.75 -18.64 38.01
N LEU W 167 -59.04 -19.93 38.16
CA LEU W 167 -59.93 -20.36 39.23
C LEU W 167 -59.42 -19.94 40.60
N LEU W 168 -58.10 -19.98 40.81
CA LEU W 168 -57.54 -19.60 42.10
C LEU W 168 -57.77 -18.13 42.43
N ASN W 169 -58.00 -17.28 41.42
CA ASN W 169 -58.36 -15.90 41.71
C ASN W 169 -59.83 -15.74 42.00
N ARG W 170 -60.71 -16.46 41.28
CA ARG W 170 -62.11 -16.44 41.65
C ARG W 170 -62.25 -16.71 43.14
N LEU W 171 -61.55 -17.75 43.62
CA LEU W 171 -61.73 -18.18 45.00
C LEU W 171 -61.27 -17.11 45.97
N SER W 172 -60.15 -16.46 45.67
CA SER W 172 -59.68 -15.39 46.54
C SER W 172 -60.65 -14.21 46.55
N LYS W 173 -61.37 -14.00 45.45
CA LYS W 173 -62.39 -12.95 45.41
C LYS W 173 -63.57 -13.29 46.30
N LEU W 174 -63.98 -14.57 46.33
CA LEU W 174 -65.02 -14.99 47.25
C LEU W 174 -64.58 -14.81 48.69
N GLN W 175 -65.48 -14.28 49.52
CA GLN W 175 -65.16 -14.10 50.92
C GLN W 175 -65.32 -15.45 51.62
N LEU W 176 -64.21 -16.17 51.69
CA LEU W 176 -64.16 -17.52 52.25
C LEU W 176 -63.40 -17.50 53.57
N SER W 177 -63.93 -18.23 54.55
CA SER W 177 -63.33 -18.23 55.87
C SER W 177 -62.01 -18.99 55.85
N ASN W 178 -60.98 -18.35 56.41
CA ASN W 178 -59.69 -19.00 56.63
C ASN W 178 -59.09 -19.50 55.31
N PHE W 179 -58.95 -18.59 54.36
CA PHE W 179 -58.50 -18.95 53.03
C PHE W 179 -57.23 -18.18 52.75
N ASP W 180 -56.10 -18.89 52.83
CA ASP W 180 -54.80 -18.34 52.46
C ASP W 180 -54.20 -19.20 51.36
N THR W 181 -53.44 -18.54 50.46
CA THR W 181 -52.83 -19.23 49.33
C THR W 181 -51.32 -19.43 49.46
N PRO W 182 -50.63 -18.81 50.44
CA PRO W 182 -49.16 -18.82 50.36
C PRO W 182 -48.58 -20.22 50.24
N PHE W 183 -49.06 -21.16 51.04
CA PHE W 183 -48.45 -22.49 51.04
C PHE W 183 -48.58 -23.14 49.67
N PHE W 184 -49.78 -23.05 49.08
CA PHE W 184 -50.00 -23.67 47.77
C PHE W 184 -49.21 -22.94 46.69
N GLN W 185 -49.19 -21.62 46.74
CA GLN W 185 -48.35 -20.87 45.83
C GLN W 185 -46.91 -21.39 45.87
N HIS W 186 -46.40 -21.65 47.08
CA HIS W 186 -45.03 -22.13 47.22
C HIS W 186 -44.79 -23.40 46.41
N LEU W 187 -45.71 -24.35 46.48
CA LEU W 187 -45.52 -25.59 45.73
C LEU W 187 -45.61 -25.34 44.23
N LEU W 188 -46.56 -24.51 43.78
CA LEU W 188 -46.63 -24.19 42.35
C LEU W 188 -45.32 -23.59 41.86
N SER W 189 -44.83 -22.55 42.55
CA SER W 189 -43.57 -21.95 42.11
C SER W 189 -42.50 -23.01 41.95
N LYS W 190 -42.40 -23.93 42.93
CA LYS W 190 -41.41 -25.01 42.93
C LYS W 190 -41.57 -25.96 41.76
N PHE W 191 -42.65 -25.88 41.00
CA PHE W 191 -42.88 -26.84 39.94
C PHE W 191 -43.29 -26.18 38.64
N GLN W 192 -42.86 -24.94 38.39
CA GLN W 192 -43.20 -24.33 37.11
C GLN W 192 -42.20 -24.79 36.07
N LEU W 193 -42.36 -24.36 34.81
CA LEU W 193 -41.62 -25.04 33.75
C LEU W 193 -40.86 -24.12 32.79
N SER W 194 -41.56 -23.29 32.01
CA SER W 194 -40.92 -22.32 31.11
C SER W 194 -40.26 -22.93 29.87
N LEU W 195 -38.94 -22.80 29.75
CA LEU W 195 -38.23 -23.44 28.65
C LEU W 195 -38.39 -24.96 28.68
N SER W 196 -38.73 -25.50 29.86
CA SER W 196 -38.96 -26.93 29.99
C SER W 196 -40.13 -27.38 29.13
N GLU W 197 -41.19 -26.56 29.04
CA GLU W 197 -42.30 -26.88 28.15
C GLU W 197 -41.79 -27.30 26.78
N VAL W 198 -40.86 -26.53 26.22
CA VAL W 198 -40.38 -26.82 24.87
C VAL W 198 -39.73 -28.20 24.83
N ARG W 199 -38.86 -28.48 25.81
CA ARG W 199 -38.23 -29.79 25.92
C ARG W 199 -39.28 -30.87 25.95
N GLN W 200 -40.28 -30.66 26.86
CA GLN W 200 -41.32 -31.71 27.10
C GLN W 200 -42.19 -31.90 25.87
N LEU W 201 -42.64 -30.84 25.24
CA LEU W 201 -43.42 -30.97 24.01
C LEU W 201 -42.83 -32.05 23.09
N GLN W 202 -41.52 -32.10 23.01
CA GLN W 202 -40.85 -33.19 22.37
C GLN W 202 -40.95 -34.45 23.23
N PRO W 212 -49.14 -39.80 27.80
CA PRO W 212 -49.20 -40.07 29.24
C PRO W 212 -50.17 -39.16 29.98
N LEU W 213 -49.77 -38.67 31.14
CA LEU W 213 -50.60 -37.84 32.01
C LEU W 213 -49.98 -36.44 32.06
N LYS W 214 -50.79 -35.41 31.79
CA LYS W 214 -50.23 -34.10 31.51
C LYS W 214 -50.51 -33.01 32.53
N SER W 215 -51.50 -33.18 33.41
CA SER W 215 -51.93 -32.09 34.27
C SER W 215 -50.89 -31.77 35.34
N GLN W 216 -50.84 -30.50 35.75
CA GLN W 216 -49.85 -30.07 36.74
C GLN W 216 -50.46 -29.71 38.09
N ALA W 217 -51.77 -29.51 38.17
CA ALA W 217 -52.35 -29.16 39.46
C ALA W 217 -53.83 -29.53 39.42
N ALA W 218 -54.45 -29.50 40.59
CA ALA W 218 -55.87 -29.81 40.69
C ALA W 218 -56.40 -29.20 41.97
N PHE W 219 -57.73 -29.27 42.12
CA PHE W 219 -58.42 -28.70 43.25
C PHE W 219 -59.31 -29.75 43.91
N GLY W 220 -59.64 -29.49 45.17
CA GLY W 220 -60.57 -30.31 45.91
C GLY W 220 -61.49 -29.46 46.77
N PHE W 221 -62.74 -29.89 46.91
CA PHE W 221 -63.72 -29.12 47.66
C PHE W 221 -64.40 -30.01 48.68
N ASP W 222 -64.31 -29.64 49.95
CA ASP W 222 -65.04 -30.29 51.02
C ASP W 222 -66.16 -29.36 51.45
N PHE W 223 -67.40 -29.84 51.35
CA PHE W 223 -68.58 -29.07 51.78
C PHE W 223 -69.00 -29.60 53.15
N ASN W 224 -68.66 -28.89 54.22
CA ASN W 224 -68.96 -29.41 55.54
C ASN W 224 -70.43 -29.13 55.85
N PRO W 225 -70.98 -29.77 56.87
CA PRO W 225 -72.41 -29.61 57.14
C PRO W 225 -72.81 -28.16 57.37
N ASP W 226 -71.96 -27.38 58.02
CA ASP W 226 -72.15 -25.95 58.05
C ASP W 226 -72.03 -25.41 56.63
N GLY W 227 -72.66 -24.27 56.38
CA GLY W 227 -72.58 -23.68 55.06
C GLY W 227 -71.22 -23.12 54.68
N ALA W 228 -70.16 -23.95 54.73
CA ALA W 228 -68.80 -23.50 54.46
C ALA W 228 -68.10 -24.51 53.58
N ILE W 229 -67.35 -24.02 52.59
CA ILE W 229 -66.54 -24.87 51.71
C ILE W 229 -65.11 -24.78 52.20
N LEU W 230 -64.39 -25.91 52.17
CA LEU W 230 -62.97 -25.95 52.44
C LEU W 230 -62.25 -26.45 51.19
N VAL W 231 -61.18 -25.75 50.82
CA VAL W 231 -60.53 -25.95 49.54
C VAL W 231 -59.23 -26.73 49.74
N LYS W 232 -59.07 -27.79 48.95
CA LYS W 232 -57.89 -28.64 48.95
C LYS W 232 -57.23 -28.54 47.58
N GLY W 233 -55.90 -28.39 47.57
CA GLY W 233 -55.17 -28.23 46.34
C GLY W 233 -54.15 -29.35 46.14
N TYR W 234 -53.92 -29.70 44.87
CA TYR W 234 -53.00 -30.77 44.50
C TYR W 234 -51.90 -30.24 43.59
N VAL W 235 -50.82 -31.00 43.51
CA VAL W 235 -49.69 -30.68 42.64
C VAL W 235 -49.10 -31.97 42.12
N PHE W 236 -48.78 -32.01 40.83
CA PHE W 236 -48.28 -33.24 40.20
C PHE W 236 -46.86 -33.04 39.70
N PRO W 237 -45.86 -33.39 40.49
CA PRO W 237 -44.48 -33.03 40.15
C PRO W 237 -43.85 -33.90 39.07
N TYR W 238 -44.59 -34.86 38.49
CA TYR W 238 -43.96 -35.72 37.49
C TYR W 238 -43.41 -34.91 36.33
N LEU W 239 -44.14 -33.89 35.90
CA LEU W 239 -43.69 -33.09 34.77
C LEU W 239 -42.38 -32.37 35.11
N LYS W 240 -42.37 -31.62 36.21
CA LYS W 240 -41.17 -30.89 36.61
C LYS W 240 -39.99 -31.83 36.75
N ALA W 241 -40.23 -33.01 37.29
CA ALA W 241 -39.16 -33.98 37.46
C ALA W 241 -38.69 -34.52 36.11
N LYS W 242 -39.62 -34.79 35.21
CA LYS W 242 -39.27 -35.38 33.92
C LYS W 242 -38.42 -34.42 33.08
N ALA W 243 -38.76 -33.12 33.12
CA ALA W 243 -38.00 -32.17 32.31
C ALA W 243 -36.56 -32.05 32.81
N ALA W 244 -36.36 -31.94 34.12
CA ALA W 244 -35.03 -31.76 34.68
C ALA W 244 -34.25 -33.05 34.82
N ASP W 245 -34.82 -34.18 34.40
CA ASP W 245 -34.19 -35.49 34.56
C ASP W 245 -33.68 -35.68 36.00
N VAL W 246 -34.54 -35.37 36.95
CA VAL W 246 -34.22 -35.56 38.37
C VAL W 246 -35.29 -36.44 39.00
N PRO W 247 -34.93 -37.40 39.85
CA PRO W 247 -35.95 -38.25 40.48
C PRO W 247 -36.90 -37.42 41.33
N VAL W 248 -38.18 -37.83 41.32
CA VAL W 248 -39.25 -37.01 41.89
C VAL W 248 -38.98 -36.72 43.36
N GLY W 249 -38.65 -37.75 44.12
CA GLY W 249 -38.50 -37.55 45.56
C GLY W 249 -37.43 -36.54 45.90
N THR W 250 -36.35 -36.54 45.11
CA THR W 250 -35.26 -35.60 45.38
C THR W 250 -35.74 -34.16 45.36
N LEU W 251 -36.58 -33.81 44.36
CA LEU W 251 -37.15 -32.46 44.33
C LEU W 251 -38.36 -32.33 45.24
N ILE W 252 -39.11 -33.42 45.45
CA ILE W 252 -40.15 -33.38 46.47
C ILE W 252 -39.52 -33.13 47.83
N ALA W 253 -38.49 -33.91 48.17
CA ALA W 253 -37.79 -33.69 49.43
C ALA W 253 -37.28 -32.27 49.51
N GLU W 254 -36.62 -31.79 48.44
CA GLU W 254 -36.07 -30.45 48.46
C GLU W 254 -37.19 -29.41 48.51
N ALA W 255 -38.33 -29.73 47.91
CA ALA W 255 -39.50 -28.86 48.01
C ALA W 255 -39.99 -28.76 49.44
N VAL W 256 -40.10 -29.90 50.12
CA VAL W 256 -40.47 -29.91 51.53
C VAL W 256 -39.40 -29.20 52.35
N ARG W 257 -38.14 -29.40 52.00
CA ARG W 257 -37.07 -28.76 52.75
C ARG W 257 -37.12 -27.25 52.59
N THR W 258 -37.44 -26.78 51.37
CA THR W 258 -37.49 -25.33 51.13
C THR W 258 -38.50 -24.65 52.02
N ILE W 259 -39.55 -25.37 52.43
CA ILE W 259 -40.50 -24.85 53.41
C ILE W 259 -40.04 -25.11 54.84
N ASP W 260 -38.92 -25.83 55.03
CA ASP W 260 -38.48 -26.18 56.38
C ASP W 260 -37.83 -24.99 57.09
N VAL W 261 -36.92 -24.30 56.43
CA VAL W 261 -36.49 -23.02 56.98
C VAL W 261 -37.68 -22.06 57.02
N GLU W 262 -38.65 -22.26 56.14
CA GLU W 262 -39.90 -21.50 56.19
C GLU W 262 -40.73 -21.90 57.40
N ARG W 263 -40.80 -23.21 57.71
CA ARG W 263 -41.04 -23.75 59.05
C ARG W 263 -40.77 -25.24 59.09
N ASN W 264 -39.82 -25.64 59.94
CA ASN W 264 -39.30 -27.00 59.99
C ASN W 264 -40.16 -27.92 60.85
N GLN W 265 -41.46 -27.96 60.56
CA GLN W 265 -42.40 -28.82 61.28
C GLN W 265 -42.73 -30.08 60.52
N PHE W 266 -42.37 -30.15 59.25
CA PHE W 266 -42.62 -31.34 58.43
C PHE W 266 -41.38 -32.21 58.28
N THR W 267 -40.23 -31.74 58.75
CA THR W 267 -38.97 -32.46 58.56
C THR W 267 -39.08 -33.89 59.09
N HIS W 268 -39.39 -34.03 60.39
CA HIS W 268 -39.36 -35.34 61.04
C HIS W 268 -40.28 -36.32 60.31
N ALA W 269 -41.57 -35.99 60.24
CA ALA W 269 -42.51 -36.92 59.64
C ALA W 269 -42.17 -37.22 58.18
N PHE W 270 -41.80 -36.19 57.41
CA PHE W 270 -41.52 -36.42 55.99
C PHE W 270 -40.26 -37.24 55.82
N GLY W 271 -39.14 -36.77 56.37
CA GLY W 271 -37.92 -37.55 56.33
C GLY W 271 -38.16 -38.98 56.73
N LEU W 272 -39.17 -39.21 57.58
CA LEU W 272 -39.54 -40.56 57.97
C LEU W 272 -40.22 -41.30 56.82
N ILE W 273 -40.97 -40.57 56.01
CA ILE W 273 -41.62 -41.18 54.84
C ILE W 273 -40.64 -41.34 53.69
N ASN W 274 -39.83 -40.31 53.44
CA ASN W 274 -38.87 -40.35 52.34
C ASN W 274 -37.88 -41.50 52.48
N ASP W 275 -37.55 -41.89 53.71
CA ASP W 275 -36.70 -43.05 53.91
C ASP W 275 -37.38 -44.33 53.43
N TYR W 276 -38.65 -44.53 53.83
CA TYR W 276 -39.35 -45.73 53.39
C TYR W 276 -39.57 -45.73 51.89
N MET W 277 -39.82 -44.56 51.33
CA MET W 277 -40.02 -44.47 49.89
C MET W 277 -38.76 -44.85 49.13
N GLN W 278 -37.61 -44.41 49.62
CA GLN W 278 -36.34 -44.79 49.01
C GLN W 278 -36.00 -46.24 49.30
N GLU W 279 -36.36 -46.76 50.49
CA GLU W 279 -36.19 -48.18 50.75
C GLU W 279 -36.87 -49.02 49.67
N SER W 280 -38.16 -48.80 49.49
CA SER W 280 -39.02 -49.72 48.76
C SER W 280 -39.15 -49.39 47.29
N THR W 281 -38.39 -48.41 46.81
CA THR W 281 -38.59 -47.89 45.45
C THR W 281 -40.04 -47.47 45.29
N GLY W 282 -40.57 -46.84 46.34
CA GLY W 282 -41.97 -46.43 46.32
C GLY W 282 -42.23 -45.25 45.41
N TYR W 283 -41.31 -44.29 45.38
CA TYR W 283 -41.44 -43.16 44.47
C TYR W 283 -41.52 -43.63 43.03
N ASN W 284 -42.32 -42.92 42.24
CA ASN W 284 -42.55 -43.28 40.85
C ASN W 284 -43.16 -42.08 40.15
N GLU W 285 -43.49 -42.27 38.86
CA GLU W 285 -44.15 -41.21 38.13
C GLU W 285 -45.44 -40.78 38.79
N TYR W 286 -46.18 -41.72 39.36
CA TYR W 286 -47.52 -41.44 39.88
C TYR W 286 -47.50 -40.73 41.23
N THR W 287 -46.36 -40.71 41.91
CA THR W 287 -46.29 -39.99 43.17
C THR W 287 -46.63 -38.52 42.96
N PHE W 288 -47.46 -37.99 43.84
CA PHE W 288 -47.79 -36.57 43.80
C PHE W 288 -48.07 -36.09 45.22
N LEU W 289 -48.53 -34.85 45.34
CA LEU W 289 -48.48 -34.14 46.59
C LEU W 289 -49.80 -33.40 46.78
N SER W 290 -50.11 -33.02 48.02
CA SER W 290 -51.39 -32.40 48.34
C SER W 290 -51.19 -31.41 49.49
N CYS W 291 -52.21 -30.59 49.74
CA CYS W 291 -52.19 -29.68 50.90
C CYS W 291 -53.56 -29.01 51.04
N ASP W 292 -53.67 -28.18 52.07
CA ASP W 292 -54.89 -27.42 52.36
C ASP W 292 -54.65 -25.92 52.16
N PHE W 293 -55.73 -25.19 51.88
CA PHE W 293 -55.70 -23.75 51.66
C PHE W 293 -56.03 -23.02 52.95
N VAL W 294 -55.06 -22.99 53.88
CA VAL W 294 -55.26 -22.30 55.14
C VAL W 294 -53.92 -22.03 55.81
N GLU W 295 -53.90 -21.06 56.72
CA GLU W 295 -52.87 -20.91 57.74
C GLU W 295 -52.01 -22.17 57.88
N THR W 296 -50.70 -21.96 57.96
CA THR W 296 -49.75 -23.08 58.03
C THR W 296 -50.01 -23.96 59.25
N SER W 297 -50.39 -23.34 60.37
CA SER W 297 -50.58 -24.11 61.60
C SER W 297 -51.57 -25.24 61.40
N GLU W 298 -52.73 -24.95 60.82
CA GLU W 298 -53.78 -25.93 60.67
C GLU W 298 -53.70 -26.70 59.36
N GLN W 299 -52.56 -26.63 58.66
CA GLN W 299 -52.44 -27.24 57.34
C GLN W 299 -51.86 -28.64 57.45
N ARG W 300 -52.34 -29.52 56.59
CA ARG W 300 -52.00 -30.94 56.63
C ARG W 300 -51.44 -31.31 55.25
N LEU W 301 -50.13 -31.37 55.09
CA LEU W 301 -49.62 -31.76 53.78
C LEU W 301 -49.54 -33.28 53.68
N LYS W 302 -49.82 -33.79 52.47
CA LYS W 302 -50.00 -35.21 52.21
C LYS W 302 -49.17 -35.59 51.00
N ILE W 303 -48.55 -36.77 51.03
CA ILE W 303 -47.83 -37.32 49.88
C ILE W 303 -48.58 -38.55 49.41
N TYR W 304 -48.90 -38.60 48.12
CA TYR W 304 -49.60 -39.76 47.58
C TYR W 304 -48.66 -40.53 46.66
N GLY W 305 -49.01 -41.78 46.40
CA GLY W 305 -48.28 -42.62 45.48
C GLY W 305 -49.11 -43.83 45.15
N ALA W 306 -48.57 -44.67 44.27
CA ALA W 306 -49.26 -45.87 43.83
C ALA W 306 -48.27 -47.01 43.61
N HIS W 307 -48.81 -48.22 43.54
CA HIS W 307 -48.05 -49.42 43.20
C HIS W 307 -48.85 -50.31 42.27
N THR W 308 -48.16 -50.80 41.25
CA THR W 308 -48.80 -51.58 40.19
C THR W 308 -49.43 -52.85 40.76
N GLU W 309 -48.64 -53.69 41.41
CA GLU W 309 -49.12 -54.91 42.06
C GLU W 309 -48.72 -54.88 43.52
N VAL W 310 -49.65 -55.28 44.39
CA VAL W 310 -49.47 -55.18 45.83
C VAL W 310 -50.15 -56.36 46.48
N THR W 311 -49.45 -57.02 47.41
CA THR W 311 -50.03 -58.09 48.20
C THR W 311 -50.47 -57.54 49.56
N TRP W 312 -51.18 -58.37 50.33
CA TRP W 312 -51.50 -57.95 51.69
C TRP W 312 -50.23 -57.66 52.49
N ALA W 313 -49.21 -58.52 52.35
CA ALA W 313 -47.96 -58.26 53.03
C ALA W 313 -47.39 -56.91 52.60
N LYS W 314 -47.46 -56.61 51.30
CA LYS W 314 -47.05 -55.31 50.83
C LYS W 314 -47.92 -54.21 51.46
N ILE W 315 -49.23 -54.46 51.57
CA ILE W 315 -50.11 -53.49 52.22
C ILE W 315 -49.70 -53.30 53.67
N ALA W 316 -49.50 -54.40 54.39
CA ALA W 316 -49.03 -54.31 55.77
C ALA W 316 -47.67 -53.63 55.82
N GLU W 317 -46.80 -53.96 54.87
CA GLU W 317 -45.50 -53.30 54.79
C GLU W 317 -45.66 -51.79 54.65
N MET W 318 -46.57 -51.33 53.79
CA MET W 318 -46.75 -49.91 53.60
C MET W 318 -47.49 -49.27 54.76
N TRP W 319 -48.57 -49.90 55.23
CA TRP W 319 -49.38 -49.28 56.28
C TRP W 319 -48.52 -48.96 57.49
N THR W 320 -47.57 -49.84 57.81
CA THR W 320 -46.59 -49.60 58.85
C THR W 320 -45.31 -48.99 58.31
N LEU W 321 -45.32 -48.53 57.06
CA LEU W 321 -44.24 -47.74 56.49
C LEU W 321 -42.89 -48.45 56.67
N GLY W 322 -42.83 -49.69 56.20
CA GLY W 322 -41.76 -50.57 56.63
C GLY W 322 -42.03 -51.02 58.04
N GLY W 323 -41.16 -50.67 58.99
CA GLY W 323 -41.48 -50.89 60.38
C GLY W 323 -41.51 -49.60 61.16
N ARG W 324 -41.49 -48.49 60.43
CA ARG W 324 -41.22 -47.19 61.05
C ARG W 324 -42.11 -46.92 62.24
N LEU W 325 -43.39 -47.28 62.16
CA LEU W 325 -44.37 -46.83 63.14
C LEU W 325 -45.16 -48.00 63.72
N ILE W 326 -44.53 -49.16 63.84
CA ILE W 326 -45.12 -50.26 64.60
C ILE W 326 -45.32 -49.86 66.06
N GLU W 327 -44.51 -48.92 66.56
CA GLU W 327 -44.60 -48.47 67.95
C GLU W 327 -45.98 -47.91 68.26
N GLU W 328 -46.53 -47.12 67.34
CA GLU W 328 -47.84 -46.53 67.58
C GLU W 328 -48.90 -47.61 67.68
N PRO W 329 -49.75 -47.61 68.71
CA PRO W 329 -50.81 -48.62 68.78
C PRO W 329 -51.88 -48.40 67.74
N GLU W 330 -52.18 -47.13 67.44
CA GLU W 330 -53.18 -46.78 66.43
C GLU W 330 -53.01 -47.62 65.17
N ILE W 331 -51.80 -47.60 64.60
CA ILE W 331 -51.55 -48.26 63.32
C ILE W 331 -52.00 -49.72 63.38
N ILE W 332 -51.63 -50.40 64.45
CA ILE W 332 -51.93 -51.81 64.56
C ILE W 332 -53.43 -52.04 64.52
N ALA W 333 -54.19 -51.27 65.29
CA ALA W 333 -55.64 -51.40 65.26
C ALA W 333 -56.19 -51.10 63.87
N GLY W 334 -55.82 -49.93 63.32
CA GLY W 334 -56.30 -49.57 62.00
C GLY W 334 -55.98 -50.62 60.95
N LEU W 335 -54.79 -51.20 61.02
CA LEU W 335 -54.45 -52.23 60.04
C LEU W 335 -55.32 -53.46 60.22
N ALA W 336 -55.73 -53.75 61.45
CA ALA W 336 -56.63 -54.88 61.70
C ALA W 336 -57.94 -54.69 60.96
N ARG W 337 -58.64 -53.58 61.24
CA ARG W 337 -59.86 -53.24 60.52
C ARG W 337 -59.64 -53.28 59.00
N LEU W 338 -58.47 -52.81 58.54
CA LEU W 338 -58.23 -52.70 57.11
C LEU W 338 -58.29 -54.07 56.42
N LYS W 339 -57.64 -55.08 57.00
CA LYS W 339 -57.72 -56.39 56.37
C LYS W 339 -59.14 -56.93 56.41
N GLN W 340 -59.93 -56.48 57.39
CA GLN W 340 -61.33 -56.88 57.46
C GLN W 340 -62.07 -56.43 56.20
N ILE W 341 -61.69 -55.27 55.67
CA ILE W 341 -62.29 -54.80 54.42
C ILE W 341 -61.64 -55.48 53.23
N TRP W 342 -60.30 -55.52 53.24
CA TRP W 342 -59.56 -56.13 52.14
C TRP W 342 -60.16 -57.49 51.79
N SER W 343 -60.54 -58.26 52.82
CA SER W 343 -61.14 -59.57 52.60
C SER W 343 -62.55 -59.47 52.03
N LEU W 344 -63.36 -58.54 52.56
CA LEU W 344 -64.71 -58.39 52.03
C LEU W 344 -64.70 -58.00 50.55
N LEU W 345 -63.77 -57.11 50.17
CA LEU W 345 -63.87 -56.46 48.87
C LEU W 345 -63.42 -57.37 47.75
N GLN W 346 -62.16 -57.81 47.78
CA GLN W 346 -61.61 -58.54 46.65
C GLN W 346 -61.96 -60.03 46.70
N ILE W 347 -62.79 -60.44 47.64
CA ILE W 347 -63.12 -61.85 47.82
C ILE W 347 -64.00 -62.33 46.66
N ILE W 369 -53.43 -52.36 31.99
CA ILE W 369 -54.09 -53.66 32.02
C ILE W 369 -55.06 -53.71 33.20
N ALA W 370 -54.78 -52.93 34.23
CA ALA W 370 -55.62 -52.88 35.43
C ALA W 370 -55.27 -51.62 36.19
N SER W 371 -56.10 -51.31 37.19
CA SER W 371 -55.94 -50.09 38.00
C SER W 371 -54.98 -50.34 39.16
N PRO W 372 -54.14 -49.35 39.47
CA PRO W 372 -53.23 -49.48 40.62
C PRO W 372 -53.92 -49.16 41.94
N ILE W 373 -53.25 -49.51 43.04
CA ILE W 373 -53.75 -49.15 44.36
C ILE W 373 -52.91 -47.98 44.85
N ILE W 374 -53.56 -47.00 45.48
CA ILE W 374 -52.91 -45.75 45.85
C ILE W 374 -52.81 -45.68 47.36
N TRP W 375 -51.76 -45.01 47.83
CA TRP W 375 -51.52 -44.79 49.25
C TRP W 375 -51.34 -43.30 49.51
N ASN W 376 -51.49 -42.94 50.79
CA ASN W 376 -51.48 -41.57 51.25
C ASN W 376 -50.83 -41.51 52.62
N TYR W 377 -49.94 -40.54 52.81
CA TYR W 377 -49.34 -40.28 54.11
C TYR W 377 -49.57 -38.82 54.47
N GLU W 378 -50.36 -38.59 55.50
CA GLU W 378 -50.79 -37.26 55.89
C GLU W 378 -49.89 -36.75 57.01
N ILE W 379 -49.18 -35.65 56.74
CA ILE W 379 -48.21 -35.12 57.69
C ILE W 379 -48.80 -33.94 58.45
N HIS W 380 -49.59 -34.22 59.47
CA HIS W 380 -49.97 -33.17 60.40
C HIS W 380 -48.69 -32.55 60.99
N PRO W 381 -48.56 -31.23 61.02
CA PRO W 381 -47.27 -30.61 61.35
C PRO W 381 -46.83 -30.83 62.79
N GLY W 382 -47.75 -30.65 63.73
CA GLY W 382 -47.38 -30.80 65.14
C GLY W 382 -46.92 -32.22 65.46
N SER W 383 -47.60 -33.22 64.92
CA SER W 383 -47.35 -34.60 65.30
C SER W 383 -45.99 -35.06 64.79
N ARG W 384 -45.59 -36.25 65.24
CA ARG W 384 -44.30 -36.82 64.88
C ARG W 384 -44.38 -37.95 63.88
N PHE W 385 -45.54 -38.57 63.70
CA PHE W 385 -45.67 -39.61 62.70
C PHE W 385 -46.62 -39.20 61.59
N PRO W 386 -46.52 -39.82 60.42
CA PRO W 386 -47.55 -39.69 59.40
C PRO W 386 -48.73 -40.59 59.71
N VAL W 387 -49.88 -40.21 59.20
CA VAL W 387 -51.10 -41.01 59.25
C VAL W 387 -51.33 -41.59 57.87
N PRO W 388 -51.50 -42.89 57.73
CA PRO W 388 -51.71 -43.49 56.41
C PRO W 388 -53.18 -43.41 55.96
N LYS W 389 -53.36 -43.78 54.71
CA LYS W 389 -54.66 -43.84 54.08
C LYS W 389 -54.53 -44.54 52.74
N PHE W 390 -55.38 -45.52 52.45
CA PHE W 390 -55.26 -46.25 51.20
C PHE W 390 -56.50 -46.07 50.36
N TYR W 391 -56.33 -46.36 49.08
CA TYR W 391 -57.37 -46.19 48.09
C TYR W 391 -57.48 -47.50 47.31
N LEU W 392 -58.70 -48.04 47.25
CA LEU W 392 -58.87 -49.41 46.80
C LEU W 392 -59.74 -49.46 45.54
N PRO W 393 -59.27 -50.11 44.48
CA PRO W 393 -60.04 -50.12 43.21
C PRO W 393 -61.35 -50.88 43.33
N VAL W 394 -62.43 -50.27 42.86
CA VAL W 394 -63.75 -50.87 42.89
C VAL W 394 -64.34 -50.98 41.48
N HIS W 395 -64.05 -50.00 40.63
CA HIS W 395 -64.38 -50.12 39.22
C HIS W 395 -63.77 -51.40 38.66
N GLY W 396 -64.61 -52.29 38.15
CA GLY W 396 -64.25 -53.64 37.83
C GLY W 396 -64.85 -54.67 38.77
N GLU W 397 -65.34 -54.23 39.92
CA GLU W 397 -66.08 -55.07 40.84
C GLU W 397 -67.56 -54.72 40.75
N ASN W 398 -68.41 -55.75 40.69
CA ASN W 398 -69.85 -55.53 40.70
C ASN W 398 -70.24 -54.53 41.79
N ASP W 399 -70.76 -53.39 41.36
CA ASP W 399 -71.05 -52.32 42.30
C ASP W 399 -72.07 -52.72 43.36
N LEU W 400 -72.85 -53.78 43.12
CA LEU W 400 -73.74 -54.28 44.17
C LEU W 400 -72.96 -55.12 45.18
N HIS W 401 -72.16 -56.06 44.70
CA HIS W 401 -71.25 -56.78 45.59
C HIS W 401 -70.48 -55.82 46.48
N VAL W 402 -70.04 -54.69 45.91
CA VAL W 402 -69.30 -53.71 46.70
C VAL W 402 -70.21 -53.03 47.71
N ALA W 403 -71.43 -52.67 47.30
CA ALA W 403 -72.38 -52.09 48.25
C ALA W 403 -72.71 -53.07 49.37
N ARG W 404 -72.98 -54.32 49.02
CA ARG W 404 -73.25 -55.36 50.01
C ARG W 404 -72.08 -55.49 50.99
N ALA W 405 -70.91 -55.85 50.48
CA ALA W 405 -69.75 -56.00 51.35
C ALA W 405 -69.47 -54.71 52.12
N LEU W 406 -69.59 -53.58 51.45
CA LEU W 406 -69.25 -52.32 52.09
C LEU W 406 -70.16 -52.09 53.30
N ALA W 407 -71.43 -52.51 53.19
CA ALA W 407 -72.38 -52.29 54.27
C ALA W 407 -72.17 -53.26 55.42
N GLN W 408 -71.86 -54.53 55.11
CA GLN W 408 -71.53 -55.51 56.15
C GLN W 408 -70.44 -54.96 57.07
N PHE W 409 -69.38 -54.40 56.46
CA PHE W 409 -68.29 -53.83 57.23
C PHE W 409 -68.74 -52.70 58.14
N TRP W 410 -69.86 -52.05 57.83
CA TRP W 410 -70.31 -50.99 58.72
C TRP W 410 -70.92 -51.56 59.98
N ASP W 411 -71.70 -52.65 59.86
CA ASP W 411 -72.21 -53.31 61.05
C ASP W 411 -71.05 -53.76 61.94
N SER W 412 -70.02 -54.36 61.32
CA SER W 412 -68.81 -54.70 62.05
C SER W 412 -68.31 -53.53 62.90
N LEU W 413 -68.34 -52.32 62.34
CA LEU W 413 -67.99 -51.13 63.12
C LEU W 413 -69.11 -50.69 64.06
N GLY W 414 -70.36 -51.05 63.76
CA GLY W 414 -71.50 -50.64 64.56
C GLY W 414 -72.02 -49.28 64.18
N TRP W 415 -72.18 -49.02 62.88
CA TRP W 415 -72.81 -47.79 62.41
C TRP W 415 -74.24 -48.14 62.02
N PRO W 416 -75.24 -47.78 62.83
CA PRO W 416 -76.60 -48.29 62.61
C PRO W 416 -77.20 -47.86 61.29
N GLU W 417 -77.26 -46.55 61.05
CA GLU W 417 -78.03 -46.08 59.90
C GLU W 417 -77.26 -46.11 58.58
N HIS W 418 -75.96 -45.82 58.57
CA HIS W 418 -75.18 -45.84 57.34
C HIS W 418 -75.25 -47.21 56.65
N ALA W 419 -75.17 -48.30 57.44
CA ALA W 419 -75.08 -49.63 56.81
C ALA W 419 -76.43 -50.15 56.31
N CYS W 420 -77.54 -49.76 56.98
CA CYS W 420 -78.86 -50.26 56.60
C CYS W 420 -79.35 -49.63 55.29
N ALA W 421 -79.18 -48.32 55.15
CA ALA W 421 -79.75 -47.59 54.02
C ALA W 421 -78.71 -47.24 52.97
N TYR W 422 -77.59 -47.96 52.92
CA TYR W 422 -76.57 -47.63 51.92
C TYR W 422 -77.01 -48.04 50.52
N PRO W 423 -77.15 -49.34 50.25
CA PRO W 423 -77.48 -49.77 48.87
C PRO W 423 -78.74 -49.11 48.34
N ASP W 424 -79.69 -48.77 49.21
CA ASP W 424 -80.80 -47.92 48.80
C ASP W 424 -80.33 -46.51 48.47
N THR W 425 -79.31 -46.03 49.19
CA THR W 425 -78.71 -44.73 48.88
C THR W 425 -77.91 -44.77 47.59
N LEU W 426 -77.45 -45.95 47.19
CA LEU W 426 -76.66 -46.07 45.96
C LEU W 426 -77.55 -46.02 44.72
N GLN W 427 -78.67 -46.75 44.73
CA GLN W 427 -79.59 -46.76 43.59
C GLN W 427 -80.27 -45.41 43.38
N GLN W 428 -80.60 -44.73 44.48
CA GLN W 428 -81.26 -43.44 44.38
C GLN W 428 -80.35 -42.38 43.76
N LEU W 429 -79.04 -42.60 43.76
CA LEU W 429 -78.09 -41.77 43.06
C LEU W 429 -77.99 -42.13 41.58
N TYR W 430 -78.36 -43.34 41.20
CA TYR W 430 -78.25 -43.81 39.82
C TYR W 430 -79.53 -44.52 39.42
N PRO W 431 -80.67 -43.82 39.47
CA PRO W 431 -81.94 -44.47 39.13
C PRO W 431 -81.98 -44.96 37.70
N ASP W 432 -81.25 -44.31 36.78
CA ASP W 432 -81.22 -44.77 35.39
C ASP W 432 -80.53 -46.12 35.27
N GLN W 433 -79.53 -46.40 36.11
CA GLN W 433 -78.76 -47.64 36.05
C GLN W 433 -79.37 -48.69 36.97
N ASP W 434 -79.00 -49.94 36.71
CA ASP W 434 -79.45 -51.08 37.51
C ASP W 434 -78.23 -51.70 38.19
N ILE W 435 -78.13 -51.56 39.51
CA ILE W 435 -76.95 -51.99 40.25
C ILE W 435 -76.66 -53.46 40.02
N SER W 436 -77.70 -54.26 39.75
CA SER W 436 -77.49 -55.68 39.53
C SER W 436 -76.44 -55.94 38.45
N GLN W 437 -76.33 -55.07 37.40
CA GLN W 437 -75.44 -55.31 36.23
C GLN W 437 -74.32 -54.29 36.16
N THR W 438 -74.22 -53.33 37.08
CA THR W 438 -73.29 -52.20 36.89
C THR W 438 -71.91 -52.45 37.51
N THR W 439 -70.87 -51.86 36.91
CA THR W 439 -69.49 -52.06 37.36
C THR W 439 -68.72 -50.77 37.61
N ARG W 440 -68.88 -49.75 36.76
CA ARG W 440 -68.07 -48.53 36.88
C ARG W 440 -68.67 -47.50 37.84
N LEU W 441 -69.88 -47.73 38.37
CA LEU W 441 -70.53 -46.66 39.14
C LEU W 441 -69.74 -46.21 40.38
N GLN W 442 -68.87 -47.06 40.89
CA GLN W 442 -68.18 -46.86 42.12
C GLN W 442 -66.74 -47.41 42.01
N SER W 443 -65.76 -46.53 42.29
CA SER W 443 -64.43 -46.66 41.72
C SER W 443 -63.34 -46.75 42.75
N TRP W 444 -63.40 -46.00 43.84
CA TRP W 444 -62.34 -46.05 44.84
C TRP W 444 -62.96 -46.06 46.22
N ILE W 445 -62.24 -46.64 47.17
CA ILE W 445 -62.60 -46.57 48.59
C ILE W 445 -61.36 -46.18 49.39
N SER W 446 -61.50 -45.19 50.28
CA SER W 446 -60.39 -44.69 51.05
C SER W 446 -60.51 -45.20 52.47
N TYR W 447 -59.37 -45.50 53.09
CA TYR W 447 -59.34 -46.02 54.45
C TYR W 447 -58.29 -45.28 55.27
N SER W 448 -58.75 -44.68 56.35
CA SER W 448 -57.90 -44.06 57.34
C SER W 448 -58.42 -44.46 58.71
N TYR W 449 -57.54 -44.46 59.69
CA TYR W 449 -57.94 -44.79 61.05
C TYR W 449 -57.32 -43.80 62.01
N THR W 450 -58.12 -43.36 62.97
CA THR W 450 -57.63 -42.50 64.03
C THR W 450 -58.22 -43.00 65.35
N ALA W 451 -57.47 -42.79 66.42
CA ALA W 451 -58.04 -43.06 67.74
C ALA W 451 -59.25 -42.16 67.97
N LYS W 452 -59.08 -40.86 67.73
CA LYS W 452 -60.17 -39.92 67.97
C LYS W 452 -61.31 -40.13 66.99
N ARG W 453 -61.04 -39.97 65.69
CA ARG W 453 -62.11 -40.05 64.69
C ARG W 453 -62.72 -41.44 64.63
N GLY W 454 -61.88 -42.48 64.69
CA GLY W 454 -62.35 -43.82 64.43
C GLY W 454 -61.94 -44.26 63.04
N VAL W 455 -62.91 -44.60 62.20
CA VAL W 455 -62.62 -45.09 60.84
C VAL W 455 -63.09 -44.03 59.85
N TYR W 456 -62.13 -43.28 59.29
CA TYR W 456 -62.38 -42.52 58.09
C TYR W 456 -62.58 -43.47 56.93
N MET W 457 -63.53 -43.16 56.05
CA MET W 457 -63.69 -43.99 54.86
C MET W 457 -64.62 -43.30 53.88
N SER W 458 -64.18 -43.17 52.63
CA SER W 458 -64.87 -42.38 51.63
C SER W 458 -64.97 -43.19 50.34
N VAL W 459 -66.01 -42.90 49.56
CA VAL W 459 -66.29 -43.63 48.35
C VAL W 459 -66.32 -42.65 47.18
N TYR W 460 -65.73 -43.07 46.06
CA TYR W 460 -65.57 -42.23 44.88
C TYR W 460 -66.37 -42.85 43.75
N TYR W 461 -67.20 -42.04 43.09
CA TYR W 461 -68.27 -42.51 42.21
C TYR W 461 -68.05 -42.07 40.76
N HIS W 462 -68.81 -42.71 39.86
CA HIS W 462 -68.97 -42.29 38.47
C HIS W 462 -69.73 -40.96 38.43
N SER W 463 -69.05 -39.88 38.04
CA SER W 463 -69.53 -38.52 38.29
C SER W 463 -70.03 -37.79 37.04
N GLN W 464 -70.45 -38.53 36.02
CA GLN W 464 -71.20 -37.96 34.91
C GLN W 464 -72.45 -38.80 34.70
N SER W 465 -73.37 -38.31 33.86
CA SER W 465 -74.66 -38.95 33.72
C SER W 465 -74.79 -39.81 32.48
N THR W 466 -73.71 -40.02 31.74
CA THR W 466 -73.74 -40.91 30.58
C THR W 466 -72.72 -42.01 30.79
N TYR W 467 -73.20 -43.25 30.78
CA TYR W 467 -72.42 -44.41 31.20
C TYR W 467 -72.28 -45.38 30.03
N LEU W 468 -71.04 -45.81 29.77
CA LEU W 468 -70.77 -46.57 28.56
C LEU W 468 -70.86 -48.06 28.87
N PRO X 52 -46.84 -9.73 3.19
CA PRO X 52 -48.14 -10.15 3.73
C PRO X 52 -49.13 -8.99 3.85
N SER X 53 -50.43 -9.30 4.03
CA SER X 53 -51.43 -8.26 4.18
C SER X 53 -51.43 -7.70 5.61
N PRO X 54 -51.75 -6.41 5.77
CA PRO X 54 -51.33 -5.68 6.98
C PRO X 54 -52.26 -5.69 8.18
N ALA X 55 -53.54 -5.34 7.96
CA ALA X 55 -54.41 -4.90 9.04
C ALA X 55 -54.61 -5.93 10.14
N GLN X 56 -54.38 -7.23 9.89
CA GLN X 56 -54.58 -8.28 10.88
C GLN X 56 -53.45 -8.34 11.93
N ALA X 57 -52.58 -7.32 11.98
CA ALA X 57 -51.58 -7.24 13.04
C ALA X 57 -52.20 -6.96 14.39
N LEU X 58 -53.40 -6.38 14.44
CA LEU X 58 -54.06 -6.13 15.72
C LEU X 58 -54.25 -7.42 16.51
N ALA X 59 -54.56 -8.52 15.83
CA ALA X 59 -54.82 -9.78 16.51
C ALA X 59 -53.65 -10.24 17.37
N SER X 60 -52.43 -9.78 17.09
CA SER X 60 -51.25 -10.26 17.81
C SER X 60 -51.42 -10.09 19.32
N TYR X 61 -51.87 -8.91 19.74
CA TYR X 61 -52.03 -8.62 21.16
C TYR X 61 -53.50 -8.61 21.56
N HIS X 62 -54.27 -9.51 20.98
CA HIS X 62 -55.67 -9.71 21.36
C HIS X 62 -55.92 -11.19 21.55
N HIS X 63 -56.71 -11.53 22.56
CA HIS X 63 -57.10 -12.92 22.84
C HIS X 63 -58.61 -13.06 22.65
N PHE X 64 -58.99 -13.91 21.73
CA PHE X 64 -60.42 -14.11 21.54
C PHE X 64 -61.00 -14.98 22.66
N PRO X 65 -62.03 -14.53 23.37
CA PRO X 65 -62.44 -15.23 24.58
C PRO X 65 -62.81 -16.68 24.37
N THR X 66 -63.66 -16.97 23.39
CA THR X 66 -64.18 -18.32 23.18
C THR X 66 -63.48 -19.00 22.01
N ASN X 67 -63.56 -20.33 21.99
CA ASN X 67 -63.06 -21.06 20.82
C ASN X 67 -63.86 -20.74 19.56
N ASP X 68 -65.17 -20.56 19.70
CA ASP X 68 -65.97 -20.18 18.54
C ASP X 68 -65.39 -18.94 17.85
N GLN X 69 -65.11 -17.88 18.62
CA GLN X 69 -64.58 -16.66 18.01
C GLN X 69 -63.24 -16.91 17.33
N GLU X 70 -62.34 -17.60 18.03
CA GLU X 70 -61.03 -17.90 17.44
C GLU X 70 -61.17 -18.57 16.08
N ARG X 71 -62.07 -19.55 15.97
CA ARG X 71 -62.20 -20.28 14.70
C ARG X 71 -62.76 -19.38 13.61
N TRP X 72 -63.70 -18.49 13.94
CA TRP X 72 -64.16 -17.55 12.93
C TRP X 72 -63.04 -16.60 12.50
N TRP X 73 -62.27 -16.10 13.46
CA TRP X 73 -61.11 -15.28 13.10
C TRP X 73 -60.21 -16.01 12.11
N GLU X 74 -59.89 -17.26 12.40
CA GLU X 74 -59.00 -18.01 11.53
C GLU X 74 -59.62 -18.21 10.16
N GLU X 75 -60.94 -18.24 10.09
CA GLU X 75 -61.64 -18.53 8.85
C GLU X 75 -61.81 -17.28 7.99
N THR X 76 -62.05 -16.14 8.60
CA THR X 76 -62.33 -14.92 7.85
C THR X 76 -61.40 -13.76 8.17
N GLY X 77 -60.49 -13.88 9.13
CA GLY X 77 -59.71 -12.74 9.54
C GLY X 77 -58.83 -12.19 8.43
N SER X 78 -57.99 -13.05 7.87
CA SER X 78 -57.11 -12.62 6.80
C SER X 78 -57.92 -12.11 5.61
N LEU X 79 -58.98 -12.83 5.26
CA LEU X 79 -59.76 -12.48 4.09
C LEU X 79 -60.33 -11.08 4.21
N PHE X 80 -60.82 -10.71 5.39
CA PHE X 80 -61.31 -9.35 5.58
C PHE X 80 -60.19 -8.33 5.46
N SER X 81 -59.02 -8.64 6.03
CA SER X 81 -57.87 -7.74 5.94
C SER X 81 -57.47 -7.52 4.49
N ARG X 82 -57.60 -8.55 3.65
CA ARG X 82 -57.24 -8.38 2.26
C ARG X 82 -58.24 -7.47 1.55
N PHE X 83 -59.54 -7.63 1.84
CA PHE X 83 -60.51 -6.75 1.20
C PHE X 83 -60.31 -5.30 1.64
N LEU X 84 -59.96 -5.08 2.90
CA LEU X 84 -59.60 -3.72 3.29
C LEU X 84 -58.47 -3.21 2.39
N GLU X 85 -57.49 -4.07 2.13
CA GLU X 85 -56.41 -3.70 1.24
C GLU X 85 -56.93 -3.45 -0.17
N ALA X 86 -57.67 -4.41 -0.73
CA ALA X 86 -58.16 -4.27 -2.09
C ALA X 86 -59.08 -3.08 -2.24
N GLY X 87 -59.60 -2.55 -1.15
CA GLY X 87 -60.45 -1.39 -1.19
C GLY X 87 -59.70 -0.08 -1.19
N GLN X 88 -58.38 -0.12 -1.05
CA GLN X 88 -57.56 1.09 -1.09
C GLN X 88 -57.93 2.07 0.02
N TYR X 89 -58.17 1.53 1.21
CA TYR X 89 -58.49 2.38 2.36
C TYR X 89 -57.21 2.90 3.01
N GLY X 90 -57.31 4.09 3.57
CA GLY X 90 -56.19 4.61 4.35
C GLY X 90 -55.80 3.62 5.45
N LEU X 91 -54.50 3.49 5.68
CA LEU X 91 -54.04 2.54 6.68
C LEU X 91 -54.68 2.75 8.04
N PRO X 92 -54.83 3.99 8.54
CA PRO X 92 -55.60 4.18 9.79
C PRO X 92 -57.00 3.62 9.71
N GLN X 93 -57.68 3.86 8.59
CA GLN X 93 -59.06 3.38 8.45
C GLN X 93 -59.10 1.87 8.43
N GLN X 94 -58.14 1.23 7.77
CA GLN X 94 -58.12 -0.23 7.76
C GLN X 94 -58.14 -0.79 9.17
N TYR X 95 -57.18 -0.37 9.99
CA TYR X 95 -57.16 -0.81 11.39
C TYR X 95 -58.44 -0.38 12.09
N GLN X 96 -58.97 0.78 11.73
CA GLN X 96 -60.16 1.30 12.36
C GLN X 96 -61.37 0.39 12.11
N PHE X 97 -61.56 -0.05 10.86
CA PHE X 97 -62.62 -1.02 10.60
C PHE X 97 -62.21 -2.41 11.03
N MET X 98 -60.93 -2.76 10.91
CA MET X 98 -60.48 -4.05 11.44
C MET X 98 -60.88 -4.20 12.90
N PHE X 99 -60.70 -3.14 13.68
CA PHE X 99 -61.11 -3.13 15.07
C PHE X 99 -62.59 -3.45 15.21
N PHE X 100 -63.44 -2.74 14.47
CA PHE X 100 -64.88 -2.97 14.51
C PHE X 100 -65.22 -4.42 14.18
N PHE X 101 -64.61 -4.95 13.12
CA PHE X 101 -64.88 -6.33 12.71
C PHE X 101 -64.60 -7.32 13.84
N MET X 102 -63.48 -7.13 14.55
CA MET X 102 -63.08 -8.06 15.61
C MET X 102 -64.05 -8.02 16.79
N HIS X 103 -64.43 -6.83 17.22
CA HIS X 103 -65.21 -6.66 18.44
C HIS X 103 -66.69 -6.95 18.27
N HIS X 104 -67.28 -6.60 17.11
CA HIS X 104 -68.71 -6.63 16.98
C HIS X 104 -69.23 -7.68 16.01
N LEU X 105 -68.41 -8.12 15.07
CA LEU X 105 -68.91 -9.08 14.10
C LEU X 105 -68.46 -10.49 14.42
N ILE X 106 -67.26 -10.68 14.97
CA ILE X 106 -66.78 -12.01 15.26
C ILE X 106 -67.60 -12.59 16.42
N PRO X 107 -67.86 -11.79 17.46
CA PRO X 107 -68.80 -12.31 18.50
C PRO X 107 -70.15 -12.76 17.96
N ALA X 108 -70.69 -12.06 16.97
CA ALA X 108 -72.02 -12.33 16.42
C ALA X 108 -72.10 -13.51 15.45
N LEU X 109 -70.99 -14.08 15.01
CA LEU X 109 -71.10 -15.19 14.07
C LEU X 109 -71.60 -16.46 14.71
N GLY X 110 -71.42 -16.63 16.02
CA GLY X 110 -71.94 -17.78 16.72
C GLY X 110 -71.00 -18.97 16.61
N PRO X 111 -71.54 -20.17 16.79
CA PRO X 111 -70.71 -21.37 16.76
C PRO X 111 -69.95 -21.47 15.45
N TYR X 112 -68.64 -21.77 15.54
CA TYR X 112 -67.83 -21.88 14.33
C TYR X 112 -68.31 -23.00 13.41
N PRO X 113 -68.31 -24.24 13.81
CA PRO X 113 -69.02 -25.21 12.99
C PRO X 113 -70.48 -24.79 12.97
N GLN X 114 -70.83 -23.95 12.00
CA GLN X 114 -72.09 -23.25 12.10
C GLN X 114 -73.27 -24.23 11.93
N LYS X 115 -74.25 -24.12 12.86
CA LYS X 115 -75.44 -24.99 12.74
C LYS X 115 -76.58 -24.28 12.01
N TRP X 116 -76.45 -23.00 11.71
CA TRP X 116 -77.52 -22.19 11.18
C TRP X 116 -77.18 -21.81 9.75
N ARG X 117 -78.12 -22.00 8.84
CA ARG X 117 -77.98 -21.46 7.50
C ARG X 117 -78.64 -20.09 7.47
N SER X 118 -77.88 -19.11 7.01
CA SER X 118 -78.41 -17.76 6.84
C SER X 118 -79.01 -17.62 5.46
N THR X 119 -80.16 -16.93 5.40
CA THR X 119 -80.83 -16.72 4.13
C THR X 119 -79.95 -15.91 3.18
N ILE X 120 -79.06 -15.08 3.72
CA ILE X 120 -78.38 -14.07 2.91
C ILE X 120 -77.37 -14.70 1.95
N SER X 121 -76.78 -15.83 2.30
CA SER X 121 -75.70 -16.34 1.48
C SER X 121 -76.18 -17.54 0.67
N ARG X 122 -75.61 -17.71 -0.51
CA ARG X 122 -75.91 -18.91 -1.28
C ARG X 122 -75.55 -20.15 -0.47
N SER X 123 -74.35 -20.16 0.12
CA SER X 123 -73.92 -21.28 0.96
C SER X 123 -74.64 -21.29 2.30
N GLY X 124 -75.08 -20.14 2.76
CA GLY X 124 -75.76 -20.04 4.03
C GLY X 124 -74.94 -19.45 5.14
N LEU X 125 -73.67 -19.10 4.90
CA LEU X 125 -72.98 -18.63 6.09
C LEU X 125 -73.32 -17.17 6.35
N PRO X 126 -73.26 -16.75 7.60
CA PRO X 126 -73.88 -15.47 8.00
C PRO X 126 -73.22 -14.20 7.52
N ILE X 127 -72.20 -14.31 6.65
CA ILE X 127 -71.44 -13.15 6.23
C ILE X 127 -71.04 -13.25 4.76
N GLU X 128 -71.00 -12.10 4.09
CA GLU X 128 -70.36 -12.07 2.78
C GLU X 128 -69.88 -10.66 2.51
N PHE X 129 -68.77 -10.56 1.78
CA PHE X 129 -68.07 -9.31 1.53
C PHE X 129 -68.36 -8.83 0.12
N SER X 130 -68.50 -7.50 -0.03
CA SER X 130 -68.89 -6.90 -1.30
C SER X 130 -67.90 -5.80 -1.67
N LEU X 131 -67.64 -5.65 -2.97
CA LEU X 131 -66.86 -4.55 -3.50
C LEU X 131 -67.72 -3.79 -4.51
N ASN X 132 -67.88 -2.48 -4.29
CA ASN X 132 -68.66 -1.61 -5.16
C ASN X 132 -67.70 -0.74 -5.95
N PHE X 133 -67.75 -0.85 -7.27
CA PHE X 133 -66.87 -0.10 -8.16
C PHE X 133 -67.61 1.11 -8.75
N GLN X 134 -66.92 2.24 -8.77
CA GLN X 134 -67.46 3.52 -9.20
C GLN X 134 -66.65 4.06 -10.37
N LYS X 135 -67.11 5.21 -10.89
CA LYS X 135 -66.47 5.85 -12.05
C LYS X 135 -65.20 6.54 -11.57
N GLY X 136 -64.10 5.78 -11.58
CA GLY X 136 -62.77 6.30 -11.34
C GLY X 136 -62.46 6.71 -9.92
N SER X 137 -63.48 7.00 -9.12
CA SER X 137 -63.24 7.42 -7.74
C SER X 137 -62.43 6.38 -7.00
N HIS X 138 -62.90 5.13 -7.03
CA HIS X 138 -62.27 4.01 -6.34
C HIS X 138 -63.30 2.92 -6.08
N ARG X 139 -63.04 2.10 -5.07
CA ARG X 139 -63.91 1.00 -4.69
C ARG X 139 -64.23 1.07 -3.21
N LEU X 140 -65.38 0.50 -2.83
CA LEU X 140 -65.84 0.48 -1.44
C LEU X 140 -66.12 -0.94 -1.02
N LEU X 141 -66.02 -1.19 0.28
CA LEU X 141 -66.20 -2.51 0.85
C LEU X 141 -67.54 -2.60 1.59
N ARG X 142 -68.22 -3.73 1.43
CA ARG X 142 -69.55 -3.96 1.98
C ARG X 142 -69.51 -5.29 2.72
N ILE X 143 -70.23 -5.37 3.85
CA ILE X 143 -70.44 -6.60 4.60
C ILE X 143 -71.94 -6.81 4.82
N GLY X 144 -72.44 -7.99 4.47
CA GLY X 144 -73.79 -8.39 4.81
C GLY X 144 -73.72 -9.37 5.96
N PHE X 145 -74.53 -9.13 6.99
CA PHE X 145 -74.38 -9.84 8.25
C PHE X 145 -75.71 -10.42 8.72
N GLU X 146 -75.68 -11.63 9.26
CA GLU X 146 -76.78 -12.12 10.08
C GLU X 146 -76.24 -12.60 11.43
N PRO X 147 -76.50 -11.88 12.50
CA PRO X 147 -76.00 -12.31 13.81
C PRO X 147 -76.48 -13.70 14.13
N VAL X 148 -75.63 -14.46 14.82
CA VAL X 148 -75.95 -15.84 15.17
C VAL X 148 -75.47 -16.13 16.58
N SER X 149 -76.15 -17.08 17.24
CA SER X 149 -75.68 -17.64 18.52
C SER X 149 -76.03 -19.13 18.54
N PHE X 150 -75.59 -19.82 19.60
CA PHE X 150 -75.91 -21.23 19.75
C PHE X 150 -77.41 -21.46 19.93
N LEU X 151 -78.15 -20.47 20.41
CA LEU X 151 -79.60 -20.58 20.53
C LEU X 151 -80.30 -20.52 19.16
N SER X 152 -79.68 -19.92 18.15
CA SER X 152 -80.34 -19.75 16.86
C SER X 152 -80.75 -21.10 16.28
N GLY X 153 -82.02 -21.24 15.94
CA GLY X 153 -82.54 -22.49 15.44
C GLY X 153 -83.00 -23.46 16.50
N SER X 154 -82.95 -23.06 17.77
CA SER X 154 -83.33 -23.93 18.86
C SER X 154 -84.74 -23.60 19.33
N SER X 155 -85.16 -24.31 20.38
CA SER X 155 -86.48 -24.09 20.98
C SER X 155 -86.63 -22.68 21.52
N GLN X 156 -85.56 -22.12 22.10
CA GLN X 156 -85.67 -20.81 22.74
C GLN X 156 -85.74 -19.70 21.72
N ASP X 157 -85.19 -19.92 20.52
CA ASP X 157 -85.31 -18.96 19.42
C ASP X 157 -85.18 -19.70 18.09
N PRO X 158 -86.28 -20.26 17.59
CA PRO X 158 -86.19 -21.08 16.38
C PRO X 158 -86.02 -20.27 15.11
N PHE X 159 -86.33 -18.98 15.12
CA PHE X 159 -86.17 -18.17 13.90
C PHE X 159 -85.22 -16.98 14.09
N ASN X 160 -84.33 -17.06 15.06
CA ASN X 160 -83.16 -16.21 15.12
C ASN X 160 -83.55 -14.74 15.23
N ARG X 161 -84.47 -14.43 16.17
CA ARG X 161 -84.75 -13.03 16.47
C ARG X 161 -83.85 -12.44 17.54
N ILE X 162 -83.28 -13.26 18.41
CA ILE X 162 -82.57 -12.75 19.58
C ILE X 162 -81.33 -12.02 19.12
N PRO X 163 -80.47 -12.68 18.32
CA PRO X 163 -79.23 -12.03 17.89
C PRO X 163 -79.44 -10.71 17.21
N ILE X 164 -80.54 -10.59 16.46
CA ILE X 164 -80.81 -9.34 15.76
C ILE X 164 -80.90 -8.20 16.75
N THR X 165 -81.67 -8.39 17.83
CA THR X 165 -81.84 -7.32 18.80
C THR X 165 -80.57 -7.12 19.63
N ASP X 166 -79.83 -8.19 19.90
CA ASP X 166 -78.57 -8.03 20.62
C ASP X 166 -77.62 -7.13 19.83
N LEU X 167 -77.31 -7.51 18.60
CA LEU X 167 -76.41 -6.72 17.78
C LEU X 167 -76.92 -5.30 17.62
N LEU X 168 -78.24 -5.15 17.54
CA LEU X 168 -78.81 -3.82 17.37
C LEU X 168 -78.55 -2.91 18.56
N ASN X 169 -78.28 -3.48 19.73
CA ASN X 169 -77.93 -2.65 20.87
C ASN X 169 -76.45 -2.31 20.91
N ARG X 170 -75.57 -3.25 20.58
CA ARG X 170 -74.17 -2.91 20.48
C ARG X 170 -74.00 -1.66 19.64
N LEU X 171 -74.67 -1.64 18.49
CA LEU X 171 -74.46 -0.55 17.55
C LEU X 171 -74.95 0.76 18.14
N SER X 172 -76.08 0.75 18.82
CA SER X 172 -76.56 1.98 19.41
C SER X 172 -75.63 2.44 20.51
N LYS X 173 -74.92 1.52 21.16
CA LYS X 173 -73.95 1.90 22.19
C LYS X 173 -72.76 2.61 21.57
N LEU X 174 -72.29 2.12 20.42
CA LEU X 174 -71.23 2.78 19.68
C LEU X 174 -71.70 4.16 19.26
N GLN X 175 -70.83 5.15 19.43
CA GLN X 175 -71.19 6.52 19.04
C GLN X 175 -71.02 6.63 17.53
N LEU X 176 -72.13 6.39 16.81
CA LEU X 176 -72.16 6.37 15.35
C LEU X 176 -72.93 7.56 14.82
N SER X 177 -72.37 8.16 13.78
CA SER X 177 -72.96 9.35 13.20
C SER X 177 -74.27 9.00 12.49
N ASN X 178 -75.31 9.76 12.79
CA ASN X 178 -76.57 9.69 12.05
C ASN X 178 -77.13 8.27 12.11
N PHE X 179 -77.34 7.78 13.33
CA PHE X 179 -77.80 6.42 13.55
C PHE X 179 -79.10 6.49 14.30
N ASP X 180 -80.22 6.29 13.59
CA ASP X 180 -81.55 6.16 14.18
C ASP X 180 -82.13 4.82 13.79
N THR X 181 -82.88 4.23 14.72
CA THR X 181 -83.47 2.91 14.55
C THR X 181 -84.98 2.93 14.34
N PRO X 182 -85.68 4.08 14.52
CA PRO X 182 -87.16 4.02 14.51
C PRO X 182 -87.73 3.31 13.28
N PHE X 183 -87.22 3.64 12.09
CA PHE X 183 -87.80 3.06 10.89
C PHE X 183 -87.62 1.54 10.90
N PHE X 184 -86.42 1.06 11.23
CA PHE X 184 -86.18 -0.37 11.22
C PHE X 184 -86.97 -1.07 12.30
N GLN X 185 -87.00 -0.49 13.51
CA GLN X 185 -87.86 -1.03 14.56
C GLN X 185 -89.29 -1.19 14.05
N HIS X 186 -89.77 -0.19 13.30
CA HIS X 186 -91.13 -0.26 12.77
C HIS X 186 -91.31 -1.51 11.92
N LEU X 187 -90.38 -1.77 11.01
CA LEU X 187 -90.55 -2.95 10.16
C LEU X 187 -90.47 -4.23 10.98
N LEU X 188 -89.53 -4.32 11.92
CA LEU X 188 -89.47 -5.50 12.79
C LEU X 188 -90.78 -5.71 13.52
N SER X 189 -91.27 -4.67 14.22
CA SER X 189 -92.53 -4.81 14.91
C SER X 189 -93.62 -5.32 13.96
N LYS X 190 -93.66 -4.78 12.75
CA LYS X 190 -94.64 -5.24 11.77
C LYS X 190 -94.48 -6.70 11.39
N PHE X 191 -93.41 -7.37 11.78
CA PHE X 191 -93.20 -8.73 11.29
C PHE X 191 -92.81 -9.69 12.39
N GLN X 192 -93.20 -9.44 13.65
CA GLN X 192 -92.89 -10.40 14.71
C GLN X 192 -93.93 -11.53 14.70
N LEU X 193 -93.77 -12.50 15.61
CA LEU X 193 -94.52 -13.73 15.42
C LEU X 193 -95.28 -14.23 16.66
N SER X 194 -94.57 -14.58 17.74
CA SER X 194 -95.20 -14.99 19.00
C SER X 194 -95.88 -16.36 18.95
N LEU X 195 -97.20 -16.38 19.13
CA LEU X 195 -97.92 -17.64 18.96
C LEU X 195 -97.75 -18.17 17.56
N SER X 196 -97.42 -17.28 16.62
CA SER X 196 -97.12 -17.69 15.26
C SER X 196 -95.93 -18.62 15.23
N GLU X 197 -94.93 -18.37 16.09
CA GLU X 197 -93.82 -19.30 16.23
C GLU X 197 -94.34 -20.73 16.35
N VAL X 198 -95.34 -20.94 17.20
CA VAL X 198 -95.81 -22.29 17.47
C VAL X 198 -96.39 -22.92 16.20
N ARG X 199 -97.26 -22.17 15.50
CA ARG X 199 -97.80 -22.63 14.22
C ARG X 199 -96.68 -22.98 13.25
N GLN X 200 -95.71 -22.08 13.15
CA GLN X 200 -94.66 -22.21 12.14
C GLN X 200 -93.80 -23.43 12.40
N LEU X 201 -93.39 -23.67 13.66
CA LEU X 201 -92.61 -24.85 14.00
C LEU X 201 -93.16 -26.12 13.34
N GLN X 202 -94.48 -26.27 13.28
CA GLN X 202 -95.06 -27.37 12.55
C GLN X 202 -94.90 -27.18 11.05
N PRO X 212 -86.61 -24.91 4.40
CA PRO X 212 -86.54 -23.66 3.62
C PRO X 212 -85.60 -22.64 4.25
N LEU X 213 -86.00 -21.37 4.25
CA LEU X 213 -85.16 -20.27 4.74
C LEU X 213 -85.81 -19.66 5.97
N LYS X 214 -85.03 -19.52 7.05
CA LYS X 214 -85.62 -19.23 8.34
C LYS X 214 -85.38 -17.82 8.85
N SER X 215 -84.39 -17.10 8.33
CA SER X 215 -84.02 -15.84 8.94
C SER X 215 -85.12 -14.81 8.75
N GLN X 216 -85.23 -13.89 9.71
CA GLN X 216 -86.23 -12.84 9.64
C GLN X 216 -85.62 -11.48 9.41
N ALA X 217 -84.31 -11.33 9.62
CA ALA X 217 -83.67 -10.04 9.45
C ALA X 217 -82.17 -10.27 9.26
N ALA X 218 -81.47 -9.23 8.81
CA ALA X 218 -80.03 -9.28 8.62
C ALA X 218 -79.52 -7.84 8.63
N PHE X 219 -78.20 -7.72 8.62
CA PHE X 219 -77.56 -6.42 8.67
C PHE X 219 -76.63 -6.23 7.47
N GLY X 220 -76.36 -4.97 7.19
CA GLY X 220 -75.40 -4.63 6.18
C GLY X 220 -74.52 -3.48 6.65
N PHE X 221 -73.23 -3.50 6.28
CA PHE X 221 -72.29 -2.48 6.71
C PHE X 221 -71.53 -1.94 5.50
N ASP X 222 -71.65 -0.65 5.26
CA ASP X 222 -70.91 0.02 4.22
C ASP X 222 -69.81 0.84 4.86
N PHE X 223 -68.56 0.57 4.47
CA PHE X 223 -67.40 1.28 4.97
C PHE X 223 -67.01 2.30 3.91
N ASN X 224 -67.34 3.57 4.11
CA ASN X 224 -66.98 4.56 3.11
C ASN X 224 -65.52 4.98 3.29
N PRO X 225 -64.93 5.69 2.32
CA PRO X 225 -63.49 5.99 2.41
C PRO X 225 -63.12 6.75 3.67
N ASP X 226 -63.97 7.68 4.09
CA ASP X 226 -63.85 8.26 5.42
C ASP X 226 -64.04 7.18 6.48
N GLY X 227 -63.44 7.39 7.64
CA GLY X 227 -63.57 6.42 8.70
C GLY X 227 -64.95 6.34 9.32
N ALA X 228 -65.98 6.09 8.53
CA ALA X 228 -67.36 6.06 8.99
C ALA X 228 -68.09 4.85 8.42
N ILE X 229 -68.85 4.16 9.27
CA ILE X 229 -69.65 3.00 8.87
C ILE X 229 -71.09 3.45 8.71
N LEU X 230 -71.77 2.92 7.70
CA LEU X 230 -73.21 3.12 7.53
C LEU X 230 -73.90 1.77 7.59
N VAL X 231 -74.98 1.70 8.36
CA VAL X 231 -75.64 0.45 8.70
C VAL X 231 -76.92 0.29 7.88
N LYS X 232 -77.03 -0.85 7.22
CA LYS X 232 -78.19 -1.20 6.43
C LYS X 232 -78.81 -2.43 7.05
N GLY X 233 -80.13 -2.41 7.18
CA GLY X 233 -80.86 -3.50 7.77
C GLY X 233 -81.84 -4.12 6.80
N TYR X 234 -82.09 -5.40 6.98
CA TYR X 234 -82.98 -6.16 6.13
C TYR X 234 -84.13 -6.75 6.95
N VAL X 235 -85.21 -7.13 6.26
CA VAL X 235 -86.38 -7.74 6.88
C VAL X 235 -86.91 -8.79 5.93
N PHE X 236 -87.24 -9.98 6.46
CA PHE X 236 -87.65 -11.10 5.62
C PHE X 236 -89.10 -11.44 5.94
N PRO X 237 -90.07 -10.87 5.22
CA PRO X 237 -91.47 -11.01 5.64
C PRO X 237 -92.10 -12.32 5.25
N TYR X 238 -91.35 -13.24 4.65
CA TYR X 238 -91.93 -14.52 4.26
C TYR X 238 -92.47 -15.29 5.46
N LEU X 239 -91.76 -15.25 6.59
CA LEU X 239 -92.21 -15.99 7.77
C LEU X 239 -93.54 -15.44 8.27
N LYS X 240 -93.60 -14.13 8.53
CA LYS X 240 -94.83 -13.53 9.03
C LYS X 240 -96.00 -13.77 8.08
N ALA X 241 -95.76 -13.66 6.77
CA ALA X 241 -96.84 -13.87 5.81
C ALA X 241 -97.30 -15.32 5.78
N LYS X 242 -96.36 -16.26 5.84
CA LYS X 242 -96.75 -17.67 5.79
C LYS X 242 -97.58 -18.04 7.00
N ALA X 243 -97.25 -17.49 8.17
CA ALA X 243 -98.01 -17.81 9.38
C ALA X 243 -99.44 -17.34 9.27
N ALA X 244 -99.66 -16.11 8.81
CA ALA X 244 -100.99 -15.53 8.70
C ALA X 244 -101.72 -15.97 7.45
N ASP X 245 -101.10 -16.81 6.62
CA ASP X 245 -101.68 -17.23 5.34
C ASP X 245 -102.18 -16.02 4.55
N VAL X 246 -101.34 -14.99 4.51
CA VAL X 246 -101.63 -13.75 3.79
C VAL X 246 -100.52 -13.53 2.77
N PRO X 247 -100.84 -13.15 1.53
CA PRO X 247 -99.79 -12.92 0.53
C PRO X 247 -98.82 -11.84 0.98
N VAL X 248 -97.56 -12.03 0.61
CA VAL X 248 -96.50 -11.19 1.16
C VAL X 248 -96.77 -9.72 0.85
N GLY X 249 -97.09 -9.42 -0.40
CA GLY X 249 -97.23 -8.02 -0.81
C GLY X 249 -98.31 -7.29 -0.05
N THR X 250 -99.41 -7.98 0.28
CA THR X 250 -100.51 -7.36 1.01
C THR X 250 -100.05 -6.76 2.33
N LEU X 251 -99.23 -7.50 3.08
CA LEU X 251 -98.69 -6.95 4.32
C LEU X 251 -97.49 -6.05 4.05
N ILE X 252 -96.73 -6.30 2.98
CA ILE X 252 -95.68 -5.38 2.60
C ILE X 252 -96.27 -4.01 2.27
N ALA X 253 -97.27 -4.00 1.39
CA ALA X 253 -97.96 -2.77 1.04
C ALA X 253 -98.55 -2.12 2.27
N GLU X 254 -99.24 -2.92 3.09
CA GLU X 254 -99.83 -2.37 4.31
C GLU X 254 -98.73 -1.94 5.26
N ALA X 255 -97.59 -2.65 5.24
CA ALA X 255 -96.44 -2.24 6.03
C ALA X 255 -95.90 -0.90 5.54
N VAL X 256 -95.77 -0.74 4.22
CA VAL X 256 -95.40 0.56 3.67
C VAL X 256 -96.49 1.59 3.96
N ARG X 257 -97.76 1.19 3.82
CA ARG X 257 -98.84 2.13 4.08
C ARG X 257 -98.84 2.59 5.55
N THR X 258 -98.55 1.67 6.46
CA THR X 258 -98.51 2.03 7.89
C THR X 258 -97.50 3.12 8.16
N ILE X 259 -96.44 3.20 7.34
CA ILE X 259 -95.48 4.30 7.44
C ILE X 259 -95.91 5.50 6.61
N ASP X 260 -97.00 5.39 5.84
CA ASP X 260 -97.44 6.48 4.97
C ASP X 260 -98.12 7.62 5.74
N VAL X 261 -99.07 7.30 6.62
CA VAL X 261 -99.52 8.34 7.54
C VAL X 261 -98.37 8.78 8.43
N GLU X 262 -97.39 7.88 8.67
CA GLU X 262 -96.18 8.25 9.39
C GLU X 262 -95.32 9.20 8.56
N ARG X 263 -95.24 8.96 7.25
CA ARG X 263 -95.00 9.96 6.22
C ARG X 263 -95.25 9.39 4.82
N ASN X 264 -96.19 10.00 4.13
CA ASN X 264 -96.71 9.50 2.86
C ASN X 264 -95.82 9.91 1.69
N GLN X 265 -94.53 9.62 1.78
CA GLN X 265 -93.59 9.94 0.72
C GLN X 265 -93.24 8.74 -0.13
N PHE X 266 -93.59 7.55 0.31
CA PHE X 266 -93.27 6.34 -0.43
C PHE X 266 -94.47 5.83 -1.22
N THR X 267 -95.64 6.44 -1.02
CA THR X 267 -96.88 5.98 -1.64
C THR X 267 -96.73 5.90 -3.15
N HIS X 268 -96.41 7.03 -3.79
CA HIS X 268 -96.40 7.09 -5.25
C HIS X 268 -95.46 6.05 -5.83
N ALA X 269 -94.19 6.10 -5.44
CA ALA X 269 -93.21 5.17 -5.99
C ALA X 269 -93.57 3.73 -5.66
N PHE X 270 -94.00 3.45 -4.43
CA PHE X 270 -94.30 2.08 -4.06
C PHE X 270 -95.53 1.58 -4.81
N GLY X 271 -96.67 2.26 -4.64
CA GLY X 271 -97.87 1.88 -5.37
C GLY X 271 -97.59 1.66 -6.85
N LEU X 272 -96.59 2.36 -7.38
CA LEU X 272 -96.15 2.13 -8.76
C LEU X 272 -95.48 0.78 -8.92
N ILE X 273 -94.73 0.34 -7.90
CA ILE X 273 -94.11 -0.97 -7.97
C ILE X 273 -95.14 -2.05 -7.71
N ASN X 274 -96.00 -1.82 -6.70
CA ASN X 274 -96.98 -2.82 -6.31
C ASN X 274 -97.91 -3.17 -7.46
N ASP X 275 -98.19 -2.19 -8.34
CA ASP X 275 -98.99 -2.47 -9.51
C ASP X 275 -98.27 -3.43 -10.45
N TYR X 276 -96.98 -3.18 -10.72
CA TYR X 276 -96.24 -4.08 -11.60
C TYR X 276 -96.07 -5.47 -10.98
N MET X 277 -95.83 -5.52 -9.65
CA MET X 277 -95.64 -6.80 -8.99
C MET X 277 -96.89 -7.67 -9.02
N GLN X 278 -98.09 -7.12 -8.76
CA GLN X 278 -99.27 -7.96 -8.93
C GLN X 278 -99.69 -8.12 -10.43
N GLU X 279 -99.27 -7.23 -11.37
CA GLU X 279 -99.40 -7.57 -12.77
C GLU X 279 -98.69 -8.87 -13.08
N SER X 280 -97.41 -8.94 -12.73
CA SER X 280 -96.50 -9.96 -13.25
C SER X 280 -96.39 -11.16 -12.34
N THR X 281 -97.18 -11.22 -11.28
CA THR X 281 -96.98 -12.26 -10.25
C THR X 281 -95.54 -12.23 -9.76
N GLY X 282 -95.01 -11.01 -9.61
CA GLY X 282 -93.61 -10.85 -9.22
C GLY X 282 -93.37 -11.20 -7.77
N TYR X 283 -94.31 -10.86 -6.89
CA TYR X 283 -94.23 -11.23 -5.50
C TYR X 283 -94.13 -12.75 -5.35
N ASN X 284 -93.39 -13.19 -4.36
CA ASN X 284 -93.17 -14.60 -4.12
C ASN X 284 -92.59 -14.74 -2.72
N GLU X 285 -92.29 -15.98 -2.33
CA GLU X 285 -91.69 -16.21 -1.02
C GLU X 285 -90.40 -15.43 -0.86
N TYR X 286 -89.62 -15.31 -1.94
CA TYR X 286 -88.28 -14.74 -1.85
C TYR X 286 -88.28 -13.22 -1.73
N THR X 287 -89.39 -12.56 -2.02
CA THR X 287 -89.43 -11.12 -1.88
C THR X 287 -89.16 -10.71 -0.42
N PHE X 288 -88.33 -9.69 -0.25
CA PHE X 288 -88.06 -9.16 1.07
C PHE X 288 -87.76 -7.67 0.94
N LEU X 289 -87.34 -7.04 2.04
CA LEU X 289 -87.38 -5.60 2.14
C LEU X 289 -86.07 -5.14 2.78
N SER X 290 -85.77 -3.84 2.63
CA SER X 290 -84.51 -3.28 3.10
C SER X 290 -84.74 -1.84 3.50
N CYS X 291 -83.74 -1.26 4.18
CA CYS X 291 -83.79 0.16 4.54
C CYS X 291 -82.45 0.58 5.11
N ASP X 292 -82.33 1.86 5.45
CA ASP X 292 -81.13 2.43 6.04
C ASP X 292 -81.42 2.86 7.48
N PHE X 293 -80.36 2.90 8.29
CA PHE X 293 -80.46 3.29 9.69
C PHE X 293 -80.15 4.78 9.83
N VAL X 294 -81.10 5.61 9.45
CA VAL X 294 -80.92 7.05 9.58
C VAL X 294 -82.27 7.75 9.50
N GLU X 295 -82.31 8.98 10.00
CA GLU X 295 -83.34 9.96 9.68
C GLU X 295 -84.18 9.58 8.47
N THR X 296 -85.50 9.68 8.59
CA THR X 296 -86.41 9.31 7.51
C THR X 296 -86.12 10.09 6.23
N SER X 297 -85.73 11.36 6.36
CA SER X 297 -85.50 12.18 5.18
C SER X 297 -84.49 11.55 4.23
N GLU X 298 -83.35 11.12 4.76
CA GLU X 298 -82.26 10.60 3.96
C GLU X 298 -82.33 9.09 3.77
N GLN X 299 -83.46 8.46 4.08
CA GLN X 299 -83.55 7.01 4.04
C GLN X 299 -84.11 6.53 2.70
N ARG X 300 -83.61 5.38 2.27
CA ARG X 300 -83.91 4.79 0.98
C ARG X 300 -84.44 3.40 1.25
N LEU X 301 -85.75 3.20 1.24
CA LEU X 301 -86.26 1.86 1.42
C LEU X 301 -86.26 1.15 0.07
N LYS X 302 -86.01 -0.15 0.10
CA LYS X 302 -85.81 -0.94 -1.10
C LYS X 302 -86.63 -2.21 -1.00
N ILE X 303 -87.23 -2.62 -2.11
CA ILE X 303 -87.95 -3.89 -2.19
C ILE X 303 -87.16 -4.81 -3.09
N TYR X 304 -86.89 -6.03 -2.60
CA TYR X 304 -86.16 -6.99 -3.41
C TYR X 304 -87.11 -8.11 -3.81
N GLY X 305 -86.72 -8.85 -4.86
CA GLY X 305 -87.49 -10.01 -5.30
C GLY X 305 -86.63 -10.88 -6.20
N ALA X 306 -87.22 -12.01 -6.60
CA ALA X 306 -86.48 -12.96 -7.43
C ALA X 306 -87.39 -13.61 -8.46
N HIS X 307 -86.76 -14.19 -9.49
CA HIS X 307 -87.44 -14.99 -10.49
C HIS X 307 -86.61 -16.22 -10.87
N THR X 308 -87.31 -17.35 -10.97
CA THR X 308 -86.66 -18.62 -11.24
C THR X 308 -85.98 -18.64 -12.61
N GLU X 309 -86.75 -18.41 -13.68
CA GLU X 309 -86.21 -18.33 -15.04
C GLU X 309 -86.56 -16.98 -15.65
N VAL X 310 -85.58 -16.38 -16.30
CA VAL X 310 -85.72 -15.03 -16.80
C VAL X 310 -84.97 -14.88 -18.12
N THR X 311 -85.66 -14.32 -19.12
CA THR X 311 -85.08 -14.02 -20.42
C THR X 311 -84.66 -12.55 -20.46
N TRP X 312 -83.98 -12.16 -21.55
CA TRP X 312 -83.68 -10.75 -21.73
C TRP X 312 -84.95 -9.90 -21.76
N ALA X 313 -85.97 -10.35 -22.51
CA ALA X 313 -87.23 -9.60 -22.55
C ALA X 313 -87.78 -9.42 -21.15
N LYS X 314 -87.70 -10.48 -20.34
CA LYS X 314 -88.12 -10.39 -18.94
C LYS X 314 -87.29 -9.35 -18.20
N ILE X 315 -85.98 -9.33 -18.44
CA ILE X 315 -85.11 -8.36 -17.78
C ILE X 315 -85.49 -6.95 -18.19
N ALA X 316 -85.67 -6.73 -19.49
CA ALA X 316 -86.14 -5.42 -19.96
C ALA X 316 -87.51 -5.10 -19.40
N GLU X 317 -88.41 -6.10 -19.38
CA GLU X 317 -89.73 -5.92 -18.79
C GLU X 317 -89.63 -5.46 -17.33
N MET X 318 -88.76 -6.11 -16.55
CA MET X 318 -88.62 -5.73 -15.14
C MET X 318 -87.88 -4.41 -15.00
N TRP X 319 -86.78 -4.23 -15.75
CA TRP X 319 -86.01 -3.00 -15.61
C TRP X 319 -86.88 -1.77 -15.89
N THR X 320 -87.75 -1.86 -16.89
CA THR X 320 -88.69 -0.80 -17.17
C THR X 320 -90.02 -1.01 -16.47
N LEU X 321 -90.07 -1.96 -15.53
CA LEU X 321 -91.22 -2.13 -14.65
C LEU X 321 -92.50 -2.21 -15.48
N GLY X 322 -92.51 -3.13 -16.43
CA GLY X 322 -93.49 -3.10 -17.49
C GLY X 322 -93.18 -2.00 -18.49
N GLY X 323 -94.05 -1.02 -18.63
CA GLY X 323 -93.72 0.16 -19.39
C GLY X 323 -93.79 1.39 -18.52
N ARG X 324 -93.91 1.18 -17.20
CA ARG X 324 -94.24 2.26 -16.28
C ARG X 324 -93.32 3.46 -16.48
N LEU X 325 -92.02 3.21 -16.70
CA LEU X 325 -91.03 4.27 -16.63
C LEU X 325 -90.17 4.32 -17.89
N ILE X 326 -90.75 3.97 -19.05
CA ILE X 326 -90.12 4.28 -20.33
C ILE X 326 -89.95 5.78 -20.53
N GLU X 327 -90.81 6.58 -19.92
CA GLU X 327 -90.74 8.03 -20.09
C GLU X 327 -89.37 8.55 -19.65
N GLU X 328 -88.87 8.05 -18.53
CA GLU X 328 -87.59 8.51 -18.00
C GLU X 328 -86.45 8.16 -18.94
N PRO X 329 -85.58 9.12 -19.28
CA PRO X 329 -84.45 8.78 -20.16
C PRO X 329 -83.40 7.93 -19.49
N GLU X 330 -83.14 8.18 -18.20
CA GLU X 330 -82.16 7.42 -17.44
C GLU X 330 -82.29 5.92 -17.64
N ILE X 331 -83.50 5.40 -17.41
CA ILE X 331 -83.72 3.96 -17.50
C ILE X 331 -83.28 3.41 -18.84
N ILE X 332 -83.68 4.08 -19.93
CA ILE X 332 -83.34 3.60 -21.27
C ILE X 332 -81.83 3.53 -21.41
N ALA X 333 -81.12 4.56 -20.96
CA ALA X 333 -79.66 4.52 -20.96
C ALA X 333 -79.15 3.37 -20.12
N GLY X 334 -79.62 3.28 -18.88
CA GLY X 334 -79.20 2.19 -18.01
C GLY X 334 -79.43 0.82 -18.62
N LEU X 335 -80.57 0.64 -19.29
CA LEU X 335 -80.86 -0.67 -19.86
C LEU X 335 -79.91 -1.01 -21.00
N ALA X 336 -79.48 0.00 -21.78
CA ALA X 336 -78.54 -0.25 -22.87
C ALA X 336 -77.24 -0.85 -22.34
N ARG X 337 -76.59 -0.16 -21.42
CA ARG X 337 -75.38 -0.68 -20.80
C ARG X 337 -75.59 -2.09 -20.23
N LEU X 338 -76.76 -2.34 -19.67
CA LEU X 338 -77.02 -3.61 -18.98
C LEU X 338 -76.90 -4.81 -19.91
N LYS X 339 -77.50 -4.73 -21.10
CA LYS X 339 -77.39 -5.85 -22.03
C LYS X 339 -75.96 -6.02 -22.51
N GLN X 340 -75.19 -4.94 -22.51
CA GLN X 340 -73.79 -5.05 -22.89
C GLN X 340 -73.06 -6.00 -21.95
N ILE X 341 -73.45 -6.02 -20.67
CA ILE X 341 -72.87 -6.95 -19.71
C ILE X 341 -73.52 -8.32 -19.83
N TRP X 342 -74.86 -8.35 -19.87
CA TRP X 342 -75.58 -9.60 -19.96
C TRP X 342 -74.98 -10.47 -21.06
N SER X 343 -74.58 -9.83 -22.16
CA SER X 343 -73.96 -10.53 -23.29
C SER X 343 -72.55 -11.01 -22.95
N LEU X 344 -71.75 -10.19 -22.28
CA LEU X 344 -70.40 -10.60 -21.89
C LEU X 344 -70.44 -11.77 -20.92
N LEU X 345 -71.36 -11.75 -19.96
CA LEU X 345 -71.29 -12.66 -18.82
C LEU X 345 -71.74 -14.06 -19.21
N GLN X 346 -72.99 -14.18 -19.66
CA GLN X 346 -73.58 -15.48 -19.91
C GLN X 346 -73.20 -16.05 -21.27
N ILE X 347 -72.32 -15.37 -21.99
CA ILE X 347 -71.94 -15.79 -23.34
C ILE X 347 -71.07 -17.04 -23.24
N ILE X 369 -82.06 -26.31 -8.44
CA ILE X 369 -81.36 -26.85 -9.59
C ILE X 369 -80.35 -25.83 -10.09
N ALA X 370 -80.63 -24.55 -9.82
CA ALA X 370 -79.76 -23.46 -10.26
C ALA X 370 -80.12 -22.23 -9.44
N SER X 371 -79.27 -21.20 -9.56
CA SER X 371 -79.44 -19.98 -8.77
C SER X 371 -80.40 -19.01 -9.46
N PRO X 372 -81.26 -18.35 -8.68
CA PRO X 372 -82.19 -17.37 -9.26
C PRO X 372 -81.52 -16.02 -9.45
N ILE X 373 -82.18 -15.15 -10.22
CA ILE X 373 -81.71 -13.79 -10.45
C ILE X 373 -82.54 -12.86 -9.57
N ILE X 374 -81.90 -11.86 -8.98
CA ILE X 374 -82.57 -11.00 -8.00
C ILE X 374 -82.68 -9.60 -8.57
N TRP X 375 -83.76 -8.91 -8.20
CA TRP X 375 -84.00 -7.53 -8.58
C TRP X 375 -84.28 -6.68 -7.35
N ASN X 376 -84.16 -5.36 -7.54
CA ASN X 376 -84.20 -4.36 -6.50
C ASN X 376 -84.87 -3.11 -7.04
N TYR X 377 -85.74 -2.51 -6.23
CA TYR X 377 -86.35 -1.24 -6.56
C TYR X 377 -86.11 -0.30 -5.39
N GLU X 378 -85.40 0.77 -5.63
CA GLU X 378 -85.00 1.68 -4.57
C GLU X 378 -85.91 2.90 -4.58
N ILE X 379 -86.68 3.08 -3.50
CA ILE X 379 -87.64 4.18 -3.43
C ILE X 379 -87.08 5.32 -2.60
N HIS X 380 -86.24 6.14 -3.21
CA HIS X 380 -85.86 7.40 -2.59
C HIS X 380 -87.13 8.22 -2.32
N PRO X 381 -87.29 8.78 -1.11
CA PRO X 381 -88.59 9.35 -0.76
C PRO X 381 -88.98 10.55 -1.59
N GLY X 382 -88.05 11.48 -1.82
CA GLY X 382 -88.38 12.67 -2.57
C GLY X 382 -88.83 12.38 -4.00
N SER X 383 -88.17 11.42 -4.65
CA SER X 383 -88.37 11.21 -6.08
C SER X 383 -89.74 10.60 -6.36
N ARG X 384 -90.08 10.55 -7.66
CA ARG X 384 -91.35 10.02 -8.11
C ARG X 384 -91.28 8.66 -8.78
N PHE X 385 -90.10 8.23 -9.21
CA PHE X 385 -89.95 6.90 -9.78
C PHE X 385 -89.03 6.02 -8.94
N PRO X 386 -89.13 4.71 -9.08
CA PRO X 386 -88.13 3.82 -8.50
C PRO X 386 -86.90 3.73 -9.39
N VAL X 387 -85.76 3.44 -8.77
CA VAL X 387 -84.52 3.17 -9.47
C VAL X 387 -84.24 1.68 -9.37
N PRO X 388 -84.05 0.96 -10.46
CA PRO X 388 -83.85 -0.48 -10.42
C PRO X 388 -82.39 -0.86 -10.13
N LYS X 389 -82.20 -2.16 -9.95
CA LYS X 389 -80.90 -2.77 -9.69
C LYS X 389 -81.03 -4.28 -9.80
N PHE X 390 -80.15 -4.94 -10.53
CA PHE X 390 -80.24 -6.37 -10.66
C PHE X 390 -79.00 -7.04 -10.08
N TYR X 391 -79.14 -8.33 -9.81
CA TYR X 391 -78.08 -9.13 -9.20
C TYR X 391 -77.92 -10.38 -10.04
N LEU X 392 -76.69 -10.66 -10.46
CA LEU X 392 -76.51 -11.64 -11.50
C LEU X 392 -75.66 -12.81 -11.02
N PRO X 393 -76.14 -14.04 -11.18
CA PRO X 393 -75.38 -15.20 -10.67
C PRO X 393 -74.05 -15.37 -11.39
N VAL X 394 -72.99 -15.53 -10.61
CA VAL X 394 -71.65 -15.70 -11.17
C VAL X 394 -71.08 -17.03 -10.72
N HIS X 395 -71.42 -17.43 -9.50
CA HIS X 395 -71.10 -18.77 -9.06
C HIS X 395 -71.70 -19.78 -10.02
N GLY X 396 -70.85 -20.62 -10.59
CA GLY X 396 -71.16 -21.47 -11.71
C GLY X 396 -70.51 -21.03 -12.99
N GLU X 397 -70.06 -19.79 -13.05
CA GLU X 397 -69.30 -19.27 -14.18
C GLU X 397 -67.83 -19.19 -13.80
N ASN X 398 -66.97 -19.63 -14.72
CA ASN X 398 -65.53 -19.53 -14.51
C ASN X 398 -65.17 -18.15 -14.00
N ASP X 399 -64.69 -18.09 -12.76
CA ASP X 399 -64.40 -16.80 -12.14
C ASP X 399 -63.34 -16.04 -12.92
N LEU X 400 -62.58 -16.71 -13.78
CA LEU X 400 -61.66 -16.01 -14.66
C LEU X 400 -62.41 -15.43 -15.85
N HIS X 401 -63.21 -16.25 -16.54
CA HIS X 401 -64.10 -15.72 -17.56
C HIS X 401 -64.89 -14.53 -17.05
N VAL X 402 -65.36 -14.62 -15.80
CA VAL X 402 -66.13 -13.53 -15.23
C VAL X 402 -65.23 -12.31 -15.00
N ALA X 403 -64.02 -12.52 -14.51
CA ALA X 403 -63.08 -11.42 -14.34
C ALA X 403 -62.75 -10.80 -15.70
N ARG X 404 -62.44 -11.65 -16.68
CA ARG X 404 -62.14 -11.16 -18.02
C ARG X 404 -63.29 -10.33 -18.56
N ALA X 405 -64.47 -10.96 -18.70
CA ALA X 405 -65.62 -10.24 -19.23
C ALA X 405 -65.92 -9.01 -18.39
N LEU X 406 -65.73 -9.12 -17.08
CA LEU X 406 -66.02 -8.00 -16.18
C LEU X 406 -65.12 -6.81 -16.50
N ALA X 407 -63.86 -7.08 -16.85
CA ALA X 407 -62.91 -5.99 -17.09
C ALA X 407 -63.15 -5.33 -18.43
N GLN X 408 -63.46 -6.13 -19.46
CA GLN X 408 -63.77 -5.57 -20.77
C GLN X 408 -64.85 -4.50 -20.64
N PHE X 409 -65.90 -4.81 -19.88
CA PHE X 409 -66.99 -3.87 -19.68
C PHE X 409 -66.52 -2.57 -19.02
N TRP X 410 -65.40 -2.57 -18.32
CA TRP X 410 -64.96 -1.32 -17.72
C TRP X 410 -64.37 -0.38 -18.76
N ASP X 411 -63.59 -0.91 -19.70
CA ASP X 411 -63.06 -0.07 -20.77
C ASP X 411 -64.20 0.54 -21.58
N SER X 412 -65.20 -0.27 -21.95
CA SER X 412 -66.36 0.25 -22.66
C SER X 412 -66.94 1.46 -21.95
N LEU X 413 -67.01 1.43 -20.63
CA LEU X 413 -67.37 2.64 -19.89
C LEU X 413 -66.21 3.62 -19.78
N GLY X 414 -64.97 3.14 -19.90
CA GLY X 414 -63.81 4.00 -19.82
C GLY X 414 -63.31 4.25 -18.41
N TRP X 415 -63.18 3.20 -17.61
CA TRP X 415 -62.55 3.34 -16.29
C TRP X 415 -61.11 2.87 -16.42
N PRO X 416 -60.12 3.77 -16.44
CA PRO X 416 -58.75 3.37 -16.80
C PRO X 416 -58.18 2.36 -15.84
N GLU X 417 -58.15 2.69 -14.55
CA GLU X 417 -57.43 1.84 -13.60
C GLU X 417 -58.24 0.65 -13.08
N HIS X 418 -59.54 0.81 -12.87
CA HIS X 418 -60.35 -0.29 -12.39
C HIS X 418 -60.27 -1.50 -13.33
N ALA X 419 -60.30 -1.27 -14.66
CA ALA X 419 -60.36 -2.41 -15.58
C ALA X 419 -59.01 -3.07 -15.77
N CYS X 420 -57.91 -2.31 -15.68
CA CYS X 420 -56.58 -2.85 -15.95
C CYS X 420 -56.12 -3.80 -14.83
N ALA X 421 -56.31 -3.40 -13.58
CA ALA X 421 -55.77 -4.14 -12.46
C ALA X 421 -56.81 -4.97 -11.74
N TYR X 422 -57.93 -5.31 -12.40
CA TYR X 422 -58.95 -6.07 -11.69
C TYR X 422 -58.56 -7.52 -11.44
N PRO X 423 -58.45 -8.34 -12.48
CA PRO X 423 -58.16 -9.77 -12.24
C PRO X 423 -56.87 -9.97 -11.44
N ASP X 424 -55.91 -9.05 -11.53
CA ASP X 424 -54.79 -9.08 -10.59
C ASP X 424 -55.29 -8.82 -9.17
N THR X 425 -56.32 -7.98 -9.04
CA THR X 425 -56.92 -7.73 -7.74
C THR X 425 -57.70 -8.94 -7.27
N LEU X 426 -58.19 -9.76 -8.20
CA LEU X 426 -58.96 -10.94 -7.83
C LEU X 426 -58.05 -12.05 -7.30
N GLN X 427 -56.93 -12.32 -7.98
CA GLN X 427 -56.02 -13.35 -7.51
C GLN X 427 -55.39 -12.97 -6.18
N GLN X 428 -55.11 -11.68 -5.99
CA GLN X 428 -54.49 -11.23 -4.76
C GLN X 428 -55.42 -11.37 -3.56
N LEU X 429 -56.73 -11.48 -3.80
CA LEU X 429 -57.68 -11.82 -2.74
C LEU X 429 -57.73 -13.32 -2.45
N TYR X 430 -57.31 -14.16 -3.38
CA TYR X 430 -57.40 -15.61 -3.23
C TYR X 430 -56.09 -16.26 -3.67
N PRO X 431 -54.98 -15.89 -3.05
CA PRO X 431 -53.69 -16.48 -3.46
C PRO X 431 -53.64 -17.98 -3.29
N ASP X 432 -54.42 -18.54 -2.35
CA ASP X 432 -54.47 -19.98 -2.21
C ASP X 432 -55.11 -20.65 -3.44
N GLN X 433 -56.09 -19.99 -4.06
CA GLN X 433 -56.83 -20.56 -5.16
C GLN X 433 -56.21 -20.17 -6.51
N ASP X 434 -56.57 -20.93 -7.54
CA ASP X 434 -56.15 -20.64 -8.92
C ASP X 434 -57.39 -20.31 -9.74
N ILE X 435 -57.52 -19.04 -10.12
CA ILE X 435 -58.72 -18.59 -10.81
C ILE X 435 -58.96 -19.39 -12.10
N SER X 436 -57.89 -19.93 -12.70
CA SER X 436 -58.04 -20.69 -13.93
C SER X 436 -59.11 -21.77 -13.78
N GLN X 437 -59.24 -22.35 -12.59
CA GLN X 437 -60.13 -23.48 -12.37
C GLN X 437 -61.24 -23.17 -11.38
N THR X 438 -61.32 -21.96 -10.85
CA THR X 438 -62.27 -21.64 -9.79
C THR X 438 -63.61 -21.16 -10.33
N THR X 439 -64.65 -21.46 -9.61
CA THR X 439 -66.01 -21.09 -10.03
C THR X 439 -66.80 -20.37 -8.96
N ARG X 440 -66.70 -20.81 -7.69
CA ARG X 440 -67.53 -20.24 -6.64
C ARG X 440 -66.94 -19.00 -6.00
N LEU X 441 -65.73 -18.59 -6.39
CA LEU X 441 -65.10 -17.44 -5.72
C LEU X 441 -65.92 -16.14 -5.80
N GLN X 442 -66.80 -16.05 -6.78
CA GLN X 442 -67.51 -14.87 -7.11
C GLN X 442 -68.95 -15.22 -7.59
N SER X 443 -69.93 -14.63 -6.91
CA SER X 443 -71.27 -15.19 -6.84
C SER X 443 -72.35 -14.25 -7.37
N TRP X 444 -72.25 -12.95 -7.11
CA TRP X 444 -73.28 -12.03 -7.58
C TRP X 444 -72.62 -10.78 -8.12
N ILE X 445 -73.31 -10.14 -9.07
CA ILE X 445 -72.96 -8.81 -9.58
C ILE X 445 -74.23 -7.97 -9.60
N SER X 446 -74.14 -6.76 -9.05
CA SER X 446 -75.27 -5.85 -8.98
C SER X 446 -75.07 -4.74 -10.02
N TYR X 447 -76.19 -4.27 -10.58
CA TYR X 447 -76.16 -3.25 -11.62
C TYR X 447 -77.18 -2.17 -11.31
N SER X 448 -76.72 -0.93 -11.23
CA SER X 448 -77.58 0.23 -11.10
C SER X 448 -77.08 1.30 -12.05
N TYR X 449 -77.97 2.20 -12.48
CA TYR X 449 -77.56 3.30 -13.33
C TYR X 449 -78.24 4.58 -12.88
N THR X 450 -77.48 5.67 -12.87
CA THR X 450 -77.99 6.99 -12.58
C THR X 450 -77.35 7.97 -13.56
N ALA X 451 -78.07 9.05 -13.84
CA ALA X 451 -77.47 10.14 -14.62
C ALA X 451 -76.29 10.75 -13.87
N LYS X 452 -76.49 11.07 -12.59
CA LYS X 452 -75.45 11.69 -11.77
C LYS X 452 -74.28 10.74 -11.51
N ARG X 453 -74.55 9.62 -10.82
CA ARG X 453 -73.47 8.71 -10.44
C ARG X 453 -72.82 8.07 -11.64
N GLY X 454 -73.64 7.63 -12.59
CA GLY X 454 -73.13 6.82 -13.66
C GLY X 454 -73.50 5.37 -13.46
N VAL X 455 -72.52 4.48 -13.40
CA VAL X 455 -72.79 3.05 -13.33
C VAL X 455 -72.37 2.57 -11.95
N TYR X 456 -73.36 2.35 -11.08
CA TYR X 456 -73.18 1.53 -9.89
C TYR X 456 -72.95 0.07 -10.29
N MET X 457 -72.07 -0.60 -9.57
CA MET X 457 -71.90 -2.03 -9.82
C MET X 457 -71.08 -2.68 -8.72
N SER X 458 -71.58 -3.79 -8.15
CA SER X 458 -70.98 -4.38 -6.96
C SER X 458 -70.80 -5.88 -7.16
N VAL X 459 -69.78 -6.42 -6.52
CA VAL X 459 -69.41 -7.82 -6.67
C VAL X 459 -69.46 -8.50 -5.32
N TYR X 460 -70.03 -9.70 -5.30
CA TYR X 460 -70.26 -10.43 -4.07
C TYR X 460 -69.40 -11.69 -4.12
N TYR X 461 -68.62 -11.91 -3.08
CA TYR X 461 -67.53 -12.87 -3.12
C TYR X 461 -67.75 -14.01 -2.15
N HIS X 462 -67.00 -15.09 -2.37
CA HIS X 462 -66.87 -16.18 -1.39
C HIS X 462 -66.15 -15.64 -0.16
N SER X 463 -66.87 -15.57 0.97
CA SER X 463 -66.44 -14.76 2.11
C SER X 463 -65.92 -15.56 3.29
N GLN X 464 -65.45 -16.78 3.07
CA GLN X 464 -64.67 -17.52 4.05
C GLN X 464 -63.42 -18.06 3.38
N SER X 465 -62.53 -18.64 4.16
CA SER X 465 -61.23 -19.04 3.65
C SER X 465 -61.13 -20.53 3.35
N THR X 466 -62.23 -21.26 3.40
CA THR X 466 -62.21 -22.68 3.09
C THR X 466 -63.17 -22.98 1.95
N TYR X 467 -62.65 -23.53 0.86
CA TYR X 467 -63.38 -23.67 -0.40
C TYR X 467 -63.47 -25.15 -0.80
N LEU X 468 -64.68 -25.58 -1.16
CA LEU X 468 -64.95 -27.00 -1.39
C LEU X 468 -64.81 -27.32 -2.88
#